data_1XWE
#
_entry.id   1XWE
#
_entity_poly.entity_id   1
_entity_poly.type   'polypeptide(L)'
_entity_poly.pdbx_seq_one_letter_code
;GSHMADCGQMQEELDLTISAETRKQTACKPEIAYAYKVSITSITVENVFVKYKATLLDIYKTGEAVAEKDSEITFIKKVT
CTNAELVKGRQYLIMGKEALQIKYNASFRYIYPLDSLTWIEYWPRDTTCSSCQAFLANLDEFAEDIFLNGC
;
_entity_poly.pdbx_strand_id   A
#
# COMPACT_ATOMS: atom_id res chain seq x y z
N GLY A 1 2.75 17.59 -25.50
CA GLY A 1 2.70 16.22 -24.93
C GLY A 1 2.55 16.22 -23.42
N SER A 2 1.68 17.09 -22.92
CA SER A 2 1.44 17.19 -21.48
C SER A 2 0.25 16.35 -21.07
N HIS A 3 0.50 15.30 -20.28
CA HIS A 3 -0.55 14.41 -19.81
C HIS A 3 -0.67 14.46 -18.29
N MET A 4 -1.90 14.35 -17.80
CA MET A 4 -2.15 14.38 -16.36
C MET A 4 -3.04 13.21 -15.94
N ALA A 5 -2.66 12.53 -14.87
CA ALA A 5 -3.42 11.39 -14.37
C ALA A 5 -3.18 11.18 -12.88
N ASP A 6 -4.25 10.87 -12.15
CA ASP A 6 -4.14 10.65 -10.71
C ASP A 6 -3.37 9.39 -10.40
N CYS A 7 -3.23 8.50 -11.38
CA CYS A 7 -2.51 7.24 -11.19
C CYS A 7 -2.83 6.66 -9.83
N GLY A 8 -1.85 6.03 -9.21
CA GLY A 8 -2.06 5.48 -7.89
C GLY A 8 -2.34 6.57 -6.88
N GLN A 9 -3.56 7.09 -6.90
CA GLN A 9 -3.97 8.16 -6.00
C GLN A 9 -3.47 7.92 -4.58
N MET A 10 -2.98 8.98 -3.94
CA MET A 10 -2.46 8.89 -2.58
C MET A 10 -3.32 9.68 -1.61
N GLN A 11 -3.04 9.52 -0.32
CA GLN A 11 -3.80 10.22 0.72
C GLN A 11 -2.90 11.17 1.51
N GLU A 12 -3.50 11.96 2.38
CA GLU A 12 -2.76 12.90 3.20
C GLU A 12 -1.82 12.18 4.15
N GLU A 13 -0.75 12.86 4.55
CA GLU A 13 0.24 12.29 5.45
C GLU A 13 -0.25 12.35 6.89
N LEU A 14 -0.84 13.48 7.25
CA LEU A 14 -1.35 13.68 8.60
C LEU A 14 -2.61 14.54 8.58
N ASP A 15 -3.75 13.92 8.89
CA ASP A 15 -5.02 14.63 8.91
C ASP A 15 -6.01 13.95 9.86
N LEU A 16 -6.49 14.69 10.85
CA LEU A 16 -7.43 14.16 11.82
C LEU A 16 -8.84 14.07 11.22
N THR A 17 -9.22 12.87 10.80
CA THR A 17 -10.53 12.64 10.21
C THR A 17 -10.75 11.16 9.91
N ILE A 18 -9.65 10.46 9.64
CA ILE A 18 -9.70 9.03 9.34
C ILE A 18 -9.58 8.20 10.60
N SER A 19 -10.69 7.58 11.00
CA SER A 19 -10.71 6.75 12.20
C SER A 19 -10.26 5.32 11.89
N ALA A 20 -10.21 4.49 12.91
CA ALA A 20 -9.79 3.10 12.75
C ALA A 20 -10.82 2.31 11.94
N GLU A 21 -12.08 2.73 12.03
CA GLU A 21 -13.16 2.06 11.31
C GLU A 21 -13.12 2.43 9.83
N THR A 22 -12.51 3.58 9.51
CA THR A 22 -12.42 4.03 8.13
C THR A 22 -11.50 3.11 7.32
N ARG A 23 -10.56 2.48 8.01
CA ARG A 23 -9.62 1.56 7.37
C ARG A 23 -10.10 0.13 7.49
N LYS A 24 -11.35 -0.03 7.91
CA LYS A 24 -11.94 -1.36 8.08
C LYS A 24 -13.15 -1.54 7.18
N GLN A 25 -14.10 -0.60 7.26
CA GLN A 25 -15.30 -0.67 6.44
C GLN A 25 -14.94 -0.79 4.97
N THR A 26 -13.70 -0.38 4.64
CA THR A 26 -13.21 -0.44 3.28
C THR A 26 -12.23 -1.60 3.11
N ALA A 27 -11.69 -2.07 4.24
CA ALA A 27 -10.74 -3.18 4.23
C ALA A 27 -11.43 -4.50 3.87
N CYS A 28 -12.47 -4.82 4.62
CA CYS A 28 -13.22 -6.06 4.39
C CYS A 28 -14.05 -5.96 3.11
N LYS A 29 -13.98 -4.80 2.47
CA LYS A 29 -14.72 -4.56 1.23
C LYS A 29 -14.31 -5.57 0.15
N PRO A 30 -15.30 -6.09 -0.61
CA PRO A 30 -15.04 -7.06 -1.68
C PRO A 30 -13.99 -6.59 -2.68
N GLU A 31 -14.04 -5.30 -3.03
CA GLU A 31 -13.09 -4.73 -3.97
C GLU A 31 -11.66 -4.88 -3.46
N ILE A 32 -11.54 -5.10 -2.16
CA ILE A 32 -10.24 -5.26 -1.53
C ILE A 32 -9.93 -6.73 -1.25
N ALA A 33 -8.83 -7.21 -1.83
CA ALA A 33 -8.43 -8.59 -1.65
C ALA A 33 -7.44 -8.76 -0.50
N TYR A 34 -6.65 -7.73 -0.25
CA TYR A 34 -5.66 -7.78 0.82
C TYR A 34 -5.58 -6.46 1.58
N ALA A 35 -5.06 -6.55 2.81
CA ALA A 35 -4.91 -5.38 3.66
C ALA A 35 -3.71 -5.55 4.58
N TYR A 36 -2.54 -5.13 4.10
CA TYR A 36 -1.32 -5.24 4.88
C TYR A 36 -0.45 -3.99 4.77
N LYS A 37 0.52 -3.87 5.67
CA LYS A 37 1.42 -2.73 5.68
C LYS A 37 2.83 -3.19 5.30
N VAL A 38 3.45 -2.47 4.36
CA VAL A 38 4.78 -2.80 3.90
C VAL A 38 5.73 -1.61 4.01
N SER A 39 6.98 -1.82 3.59
CA SER A 39 7.99 -0.76 3.63
C SER A 39 8.88 -0.83 2.40
N ILE A 40 9.24 0.33 1.86
CA ILE A 40 10.10 0.41 0.69
C ILE A 40 11.56 0.19 1.06
N THR A 41 12.27 -0.60 0.26
CA THR A 41 13.67 -0.88 0.51
C THR A 41 14.50 -0.75 -0.76
N SER A 42 13.83 -0.76 -1.90
CA SER A 42 14.51 -0.64 -3.19
C SER A 42 13.57 -0.10 -4.26
N ILE A 43 14.11 0.69 -5.19
CA ILE A 43 13.31 1.26 -6.27
C ILE A 43 14.04 1.14 -7.61
N THR A 44 13.28 0.79 -8.64
CA THR A 44 13.85 0.63 -9.98
C THR A 44 13.24 1.66 -10.94
N VAL A 45 14.10 2.26 -11.77
CA VAL A 45 13.65 3.26 -12.72
C VAL A 45 14.27 3.01 -14.10
N GLU A 46 13.42 2.90 -15.12
CA GLU A 46 13.88 2.66 -16.48
C GLU A 46 13.53 3.84 -17.39
N ASN A 47 13.55 3.59 -18.70
CA ASN A 47 13.23 4.62 -19.67
C ASN A 47 11.87 5.26 -19.38
N VAL A 48 10.84 4.43 -19.25
CA VAL A 48 9.49 4.90 -18.99
C VAL A 48 8.84 4.11 -17.85
N PHE A 49 8.86 2.78 -17.98
CA PHE A 49 8.26 1.91 -16.97
C PHE A 49 9.23 1.69 -15.81
N VAL A 50 8.73 1.85 -14.59
CA VAL A 50 9.54 1.66 -13.40
C VAL A 50 8.89 0.67 -12.45
N LYS A 51 9.71 0.12 -11.54
CA LYS A 51 9.22 -0.84 -10.56
C LYS A 51 9.58 -0.42 -9.15
N TYR A 52 9.03 -1.12 -8.16
CA TYR A 52 9.32 -0.81 -6.77
C TYR A 52 9.46 -2.08 -5.93
N LYS A 53 10.67 -2.33 -5.45
CA LYS A 53 10.94 -3.51 -4.63
C LYS A 53 10.77 -3.19 -3.16
N ALA A 54 9.70 -3.71 -2.57
CA ALA A 54 9.42 -3.46 -1.15
C ALA A 54 9.10 -4.76 -0.42
N THR A 55 9.38 -4.78 0.88
CA THR A 55 9.12 -5.96 1.70
C THR A 55 7.87 -5.77 2.54
N LEU A 56 7.10 -6.84 2.67
CA LEU A 56 5.88 -6.80 3.47
C LEU A 56 6.24 -6.87 4.95
N LEU A 57 5.62 -6.04 5.76
CA LEU A 57 5.90 -6.04 7.20
C LEU A 57 4.95 -6.94 7.95
N ASP A 58 3.65 -6.81 7.67
CA ASP A 58 2.65 -7.64 8.33
C ASP A 58 1.35 -7.65 7.53
N ILE A 59 0.65 -8.78 7.53
CA ILE A 59 -0.60 -8.92 6.81
C ILE A 59 -1.80 -8.99 7.74
N TYR A 60 -2.77 -8.11 7.50
CA TYR A 60 -3.99 -8.08 8.30
C TYR A 60 -5.10 -8.81 7.56
N LYS A 61 -4.96 -8.86 6.24
CA LYS A 61 -5.93 -9.53 5.37
C LYS A 61 -5.18 -10.26 4.25
N THR A 62 -5.25 -11.59 4.28
CA THR A 62 -4.57 -12.41 3.28
C THR A 62 -4.81 -11.89 1.87
N GLY A 63 -3.77 -11.94 1.04
CA GLY A 63 -3.88 -11.47 -0.33
C GLY A 63 -4.03 -12.60 -1.33
N GLU A 64 -5.00 -12.48 -2.22
CA GLU A 64 -5.24 -13.50 -3.23
C GLU A 64 -4.01 -13.67 -4.12
N ALA A 65 -3.22 -12.60 -4.23
CA ALA A 65 -2.01 -12.62 -5.04
C ALA A 65 -0.81 -13.06 -4.19
N VAL A 66 -0.84 -14.32 -3.76
CA VAL A 66 0.22 -14.89 -2.93
C VAL A 66 0.76 -13.89 -1.91
N ALA A 67 0.03 -13.74 -0.80
CA ALA A 67 0.44 -12.83 0.26
C ALA A 67 0.80 -13.60 1.52
N GLU A 68 1.97 -13.32 2.06
CA GLU A 68 2.44 -13.99 3.27
C GLU A 68 3.21 -13.03 4.17
N LYS A 69 3.32 -13.39 5.44
CA LYS A 69 4.04 -12.57 6.40
C LYS A 69 5.45 -12.25 5.90
N ASP A 70 5.68 -10.98 5.56
CA ASP A 70 6.98 -10.54 5.07
C ASP A 70 7.35 -11.28 3.79
N SER A 71 6.80 -10.80 2.68
CA SER A 71 7.07 -11.40 1.37
C SER A 71 7.82 -10.42 0.47
N GLU A 72 7.87 -10.75 -0.82
CA GLU A 72 8.56 -9.90 -1.79
C GLU A 72 7.57 -9.39 -2.83
N ILE A 73 7.15 -8.14 -2.69
CA ILE A 73 6.21 -7.52 -3.62
C ILE A 73 6.89 -6.48 -4.50
N THR A 74 6.40 -6.34 -5.73
CA THR A 74 6.95 -5.38 -6.67
C THR A 74 5.85 -4.62 -7.40
N PHE A 75 5.81 -3.31 -7.21
CA PHE A 75 4.80 -2.47 -7.86
C PHE A 75 5.38 -1.80 -9.10
N ILE A 76 4.68 -1.93 -10.22
CA ILE A 76 5.12 -1.33 -11.47
C ILE A 76 4.07 -0.37 -12.02
N LYS A 77 4.53 0.65 -12.74
CA LYS A 77 3.63 1.63 -13.33
C LYS A 77 4.39 2.55 -14.29
N LYS A 78 3.66 3.45 -14.94
CA LYS A 78 4.26 4.38 -15.88
C LYS A 78 4.73 5.65 -15.18
N VAL A 79 5.67 6.36 -15.80
CA VAL A 79 6.20 7.59 -15.24
C VAL A 79 5.20 8.74 -15.38
N THR A 80 4.08 8.46 -16.04
CA THR A 80 3.04 9.46 -16.26
C THR A 80 2.27 9.75 -14.97
N CYS A 81 2.65 9.07 -13.90
CA CYS A 81 2.00 9.25 -12.61
C CYS A 81 2.44 10.55 -11.96
N THR A 82 1.52 11.51 -11.85
CA THR A 82 1.82 12.79 -11.25
C THR A 82 1.02 12.99 -9.97
N ASN A 83 0.79 11.92 -9.24
CA ASN A 83 0.04 11.97 -7.99
C ASN A 83 0.57 10.98 -6.96
N ALA A 84 1.45 10.08 -7.40
CA ALA A 84 2.02 9.09 -6.50
C ALA A 84 3.55 9.08 -6.57
N GLU A 85 4.19 9.14 -5.41
CA GLU A 85 5.65 9.14 -5.33
C GLU A 85 6.12 8.44 -4.07
N LEU A 86 6.60 7.21 -4.22
CA LEU A 86 7.08 6.43 -3.08
C LEU A 86 8.52 6.82 -2.72
N VAL A 87 8.87 6.66 -1.45
CA VAL A 87 10.20 6.99 -0.97
C VAL A 87 10.92 5.74 -0.46
N LYS A 88 12.21 5.64 -0.74
CA LYS A 88 13.02 4.51 -0.32
C LYS A 88 13.41 4.64 1.15
N GLY A 89 12.77 3.84 2.00
CA GLY A 89 13.08 3.88 3.43
C GLY A 89 11.85 4.13 4.28
N ARG A 90 10.78 4.62 3.66
CA ARG A 90 9.54 4.91 4.37
C ARG A 90 8.59 3.72 4.33
N GLN A 91 7.48 3.84 5.04
CA GLN A 91 6.48 2.79 5.11
C GLN A 91 5.16 3.26 4.49
N TYR A 92 4.42 2.33 3.90
CA TYR A 92 3.14 2.66 3.27
C TYR A 92 2.12 1.55 3.48
N LEU A 93 0.87 1.96 3.73
CA LEU A 93 -0.22 1.01 3.94
C LEU A 93 -0.91 0.71 2.62
N ILE A 94 -1.32 -0.54 2.43
CA ILE A 94 -1.97 -0.93 1.18
C ILE A 94 -3.16 -1.87 1.42
N MET A 95 -4.29 -1.53 0.81
CA MET A 95 -5.51 -2.34 0.93
C MET A 95 -6.27 -2.30 -0.40
N GLY A 96 -6.20 -3.38 -1.16
CA GLY A 96 -6.88 -3.42 -2.45
C GLY A 96 -6.95 -4.81 -3.04
N LYS A 97 -7.57 -4.90 -4.22
CA LYS A 97 -7.73 -6.16 -4.92
C LYS A 97 -6.36 -6.79 -5.23
N GLU A 98 -6.37 -8.08 -5.54
CA GLU A 98 -5.14 -8.81 -5.85
C GLU A 98 -4.47 -8.22 -7.09
N ALA A 99 -3.33 -8.80 -7.47
CA ALA A 99 -2.58 -8.35 -8.64
C ALA A 99 -2.72 -9.34 -9.79
N LEU A 100 -2.48 -8.86 -11.00
CA LEU A 100 -2.56 -9.70 -12.18
C LEU A 100 -1.49 -10.79 -12.13
N GLN A 101 -1.80 -11.96 -12.69
CA GLN A 101 -0.87 -13.07 -12.71
C GLN A 101 -0.49 -13.47 -14.13
N ILE A 102 0.80 -13.68 -14.34
CA ILE A 102 1.30 -14.06 -15.65
C ILE A 102 2.42 -15.09 -15.54
N LYS A 103 2.96 -15.24 -14.32
CA LYS A 103 4.03 -16.19 -14.05
C LYS A 103 3.84 -17.49 -14.84
N TYR A 104 4.84 -17.86 -15.61
CA TYR A 104 4.80 -19.08 -16.41
C TYR A 104 6.09 -19.88 -16.26
N ASN A 105 7.20 -19.17 -16.13
CA ASN A 105 8.50 -19.83 -15.98
C ASN A 105 9.46 -18.95 -15.17
N ALA A 106 9.62 -17.70 -15.60
CA ALA A 106 10.51 -16.77 -14.92
C ALA A 106 10.35 -15.35 -15.47
N SER A 107 10.13 -15.25 -16.77
CA SER A 107 9.95 -13.95 -17.42
C SER A 107 8.64 -13.28 -16.97
N PHE A 108 7.82 -14.04 -16.25
CA PHE A 108 6.56 -13.53 -15.75
C PHE A 108 6.43 -13.74 -14.25
N ARG A 109 5.37 -13.20 -13.65
CA ARG A 109 5.16 -13.34 -12.21
C ARG A 109 3.82 -12.72 -11.79
N TYR A 110 3.90 -11.57 -11.10
CA TYR A 110 2.70 -10.88 -10.63
C TYR A 110 2.79 -9.39 -10.92
N ILE A 111 3.89 -8.79 -10.47
CA ILE A 111 4.15 -7.36 -10.65
C ILE A 111 2.86 -6.54 -10.60
N TYR A 112 2.53 -6.02 -9.43
CA TYR A 112 1.33 -5.21 -9.24
C TYR A 112 1.24 -4.12 -10.30
N PRO A 113 0.03 -3.87 -10.83
CA PRO A 113 -0.18 -2.84 -11.86
C PRO A 113 -0.15 -1.43 -11.28
N LEU A 114 -0.34 -1.34 -9.97
CA LEU A 114 -0.34 -0.05 -9.27
C LEU A 114 -1.35 0.91 -9.90
N ASP A 115 -2.57 0.91 -9.36
CA ASP A 115 -3.62 1.78 -9.86
C ASP A 115 -4.14 2.70 -8.76
N SER A 116 -5.18 3.46 -9.07
CA SER A 116 -5.77 4.38 -8.10
C SER A 116 -6.58 3.63 -7.05
N LEU A 117 -7.10 2.46 -7.42
CA LEU A 117 -7.89 1.66 -6.50
C LEU A 117 -7.04 1.22 -5.32
N THR A 118 -5.76 0.99 -5.57
CA THR A 118 -4.83 0.56 -4.53
C THR A 118 -4.77 1.57 -3.40
N TRP A 119 -5.59 1.35 -2.37
CA TRP A 119 -5.62 2.24 -1.22
C TRP A 119 -4.25 2.32 -0.55
N ILE A 120 -3.54 3.42 -0.78
CA ILE A 120 -2.22 3.62 -0.20
C ILE A 120 -2.18 4.84 0.71
N GLU A 121 -1.62 4.67 1.89
CA GLU A 121 -1.51 5.77 2.86
C GLU A 121 -0.16 5.75 3.55
N TYR A 122 0.62 6.81 3.36
CA TYR A 122 1.94 6.92 3.96
C TYR A 122 1.86 6.79 5.49
N TRP A 123 2.58 5.80 6.01
CA TRP A 123 2.61 5.55 7.45
C TRP A 123 3.87 6.16 8.06
N PRO A 124 3.73 7.27 8.81
CA PRO A 124 4.86 7.94 9.45
C PRO A 124 5.78 6.96 10.18
N ARG A 125 6.93 6.68 9.56
CA ARG A 125 7.90 5.76 10.14
C ARG A 125 8.25 6.16 11.58
N ASP A 126 8.23 7.46 11.85
CA ASP A 126 8.55 7.96 13.18
C ASP A 126 7.30 8.51 13.86
N THR A 127 7.32 8.51 15.19
CA THR A 127 6.20 9.01 15.97
C THR A 127 6.58 10.26 16.77
N THR A 128 7.89 10.44 16.96
CA THR A 128 8.38 11.59 17.72
C THR A 128 9.44 12.36 16.93
N CYS A 129 9.02 12.98 15.83
CA CYS A 129 9.93 13.74 14.99
C CYS A 129 9.22 14.95 14.38
N SER A 130 7.92 14.80 14.12
CA SER A 130 7.13 15.89 13.54
C SER A 130 6.46 16.70 14.64
N SER A 131 6.70 16.30 15.89
CA SER A 131 6.13 17.00 17.05
C SER A 131 4.59 17.00 16.98
N CYS A 132 4.04 16.13 16.16
CA CYS A 132 2.59 16.03 15.99
C CYS A 132 2.04 14.82 16.74
N GLN A 133 2.28 13.64 16.18
CA GLN A 133 1.81 12.39 16.79
C GLN A 133 0.33 12.48 17.14
N ALA A 134 -0.52 12.29 16.15
CA ALA A 134 -1.97 12.35 16.35
C ALA A 134 -2.68 11.32 15.48
N PHE A 135 -2.32 11.29 14.20
CA PHE A 135 -2.93 10.34 13.27
C PHE A 135 -2.43 8.92 13.54
N LEU A 136 -1.32 8.83 14.27
CA LEU A 136 -0.73 7.54 14.59
C LEU A 136 -1.39 6.94 15.83
N ALA A 137 -2.42 7.63 16.33
CA ALA A 137 -3.15 7.16 17.51
C ALA A 137 -4.31 6.25 17.12
N ASN A 138 -4.94 6.56 16.00
CA ASN A 138 -6.07 5.76 15.51
C ASN A 138 -5.57 4.55 14.73
N LEU A 139 -4.36 4.65 14.19
CA LEU A 139 -3.76 3.55 13.43
C LEU A 139 -3.37 2.40 14.35
N ASP A 140 -2.97 2.73 15.57
CA ASP A 140 -2.57 1.72 16.55
C ASP A 140 -3.76 0.88 16.99
N GLU A 141 -4.94 1.50 17.00
CA GLU A 141 -6.16 0.80 17.40
C GLU A 141 -6.57 -0.22 16.34
N PHE A 142 -6.42 0.14 15.07
CA PHE A 142 -6.78 -0.74 13.97
C PHE A 142 -5.81 -1.91 13.88
N ALA A 143 -4.58 -1.69 14.34
CA ALA A 143 -3.56 -2.73 14.31
C ALA A 143 -4.02 -4.01 15.00
N GLU A 144 -4.45 -3.87 16.24
CA GLU A 144 -4.92 -5.01 17.03
C GLU A 144 -6.40 -5.27 16.79
N ASP A 145 -7.03 -4.40 16.00
CA ASP A 145 -8.46 -4.54 15.70
C ASP A 145 -8.68 -5.61 14.63
N ILE A 146 -8.25 -5.31 13.40
CA ILE A 146 -8.40 -6.25 12.29
C ILE A 146 -7.75 -7.59 12.61
N PHE A 147 -6.67 -7.53 13.38
CA PHE A 147 -5.95 -8.74 13.77
C PHE A 147 -6.78 -9.61 14.69
N LEU A 148 -7.34 -9.01 15.73
CA LEU A 148 -8.17 -9.73 16.69
C LEU A 148 -9.64 -9.70 16.29
N ASN A 149 -10.25 -8.53 16.43
CA ASN A 149 -11.65 -8.34 16.11
C ASN A 149 -11.95 -8.78 14.67
N GLY A 150 -11.55 -7.97 13.71
CA GLY A 150 -11.79 -8.29 12.32
C GLY A 150 -13.26 -8.16 11.94
N CYS A 151 -13.53 -7.97 10.65
CA CYS A 151 -14.89 -7.83 10.18
C CYS A 151 -15.69 -9.12 10.38
N GLY A 1 -6.45 17.21 -25.23
CA GLY A 1 -6.03 15.88 -24.73
C GLY A 1 -6.31 15.69 -23.25
N SER A 2 -5.52 16.36 -22.41
CA SER A 2 -5.68 16.28 -20.96
C SER A 2 -5.53 14.84 -20.48
N HIS A 3 -4.34 14.52 -19.97
CA HIS A 3 -4.07 13.17 -19.48
C HIS A 3 -3.80 13.20 -17.97
N MET A 4 -3.92 14.38 -17.37
CA MET A 4 -3.69 14.54 -15.94
C MET A 4 -5.00 14.38 -15.16
N ALA A 5 -4.92 13.74 -14.00
CA ALA A 5 -6.09 13.52 -13.15
C ALA A 5 -5.68 12.99 -11.79
N ASP A 6 -5.37 11.70 -11.73
CA ASP A 6 -4.97 11.07 -10.48
C ASP A 6 -3.81 10.10 -10.72
N CYS A 7 -4.12 8.97 -11.33
CA CYS A 7 -3.12 7.95 -11.62
C CYS A 7 -2.31 7.61 -10.37
N GLY A 8 -2.72 6.54 -9.69
CA GLY A 8 -2.04 6.15 -8.46
C GLY A 8 -2.37 7.06 -7.31
N GLN A 9 -3.66 7.39 -7.19
CA GLN A 9 -4.14 8.27 -6.13
C GLN A 9 -3.63 7.84 -4.77
N MET A 10 -3.17 8.80 -3.98
CA MET A 10 -2.64 8.53 -2.64
C MET A 10 -3.30 9.43 -1.61
N GLN A 11 -3.10 9.10 -0.33
CA GLN A 11 -3.68 9.89 0.76
C GLN A 11 -2.71 10.97 1.21
N GLU A 12 -3.19 11.88 2.05
CA GLU A 12 -2.38 12.97 2.56
C GLU A 12 -1.30 12.44 3.50
N GLU A 13 -0.40 13.33 3.91
CA GLU A 13 0.69 12.95 4.81
C GLU A 13 0.49 13.59 6.18
N LEU A 14 0.26 12.74 7.18
CA LEU A 14 0.05 13.21 8.56
C LEU A 14 -1.15 14.16 8.64
N ASP A 15 -2.30 13.61 9.04
CA ASP A 15 -3.51 14.41 9.17
C ASP A 15 -4.52 13.70 10.05
N LEU A 16 -4.44 13.95 11.36
CA LEU A 16 -5.34 13.34 12.32
C LEU A 16 -6.80 13.62 11.98
N THR A 17 -7.46 12.63 11.38
CA THR A 17 -8.85 12.76 10.99
C THR A 17 -9.40 11.43 10.47
N ILE A 18 -8.51 10.59 9.95
CA ILE A 18 -8.89 9.29 9.42
C ILE A 18 -9.52 8.43 10.52
N SER A 19 -10.42 7.53 10.10
CA SER A 19 -11.10 6.65 11.05
C SER A 19 -10.79 5.18 10.74
N ALA A 20 -10.58 4.40 11.79
CA ALA A 20 -10.28 2.98 11.63
C ALA A 20 -11.44 2.23 10.98
N GLU A 21 -12.63 2.81 11.10
CA GLU A 21 -13.83 2.20 10.52
C GLU A 21 -13.97 2.59 9.06
N THR A 22 -13.58 3.82 8.73
CA THR A 22 -13.68 4.30 7.36
C THR A 22 -12.87 3.42 6.40
N ARG A 23 -11.76 2.88 6.89
CA ARG A 23 -10.91 2.01 6.09
C ARG A 23 -11.52 0.62 5.96
N LYS A 24 -12.20 0.17 7.01
CA LYS A 24 -12.83 -1.14 7.02
C LYS A 24 -14.07 -1.16 6.12
N GLN A 25 -14.72 -0.01 5.99
CA GLN A 25 -15.91 0.09 5.16
C GLN A 25 -15.57 -0.23 3.70
N THR A 26 -14.28 -0.21 3.40
CA THR A 26 -13.80 -0.50 2.05
C THR A 26 -12.92 -1.75 2.05
N ALA A 27 -12.42 -2.10 3.23
CA ALA A 27 -11.55 -3.26 3.38
C ALA A 27 -12.37 -4.55 3.41
N CYS A 28 -13.63 -4.43 3.82
CA CYS A 28 -14.52 -5.59 3.90
C CYS A 28 -15.17 -5.87 2.55
N LYS A 29 -15.11 -4.90 1.64
CA LYS A 29 -15.69 -5.05 0.32
C LYS A 29 -14.79 -5.88 -0.59
N PRO A 30 -15.39 -6.61 -1.55
CA PRO A 30 -14.64 -7.46 -2.48
C PRO A 30 -13.64 -6.66 -3.32
N GLU A 31 -13.76 -5.33 -3.28
CA GLU A 31 -12.88 -4.46 -4.03
C GLU A 31 -11.43 -4.65 -3.60
N ILE A 32 -11.24 -4.92 -2.31
CA ILE A 32 -9.90 -5.13 -1.76
C ILE A 32 -9.71 -6.58 -1.32
N ALA A 33 -8.60 -7.18 -1.76
CA ALA A 33 -8.29 -8.55 -1.41
C ALA A 33 -7.36 -8.62 -0.20
N TYR A 34 -6.19 -8.00 -0.32
CA TYR A 34 -5.22 -8.00 0.76
C TYR A 34 -5.15 -6.67 1.48
N ALA A 35 -4.68 -6.71 2.72
CA ALA A 35 -4.55 -5.51 3.54
C ALA A 35 -3.38 -5.66 4.50
N TYR A 36 -2.21 -5.15 4.11
CA TYR A 36 -1.02 -5.25 4.94
C TYR A 36 -0.13 -4.03 4.80
N LYS A 37 0.82 -3.90 5.73
CA LYS A 37 1.74 -2.79 5.74
C LYS A 37 3.12 -3.25 5.26
N VAL A 38 3.80 -2.41 4.48
CA VAL A 38 5.12 -2.76 3.97
C VAL A 38 6.12 -1.65 4.19
N SER A 39 7.36 -1.89 3.75
CA SER A 39 8.43 -0.91 3.91
C SER A 39 9.31 -0.85 2.66
N ILE A 40 9.31 0.30 1.98
CA ILE A 40 10.12 0.47 0.78
C ILE A 40 11.59 0.26 1.09
N THR A 41 12.29 -0.42 0.19
CA THR A 41 13.71 -0.69 0.37
C THR A 41 14.51 -0.51 -0.92
N SER A 42 13.83 -0.10 -1.99
CA SER A 42 14.51 0.11 -3.27
C SER A 42 13.58 0.73 -4.29
N ILE A 43 14.16 1.32 -5.33
CA ILE A 43 13.40 1.95 -6.40
C ILE A 43 14.03 1.67 -7.76
N THR A 44 13.35 0.89 -8.58
CA THR A 44 13.85 0.54 -9.90
C THR A 44 12.97 1.14 -11.00
N VAL A 45 13.61 1.63 -12.06
CA VAL A 45 12.89 2.23 -13.18
C VAL A 45 13.55 1.86 -14.50
N GLU A 46 12.72 1.49 -15.48
CA GLU A 46 13.22 1.11 -16.80
C GLU A 46 13.08 2.27 -17.79
N ASN A 47 11.85 2.49 -18.25
CA ASN A 47 11.58 3.57 -19.20
C ASN A 47 10.22 4.18 -18.95
N VAL A 48 9.19 3.33 -18.88
CA VAL A 48 7.83 3.79 -18.63
C VAL A 48 7.23 3.11 -17.40
N PHE A 49 7.25 1.79 -17.41
CA PHE A 49 6.69 1.01 -16.30
C PHE A 49 7.69 0.94 -15.15
N VAL A 50 7.47 1.76 -14.13
CA VAL A 50 8.35 1.78 -12.96
C VAL A 50 7.99 0.64 -12.01
N LYS A 51 9.00 0.13 -11.31
CA LYS A 51 8.79 -0.96 -10.36
C LYS A 51 9.53 -0.70 -9.05
N TYR A 52 8.78 -0.46 -7.99
CA TYR A 52 9.36 -0.20 -6.68
C TYR A 52 9.46 -1.48 -5.85
N LYS A 53 10.59 -1.63 -5.15
CA LYS A 53 10.81 -2.80 -4.33
C LYS A 53 10.51 -2.49 -2.86
N ALA A 54 9.68 -3.31 -2.23
CA ALA A 54 9.32 -3.11 -0.84
C ALA A 54 9.11 -4.43 -0.11
N THR A 55 9.62 -4.50 1.12
CA THR A 55 9.49 -5.70 1.93
C THR A 55 8.24 -5.64 2.80
N LEU A 56 7.39 -6.66 2.67
CA LEU A 56 6.17 -6.73 3.46
C LEU A 56 6.52 -6.72 4.95
N LEU A 57 5.87 -5.86 5.71
CA LEU A 57 6.15 -5.78 7.15
C LEU A 57 5.27 -6.76 7.93
N ASP A 58 3.99 -6.77 7.61
CA ASP A 58 3.05 -7.66 8.29
C ASP A 58 1.70 -7.68 7.58
N ILE A 59 1.10 -8.86 7.48
CA ILE A 59 -0.20 -9.01 6.82
C ILE A 59 -1.36 -9.01 7.82
N TYR A 60 -2.28 -8.08 7.64
CA TYR A 60 -3.44 -7.99 8.50
C TYR A 60 -4.62 -8.70 7.85
N LYS A 61 -4.50 -8.92 6.55
CA LYS A 61 -5.51 -9.61 5.77
C LYS A 61 -4.87 -10.35 4.61
N THR A 62 -4.72 -11.67 4.78
CA THR A 62 -4.10 -12.51 3.76
C THR A 62 -4.55 -12.13 2.36
N GLY A 63 -3.58 -12.07 1.44
CA GLY A 63 -3.86 -11.74 0.07
C GLY A 63 -4.29 -12.95 -0.72
N GLU A 64 -5.28 -12.78 -1.59
CA GLU A 64 -5.76 -13.89 -2.41
C GLU A 64 -4.61 -14.55 -3.14
N ALA A 65 -3.52 -13.79 -3.29
CA ALA A 65 -2.32 -14.29 -3.94
C ALA A 65 -1.44 -15.00 -2.91
N VAL A 66 -0.16 -15.10 -3.20
CA VAL A 66 0.77 -15.75 -2.29
C VAL A 66 1.27 -14.77 -1.22
N ALA A 67 0.35 -13.97 -0.69
CA ALA A 67 0.68 -13.01 0.34
C ALA A 67 1.23 -13.71 1.58
N GLU A 68 2.37 -13.24 2.07
CA GLU A 68 2.99 -13.82 3.24
C GLU A 68 3.70 -12.76 4.06
N LYS A 69 3.68 -12.92 5.38
CA LYS A 69 4.33 -11.97 6.27
C LYS A 69 5.82 -11.84 5.94
N ASP A 70 6.26 -10.61 5.72
CA ASP A 70 7.65 -10.35 5.39
C ASP A 70 8.03 -10.98 4.05
N SER A 71 7.11 -10.93 3.11
CA SER A 71 7.34 -11.50 1.78
C SER A 71 7.99 -10.46 0.87
N GLU A 72 8.23 -10.86 -0.38
CA GLU A 72 8.85 -9.97 -1.36
C GLU A 72 7.83 -9.52 -2.39
N ILE A 73 7.64 -8.21 -2.50
CA ILE A 73 6.68 -7.65 -3.44
C ILE A 73 7.24 -6.44 -4.18
N THR A 74 6.78 -6.24 -5.41
CA THR A 74 7.22 -5.12 -6.23
C THR A 74 6.03 -4.35 -6.77
N PHE A 75 5.86 -3.11 -6.31
CA PHE A 75 4.75 -2.27 -6.74
C PHE A 75 5.05 -1.61 -8.08
N ILE A 76 4.43 -2.14 -9.14
CA ILE A 76 4.62 -1.59 -10.47
C ILE A 76 3.62 -0.47 -10.76
N LYS A 77 4.15 0.71 -11.10
CA LYS A 77 3.32 1.87 -11.39
C LYS A 77 3.72 2.50 -12.73
N LYS A 78 2.88 3.40 -13.22
CA LYS A 78 3.15 4.09 -14.48
C LYS A 78 3.75 5.47 -14.22
N VAL A 79 4.77 5.83 -14.98
CA VAL A 79 5.43 7.12 -14.82
C VAL A 79 4.61 8.24 -15.47
N THR A 80 3.39 7.91 -15.89
CA THR A 80 2.52 8.89 -16.52
C THR A 80 1.60 9.56 -15.50
N CYS A 81 1.65 9.08 -14.26
CA CYS A 81 0.83 9.62 -13.19
C CYS A 81 1.21 11.06 -12.88
N THR A 82 0.45 11.70 -12.00
CA THR A 82 0.71 13.09 -11.62
C THR A 82 0.30 13.35 -10.17
N ASN A 83 0.02 12.28 -9.43
CA ASN A 83 -0.38 12.40 -8.03
C ASN A 83 0.35 11.38 -7.16
N ALA A 84 0.88 10.33 -7.78
CA ALA A 84 1.59 9.30 -7.05
C ALA A 84 3.07 9.65 -6.88
N GLU A 85 3.54 9.62 -5.63
CA GLU A 85 4.93 9.94 -5.34
C GLU A 85 5.48 9.00 -4.27
N LEU A 86 6.71 8.53 -4.46
CA LEU A 86 7.35 7.63 -3.51
C LEU A 86 8.79 8.04 -3.25
N VAL A 87 9.18 8.01 -1.98
CA VAL A 87 10.53 8.39 -1.58
C VAL A 87 11.14 7.37 -0.62
N LYS A 88 11.99 6.49 -1.15
CA LYS A 88 12.64 5.46 -0.33
C LYS A 88 13.18 6.04 0.97
N GLY A 89 12.53 5.71 2.09
CA GLY A 89 12.97 6.21 3.38
C GLY A 89 11.85 6.30 4.40
N ARG A 90 10.78 5.54 4.18
CA ARG A 90 9.65 5.53 5.10
C ARG A 90 8.80 4.28 4.91
N GLN A 91 7.72 4.20 5.69
CA GLN A 91 6.81 3.05 5.61
C GLN A 91 5.51 3.44 4.92
N TYR A 92 4.80 2.44 4.40
CA TYR A 92 3.53 2.68 3.72
C TYR A 92 2.51 1.57 4.00
N LEU A 93 1.25 1.88 3.76
CA LEU A 93 0.17 0.92 3.97
C LEU A 93 -0.51 0.62 2.63
N ILE A 94 -0.66 -0.67 2.33
CA ILE A 94 -1.27 -1.09 1.09
C ILE A 94 -2.54 -1.90 1.33
N MET A 95 -3.60 -1.55 0.61
CA MET A 95 -4.88 -2.24 0.74
C MET A 95 -5.64 -2.19 -0.58
N GLY A 96 -5.77 -3.33 -1.24
CA GLY A 96 -6.46 -3.35 -2.52
C GLY A 96 -6.65 -4.74 -3.09
N LYS A 97 -7.16 -4.79 -4.33
CA LYS A 97 -7.40 -6.05 -5.01
C LYS A 97 -6.18 -6.96 -4.97
N GLU A 98 -6.39 -8.25 -5.23
CA GLU A 98 -5.31 -9.23 -5.22
C GLU A 98 -4.24 -8.89 -6.26
N ALA A 99 -3.20 -9.71 -6.30
CA ALA A 99 -2.10 -9.51 -7.25
C ALA A 99 -2.49 -9.95 -8.65
N LEU A 100 -1.50 -10.01 -9.54
CA LEU A 100 -1.73 -10.43 -10.92
C LEU A 100 -0.84 -11.60 -11.28
N GLN A 101 -0.78 -11.92 -12.58
CA GLN A 101 0.02 -13.02 -13.08
C GLN A 101 0.04 -13.01 -14.61
N ILE A 102 0.94 -12.22 -15.18
CA ILE A 102 1.04 -12.11 -16.62
C ILE A 102 1.41 -13.45 -17.26
N LYS A 103 1.87 -14.38 -16.44
CA LYS A 103 2.24 -15.71 -16.91
C LYS A 103 1.73 -16.80 -15.99
N TYR A 104 2.06 -18.04 -16.30
CA TYR A 104 1.63 -19.18 -15.50
C TYR A 104 2.69 -20.29 -15.53
N ASN A 105 3.36 -20.40 -16.68
CA ASN A 105 4.40 -21.41 -16.84
C ASN A 105 5.79 -20.76 -16.81
N ALA A 106 6.82 -21.56 -16.57
CA ALA A 106 8.18 -21.07 -16.51
C ALA A 106 8.38 -20.14 -15.31
N SER A 107 7.89 -18.91 -15.43
CA SER A 107 8.01 -17.93 -14.36
C SER A 107 6.93 -16.86 -14.46
N PHE A 108 5.83 -17.06 -13.73
CA PHE A 108 4.73 -16.12 -13.73
C PHE A 108 5.13 -14.82 -13.01
N ARG A 109 4.41 -13.74 -13.31
CA ARG A 109 4.71 -12.45 -12.69
C ARG A 109 3.57 -12.01 -11.77
N TYR A 110 3.73 -12.27 -10.48
CA TYR A 110 2.72 -11.91 -9.48
C TYR A 110 2.93 -10.49 -8.96
N ILE A 111 3.54 -9.64 -9.80
CA ILE A 111 3.80 -8.25 -9.41
C ILE A 111 2.51 -7.57 -8.96
N TYR A 112 2.66 -6.53 -8.14
CA TYR A 112 1.50 -5.78 -7.65
C TYR A 112 1.46 -4.38 -8.24
N PRO A 113 0.44 -4.09 -9.07
CA PRO A 113 0.28 -2.78 -9.71
C PRO A 113 0.06 -1.67 -8.69
N LEU A 114 0.00 -0.43 -9.17
CA LEU A 114 -0.20 0.73 -8.31
C LEU A 114 -1.09 1.77 -8.97
N ASP A 115 -2.33 1.87 -8.51
CA ASP A 115 -3.29 2.82 -9.07
C ASP A 115 -4.16 3.42 -7.98
N SER A 116 -5.26 4.04 -8.40
CA SER A 116 -6.20 4.66 -7.46
C SER A 116 -6.90 3.62 -6.60
N LEU A 117 -7.30 2.51 -7.21
CA LEU A 117 -7.99 1.45 -6.49
C LEU A 117 -7.15 0.95 -5.32
N THR A 118 -5.83 0.98 -5.50
CA THR A 118 -4.91 0.53 -4.46
C THR A 118 -4.79 1.56 -3.35
N TRP A 119 -5.44 1.30 -2.23
CA TRP A 119 -5.42 2.20 -1.08
C TRP A 119 -3.99 2.40 -0.57
N ILE A 120 -3.53 3.64 -0.60
CA ILE A 120 -2.18 3.98 -0.13
C ILE A 120 -2.24 4.87 1.09
N GLU A 121 -1.76 4.36 2.21
CA GLU A 121 -1.77 5.12 3.47
C GLU A 121 -0.35 5.27 4.02
N TYR A 122 0.15 6.50 3.98
CA TYR A 122 1.49 6.79 4.50
C TYR A 122 1.59 6.45 5.97
N TRP A 123 2.55 5.60 6.32
CA TRP A 123 2.74 5.20 7.72
C TRP A 123 3.89 5.97 8.35
N PRO A 124 3.59 6.90 9.27
CA PRO A 124 4.60 7.71 9.95
C PRO A 124 5.65 6.86 10.65
N ARG A 125 6.93 7.12 10.37
CA ARG A 125 8.02 6.37 10.98
C ARG A 125 8.54 7.11 12.22
N ASP A 126 8.31 8.41 12.27
CA ASP A 126 8.77 9.23 13.39
C ASP A 126 7.74 9.22 14.52
N THR A 127 8.21 8.94 15.73
CA THR A 127 7.33 8.90 16.89
C THR A 127 8.03 9.47 18.13
N THR A 128 9.17 10.13 17.91
CA THR A 128 9.93 10.72 19.00
C THR A 128 9.43 12.11 19.34
N CYS A 129 9.19 12.92 18.32
CA CYS A 129 8.71 14.28 18.51
C CYS A 129 7.35 14.29 19.21
N SER A 130 7.07 15.37 19.94
CA SER A 130 5.82 15.51 20.66
C SER A 130 4.65 15.72 19.70
N SER A 131 4.79 16.69 18.82
CA SER A 131 3.75 17.01 17.84
C SER A 131 3.47 15.80 16.95
N CYS A 132 4.48 14.95 16.78
CA CYS A 132 4.35 13.76 15.96
C CYS A 132 3.65 12.63 16.73
N GLN A 133 3.90 11.39 16.32
CA GLN A 133 3.32 10.22 16.96
C GLN A 133 1.83 10.44 17.28
N ALA A 134 1.18 11.26 16.46
CA ALA A 134 -0.24 11.55 16.65
C ALA A 134 -1.10 10.74 15.69
N PHE A 135 -0.50 10.32 14.58
CA PHE A 135 -1.21 9.55 13.57
C PHE A 135 -1.05 8.05 13.81
N LEU A 136 -0.01 7.69 14.57
CA LEU A 136 0.26 6.29 14.87
C LEU A 136 -0.75 5.74 15.89
N ALA A 137 -1.51 6.64 16.50
CA ALA A 137 -2.50 6.26 17.50
C ALA A 137 -3.80 5.82 16.82
N ASN A 138 -4.00 6.28 15.59
CA ASN A 138 -5.20 5.94 14.84
C ASN A 138 -4.96 4.71 13.97
N LEU A 139 -3.70 4.29 13.88
CA LEU A 139 -3.33 3.13 13.08
C LEU A 139 -3.29 1.88 13.94
N ASP A 140 -3.08 2.06 15.25
CA ASP A 140 -3.01 0.95 16.17
C ASP A 140 -4.39 0.34 16.41
N GLU A 141 -5.43 1.15 16.19
CA GLU A 141 -6.81 0.70 16.37
C GLU A 141 -7.24 -0.19 15.21
N PHE A 142 -6.77 0.15 14.01
CA PHE A 142 -7.11 -0.60 12.80
C PHE A 142 -6.17 -1.79 12.63
N ALA A 143 -4.99 -1.71 13.24
CA ALA A 143 -4.01 -2.78 13.14
C ALA A 143 -4.50 -4.04 13.85
N GLU A 144 -5.15 -3.86 14.98
CA GLU A 144 -5.67 -4.98 15.76
C GLU A 144 -7.08 -5.35 15.32
N ASP A 145 -7.84 -4.33 14.92
CA ASP A 145 -9.22 -4.53 14.48
C ASP A 145 -9.32 -5.63 13.43
N ILE A 146 -8.86 -5.34 12.21
CA ILE A 146 -8.91 -6.30 11.12
C ILE A 146 -8.15 -7.59 11.48
N PHE A 147 -7.11 -7.44 12.29
CA PHE A 147 -6.29 -8.57 12.70
C PHE A 147 -7.07 -9.49 13.65
N LEU A 148 -7.97 -8.91 14.42
CA LEU A 148 -8.76 -9.67 15.38
C LEU A 148 -10.16 -9.96 14.85
N ASN A 149 -11.01 -8.92 14.88
CA ASN A 149 -12.38 -9.04 14.41
C ASN A 149 -12.47 -9.03 12.89
N GLY A 150 -12.00 -7.95 12.28
CA GLY A 150 -12.03 -7.84 10.83
C GLY A 150 -13.44 -7.72 10.29
N CYS A 151 -13.80 -6.50 9.87
CA CYS A 151 -15.14 -6.23 9.34
C CYS A 151 -16.21 -6.72 10.28
N GLY A 1 -1.54 17.51 -26.17
CA GLY A 1 -1.34 18.07 -24.81
C GLY A 1 -1.01 17.00 -23.79
N SER A 2 -0.32 15.94 -24.23
CA SER A 2 0.05 14.85 -23.34
C SER A 2 -1.18 14.21 -22.70
N HIS A 3 -0.94 13.29 -21.78
CA HIS A 3 -2.04 12.60 -21.09
C HIS A 3 -2.00 12.88 -19.59
N MET A 4 -3.14 13.28 -19.04
CA MET A 4 -3.24 13.58 -17.62
C MET A 4 -4.13 12.58 -16.91
N ALA A 5 -3.59 11.90 -15.90
CA ALA A 5 -4.34 10.92 -15.14
C ALA A 5 -3.79 10.78 -13.72
N ASP A 6 -4.65 10.36 -12.80
CA ASP A 6 -4.24 10.19 -11.40
C ASP A 6 -3.21 9.08 -11.27
N CYS A 7 -3.64 7.85 -11.56
CA CYS A 7 -2.76 6.69 -11.47
C CYS A 7 -2.23 6.53 -10.06
N GLY A 8 -2.77 5.56 -9.33
CA GLY A 8 -2.35 5.32 -7.96
C GLY A 8 -3.27 5.98 -6.96
N GLN A 9 -3.37 7.30 -7.06
CA GLN A 9 -4.23 8.10 -6.18
C GLN A 9 -3.90 7.83 -4.71
N MET A 10 -3.09 8.71 -4.12
CA MET A 10 -2.71 8.58 -2.73
C MET A 10 -3.50 9.54 -1.85
N GLN A 11 -3.62 9.20 -0.57
CA GLN A 11 -4.35 10.03 0.38
C GLN A 11 -3.46 11.12 0.97
N GLU A 12 -4.01 11.89 1.91
CA GLU A 12 -3.28 12.95 2.55
C GLU A 12 -2.18 12.41 3.46
N GLU A 13 -1.57 13.29 4.25
CA GLU A 13 -0.49 12.90 5.14
C GLU A 13 -0.70 13.47 6.55
N LEU A 14 -0.59 12.61 7.55
CA LEU A 14 -0.76 13.02 8.95
C LEU A 14 -2.14 13.61 9.20
N ASP A 15 -3.07 13.36 8.28
CA ASP A 15 -4.43 13.86 8.43
C ASP A 15 -5.26 12.93 9.31
N LEU A 16 -5.56 13.37 10.51
CA LEU A 16 -6.35 12.57 11.46
C LEU A 16 -7.83 12.58 11.07
N THR A 17 -8.13 13.18 9.93
CA THR A 17 -9.51 13.25 9.45
C THR A 17 -10.09 11.85 9.22
N ILE A 18 -9.21 10.89 8.98
CA ILE A 18 -9.63 9.52 8.74
C ILE A 18 -9.70 8.74 10.05
N SER A 19 -10.82 8.04 10.25
CA SER A 19 -11.02 7.26 11.47
C SER A 19 -10.54 5.83 11.27
N ALA A 20 -10.42 5.09 12.37
CA ALA A 20 -9.98 3.70 12.31
C ALA A 20 -11.04 2.80 11.68
N GLU A 21 -12.28 3.27 11.69
CA GLU A 21 -13.39 2.51 11.13
C GLU A 21 -13.59 2.85 9.65
N THR A 22 -13.45 4.13 9.33
CA THR A 22 -13.61 4.59 7.94
C THR A 22 -12.62 3.90 7.02
N ARG A 23 -11.41 3.68 7.53
CA ARG A 23 -10.36 3.02 6.75
C ARG A 23 -10.67 1.53 6.59
N LYS A 24 -11.26 0.94 7.62
CA LYS A 24 -11.62 -0.47 7.60
C LYS A 24 -12.71 -0.75 6.58
N GLN A 25 -13.53 0.26 6.30
CA GLN A 25 -14.61 0.12 5.33
C GLN A 25 -14.06 -0.29 3.97
N THR A 26 -12.76 -0.05 3.78
CA THR A 26 -12.09 -0.39 2.54
C THR A 26 -11.50 -1.79 2.61
N ALA A 27 -11.11 -2.20 3.81
CA ALA A 27 -10.52 -3.51 4.03
C ALA A 27 -11.57 -4.62 3.92
N CYS A 28 -12.80 -4.23 3.63
CA CYS A 28 -13.89 -5.20 3.51
C CYS A 28 -14.57 -5.10 2.15
N LYS A 29 -13.99 -4.29 1.26
CA LYS A 29 -14.55 -4.10 -0.07
C LYS A 29 -14.02 -5.18 -1.04
N PRO A 30 -14.85 -5.58 -2.01
CA PRO A 30 -14.47 -6.60 -3.00
C PRO A 30 -13.26 -6.18 -3.83
N GLU A 31 -13.11 -4.87 -4.03
CA GLU A 31 -11.99 -4.34 -4.81
C GLU A 31 -10.69 -4.45 -4.02
N ILE A 32 -10.82 -4.77 -2.74
CA ILE A 32 -9.66 -4.91 -1.87
C ILE A 32 -9.51 -6.34 -1.37
N ALA A 33 -8.44 -6.99 -1.76
CA ALA A 33 -8.17 -8.38 -1.37
C ALA A 33 -7.33 -8.44 -0.10
N TYR A 34 -6.18 -7.77 -0.12
CA TYR A 34 -5.28 -7.78 1.02
C TYR A 34 -5.18 -6.41 1.67
N ALA A 35 -4.68 -6.41 2.91
CA ALA A 35 -4.50 -5.19 3.68
C ALA A 35 -3.36 -5.37 4.67
N TYR A 36 -2.17 -4.88 4.32
CA TYR A 36 -1.01 -5.03 5.18
C TYR A 36 -0.11 -3.80 5.17
N LYS A 37 0.98 -3.88 5.92
CA LYS A 37 1.95 -2.80 6.02
C LYS A 37 3.29 -3.23 5.40
N VAL A 38 3.78 -2.43 4.46
CA VAL A 38 5.03 -2.74 3.79
C VAL A 38 6.09 -1.65 4.04
N SER A 39 7.26 -1.84 3.44
CA SER A 39 8.35 -0.89 3.59
C SER A 39 9.23 -0.88 2.35
N ILE A 40 9.23 0.24 1.63
CA ILE A 40 10.04 0.37 0.42
C ILE A 40 11.51 0.08 0.71
N THR A 41 12.05 -0.93 0.05
CA THR A 41 13.44 -1.32 0.24
C THR A 41 14.25 -1.13 -1.03
N SER A 42 13.56 -1.08 -2.17
CA SER A 42 14.23 -0.91 -3.45
C SER A 42 13.36 -0.12 -4.42
N ILE A 43 14.01 0.55 -5.37
CA ILE A 43 13.31 1.36 -6.36
C ILE A 43 14.05 1.34 -7.70
N THR A 44 13.30 1.27 -8.79
CA THR A 44 13.89 1.24 -10.12
C THR A 44 13.05 2.05 -11.11
N VAL A 45 13.69 2.97 -11.81
CA VAL A 45 13.00 3.81 -12.78
C VAL A 45 13.38 3.42 -14.21
N GLU A 46 12.36 3.15 -15.03
CA GLU A 46 12.59 2.77 -16.41
C GLU A 46 12.22 3.91 -17.36
N ASN A 47 12.11 3.60 -18.65
CA ASN A 47 11.77 4.60 -19.66
C ASN A 47 10.40 5.19 -19.40
N VAL A 48 9.36 4.39 -19.67
CA VAL A 48 7.98 4.85 -19.48
C VAL A 48 7.42 4.36 -18.15
N PHE A 49 7.66 3.10 -17.83
CA PHE A 49 7.17 2.52 -16.59
C PHE A 49 8.20 2.66 -15.47
N VAL A 50 7.78 2.38 -14.24
CA VAL A 50 8.68 2.47 -13.09
C VAL A 50 8.48 1.28 -12.16
N LYS A 51 9.56 0.55 -11.91
CA LYS A 51 9.52 -0.62 -11.05
C LYS A 51 9.69 -0.23 -9.57
N TYR A 52 9.06 -0.98 -8.69
CA TYR A 52 9.15 -0.72 -7.26
C TYR A 52 9.12 -2.03 -6.47
N LYS A 53 9.90 -2.08 -5.39
CA LYS A 53 9.97 -3.27 -4.55
C LYS A 53 9.96 -2.89 -3.07
N ALA A 54 9.05 -3.51 -2.31
CA ALA A 54 8.94 -3.21 -0.89
C ALA A 54 8.76 -4.47 -0.07
N THR A 55 9.38 -4.50 1.10
CA THR A 55 9.29 -5.65 2.00
C THR A 55 8.03 -5.57 2.87
N LEU A 56 7.21 -6.61 2.81
CA LEU A 56 5.98 -6.66 3.59
C LEU A 56 6.29 -6.74 5.07
N LEU A 57 6.25 -5.59 5.75
CA LEU A 57 6.55 -5.52 7.18
C LEU A 57 5.68 -6.50 7.97
N ASP A 58 4.38 -6.49 7.71
CA ASP A 58 3.45 -7.37 8.40
C ASP A 58 2.11 -7.40 7.69
N ILE A 59 1.30 -8.42 7.98
CA ILE A 59 -0.02 -8.55 7.35
C ILE A 59 -1.14 -8.29 8.33
N TYR A 60 -2.15 -7.54 7.89
CA TYR A 60 -3.31 -7.23 8.71
C TYR A 60 -4.54 -7.91 8.11
N LYS A 61 -4.40 -8.30 6.84
CA LYS A 61 -5.47 -8.99 6.11
C LYS A 61 -4.86 -9.85 5.01
N THR A 62 -4.97 -11.16 5.16
CA THR A 62 -4.42 -12.11 4.20
C THR A 62 -4.75 -11.70 2.76
N GLY A 63 -3.83 -12.02 1.85
CA GLY A 63 -4.01 -11.70 0.45
C GLY A 63 -4.37 -12.92 -0.38
N GLU A 64 -5.37 -12.77 -1.23
CA GLU A 64 -5.82 -13.87 -2.09
C GLU A 64 -4.69 -14.35 -2.99
N ALA A 65 -3.76 -13.45 -3.30
CA ALA A 65 -2.62 -13.78 -4.14
C ALA A 65 -1.47 -14.31 -3.29
N VAL A 66 -1.81 -15.16 -2.32
CA VAL A 66 -0.82 -15.75 -1.43
C VAL A 66 0.00 -14.67 -0.73
N ALA A 67 -0.49 -14.23 0.42
CA ALA A 67 0.21 -13.20 1.20
C ALA A 67 0.81 -13.79 2.48
N GLU A 68 2.03 -13.38 2.78
CA GLU A 68 2.71 -13.86 3.97
C GLU A 68 3.57 -12.75 4.57
N LYS A 69 3.68 -12.74 5.90
CA LYS A 69 4.47 -11.74 6.59
C LYS A 69 5.89 -11.68 6.05
N ASP A 70 6.47 -10.49 6.07
CA ASP A 70 7.85 -10.28 5.59
C ASP A 70 8.07 -10.93 4.22
N SER A 71 7.07 -10.83 3.36
CA SER A 71 7.14 -11.40 2.02
C SER A 71 7.88 -10.45 1.07
N GLU A 72 7.78 -10.73 -0.23
CA GLU A 72 8.42 -9.91 -1.24
C GLU A 72 7.42 -9.55 -2.35
N ILE A 73 7.05 -8.27 -2.43
CA ILE A 73 6.11 -7.81 -3.43
C ILE A 73 6.71 -6.71 -4.30
N THR A 74 6.35 -6.71 -5.58
CA THR A 74 6.84 -5.72 -6.52
C THR A 74 5.70 -4.96 -7.19
N PHE A 75 5.72 -3.63 -7.07
CA PHE A 75 4.69 -2.79 -7.67
C PHE A 75 5.28 -1.95 -8.81
N ILE A 76 4.48 -1.68 -9.82
CA ILE A 76 4.93 -0.88 -10.95
C ILE A 76 3.84 0.07 -11.43
N LYS A 77 4.25 1.21 -11.98
CA LYS A 77 3.31 2.21 -12.46
C LYS A 77 3.86 2.92 -13.71
N LYS A 78 3.14 3.94 -14.16
CA LYS A 78 3.55 4.69 -15.34
C LYS A 78 4.25 5.98 -14.93
N VAL A 79 4.60 6.80 -15.92
CA VAL A 79 5.30 8.06 -15.66
C VAL A 79 4.30 9.19 -15.42
N THR A 80 3.10 9.04 -15.97
CA THR A 80 2.05 10.05 -15.83
C THR A 80 1.52 10.09 -14.41
N CYS A 81 1.69 8.99 -13.68
CA CYS A 81 1.22 8.91 -12.30
C CYS A 81 1.88 9.98 -11.44
N THR A 82 1.11 11.01 -11.11
CA THR A 82 1.63 12.10 -10.28
C THR A 82 1.13 11.97 -8.84
N ASN A 83 -0.07 11.42 -8.68
CA ASN A 83 -0.66 11.24 -7.36
C ASN A 83 0.01 10.08 -6.62
N ALA A 84 0.67 9.21 -7.37
CA ALA A 84 1.35 8.06 -6.78
C ALA A 84 2.86 8.22 -6.84
N GLU A 85 3.47 8.44 -5.68
CA GLU A 85 4.92 8.61 -5.58
C GLU A 85 5.46 7.95 -4.32
N LEU A 86 6.16 6.84 -4.50
CA LEU A 86 6.73 6.11 -3.37
C LEU A 86 8.07 6.71 -2.95
N VAL A 87 8.53 6.34 -1.76
CA VAL A 87 9.80 6.84 -1.24
C VAL A 87 10.65 5.70 -0.68
N LYS A 88 11.92 5.69 -1.05
CA LYS A 88 12.85 4.64 -0.60
C LYS A 88 13.00 4.68 0.92
N GLY A 89 12.98 3.52 1.55
CA GLY A 89 13.12 3.44 2.98
C GLY A 89 12.02 4.18 3.73
N ARG A 90 10.80 3.65 3.64
CA ARG A 90 9.67 4.26 4.31
C ARG A 90 8.51 3.27 4.42
N GLN A 91 7.67 3.46 5.44
CA GLN A 91 6.53 2.58 5.67
C GLN A 91 5.27 3.10 4.97
N TYR A 92 4.57 2.19 4.30
CA TYR A 92 3.35 2.54 3.58
C TYR A 92 2.26 1.49 3.79
N LEU A 93 1.01 1.93 3.85
CA LEU A 93 -0.12 1.02 4.03
C LEU A 93 -0.74 0.68 2.68
N ILE A 94 -0.72 -0.60 2.33
CA ILE A 94 -1.28 -1.04 1.05
C ILE A 94 -2.54 -1.89 1.25
N MET A 95 -3.63 -1.45 0.64
CA MET A 95 -4.91 -2.14 0.72
C MET A 95 -5.57 -2.20 -0.66
N GLY A 96 -5.58 -3.37 -1.27
CA GLY A 96 -6.17 -3.50 -2.60
C GLY A 96 -6.31 -4.94 -3.06
N LYS A 97 -6.89 -5.12 -4.24
CA LYS A 97 -7.10 -6.45 -4.80
C LYS A 97 -5.78 -7.21 -4.96
N GLU A 98 -5.89 -8.51 -5.19
CA GLU A 98 -4.72 -9.36 -5.36
C GLU A 98 -3.93 -9.00 -6.62
N ALA A 99 -2.99 -9.87 -6.99
CA ALA A 99 -2.16 -9.64 -8.17
C ALA A 99 -2.89 -10.10 -9.43
N LEU A 100 -2.18 -10.12 -10.55
CA LEU A 100 -2.77 -10.54 -11.82
C LEU A 100 -1.87 -11.55 -12.53
N GLN A 101 -0.98 -12.17 -11.75
CA GLN A 101 -0.04 -13.16 -12.28
C GLN A 101 0.51 -12.74 -13.63
N ILE A 102 1.60 -11.96 -13.61
CA ILE A 102 2.20 -11.49 -14.83
C ILE A 102 2.66 -12.64 -15.71
N LYS A 103 3.37 -13.59 -15.11
CA LYS A 103 3.86 -14.77 -15.83
C LYS A 103 4.59 -14.35 -17.11
N TYR A 104 4.75 -15.30 -18.04
CA TYR A 104 5.41 -15.03 -19.30
C TYR A 104 6.89 -14.67 -19.09
N ASN A 105 7.65 -14.67 -20.18
CA ASN A 105 9.07 -14.35 -20.13
C ASN A 105 9.85 -15.40 -19.35
N ALA A 106 9.84 -15.28 -18.02
CA ALA A 106 10.55 -16.22 -17.17
C ALA A 106 9.58 -16.99 -16.28
N SER A 107 8.89 -16.26 -15.40
CA SER A 107 7.92 -16.88 -14.49
C SER A 107 7.03 -15.82 -13.85
N PHE A 108 5.96 -16.27 -13.23
CA PHE A 108 5.01 -15.36 -12.58
C PHE A 108 5.71 -14.55 -11.49
N ARG A 109 5.34 -13.27 -11.38
CA ARG A 109 5.93 -12.39 -10.38
C ARG A 109 4.86 -11.76 -9.51
N TYR A 110 3.60 -11.94 -9.90
CA TYR A 110 2.47 -11.39 -9.16
C TYR A 110 2.59 -9.88 -9.03
N ILE A 111 3.36 -9.26 -9.94
CA ILE A 111 3.54 -7.82 -9.93
C ILE A 111 2.20 -7.10 -10.03
N TYR A 112 2.05 -6.03 -9.26
CA TYR A 112 0.80 -5.27 -9.25
C TYR A 112 0.90 -4.05 -10.18
N PRO A 113 -0.15 -3.80 -10.98
CA PRO A 113 -0.18 -2.66 -11.90
C PRO A 113 -0.21 -1.31 -11.19
N LEU A 114 -0.50 -1.36 -9.89
CA LEU A 114 -0.57 -0.15 -9.07
C LEU A 114 -1.46 0.90 -9.72
N ASP A 115 -2.74 0.86 -9.39
CA ASP A 115 -3.70 1.81 -9.95
C ASP A 115 -4.33 2.66 -8.85
N SER A 116 -5.32 3.46 -9.22
CA SER A 116 -6.01 4.32 -8.26
C SER A 116 -6.78 3.49 -7.23
N LEU A 117 -6.97 2.21 -7.54
CA LEU A 117 -7.69 1.30 -6.64
C LEU A 117 -6.78 0.82 -5.52
N THR A 118 -5.51 1.21 -5.59
CA THR A 118 -4.54 0.81 -4.58
C THR A 118 -4.51 1.81 -3.42
N TRP A 119 -5.08 1.41 -2.29
CA TRP A 119 -5.12 2.27 -1.10
C TRP A 119 -3.72 2.44 -0.53
N ILE A 120 -3.13 3.60 -0.78
CA ILE A 120 -1.79 3.90 -0.28
C ILE A 120 -1.84 4.98 0.80
N GLU A 121 -1.33 4.64 1.98
CA GLU A 121 -1.32 5.58 3.09
C GLU A 121 0.10 5.81 3.61
N TYR A 122 0.37 7.02 4.10
CA TYR A 122 1.68 7.36 4.62
C TYR A 122 1.81 6.92 6.07
N TRP A 123 2.84 6.13 6.36
CA TRP A 123 3.07 5.64 7.72
C TRP A 123 4.24 6.37 8.35
N PRO A 124 3.95 7.43 9.14
CA PRO A 124 4.99 8.23 9.81
C PRO A 124 5.91 7.38 10.68
N ARG A 125 7.17 7.29 10.29
CA ARG A 125 8.15 6.51 11.04
C ARG A 125 8.53 7.22 12.34
N ASP A 126 8.47 8.54 12.32
CA ASP A 126 8.82 9.35 13.49
C ASP A 126 7.75 9.20 14.57
N THR A 127 8.20 8.91 15.79
CA THR A 127 7.28 8.74 16.92
C THR A 127 7.84 9.38 18.18
N THR A 128 9.07 9.88 18.10
CA THR A 128 9.72 10.52 19.23
C THR A 128 8.97 11.77 19.66
N CYS A 129 8.32 12.42 18.71
CA CYS A 129 7.56 13.64 18.98
C CYS A 129 6.08 13.35 19.10
N SER A 130 5.44 13.92 20.11
CA SER A 130 4.02 13.72 20.35
C SER A 130 3.18 14.61 19.43
N SER A 131 3.87 15.45 18.64
CA SER A 131 3.20 16.35 17.73
C SER A 131 2.91 15.66 16.39
N CYS A 132 3.38 14.43 16.26
CA CYS A 132 3.19 13.65 15.03
C CYS A 132 2.82 12.21 15.36
N GLN A 133 3.19 11.77 16.55
CA GLN A 133 2.90 10.41 16.99
C GLN A 133 1.39 10.18 17.13
N ALA A 134 0.65 11.28 17.26
CA ALA A 134 -0.80 11.21 17.40
C ALA A 134 -1.43 10.45 16.23
N PHE A 135 -0.79 10.52 15.07
CA PHE A 135 -1.28 9.83 13.89
C PHE A 135 -1.00 8.34 13.97
N LEU A 136 0.08 7.98 14.63
CA LEU A 136 0.47 6.58 14.78
C LEU A 136 -0.37 5.90 15.87
N ALA A 137 -1.17 6.71 16.57
CA ALA A 137 -2.02 6.19 17.63
C ALA A 137 -3.32 5.62 17.07
N ASN A 138 -3.89 6.32 16.09
CA ASN A 138 -5.13 5.87 15.48
C ASN A 138 -4.88 4.74 14.49
N LEU A 139 -3.61 4.35 14.35
CA LEU A 139 -3.23 3.27 13.46
C LEU A 139 -3.14 1.95 14.21
N ASP A 140 -2.68 2.03 15.46
CA ASP A 140 -2.53 0.84 16.30
C ASP A 140 -3.89 0.20 16.56
N GLU A 141 -4.91 1.03 16.68
CA GLU A 141 -6.26 0.54 16.94
C GLU A 141 -6.78 -0.25 15.73
N PHE A 142 -6.48 0.24 14.54
CA PHE A 142 -6.92 -0.40 13.31
C PHE A 142 -6.29 -1.79 13.18
N ALA A 143 -5.11 -1.96 13.76
CA ALA A 143 -4.41 -3.24 13.72
C ALA A 143 -5.27 -4.37 14.26
N GLU A 144 -5.66 -4.26 15.53
CA GLU A 144 -6.49 -5.27 16.17
C GLU A 144 -7.93 -5.18 15.69
N ASP A 145 -8.32 -3.99 15.22
CA ASP A 145 -9.67 -3.77 14.73
C ASP A 145 -9.96 -4.60 13.48
N ILE A 146 -8.93 -5.27 12.97
CA ILE A 146 -9.07 -6.09 11.78
C ILE A 146 -8.42 -7.45 11.97
N PHE A 147 -7.42 -7.49 12.86
CA PHE A 147 -6.71 -8.73 13.16
C PHE A 147 -7.55 -9.66 14.03
N LEU A 148 -8.33 -9.06 14.91
CA LEU A 148 -9.19 -9.82 15.81
C LEU A 148 -10.47 -10.27 15.11
N ASN A 149 -11.12 -9.32 14.44
CA ASN A 149 -12.37 -9.61 13.75
C ASN A 149 -12.13 -9.80 12.25
N GLY A 150 -11.77 -8.73 11.56
CA GLY A 150 -11.54 -8.80 10.13
C GLY A 150 -12.82 -8.97 9.35
N CYS A 151 -13.31 -7.88 8.76
CA CYS A 151 -14.54 -7.90 7.99
C CYS A 151 -14.38 -8.78 6.75
N GLY A 1 2.20 23.87 -18.96
CA GLY A 1 0.76 23.48 -19.07
C GLY A 1 0.59 22.09 -19.65
N SER A 2 0.32 21.12 -18.79
CA SER A 2 0.13 19.74 -19.22
C SER A 2 -0.99 19.07 -18.44
N HIS A 3 -1.56 18.01 -19.01
CA HIS A 3 -2.64 17.29 -18.36
C HIS A 3 -2.10 16.14 -17.51
N MET A 4 -2.35 16.21 -16.21
CA MET A 4 -1.88 15.18 -15.29
C MET A 4 -3.00 14.19 -14.96
N ALA A 5 -2.70 13.26 -14.06
CA ALA A 5 -3.69 12.25 -13.66
C ALA A 5 -3.51 11.87 -12.19
N ASP A 6 -4.54 11.26 -11.62
CA ASP A 6 -4.49 10.84 -10.22
C ASP A 6 -3.96 9.42 -10.10
N CYS A 7 -3.16 9.00 -11.07
CA CYS A 7 -2.58 7.66 -11.05
C CYS A 7 -1.91 7.39 -9.72
N GLY A 8 -2.53 6.54 -8.90
CA GLY A 8 -1.99 6.23 -7.61
C GLY A 8 -2.33 7.29 -6.59
N GLN A 9 -3.57 7.77 -6.66
CA GLN A 9 -4.07 8.80 -5.76
C GLN A 9 -3.61 8.55 -4.32
N MET A 10 -2.62 9.33 -3.87
CA MET A 10 -2.09 9.18 -2.53
C MET A 10 -2.78 10.15 -1.57
N GLN A 11 -3.33 9.60 -0.49
CA GLN A 11 -4.03 10.42 0.51
C GLN A 11 -3.05 11.35 1.23
N GLU A 12 -3.59 12.28 2.01
CA GLU A 12 -2.78 13.23 2.75
C GLU A 12 -2.01 12.53 3.86
N GLU A 13 -1.06 13.24 4.46
CA GLU A 13 -0.24 12.70 5.55
C GLU A 13 -0.63 13.33 6.88
N LEU A 14 -0.84 12.48 7.88
CA LEU A 14 -1.22 12.95 9.22
C LEU A 14 -2.46 13.83 9.16
N ASP A 15 -3.63 13.19 9.24
CA ASP A 15 -4.90 13.91 9.20
C ASP A 15 -5.95 13.20 10.04
N LEU A 16 -6.21 13.73 11.24
CA LEU A 16 -7.19 13.14 12.14
C LEU A 16 -8.60 13.35 11.61
N THR A 17 -9.13 12.33 10.94
CA THR A 17 -10.47 12.39 10.37
C THR A 17 -10.95 11.01 9.93
N ILE A 18 -9.99 10.13 9.66
CA ILE A 18 -10.30 8.77 9.23
C ILE A 18 -10.23 7.80 10.41
N SER A 19 -11.39 7.37 10.88
CA SER A 19 -11.46 6.43 12.00
C SER A 19 -10.82 5.09 11.63
N ALA A 20 -10.54 4.29 12.65
CA ALA A 20 -9.91 2.98 12.43
C ALA A 20 -10.90 2.01 11.79
N GLU A 21 -12.16 2.42 11.70
CA GLU A 21 -13.20 1.59 11.11
C GLU A 21 -13.40 1.94 9.64
N THR A 22 -13.18 3.19 9.29
CA THR A 22 -13.33 3.65 7.92
C THR A 22 -12.35 2.94 7.00
N ARG A 23 -11.17 2.63 7.51
CA ARG A 23 -10.14 1.95 6.74
C ARG A 23 -10.35 0.45 6.74
N LYS A 24 -10.75 -0.09 7.90
CA LYS A 24 -10.98 -1.52 8.03
C LYS A 24 -12.08 -1.98 7.08
N GLN A 25 -13.17 -1.23 7.02
CA GLN A 25 -14.28 -1.57 6.14
C GLN A 25 -13.80 -1.62 4.69
N THR A 26 -12.71 -0.92 4.41
CA THR A 26 -12.12 -0.89 3.09
C THR A 26 -11.17 -2.07 2.89
N ALA A 27 -10.61 -2.54 4.00
CA ALA A 27 -9.68 -3.66 3.97
C ALA A 27 -10.37 -4.93 3.48
N CYS A 28 -11.55 -5.19 4.03
CA CYS A 28 -12.33 -6.36 3.66
C CYS A 28 -13.28 -6.04 2.50
N LYS A 29 -13.19 -4.81 2.01
CA LYS A 29 -14.02 -4.36 0.90
C LYS A 29 -13.82 -5.24 -0.32
N PRO A 30 -14.91 -5.55 -1.06
CA PRO A 30 -14.82 -6.38 -2.27
C PRO A 30 -13.85 -5.82 -3.30
N GLU A 31 -13.54 -4.53 -3.18
CA GLU A 31 -12.63 -3.88 -4.10
C GLU A 31 -11.18 -4.07 -3.64
N ILE A 32 -11.01 -4.32 -2.35
CA ILE A 32 -9.68 -4.52 -1.78
C ILE A 32 -9.44 -6.00 -1.48
N ALA A 33 -8.47 -6.58 -2.20
CA ALA A 33 -8.13 -7.98 -2.01
C ALA A 33 -7.28 -8.19 -0.77
N TYR A 34 -6.25 -7.37 -0.61
CA TYR A 34 -5.36 -7.47 0.54
C TYR A 34 -5.25 -6.15 1.30
N ALA A 35 -4.89 -6.25 2.57
CA ALA A 35 -4.74 -5.09 3.42
C ALA A 35 -3.58 -5.28 4.39
N TYR A 36 -2.42 -4.74 4.05
CA TYR A 36 -1.25 -4.88 4.90
C TYR A 36 -0.32 -3.67 4.77
N LYS A 37 0.68 -3.63 5.66
CA LYS A 37 1.65 -2.54 5.66
C LYS A 37 2.98 -3.02 5.09
N VAL A 38 3.63 -2.16 4.31
CA VAL A 38 4.92 -2.49 3.70
C VAL A 38 5.91 -1.34 3.79
N SER A 39 7.10 -1.56 3.24
CA SER A 39 8.15 -0.54 3.24
C SER A 39 9.03 -0.67 2.00
N ILE A 40 9.19 0.43 1.28
CA ILE A 40 10.01 0.43 0.07
C ILE A 40 11.47 0.09 0.40
N THR A 41 12.09 -0.71 -0.46
CA THR A 41 13.47 -1.12 -0.26
C THR A 41 14.32 -0.92 -1.52
N SER A 42 13.66 -0.94 -2.67
CA SER A 42 14.35 -0.77 -3.95
C SER A 42 13.46 -0.12 -4.99
N ILE A 43 14.07 0.52 -5.97
CA ILE A 43 13.33 1.19 -7.04
C ILE A 43 14.04 1.01 -8.39
N THR A 44 13.43 0.24 -9.27
CA THR A 44 14.00 -0.01 -10.60
C THR A 44 13.50 1.02 -11.61
N VAL A 45 14.43 1.71 -12.25
CA VAL A 45 14.10 2.72 -13.25
C VAL A 45 14.31 2.18 -14.66
N GLU A 46 13.31 2.39 -15.52
CA GLU A 46 13.39 1.93 -16.90
C GLU A 46 13.19 3.09 -17.87
N ASN A 47 13.28 2.80 -19.16
CA ASN A 47 13.11 3.82 -20.20
C ASN A 47 11.84 4.65 -19.97
N VAL A 48 10.74 3.97 -19.67
CA VAL A 48 9.48 4.64 -19.43
C VAL A 48 8.84 4.16 -18.13
N PHE A 49 8.68 2.85 -18.00
CA PHE A 49 8.09 2.26 -16.81
C PHE A 49 9.04 2.35 -15.62
N VAL A 50 8.49 2.19 -14.42
CA VAL A 50 9.29 2.25 -13.20
C VAL A 50 8.85 1.17 -12.21
N LYS A 51 9.69 0.14 -12.07
CA LYS A 51 9.39 -0.96 -11.16
C LYS A 51 9.71 -0.57 -9.72
N TYR A 52 8.97 -1.14 -8.78
CA TYR A 52 9.17 -0.85 -7.36
C TYR A 52 9.26 -2.14 -6.55
N LYS A 53 10.43 -2.40 -5.98
CA LYS A 53 10.63 -3.59 -5.17
C LYS A 53 10.54 -3.25 -3.69
N ALA A 54 9.47 -3.71 -3.03
CA ALA A 54 9.27 -3.43 -1.62
C ALA A 54 9.08 -4.71 -0.83
N THR A 55 9.34 -4.63 0.48
CA THR A 55 9.18 -5.78 1.36
C THR A 55 7.95 -5.64 2.24
N LEU A 56 7.18 -6.71 2.33
CA LEU A 56 5.99 -6.71 3.16
C LEU A 56 6.40 -6.58 4.63
N LEU A 57 5.63 -5.84 5.41
CA LEU A 57 5.96 -5.67 6.82
C LEU A 57 5.11 -6.58 7.69
N ASP A 58 3.80 -6.56 7.44
CA ASP A 58 2.86 -7.39 8.19
C ASP A 58 1.51 -7.43 7.50
N ILE A 59 0.95 -8.63 7.38
CA ILE A 59 -0.35 -8.80 6.72
C ILE A 59 -1.51 -8.70 7.69
N TYR A 60 -2.48 -7.85 7.37
CA TYR A 60 -3.67 -7.69 8.19
C TYR A 60 -4.86 -8.28 7.46
N LYS A 61 -4.68 -8.53 6.18
CA LYS A 61 -5.70 -9.13 5.33
C LYS A 61 -5.05 -9.87 4.17
N THR A 62 -5.31 -11.17 4.08
CA THR A 62 -4.73 -12.00 3.04
C THR A 62 -4.88 -11.37 1.65
N GLY A 63 -4.03 -11.79 0.72
CA GLY A 63 -4.07 -11.25 -0.62
C GLY A 63 -4.77 -12.18 -1.60
N GLU A 64 -5.33 -13.28 -1.08
CA GLU A 64 -6.04 -14.25 -1.91
C GLU A 64 -5.06 -15.10 -2.72
N ALA A 65 -4.07 -14.43 -3.31
CA ALA A 65 -3.06 -15.12 -4.11
C ALA A 65 -1.92 -15.59 -3.22
N VAL A 66 -2.28 -16.19 -2.09
CA VAL A 66 -1.31 -16.69 -1.13
C VAL A 66 -0.42 -15.57 -0.62
N ALA A 67 -0.89 -14.87 0.42
CA ALA A 67 -0.14 -13.78 1.01
C ALA A 67 0.75 -14.29 2.14
N GLU A 68 1.96 -13.77 2.22
CA GLU A 68 2.90 -14.19 3.25
C GLU A 68 3.52 -13.00 3.97
N LYS A 69 3.72 -13.14 5.27
CA LYS A 69 4.32 -12.08 6.06
C LYS A 69 5.69 -11.73 5.52
N ASP A 70 6.00 -10.43 5.48
CA ASP A 70 7.28 -9.95 4.97
C ASP A 70 7.65 -10.62 3.66
N SER A 71 6.63 -10.90 2.84
CA SER A 71 6.84 -11.53 1.54
C SER A 71 7.55 -10.59 0.59
N GLU A 72 7.56 -10.94 -0.69
CA GLU A 72 8.21 -10.12 -1.71
C GLU A 72 7.18 -9.58 -2.69
N ILE A 73 6.92 -8.27 -2.63
CA ILE A 73 5.95 -7.64 -3.50
C ILE A 73 6.63 -6.74 -4.53
N THR A 74 6.12 -6.77 -5.76
CA THR A 74 6.66 -5.96 -6.84
C THR A 74 5.55 -5.24 -7.59
N PHE A 75 5.53 -3.92 -7.49
CA PHE A 75 4.52 -3.11 -8.17
C PHE A 75 5.17 -2.07 -9.09
N ILE A 76 4.69 -2.01 -10.32
CA ILE A 76 5.22 -1.07 -11.30
C ILE A 76 4.33 0.17 -11.42
N LYS A 77 4.88 1.24 -12.00
CA LYS A 77 4.15 2.48 -12.18
C LYS A 77 4.68 3.27 -13.37
N LYS A 78 3.78 3.87 -14.13
CA LYS A 78 4.16 4.66 -15.30
C LYS A 78 4.66 6.04 -14.89
N VAL A 79 5.43 6.66 -15.77
CA VAL A 79 5.99 7.99 -15.50
C VAL A 79 4.90 9.06 -15.60
N THR A 80 3.74 8.68 -16.12
CA THR A 80 2.63 9.60 -16.26
C THR A 80 2.05 9.99 -14.91
N CYS A 81 2.05 9.03 -13.98
CA CYS A 81 1.53 9.25 -12.65
C CYS A 81 2.30 10.38 -11.95
N THR A 82 1.62 11.50 -11.72
CA THR A 82 2.24 12.65 -11.08
C THR A 82 1.90 12.70 -9.59
N ASN A 83 0.65 12.43 -9.25
CA ASN A 83 0.20 12.46 -7.87
C ASN A 83 0.79 11.29 -7.08
N ALA A 84 1.52 10.42 -7.77
CA ALA A 84 2.14 9.26 -7.13
C ALA A 84 3.66 9.43 -7.04
N GLU A 85 4.17 9.44 -5.82
CA GLU A 85 5.61 9.59 -5.60
C GLU A 85 6.07 8.69 -4.44
N LEU A 86 6.82 7.64 -4.78
CA LEU A 86 7.32 6.71 -3.79
C LEU A 86 8.76 7.05 -3.40
N VAL A 87 9.12 6.76 -2.16
CA VAL A 87 10.46 7.04 -1.66
C VAL A 87 11.12 5.77 -1.13
N LYS A 88 12.41 5.61 -1.41
CA LYS A 88 13.16 4.44 -0.96
C LYS A 88 13.57 4.60 0.51
N GLY A 89 13.04 3.72 1.36
CA GLY A 89 13.38 3.77 2.77
C GLY A 89 12.19 4.16 3.64
N ARG A 90 11.10 4.58 3.00
CA ARG A 90 9.91 4.99 3.73
C ARG A 90 8.94 3.82 3.91
N GLN A 91 7.86 4.08 4.63
CA GLN A 91 6.85 3.05 4.88
C GLN A 91 5.48 3.51 4.39
N TYR A 92 4.79 2.62 3.66
CA TYR A 92 3.47 2.94 3.13
C TYR A 92 2.48 1.81 3.36
N LEU A 93 1.22 2.17 3.53
CA LEU A 93 0.16 1.19 3.75
C LEU A 93 -0.57 0.90 2.44
N ILE A 94 -0.61 -0.37 2.05
CA ILE A 94 -1.25 -0.76 0.80
C ILE A 94 -2.51 -1.59 1.05
N MET A 95 -3.62 -1.13 0.48
CA MET A 95 -4.91 -1.82 0.61
C MET A 95 -5.69 -1.73 -0.69
N GLY A 96 -5.78 -2.84 -1.42
CA GLY A 96 -6.50 -2.83 -2.68
C GLY A 96 -6.55 -4.19 -3.36
N LYS A 97 -6.97 -4.19 -4.63
CA LYS A 97 -7.07 -5.42 -5.41
C LYS A 97 -5.77 -6.23 -5.35
N GLU A 98 -5.87 -7.50 -5.71
CA GLU A 98 -4.71 -8.39 -5.70
C GLU A 98 -3.83 -8.16 -6.92
N ALA A 99 -2.82 -9.01 -7.09
CA ALA A 99 -1.91 -8.90 -8.22
C ALA A 99 -2.48 -9.59 -9.45
N LEU A 100 -1.66 -9.70 -10.50
CA LEU A 100 -2.07 -10.33 -11.73
C LEU A 100 -1.15 -11.50 -12.08
N GLN A 101 -1.75 -12.66 -12.37
CA GLN A 101 -0.98 -13.85 -12.71
C GLN A 101 -0.52 -13.80 -14.15
N ILE A 102 0.79 -13.96 -14.35
CA ILE A 102 1.36 -13.93 -15.70
C ILE A 102 2.26 -15.14 -15.94
N LYS A 103 2.68 -15.79 -14.86
CA LYS A 103 3.55 -16.96 -14.96
C LYS A 103 4.86 -16.61 -15.66
N TYR A 104 5.93 -16.50 -14.87
CA TYR A 104 7.24 -16.17 -15.42
C TYR A 104 7.99 -17.43 -15.84
N ASN A 105 8.48 -18.18 -14.87
CA ASN A 105 9.21 -19.41 -15.15
C ASN A 105 8.38 -20.64 -14.82
N ALA A 106 8.18 -20.89 -13.54
CA ALA A 106 7.39 -22.02 -13.08
C ALA A 106 6.18 -21.56 -12.28
N SER A 107 6.38 -20.54 -11.45
CA SER A 107 5.30 -20.00 -10.63
C SER A 107 4.81 -18.67 -11.18
N PHE A 108 3.51 -18.42 -11.05
CA PHE A 108 2.91 -17.18 -11.53
C PHE A 108 3.55 -15.97 -10.87
N ARG A 109 3.88 -14.96 -11.67
CA ARG A 109 4.49 -13.74 -11.15
C ARG A 109 3.42 -12.73 -10.75
N TYR A 110 3.22 -12.57 -9.44
CA TYR A 110 2.23 -11.64 -8.93
C TYR A 110 2.80 -10.23 -8.84
N ILE A 111 2.44 -9.39 -9.80
CA ILE A 111 2.91 -8.01 -9.83
C ILE A 111 1.74 -7.04 -9.88
N TYR A 112 1.76 -6.04 -9.01
CA TYR A 112 0.69 -5.05 -8.94
C TYR A 112 0.85 -4.01 -10.05
N PRO A 113 -0.24 -3.69 -10.76
CA PRO A 113 -0.22 -2.71 -11.85
C PRO A 113 -0.17 -1.28 -11.32
N LEU A 114 -0.64 -1.09 -10.10
CA LEU A 114 -0.66 0.23 -9.47
C LEU A 114 -1.31 1.26 -10.40
N ASP A 115 -2.64 1.30 -10.39
CA ASP A 115 -3.39 2.24 -11.22
C ASP A 115 -3.77 3.48 -10.44
N SER A 116 -4.82 3.34 -9.62
CA SER A 116 -5.31 4.45 -8.81
C SER A 116 -6.21 3.95 -7.69
N LEU A 117 -6.76 2.75 -7.86
CA LEU A 117 -7.64 2.15 -6.87
C LEU A 117 -6.84 1.72 -5.63
N THR A 118 -5.57 1.39 -5.86
CA THR A 118 -4.70 0.96 -4.77
C THR A 118 -4.62 2.01 -3.67
N TRP A 119 -5.37 1.80 -2.61
CA TRP A 119 -5.39 2.72 -1.48
C TRP A 119 -4.01 2.84 -0.85
N ILE A 120 -3.35 3.97 -1.06
CA ILE A 120 -2.03 4.21 -0.50
C ILE A 120 -2.07 5.28 0.58
N GLU A 121 -1.59 4.92 1.77
CA GLU A 121 -1.58 5.84 2.90
C GLU A 121 -0.26 5.75 3.67
N TYR A 122 0.53 6.83 3.60
CA TYR A 122 1.82 6.86 4.29
C TYR A 122 1.65 6.57 5.77
N TRP A 123 2.57 5.78 6.32
CA TRP A 123 2.54 5.44 7.74
C TRP A 123 3.56 6.25 8.52
N PRO A 124 3.12 7.35 9.17
CA PRO A 124 4.01 8.22 9.95
C PRO A 124 4.79 7.45 11.01
N ARG A 125 6.11 7.62 11.00
CA ARG A 125 6.97 6.94 11.97
C ARG A 125 7.58 7.93 12.95
N ASP A 126 7.00 9.12 13.03
CA ASP A 126 7.50 10.15 13.93
C ASP A 126 6.49 10.46 15.03
N THR A 127 7.00 10.73 16.23
CA THR A 127 6.15 11.04 17.38
C THR A 127 6.87 11.98 18.35
N THR A 128 6.85 13.27 18.05
CA THR A 128 7.51 14.26 18.88
C THR A 128 6.55 14.84 19.92
N CYS A 129 5.55 15.60 19.45
CA CYS A 129 4.58 16.21 20.35
C CYS A 129 3.33 16.64 19.60
N SER A 130 3.52 17.11 18.37
CA SER A 130 2.41 17.56 17.53
C SER A 130 1.44 16.41 17.24
N SER A 131 0.51 16.66 16.33
CA SER A 131 -0.48 15.64 15.95
C SER A 131 0.17 14.48 15.23
N CYS A 132 1.49 14.56 15.04
CA CYS A 132 2.24 13.51 14.36
C CYS A 132 2.28 12.24 15.21
N GLN A 133 1.98 12.39 16.50
CA GLN A 133 1.99 11.26 17.43
C GLN A 133 0.56 10.82 17.74
N ALA A 134 -0.34 11.78 17.90
CA ALA A 134 -1.73 11.49 18.20
C ALA A 134 -2.39 10.73 17.06
N PHE A 135 -1.82 10.83 15.87
CA PHE A 135 -2.35 10.15 14.69
C PHE A 135 -2.07 8.65 14.77
N LEU A 136 -0.91 8.29 15.31
CA LEU A 136 -0.53 6.88 15.42
C LEU A 136 -1.38 6.19 16.49
N ALA A 137 -1.82 6.96 17.48
CA ALA A 137 -2.64 6.40 18.56
C ALA A 137 -3.98 5.94 18.02
N ASN A 138 -4.38 6.51 16.88
CA ASN A 138 -5.65 6.17 16.25
C ASN A 138 -5.46 4.99 15.30
N LEU A 139 -4.21 4.76 14.89
CA LEU A 139 -3.89 3.66 13.99
C LEU A 139 -3.75 2.35 14.76
N ASP A 140 -3.33 2.46 16.01
CA ASP A 140 -3.16 1.29 16.87
C ASP A 140 -4.50 0.60 17.10
N GLU A 141 -5.57 1.38 17.07
CA GLU A 141 -6.91 0.85 17.27
C GLU A 141 -7.29 -0.08 16.14
N PHE A 142 -6.58 0.03 15.03
CA PHE A 142 -6.83 -0.81 13.86
C PHE A 142 -5.80 -1.93 13.78
N ALA A 143 -4.63 -1.70 14.34
CA ALA A 143 -3.56 -2.69 14.33
C ALA A 143 -3.85 -3.83 15.30
N GLU A 144 -4.99 -3.76 15.98
CA GLU A 144 -5.36 -4.78 16.95
C GLU A 144 -6.80 -5.24 16.74
N ASP A 145 -7.61 -4.37 16.14
CA ASP A 145 -9.01 -4.69 15.88
C ASP A 145 -9.16 -5.62 14.67
N ILE A 146 -8.23 -5.49 13.73
CA ILE A 146 -8.25 -6.32 12.52
C ILE A 146 -7.96 -7.78 12.87
N PHE A 147 -7.30 -7.98 14.01
CA PHE A 147 -6.95 -9.32 14.46
C PHE A 147 -7.91 -9.80 15.55
N LEU A 148 -8.30 -8.88 16.43
CA LEU A 148 -9.21 -9.20 17.52
C LEU A 148 -10.61 -9.41 17.00
N ASN A 149 -11.08 -8.43 16.24
CA ASN A 149 -12.41 -8.48 15.65
C ASN A 149 -12.41 -9.21 14.32
N GLY A 150 -11.75 -8.62 13.33
CA GLY A 150 -11.69 -9.23 12.01
C GLY A 150 -12.95 -9.02 11.20
N CYS A 151 -12.86 -9.26 9.90
CA CYS A 151 -14.01 -9.10 9.01
C CYS A 151 -15.00 -10.25 9.16
N GLY A 1 -0.14 21.64 -22.36
CA GLY A 1 -1.34 21.75 -23.23
C GLY A 1 -2.31 20.60 -23.04
N SER A 2 -2.00 19.72 -22.10
CA SER A 2 -2.85 18.57 -21.80
C SER A 2 -2.89 18.29 -20.31
N HIS A 3 -3.91 17.56 -19.88
CA HIS A 3 -4.06 17.21 -18.47
C HIS A 3 -3.61 15.78 -18.20
N MET A 4 -3.00 15.56 -17.04
CA MET A 4 -2.52 14.25 -16.67
C MET A 4 -3.53 13.52 -15.79
N ALA A 5 -3.15 12.35 -15.29
CA ALA A 5 -4.04 11.55 -14.45
C ALA A 5 -3.27 10.93 -13.28
N ASP A 6 -3.72 11.23 -12.07
CA ASP A 6 -3.08 10.70 -10.87
C ASP A 6 -3.65 9.34 -10.49
N CYS A 7 -2.87 8.29 -10.72
CA CYS A 7 -3.30 6.94 -10.40
C CYS A 7 -2.80 6.52 -9.01
N GLY A 8 -3.62 6.82 -7.99
CA GLY A 8 -3.25 6.48 -6.63
C GLY A 8 -3.59 7.58 -5.66
N GLN A 9 -3.11 8.78 -5.96
CA GLN A 9 -3.36 9.94 -5.11
C GLN A 9 -2.93 9.67 -3.67
N MET A 10 -1.69 10.01 -3.35
CA MET A 10 -1.16 9.80 -2.01
C MET A 10 -1.94 10.63 -0.99
N GLN A 11 -2.26 10.02 0.14
CA GLN A 11 -3.01 10.70 1.20
C GLN A 11 -2.07 11.56 2.05
N GLU A 12 -2.65 12.43 2.87
CA GLU A 12 -1.88 13.31 3.74
C GLU A 12 -1.05 12.51 4.73
N GLU A 13 -0.01 13.13 5.26
CA GLU A 13 0.86 12.47 6.24
C GLU A 13 0.08 12.06 7.47
N LEU A 14 -0.22 13.02 8.32
CA LEU A 14 -0.97 12.78 9.55
C LEU A 14 -2.44 13.10 9.36
N ASP A 15 -3.07 12.46 8.39
CA ASP A 15 -4.49 12.67 8.13
C ASP A 15 -5.33 12.06 9.25
N LEU A 16 -5.55 12.85 10.30
CA LEU A 16 -6.32 12.38 11.45
C LEU A 16 -7.81 12.66 11.25
N THR A 17 -8.23 12.81 10.00
CA THR A 17 -9.63 13.08 9.69
C THR A 17 -10.38 11.79 9.38
N ILE A 18 -9.64 10.75 8.98
CA ILE A 18 -10.24 9.46 8.65
C ILE A 18 -10.44 8.61 9.90
N SER A 19 -11.59 7.97 9.99
CA SER A 19 -11.92 7.12 11.14
C SER A 19 -11.30 5.73 10.97
N ALA A 20 -11.63 4.84 11.90
CA ALA A 20 -11.11 3.47 11.85
C ALA A 20 -12.13 2.51 11.24
N GLU A 21 -13.28 3.04 10.84
CA GLU A 21 -14.33 2.24 10.25
C GLU A 21 -14.71 2.75 8.86
N THR A 22 -14.08 3.85 8.45
CA THR A 22 -14.34 4.44 7.15
C THR A 22 -13.54 3.74 6.05
N ARG A 23 -12.26 3.54 6.30
CA ARG A 23 -11.38 2.88 5.34
C ARG A 23 -11.25 1.39 5.65
N LYS A 24 -11.79 0.98 6.80
CA LYS A 24 -11.75 -0.42 7.21
C LYS A 24 -12.54 -1.30 6.25
N GLN A 25 -13.70 -0.79 5.83
CA GLN A 25 -14.56 -1.53 4.90
C GLN A 25 -13.80 -1.84 3.61
N THR A 26 -12.71 -1.12 3.38
CA THR A 26 -11.90 -1.31 2.19
C THR A 26 -10.94 -2.49 2.37
N ALA A 27 -10.47 -2.68 3.59
CA ALA A 27 -9.54 -3.76 3.90
C ALA A 27 -10.18 -5.12 3.62
N CYS A 28 -11.51 -5.16 3.63
CA CYS A 28 -12.23 -6.39 3.37
C CYS A 28 -13.18 -6.22 2.18
N LYS A 29 -13.10 -5.07 1.53
CA LYS A 29 -13.93 -4.78 0.37
C LYS A 29 -13.70 -5.80 -0.74
N PRO A 30 -14.77 -6.22 -1.44
CA PRO A 30 -14.67 -7.20 -2.53
C PRO A 30 -13.66 -6.79 -3.59
N GLU A 31 -13.53 -5.47 -3.80
CA GLU A 31 -12.58 -4.95 -4.78
C GLU A 31 -11.15 -5.06 -4.27
N ILE A 32 -11.01 -5.13 -2.96
CA ILE A 32 -9.69 -5.24 -2.35
C ILE A 32 -9.40 -6.67 -1.92
N ALA A 33 -8.30 -7.22 -2.44
CA ALA A 33 -7.90 -8.59 -2.12
C ALA A 33 -7.10 -8.65 -0.83
N TYR A 34 -6.02 -7.87 -0.77
CA TYR A 34 -5.16 -7.86 0.40
C TYR A 34 -5.22 -6.52 1.13
N ALA A 35 -4.84 -6.55 2.40
CA ALA A 35 -4.81 -5.37 3.25
C ALA A 35 -3.72 -5.53 4.30
N TYR A 36 -2.55 -4.96 4.03
CA TYR A 36 -1.43 -5.07 4.96
C TYR A 36 -0.55 -3.82 4.96
N LYS A 37 0.55 -3.91 5.71
CA LYS A 37 1.50 -2.81 5.82
C LYS A 37 2.87 -3.22 5.30
N VAL A 38 3.41 -2.44 4.37
CA VAL A 38 4.71 -2.74 3.80
C VAL A 38 5.69 -1.59 4.03
N SER A 39 6.88 -1.70 3.45
CA SER A 39 7.91 -0.68 3.58
C SER A 39 8.88 -0.73 2.42
N ILE A 40 8.90 0.32 1.60
CA ILE A 40 9.80 0.39 0.45
C ILE A 40 11.25 0.30 0.89
N THR A 41 12.07 -0.37 0.10
CA THR A 41 13.49 -0.52 0.41
C THR A 41 14.34 -0.61 -0.85
N SER A 42 13.68 -0.67 -2.00
CA SER A 42 14.38 -0.75 -3.28
C SER A 42 13.52 -0.21 -4.42
N ILE A 43 14.13 0.61 -5.26
CA ILE A 43 13.43 1.21 -6.39
C ILE A 43 14.24 1.08 -7.68
N THR A 44 13.56 0.70 -8.77
CA THR A 44 14.23 0.54 -10.06
C THR A 44 13.29 0.89 -11.20
N VAL A 45 13.76 1.73 -12.12
CA VAL A 45 12.97 2.14 -13.27
C VAL A 45 13.49 1.53 -14.55
N GLU A 46 12.58 1.13 -15.44
CA GLU A 46 12.96 0.52 -16.71
C GLU A 46 12.81 1.52 -17.85
N ASN A 47 11.57 1.77 -18.25
CA ASN A 47 11.28 2.71 -19.33
C ASN A 47 9.99 3.47 -19.07
N VAL A 48 8.87 2.82 -19.29
CA VAL A 48 7.57 3.43 -19.08
C VAL A 48 7.05 3.14 -17.68
N PHE A 49 7.07 1.86 -17.30
CA PHE A 49 6.61 1.45 -15.98
C PHE A 49 7.77 1.37 -15.00
N VAL A 50 7.53 1.78 -13.76
CA VAL A 50 8.56 1.76 -12.73
C VAL A 50 8.28 0.68 -11.69
N LYS A 51 9.28 -0.17 -11.42
CA LYS A 51 9.14 -1.23 -10.44
C LYS A 51 9.57 -0.75 -9.05
N TYR A 52 8.88 -1.23 -8.03
CA TYR A 52 9.19 -0.85 -6.65
C TYR A 52 9.27 -2.08 -5.74
N LYS A 53 10.49 -2.50 -5.42
CA LYS A 53 10.70 -3.64 -4.55
C LYS A 53 10.51 -3.24 -3.10
N ALA A 54 9.50 -3.83 -2.45
CA ALA A 54 9.23 -3.52 -1.06
C ALA A 54 9.12 -4.77 -0.20
N THR A 55 9.12 -4.58 1.11
CA THR A 55 9.02 -5.70 2.05
C THR A 55 7.73 -5.59 2.88
N LEU A 56 6.92 -6.63 2.82
CA LEU A 56 5.66 -6.66 3.56
C LEU A 56 5.92 -6.73 5.06
N LEU A 57 5.85 -5.58 5.72
CA LEU A 57 6.10 -5.51 7.16
C LEU A 57 5.20 -6.49 7.92
N ASP A 58 3.90 -6.29 7.81
CA ASP A 58 2.94 -7.15 8.50
C ASP A 58 1.69 -7.33 7.65
N ILE A 59 0.86 -8.31 8.00
CA ILE A 59 -0.37 -8.58 7.25
C ILE A 59 -1.61 -8.40 8.12
N TYR A 60 -2.61 -7.71 7.57
CA TYR A 60 -3.88 -7.49 8.26
C TYR A 60 -4.98 -8.24 7.53
N LYS A 61 -4.71 -8.59 6.28
CA LYS A 61 -5.64 -9.32 5.45
C LYS A 61 -4.88 -10.06 4.34
N THR A 62 -4.83 -11.38 4.44
CA THR A 62 -4.11 -12.22 3.48
C THR A 62 -4.36 -11.77 2.04
N GLY A 63 -3.35 -11.97 1.19
CA GLY A 63 -3.45 -11.58 -0.20
C GLY A 63 -3.64 -12.77 -1.11
N GLU A 64 -4.62 -12.68 -2.01
CA GLU A 64 -4.89 -13.76 -2.96
C GLU A 64 -3.69 -13.99 -3.87
N ALA A 65 -2.91 -12.93 -4.08
CA ALA A 65 -1.72 -13.02 -4.93
C ALA A 65 -0.52 -13.45 -4.12
N VAL A 66 -0.73 -14.43 -3.24
CA VAL A 66 0.32 -14.95 -2.39
C VAL A 66 0.91 -13.86 -1.50
N ALA A 67 0.30 -13.67 -0.32
CA ALA A 67 0.77 -12.67 0.63
C ALA A 67 1.24 -13.35 1.91
N GLU A 68 2.50 -13.14 2.26
CA GLU A 68 3.07 -13.73 3.46
C GLU A 68 3.77 -12.69 4.31
N LYS A 69 3.79 -12.93 5.62
CA LYS A 69 4.43 -12.01 6.56
C LYS A 69 5.88 -11.78 6.18
N ASP A 70 6.30 -10.50 6.20
CA ASP A 70 7.68 -10.13 5.87
C ASP A 70 8.15 -10.83 4.60
N SER A 71 7.24 -10.99 3.64
CA SER A 71 7.56 -11.64 2.37
C SER A 71 8.26 -10.65 1.43
N GLU A 72 8.34 -11.04 0.16
CA GLU A 72 8.98 -10.20 -0.85
C GLU A 72 8.02 -9.97 -2.01
N ILE A 73 7.60 -8.71 -2.19
CA ILE A 73 6.67 -8.37 -3.25
C ILE A 73 7.17 -7.19 -4.09
N THR A 74 6.61 -7.05 -5.28
CA THR A 74 6.98 -5.97 -6.19
C THR A 74 5.75 -5.21 -6.67
N PHE A 75 5.79 -3.88 -6.57
CA PHE A 75 4.68 -3.05 -7.00
C PHE A 75 5.07 -2.20 -8.20
N ILE A 76 4.39 -2.44 -9.33
CA ILE A 76 4.67 -1.70 -10.55
C ILE A 76 3.74 -0.50 -10.69
N LYS A 77 4.29 0.69 -10.52
CA LYS A 77 3.52 1.93 -10.63
C LYS A 77 3.59 2.48 -12.04
N LYS A 78 2.55 3.23 -12.43
CA LYS A 78 2.50 3.82 -13.75
C LYS A 78 3.14 5.21 -13.76
N VAL A 79 3.71 5.59 -14.90
CA VAL A 79 4.36 6.89 -15.03
C VAL A 79 3.34 7.99 -15.26
N THR A 80 2.10 7.60 -15.56
CA THR A 80 1.03 8.56 -15.80
C THR A 80 0.63 9.28 -14.51
N CYS A 81 0.72 8.57 -13.40
CA CYS A 81 0.38 9.13 -12.10
C CYS A 81 1.18 10.40 -11.82
N THR A 82 0.50 11.55 -11.91
CA THR A 82 1.15 12.83 -11.69
C THR A 82 1.13 13.21 -10.21
N ASN A 83 0.80 12.26 -9.35
CA ASN A 83 0.74 12.50 -7.91
C ASN A 83 1.34 11.34 -7.13
N ALA A 84 1.04 10.12 -7.57
CA ALA A 84 1.54 8.92 -6.91
C ALA A 84 3.06 8.83 -7.01
N GLU A 85 3.74 9.01 -5.88
CA GLU A 85 5.19 8.95 -5.85
C GLU A 85 5.68 8.31 -4.55
N LEU A 86 6.06 7.04 -4.64
CA LEU A 86 6.54 6.31 -3.48
C LEU A 86 7.90 6.82 -3.02
N VAL A 87 8.31 6.41 -1.82
CA VAL A 87 9.59 6.83 -1.26
C VAL A 87 10.38 5.64 -0.74
N LYS A 88 11.65 5.57 -1.12
CA LYS A 88 12.52 4.47 -0.70
C LYS A 88 12.87 4.60 0.78
N GLY A 89 12.71 3.49 1.51
CA GLY A 89 13.02 3.50 2.93
C GLY A 89 11.94 4.17 3.76
N ARG A 90 10.70 3.75 3.57
CA ARG A 90 9.58 4.33 4.30
C ARG A 90 8.42 3.34 4.38
N GLN A 91 7.64 3.42 5.45
CA GLN A 91 6.51 2.54 5.66
C GLN A 91 5.23 3.11 5.05
N TYR A 92 4.42 2.23 4.45
CA TYR A 92 3.18 2.66 3.82
C TYR A 92 2.08 1.61 4.04
N LEU A 93 0.83 2.02 3.80
CA LEU A 93 -0.31 1.13 3.95
C LEU A 93 -0.93 0.82 2.59
N ILE A 94 -1.01 -0.45 2.25
CA ILE A 94 -1.57 -0.86 0.96
C ILE A 94 -2.81 -1.73 1.15
N MET A 95 -3.87 -1.36 0.44
CA MET A 95 -5.13 -2.09 0.50
C MET A 95 -5.81 -2.08 -0.88
N GLY A 96 -5.80 -3.22 -1.57
CA GLY A 96 -6.42 -3.29 -2.88
C GLY A 96 -6.44 -4.69 -3.47
N LYS A 97 -6.96 -4.80 -4.68
CA LYS A 97 -7.05 -6.09 -5.38
C LYS A 97 -5.67 -6.69 -5.60
N GLU A 98 -5.64 -8.00 -5.85
CA GLU A 98 -4.38 -8.70 -6.08
C GLU A 98 -3.72 -8.24 -7.39
N ALA A 99 -2.67 -8.95 -7.79
CA ALA A 99 -1.95 -8.62 -9.02
C ALA A 99 -2.47 -9.43 -10.21
N LEU A 100 -1.93 -9.16 -11.38
CA LEU A 100 -2.33 -9.86 -12.59
C LEU A 100 -1.22 -10.79 -13.06
N GLN A 101 -1.32 -12.06 -12.70
CA GLN A 101 -0.32 -13.06 -13.06
C GLN A 101 -0.22 -13.17 -14.58
N ILE A 102 0.93 -12.77 -15.11
CA ILE A 102 1.16 -12.83 -16.55
C ILE A 102 2.57 -13.34 -16.87
N LYS A 103 3.27 -13.80 -15.84
CA LYS A 103 4.62 -14.32 -16.00
C LYS A 103 4.69 -15.35 -17.11
N TYR A 104 5.36 -15.00 -18.20
CA TYR A 104 5.52 -15.90 -19.34
C TYR A 104 6.98 -16.00 -19.76
N ASN A 105 7.70 -14.88 -19.65
CA ASN A 105 9.11 -14.85 -20.02
C ASN A 105 9.93 -14.15 -18.96
N ALA A 106 9.82 -12.83 -18.89
CA ALA A 106 10.56 -12.04 -17.91
C ALA A 106 9.87 -10.70 -17.64
N SER A 107 9.54 -9.99 -18.72
CA SER A 107 8.88 -8.69 -18.60
C SER A 107 7.48 -8.84 -18.02
N PHE A 108 7.00 -10.08 -17.97
CA PHE A 108 5.67 -10.36 -17.45
C PHE A 108 5.76 -11.10 -16.11
N ARG A 109 4.79 -10.85 -15.24
CA ARG A 109 4.77 -11.48 -13.92
C ARG A 109 3.64 -10.90 -13.07
N TYR A 110 3.72 -11.10 -11.76
CA TYR A 110 2.71 -10.61 -10.83
C TYR A 110 2.74 -9.08 -10.77
N ILE A 111 3.74 -8.56 -10.06
CA ILE A 111 3.92 -7.12 -9.88
C ILE A 111 2.59 -6.37 -9.78
N TYR A 112 2.18 -6.08 -8.54
CA TYR A 112 0.93 -5.37 -8.29
C TYR A 112 0.95 -3.98 -8.93
N PRO A 113 0.01 -3.71 -9.86
CA PRO A 113 -0.07 -2.41 -10.53
C PRO A 113 -0.64 -1.32 -9.62
N LEU A 114 0.12 -0.24 -9.46
CA LEU A 114 -0.30 0.87 -8.62
C LEU A 114 -1.10 1.88 -9.43
N ASP A 115 -2.41 1.92 -9.19
CA ASP A 115 -3.29 2.85 -9.90
C ASP A 115 -4.17 3.62 -8.91
N SER A 116 -5.24 4.20 -9.43
CA SER A 116 -6.17 4.98 -8.61
C SER A 116 -7.06 4.07 -7.76
N LEU A 117 -6.79 2.77 -7.77
CA LEU A 117 -7.56 1.81 -6.99
C LEU A 117 -6.79 1.36 -5.75
N THR A 118 -5.47 1.31 -5.87
CA THR A 118 -4.61 0.89 -4.77
C THR A 118 -4.63 1.91 -3.65
N TRP A 119 -5.25 1.54 -2.53
CA TRP A 119 -5.32 2.43 -1.37
C TRP A 119 -3.96 2.57 -0.70
N ILE A 120 -3.41 3.77 -0.73
CA ILE A 120 -2.11 4.03 -0.12
C ILE A 120 -2.22 5.06 1.01
N GLU A 121 -1.59 4.75 2.14
CA GLU A 121 -1.62 5.64 3.30
C GLU A 121 -0.27 5.68 4.00
N TYR A 122 0.34 6.86 4.06
CA TYR A 122 1.63 7.03 4.70
C TYR A 122 1.60 6.56 6.15
N TRP A 123 2.54 5.69 6.51
CA TRP A 123 2.63 5.18 7.87
C TRP A 123 3.75 5.88 8.62
N PRO A 124 3.41 6.84 9.50
CA PRO A 124 4.39 7.59 10.29
C PRO A 124 5.42 6.68 10.96
N ARG A 125 6.58 6.55 10.34
CA ARG A 125 7.65 5.71 10.89
C ARG A 125 8.33 6.40 12.06
N ASP A 126 8.06 7.69 12.22
CA ASP A 126 8.65 8.47 13.31
C ASP A 126 7.75 8.46 14.54
N THR A 127 8.36 8.25 15.70
CA THR A 127 7.61 8.22 16.96
C THR A 127 8.56 8.28 18.15
N THR A 128 9.76 7.74 17.98
CA THR A 128 10.76 7.74 19.04
C THR A 128 11.64 8.99 18.96
N CYS A 129 11.48 9.75 17.88
CA CYS A 129 12.27 10.96 17.69
C CYS A 129 11.98 11.97 18.79
N SER A 130 10.70 12.23 19.03
CA SER A 130 10.29 13.18 20.06
C SER A 130 8.99 12.74 20.73
N SER A 131 7.90 12.77 19.96
CA SER A 131 6.60 12.37 20.48
C SER A 131 5.58 12.27 19.35
N CYS A 132 6.05 12.16 18.12
CA CYS A 132 5.17 12.06 16.96
C CYS A 132 4.33 10.79 17.03
N GLN A 133 3.11 10.93 17.55
CA GLN A 133 2.20 9.80 17.67
C GLN A 133 0.76 10.24 17.41
N ALA A 134 0.61 11.41 16.80
CA ALA A 134 -0.71 11.96 16.49
C ALA A 134 -1.49 11.04 15.55
N PHE A 135 -0.78 10.43 14.60
CA PHE A 135 -1.42 9.53 13.64
C PHE A 135 -1.40 8.09 14.13
N LEU A 136 -0.26 7.66 14.65
CA LEU A 136 -0.11 6.30 15.15
C LEU A 136 -1.20 5.97 16.17
N ALA A 137 -1.44 6.89 17.09
CA ALA A 137 -2.46 6.70 18.12
C ALA A 137 -3.81 6.40 17.49
N ASN A 138 -4.27 7.29 16.61
CA ASN A 138 -5.54 7.12 15.93
C ASN A 138 -5.47 5.94 14.96
N LEU A 139 -4.25 5.48 14.70
CA LEU A 139 -4.03 4.36 13.79
C LEU A 139 -4.06 3.03 14.55
N ASP A 140 -3.82 3.09 15.85
CA ASP A 140 -3.81 1.89 16.69
C ASP A 140 -5.22 1.31 16.80
N GLU A 141 -6.22 2.19 16.82
CA GLU A 141 -7.61 1.77 16.91
C GLU A 141 -7.97 0.83 15.76
N PHE A 142 -7.22 0.94 14.67
CA PHE A 142 -7.45 0.10 13.50
C PHE A 142 -6.32 -0.91 13.33
N ALA A 143 -5.16 -0.60 13.89
CA ALA A 143 -4.00 -1.48 13.80
C ALA A 143 -4.23 -2.76 14.59
N GLU A 144 -4.96 -2.65 15.69
CA GLU A 144 -5.24 -3.81 16.54
C GLU A 144 -6.65 -4.34 16.29
N ASP A 145 -7.44 -3.57 15.54
CA ASP A 145 -8.80 -3.97 15.23
C ASP A 145 -8.83 -5.04 14.14
N ILE A 146 -8.46 -4.67 12.93
CA ILE A 146 -8.43 -5.60 11.81
C ILE A 146 -7.50 -6.76 12.10
N PHE A 147 -6.54 -6.54 12.99
CA PHE A 147 -5.57 -7.56 13.36
C PHE A 147 -6.21 -8.60 14.28
N LEU A 148 -6.81 -8.13 15.36
CA LEU A 148 -7.45 -9.01 16.33
C LEU A 148 -8.85 -9.39 15.88
N ASN A 149 -9.73 -8.39 15.82
CA ASN A 149 -11.10 -8.59 15.39
C ASN A 149 -11.17 -9.17 13.99
N GLY A 150 -10.72 -8.39 13.01
CA GLY A 150 -10.74 -8.83 11.63
C GLY A 150 -12.07 -8.58 10.95
N CYS A 151 -12.17 -8.98 9.69
CA CYS A 151 -13.41 -8.80 8.92
C CYS A 151 -14.46 -9.82 9.31
N GLY A 1 -14.22 17.98 -8.33
CA GLY A 1 -12.84 18.54 -8.39
C GLY A 1 -11.84 17.57 -8.97
N SER A 2 -11.97 17.28 -10.26
CA SER A 2 -11.06 16.36 -10.93
C SER A 2 -9.94 17.11 -11.64
N HIS A 3 -8.70 16.71 -11.36
CA HIS A 3 -7.53 17.35 -11.97
C HIS A 3 -6.39 16.35 -12.10
N MET A 4 -5.77 16.32 -13.28
CA MET A 4 -4.65 15.42 -13.54
C MET A 4 -5.08 13.96 -13.36
N ALA A 5 -4.11 13.06 -13.41
CA ALA A 5 -4.38 11.64 -13.25
C ALA A 5 -4.09 11.20 -11.81
N ASP A 6 -5.13 10.86 -11.07
CA ASP A 6 -4.98 10.44 -9.68
C ASP A 6 -4.53 8.98 -9.60
N CYS A 7 -3.81 8.52 -10.62
CA CYS A 7 -3.31 7.15 -10.65
C CYS A 7 -2.58 6.84 -9.34
N GLY A 8 -3.19 6.02 -8.51
CA GLY A 8 -2.60 5.66 -7.23
C GLY A 8 -3.16 6.50 -6.10
N GLN A 9 -3.27 7.80 -6.34
CA GLN A 9 -3.81 8.73 -5.36
C GLN A 9 -3.10 8.58 -4.01
N MET A 10 -2.09 9.41 -3.79
CA MET A 10 -1.34 9.37 -2.54
C MET A 10 -2.01 10.23 -1.48
N GLN A 11 -2.16 9.68 -0.28
CA GLN A 11 -2.79 10.39 0.83
C GLN A 11 -1.79 11.33 1.50
N GLU A 12 -2.31 12.29 2.27
CA GLU A 12 -1.47 13.24 2.98
C GLU A 12 -0.71 12.56 4.12
N GLU A 13 0.05 13.36 4.86
CA GLU A 13 0.83 12.84 5.98
C GLU A 13 0.32 13.39 7.31
N LEU A 14 0.09 12.51 8.27
CA LEU A 14 -0.39 12.91 9.58
C LEU A 14 -1.73 13.64 9.49
N ASP A 15 -2.42 13.44 8.36
CA ASP A 15 -3.72 14.08 8.14
C ASP A 15 -4.72 13.65 9.20
N LEU A 16 -5.07 14.56 10.09
CA LEU A 16 -6.02 14.27 11.16
C LEU A 16 -7.45 14.54 10.70
N THR A 17 -8.15 13.47 10.32
CA THR A 17 -9.52 13.58 9.86
C THR A 17 -10.16 12.20 9.69
N ILE A 18 -9.37 11.25 9.22
CA ILE A 18 -9.84 9.89 9.01
C ILE A 18 -9.59 9.03 10.24
N SER A 19 -10.62 8.28 10.65
CA SER A 19 -10.51 7.41 11.82
C SER A 19 -10.07 6.00 11.42
N ALA A 20 -10.00 5.12 12.40
CA ALA A 20 -9.59 3.74 12.15
C ALA A 20 -10.72 2.93 11.52
N GLU A 21 -11.91 3.53 11.48
CA GLU A 21 -13.07 2.87 10.90
C GLU A 21 -13.24 3.24 9.42
N THR A 22 -12.89 4.48 9.09
CA THR A 22 -13.00 4.96 7.72
C THR A 22 -12.10 4.14 6.78
N ARG A 23 -11.10 3.49 7.36
CA ARG A 23 -10.17 2.68 6.59
C ARG A 23 -10.59 1.22 6.58
N LYS A 24 -11.09 0.76 7.73
CA LYS A 24 -11.52 -0.63 7.86
C LYS A 24 -12.75 -0.92 7.00
N GLN A 25 -13.67 0.04 6.95
CA GLN A 25 -14.88 -0.12 6.15
C GLN A 25 -14.53 -0.39 4.69
N THR A 26 -13.29 -0.10 4.32
CA THR A 26 -12.81 -0.31 2.97
C THR A 26 -12.20 -1.70 2.83
N ALA A 27 -11.47 -2.13 3.86
CA ALA A 27 -10.83 -3.44 3.86
C ALA A 27 -11.85 -4.56 3.73
N CYS A 28 -12.99 -4.40 4.41
CA CYS A 28 -14.05 -5.40 4.38
C CYS A 28 -14.63 -5.52 2.97
N LYS A 29 -14.48 -4.47 2.17
CA LYS A 29 -14.99 -4.46 0.81
C LYS A 29 -14.26 -5.48 -0.06
N PRO A 30 -14.95 -6.05 -1.06
CA PRO A 30 -14.37 -7.05 -1.96
C PRO A 30 -13.26 -6.46 -2.83
N GLU A 31 -13.29 -5.14 -3.00
CA GLU A 31 -12.30 -4.44 -3.81
C GLU A 31 -10.91 -4.55 -3.17
N ILE A 32 -10.88 -4.73 -1.86
CA ILE A 32 -9.62 -4.85 -1.13
C ILE A 32 -9.33 -6.32 -0.78
N ALA A 33 -8.53 -6.96 -1.62
CA ALA A 33 -8.17 -8.35 -1.40
C ALA A 33 -7.23 -8.50 -0.21
N TYR A 34 -6.19 -7.68 -0.18
CA TYR A 34 -5.23 -7.73 0.90
C TYR A 34 -5.12 -6.38 1.61
N ALA A 35 -4.68 -6.42 2.86
CA ALA A 35 -4.51 -5.23 3.67
C ALA A 35 -3.32 -5.40 4.61
N TYR A 36 -2.18 -4.84 4.21
CA TYR A 36 -0.97 -4.95 5.00
C TYR A 36 -0.10 -3.70 4.88
N LYS A 37 0.99 -3.69 5.63
CA LYS A 37 1.93 -2.57 5.60
C LYS A 37 3.30 -3.04 5.12
N VAL A 38 4.02 -2.17 4.42
CA VAL A 38 5.33 -2.51 3.90
C VAL A 38 6.32 -1.37 4.04
N SER A 39 7.55 -1.59 3.57
CA SER A 39 8.58 -0.58 3.62
C SER A 39 9.45 -0.63 2.37
N ILE A 40 9.44 0.45 1.60
CA ILE A 40 10.23 0.53 0.37
C ILE A 40 11.72 0.35 0.67
N THR A 41 12.41 -0.34 -0.23
CA THR A 41 13.84 -0.58 -0.05
C THR A 41 14.63 -0.15 -1.29
N SER A 42 14.06 -0.37 -2.46
CA SER A 42 14.71 -0.02 -3.72
C SER A 42 13.70 0.41 -4.77
N ILE A 43 14.16 1.22 -5.72
CA ILE A 43 13.31 1.71 -6.80
C ILE A 43 13.98 1.51 -8.15
N THR A 44 13.50 0.53 -8.92
CA THR A 44 14.05 0.24 -10.22
C THR A 44 13.21 0.87 -11.33
N VAL A 45 13.88 1.30 -12.40
CA VAL A 45 13.20 1.92 -13.53
C VAL A 45 13.80 1.47 -14.86
N GLU A 46 12.95 1.25 -15.84
CA GLU A 46 13.40 0.80 -17.16
C GLU A 46 13.25 1.91 -18.19
N ASN A 47 12.01 2.17 -18.60
CA ASN A 47 11.75 3.22 -19.58
C ASN A 47 10.42 3.91 -19.29
N VAL A 48 9.34 3.13 -19.22
CA VAL A 48 8.02 3.66 -18.95
C VAL A 48 7.51 3.17 -17.60
N PHE A 49 7.40 1.85 -17.45
CA PHE A 49 6.92 1.26 -16.21
C PHE A 49 7.99 1.33 -15.13
N VAL A 50 7.66 1.95 -14.00
CA VAL A 50 8.58 2.09 -12.88
C VAL A 50 8.32 1.02 -11.83
N LYS A 51 9.35 0.21 -11.54
CA LYS A 51 9.22 -0.85 -10.55
C LYS A 51 9.63 -0.35 -9.16
N TYR A 52 9.07 -0.98 -8.13
CA TYR A 52 9.37 -0.60 -6.75
C TYR A 52 9.57 -1.84 -5.88
N LYS A 53 10.82 -2.16 -5.59
CA LYS A 53 11.14 -3.32 -4.77
C LYS A 53 11.01 -2.98 -3.28
N ALA A 54 9.99 -3.54 -2.64
CA ALA A 54 9.75 -3.29 -1.22
C ALA A 54 9.52 -4.59 -0.46
N THR A 55 9.66 -4.53 0.86
CA THR A 55 9.47 -5.70 1.72
C THR A 55 8.19 -5.58 2.52
N LEU A 56 7.38 -6.63 2.50
CA LEU A 56 6.13 -6.67 3.25
C LEU A 56 6.41 -6.74 4.75
N LEU A 57 6.21 -5.63 5.44
CA LEU A 57 6.47 -5.58 6.88
C LEU A 57 5.62 -6.59 7.62
N ASP A 58 4.30 -6.45 7.53
CA ASP A 58 3.39 -7.36 8.20
C ASP A 58 2.07 -7.45 7.45
N ILE A 59 1.31 -8.53 7.69
CA ILE A 59 0.03 -8.72 7.04
C ILE A 59 -1.14 -8.63 8.01
N TYR A 60 -2.17 -7.91 7.60
CA TYR A 60 -3.37 -7.75 8.41
C TYR A 60 -4.54 -8.44 7.70
N LYS A 61 -4.38 -8.60 6.39
CA LYS A 61 -5.38 -9.26 5.56
C LYS A 61 -4.69 -10.04 4.46
N THR A 62 -4.73 -11.37 4.57
CA THR A 62 -4.09 -12.24 3.58
C THR A 62 -4.40 -11.80 2.15
N GLY A 63 -3.40 -11.96 1.28
CA GLY A 63 -3.57 -11.58 -0.11
C GLY A 63 -3.92 -12.76 -0.99
N GLU A 64 -5.02 -12.63 -1.74
CA GLU A 64 -5.47 -13.70 -2.62
C GLU A 64 -4.37 -14.05 -3.64
N ALA A 65 -3.50 -13.09 -3.91
CA ALA A 65 -2.40 -13.29 -4.84
C ALA A 65 -1.16 -13.77 -4.10
N VAL A 66 -1.36 -14.68 -3.17
CA VAL A 66 -0.28 -15.23 -2.38
C VAL A 66 0.46 -14.14 -1.59
N ALA A 67 0.06 -13.97 -0.32
CA ALA A 67 0.67 -12.98 0.55
C ALA A 67 1.15 -13.63 1.84
N GLU A 68 2.41 -13.39 2.18
CA GLU A 68 2.98 -13.96 3.39
C GLU A 68 3.76 -12.91 4.19
N LYS A 69 3.84 -13.11 5.50
CA LYS A 69 4.55 -12.17 6.35
C LYS A 69 6.00 -12.01 5.91
N ASP A 70 6.39 -10.76 5.63
CA ASP A 70 7.75 -10.46 5.20
C ASP A 70 8.06 -11.15 3.87
N SER A 71 7.27 -10.83 2.86
CA SER A 71 7.46 -11.40 1.53
C SER A 71 8.04 -10.37 0.58
N GLU A 72 8.26 -10.76 -0.68
CA GLU A 72 8.80 -9.86 -1.68
C GLU A 72 7.71 -9.37 -2.62
N ILE A 73 7.64 -8.05 -2.80
CA ILE A 73 6.63 -7.45 -3.66
C ILE A 73 7.23 -6.37 -4.56
N THR A 74 6.72 -6.28 -5.79
CA THR A 74 7.20 -5.30 -6.74
C THR A 74 6.06 -4.42 -7.24
N PHE A 75 6.03 -3.18 -6.78
CA PHE A 75 5.00 -2.23 -7.19
C PHE A 75 5.30 -1.64 -8.56
N ILE A 76 4.33 -1.70 -9.45
CA ILE A 76 4.48 -1.17 -10.80
C ILE A 76 3.59 0.05 -11.00
N LYS A 77 4.22 1.22 -11.13
CA LYS A 77 3.48 2.47 -11.32
C LYS A 77 3.80 3.07 -12.68
N LYS A 78 2.76 3.35 -13.46
CA LYS A 78 2.91 3.93 -14.79
C LYS A 78 3.45 5.36 -14.70
N VAL A 79 4.32 5.72 -15.63
CA VAL A 79 4.91 7.05 -15.67
C VAL A 79 3.83 8.12 -15.80
N THR A 80 2.64 7.71 -16.24
CA THR A 80 1.54 8.64 -16.41
C THR A 80 1.02 9.14 -15.06
N CYS A 81 1.06 8.27 -14.06
CA CYS A 81 0.61 8.62 -12.72
C CYS A 81 1.40 9.81 -12.17
N THR A 82 0.76 10.96 -12.14
CA THR A 82 1.40 12.18 -11.64
C THR A 82 1.30 12.28 -10.12
N ASN A 83 0.15 11.93 -9.57
CA ASN A 83 -0.06 11.98 -8.12
C ASN A 83 0.50 10.73 -7.45
N ALA A 84 1.40 10.05 -8.13
CA ALA A 84 2.02 8.84 -7.58
C ALA A 84 3.54 8.94 -7.61
N GLU A 85 4.14 9.00 -6.42
CA GLU A 85 5.60 9.10 -6.31
C GLU A 85 6.07 8.50 -4.99
N LEU A 86 6.58 7.27 -5.05
CA LEU A 86 7.07 6.58 -3.86
C LEU A 86 8.56 6.83 -3.66
N VAL A 87 9.01 6.72 -2.42
CA VAL A 87 10.42 6.92 -2.09
C VAL A 87 10.92 5.88 -1.09
N LYS A 88 12.12 5.36 -1.32
CA LYS A 88 12.70 4.36 -0.46
C LYS A 88 13.05 4.94 0.91
N GLY A 89 13.12 4.06 1.90
CA GLY A 89 13.45 4.50 3.25
C GLY A 89 12.22 4.87 4.05
N ARG A 90 11.05 4.77 3.44
CA ARG A 90 9.79 5.10 4.10
C ARG A 90 8.83 3.92 4.09
N GLN A 91 7.80 4.00 4.92
CA GLN A 91 6.80 2.93 5.02
C GLN A 91 5.45 3.40 4.49
N TYR A 92 4.70 2.49 3.88
CA TYR A 92 3.39 2.83 3.32
C TYR A 92 2.39 1.69 3.57
N LEU A 93 1.12 2.07 3.68
CA LEU A 93 0.05 1.09 3.90
C LEU A 93 -0.66 0.78 2.57
N ILE A 94 -0.82 -0.50 2.28
CA ILE A 94 -1.48 -0.92 1.04
C ILE A 94 -2.76 -1.71 1.30
N MET A 95 -3.81 -1.34 0.59
CA MET A 95 -5.11 -2.00 0.70
C MET A 95 -5.83 -1.99 -0.65
N GLY A 96 -5.97 -3.16 -1.27
CA GLY A 96 -6.65 -3.21 -2.55
C GLY A 96 -6.68 -4.60 -3.17
N LYS A 97 -7.14 -4.66 -4.42
CA LYS A 97 -7.23 -5.93 -5.15
C LYS A 97 -5.92 -6.70 -5.11
N GLU A 98 -6.02 -8.02 -5.30
CA GLU A 98 -4.86 -8.88 -5.28
C GLU A 98 -3.93 -8.56 -6.45
N ALA A 99 -2.68 -9.02 -6.36
CA ALA A 99 -1.70 -8.77 -7.41
C ALA A 99 -2.10 -9.47 -8.70
N LEU A 100 -1.72 -8.86 -9.83
CA LEU A 100 -2.05 -9.43 -11.13
C LEU A 100 -1.22 -10.68 -11.40
N GLN A 101 -1.32 -11.22 -12.61
CA GLN A 101 -0.58 -12.42 -12.97
C GLN A 101 0.14 -12.24 -14.30
N ILE A 102 0.98 -13.20 -14.65
CA ILE A 102 1.74 -13.19 -15.89
C ILE A 102 2.28 -11.80 -16.24
N LYS A 103 3.49 -11.52 -15.78
CA LYS A 103 4.12 -10.22 -16.04
C LYS A 103 4.80 -10.23 -17.41
N TYR A 104 6.00 -10.78 -17.45
CA TYR A 104 6.77 -10.86 -18.69
C TYR A 104 8.08 -11.60 -18.48
N ASN A 105 8.66 -11.42 -17.29
CA ASN A 105 9.92 -12.07 -16.95
C ASN A 105 9.81 -13.59 -17.06
N ALA A 106 10.69 -14.18 -17.86
CA ALA A 106 10.70 -15.64 -18.06
C ALA A 106 9.40 -16.11 -18.70
N SER A 107 8.36 -16.29 -17.88
CA SER A 107 7.07 -16.73 -18.37
C SER A 107 5.94 -16.02 -17.63
N PHE A 108 6.22 -15.61 -16.39
CA PHE A 108 5.23 -14.92 -15.56
C PHE A 108 5.86 -14.41 -14.28
N ARG A 109 5.23 -13.41 -13.68
CA ARG A 109 5.73 -12.83 -12.43
C ARG A 109 4.64 -12.02 -11.74
N TYR A 110 4.13 -12.55 -10.64
CA TYR A 110 3.08 -11.89 -9.87
C TYR A 110 3.54 -10.51 -9.39
N ILE A 111 2.98 -9.47 -9.99
CA ILE A 111 3.33 -8.11 -9.63
C ILE A 111 2.13 -7.35 -9.08
N TYR A 112 2.40 -6.26 -8.37
CA TYR A 112 1.34 -5.44 -7.79
C TYR A 112 1.23 -4.09 -8.49
N PRO A 113 0.16 -3.87 -9.27
CA PRO A 113 -0.06 -2.62 -9.99
C PRO A 113 -0.42 -1.46 -9.06
N LEU A 114 -0.61 -0.28 -9.64
CA LEU A 114 -0.97 0.90 -8.87
C LEU A 114 -1.94 1.78 -9.65
N ASP A 115 -3.23 1.63 -9.36
CA ASP A 115 -4.26 2.42 -10.03
C ASP A 115 -5.06 3.25 -9.03
N SER A 116 -6.22 3.71 -9.45
CA SER A 116 -7.08 4.53 -8.58
C SER A 116 -7.89 3.67 -7.62
N LEU A 117 -7.66 2.35 -7.65
CA LEU A 117 -8.38 1.44 -6.76
C LEU A 117 -7.50 1.00 -5.61
N THR A 118 -6.20 1.29 -5.70
CA THR A 118 -5.25 0.92 -4.65
C THR A 118 -5.20 1.99 -3.57
N TRP A 119 -5.24 1.54 -2.31
CA TRP A 119 -5.19 2.46 -1.18
C TRP A 119 -3.78 2.56 -0.61
N ILE A 120 -3.17 3.73 -0.73
CA ILE A 120 -1.83 3.96 -0.24
C ILE A 120 -1.80 5.11 0.77
N GLU A 121 -1.54 4.76 2.03
CA GLU A 121 -1.49 5.77 3.09
C GLU A 121 -0.17 5.66 3.86
N TYR A 122 0.64 6.71 3.78
CA TYR A 122 1.93 6.73 4.47
C TYR A 122 1.77 6.43 5.95
N TRP A 123 2.65 5.61 6.48
CA TRP A 123 2.62 5.24 7.89
C TRP A 123 3.69 6.02 8.66
N PRO A 124 3.28 7.09 9.37
CA PRO A 124 4.21 7.92 10.15
C PRO A 124 5.13 7.09 11.03
N ARG A 125 6.43 7.24 10.84
CA ARG A 125 7.42 6.50 11.61
C ARG A 125 7.92 7.34 12.80
N ASP A 126 7.12 8.32 13.21
CA ASP A 126 7.49 9.19 14.32
C ASP A 126 6.41 9.19 15.40
N THR A 127 6.83 8.99 16.65
CA THR A 127 5.91 8.97 17.77
C THR A 127 6.48 9.72 18.97
N THR A 128 7.63 10.38 18.75
CA THR A 128 8.29 11.13 19.81
C THR A 128 7.37 12.22 20.37
N CYS A 129 6.91 13.11 19.50
CA CYS A 129 6.02 14.19 19.91
C CYS A 129 4.64 13.65 20.26
N SER A 130 4.03 14.24 21.30
CA SER A 130 2.71 13.82 21.75
C SER A 130 1.67 14.07 20.66
N SER A 131 1.84 15.16 19.92
CA SER A 131 0.91 15.50 18.84
C SER A 131 1.24 14.73 17.57
N CYS A 132 2.34 13.98 17.61
CA CYS A 132 2.77 13.19 16.46
C CYS A 132 2.24 11.77 16.56
N GLN A 133 1.43 11.52 17.58
CA GLN A 133 0.86 10.18 17.78
C GLN A 133 -0.66 10.22 17.63
N ALA A 134 -1.20 11.41 17.38
CA ALA A 134 -2.64 11.58 17.21
C ALA A 134 -3.14 10.84 15.98
N PHE A 135 -2.23 10.57 15.05
CA PHE A 135 -2.56 9.87 13.82
C PHE A 135 -2.20 8.39 13.93
N LEU A 136 -1.17 8.09 14.72
CA LEU A 136 -0.72 6.72 14.90
C LEU A 136 -1.45 6.07 16.08
N ALA A 137 -2.46 6.76 16.60
CA ALA A 137 -3.25 6.23 17.70
C ALA A 137 -4.44 5.43 17.20
N ASN A 138 -4.92 5.79 16.01
CA ASN A 138 -6.05 5.10 15.41
C ASN A 138 -5.58 3.83 14.70
N LEU A 139 -4.38 3.88 14.12
CA LEU A 139 -3.82 2.74 13.43
C LEU A 139 -3.61 1.58 14.38
N ASP A 140 -3.32 1.89 15.63
CA ASP A 140 -3.10 0.87 16.66
C ASP A 140 -4.35 0.01 16.83
N GLU A 141 -5.50 0.67 16.88
CA GLU A 141 -6.78 -0.03 17.04
C GLU A 141 -7.11 -0.81 15.78
N PHE A 142 -6.81 -0.23 14.63
CA PHE A 142 -7.06 -0.88 13.35
C PHE A 142 -6.24 -2.16 13.20
N ALA A 143 -5.08 -2.17 13.85
CA ALA A 143 -4.19 -3.32 13.80
C ALA A 143 -4.87 -4.57 14.35
N GLU A 144 -5.21 -4.52 15.63
CA GLU A 144 -5.86 -5.65 16.29
C GLU A 144 -7.29 -5.83 15.79
N ASP A 145 -7.82 -4.81 15.13
CA ASP A 145 -9.18 -4.86 14.60
C ASP A 145 -9.29 -5.92 13.51
N ILE A 146 -8.69 -5.63 12.35
CA ILE A 146 -8.72 -6.56 11.23
C ILE A 146 -8.08 -7.89 11.60
N PHE A 147 -7.10 -7.83 12.50
CA PHE A 147 -6.40 -9.02 12.96
C PHE A 147 -7.33 -9.95 13.74
N LEU A 148 -8.26 -9.36 14.48
CA LEU A 148 -9.20 -10.13 15.28
C LEU A 148 -10.60 -10.07 14.69
N ASN A 149 -11.28 -8.95 14.92
CA ASN A 149 -12.64 -8.74 14.43
C ASN A 149 -12.63 -8.31 12.97
N GLY A 150 -11.72 -8.87 12.19
CA GLY A 150 -11.63 -8.53 10.77
C GLY A 150 -12.95 -8.75 10.04
N CYS A 151 -13.52 -7.67 9.50
CA CYS A 151 -14.77 -7.74 8.78
C CYS A 151 -14.64 -8.64 7.56
N GLY A 1 -8.13 12.91 -24.07
CA GLY A 1 -6.71 12.69 -23.66
C GLY A 1 -6.53 11.40 -22.89
N SER A 2 -5.29 11.13 -22.48
CA SER A 2 -4.99 9.92 -21.72
C SER A 2 -3.92 10.19 -20.68
N HIS A 3 -3.35 11.40 -20.71
CA HIS A 3 -2.31 11.79 -19.77
C HIS A 3 -2.91 12.54 -18.59
N MET A 4 -2.81 11.93 -17.40
CA MET A 4 -3.34 12.55 -16.18
C MET A 4 -2.24 12.72 -15.14
N ALA A 5 -1.26 11.82 -15.18
CA ALA A 5 -0.14 11.86 -14.25
C ALA A 5 -0.58 11.54 -12.82
N ASP A 6 -1.89 11.30 -12.65
CA ASP A 6 -2.45 10.98 -11.35
C ASP A 6 -3.93 10.62 -11.46
N CYS A 7 -4.18 9.36 -11.76
CA CYS A 7 -5.55 8.87 -11.91
C CYS A 7 -6.15 8.54 -10.55
N GLY A 8 -5.28 8.39 -9.57
CA GLY A 8 -5.72 8.07 -8.22
C GLY A 8 -5.23 9.06 -7.18
N GLN A 9 -3.96 9.45 -7.30
CA GLN A 9 -3.35 10.39 -6.37
C GLN A 9 -3.22 9.79 -4.97
N MET A 10 -2.24 10.26 -4.22
CA MET A 10 -2.02 9.78 -2.85
C MET A 10 -3.08 10.31 -1.90
N GLN A 11 -2.94 9.98 -0.62
CA GLN A 11 -3.89 10.41 0.39
C GLN A 11 -3.28 11.49 1.28
N GLU A 12 -4.12 12.11 2.12
CA GLU A 12 -3.67 13.14 3.03
C GLU A 12 -2.65 12.60 4.02
N GLU A 13 -1.55 13.32 4.18
CA GLU A 13 -0.49 12.90 5.10
C GLU A 13 -0.69 13.54 6.47
N LEU A 14 -0.92 12.71 7.48
CA LEU A 14 -1.13 13.17 8.85
C LEU A 14 -2.32 14.12 8.92
N ASP A 15 -3.46 13.59 9.33
CA ASP A 15 -4.69 14.38 9.45
C ASP A 15 -5.69 13.69 10.36
N LEU A 16 -5.94 14.28 11.52
CA LEU A 16 -6.88 13.72 12.48
C LEU A 16 -8.32 13.83 11.97
N THR A 17 -8.83 12.73 11.42
CA THR A 17 -10.20 12.69 10.90
C THR A 17 -10.57 11.29 10.44
N ILE A 18 -9.57 10.53 10.01
CA ILE A 18 -9.79 9.16 9.54
C ILE A 18 -9.69 8.17 10.70
N SER A 19 -10.84 7.64 11.11
CA SER A 19 -10.88 6.68 12.20
C SER A 19 -10.43 5.31 11.73
N ALA A 20 -10.45 4.34 12.64
CA ALA A 20 -10.05 2.97 12.32
C ALA A 20 -11.05 2.30 11.39
N GLU A 21 -12.30 2.75 11.45
CA GLU A 21 -13.35 2.20 10.61
C GLU A 21 -13.52 3.01 9.32
N THR A 22 -13.08 4.27 9.36
CA THR A 22 -13.17 5.15 8.21
C THR A 22 -12.45 4.54 7.00
N ARG A 23 -11.15 4.31 7.16
CA ARG A 23 -10.34 3.73 6.09
C ARG A 23 -10.70 2.27 5.89
N LYS A 24 -11.23 1.64 6.94
CA LYS A 24 -11.61 0.24 6.89
C LYS A 24 -12.73 0.03 5.88
N GLN A 25 -13.50 1.09 5.62
CA GLN A 25 -14.60 1.00 4.67
C GLN A 25 -14.10 0.52 3.31
N THR A 26 -12.82 0.74 3.06
CA THR A 26 -12.20 0.32 1.81
C THR A 26 -11.79 -1.15 1.87
N ALA A 27 -11.24 -1.54 3.02
CA ALA A 27 -10.81 -2.92 3.22
C ALA A 27 -12.00 -3.87 3.30
N CYS A 28 -13.18 -3.31 3.50
CA CYS A 28 -14.40 -4.10 3.60
C CYS A 28 -15.01 -4.35 2.21
N LYS A 29 -14.63 -3.53 1.24
CA LYS A 29 -15.14 -3.66 -0.11
C LYS A 29 -14.71 -5.00 -0.72
N PRO A 30 -15.58 -5.61 -1.55
CA PRO A 30 -15.29 -6.89 -2.20
C PRO A 30 -14.22 -6.77 -3.29
N GLU A 31 -13.75 -5.54 -3.50
CA GLU A 31 -12.72 -5.29 -4.51
C GLU A 31 -11.33 -5.48 -3.93
N ILE A 32 -11.14 -5.08 -2.68
CA ILE A 32 -9.86 -5.21 -2.02
C ILE A 32 -9.63 -6.64 -1.55
N ALA A 33 -8.52 -7.23 -1.97
CA ALA A 33 -8.18 -8.60 -1.61
C ALA A 33 -7.30 -8.64 -0.36
N TYR A 34 -6.09 -8.09 -0.48
CA TYR A 34 -5.15 -8.10 0.62
C TYR A 34 -5.12 -6.76 1.35
N ALA A 35 -4.56 -6.78 2.55
CA ALA A 35 -4.43 -5.59 3.38
C ALA A 35 -3.26 -5.75 4.34
N TYR A 36 -2.12 -5.19 3.97
CA TYR A 36 -0.92 -5.31 4.80
C TYR A 36 -0.10 -4.03 4.80
N LYS A 37 0.99 -4.03 5.55
CA LYS A 37 1.87 -2.88 5.64
C LYS A 37 3.30 -3.28 5.27
N VAL A 38 3.87 -2.58 4.29
CA VAL A 38 5.22 -2.87 3.83
C VAL A 38 6.16 -1.69 4.02
N SER A 39 7.39 -1.83 3.52
CA SER A 39 8.39 -0.78 3.61
C SER A 39 9.27 -0.76 2.37
N ILE A 40 9.36 0.41 1.73
CA ILE A 40 10.16 0.57 0.52
C ILE A 40 11.64 0.34 0.82
N THR A 41 12.38 -0.19 -0.15
CA THR A 41 13.80 -0.45 0.02
C THR A 41 14.60 0.00 -1.20
N SER A 42 14.17 -0.42 -2.38
CA SER A 42 14.86 -0.05 -3.62
C SER A 42 13.90 0.55 -4.64
N ILE A 43 14.46 1.19 -5.66
CA ILE A 43 13.66 1.80 -6.72
C ILE A 43 14.18 1.42 -8.09
N THR A 44 13.27 0.99 -8.97
CA THR A 44 13.65 0.60 -10.32
C THR A 44 12.95 1.45 -11.37
N VAL A 45 13.75 2.03 -12.28
CA VAL A 45 13.21 2.88 -13.33
C VAL A 45 13.92 2.61 -14.66
N GLU A 46 13.14 2.58 -15.74
CA GLU A 46 13.70 2.34 -17.07
C GLU A 46 13.43 3.52 -18.00
N ASN A 47 12.17 3.68 -18.39
CA ASN A 47 11.78 4.77 -19.28
C ASN A 47 10.35 5.21 -19.01
N VAL A 48 9.42 4.25 -19.02
CA VAL A 48 8.02 4.54 -18.78
C VAL A 48 7.53 3.82 -17.52
N PHE A 49 7.69 2.50 -17.51
CA PHE A 49 7.28 1.69 -16.38
C PHE A 49 8.26 1.82 -15.22
N VAL A 50 7.80 2.42 -14.12
CA VAL A 50 8.65 2.60 -12.94
C VAL A 50 8.21 1.68 -11.81
N LYS A 51 9.04 0.69 -11.50
CA LYS A 51 8.73 -0.25 -10.42
C LYS A 51 9.44 0.15 -9.14
N TYR A 52 9.03 -0.46 -8.03
CA TYR A 52 9.63 -0.16 -6.73
C TYR A 52 9.78 -1.45 -5.90
N LYS A 53 11.01 -1.74 -5.50
CA LYS A 53 11.29 -2.92 -4.70
C LYS A 53 11.06 -2.63 -3.23
N ALA A 54 10.40 -3.56 -2.53
CA ALA A 54 10.11 -3.39 -1.12
C ALA A 54 9.82 -4.72 -0.45
N THR A 55 9.88 -4.74 0.88
CA THR A 55 9.60 -5.94 1.65
C THR A 55 8.38 -5.76 2.54
N LEU A 56 7.49 -6.73 2.50
CA LEU A 56 6.30 -6.69 3.33
C LEU A 56 6.68 -6.88 4.78
N LEU A 57 6.10 -6.08 5.67
CA LEU A 57 6.42 -6.17 7.09
C LEU A 57 5.45 -7.10 7.82
N ASP A 58 4.16 -6.86 7.65
CA ASP A 58 3.15 -7.69 8.33
C ASP A 58 1.88 -7.82 7.49
N ILE A 59 1.17 -8.93 7.72
CA ILE A 59 -0.08 -9.20 7.00
C ILE A 59 -1.29 -8.99 7.90
N TYR A 60 -2.15 -8.03 7.54
CA TYR A 60 -3.36 -7.75 8.30
C TYR A 60 -4.54 -8.46 7.67
N LYS A 61 -4.38 -8.82 6.40
CA LYS A 61 -5.41 -9.51 5.65
C LYS A 61 -4.76 -10.31 4.52
N THR A 62 -4.78 -11.63 4.65
CA THR A 62 -4.17 -12.51 3.66
C THR A 62 -4.52 -12.09 2.23
N GLY A 63 -3.55 -12.24 1.34
CA GLY A 63 -3.75 -11.87 -0.05
C GLY A 63 -3.89 -13.09 -0.95
N GLU A 64 -4.66 -12.94 -2.02
CA GLU A 64 -4.88 -14.04 -2.96
C GLU A 64 -3.66 -14.24 -3.83
N ALA A 65 -2.63 -13.43 -3.62
CA ALA A 65 -1.40 -13.52 -4.38
C ALA A 65 -0.23 -13.94 -3.49
N VAL A 66 -0.29 -15.18 -3.01
CA VAL A 66 0.74 -15.73 -2.13
C VAL A 66 1.25 -14.70 -1.13
N ALA A 67 0.32 -13.92 -0.57
CA ALA A 67 0.67 -12.90 0.40
C ALA A 67 1.01 -13.51 1.75
N GLU A 68 2.15 -13.13 2.29
CA GLU A 68 2.60 -13.65 3.58
C GLU A 68 3.46 -12.62 4.31
N LYS A 69 3.39 -12.61 5.63
CA LYS A 69 4.16 -11.66 6.43
C LYS A 69 5.65 -11.78 6.12
N ASP A 70 6.28 -10.63 5.89
CA ASP A 70 7.71 -10.57 5.59
C ASP A 70 8.02 -11.24 4.26
N SER A 71 7.11 -11.11 3.31
CA SER A 71 7.30 -11.69 1.98
C SER A 71 7.94 -10.67 1.04
N GLU A 72 8.11 -11.06 -0.22
CA GLU A 72 8.70 -10.17 -1.21
C GLU A 72 7.61 -9.47 -2.03
N ILE A 73 7.79 -8.18 -2.28
CA ILE A 73 6.84 -7.40 -3.04
C ILE A 73 7.53 -6.37 -3.92
N THR A 74 6.86 -6.01 -5.01
CA THR A 74 7.39 -5.03 -5.95
C THR A 74 6.26 -4.31 -6.68
N PHE A 75 6.20 -2.99 -6.50
CA PHE A 75 5.18 -2.17 -7.14
C PHE A 75 5.53 -1.88 -8.59
N ILE A 76 4.55 -1.36 -9.34
CA ILE A 76 4.76 -1.03 -10.74
C ILE A 76 3.72 -0.01 -11.20
N LYS A 77 4.20 1.17 -11.59
CA LYS A 77 3.31 2.24 -12.05
C LYS A 77 3.65 2.65 -13.48
N LYS A 78 2.65 3.18 -14.19
CA LYS A 78 2.85 3.64 -15.56
C LYS A 78 3.19 5.12 -15.59
N VAL A 79 3.68 5.62 -14.46
CA VAL A 79 4.06 7.04 -14.31
C VAL A 79 3.02 7.97 -14.94
N THR A 80 1.78 7.49 -15.03
CA THR A 80 0.71 8.29 -15.60
C THR A 80 -0.59 8.14 -14.80
N CYS A 81 -0.56 7.27 -13.80
CA CYS A 81 -1.72 7.04 -12.97
C CYS A 81 -1.35 7.04 -11.49
N THR A 82 -2.23 7.61 -10.67
CA THR A 82 -2.01 7.69 -9.23
C THR A 82 -0.64 8.27 -8.90
N ASN A 83 -0.60 9.58 -8.70
CA ASN A 83 0.66 10.25 -8.37
C ASN A 83 1.21 9.72 -7.05
N ALA A 84 1.96 8.64 -7.13
CA ALA A 84 2.54 8.02 -5.93
C ALA A 84 4.06 8.12 -5.95
N GLU A 85 4.63 8.45 -4.79
CA GLU A 85 6.07 8.58 -4.65
C GLU A 85 6.57 7.74 -3.48
N LEU A 86 7.08 6.55 -3.78
CA LEU A 86 7.58 5.65 -2.76
C LEU A 86 9.03 5.97 -2.40
N VAL A 87 9.28 6.25 -1.13
CA VAL A 87 10.62 6.58 -0.66
C VAL A 87 11.22 5.43 0.14
N LYS A 88 12.40 5.00 -0.25
CA LYS A 88 13.08 3.91 0.42
C LYS A 88 13.41 4.27 1.86
N GLY A 89 13.16 3.34 2.77
CA GLY A 89 13.44 3.57 4.18
C GLY A 89 12.19 3.89 4.98
N ARG A 90 11.12 4.27 4.28
CA ARG A 90 9.86 4.59 4.94
C ARG A 90 8.87 3.43 4.85
N GLN A 91 7.78 3.55 5.59
CA GLN A 91 6.75 2.51 5.61
C GLN A 91 5.43 3.05 5.05
N TYR A 92 4.71 2.20 4.33
CA TYR A 92 3.44 2.60 3.74
C TYR A 92 2.41 1.47 3.85
N LEU A 93 1.13 1.85 3.89
CA LEU A 93 0.04 0.89 3.98
C LEU A 93 -0.49 0.56 2.58
N ILE A 94 -0.71 -0.73 2.32
CA ILE A 94 -1.20 -1.17 1.02
C ILE A 94 -2.41 -2.09 1.16
N MET A 95 -3.49 -1.71 0.48
CA MET A 95 -4.73 -2.50 0.50
C MET A 95 -5.37 -2.50 -0.89
N GLY A 96 -5.49 -3.66 -1.50
CA GLY A 96 -6.08 -3.75 -2.82
C GLY A 96 -6.34 -5.18 -3.27
N LYS A 97 -6.94 -5.31 -4.45
CA LYS A 97 -7.25 -6.63 -5.01
C LYS A 97 -6.00 -7.48 -5.19
N GLU A 98 -6.19 -8.72 -5.63
CA GLU A 98 -5.07 -9.63 -5.85
C GLU A 98 -4.09 -9.08 -6.87
N ALA A 99 -2.97 -9.77 -7.04
CA ALA A 99 -1.94 -9.35 -7.98
C ALA A 99 -2.00 -10.18 -9.27
N LEU A 100 -1.49 -9.61 -10.36
CA LEU A 100 -1.46 -10.31 -11.63
C LEU A 100 -0.55 -11.53 -11.56
N GLN A 101 -1.13 -12.71 -11.68
CA GLN A 101 -0.38 -13.95 -11.61
C GLN A 101 0.26 -14.29 -12.96
N ILE A 102 0.60 -13.25 -13.73
CA ILE A 102 1.21 -13.44 -15.03
C ILE A 102 1.61 -12.10 -15.65
N LYS A 103 2.91 -11.89 -15.81
CA LYS A 103 3.41 -10.66 -16.41
C LYS A 103 3.82 -10.90 -17.86
N TYR A 104 4.13 -12.15 -18.18
CA TYR A 104 4.54 -12.51 -19.53
C TYR A 104 4.38 -14.02 -19.75
N ASN A 105 5.45 -14.78 -19.45
CA ASN A 105 5.44 -16.23 -19.63
C ASN A 105 6.80 -16.83 -19.29
N ALA A 106 7.85 -16.06 -19.52
CA ALA A 106 9.21 -16.51 -19.25
C ALA A 106 9.35 -17.02 -17.82
N SER A 107 8.57 -16.45 -16.90
CA SER A 107 8.61 -16.85 -15.51
C SER A 107 7.48 -16.20 -14.72
N PHE A 108 6.64 -15.44 -15.42
CA PHE A 108 5.50 -14.76 -14.78
C PHE A 108 5.99 -13.77 -13.72
N ARG A 109 5.06 -12.97 -13.20
CA ARG A 109 5.39 -11.99 -12.18
C ARG A 109 4.13 -11.48 -11.50
N TYR A 110 4.11 -11.53 -10.17
CA TYR A 110 2.95 -11.10 -9.40
C TYR A 110 3.11 -9.66 -8.91
N ILE A 111 3.80 -8.84 -9.70
CA ILE A 111 4.01 -7.45 -9.33
C ILE A 111 2.69 -6.72 -9.12
N TYR A 112 2.67 -5.80 -8.17
CA TYR A 112 1.46 -5.04 -7.85
C TYR A 112 1.48 -3.68 -8.56
N PRO A 113 0.43 -3.36 -9.32
CA PRO A 113 0.33 -2.09 -10.04
C PRO A 113 0.31 -0.88 -9.10
N LEU A 114 0.00 0.28 -9.64
CA LEU A 114 -0.05 1.50 -8.85
C LEU A 114 -1.00 2.52 -9.46
N ASP A 115 -2.14 2.04 -9.93
CA ASP A 115 -3.15 2.90 -10.55
C ASP A 115 -4.18 3.35 -9.52
N SER A 116 -5.23 4.01 -9.99
CA SER A 116 -6.29 4.50 -9.12
C SER A 116 -7.11 3.35 -8.55
N LEU A 117 -6.55 2.67 -7.55
CA LEU A 117 -7.23 1.55 -6.91
C LEU A 117 -6.39 1.04 -5.73
N THR A 118 -5.09 1.25 -5.81
CA THR A 118 -4.17 0.83 -4.76
C THR A 118 -4.21 1.78 -3.57
N TRP A 119 -4.91 1.38 -2.52
CA TRP A 119 -5.01 2.20 -1.32
C TRP A 119 -3.66 2.30 -0.61
N ILE A 120 -3.10 3.51 -0.61
CA ILE A 120 -1.81 3.75 0.02
C ILE A 120 -1.92 4.79 1.14
N GLU A 121 -1.30 4.48 2.27
CA GLU A 121 -1.34 5.40 3.42
C GLU A 121 0.07 5.59 4.00
N TYR A 122 0.60 6.81 3.85
CA TYR A 122 1.93 7.12 4.36
C TYR A 122 2.02 6.86 5.85
N TRP A 123 2.86 5.89 6.22
CA TRP A 123 3.05 5.55 7.62
C TRP A 123 4.34 6.17 8.15
N PRO A 124 4.23 7.27 8.92
CA PRO A 124 5.38 7.96 9.48
C PRO A 124 6.41 7.01 10.07
N ARG A 125 7.49 6.77 9.33
CA ARG A 125 8.55 5.88 9.78
C ARG A 125 9.05 6.29 11.16
N ASP A 126 9.22 7.60 11.37
CA ASP A 126 9.69 8.11 12.64
C ASP A 126 8.53 8.38 13.59
N THR A 127 8.42 7.58 14.64
CA THR A 127 7.35 7.73 15.63
C THR A 127 7.81 8.57 16.81
N THR A 128 8.98 8.24 17.34
CA THR A 128 9.53 8.95 18.50
C THR A 128 10.32 10.17 18.05
N CYS A 129 10.04 10.64 16.84
CA CYS A 129 10.72 11.81 16.28
C CYS A 129 10.58 13.02 17.22
N SER A 130 9.35 13.25 17.68
CA SER A 130 9.07 14.37 18.57
C SER A 130 7.72 14.21 19.24
N SER A 131 6.66 14.22 18.43
CA SER A 131 5.30 14.08 18.94
C SER A 131 4.32 13.80 17.82
N CYS A 132 4.81 13.23 16.73
CA CYS A 132 3.99 12.93 15.57
C CYS A 132 3.25 11.60 15.75
N GLN A 133 3.02 11.24 17.01
CA GLN A 133 2.33 9.99 17.33
C GLN A 133 0.82 10.21 17.39
N ALA A 134 0.39 11.43 17.11
CA ALA A 134 -1.03 11.77 17.14
C ALA A 134 -1.80 10.94 16.12
N PHE A 135 -1.26 10.84 14.91
CA PHE A 135 -1.90 10.08 13.85
C PHE A 135 -1.52 8.60 13.95
N LEU A 136 -0.39 8.34 14.59
CA LEU A 136 0.10 6.97 14.77
C LEU A 136 -0.74 6.23 15.80
N ALA A 137 -1.57 6.97 16.54
CA ALA A 137 -2.42 6.37 17.56
C ALA A 137 -3.67 5.75 16.94
N ASN A 138 -4.14 6.34 15.86
CA ASN A 138 -5.33 5.85 15.16
C ASN A 138 -4.99 4.61 14.35
N LEU A 139 -3.73 4.49 13.95
CA LEU A 139 -3.27 3.36 13.15
C LEU A 139 -3.15 2.10 14.02
N ASP A 140 -2.83 2.30 15.30
CA ASP A 140 -2.68 1.20 16.23
C ASP A 140 -4.02 0.48 16.43
N GLU A 141 -5.11 1.23 16.33
CA GLU A 141 -6.44 0.67 16.50
C GLU A 141 -6.77 -0.29 15.37
N PHE A 142 -6.52 0.14 14.13
CA PHE A 142 -6.80 -0.68 12.96
C PHE A 142 -6.08 -2.03 13.06
N ALA A 143 -4.96 -2.04 13.78
CA ALA A 143 -4.17 -3.25 13.96
C ALA A 143 -4.96 -4.29 14.77
N GLU A 144 -5.65 -3.82 15.81
CA GLU A 144 -6.42 -4.70 16.66
C GLU A 144 -7.83 -4.89 16.12
N ASP A 145 -8.16 -4.14 15.07
CA ASP A 145 -9.48 -4.22 14.45
C ASP A 145 -9.52 -5.35 13.43
N ILE A 146 -8.85 -5.16 12.31
CA ILE A 146 -8.82 -6.15 11.24
C ILE A 146 -8.36 -7.51 11.77
N PHE A 147 -7.59 -7.49 12.86
CA PHE A 147 -7.08 -8.71 13.47
C PHE A 147 -8.15 -9.40 14.31
N LEU A 148 -8.69 -8.67 15.28
CA LEU A 148 -9.71 -9.21 16.16
C LEU A 148 -11.10 -9.08 15.54
N ASN A 149 -11.55 -7.85 15.36
CA ASN A 149 -12.85 -7.58 14.77
C ASN A 149 -12.96 -8.18 13.37
N GLY A 150 -12.28 -7.56 12.40
CA GLY A 150 -12.32 -8.06 11.04
C GLY A 150 -13.50 -7.51 10.26
N CYS A 151 -13.75 -8.09 9.08
CA CYS A 151 -14.85 -7.66 8.24
C CYS A 151 -15.41 -8.83 7.43
N GLY A 1 -2.88 13.38 -28.14
CA GLY A 1 -3.37 12.01 -27.87
C GLY A 1 -2.83 11.43 -26.58
N SER A 2 -2.53 12.31 -25.63
CA SER A 2 -2.00 11.89 -24.34
C SER A 2 -3.13 11.67 -23.33
N HIS A 3 -3.03 10.60 -22.54
CA HIS A 3 -4.02 10.30 -21.54
C HIS A 3 -3.60 10.81 -20.16
N MET A 4 -4.49 11.56 -19.51
CA MET A 4 -4.21 12.11 -18.20
C MET A 4 -5.01 11.40 -17.12
N ALA A 5 -4.31 10.79 -16.16
CA ALA A 5 -4.96 10.07 -15.07
C ALA A 5 -4.34 10.45 -13.73
N ASP A 6 -5.19 10.58 -12.70
CA ASP A 6 -4.72 10.93 -11.37
C ASP A 6 -3.85 9.84 -10.78
N CYS A 7 -4.16 8.58 -11.11
CA CYS A 7 -3.40 7.45 -10.60
C CYS A 7 -3.48 7.45 -9.08
N GLY A 8 -2.47 6.90 -8.43
CA GLY A 8 -2.46 6.88 -6.98
C GLY A 8 -2.60 8.27 -6.40
N GLN A 9 -3.84 8.72 -6.28
CA GLN A 9 -4.15 10.05 -5.75
C GLN A 9 -3.39 10.32 -4.45
N MET A 10 -3.03 9.25 -3.75
CA MET A 10 -2.30 9.36 -2.49
C MET A 10 -3.10 10.18 -1.47
N GLN A 11 -2.48 10.45 -0.32
CA GLN A 11 -3.13 11.23 0.73
C GLN A 11 -2.10 11.98 1.57
N GLU A 12 -2.58 12.82 2.47
CA GLU A 12 -1.70 13.60 3.34
C GLU A 12 -0.84 12.69 4.21
N GLU A 13 0.39 13.11 4.45
CA GLU A 13 1.31 12.33 5.27
C GLU A 13 0.84 12.28 6.72
N LEU A 14 -0.06 13.18 7.06
CA LEU A 14 -0.60 13.26 8.42
C LEU A 14 -2.03 13.79 8.41
N ASP A 15 -2.99 12.87 8.56
CA ASP A 15 -4.40 13.24 8.58
C ASP A 15 -5.10 12.63 9.79
N LEU A 16 -5.70 13.49 10.60
CA LEU A 16 -6.41 13.04 11.80
C LEU A 16 -7.92 13.20 11.64
N THR A 17 -8.36 13.41 10.40
CA THR A 17 -9.79 13.57 10.13
C THR A 17 -10.43 12.24 9.75
N ILE A 18 -9.61 11.28 9.35
CA ILE A 18 -10.10 9.96 8.96
C ILE A 18 -10.27 9.07 10.19
N SER A 19 -11.37 8.32 10.21
CA SER A 19 -11.66 7.42 11.32
C SER A 19 -10.98 6.08 11.12
N ALA A 20 -10.99 5.25 12.17
CA ALA A 20 -10.37 3.93 12.11
C ALA A 20 -11.24 2.95 11.32
N GLU A 21 -12.50 3.32 11.12
CA GLU A 21 -13.44 2.48 10.38
C GLU A 21 -13.46 2.85 8.91
N THR A 22 -13.02 4.06 8.60
CA THR A 22 -12.99 4.54 7.22
C THR A 22 -11.87 3.87 6.43
N ARG A 23 -10.79 3.52 7.12
CA ARG A 23 -9.65 2.87 6.49
C ARG A 23 -9.73 1.36 6.61
N LYS A 24 -10.64 0.88 7.47
CA LYS A 24 -10.81 -0.55 7.67
C LYS A 24 -11.96 -1.08 6.83
N GLN A 25 -12.98 -0.26 6.64
CA GLN A 25 -14.14 -0.65 5.84
C GLN A 25 -13.72 -1.00 4.42
N THR A 26 -12.51 -0.58 4.05
CA THR A 26 -11.98 -0.85 2.73
C THR A 26 -11.17 -2.15 2.73
N ALA A 27 -10.70 -2.53 3.90
CA ALA A 27 -9.92 -3.76 4.05
C ALA A 27 -10.75 -4.99 3.71
N CYS A 28 -11.98 -5.02 4.22
CA CYS A 28 -12.88 -6.14 3.97
C CYS A 28 -13.63 -5.97 2.66
N LYS A 29 -13.35 -4.86 1.97
CA LYS A 29 -14.00 -4.56 0.69
C LYS A 29 -13.68 -5.63 -0.34
N PRO A 30 -14.70 -6.12 -1.07
CA PRO A 30 -14.52 -7.14 -2.10
C PRO A 30 -13.47 -6.74 -3.14
N GLU A 31 -13.51 -5.49 -3.57
CA GLU A 31 -12.57 -4.98 -4.55
C GLU A 31 -11.14 -5.05 -4.02
N ILE A 32 -11.01 -5.00 -2.70
CA ILE A 32 -9.70 -5.07 -2.06
C ILE A 32 -9.35 -6.50 -1.67
N ALA A 33 -8.38 -7.07 -2.36
CA ALA A 33 -7.95 -8.44 -2.09
C ALA A 33 -7.14 -8.53 -0.80
N TYR A 34 -5.97 -7.88 -0.80
CA TYR A 34 -5.10 -7.91 0.37
C TYR A 34 -5.14 -6.58 1.13
N ALA A 35 -4.80 -6.65 2.41
CA ALA A 35 -4.77 -5.47 3.27
C ALA A 35 -3.65 -5.58 4.28
N TYR A 36 -2.51 -4.95 3.97
CA TYR A 36 -1.35 -4.99 4.86
C TYR A 36 -0.47 -3.77 4.69
N LYS A 37 0.55 -3.67 5.55
CA LYS A 37 1.48 -2.56 5.50
C LYS A 37 2.85 -3.06 5.05
N VAL A 38 3.62 -2.20 4.40
CA VAL A 38 4.93 -2.57 3.91
C VAL A 38 5.94 -1.43 4.06
N SER A 39 7.14 -1.65 3.55
CA SER A 39 8.21 -0.66 3.64
C SER A 39 9.10 -0.70 2.41
N ILE A 40 9.08 0.38 1.62
CA ILE A 40 9.89 0.47 0.41
C ILE A 40 11.36 0.24 0.73
N THR A 41 12.06 -0.43 -0.18
CA THR A 41 13.48 -0.71 0.02
C THR A 41 14.28 -0.49 -1.26
N SER A 42 13.59 -0.26 -2.37
CA SER A 42 14.26 -0.03 -3.65
C SER A 42 13.30 0.56 -4.67
N ILE A 43 13.87 1.22 -5.67
CA ILE A 43 13.08 1.85 -6.74
C ILE A 43 13.72 1.61 -8.10
N THR A 44 12.93 1.21 -9.08
CA THR A 44 13.43 0.95 -10.42
C THR A 44 12.74 1.83 -11.47
N VAL A 45 13.53 2.42 -12.33
CA VAL A 45 13.00 3.28 -13.39
C VAL A 45 13.55 2.84 -14.76
N GLU A 46 12.64 2.51 -15.67
CA GLU A 46 13.03 2.07 -17.00
C GLU A 46 12.77 3.15 -18.05
N ASN A 47 11.56 3.18 -18.58
CA ASN A 47 11.20 4.16 -19.60
C ASN A 47 9.84 4.79 -19.30
N VAL A 48 8.77 4.06 -19.63
CA VAL A 48 7.42 4.54 -19.40
C VAL A 48 6.87 4.04 -18.06
N PHE A 49 7.13 2.78 -17.76
CA PHE A 49 6.67 2.18 -16.50
C PHE A 49 7.75 2.27 -15.44
N VAL A 50 7.34 2.48 -14.20
CA VAL A 50 8.27 2.58 -13.08
C VAL A 50 8.04 1.46 -12.07
N LYS A 51 9.06 0.63 -11.86
CA LYS A 51 8.97 -0.49 -10.93
C LYS A 51 9.31 -0.03 -9.50
N TYR A 52 8.84 -0.79 -8.52
CA TYR A 52 9.10 -0.47 -7.12
C TYR A 52 9.28 -1.74 -6.30
N LYS A 53 10.46 -1.88 -5.70
CA LYS A 53 10.76 -3.04 -4.86
C LYS A 53 10.61 -2.70 -3.39
N ALA A 54 9.72 -3.42 -2.70
CA ALA A 54 9.48 -3.17 -1.29
C ALA A 54 9.35 -4.47 -0.50
N THR A 55 9.45 -4.37 0.82
CA THR A 55 9.34 -5.52 1.70
C THR A 55 8.07 -5.43 2.55
N LEU A 56 7.31 -6.51 2.58
CA LEU A 56 6.08 -6.54 3.37
C LEU A 56 6.43 -6.46 4.85
N LEU A 57 5.71 -5.62 5.59
CA LEU A 57 5.96 -5.47 7.01
C LEU A 57 5.11 -6.44 7.82
N ASP A 58 3.82 -6.47 7.53
CA ASP A 58 2.90 -7.36 8.22
C ASP A 58 1.56 -7.44 7.49
N ILE A 59 1.00 -8.64 7.40
CA ILE A 59 -0.27 -8.85 6.72
C ILE A 59 -1.45 -8.83 7.68
N TYR A 60 -2.48 -8.07 7.32
CA TYR A 60 -3.69 -7.98 8.14
C TYR A 60 -4.81 -8.75 7.44
N LYS A 61 -4.61 -8.98 6.15
CA LYS A 61 -5.57 -9.71 5.32
C LYS A 61 -4.85 -10.36 4.15
N THR A 62 -4.88 -11.69 4.10
CA THR A 62 -4.21 -12.44 3.04
C THR A 62 -4.52 -11.85 1.66
N GLY A 63 -3.59 -12.06 0.73
CA GLY A 63 -3.76 -11.55 -0.62
C GLY A 63 -4.57 -12.47 -1.51
N GLU A 64 -4.96 -13.62 -0.97
CA GLU A 64 -5.75 -14.58 -1.72
C GLU A 64 -5.00 -15.04 -2.98
N ALA A 65 -3.72 -14.67 -3.04
CA ALA A 65 -2.87 -15.03 -4.17
C ALA A 65 -1.55 -15.60 -3.70
N VAL A 66 -0.69 -14.71 -3.27
CA VAL A 66 0.64 -15.09 -2.78
C VAL A 66 1.16 -14.07 -1.75
N ALA A 67 0.25 -13.57 -0.93
CA ALA A 67 0.61 -12.59 0.09
C ALA A 67 1.15 -13.29 1.34
N GLU A 68 2.42 -13.03 1.64
CA GLU A 68 3.06 -13.64 2.81
C GLU A 68 3.74 -12.56 3.65
N LYS A 69 3.59 -12.67 4.97
CA LYS A 69 4.19 -11.70 5.88
C LYS A 69 5.68 -11.55 5.60
N ASP A 70 6.10 -10.32 5.31
CA ASP A 70 7.50 -10.02 5.03
C ASP A 70 7.93 -10.69 3.72
N SER A 71 7.07 -10.63 2.71
CA SER A 71 7.37 -11.21 1.41
C SER A 71 8.06 -10.19 0.51
N GLU A 72 8.16 -10.51 -0.78
CA GLU A 72 8.79 -9.63 -1.74
C GLU A 72 7.75 -9.09 -2.72
N ILE A 73 7.38 -7.82 -2.54
CA ILE A 73 6.39 -7.18 -3.40
C ILE A 73 7.05 -6.29 -4.44
N THR A 74 6.42 -6.19 -5.61
CA THR A 74 6.92 -5.37 -6.70
C THR A 74 5.79 -4.64 -7.40
N PHE A 75 5.61 -3.37 -7.07
CA PHE A 75 4.54 -2.57 -7.67
C PHE A 75 5.05 -1.79 -8.87
N ILE A 76 4.27 -1.78 -9.94
CA ILE A 76 4.62 -1.06 -11.16
C ILE A 76 3.54 -0.07 -11.55
N LYS A 77 3.95 1.06 -12.12
CA LYS A 77 3.00 2.09 -12.54
C LYS A 77 3.39 2.68 -13.89
N LYS A 78 2.73 3.77 -14.26
CA LYS A 78 3.02 4.43 -15.53
C LYS A 78 3.87 5.68 -15.31
N VAL A 79 4.10 6.42 -16.38
CA VAL A 79 4.89 7.64 -16.31
C VAL A 79 4.04 8.83 -15.90
N THR A 80 2.75 8.78 -16.24
CA THR A 80 1.82 9.86 -15.92
C THR A 80 1.31 9.72 -14.49
N CYS A 81 1.87 8.75 -13.76
CA CYS A 81 1.49 8.51 -12.37
C CYS A 81 2.34 9.33 -11.42
N THR A 82 2.77 10.50 -11.87
CA THR A 82 3.61 11.39 -11.06
C THR A 82 2.94 11.69 -9.71
N ASN A 83 1.62 11.61 -9.67
CA ASN A 83 0.87 11.88 -8.45
C ASN A 83 1.30 10.93 -7.33
N ALA A 84 1.22 9.63 -7.61
CA ALA A 84 1.60 8.63 -6.63
C ALA A 84 3.10 8.66 -6.37
N GLU A 85 3.49 9.25 -5.25
CA GLU A 85 4.90 9.35 -4.90
C GLU A 85 5.26 8.41 -3.76
N LEU A 86 6.48 7.89 -3.80
CA LEU A 86 6.96 6.97 -2.77
C LEU A 86 8.36 7.35 -2.31
N VAL A 87 8.81 6.74 -1.21
CA VAL A 87 10.14 7.02 -0.67
C VAL A 87 10.88 5.72 -0.34
N LYS A 88 12.12 5.61 -0.80
CA LYS A 88 12.93 4.43 -0.56
C LYS A 88 13.30 4.35 0.93
N GLY A 89 12.69 3.39 1.62
CA GLY A 89 12.96 3.21 3.04
C GLY A 89 11.83 3.73 3.90
N ARG A 90 10.72 4.11 3.27
CA ARG A 90 9.56 4.62 3.99
C ARG A 90 8.49 3.54 4.12
N GLN A 91 7.59 3.71 5.09
CA GLN A 91 6.51 2.76 5.32
C GLN A 91 5.19 3.28 4.77
N TYR A 92 4.48 2.43 4.03
CA TYR A 92 3.20 2.81 3.46
C TYR A 92 2.20 1.67 3.55
N LEU A 93 0.93 2.02 3.77
CA LEU A 93 -0.14 1.03 3.87
C LEU A 93 -0.73 0.75 2.49
N ILE A 94 -0.70 -0.51 2.08
CA ILE A 94 -1.23 -0.91 0.78
C ILE A 94 -2.42 -1.84 0.91
N MET A 95 -3.51 -1.47 0.25
CA MET A 95 -4.74 -2.26 0.29
C MET A 95 -5.45 -2.21 -1.07
N GLY A 96 -5.60 -3.35 -1.72
CA GLY A 96 -6.25 -3.37 -3.02
C GLY A 96 -6.23 -4.73 -3.69
N LYS A 97 -6.47 -4.73 -5.01
CA LYS A 97 -6.48 -5.97 -5.79
C LYS A 97 -5.25 -6.81 -5.53
N GLU A 98 -5.40 -8.12 -5.62
CA GLU A 98 -4.29 -9.05 -5.39
C GLU A 98 -3.22 -8.91 -6.46
N ALA A 99 -2.23 -9.77 -6.41
CA ALA A 99 -1.13 -9.75 -7.37
C ALA A 99 -1.56 -10.34 -8.71
N LEU A 100 -0.91 -9.90 -9.78
CA LEU A 100 -1.21 -10.39 -11.12
C LEU A 100 -0.83 -11.85 -11.27
N GLN A 101 -0.87 -12.35 -12.50
CA GLN A 101 -0.54 -13.74 -12.78
C GLN A 101 0.00 -13.88 -14.20
N ILE A 102 1.31 -13.82 -14.34
CA ILE A 102 1.95 -13.92 -15.64
C ILE A 102 2.15 -15.37 -16.04
N LYS A 103 2.54 -16.18 -15.06
CA LYS A 103 2.78 -17.62 -15.26
C LYS A 103 3.53 -17.90 -16.56
N TYR A 104 3.67 -19.19 -16.89
CA TYR A 104 4.36 -19.61 -18.10
C TYR A 104 4.14 -21.11 -18.33
N ASN A 105 4.46 -21.91 -17.32
CA ASN A 105 4.29 -23.35 -17.40
C ASN A 105 3.63 -23.87 -16.14
N ALA A 106 3.63 -23.05 -15.10
CA ALA A 106 3.03 -23.41 -13.83
C ALA A 106 2.94 -22.19 -12.91
N SER A 107 3.98 -21.35 -12.96
CA SER A 107 4.04 -20.14 -12.15
C SER A 107 5.28 -19.32 -12.49
N PHE A 108 5.07 -18.15 -13.09
CA PHE A 108 6.18 -17.28 -13.47
C PHE A 108 6.42 -16.21 -12.42
N ARG A 109 5.62 -15.16 -12.46
CA ARG A 109 5.74 -14.07 -11.50
C ARG A 109 4.38 -13.49 -11.13
N TYR A 110 4.25 -13.04 -9.89
CA TYR A 110 3.00 -12.46 -9.41
C TYR A 110 3.25 -11.03 -8.92
N ILE A 111 3.51 -10.12 -9.86
CA ILE A 111 3.76 -8.72 -9.52
C ILE A 111 2.52 -8.06 -8.96
N TYR A 112 2.63 -6.77 -8.65
CA TYR A 112 1.50 -6.01 -8.11
C TYR A 112 1.28 -4.73 -8.90
N PRO A 113 0.00 -4.43 -9.23
CA PRO A 113 -0.36 -3.21 -9.98
C PRO A 113 -0.35 -1.96 -9.11
N LEU A 114 -0.49 -0.81 -9.75
CA LEU A 114 -0.50 0.46 -9.04
C LEU A 114 -1.36 1.49 -9.78
N ASP A 115 -2.55 1.74 -9.25
CA ASP A 115 -3.46 2.70 -9.86
C ASP A 115 -4.13 3.57 -8.80
N SER A 116 -5.26 4.19 -9.16
CA SER A 116 -5.98 5.05 -8.23
C SER A 116 -6.74 4.24 -7.19
N LEU A 117 -7.23 3.07 -7.58
CA LEU A 117 -7.98 2.22 -6.66
C LEU A 117 -7.07 1.67 -5.56
N THR A 118 -5.77 1.77 -5.78
CA THR A 118 -4.79 1.29 -4.81
C THR A 118 -4.75 2.18 -3.58
N TRP A 119 -5.19 1.64 -2.44
CA TRP A 119 -5.21 2.38 -1.19
C TRP A 119 -3.80 2.51 -0.61
N ILE A 120 -3.27 3.74 -0.65
CA ILE A 120 -1.93 3.99 -0.13
C ILE A 120 -1.95 5.08 0.93
N GLU A 121 -1.46 4.76 2.12
CA GLU A 121 -1.43 5.71 3.22
C GLU A 121 -0.01 5.86 3.78
N TYR A 122 0.30 7.05 4.28
CA TYR A 122 1.61 7.32 4.86
C TYR A 122 1.69 6.78 6.29
N TRP A 123 2.74 6.03 6.58
CA TRP A 123 2.92 5.46 7.90
C TRP A 123 4.09 6.16 8.63
N PRO A 124 3.78 7.21 9.39
CA PRO A 124 4.80 7.97 10.14
C PRO A 124 5.66 7.07 11.02
N ARG A 125 6.88 6.80 10.56
CA ARG A 125 7.79 5.95 11.30
C ARG A 125 8.38 6.71 12.50
N ASP A 126 8.38 8.04 12.41
CA ASP A 126 8.90 8.88 13.47
C ASP A 126 7.82 9.21 14.49
N THR A 127 8.17 9.15 15.77
CA THR A 127 7.23 9.44 16.84
C THR A 127 7.92 10.21 17.97
N THR A 128 9.16 10.62 17.75
CA THR A 128 9.92 11.35 18.75
C THR A 128 9.93 12.85 18.44
N CYS A 129 9.09 13.26 17.50
CA CYS A 129 9.01 14.67 17.12
C CYS A 129 7.74 15.31 17.66
N SER A 130 7.74 16.64 17.79
CA SER A 130 6.59 17.37 18.29
C SER A 130 5.38 17.18 17.39
N SER A 131 4.29 16.69 17.97
CA SER A 131 3.05 16.45 17.23
C SER A 131 3.32 15.71 15.93
N CYS A 132 3.65 14.42 16.04
CA CYS A 132 3.93 13.59 14.88
C CYS A 132 3.53 12.15 15.14
N GLN A 133 3.34 11.81 16.40
CA GLN A 133 2.95 10.46 16.79
C GLN A 133 1.44 10.36 16.98
N ALA A 134 0.76 11.48 16.79
CA ALA A 134 -0.70 11.52 16.95
C ALA A 134 -1.39 10.68 15.89
N PHE A 135 -0.73 10.50 14.75
CA PHE A 135 -1.28 9.70 13.66
C PHE A 135 -1.16 8.22 13.95
N LEU A 136 -0.12 7.85 14.69
CA LEU A 136 0.10 6.45 15.04
C LEU A 136 -0.87 6.00 16.12
N ALA A 137 -1.73 6.91 16.55
CA ALA A 137 -2.72 6.61 17.59
C ALA A 137 -3.95 5.95 16.98
N ASN A 138 -4.55 6.61 16.00
CA ASN A 138 -5.75 6.08 15.34
C ASN A 138 -5.43 4.75 14.65
N LEU A 139 -4.14 4.48 14.46
CA LEU A 139 -3.71 3.24 13.82
C LEU A 139 -3.81 2.07 14.79
N ASP A 140 -3.60 2.35 16.08
CA ASP A 140 -3.69 1.32 17.11
C ASP A 140 -5.10 0.76 17.20
N GLU A 141 -6.09 1.64 17.06
CA GLU A 141 -7.49 1.24 17.12
C GLU A 141 -7.90 0.51 15.84
N PHE A 142 -6.95 0.40 14.91
CA PHE A 142 -7.21 -0.27 13.64
C PHE A 142 -6.59 -1.66 13.62
N ALA A 143 -5.48 -1.82 14.34
CA ALA A 143 -4.78 -3.09 14.42
C ALA A 143 -5.69 -4.19 14.97
N GLU A 144 -5.87 -4.18 16.29
CA GLU A 144 -6.70 -5.18 16.96
C GLU A 144 -8.14 -5.13 16.45
N ASP A 145 -8.44 -4.15 15.61
CA ASP A 145 -9.78 -3.97 15.06
C ASP A 145 -10.09 -5.03 14.01
N ILE A 146 -9.09 -5.83 13.64
CA ILE A 146 -9.28 -6.87 12.63
C ILE A 146 -9.12 -8.27 13.23
N PHE A 147 -8.12 -8.45 14.08
CA PHE A 147 -7.88 -9.74 14.71
C PHE A 147 -9.00 -10.09 15.69
N LEU A 148 -9.39 -9.11 16.50
CA LEU A 148 -10.44 -9.31 17.49
C LEU A 148 -11.81 -9.33 16.83
N ASN A 149 -12.05 -8.37 15.95
CA ASN A 149 -13.32 -8.27 15.25
C ASN A 149 -13.43 -9.33 14.15
N GLY A 150 -12.67 -9.14 13.08
CA GLY A 150 -12.70 -10.10 11.98
C GLY A 150 -13.94 -9.95 11.12
N CYS A 151 -13.77 -9.43 9.91
CA CYS A 151 -14.89 -9.24 8.99
C CYS A 151 -15.20 -10.53 8.25
N GLY A 1 -1.89 18.71 -25.52
CA GLY A 1 -3.00 18.01 -26.22
C GLY A 1 -3.51 16.81 -25.46
N SER A 2 -2.95 16.59 -24.27
CA SER A 2 -3.35 15.46 -23.43
C SER A 2 -3.38 15.86 -21.97
N HIS A 3 -4.39 15.36 -21.25
CA HIS A 3 -4.54 15.67 -19.83
C HIS A 3 -3.96 14.55 -18.97
N MET A 4 -3.46 14.92 -17.79
CA MET A 4 -2.88 13.94 -16.88
C MET A 4 -3.93 13.41 -15.90
N ALA A 5 -3.69 12.22 -15.36
CA ALA A 5 -4.62 11.62 -14.42
C ALA A 5 -4.01 11.52 -13.03
N ASP A 6 -4.81 11.08 -12.07
CA ASP A 6 -4.34 10.96 -10.69
C ASP A 6 -3.94 9.51 -10.39
N CYS A 7 -3.29 8.87 -11.37
CA CYS A 7 -2.84 7.49 -11.21
C CYS A 7 -2.06 7.32 -9.91
N GLY A 8 -2.66 6.61 -8.96
CA GLY A 8 -2.01 6.38 -7.69
C GLY A 8 -2.16 7.57 -6.76
N GLN A 9 -3.34 8.18 -6.80
CA GLN A 9 -3.63 9.35 -5.97
C GLN A 9 -3.30 9.07 -4.51
N MET A 10 -2.19 9.61 -4.03
CA MET A 10 -1.76 9.41 -2.66
C MET A 10 -2.64 10.20 -1.70
N GLN A 11 -2.77 9.70 -0.47
CA GLN A 11 -3.60 10.36 0.54
C GLN A 11 -2.84 11.53 1.18
N GLU A 12 -3.57 12.35 1.92
CA GLU A 12 -2.99 13.50 2.59
C GLU A 12 -2.00 13.07 3.67
N GLU A 13 -1.28 14.04 4.23
CA GLU A 13 -0.31 13.77 5.28
C GLU A 13 -0.85 14.16 6.64
N LEU A 14 -0.80 13.23 7.59
CA LEU A 14 -1.28 13.48 8.94
C LEU A 14 -2.75 13.88 8.94
N ASP A 15 -3.46 13.53 7.86
CA ASP A 15 -4.87 13.85 7.74
C ASP A 15 -5.67 13.27 8.91
N LEU A 16 -6.06 14.14 9.83
CA LEU A 16 -6.83 13.72 11.00
C LEU A 16 -8.32 13.80 10.73
N THR A 17 -8.91 12.66 10.37
CA THR A 17 -10.34 12.59 10.08
C THR A 17 -10.79 11.15 9.86
N ILE A 18 -9.84 10.31 9.47
CA ILE A 18 -10.14 8.89 9.22
C ILE A 18 -9.84 8.05 10.45
N SER A 19 -10.85 7.35 10.94
CA SER A 19 -10.70 6.49 12.12
C SER A 19 -10.20 5.11 11.73
N ALA A 20 -10.10 4.22 12.71
CA ALA A 20 -9.63 2.86 12.46
C ALA A 20 -10.76 1.97 11.94
N GLU A 21 -11.94 2.56 11.78
CA GLU A 21 -13.10 1.83 11.29
C GLU A 21 -13.61 2.44 9.98
N THR A 22 -13.14 3.64 9.67
CA THR A 22 -13.54 4.33 8.45
C THR A 22 -12.73 3.87 7.25
N ARG A 23 -11.45 3.59 7.48
CA ARG A 23 -10.55 3.14 6.43
C ARG A 23 -10.62 1.62 6.26
N LYS A 24 -10.99 0.94 7.33
CA LYS A 24 -11.10 -0.52 7.30
C LYS A 24 -12.25 -0.97 6.40
N GLN A 25 -13.21 -0.08 6.19
CA GLN A 25 -14.35 -0.39 5.34
C GLN A 25 -13.88 -0.83 3.96
N THR A 26 -12.66 -0.45 3.61
CA THR A 26 -12.07 -0.80 2.33
C THR A 26 -11.30 -2.11 2.44
N ALA A 27 -10.75 -2.36 3.63
CA ALA A 27 -9.98 -3.58 3.87
C ALA A 27 -10.83 -4.82 3.64
N CYS A 28 -12.12 -4.72 3.94
CA CYS A 28 -13.05 -5.83 3.76
C CYS A 28 -13.90 -5.62 2.52
N LYS A 29 -13.59 -4.57 1.76
CA LYS A 29 -14.33 -4.25 0.54
C LYS A 29 -14.19 -5.39 -0.47
N PRO A 30 -15.31 -5.75 -1.14
CA PRO A 30 -15.32 -6.82 -2.15
C PRO A 30 -14.19 -6.70 -3.16
N GLU A 31 -14.09 -5.52 -3.78
CA GLU A 31 -13.05 -5.27 -4.79
C GLU A 31 -11.67 -5.45 -4.19
N ILE A 32 -11.54 -5.21 -2.89
CA ILE A 32 -10.26 -5.35 -2.21
C ILE A 32 -10.03 -6.78 -1.78
N ALA A 33 -8.77 -7.22 -1.84
CA ALA A 33 -8.41 -8.58 -1.46
C ALA A 33 -7.51 -8.61 -0.23
N TYR A 34 -6.30 -8.11 -0.39
CA TYR A 34 -5.34 -8.10 0.70
C TYR A 34 -5.37 -6.80 1.50
N ALA A 35 -4.89 -6.89 2.73
CA ALA A 35 -4.83 -5.74 3.63
C ALA A 35 -3.65 -5.90 4.58
N TYR A 36 -2.55 -5.23 4.27
CA TYR A 36 -1.35 -5.34 5.10
C TYR A 36 -0.49 -4.08 5.02
N LYS A 37 0.62 -4.09 5.76
CA LYS A 37 1.53 -2.96 5.79
C LYS A 37 2.90 -3.35 5.23
N VAL A 38 3.50 -2.43 4.48
CA VAL A 38 4.80 -2.69 3.86
C VAL A 38 5.71 -1.47 3.96
N SER A 39 6.94 -1.61 3.48
CA SER A 39 7.90 -0.52 3.50
C SER A 39 8.82 -0.58 2.28
N ILE A 40 8.95 0.55 1.60
CA ILE A 40 9.81 0.63 0.41
C ILE A 40 11.27 0.46 0.79
N THR A 41 11.97 -0.41 0.07
CA THR A 41 13.38 -0.66 0.33
C THR A 41 14.20 -0.65 -0.95
N SER A 42 13.52 -0.65 -2.10
CA SER A 42 14.19 -0.64 -3.38
C SER A 42 13.36 0.08 -4.44
N ILE A 43 14.02 0.88 -5.28
CA ILE A 43 13.34 1.62 -6.33
C ILE A 43 14.11 1.53 -7.65
N THR A 44 13.48 0.95 -8.66
CA THR A 44 14.11 0.79 -9.96
C THR A 44 13.57 1.81 -10.96
N VAL A 45 14.34 2.85 -11.22
CA VAL A 45 13.94 3.89 -12.17
C VAL A 45 14.70 3.76 -13.48
N GLU A 46 13.98 3.70 -14.59
CA GLU A 46 14.59 3.57 -15.90
C GLU A 46 14.34 4.81 -16.75
N ASN A 47 13.08 5.01 -17.14
CA ASN A 47 12.69 6.16 -17.94
C ASN A 47 11.19 6.33 -17.96
N VAL A 48 10.48 5.34 -18.48
CA VAL A 48 9.03 5.38 -18.55
C VAL A 48 8.39 4.42 -17.54
N PHE A 49 8.87 3.18 -17.53
CA PHE A 49 8.35 2.17 -16.61
C PHE A 49 9.22 2.09 -15.36
N VAL A 50 8.63 2.47 -14.22
CA VAL A 50 9.36 2.42 -12.96
C VAL A 50 8.72 1.41 -12.02
N LYS A 51 9.56 0.67 -11.29
CA LYS A 51 9.08 -0.35 -10.36
C LYS A 51 9.53 -0.05 -8.94
N TYR A 52 8.84 -0.64 -7.97
CA TYR A 52 9.18 -0.43 -6.56
C TYR A 52 9.18 -1.76 -5.81
N LYS A 53 10.38 -2.21 -5.43
CA LYS A 53 10.51 -3.46 -4.69
C LYS A 53 10.41 -3.20 -3.19
N ALA A 54 9.23 -3.44 -2.63
CA ALA A 54 8.99 -3.21 -1.21
C ALA A 54 8.92 -4.53 -0.43
N THR A 55 8.92 -4.41 0.89
CA THR A 55 8.86 -5.58 1.76
C THR A 55 7.58 -5.58 2.57
N LEU A 56 6.88 -6.71 2.55
CA LEU A 56 5.62 -6.85 3.29
C LEU A 56 5.89 -6.97 4.79
N LEU A 57 5.81 -5.84 5.49
CA LEU A 57 6.07 -5.81 6.94
C LEU A 57 5.27 -6.89 7.66
N ASP A 58 3.97 -6.95 7.40
CA ASP A 58 3.11 -7.93 8.04
C ASP A 58 1.76 -8.02 7.34
N ILE A 59 1.12 -9.18 7.41
CA ILE A 59 -0.18 -9.39 6.77
C ILE A 59 -1.33 -9.27 7.77
N TYR A 60 -2.26 -8.36 7.49
CA TYR A 60 -3.43 -8.18 8.34
C TYR A 60 -4.61 -8.90 7.72
N LYS A 61 -4.50 -9.15 6.43
CA LYS A 61 -5.53 -9.86 5.67
C LYS A 61 -4.90 -10.53 4.45
N THR A 62 -5.06 -11.83 4.34
CA THR A 62 -4.50 -12.60 3.24
C THR A 62 -4.72 -11.91 1.89
N GLY A 63 -3.85 -12.23 0.94
CA GLY A 63 -3.95 -11.64 -0.39
C GLY A 63 -4.74 -12.48 -1.36
N GLU A 64 -5.25 -13.62 -0.88
CA GLU A 64 -6.04 -14.52 -1.73
C GLU A 64 -5.23 -14.97 -2.94
N ALA A 65 -3.94 -14.63 -2.91
CA ALA A 65 -3.03 -14.99 -4.00
C ALA A 65 -1.61 -15.11 -3.48
N VAL A 66 -1.37 -16.16 -2.70
CA VAL A 66 -0.06 -16.41 -2.12
C VAL A 66 0.41 -15.21 -1.28
N ALA A 67 -0.08 -15.13 -0.04
CA ALA A 67 0.30 -14.06 0.86
C ALA A 67 1.17 -14.60 1.97
N GLU A 68 2.35 -14.01 2.14
CA GLU A 68 3.29 -14.46 3.17
C GLU A 68 3.88 -13.29 3.93
N LYS A 69 4.15 -13.50 5.22
CA LYS A 69 4.73 -12.46 6.05
C LYS A 69 6.11 -12.08 5.52
N ASP A 70 6.45 -10.80 5.62
CA ASP A 70 7.74 -10.31 5.16
C ASP A 70 8.07 -10.84 3.77
N SER A 71 7.03 -11.04 2.97
CA SER A 71 7.19 -11.54 1.60
C SER A 71 7.82 -10.48 0.71
N GLU A 72 7.75 -10.71 -0.60
CA GLU A 72 8.30 -9.78 -1.57
C GLU A 72 7.21 -9.28 -2.51
N ILE A 73 7.21 -7.98 -2.78
CA ILE A 73 6.20 -7.38 -3.65
C ILE A 73 6.80 -6.34 -4.58
N THR A 74 6.27 -6.26 -5.80
CA THR A 74 6.74 -5.30 -6.79
C THR A 74 5.59 -4.45 -7.30
N PHE A 75 5.83 -3.15 -7.45
CA PHE A 75 4.80 -2.24 -7.94
C PHE A 75 5.26 -1.49 -9.18
N ILE A 76 4.51 -1.67 -10.26
CA ILE A 76 4.81 -1.04 -11.52
C ILE A 76 4.13 0.33 -11.62
N LYS A 77 4.72 1.23 -12.39
CA LYS A 77 4.16 2.57 -12.57
C LYS A 77 4.44 3.09 -13.99
N LYS A 78 3.49 3.88 -14.50
CA LYS A 78 3.62 4.45 -15.84
C LYS A 78 4.09 5.91 -15.76
N VAL A 79 4.26 6.53 -16.92
CA VAL A 79 4.68 7.92 -16.97
C VAL A 79 3.54 8.87 -16.59
N THR A 80 2.31 8.39 -16.71
CA THR A 80 1.15 9.20 -16.38
C THR A 80 1.01 9.38 -14.87
N CYS A 81 1.32 8.34 -14.13
CA CYS A 81 1.23 8.37 -12.68
C CYS A 81 2.28 9.32 -12.09
N THR A 82 1.93 10.59 -12.01
CA THR A 82 2.84 11.60 -11.47
C THR A 82 2.50 11.93 -10.02
N ASN A 83 1.20 11.87 -9.71
CA ASN A 83 0.73 12.15 -8.36
C ASN A 83 1.17 11.06 -7.39
N ALA A 84 1.50 9.89 -7.94
CA ALA A 84 1.94 8.76 -7.11
C ALA A 84 3.46 8.77 -6.95
N GLU A 85 3.91 8.72 -5.70
CA GLU A 85 5.34 8.71 -5.41
C GLU A 85 5.60 8.19 -4.00
N LEU A 86 6.61 7.33 -3.86
CA LEU A 86 6.96 6.76 -2.58
C LEU A 86 8.39 7.11 -2.19
N VAL A 87 8.76 6.82 -0.96
CA VAL A 87 10.11 7.11 -0.46
C VAL A 87 10.78 5.84 0.07
N LYS A 88 12.07 5.71 -0.21
CA LYS A 88 12.83 4.55 0.24
C LYS A 88 13.14 4.64 1.73
N GLY A 89 12.51 3.78 2.52
CA GLY A 89 12.73 3.79 3.96
C GLY A 89 11.46 3.97 4.75
N ARG A 90 10.54 4.78 4.21
CA ARG A 90 9.28 5.04 4.89
C ARG A 90 8.34 3.84 4.77
N GLN A 91 7.26 3.88 5.56
CA GLN A 91 6.28 2.80 5.56
C GLN A 91 4.96 3.28 4.97
N TYR A 92 4.26 2.39 4.26
CA TYR A 92 2.99 2.73 3.65
C TYR A 92 2.00 1.58 3.74
N LEU A 93 0.73 1.89 3.97
CA LEU A 93 -0.31 0.88 4.06
C LEU A 93 -0.88 0.59 2.68
N ILE A 94 -1.02 -0.69 2.35
CA ILE A 94 -1.53 -1.08 1.04
C ILE A 94 -2.65 -2.12 1.15
N MET A 95 -3.76 -1.85 0.46
CA MET A 95 -4.90 -2.76 0.45
C MET A 95 -5.57 -2.72 -0.92
N GLY A 96 -5.80 -3.90 -1.51
CA GLY A 96 -6.42 -3.95 -2.82
C GLY A 96 -6.63 -5.37 -3.31
N LYS A 97 -7.29 -5.48 -4.47
CA LYS A 97 -7.56 -6.79 -5.08
C LYS A 97 -6.29 -7.62 -5.20
N GLU A 98 -6.46 -8.92 -5.45
CA GLU A 98 -5.33 -9.82 -5.59
C GLU A 98 -4.43 -9.39 -6.74
N ALA A 99 -3.16 -9.76 -6.65
CA ALA A 99 -2.19 -9.41 -7.69
C ALA A 99 -2.58 -9.99 -9.03
N LEU A 100 -1.90 -9.55 -10.09
CA LEU A 100 -2.18 -10.04 -11.44
C LEU A 100 -1.93 -11.54 -11.54
N GLN A 101 -2.10 -12.07 -12.74
CA GLN A 101 -1.90 -13.50 -12.98
C GLN A 101 -1.60 -13.76 -14.46
N ILE A 102 -0.33 -13.79 -14.80
CA ILE A 102 0.08 -14.01 -16.18
C ILE A 102 0.24 -15.49 -16.48
N LYS A 103 0.59 -16.26 -15.45
CA LYS A 103 0.76 -17.70 -15.59
C LYS A 103 0.32 -18.44 -14.33
N TYR A 104 0.52 -19.75 -14.32
CA TYR A 104 0.14 -20.56 -13.16
C TYR A 104 1.31 -20.71 -12.19
N ASN A 105 2.32 -21.45 -12.60
CA ASN A 105 3.50 -21.68 -11.75
C ASN A 105 4.78 -21.65 -12.58
N ALA A 106 4.68 -22.14 -13.81
CA ALA A 106 5.84 -22.20 -14.72
C ALA A 106 6.47 -20.83 -14.89
N SER A 107 5.65 -19.77 -14.85
CA SER A 107 6.15 -18.42 -15.03
C SER A 107 5.16 -17.39 -14.48
N PHE A 108 4.44 -17.76 -13.42
CA PHE A 108 3.47 -16.87 -12.81
C PHE A 108 4.12 -15.57 -12.36
N ARG A 109 3.45 -14.44 -12.61
CA ARG A 109 3.97 -13.14 -12.21
C ARG A 109 2.92 -12.34 -11.47
N TYR A 110 2.78 -12.60 -10.17
CA TYR A 110 1.82 -11.88 -9.34
C TYR A 110 2.35 -10.51 -8.95
N ILE A 111 2.31 -9.57 -9.89
CA ILE A 111 2.79 -8.21 -9.64
C ILE A 111 1.66 -7.33 -9.10
N TYR A 112 1.99 -6.11 -8.70
CA TYR A 112 1.00 -5.19 -8.16
C TYR A 112 1.06 -3.84 -8.86
N PRO A 113 -0.11 -3.32 -9.30
CA PRO A 113 -0.19 -2.02 -9.98
C PRO A 113 -0.03 -0.85 -9.00
N LEU A 114 -0.08 0.36 -9.54
CA LEU A 114 0.05 1.57 -8.72
C LEU A 114 -1.02 2.59 -9.07
N ASP A 115 -2.13 2.12 -9.63
CA ASP A 115 -3.23 2.99 -10.02
C ASP A 115 -3.89 3.60 -8.78
N SER A 116 -4.97 4.34 -9.00
CA SER A 116 -5.69 5.00 -7.92
C SER A 116 -6.46 3.98 -7.07
N LEU A 117 -6.69 2.80 -7.65
CA LEU A 117 -7.41 1.74 -6.95
C LEU A 117 -6.63 1.28 -5.73
N THR A 118 -5.35 1.00 -5.93
CA THR A 118 -4.49 0.54 -4.85
C THR A 118 -4.53 1.48 -3.65
N TRP A 119 -5.28 1.09 -2.63
CA TRP A 119 -5.41 1.89 -1.41
C TRP A 119 -4.06 2.03 -0.72
N ILE A 120 -3.46 3.22 -0.83
CA ILE A 120 -2.17 3.48 -0.21
C ILE A 120 -2.22 4.69 0.72
N GLU A 121 -1.60 4.56 1.88
CA GLU A 121 -1.57 5.64 2.87
C GLU A 121 -0.17 5.79 3.45
N TYR A 122 0.12 7.00 3.95
CA TYR A 122 1.43 7.29 4.52
C TYR A 122 1.46 6.90 6.00
N TRP A 123 2.31 5.92 6.32
CA TRP A 123 2.45 5.46 7.70
C TRP A 123 3.68 6.10 8.34
N PRO A 124 3.47 7.12 9.21
CA PRO A 124 4.56 7.81 9.88
C PRO A 124 5.53 6.85 10.56
N ARG A 125 6.65 6.57 9.90
CA ARG A 125 7.66 5.67 10.44
C ARG A 125 8.21 6.19 11.77
N ASP A 126 8.12 7.51 11.96
CA ASP A 126 8.61 8.14 13.18
C ASP A 126 7.45 8.63 14.04
N THR A 127 7.45 8.24 15.31
CA THR A 127 6.41 8.65 16.24
C THR A 127 6.82 9.90 17.01
N THR A 128 8.14 10.11 17.11
CA THR A 128 8.71 11.26 17.81
C THR A 128 8.57 11.14 19.33
N CYS A 129 7.44 10.61 19.79
CA CYS A 129 7.20 10.45 21.21
C CYS A 129 6.44 9.15 21.51
N SER A 130 6.21 8.89 22.79
CA SER A 130 5.49 7.68 23.19
C SER A 130 4.12 8.05 23.76
N SER A 131 4.00 9.27 24.27
CA SER A 131 2.73 9.74 24.82
C SER A 131 1.94 10.54 23.80
N CYS A 132 2.66 11.14 22.85
CA CYS A 132 2.02 11.93 21.79
C CYS A 132 2.51 11.50 20.42
N GLN A 133 1.56 11.22 19.53
CA GLN A 133 1.87 10.78 18.18
C GLN A 133 1.41 11.81 17.15
N ALA A 134 0.36 11.47 16.42
CA ALA A 134 -0.21 12.34 15.38
C ALA A 134 -1.15 11.54 14.51
N PHE A 135 -0.57 10.73 13.64
CA PHE A 135 -1.34 9.87 12.75
C PHE A 135 -1.18 8.42 13.21
N LEU A 136 -0.30 8.25 14.19
CA LEU A 136 0.00 6.94 14.77
C LEU A 136 -1.11 6.51 15.73
N ALA A 137 -2.07 7.40 15.97
CA ALA A 137 -3.17 7.11 16.87
C ALA A 137 -4.24 6.26 16.18
N ASN A 138 -4.49 6.58 14.91
CA ASN A 138 -5.50 5.84 14.13
C ASN A 138 -4.88 4.60 13.49
N LEU A 139 -3.57 4.47 13.61
CA LEU A 139 -2.87 3.32 13.04
C LEU A 139 -2.71 2.20 14.07
N ASP A 140 -2.61 2.60 15.35
CA ASP A 140 -2.46 1.63 16.42
C ASP A 140 -3.75 0.87 16.66
N GLU A 141 -4.87 1.59 16.67
CA GLU A 141 -6.18 0.99 16.89
C GLU A 141 -6.55 0.08 15.73
N PHE A 142 -6.22 0.52 14.51
CA PHE A 142 -6.52 -0.25 13.31
C PHE A 142 -5.73 -1.56 13.29
N ALA A 143 -4.62 -1.59 14.02
CA ALA A 143 -3.78 -2.77 14.08
C ALA A 143 -4.43 -3.89 14.88
N GLU A 144 -4.74 -3.61 16.14
CA GLU A 144 -5.36 -4.58 17.02
C GLU A 144 -6.78 -4.91 16.57
N ASP A 145 -7.44 -3.93 15.99
CA ASP A 145 -8.82 -4.11 15.52
C ASP A 145 -8.92 -5.25 14.51
N ILE A 146 -8.29 -5.09 13.35
CA ILE A 146 -8.32 -6.11 12.31
C ILE A 146 -7.70 -7.42 12.79
N PHE A 147 -6.70 -7.32 13.66
CA PHE A 147 -6.01 -8.49 14.19
C PHE A 147 -6.91 -9.26 15.17
N LEU A 148 -7.69 -8.53 15.95
CA LEU A 148 -8.57 -9.14 16.93
C LEU A 148 -9.99 -9.28 16.40
N ASN A 149 -10.67 -8.15 16.24
CA ASN A 149 -12.03 -8.13 15.75
C ASN A 149 -12.13 -8.77 14.37
N GLY A 150 -11.60 -8.07 13.36
CA GLY A 150 -11.64 -8.59 12.00
C GLY A 150 -13.02 -8.50 11.39
N CYS A 151 -13.07 -8.32 10.06
CA CYS A 151 -14.34 -8.21 9.36
C CYS A 151 -15.09 -9.54 9.39
N GLY A 1 1.11 22.45 -16.52
CA GLY A 1 0.06 22.24 -15.46
C GLY A 1 0.61 21.51 -14.26
N SER A 2 -0.23 21.38 -13.23
CA SER A 2 0.17 20.69 -12.00
C SER A 2 -0.75 19.51 -11.72
N HIS A 3 -1.82 19.38 -12.51
CA HIS A 3 -2.77 18.29 -12.34
C HIS A 3 -3.36 17.88 -13.68
N MET A 4 -3.07 16.66 -14.11
CA MET A 4 -3.58 16.14 -15.37
C MET A 4 -4.09 14.71 -15.21
N ALA A 5 -3.42 13.94 -14.36
CA ALA A 5 -3.80 12.55 -14.10
C ALA A 5 -3.55 12.18 -12.65
N ASP A 6 -4.45 11.38 -12.07
CA ASP A 6 -4.32 10.97 -10.68
C ASP A 6 -3.44 9.73 -10.56
N CYS A 7 -3.25 9.01 -11.67
CA CYS A 7 -2.44 7.79 -11.66
C CYS A 7 -2.68 7.03 -10.37
N GLY A 8 -1.63 6.46 -9.80
CA GLY A 8 -1.78 5.75 -8.55
C GLY A 8 -2.14 6.68 -7.42
N GLN A 9 -3.40 7.10 -7.40
CA GLN A 9 -3.91 8.02 -6.39
C GLN A 9 -3.53 7.56 -4.98
N MET A 10 -2.92 8.46 -4.21
CA MET A 10 -2.52 8.15 -2.85
C MET A 10 -2.94 9.26 -1.89
N GLN A 11 -3.50 8.86 -0.75
CA GLN A 11 -3.96 9.82 0.25
C GLN A 11 -2.78 10.58 0.85
N GLU A 12 -3.08 11.56 1.69
CA GLU A 12 -2.05 12.37 2.33
C GLU A 12 -1.25 11.54 3.33
N GLU A 13 -0.32 12.19 4.01
CA GLU A 13 0.51 11.52 5.00
C GLU A 13 -0.13 11.58 6.38
N LEU A 14 -0.03 12.74 7.02
CA LEU A 14 -0.58 12.94 8.35
C LEU A 14 -2.05 13.35 8.28
N ASP A 15 -2.74 12.86 7.25
CA ASP A 15 -4.16 13.17 7.07
C ASP A 15 -4.98 12.73 8.28
N LEU A 16 -5.40 13.69 9.09
CA LEU A 16 -6.18 13.40 10.28
C LEU A 16 -7.66 13.74 10.06
N THR A 17 -8.44 12.73 9.69
CA THR A 17 -9.87 12.92 9.46
C THR A 17 -10.56 11.59 9.21
N ILE A 18 -9.78 10.57 8.91
CA ILE A 18 -10.32 9.24 8.64
C ILE A 18 -10.57 8.48 9.95
N SER A 19 -11.71 7.79 10.02
CA SER A 19 -12.06 7.03 11.22
C SER A 19 -11.37 5.67 11.21
N ALA A 20 -11.38 5.01 12.36
CA ALA A 20 -10.75 3.70 12.50
C ALA A 20 -11.64 2.60 11.92
N GLU A 21 -12.91 2.92 11.74
CA GLU A 21 -13.87 1.96 11.19
C GLU A 21 -13.96 2.08 9.68
N THR A 22 -14.15 3.32 9.20
CA THR A 22 -14.26 3.57 7.78
C THR A 22 -13.01 3.09 7.03
N ARG A 23 -11.86 3.18 7.69
CA ARG A 23 -10.60 2.76 7.11
C ARG A 23 -10.50 1.23 7.09
N LYS A 24 -11.22 0.58 8.01
CA LYS A 24 -11.21 -0.87 8.09
C LYS A 24 -12.19 -1.47 7.10
N GLN A 25 -13.27 -0.75 6.82
CA GLN A 25 -14.27 -1.22 5.87
C GLN A 25 -13.65 -1.50 4.51
N THR A 26 -12.46 -0.97 4.29
CA THR A 26 -11.75 -1.17 3.04
C THR A 26 -10.92 -2.44 3.07
N ALA A 27 -10.36 -2.75 4.24
CA ALA A 27 -9.55 -3.95 4.42
C ALA A 27 -10.35 -5.21 4.10
N CYS A 28 -11.67 -5.12 4.27
CA CYS A 28 -12.56 -6.24 4.00
C CYS A 28 -13.51 -5.92 2.86
N LYS A 29 -13.31 -4.75 2.24
CA LYS A 29 -14.14 -4.32 1.13
C LYS A 29 -14.02 -5.29 -0.04
N PRO A 30 -15.13 -5.55 -0.75
CA PRO A 30 -15.15 -6.47 -1.90
C PRO A 30 -14.05 -6.16 -2.92
N GLU A 31 -13.95 -4.88 -3.30
CA GLU A 31 -12.95 -4.46 -4.28
C GLU A 31 -11.53 -4.59 -3.73
N ILE A 32 -11.42 -4.93 -2.45
CA ILE A 32 -10.12 -5.09 -1.80
C ILE A 32 -9.88 -6.55 -1.42
N ALA A 33 -8.73 -7.09 -1.81
CA ALA A 33 -8.39 -8.47 -1.51
C ALA A 33 -7.54 -8.56 -0.26
N TYR A 34 -6.35 -7.98 -0.32
CA TYR A 34 -5.42 -8.02 0.80
C TYR A 34 -5.39 -6.70 1.57
N ALA A 35 -4.91 -6.78 2.80
CA ALA A 35 -4.80 -5.61 3.68
C ALA A 35 -3.63 -5.80 4.63
N TYR A 36 -2.46 -5.28 4.23
CA TYR A 36 -1.26 -5.41 5.06
C TYR A 36 -0.39 -4.16 5.00
N LYS A 37 0.75 -4.22 5.70
CA LYS A 37 1.68 -3.10 5.75
C LYS A 37 3.04 -3.51 5.19
N VAL A 38 3.59 -2.70 4.30
CA VAL A 38 4.88 -2.98 3.69
C VAL A 38 5.81 -1.76 3.78
N SER A 39 6.99 -1.88 3.18
CA SER A 39 7.96 -0.80 3.17
C SER A 39 8.85 -0.85 1.94
N ILE A 40 9.08 0.30 1.32
CA ILE A 40 9.91 0.38 0.12
C ILE A 40 11.37 0.18 0.48
N THR A 41 12.03 -0.76 -0.21
CA THR A 41 13.43 -1.04 0.04
C THR A 41 14.28 -0.78 -1.20
N SER A 42 13.68 -0.94 -2.37
CA SER A 42 14.40 -0.72 -3.63
C SER A 42 13.51 -0.04 -4.66
N ILE A 43 14.15 0.65 -5.60
CA ILE A 43 13.42 1.36 -6.65
C ILE A 43 14.17 1.29 -7.97
N THR A 44 13.57 0.64 -8.97
CA THR A 44 14.18 0.50 -10.27
C THR A 44 13.48 1.38 -11.30
N VAL A 45 14.25 2.27 -11.93
CA VAL A 45 13.71 3.18 -12.94
C VAL A 45 14.26 2.85 -14.32
N GLU A 46 13.37 2.60 -15.27
CA GLU A 46 13.77 2.27 -16.63
C GLU A 46 13.58 3.47 -17.56
N ASN A 47 12.33 3.69 -17.99
CA ASN A 47 12.02 4.79 -18.89
C ASN A 47 10.61 5.32 -18.63
N VAL A 48 9.61 4.54 -19.03
CA VAL A 48 8.22 4.93 -18.83
C VAL A 48 7.60 4.17 -17.66
N PHE A 49 7.92 2.89 -17.55
CA PHE A 49 7.40 2.06 -16.48
C PHE A 49 8.43 1.92 -15.36
N VAL A 50 8.07 2.40 -14.18
CA VAL A 50 8.96 2.33 -13.02
C VAL A 50 8.56 1.21 -12.08
N LYS A 51 9.54 0.43 -11.63
CA LYS A 51 9.29 -0.69 -10.73
C LYS A 51 9.60 -0.29 -9.29
N TYR A 52 8.94 -0.94 -8.34
CA TYR A 52 9.14 -0.66 -6.93
C TYR A 52 9.14 -1.94 -6.10
N LYS A 53 10.31 -2.27 -5.53
CA LYS A 53 10.43 -3.47 -4.71
C LYS A 53 10.24 -3.14 -3.24
N ALA A 54 9.21 -3.73 -2.63
CA ALA A 54 8.92 -3.49 -1.23
C ALA A 54 8.72 -4.79 -0.45
N THR A 55 9.08 -4.76 0.82
CA THR A 55 8.95 -5.93 1.69
C THR A 55 7.68 -5.85 2.54
N LEU A 56 6.99 -6.98 2.65
CA LEU A 56 5.77 -7.04 3.44
C LEU A 56 6.10 -7.20 4.92
N LEU A 57 6.03 -6.11 5.68
CA LEU A 57 6.35 -6.15 7.10
C LEU A 57 5.44 -7.10 7.85
N ASP A 58 4.15 -7.06 7.54
CA ASP A 58 3.19 -7.93 8.21
C ASP A 58 1.85 -7.94 7.49
N ILE A 59 1.06 -8.98 7.71
CA ILE A 59 -0.24 -9.12 7.07
C ILE A 59 -1.39 -8.94 8.07
N TYR A 60 -2.35 -8.09 7.70
CA TYR A 60 -3.52 -7.85 8.53
C TYR A 60 -4.72 -8.55 7.91
N LYS A 61 -4.57 -8.90 6.63
CA LYS A 61 -5.61 -9.59 5.87
C LYS A 61 -4.97 -10.33 4.70
N THR A 62 -4.97 -11.65 4.78
CA THR A 62 -4.38 -12.49 3.73
C THR A 62 -4.72 -11.99 2.33
N GLY A 63 -3.78 -12.17 1.41
CA GLY A 63 -3.96 -11.74 0.04
C GLY A 63 -4.26 -12.90 -0.89
N GLU A 64 -5.23 -12.71 -1.78
CA GLU A 64 -5.62 -13.74 -2.73
C GLU A 64 -4.50 -13.98 -3.73
N ALA A 65 -3.69 -12.95 -3.97
CA ALA A 65 -2.58 -13.05 -4.90
C ALA A 65 -1.33 -13.57 -4.19
N VAL A 66 -1.53 -14.60 -3.37
CA VAL A 66 -0.44 -15.21 -2.62
C VAL A 66 0.26 -14.17 -1.74
N ALA A 67 -0.27 -14.00 -0.52
CA ALA A 67 0.30 -13.05 0.43
C ALA A 67 0.79 -13.76 1.67
N GLU A 68 2.06 -13.58 2.00
CA GLU A 68 2.65 -14.22 3.18
C GLU A 68 3.47 -13.23 4.00
N LYS A 69 3.54 -13.48 5.30
CA LYS A 69 4.28 -12.61 6.21
C LYS A 69 5.72 -12.43 5.72
N ASP A 70 6.12 -11.18 5.49
CA ASP A 70 7.46 -10.87 5.03
C ASP A 70 7.73 -11.54 3.68
N SER A 71 7.00 -11.09 2.66
CA SER A 71 7.14 -11.63 1.32
C SER A 71 7.80 -10.61 0.39
N GLU A 72 7.74 -10.88 -0.91
CA GLU A 72 8.33 -9.99 -1.90
C GLU A 72 7.29 -9.57 -2.93
N ILE A 73 6.99 -8.28 -2.98
CA ILE A 73 6.00 -7.75 -3.92
C ILE A 73 6.58 -6.60 -4.75
N THR A 74 6.20 -6.57 -6.03
CA THR A 74 6.68 -5.54 -6.93
C THR A 74 5.51 -4.68 -7.43
N PHE A 75 5.75 -3.37 -7.53
CA PHE A 75 4.72 -2.44 -7.98
C PHE A 75 5.25 -1.59 -9.13
N ILE A 76 4.55 -1.64 -10.27
CA ILE A 76 4.93 -0.88 -11.44
C ILE A 76 3.86 0.14 -11.80
N LYS A 77 4.29 1.32 -12.26
CA LYS A 77 3.36 2.37 -12.64
C LYS A 77 3.96 3.27 -13.72
N LYS A 78 3.23 4.32 -14.07
CA LYS A 78 3.69 5.26 -15.10
C LYS A 78 4.56 6.35 -14.47
N VAL A 79 5.42 6.94 -15.30
CA VAL A 79 6.31 8.00 -14.84
C VAL A 79 5.62 9.36 -14.89
N THR A 80 4.50 9.42 -15.61
CA THR A 80 3.74 10.66 -15.74
C THR A 80 2.84 10.89 -14.53
N CYS A 81 3.02 10.07 -13.50
CA CYS A 81 2.23 10.19 -12.28
C CYS A 81 2.49 11.54 -11.60
N THR A 82 1.42 12.30 -11.39
CA THR A 82 1.54 13.62 -10.76
C THR A 82 0.85 13.65 -9.39
N ASN A 83 1.30 12.80 -8.48
CA ASN A 83 0.74 12.73 -7.13
C ASN A 83 1.39 11.62 -6.32
N ALA A 84 1.79 10.55 -6.98
CA ALA A 84 2.41 9.42 -6.31
C ALA A 84 3.91 9.37 -6.56
N GLU A 85 4.68 9.29 -5.47
CA GLU A 85 6.14 9.23 -5.56
C GLU A 85 6.71 8.34 -4.46
N LEU A 86 6.75 7.03 -4.73
CA LEU A 86 7.27 6.07 -3.78
C LEU A 86 8.68 6.43 -3.33
N VAL A 87 8.86 6.60 -2.02
CA VAL A 87 10.16 6.94 -1.47
C VAL A 87 10.84 5.72 -0.86
N LYS A 88 12.12 5.54 -1.17
CA LYS A 88 12.88 4.40 -0.66
C LYS A 88 13.27 4.62 0.80
N GLY A 89 12.95 3.65 1.65
CA GLY A 89 13.28 3.76 3.06
C GLY A 89 12.08 4.16 3.91
N ARG A 90 10.94 4.33 3.26
CA ARG A 90 9.72 4.72 3.97
C ARG A 90 8.74 3.56 4.08
N GLN A 91 7.76 3.70 4.96
CA GLN A 91 6.75 2.66 5.17
C GLN A 91 5.39 3.14 4.70
N TYR A 92 4.66 2.26 4.01
CA TYR A 92 3.34 2.59 3.50
C TYR A 92 2.34 1.46 3.73
N LEU A 93 1.08 1.83 3.95
CA LEU A 93 0.03 0.85 4.18
C LEU A 93 -0.70 0.55 2.86
N ILE A 94 -0.76 -0.72 2.50
CA ILE A 94 -1.41 -1.12 1.25
C ILE A 94 -2.68 -1.93 1.51
N MET A 95 -3.77 -1.51 0.88
CA MET A 95 -5.06 -2.19 1.01
C MET A 95 -5.83 -2.12 -0.30
N GLY A 96 -5.95 -3.26 -0.98
CA GLY A 96 -6.67 -3.28 -2.24
C GLY A 96 -6.78 -4.66 -2.85
N LYS A 97 -7.39 -4.72 -4.03
CA LYS A 97 -7.58 -5.98 -4.74
C LYS A 97 -6.24 -6.67 -5.01
N GLU A 98 -6.29 -7.96 -5.29
CA GLU A 98 -5.10 -8.74 -5.56
C GLU A 98 -4.43 -8.28 -6.86
N ALA A 99 -3.33 -8.94 -7.22
CA ALA A 99 -2.60 -8.59 -8.43
C ALA A 99 -2.95 -9.56 -9.57
N LEU A 100 -2.60 -9.17 -10.79
CA LEU A 100 -2.88 -10.00 -11.96
C LEU A 100 -1.63 -10.15 -12.82
N GLN A 101 -1.42 -11.36 -13.33
CA GLN A 101 -0.26 -11.64 -14.17
C GLN A 101 -0.41 -12.98 -14.88
N ILE A 102 0.15 -14.02 -14.27
CA ILE A 102 0.09 -15.38 -14.82
C ILE A 102 0.16 -15.35 -16.34
N LYS A 103 1.08 -14.52 -16.86
CA LYS A 103 1.25 -14.38 -18.30
C LYS A 103 1.23 -15.73 -19.02
N TYR A 104 2.38 -16.38 -19.05
CA TYR A 104 2.50 -17.68 -19.71
C TYR A 104 2.18 -18.82 -18.73
N ASN A 105 1.71 -19.93 -19.27
CA ASN A 105 1.36 -21.09 -18.44
C ASN A 105 0.29 -20.73 -17.42
N ALA A 106 -0.12 -21.70 -16.62
CA ALA A 106 -1.14 -21.47 -15.60
C ALA A 106 -0.67 -20.43 -14.58
N SER A 107 0.63 -20.17 -14.57
CA SER A 107 1.21 -19.20 -13.64
C SER A 107 2.60 -18.77 -14.10
N PHE A 108 2.69 -17.55 -14.62
CA PHE A 108 3.97 -17.02 -15.08
C PHE A 108 4.67 -16.24 -13.98
N ARG A 109 4.11 -15.08 -13.64
CA ARG A 109 4.69 -14.25 -12.60
C ARG A 109 3.57 -13.59 -11.79
N TYR A 110 3.83 -12.41 -11.25
CA TYR A 110 2.84 -11.67 -10.46
C TYR A 110 3.35 -10.29 -10.08
N ILE A 111 3.01 -9.31 -10.90
CA ILE A 111 3.42 -7.93 -10.63
C ILE A 111 2.21 -7.04 -10.39
N TYR A 112 2.20 -6.39 -9.23
CA TYR A 112 1.10 -5.51 -8.86
C TYR A 112 1.06 -4.26 -9.73
N PRO A 113 -0.07 -4.03 -10.44
CA PRO A 113 -0.22 -2.87 -11.33
C PRO A 113 -0.22 -1.55 -10.58
N LEU A 114 -0.58 -1.60 -9.30
CA LEU A 114 -0.63 -0.41 -8.46
C LEU A 114 -1.45 0.69 -9.12
N ASP A 115 -2.77 0.65 -8.91
CA ASP A 115 -3.67 1.64 -9.49
C ASP A 115 -4.20 2.60 -8.42
N SER A 116 -5.07 3.51 -8.83
CA SER A 116 -5.66 4.47 -7.90
C SER A 116 -6.58 3.78 -6.92
N LEU A 117 -6.90 2.52 -7.19
CA LEU A 117 -7.77 1.75 -6.31
C LEU A 117 -7.02 1.28 -5.08
N THR A 118 -5.73 0.98 -5.26
CA THR A 118 -4.89 0.52 -4.16
C THR A 118 -4.82 1.55 -3.05
N TRP A 119 -5.63 1.36 -2.01
CA TRP A 119 -5.66 2.28 -0.88
C TRP A 119 -4.28 2.38 -0.23
N ILE A 120 -3.59 3.48 -0.49
CA ILE A 120 -2.26 3.71 0.06
C ILE A 120 -2.29 4.82 1.11
N GLU A 121 -1.70 4.55 2.27
CA GLU A 121 -1.65 5.52 3.35
C GLU A 121 -0.28 5.55 4.02
N TYR A 122 0.37 6.71 3.97
CA TYR A 122 1.69 6.87 4.56
C TYR A 122 1.66 6.53 6.05
N TRP A 123 2.66 5.78 6.51
CA TRP A 123 2.75 5.39 7.90
C TRP A 123 3.76 6.26 8.65
N PRO A 124 3.26 7.25 9.43
CA PRO A 124 4.13 8.16 10.19
C PRO A 124 5.11 7.41 11.09
N ARG A 125 6.39 7.49 10.75
CA ARG A 125 7.42 6.82 11.52
C ARG A 125 7.92 7.72 12.65
N ASP A 126 7.78 9.02 12.47
CA ASP A 126 8.21 10.00 13.48
C ASP A 126 7.19 10.10 14.60
N THR A 127 7.60 9.67 15.80
CA THR A 127 6.72 9.71 16.96
C THR A 127 7.44 10.28 18.18
N THR A 128 8.76 10.17 18.18
CA THR A 128 9.58 10.68 19.28
C THR A 128 10.68 11.61 18.77
N CYS A 129 10.77 11.74 17.46
CA CYS A 129 11.78 12.61 16.85
C CYS A 129 11.28 14.03 16.74
N SER A 130 10.26 14.24 15.91
CA SER A 130 9.68 15.56 15.72
C SER A 130 8.36 15.70 16.46
N SER A 131 8.09 14.75 17.35
CA SER A 131 6.86 14.74 18.12
C SER A 131 5.63 14.68 17.22
N CYS A 132 5.10 13.47 17.04
CA CYS A 132 3.94 13.26 16.19
C CYS A 132 3.26 11.93 16.51
N GLN A 133 2.13 12.00 17.19
CA GLN A 133 1.39 10.80 17.57
C GLN A 133 -0.11 10.99 17.33
N ALA A 134 -0.46 12.11 16.72
CA ALA A 134 -1.86 12.42 16.44
C ALA A 134 -2.44 11.44 15.43
N PHE A 135 -1.57 10.80 14.66
CA PHE A 135 -2.00 9.84 13.65
C PHE A 135 -1.91 8.41 14.19
N LEU A 136 -0.84 8.11 14.89
CA LEU A 136 -0.64 6.78 15.46
C LEU A 136 -1.70 6.49 16.53
N ALA A 137 -2.32 7.54 17.05
CA ALA A 137 -3.35 7.40 18.07
C ALA A 137 -4.60 6.74 17.50
N ASN A 138 -5.13 7.31 16.43
CA ASN A 138 -6.32 6.78 15.79
C ASN A 138 -5.99 5.53 14.97
N LEU A 139 -4.71 5.39 14.62
CA LEU A 139 -4.25 4.25 13.85
C LEU A 139 -4.07 3.03 14.74
N ASP A 140 -3.76 3.27 16.01
CA ASP A 140 -3.57 2.19 16.97
C ASP A 140 -4.87 1.43 17.19
N GLU A 141 -5.98 2.16 17.15
CA GLU A 141 -7.29 1.55 17.34
C GLU A 141 -7.62 0.59 16.21
N PHE A 142 -6.89 0.72 15.11
CA PHE A 142 -7.09 -0.14 13.94
C PHE A 142 -6.24 -1.40 14.05
N ALA A 143 -5.14 -1.31 14.80
CA ALA A 143 -4.23 -2.44 14.97
C ALA A 143 -4.95 -3.65 15.55
N GLU A 144 -5.29 -3.57 16.83
CA GLU A 144 -5.99 -4.66 17.51
C GLU A 144 -7.29 -5.01 16.80
N ASP A 145 -7.86 -4.02 16.12
CA ASP A 145 -9.11 -4.21 15.39
C ASP A 145 -8.96 -5.29 14.32
N ILE A 146 -8.18 -4.99 13.29
CA ILE A 146 -7.95 -5.93 12.19
C ILE A 146 -7.17 -7.15 12.65
N PHE A 147 -6.38 -6.98 13.71
CA PHE A 147 -5.56 -8.07 14.25
C PHE A 147 -6.43 -9.07 15.00
N LEU A 148 -7.45 -8.57 15.69
CA LEU A 148 -8.34 -9.43 16.47
C LEU A 148 -9.68 -9.57 15.76
N ASN A 149 -10.47 -8.50 15.77
CA ASN A 149 -11.78 -8.48 15.13
C ASN A 149 -11.65 -8.23 13.64
N GLY A 150 -10.51 -8.60 13.07
CA GLY A 150 -10.28 -8.41 11.65
C GLY A 150 -11.25 -9.18 10.77
N CYS A 151 -11.11 -9.01 9.46
CA CYS A 151 -11.97 -9.70 8.50
C CYS A 151 -11.28 -10.93 7.94
N GLY A 1 -4.59 5.59 -17.60
CA GLY A 1 -5.16 4.58 -18.55
C GLY A 1 -4.86 4.93 -20.00
N SER A 2 -5.13 6.17 -20.37
CA SER A 2 -4.88 6.62 -21.74
C SER A 2 -4.46 8.09 -21.76
N HIS A 3 -5.27 8.95 -21.16
CA HIS A 3 -4.98 10.37 -21.11
C HIS A 3 -5.19 10.93 -19.70
N MET A 4 -4.10 11.29 -19.04
CA MET A 4 -4.15 11.82 -17.69
C MET A 4 -4.77 10.82 -16.72
N ALA A 5 -3.93 10.23 -15.88
CA ALA A 5 -4.39 9.25 -14.89
C ALA A 5 -3.77 9.52 -13.53
N ASP A 6 -4.60 9.52 -12.49
CA ASP A 6 -4.12 9.77 -11.13
C ASP A 6 -3.35 8.56 -10.59
N CYS A 7 -3.30 7.48 -11.38
CA CYS A 7 -2.60 6.27 -10.96
C CYS A 7 -2.89 5.98 -9.50
N GLY A 8 -1.91 5.43 -8.80
CA GLY A 8 -2.08 5.13 -7.40
C GLY A 8 -2.35 6.37 -6.57
N GLN A 9 -3.58 6.87 -6.67
CA GLN A 9 -3.99 8.07 -5.94
C GLN A 9 -3.67 7.95 -4.46
N MET A 10 -2.62 8.65 -4.03
CA MET A 10 -2.20 8.62 -2.64
C MET A 10 -2.96 9.66 -1.82
N GLN A 11 -3.33 9.28 -0.59
CA GLN A 11 -4.06 10.17 0.29
C GLN A 11 -3.10 11.10 1.04
N GLU A 12 -3.67 12.00 1.84
CA GLU A 12 -2.88 12.95 2.61
C GLU A 12 -2.03 12.22 3.66
N GLU A 13 -1.14 12.97 4.31
CA GLU A 13 -0.28 12.40 5.33
C GLU A 13 -0.50 13.08 6.68
N LEU A 14 -0.38 12.31 7.75
CA LEU A 14 -0.56 12.83 9.10
C LEU A 14 -1.96 13.40 9.28
N ASP A 15 -2.86 13.08 8.35
CA ASP A 15 -4.23 13.55 8.43
C ASP A 15 -4.92 12.99 9.66
N LEU A 16 -5.03 13.82 10.69
CA LEU A 16 -5.66 13.41 11.95
C LEU A 16 -7.17 13.60 11.91
N THR A 17 -7.76 13.51 10.72
CA THR A 17 -9.20 13.67 10.56
C THR A 17 -9.85 12.39 10.04
N ILE A 18 -9.08 11.31 10.00
CA ILE A 18 -9.59 10.03 9.53
C ILE A 18 -9.85 9.08 10.70
N SER A 19 -10.98 8.37 10.63
CA SER A 19 -11.34 7.43 11.68
C SER A 19 -10.68 6.07 11.44
N ALA A 20 -11.00 5.10 12.29
CA ALA A 20 -10.44 3.76 12.18
C ALA A 20 -11.28 2.90 11.24
N GLU A 21 -12.59 3.14 11.22
CA GLU A 21 -13.49 2.38 10.37
C GLU A 21 -13.53 2.96 8.96
N THR A 22 -13.21 4.25 8.84
CA THR A 22 -13.21 4.91 7.55
C THR A 22 -12.20 4.29 6.60
N ARG A 23 -11.08 3.84 7.17
CA ARG A 23 -10.02 3.22 6.38
C ARG A 23 -10.07 1.69 6.50
N LYS A 24 -11.05 1.19 7.25
CA LYS A 24 -11.20 -0.25 7.45
C LYS A 24 -12.25 -0.82 6.51
N GLN A 25 -13.31 -0.05 6.27
CA GLN A 25 -14.38 -0.49 5.38
C GLN A 25 -13.82 -0.88 4.01
N THR A 26 -12.68 -0.28 3.67
CA THR A 26 -12.03 -0.56 2.39
C THR A 26 -11.49 -1.99 2.38
N ALA A 27 -10.92 -2.41 3.48
CA ALA A 27 -10.36 -3.76 3.60
C ALA A 27 -11.47 -4.81 3.55
N CYS A 28 -12.71 -4.36 3.67
CA CYS A 28 -13.86 -5.26 3.64
C CYS A 28 -14.58 -5.20 2.30
N LYS A 29 -14.18 -4.25 1.46
CA LYS A 29 -14.78 -4.09 0.14
C LYS A 29 -14.37 -5.22 -0.80
N PRO A 30 -15.24 -5.57 -1.76
CA PRO A 30 -14.96 -6.64 -2.72
C PRO A 30 -13.85 -6.26 -3.70
N GLU A 31 -13.70 -4.96 -3.93
CA GLU A 31 -12.68 -4.46 -4.84
C GLU A 31 -11.29 -4.58 -4.21
N ILE A 32 -11.26 -4.85 -2.91
CA ILE A 32 -10.01 -4.99 -2.19
C ILE A 32 -9.79 -6.44 -1.75
N ALA A 33 -8.54 -6.83 -1.58
CA ALA A 33 -8.21 -8.18 -1.18
C ALA A 33 -7.26 -8.20 0.02
N TYR A 34 -6.04 -7.72 -0.19
CA TYR A 34 -5.05 -7.71 0.88
C TYR A 34 -4.95 -6.36 1.57
N ALA A 35 -4.45 -6.39 2.80
CA ALA A 35 -4.27 -5.18 3.60
C ALA A 35 -3.10 -5.38 4.55
N TYR A 36 -1.95 -4.82 4.19
CA TYR A 36 -0.75 -4.96 5.01
C TYR A 36 0.12 -3.70 4.96
N LYS A 37 1.18 -3.71 5.77
CA LYS A 37 2.10 -2.58 5.83
C LYS A 37 3.47 -3.00 5.33
N VAL A 38 4.11 -2.12 4.56
CA VAL A 38 5.43 -2.41 3.99
C VAL A 38 6.35 -1.20 4.07
N SER A 39 7.57 -1.37 3.56
CA SER A 39 8.55 -0.28 3.56
C SER A 39 9.40 -0.34 2.29
N ILE A 40 9.40 0.75 1.53
CA ILE A 40 10.18 0.83 0.31
C ILE A 40 11.67 0.67 0.59
N THR A 41 12.37 -0.05 -0.28
CA THR A 41 13.80 -0.27 -0.11
C THR A 41 14.56 -0.06 -1.42
N SER A 42 13.93 -0.41 -2.54
CA SER A 42 14.56 -0.26 -3.84
C SER A 42 13.66 0.47 -4.82
N ILE A 43 14.27 1.08 -5.83
CA ILE A 43 13.54 1.83 -6.84
C ILE A 43 14.18 1.66 -8.21
N THR A 44 13.46 1.03 -9.13
CA THR A 44 13.98 0.80 -10.48
C THR A 44 13.12 1.52 -11.52
N VAL A 45 13.75 2.36 -12.33
CA VAL A 45 13.04 3.10 -13.37
C VAL A 45 13.82 3.09 -14.68
N GLU A 46 13.12 2.88 -15.79
CA GLU A 46 13.74 2.85 -17.10
C GLU A 46 13.51 4.16 -17.85
N ASN A 47 12.28 4.37 -18.29
CA ASN A 47 11.93 5.59 -19.03
C ASN A 47 10.52 6.05 -18.68
N VAL A 48 9.52 5.32 -19.18
CA VAL A 48 8.13 5.65 -18.92
C VAL A 48 7.55 4.79 -17.80
N PHE A 49 7.69 3.48 -17.93
CA PHE A 49 7.19 2.55 -16.94
C PHE A 49 8.18 2.41 -15.78
N VAL A 50 7.65 2.54 -14.56
CA VAL A 50 8.49 2.43 -13.36
C VAL A 50 8.12 1.20 -12.54
N LYS A 51 9.09 0.65 -11.82
CA LYS A 51 8.85 -0.53 -11.01
C LYS A 51 9.53 -0.39 -9.64
N TYR A 52 8.71 -0.20 -8.62
CA TYR A 52 9.22 -0.06 -7.25
C TYR A 52 9.21 -1.41 -6.53
N LYS A 53 10.19 -1.61 -5.66
CA LYS A 53 10.29 -2.85 -4.91
C LYS A 53 10.45 -2.56 -3.41
N ALA A 54 9.67 -3.26 -2.59
CA ALA A 54 9.72 -3.06 -1.15
C ALA A 54 9.57 -4.37 -0.39
N THR A 55 9.75 -4.31 0.92
CA THR A 55 9.63 -5.49 1.77
C THR A 55 8.38 -5.40 2.64
N LEU A 56 7.65 -6.50 2.70
CA LEU A 56 6.44 -6.56 3.51
C LEU A 56 6.81 -6.61 4.99
N LEU A 57 6.32 -5.65 5.75
CA LEU A 57 6.61 -5.60 7.19
C LEU A 57 5.72 -6.55 7.97
N ASP A 58 4.43 -6.58 7.63
CA ASP A 58 3.49 -7.46 8.31
C ASP A 58 2.17 -7.55 7.56
N ILE A 59 1.44 -8.66 7.77
CA ILE A 59 0.16 -8.88 7.12
C ILE A 59 -1.01 -8.65 8.08
N TYR A 60 -1.93 -7.78 7.68
CA TYR A 60 -3.11 -7.48 8.50
C TYR A 60 -4.33 -8.14 7.87
N LYS A 61 -4.22 -8.43 6.58
CA LYS A 61 -5.29 -9.09 5.84
C LYS A 61 -4.67 -9.90 4.70
N THR A 62 -4.90 -11.21 4.73
CA THR A 62 -4.35 -12.10 3.72
C THR A 62 -4.55 -11.56 2.31
N GLY A 63 -3.63 -11.93 1.42
CA GLY A 63 -3.69 -11.48 0.04
C GLY A 63 -4.38 -12.47 -0.88
N GLU A 64 -4.72 -13.64 -0.33
CA GLU A 64 -5.38 -14.70 -1.09
C GLU A 64 -4.39 -15.40 -2.03
N ALA A 65 -3.56 -14.62 -2.71
CA ALA A 65 -2.56 -15.15 -3.61
C ALA A 65 -1.28 -15.46 -2.85
N VAL A 66 -1.42 -16.15 -1.73
CA VAL A 66 -0.29 -16.50 -0.88
C VAL A 66 0.43 -15.25 -0.38
N ALA A 67 -0.11 -14.66 0.69
CA ALA A 67 0.47 -13.47 1.29
C ALA A 67 0.93 -13.76 2.71
N GLU A 68 2.17 -13.40 3.00
CA GLU A 68 2.74 -13.64 4.33
C GLU A 68 3.68 -12.51 4.73
N LYS A 69 3.60 -12.08 5.98
CA LYS A 69 4.46 -11.01 6.47
C LYS A 69 5.91 -11.26 6.08
N ASP A 70 6.62 -10.17 5.75
CA ASP A 70 8.02 -10.25 5.37
C ASP A 70 8.19 -10.89 3.99
N SER A 71 7.20 -10.66 3.13
CA SER A 71 7.24 -11.19 1.76
C SER A 71 7.84 -10.17 0.81
N GLU A 72 7.77 -10.47 -0.49
CA GLU A 72 8.31 -9.57 -1.50
C GLU A 72 7.18 -8.92 -2.29
N ILE A 73 7.35 -7.65 -2.64
CA ILE A 73 6.34 -6.92 -3.41
C ILE A 73 6.97 -6.01 -4.44
N THR A 74 6.26 -5.80 -5.55
CA THR A 74 6.74 -4.93 -6.63
C THR A 74 5.59 -4.10 -7.20
N PHE A 75 5.54 -2.83 -6.85
CA PHE A 75 4.50 -1.93 -7.33
C PHE A 75 4.96 -1.15 -8.55
N ILE A 76 4.42 -1.48 -9.71
CA ILE A 76 4.78 -0.81 -10.95
C ILE A 76 3.73 0.23 -11.33
N LYS A 77 4.19 1.35 -11.90
CA LYS A 77 3.29 2.42 -12.31
C LYS A 77 3.56 2.84 -13.75
N LYS A 78 2.74 3.75 -14.27
CA LYS A 78 2.89 4.24 -15.63
C LYS A 78 3.64 5.56 -15.65
N VAL A 79 3.75 6.15 -16.84
CA VAL A 79 4.44 7.43 -17.00
C VAL A 79 3.51 8.60 -16.70
N THR A 80 2.21 8.39 -16.93
CA THR A 80 1.22 9.42 -16.70
C THR A 80 0.80 9.47 -15.23
N CYS A 81 1.50 8.69 -14.40
CA CYS A 81 1.20 8.64 -12.98
C CYS A 81 1.58 9.96 -12.29
N THR A 82 2.79 10.00 -11.73
CA THR A 82 3.30 11.18 -11.05
C THR A 82 2.58 11.41 -9.71
N ASN A 83 1.34 10.95 -9.62
CA ASN A 83 0.55 11.12 -8.39
C ASN A 83 0.96 10.07 -7.35
N ALA A 84 1.47 8.95 -7.81
CA ALA A 84 1.90 7.87 -6.91
C ALA A 84 3.41 7.68 -6.97
N GLU A 85 4.11 8.21 -5.97
CA GLU A 85 5.56 8.11 -5.91
C GLU A 85 6.00 7.51 -4.57
N LEU A 86 6.49 6.28 -4.61
CA LEU A 86 6.96 5.59 -3.41
C LEU A 86 8.35 6.06 -3.01
N VAL A 87 8.46 6.62 -1.80
CA VAL A 87 9.73 7.11 -1.29
C VAL A 87 10.54 5.98 -0.66
N LYS A 88 11.79 5.84 -1.11
CA LYS A 88 12.68 4.79 -0.59
C LYS A 88 13.02 5.05 0.87
N GLY A 89 13.10 3.99 1.65
CA GLY A 89 13.42 4.12 3.07
C GLY A 89 12.28 4.73 3.86
N ARG A 90 11.05 4.40 3.49
CA ARG A 90 9.87 4.91 4.17
C ARG A 90 8.79 3.85 4.28
N GLN A 91 7.93 3.96 5.28
CA GLN A 91 6.86 3.00 5.50
C GLN A 91 5.53 3.50 4.93
N TYR A 92 4.81 2.62 4.26
CA TYR A 92 3.52 2.95 3.67
C TYR A 92 2.52 1.82 3.88
N LEU A 93 1.24 2.14 3.77
CA LEU A 93 0.18 1.15 3.95
C LEU A 93 -0.49 0.85 2.61
N ILE A 94 -0.51 -0.42 2.23
CA ILE A 94 -1.11 -0.83 0.96
C ILE A 94 -2.35 -1.70 1.19
N MET A 95 -3.43 -1.31 0.53
CA MET A 95 -4.70 -2.04 0.62
C MET A 95 -5.39 -2.06 -0.75
N GLY A 96 -5.46 -3.24 -1.37
CA GLY A 96 -6.09 -3.32 -2.67
C GLY A 96 -6.38 -4.74 -3.12
N LYS A 97 -6.98 -4.86 -4.30
CA LYS A 97 -7.33 -6.16 -4.88
C LYS A 97 -6.10 -7.06 -4.99
N GLU A 98 -6.34 -8.36 -5.02
CA GLU A 98 -5.27 -9.35 -5.13
C GLU A 98 -4.37 -9.04 -6.33
N ALA A 99 -3.10 -9.44 -6.21
CA ALA A 99 -2.12 -9.21 -7.27
C ALA A 99 -2.40 -10.13 -8.46
N LEU A 100 -2.12 -9.63 -9.66
CA LEU A 100 -2.33 -10.42 -10.87
C LEU A 100 -1.34 -11.57 -10.96
N GLN A 101 -1.86 -12.77 -11.23
CA GLN A 101 -1.02 -13.95 -11.32
C GLN A 101 -0.34 -14.03 -12.69
N ILE A 102 -0.75 -13.13 -13.59
CA ILE A 102 -0.19 -13.09 -14.93
C ILE A 102 0.57 -11.80 -15.19
N LYS A 103 1.88 -11.83 -15.01
CA LYS A 103 2.73 -10.66 -15.23
C LYS A 103 2.65 -10.21 -16.69
N TYR A 104 2.23 -11.13 -17.55
CA TYR A 104 2.10 -10.87 -19.00
C TYR A 104 3.31 -10.11 -19.56
N ASN A 105 4.44 -10.19 -18.87
CA ASN A 105 5.65 -9.51 -19.33
C ASN A 105 6.60 -10.51 -19.98
N ALA A 106 6.67 -11.71 -19.41
CA ALA A 106 7.54 -12.75 -19.95
C ALA A 106 7.13 -14.12 -19.39
N SER A 107 6.43 -14.09 -18.26
CA SER A 107 5.97 -15.32 -17.61
C SER A 107 4.96 -15.00 -16.52
N PHE A 108 3.96 -15.87 -16.37
CA PHE A 108 2.93 -15.67 -15.36
C PHE A 108 3.54 -15.46 -13.98
N ARG A 109 3.61 -14.19 -13.57
CA ARG A 109 4.19 -13.85 -12.28
C ARG A 109 3.20 -13.04 -11.44
N TYR A 110 3.44 -12.96 -10.14
CA TYR A 110 2.58 -12.21 -9.24
C TYR A 110 3.16 -10.83 -8.94
N ILE A 111 2.77 -9.86 -9.76
CA ILE A 111 3.24 -8.49 -9.58
C ILE A 111 2.14 -7.62 -9.02
N TYR A 112 2.53 -6.57 -8.30
CA TYR A 112 1.56 -5.66 -7.69
C TYR A 112 1.41 -4.38 -8.52
N PRO A 113 0.19 -4.06 -8.96
CA PRO A 113 -0.09 -2.85 -9.75
C PRO A 113 -0.12 -1.59 -8.89
N LEU A 114 -0.46 -0.46 -9.51
CA LEU A 114 -0.54 0.80 -8.81
C LEU A 114 -1.48 1.76 -9.51
N ASP A 115 -2.72 1.82 -9.05
CA ASP A 115 -3.72 2.70 -9.64
C ASP A 115 -4.63 3.29 -8.56
N SER A 116 -5.66 4.01 -8.99
CA SER A 116 -6.60 4.63 -8.06
C SER A 116 -7.26 3.59 -7.17
N LEU A 117 -7.27 2.34 -7.64
CA LEU A 117 -7.86 1.24 -6.88
C LEU A 117 -7.02 0.92 -5.65
N THR A 118 -5.72 1.17 -5.76
CA THR A 118 -4.80 0.92 -4.66
C THR A 118 -4.94 1.94 -3.55
N TRP A 119 -4.98 1.47 -2.30
CA TRP A 119 -5.10 2.34 -1.15
C TRP A 119 -3.75 2.58 -0.51
N ILE A 120 -3.21 3.79 -0.70
CA ILE A 120 -1.91 4.15 -0.15
C ILE A 120 -2.07 5.14 1.00
N GLU A 121 -1.49 4.80 2.14
CA GLU A 121 -1.57 5.67 3.33
C GLU A 121 -0.21 5.78 4.00
N TYR A 122 0.33 7.00 4.04
CA TYR A 122 1.63 7.25 4.66
C TYR A 122 1.64 6.76 6.10
N TRP A 123 2.62 5.92 6.44
CA TRP A 123 2.75 5.40 7.79
C TRP A 123 3.74 6.25 8.59
N PRO A 124 3.24 6.98 9.61
CA PRO A 124 4.08 7.84 10.45
C PRO A 124 5.27 7.09 11.04
N ARG A 125 6.43 7.27 10.42
CA ARG A 125 7.64 6.61 10.89
C ARG A 125 7.97 7.04 12.32
N ASP A 126 7.54 8.24 12.69
CA ASP A 126 7.79 8.77 14.02
C ASP A 126 6.57 9.52 14.56
N THR A 127 6.75 10.22 15.67
CA THR A 127 5.67 10.98 16.28
C THR A 127 6.16 12.33 16.78
N THR A 128 6.93 12.31 17.85
CA THR A 128 7.48 13.54 18.45
C THR A 128 8.23 13.22 19.73
N CYS A 129 7.71 12.25 20.47
CA CYS A 129 8.32 11.83 21.72
C CYS A 129 8.76 10.37 21.67
N SER A 130 9.13 9.82 22.81
CA SER A 130 9.57 8.43 22.89
C SER A 130 8.39 7.49 23.14
N SER A 131 7.19 8.08 23.27
CA SER A 131 5.98 7.29 23.51
C SER A 131 5.30 6.94 22.19
N CYS A 132 5.70 7.60 21.12
CA CYS A 132 5.15 7.38 19.78
C CYS A 132 3.63 7.19 19.83
N GLN A 133 2.89 8.29 19.70
CA GLN A 133 1.44 8.23 19.75
C GLN A 133 0.79 9.28 18.83
N ALA A 134 1.59 9.97 18.03
CA ALA A 134 1.08 11.00 17.13
C ALA A 134 -0.10 10.47 16.30
N PHE A 135 0.21 9.73 15.24
CA PHE A 135 -0.82 9.18 14.38
C PHE A 135 -0.94 7.68 14.62
N LEU A 136 0.06 7.11 15.28
CA LEU A 136 0.09 5.69 15.58
C LEU A 136 -1.07 5.31 16.51
N ALA A 137 -1.60 6.31 17.21
CA ALA A 137 -2.72 6.08 18.13
C ALA A 137 -3.93 5.56 17.38
N ASN A 138 -4.12 6.05 16.16
CA ASN A 138 -5.24 5.62 15.33
C ASN A 138 -4.91 4.33 14.60
N LEU A 139 -3.62 4.06 14.47
CA LEU A 139 -3.16 2.85 13.78
C LEU A 139 -3.29 1.63 14.70
N ASP A 140 -3.14 1.86 16.00
CA ASP A 140 -3.25 0.79 16.98
C ASP A 140 -4.65 0.19 16.98
N GLU A 141 -5.65 1.04 16.74
CA GLU A 141 -7.04 0.59 16.70
C GLU A 141 -7.27 -0.30 15.50
N PHE A 142 -6.97 0.21 14.31
CA PHE A 142 -7.14 -0.54 13.07
C PHE A 142 -6.38 -1.86 13.12
N ALA A 143 -5.31 -1.88 13.90
CA ALA A 143 -4.48 -3.08 14.05
C ALA A 143 -5.33 -4.28 14.46
N GLU A 144 -5.90 -4.20 15.65
CA GLU A 144 -6.72 -5.26 16.20
C GLU A 144 -8.15 -5.19 15.70
N ASP A 145 -8.44 -4.16 14.90
CA ASP A 145 -9.78 -3.97 14.37
C ASP A 145 -9.98 -4.78 13.09
N ILE A 146 -8.89 -5.05 12.38
CA ILE A 146 -8.95 -5.81 11.15
C ILE A 146 -8.47 -7.25 11.37
N PHE A 147 -7.61 -7.42 12.36
CA PHE A 147 -7.07 -8.74 12.68
C PHE A 147 -8.11 -9.57 13.44
N LEU A 148 -8.70 -8.98 14.47
CA LEU A 148 -9.71 -9.67 15.28
C LEU A 148 -11.00 -9.84 14.49
N ASN A 149 -11.29 -8.89 13.62
CA ASN A 149 -12.50 -8.92 12.82
C ASN A 149 -12.24 -9.55 11.46
N GLY A 150 -11.64 -8.80 10.55
CA GLY A 150 -11.34 -9.30 9.23
C GLY A 150 -12.54 -9.24 8.30
N CYS A 151 -13.17 -8.07 8.23
CA CYS A 151 -14.34 -7.87 7.38
C CYS A 151 -15.40 -8.94 7.63
N GLY A 1 -10.03 23.42 -14.60
CA GLY A 1 -8.76 23.04 -13.92
C GLY A 1 -8.58 21.53 -13.84
N SER A 2 -8.36 20.90 -14.99
CA SER A 2 -8.18 19.46 -15.05
C SER A 2 -7.33 19.07 -16.25
N HIS A 3 -6.19 18.44 -15.98
CA HIS A 3 -5.29 18.01 -17.04
C HIS A 3 -4.39 16.86 -16.57
N MET A 4 -4.06 16.88 -15.29
CA MET A 4 -3.20 15.84 -14.71
C MET A 4 -3.99 14.54 -14.51
N ALA A 5 -3.35 13.54 -13.92
CA ALA A 5 -3.98 12.26 -13.67
C ALA A 5 -3.75 11.80 -12.24
N ASP A 6 -4.50 10.78 -11.82
CA ASP A 6 -4.38 10.24 -10.48
C ASP A 6 -3.53 8.98 -10.46
N CYS A 7 -4.10 7.88 -10.94
CA CYS A 7 -3.40 6.60 -10.96
C CYS A 7 -2.76 6.30 -9.61
N GLY A 8 -3.55 5.75 -8.70
CA GLY A 8 -3.07 5.44 -7.37
C GLY A 8 -3.95 6.02 -6.29
N GLN A 9 -4.21 7.31 -6.40
CA GLN A 9 -5.06 8.02 -5.45
C GLN A 9 -4.65 7.72 -4.01
N MET A 10 -3.72 8.49 -3.47
CA MET A 10 -3.25 8.29 -2.11
C MET A 10 -3.91 9.27 -1.16
N GLN A 11 -3.67 9.10 0.14
CA GLN A 11 -4.24 9.97 1.16
C GLN A 11 -3.19 10.93 1.70
N GLU A 12 -3.63 11.83 2.58
CA GLU A 12 -2.73 12.81 3.17
C GLU A 12 -1.65 12.13 3.99
N GLU A 13 -0.47 12.75 4.04
CA GLU A 13 0.66 12.19 4.79
C GLU A 13 0.36 12.17 6.28
N LEU A 14 0.41 13.33 6.90
CA LEU A 14 0.16 13.47 8.32
C LEU A 14 -1.00 14.42 8.59
N ASP A 15 -2.19 13.86 8.71
CA ASP A 15 -3.39 14.66 8.96
C ASP A 15 -4.36 13.90 9.85
N LEU A 16 -4.57 14.41 11.06
CA LEU A 16 -5.48 13.77 12.01
C LEU A 16 -6.93 14.12 11.70
N THR A 17 -7.63 13.20 11.05
CA THR A 17 -9.03 13.40 10.69
C THR A 17 -9.66 12.11 10.17
N ILE A 18 -8.80 11.17 9.78
CA ILE A 18 -9.26 9.88 9.26
C ILE A 18 -9.37 8.85 10.37
N SER A 19 -10.54 8.25 10.52
CA SER A 19 -10.77 7.24 11.55
C SER A 19 -10.26 5.88 11.10
N ALA A 20 -10.06 4.98 12.06
CA ALA A 20 -9.58 3.64 11.78
C ALA A 20 -10.53 2.91 10.84
N GLU A 21 -11.79 2.84 11.25
CA GLU A 21 -12.83 2.19 10.46
C GLU A 21 -12.97 2.83 9.09
N THR A 22 -12.67 4.12 9.02
CA THR A 22 -12.76 4.86 7.76
C THR A 22 -11.85 4.25 6.70
N ARG A 23 -10.68 3.79 7.13
CA ARG A 23 -9.72 3.17 6.22
C ARG A 23 -10.06 1.70 5.99
N LYS A 24 -10.47 1.02 7.05
CA LYS A 24 -10.83 -0.39 6.96
C LYS A 24 -12.06 -0.59 6.09
N GLN A 25 -12.84 0.48 5.95
CA GLN A 25 -14.05 0.43 5.12
C GLN A 25 -13.71 -0.03 3.71
N THR A 26 -12.44 0.12 3.36
CA THR A 26 -11.96 -0.28 2.04
C THR A 26 -11.23 -1.61 2.11
N ALA A 27 -10.66 -1.91 3.28
CA ALA A 27 -9.93 -3.15 3.50
C ALA A 27 -10.87 -4.36 3.54
N CYS A 28 -12.16 -4.11 3.34
CA CYS A 28 -13.14 -5.19 3.37
C CYS A 28 -14.05 -5.15 2.14
N LYS A 29 -13.61 -4.42 1.11
CA LYS A 29 -14.39 -4.30 -0.12
C LYS A 29 -13.93 -5.34 -1.15
N PRO A 30 -14.84 -5.76 -2.04
CA PRO A 30 -14.53 -6.75 -3.08
C PRO A 30 -13.34 -6.34 -3.95
N GLU A 31 -13.32 -5.07 -4.36
CA GLU A 31 -12.24 -4.57 -5.18
C GLU A 31 -10.89 -4.71 -4.49
N ILE A 32 -10.93 -4.80 -3.16
CA ILE A 32 -9.71 -4.95 -2.37
C ILE A 32 -9.52 -6.38 -1.90
N ALA A 33 -8.52 -7.05 -2.45
CA ALA A 33 -8.22 -8.44 -2.09
C ALA A 33 -7.41 -8.53 -0.81
N TYR A 34 -6.23 -7.90 -0.83
CA TYR A 34 -5.34 -7.93 0.32
C TYR A 34 -5.31 -6.59 1.06
N ALA A 35 -4.87 -6.64 2.31
CA ALA A 35 -4.76 -5.46 3.15
C ALA A 35 -3.61 -5.64 4.12
N TYR A 36 -2.48 -5.01 3.84
CA TYR A 36 -1.30 -5.14 4.68
C TYR A 36 -0.42 -3.89 4.65
N LYS A 37 0.65 -3.91 5.46
CA LYS A 37 1.58 -2.79 5.51
C LYS A 37 2.97 -3.22 5.04
N VAL A 38 3.64 -2.35 4.29
CA VAL A 38 4.96 -2.66 3.76
C VAL A 38 5.93 -1.50 3.95
N SER A 39 7.13 -1.64 3.39
CA SER A 39 8.16 -0.62 3.50
C SER A 39 9.07 -0.65 2.27
N ILE A 40 9.20 0.49 1.60
CA ILE A 40 10.05 0.60 0.41
C ILE A 40 11.51 0.30 0.77
N THR A 41 12.22 -0.35 -0.13
CA THR A 41 13.62 -0.69 0.10
C THR A 41 14.48 -0.36 -1.13
N SER A 42 13.86 -0.32 -2.30
CA SER A 42 14.58 -0.03 -3.53
C SER A 42 13.66 0.59 -4.58
N ILE A 43 14.26 1.28 -5.54
CA ILE A 43 13.51 1.93 -6.61
C ILE A 43 14.22 1.76 -7.95
N THR A 44 13.46 1.32 -8.97
CA THR A 44 14.00 1.11 -10.30
C THR A 44 13.03 1.56 -11.37
N VAL A 45 13.33 2.68 -12.02
CA VAL A 45 12.48 3.22 -13.07
C VAL A 45 12.87 2.65 -14.44
N GLU A 46 11.86 2.22 -15.20
CA GLU A 46 12.11 1.65 -16.52
C GLU A 46 11.85 2.70 -17.61
N ASN A 47 11.80 2.24 -18.86
CA ASN A 47 11.56 3.14 -19.99
C ASN A 47 10.22 3.84 -19.85
N VAL A 48 9.20 3.10 -19.42
CA VAL A 48 7.87 3.67 -19.24
C VAL A 48 7.24 3.23 -17.92
N PHE A 49 7.16 1.91 -17.72
CA PHE A 49 6.59 1.36 -16.52
C PHE A 49 7.58 1.36 -15.37
N VAL A 50 7.41 2.28 -14.43
CA VAL A 50 8.30 2.38 -13.28
C VAL A 50 8.11 1.20 -12.34
N LYS A 51 9.20 0.76 -11.72
CA LYS A 51 9.15 -0.38 -10.80
C LYS A 51 9.61 0.03 -9.41
N TYR A 52 9.08 -0.65 -8.40
CA TYR A 52 9.43 -0.37 -7.02
C TYR A 52 9.57 -1.66 -6.21
N LYS A 53 10.72 -1.84 -5.57
CA LYS A 53 10.97 -3.04 -4.77
C LYS A 53 10.84 -2.73 -3.29
N ALA A 54 10.08 -3.56 -2.57
CA ALA A 54 9.88 -3.37 -1.14
C ALA A 54 9.65 -4.70 -0.43
N THR A 55 9.33 -4.63 0.86
CA THR A 55 9.08 -5.82 1.66
C THR A 55 7.79 -5.69 2.45
N LEU A 56 6.96 -6.72 2.38
CA LEU A 56 5.70 -6.74 3.12
C LEU A 56 5.97 -7.04 4.58
N LEU A 57 5.82 -6.01 5.43
CA LEU A 57 6.09 -6.16 6.85
C LEU A 57 5.11 -7.09 7.54
N ASP A 58 3.82 -6.78 7.49
CA ASP A 58 2.82 -7.61 8.15
C ASP A 58 1.54 -7.74 7.32
N ILE A 59 0.80 -8.82 7.57
CA ILE A 59 -0.46 -9.08 6.86
C ILE A 59 -1.67 -8.78 7.74
N TYR A 60 -2.49 -7.83 7.30
CA TYR A 60 -3.70 -7.47 8.02
C TYR A 60 -4.89 -8.14 7.36
N LYS A 61 -4.65 -8.65 6.16
CA LYS A 61 -5.66 -9.35 5.38
C LYS A 61 -4.99 -10.15 4.27
N THR A 62 -5.06 -11.47 4.36
CA THR A 62 -4.45 -12.36 3.37
C THR A 62 -4.72 -11.90 1.94
N GLY A 63 -3.76 -12.17 1.07
CA GLY A 63 -3.88 -11.79 -0.33
C GLY A 63 -4.15 -12.99 -1.22
N GLU A 64 -4.82 -12.76 -2.34
CA GLU A 64 -5.15 -13.83 -3.27
C GLU A 64 -3.94 -14.21 -4.11
N ALA A 65 -2.84 -13.49 -3.91
CA ALA A 65 -1.60 -13.75 -4.64
C ALA A 65 -0.43 -13.90 -3.68
N VAL A 66 -0.31 -15.08 -3.08
CA VAL A 66 0.76 -15.39 -2.12
C VAL A 66 1.11 -14.18 -1.27
N ALA A 67 0.32 -13.96 -0.21
CA ALA A 67 0.55 -12.84 0.69
C ALA A 67 1.12 -13.32 2.02
N GLU A 68 2.27 -12.77 2.39
CA GLU A 68 2.92 -13.13 3.64
C GLU A 68 3.39 -11.90 4.39
N LYS A 69 3.38 -11.98 5.71
CA LYS A 69 3.80 -10.85 6.56
C LYS A 69 5.33 -10.73 6.62
N ASP A 70 5.96 -10.78 5.45
CA ASP A 70 7.42 -10.68 5.34
C ASP A 70 7.88 -11.15 3.97
N SER A 71 6.92 -11.38 3.07
CA SER A 71 7.21 -11.84 1.73
C SER A 71 7.83 -10.72 0.89
N GLU A 72 7.98 -10.98 -0.41
CA GLU A 72 8.55 -10.00 -1.33
C GLU A 72 7.44 -9.32 -2.13
N ILE A 73 7.67 -8.08 -2.51
CA ILE A 73 6.68 -7.31 -3.27
C ILE A 73 7.34 -6.41 -4.30
N THR A 74 6.66 -6.24 -5.43
CA THR A 74 7.16 -5.38 -6.51
C THR A 74 6.03 -4.48 -7.02
N PHE A 75 6.03 -3.24 -6.57
CA PHE A 75 5.01 -2.28 -6.97
C PHE A 75 5.34 -1.65 -8.33
N ILE A 76 4.52 -1.96 -9.32
CA ILE A 76 4.71 -1.43 -10.67
C ILE A 76 3.80 -0.23 -10.91
N LYS A 77 4.39 0.95 -11.03
CA LYS A 77 3.65 2.17 -11.27
C LYS A 77 3.92 2.71 -12.67
N LYS A 78 2.95 3.42 -13.22
CA LYS A 78 3.09 3.99 -14.56
C LYS A 78 3.77 5.35 -14.50
N VAL A 79 3.94 5.97 -15.66
CA VAL A 79 4.58 7.28 -15.74
C VAL A 79 3.56 8.40 -15.65
N THR A 80 2.31 8.07 -15.97
CA THR A 80 1.22 9.05 -15.94
C THR A 80 0.81 9.37 -14.50
N CYS A 81 0.90 8.37 -13.63
CA CYS A 81 0.54 8.54 -12.24
C CYS A 81 1.36 9.65 -11.58
N THR A 82 0.72 10.77 -11.32
CA THR A 82 1.39 11.92 -10.70
C THR A 82 1.03 12.03 -9.22
N ASN A 83 -0.14 11.51 -8.86
CA ASN A 83 -0.60 11.56 -7.47
C ASN A 83 0.03 10.45 -6.65
N ALA A 84 0.42 9.36 -7.31
CA ALA A 84 1.03 8.24 -6.63
C ALA A 84 2.55 8.37 -6.60
N GLU A 85 3.09 8.62 -5.40
CA GLU A 85 4.53 8.76 -5.22
C GLU A 85 5.01 7.94 -4.03
N LEU A 86 6.17 7.32 -4.17
CA LEU A 86 6.73 6.50 -3.10
C LEU A 86 8.15 6.93 -2.76
N VAL A 87 8.50 6.86 -1.49
CA VAL A 87 9.82 7.24 -1.04
C VAL A 87 10.62 6.01 -0.58
N LYS A 88 11.91 6.01 -0.89
CA LYS A 88 12.77 4.89 -0.52
C LYS A 88 13.18 4.98 0.95
N GLY A 89 12.60 4.12 1.77
CA GLY A 89 12.92 4.11 3.18
C GLY A 89 11.70 4.33 4.06
N ARG A 90 10.64 4.90 3.48
CA ARG A 90 9.42 5.17 4.21
C ARG A 90 8.47 3.97 4.18
N GLN A 91 7.55 3.93 5.15
CA GLN A 91 6.58 2.85 5.23
C GLN A 91 5.23 3.31 4.71
N TYR A 92 4.51 2.40 4.06
CA TYR A 92 3.20 2.73 3.51
C TYR A 92 2.22 1.55 3.65
N LEU A 93 0.93 1.88 3.61
CA LEU A 93 -0.11 0.87 3.72
C LEU A 93 -0.74 0.60 2.36
N ILE A 94 -0.66 -0.65 1.91
CA ILE A 94 -1.20 -1.03 0.61
C ILE A 94 -2.36 -2.02 0.75
N MET A 95 -3.50 -1.68 0.16
CA MET A 95 -4.69 -2.52 0.19
C MET A 95 -5.41 -2.48 -1.15
N GLY A 96 -5.51 -3.62 -1.81
CA GLY A 96 -6.17 -3.66 -3.11
C GLY A 96 -6.30 -5.06 -3.68
N LYS A 97 -6.86 -5.14 -4.89
CA LYS A 97 -7.05 -6.42 -5.57
C LYS A 97 -5.72 -7.16 -5.72
N GLU A 98 -5.80 -8.48 -5.85
CA GLU A 98 -4.61 -9.30 -6.00
C GLU A 98 -3.79 -8.87 -7.22
N ALA A 99 -2.59 -9.41 -7.35
CA ALA A 99 -1.71 -9.09 -8.46
C ALA A 99 -1.91 -10.06 -9.62
N LEU A 100 -2.38 -9.54 -10.74
CA LEU A 100 -2.62 -10.36 -11.93
C LEU A 100 -1.37 -10.38 -12.82
N GLN A 101 -0.52 -11.38 -12.60
CA GLN A 101 0.72 -11.51 -13.37
C GLN A 101 1.05 -12.97 -13.62
N ILE A 102 1.73 -13.58 -12.66
CA ILE A 102 2.11 -14.98 -12.75
C ILE A 102 3.15 -15.21 -13.85
N LYS A 103 4.35 -15.60 -13.46
CA LYS A 103 5.42 -15.85 -14.42
C LYS A 103 5.20 -17.18 -15.14
N TYR A 104 4.69 -17.10 -16.36
CA TYR A 104 4.43 -18.30 -17.16
C TYR A 104 4.38 -17.95 -18.65
N ASN A 105 4.89 -18.87 -19.48
CA ASN A 105 4.92 -18.67 -20.92
C ASN A 105 5.75 -17.45 -21.30
N ALA A 106 5.13 -16.27 -21.25
CA ALA A 106 5.82 -15.03 -21.59
C ALA A 106 6.49 -14.44 -20.35
N SER A 107 6.35 -15.13 -19.22
CA SER A 107 6.94 -14.68 -17.96
C SER A 107 6.43 -13.30 -17.59
N PHE A 108 5.37 -13.26 -16.79
CA PHE A 108 4.79 -11.99 -16.35
C PHE A 108 5.41 -11.54 -15.04
N ARG A 109 5.48 -12.47 -14.09
CA ARG A 109 6.05 -12.21 -12.77
C ARG A 109 5.17 -11.25 -11.98
N TYR A 110 4.86 -11.64 -10.74
CA TYR A 110 4.00 -10.83 -9.88
C TYR A 110 4.57 -9.43 -9.66
N ILE A 111 3.72 -8.44 -9.92
CA ILE A 111 4.07 -7.04 -9.75
C ILE A 111 2.82 -6.24 -9.41
N TYR A 112 2.66 -5.93 -8.13
CA TYR A 112 1.50 -5.18 -7.66
C TYR A 112 1.37 -3.83 -8.37
N PRO A 113 0.37 -3.68 -9.25
CA PRO A 113 0.15 -2.43 -9.99
C PRO A 113 -0.44 -1.34 -9.11
N LEU A 114 -0.02 -0.10 -9.36
CA LEU A 114 -0.51 1.04 -8.59
C LEU A 114 -1.56 1.83 -9.39
N ASP A 115 -2.83 1.50 -9.18
CA ASP A 115 -3.92 2.17 -9.87
C ASP A 115 -4.78 2.93 -8.89
N SER A 116 -5.78 3.64 -9.41
CA SER A 116 -6.69 4.42 -8.56
C SER A 116 -7.44 3.51 -7.59
N LEU A 117 -7.41 2.21 -7.84
CA LEU A 117 -8.07 1.25 -6.99
C LEU A 117 -7.11 0.69 -5.94
N THR A 118 -5.96 1.34 -5.78
CA THR A 118 -4.96 0.92 -4.82
C THR A 118 -4.88 1.88 -3.63
N TRP A 119 -5.14 1.36 -2.44
CA TRP A 119 -5.09 2.15 -1.23
C TRP A 119 -3.65 2.29 -0.72
N ILE A 120 -3.11 3.50 -0.83
CA ILE A 120 -1.76 3.77 -0.38
C ILE A 120 -1.71 4.94 0.60
N GLU A 121 -1.32 4.66 1.84
CA GLU A 121 -1.25 5.69 2.87
C GLU A 121 0.14 5.76 3.48
N TYR A 122 0.52 6.96 3.93
CA TYR A 122 1.84 7.15 4.54
C TYR A 122 1.82 6.76 6.02
N TRP A 123 2.56 5.71 6.35
CA TRP A 123 2.65 5.24 7.72
C TRP A 123 3.84 5.86 8.43
N PRO A 124 3.60 6.69 9.46
CA PRO A 124 4.67 7.35 10.21
C PRO A 124 5.77 6.37 10.65
N ARG A 125 6.91 6.46 10.00
CA ARG A 125 8.05 5.59 10.30
C ARG A 125 8.34 5.58 11.81
N ASP A 126 8.15 6.73 12.46
CA ASP A 126 8.41 6.84 13.89
C ASP A 126 7.11 7.18 14.64
N THR A 127 7.01 6.70 15.88
CA THR A 127 5.84 6.94 16.71
C THR A 127 6.11 8.01 17.76
N THR A 128 7.13 8.83 17.51
CA THR A 128 7.48 9.89 18.45
C THR A 128 8.03 11.11 17.70
N CYS A 129 7.13 11.90 17.12
CA CYS A 129 7.53 13.09 16.37
C CYS A 129 7.73 14.27 17.31
N SER A 130 6.62 14.84 17.79
CA SER A 130 6.68 15.98 18.70
C SER A 130 5.99 15.67 20.01
N SER A 131 4.66 15.60 19.98
CA SER A 131 3.89 15.29 21.18
C SER A 131 4.10 13.85 21.61
N CYS A 132 3.62 12.91 20.79
CA CYS A 132 3.77 11.49 21.08
C CYS A 132 3.42 10.65 19.86
N GLN A 133 2.14 10.29 19.73
CA GLN A 133 1.68 9.48 18.61
C GLN A 133 0.44 10.11 17.97
N ALA A 134 0.65 11.20 17.24
CA ALA A 134 -0.44 11.90 16.58
C ALA A 134 -1.25 10.97 15.68
N PHE A 135 -0.65 10.58 14.55
CA PHE A 135 -1.33 9.70 13.61
C PHE A 135 -1.21 8.24 14.04
N LEU A 136 -0.21 7.95 14.87
CA LEU A 136 0.01 6.59 15.35
C LEU A 136 -1.07 6.19 16.36
N ALA A 137 -1.93 7.14 16.71
CA ALA A 137 -3.00 6.88 17.67
C ALA A 137 -4.18 6.21 16.98
N ASN A 138 -4.54 6.71 15.80
CA ASN A 138 -5.65 6.16 15.04
C ASN A 138 -5.27 4.82 14.43
N LEU A 139 -3.98 4.50 14.47
CA LEU A 139 -3.48 3.24 13.93
C LEU A 139 -3.55 2.13 14.98
N ASP A 140 -3.46 2.52 16.25
CA ASP A 140 -3.51 1.56 17.34
C ASP A 140 -4.87 0.87 17.39
N GLU A 141 -5.93 1.64 17.13
CA GLU A 141 -7.28 1.10 17.14
C GLU A 141 -7.47 0.06 16.04
N PHE A 142 -7.09 0.44 14.82
CA PHE A 142 -7.20 -0.46 13.67
C PHE A 142 -6.33 -1.71 13.86
N ALA A 143 -5.23 -1.55 14.58
CA ALA A 143 -4.33 -2.66 14.84
C ALA A 143 -5.03 -3.81 15.55
N GLU A 144 -5.85 -3.46 16.54
CA GLU A 144 -6.58 -4.48 17.30
C GLU A 144 -7.99 -4.66 16.76
N ASP A 145 -8.36 -3.83 15.78
CA ASP A 145 -9.69 -3.91 15.18
C ASP A 145 -9.70 -4.87 14.00
N ILE A 146 -8.54 -5.10 13.40
CA ILE A 146 -8.41 -6.01 12.27
C ILE A 146 -7.95 -7.39 12.72
N PHE A 147 -7.40 -7.44 13.92
CA PHE A 147 -6.91 -8.70 14.49
C PHE A 147 -7.97 -9.37 15.35
N LEU A 148 -8.58 -8.60 16.24
CA LEU A 148 -9.61 -9.13 17.13
C LEU A 148 -10.95 -9.25 16.42
N ASN A 149 -11.40 -8.15 15.84
CA ASN A 149 -12.67 -8.13 15.14
C ASN A 149 -12.55 -8.78 13.77
N GLY A 150 -11.93 -8.07 12.83
CA GLY A 150 -11.75 -8.59 11.49
C GLY A 150 -13.05 -8.60 10.70
N CYS A 151 -13.07 -7.87 9.58
CA CYS A 151 -14.26 -7.79 8.74
C CYS A 151 -14.38 -9.03 7.85
N GLY A 1 -0.14 26.60 -15.46
CA GLY A 1 0.14 25.43 -16.33
C GLY A 1 0.79 24.28 -15.57
N SER A 2 -0.01 23.29 -15.20
CA SER A 2 0.49 22.14 -14.46
C SER A 2 -0.22 20.86 -14.90
N HIS A 3 0.50 19.75 -14.84
CA HIS A 3 -0.06 18.45 -15.24
C HIS A 3 -0.81 17.82 -14.07
N MET A 4 -1.80 16.99 -14.40
CA MET A 4 -2.60 16.32 -13.38
C MET A 4 -2.94 14.90 -13.81
N ALA A 5 -2.37 13.92 -13.13
CA ALA A 5 -2.61 12.51 -13.45
C ALA A 5 -2.53 11.65 -12.20
N ASP A 6 -3.67 11.12 -11.77
CA ASP A 6 -3.73 10.28 -10.58
C ASP A 6 -3.92 8.81 -10.97
N CYS A 7 -2.82 8.06 -10.94
CA CYS A 7 -2.87 6.64 -11.28
C CYS A 7 -2.86 5.79 -10.03
N GLY A 8 -3.31 6.39 -8.94
CA GLY A 8 -3.35 5.69 -7.66
C GLY A 8 -4.03 6.51 -6.58
N GLN A 9 -3.70 7.78 -6.54
CA GLN A 9 -4.28 8.70 -5.55
C GLN A 9 -4.01 8.22 -4.13
N MET A 10 -2.96 8.77 -3.51
CA MET A 10 -2.60 8.39 -2.15
C MET A 10 -3.18 9.38 -1.14
N GLN A 11 -3.10 9.03 0.14
CA GLN A 11 -3.62 9.88 1.20
C GLN A 11 -2.52 10.70 1.84
N GLU A 12 -2.91 11.63 2.71
CA GLU A 12 -1.96 12.48 3.40
C GLU A 12 -1.06 11.68 4.34
N GLU A 13 0.09 12.25 4.68
CA GLU A 13 1.03 11.58 5.58
C GLU A 13 0.62 11.79 7.03
N LEU A 14 -0.20 12.80 7.27
CA LEU A 14 -0.67 13.11 8.61
C LEU A 14 -2.06 13.74 8.57
N ASP A 15 -3.08 12.93 8.79
CA ASP A 15 -4.46 13.41 8.78
C ASP A 15 -5.25 12.80 9.94
N LEU A 16 -5.58 13.63 10.92
CA LEU A 16 -6.33 13.19 12.09
C LEU A 16 -7.83 13.22 11.82
N THR A 17 -8.21 13.40 10.56
CA THR A 17 -9.60 13.46 10.17
C THR A 17 -10.18 12.06 9.94
N ILE A 18 -9.41 11.23 9.26
CA ILE A 18 -9.83 9.86 8.97
C ILE A 18 -9.75 8.98 10.21
N SER A 19 -10.79 8.19 10.44
CA SER A 19 -10.84 7.30 11.60
C SER A 19 -10.30 5.92 11.25
N ALA A 20 -10.35 5.00 12.21
CA ALA A 20 -9.86 3.65 12.00
C ALA A 20 -10.83 2.84 11.14
N GLU A 21 -12.10 2.82 11.56
CA GLU A 21 -13.13 2.09 10.83
C GLU A 21 -13.38 2.72 9.46
N THR A 22 -13.01 3.99 9.32
CA THR A 22 -13.20 4.71 8.07
C THR A 22 -12.33 4.13 6.96
N ARG A 23 -11.10 3.75 7.32
CA ARG A 23 -10.17 3.17 6.36
C ARG A 23 -10.19 1.65 6.41
N LYS A 24 -10.98 1.10 7.34
CA LYS A 24 -11.09 -0.34 7.50
C LYS A 24 -12.12 -0.91 6.53
N GLN A 25 -13.17 -0.14 6.27
CA GLN A 25 -14.23 -0.56 5.35
C GLN A 25 -13.63 -0.90 3.99
N THR A 26 -12.46 -0.36 3.71
CA THR A 26 -11.77 -0.61 2.45
C THR A 26 -11.05 -1.95 2.48
N ALA A 27 -10.61 -2.35 3.66
CA ALA A 27 -9.89 -3.61 3.83
C ALA A 27 -10.76 -4.78 3.41
N CYS A 28 -11.97 -4.86 3.96
CA CYS A 28 -12.90 -5.93 3.63
C CYS A 28 -13.70 -5.63 2.36
N LYS A 29 -13.32 -4.55 1.68
CA LYS A 29 -14.00 -4.15 0.46
C LYS A 29 -13.77 -5.18 -0.65
N PRO A 30 -14.83 -5.51 -1.41
CA PRO A 30 -14.75 -6.49 -2.50
C PRO A 30 -13.62 -6.21 -3.48
N GLU A 31 -13.58 -4.99 -4.01
CA GLU A 31 -12.54 -4.60 -4.97
C GLU A 31 -11.15 -4.73 -4.36
N ILE A 32 -11.09 -4.78 -3.03
CA ILE A 32 -9.82 -4.91 -2.32
C ILE A 32 -9.55 -6.36 -1.96
N ALA A 33 -8.30 -6.77 -2.10
CA ALA A 33 -7.90 -8.14 -1.79
C ALA A 33 -7.09 -8.22 -0.50
N TYR A 34 -5.89 -7.67 -0.53
CA TYR A 34 -5.01 -7.70 0.64
C TYR A 34 -4.97 -6.36 1.36
N ALA A 35 -4.58 -6.41 2.63
CA ALA A 35 -4.49 -5.22 3.46
C ALA A 35 -3.34 -5.34 4.45
N TYR A 36 -2.18 -4.83 4.08
CA TYR A 36 -1.00 -4.91 4.94
C TYR A 36 -0.10 -3.69 4.79
N LYS A 37 0.87 -3.57 5.68
CA LYS A 37 1.82 -2.45 5.64
C LYS A 37 3.17 -2.93 5.10
N VAL A 38 3.83 -2.07 4.34
CA VAL A 38 5.12 -2.41 3.76
C VAL A 38 6.08 -1.22 3.79
N SER A 39 7.26 -1.41 3.21
CA SER A 39 8.27 -0.35 3.17
C SER A 39 9.11 -0.46 1.90
N ILE A 40 9.25 0.67 1.19
CA ILE A 40 10.03 0.69 -0.04
C ILE A 40 11.49 0.37 0.23
N THR A 41 12.01 -0.65 -0.47
CA THR A 41 13.39 -1.06 -0.29
C THR A 41 14.23 -0.75 -1.52
N SER A 42 13.57 -0.43 -2.63
CA SER A 42 14.27 -0.12 -3.87
C SER A 42 13.32 0.46 -4.92
N ILE A 43 13.89 1.19 -5.87
CA ILE A 43 13.11 1.81 -6.93
C ILE A 43 13.78 1.62 -8.29
N THR A 44 13.26 0.70 -9.08
CA THR A 44 13.81 0.41 -10.40
C THR A 44 13.14 1.26 -11.48
N VAL A 45 13.90 2.17 -12.06
CA VAL A 45 13.38 3.04 -13.11
C VAL A 45 13.69 2.48 -14.50
N GLU A 46 12.69 2.46 -15.37
CA GLU A 46 12.86 1.94 -16.72
C GLU A 46 12.59 3.04 -17.75
N ASN A 47 12.45 2.64 -19.01
CA ASN A 47 12.19 3.58 -20.09
C ASN A 47 10.90 4.35 -19.86
N VAL A 48 9.80 3.62 -19.70
CA VAL A 48 8.50 4.24 -19.47
C VAL A 48 7.87 3.77 -18.17
N PHE A 49 7.92 2.45 -17.93
CA PHE A 49 7.35 1.87 -16.72
C PHE A 49 8.34 1.92 -15.57
N VAL A 50 7.85 1.64 -14.36
CA VAL A 50 8.69 1.64 -13.17
C VAL A 50 8.27 0.53 -12.22
N LYS A 51 9.25 -0.07 -11.54
CA LYS A 51 8.98 -1.15 -10.60
C LYS A 51 9.52 -0.83 -9.22
N TYR A 52 8.62 -0.59 -8.27
CA TYR A 52 9.01 -0.27 -6.90
C TYR A 52 9.15 -1.55 -6.08
N LYS A 53 10.40 -1.90 -5.77
CA LYS A 53 10.68 -3.09 -4.99
C LYS A 53 10.59 -2.79 -3.50
N ALA A 54 9.69 -3.48 -2.81
CA ALA A 54 9.50 -3.27 -1.38
C ALA A 54 9.25 -4.58 -0.63
N THR A 55 9.41 -4.54 0.69
CA THR A 55 9.20 -5.71 1.52
C THR A 55 7.95 -5.54 2.39
N LEU A 56 7.24 -6.65 2.60
CA LEU A 56 6.04 -6.63 3.41
C LEU A 56 6.40 -6.58 4.90
N LEU A 57 5.97 -5.53 5.59
CA LEU A 57 6.27 -5.38 7.01
C LEU A 57 5.41 -6.33 7.84
N ASP A 58 4.11 -6.35 7.58
CA ASP A 58 3.19 -7.21 8.31
C ASP A 58 1.83 -7.25 7.63
N ILE A 59 1.21 -8.42 7.60
CA ILE A 59 -0.09 -8.59 6.97
C ILE A 59 -1.24 -8.51 7.98
N TYR A 60 -2.23 -7.67 7.65
CA TYR A 60 -3.40 -7.50 8.49
C TYR A 60 -4.59 -8.20 7.84
N LYS A 61 -4.43 -8.52 6.56
CA LYS A 61 -5.45 -9.20 5.78
C LYS A 61 -4.79 -9.98 4.64
N THR A 62 -4.85 -11.30 4.72
CA THR A 62 -4.25 -12.17 3.71
C THR A 62 -4.57 -11.71 2.30
N GLY A 63 -3.62 -11.92 1.40
CA GLY A 63 -3.78 -11.54 0.02
C GLY A 63 -4.16 -12.70 -0.88
N GLU A 64 -5.19 -12.52 -1.70
CA GLU A 64 -5.65 -13.56 -2.59
C GLU A 64 -4.52 -14.01 -3.53
N ALA A 65 -3.59 -13.10 -3.81
CA ALA A 65 -2.46 -13.40 -4.67
C ALA A 65 -1.31 -13.96 -3.86
N VAL A 66 -1.63 -14.85 -2.92
CA VAL A 66 -0.64 -15.47 -2.06
C VAL A 66 0.19 -14.42 -1.31
N ALA A 67 -0.28 -14.06 -0.12
CA ALA A 67 0.40 -13.08 0.70
C ALA A 67 0.93 -13.72 1.98
N GLU A 68 2.16 -13.38 2.34
CA GLU A 68 2.78 -13.93 3.54
C GLU A 68 3.55 -12.87 4.31
N LYS A 69 3.61 -13.03 5.63
CA LYS A 69 4.32 -12.07 6.48
C LYS A 69 5.74 -11.87 5.97
N ASP A 70 6.07 -10.63 5.60
CA ASP A 70 7.39 -10.29 5.09
C ASP A 70 7.68 -11.04 3.80
N SER A 71 6.96 -10.66 2.74
CA SER A 71 7.12 -11.27 1.44
C SER A 71 7.73 -10.29 0.45
N GLU A 72 7.67 -10.62 -0.83
CA GLU A 72 8.22 -9.76 -1.87
C GLU A 72 7.09 -9.17 -2.72
N ILE A 73 7.19 -7.88 -3.01
CA ILE A 73 6.19 -7.18 -3.81
C ILE A 73 6.82 -6.18 -4.76
N THR A 74 6.23 -6.07 -5.96
CA THR A 74 6.71 -5.14 -6.97
C THR A 74 5.58 -4.27 -7.48
N PHE A 75 5.59 -3.00 -7.06
CA PHE A 75 4.55 -2.06 -7.48
C PHE A 75 4.84 -1.51 -8.87
N ILE A 76 4.10 -2.02 -9.85
CA ILE A 76 4.24 -1.60 -11.22
C ILE A 76 3.46 -0.29 -11.46
N LYS A 77 4.18 0.75 -11.87
CA LYS A 77 3.55 2.04 -12.12
C LYS A 77 4.18 2.73 -13.32
N LYS A 78 3.44 3.66 -13.92
CA LYS A 78 3.93 4.40 -15.08
C LYS A 78 4.62 5.69 -14.64
N VAL A 79 5.04 6.49 -15.62
CA VAL A 79 5.71 7.76 -15.34
C VAL A 79 4.75 8.93 -15.48
N THR A 80 3.56 8.65 -16.01
CA THR A 80 2.55 9.68 -16.22
C THR A 80 1.95 10.15 -14.89
N CYS A 81 2.00 9.28 -13.89
CA CYS A 81 1.46 9.60 -12.58
C CYS A 81 2.18 10.81 -11.98
N THR A 82 1.61 11.34 -10.90
CA THR A 82 2.19 12.50 -10.23
C THR A 82 1.78 12.53 -8.76
N ASN A 83 0.74 11.78 -8.43
CA ASN A 83 0.24 11.72 -7.06
C ASN A 83 0.52 10.36 -6.43
N ALA A 84 0.90 9.39 -7.26
CA ALA A 84 1.20 8.04 -6.76
C ALA A 84 2.70 7.81 -6.71
N GLU A 85 3.44 8.83 -6.29
CA GLU A 85 4.89 8.75 -6.19
C GLU A 85 5.32 8.49 -4.75
N LEU A 86 5.84 7.30 -4.48
CA LEU A 86 6.30 6.94 -3.14
C LEU A 86 7.80 7.17 -2.99
N VAL A 87 8.24 7.30 -1.74
CA VAL A 87 9.66 7.54 -1.46
C VAL A 87 10.32 6.27 -0.92
N LYS A 88 11.59 6.09 -1.27
CA LYS A 88 12.35 4.92 -0.83
C LYS A 88 12.88 5.11 0.58
N GLY A 89 12.85 4.04 1.37
CA GLY A 89 13.33 4.10 2.74
C GLY A 89 12.23 4.41 3.74
N ARG A 90 11.07 4.81 3.24
CA ARG A 90 9.94 5.13 4.10
C ARG A 90 8.94 3.98 4.15
N GLN A 91 7.96 4.11 5.04
CA GLN A 91 6.93 3.08 5.20
C GLN A 91 5.57 3.59 4.73
N TYR A 92 4.88 2.77 3.94
CA TYR A 92 3.57 3.14 3.41
C TYR A 92 2.57 1.99 3.55
N LEU A 93 1.33 2.34 3.88
CA LEU A 93 0.27 1.34 4.02
C LEU A 93 -0.24 0.92 2.66
N ILE A 94 -0.51 -0.38 2.49
CA ILE A 94 -0.99 -0.89 1.23
C ILE A 94 -2.26 -1.73 1.39
N MET A 95 -3.32 -1.31 0.72
CA MET A 95 -4.60 -2.01 0.76
C MET A 95 -5.30 -1.91 -0.59
N GLY A 96 -5.36 -3.02 -1.31
CA GLY A 96 -6.00 -3.00 -2.62
C GLY A 96 -6.12 -4.38 -3.26
N LYS A 97 -6.57 -4.39 -4.51
CA LYS A 97 -6.73 -5.61 -5.26
C LYS A 97 -5.45 -6.44 -5.28
N GLU A 98 -5.60 -7.74 -5.51
CA GLU A 98 -4.47 -8.66 -5.54
C GLU A 98 -3.62 -8.42 -6.79
N ALA A 99 -2.62 -9.28 -6.99
CA ALA A 99 -1.74 -9.18 -8.15
C ALA A 99 -2.22 -10.04 -9.30
N LEU A 100 -1.46 -10.07 -10.37
CA LEU A 100 -1.81 -10.86 -11.55
C LEU A 100 -1.15 -12.23 -11.50
N GLN A 101 -1.21 -12.96 -12.61
CA GLN A 101 -0.62 -14.29 -12.69
C GLN A 101 -0.29 -14.64 -14.13
N ILE A 102 0.97 -14.46 -14.51
CA ILE A 102 1.42 -14.75 -15.87
C ILE A 102 2.57 -15.75 -15.86
N LYS A 103 2.65 -16.55 -14.80
CA LYS A 103 3.69 -17.56 -14.67
C LYS A 103 3.81 -18.40 -15.93
N TYR A 104 5.05 -18.68 -16.34
CA TYR A 104 5.30 -19.46 -17.53
C TYR A 104 5.91 -20.82 -17.18
N ASN A 105 7.15 -20.80 -16.70
CA ASN A 105 7.84 -22.03 -16.32
C ASN A 105 9.11 -21.72 -15.52
N ALA A 106 10.01 -20.95 -16.13
CA ALA A 106 11.26 -20.58 -15.47
C ALA A 106 11.00 -19.63 -14.32
N SER A 107 10.07 -18.70 -14.51
CA SER A 107 9.74 -17.73 -13.46
C SER A 107 8.26 -17.34 -13.54
N PHE A 108 7.66 -17.11 -12.37
CA PHE A 108 6.26 -16.73 -12.30
C PHE A 108 6.10 -15.21 -12.27
N ARG A 109 5.02 -14.72 -12.87
CA ARG A 109 4.75 -13.29 -12.92
C ARG A 109 3.59 -12.92 -12.00
N TYR A 110 3.91 -12.56 -10.77
CA TYR A 110 2.90 -12.18 -9.79
C TYR A 110 3.06 -10.72 -9.38
N ILE A 111 3.61 -9.91 -10.29
CA ILE A 111 3.82 -8.50 -10.02
C ILE A 111 2.53 -7.83 -9.54
N TYR A 112 2.67 -6.86 -8.65
CA TYR A 112 1.51 -6.14 -8.10
C TYR A 112 1.28 -4.83 -8.85
N PRO A 113 0.09 -4.65 -9.43
CA PRO A 113 -0.25 -3.43 -10.17
C PRO A 113 -0.36 -2.21 -9.26
N LEU A 114 -0.78 -1.09 -9.83
CA LEU A 114 -0.93 0.15 -9.08
C LEU A 114 -1.85 1.12 -9.79
N ASP A 115 -3.13 1.10 -9.41
CA ASP A 115 -4.13 1.96 -10.01
C ASP A 115 -4.81 2.83 -8.95
N SER A 116 -5.80 3.62 -9.38
CA SER A 116 -6.53 4.49 -8.47
C SER A 116 -7.28 3.69 -7.42
N LEU A 117 -7.47 2.40 -7.69
CA LEU A 117 -8.18 1.52 -6.76
C LEU A 117 -7.24 0.98 -5.69
N THR A 118 -6.04 1.55 -5.64
CA THR A 118 -5.04 1.13 -4.66
C THR A 118 -4.98 2.08 -3.48
N TRP A 119 -5.51 1.65 -2.34
CA TRP A 119 -5.53 2.48 -1.13
C TRP A 119 -4.15 2.47 -0.46
N ILE A 120 -3.42 3.57 -0.62
CA ILE A 120 -2.09 3.69 -0.03
C ILE A 120 -2.02 4.89 0.92
N GLU A 121 -1.31 4.72 2.02
CA GLU A 121 -1.16 5.78 3.02
C GLU A 121 0.26 5.84 3.54
N TYR A 122 0.50 6.73 4.50
CA TYR A 122 1.82 6.89 5.10
C TYR A 122 1.80 6.50 6.57
N TRP A 123 2.81 5.73 6.97
CA TRP A 123 2.92 5.28 8.36
C TRP A 123 4.01 6.05 9.10
N PRO A 124 3.63 7.05 9.91
CA PRO A 124 4.59 7.87 10.66
C PRO A 124 5.53 7.02 11.50
N ARG A 125 6.80 7.00 11.11
CA ARG A 125 7.81 6.23 11.82
C ARG A 125 8.31 6.98 13.04
N ASP A 126 7.85 8.22 13.19
CA ASP A 126 8.25 9.05 14.32
C ASP A 126 7.17 9.07 15.40
N THR A 127 7.51 8.53 16.58
CA THR A 127 6.56 8.48 17.68
C THR A 127 7.23 8.92 18.98
N THR A 128 8.50 9.27 18.90
CA THR A 128 9.26 9.71 20.07
C THR A 128 9.07 11.20 20.31
N CYS A 129 8.33 11.86 19.43
CA CYS A 129 8.08 13.29 19.55
C CYS A 129 6.75 13.55 20.27
N SER A 130 6.46 14.83 20.51
CA SER A 130 5.23 15.21 21.19
C SER A 130 4.15 15.60 20.19
N SER A 131 2.93 15.14 20.42
CA SER A 131 1.80 15.44 19.54
C SER A 131 2.07 14.95 18.12
N CYS A 132 3.06 14.08 17.97
CA CYS A 132 3.42 13.54 16.66
C CYS A 132 2.88 12.13 16.49
N GLN A 133 2.67 11.44 17.61
CA GLN A 133 2.17 10.07 17.59
C GLN A 133 0.64 10.06 17.61
N ALA A 134 0.05 11.24 17.44
CA ALA A 134 -1.41 11.35 17.46
C ALA A 134 -2.04 10.55 16.33
N PHE A 135 -1.42 10.59 15.16
CA PHE A 135 -1.92 9.86 14.00
C PHE A 135 -1.85 8.35 14.24
N LEU A 136 -0.85 7.91 14.99
CA LEU A 136 -0.66 6.50 15.29
C LEU A 136 -1.72 6.02 16.29
N ALA A 137 -2.12 6.91 17.19
CA ALA A 137 -3.11 6.58 18.20
C ALA A 137 -4.42 6.14 17.56
N ASN A 138 -4.90 6.93 16.60
CA ASN A 138 -6.14 6.61 15.90
C ASN A 138 -5.94 5.44 14.94
N LEU A 139 -4.70 4.99 14.82
CA LEU A 139 -4.37 3.87 13.95
C LEU A 139 -4.25 2.57 14.74
N ASP A 140 -3.92 2.69 16.02
CA ASP A 140 -3.78 1.52 16.89
C ASP A 140 -5.09 0.74 16.95
N GLU A 141 -6.20 1.46 17.04
CA GLU A 141 -7.52 0.83 17.10
C GLU A 141 -7.78 0.00 15.84
N PHE A 142 -7.16 0.41 14.75
CA PHE A 142 -7.32 -0.29 13.46
C PHE A 142 -6.44 -1.54 13.42
N ALA A 143 -5.28 -1.46 14.07
CA ALA A 143 -4.35 -2.58 14.09
C ALA A 143 -4.96 -3.81 14.77
N GLU A 144 -5.94 -3.57 15.64
CA GLU A 144 -6.60 -4.66 16.34
C GLU A 144 -7.96 -4.96 15.74
N ASP A 145 -8.64 -3.92 15.28
CA ASP A 145 -9.96 -4.07 14.67
C ASP A 145 -9.89 -4.92 13.41
N ILE A 146 -8.69 -5.17 12.93
CA ILE A 146 -8.49 -5.97 11.72
C ILE A 146 -7.97 -7.37 12.05
N PHE A 147 -7.20 -7.46 13.14
CA PHE A 147 -6.64 -8.73 13.58
C PHE A 147 -7.54 -9.40 14.61
N LEU A 148 -7.83 -8.68 15.67
CA LEU A 148 -8.67 -9.19 16.75
C LEU A 148 -10.09 -9.40 16.25
N ASN A 149 -10.59 -8.44 15.49
CA ASN A 149 -11.93 -8.50 14.95
C ASN A 149 -11.94 -9.18 13.58
N GLY A 150 -11.40 -8.48 12.58
CA GLY A 150 -11.36 -9.03 11.24
C GLY A 150 -12.71 -8.97 10.55
N CYS A 151 -12.73 -9.36 9.27
CA CYS A 151 -13.97 -9.35 8.50
C CYS A 151 -14.14 -10.66 7.72
N GLY A 1 -4.24 3.49 -20.67
CA GLY A 1 -3.53 4.44 -21.57
C GLY A 1 -2.50 5.29 -20.85
N SER A 2 -2.98 6.17 -19.99
CA SER A 2 -2.09 7.05 -19.22
C SER A 2 -2.74 7.45 -17.90
N HIS A 3 -3.88 8.14 -17.98
CA HIS A 3 -4.60 8.59 -16.80
C HIS A 3 -3.79 9.61 -16.01
N MET A 4 -4.49 10.52 -15.34
CA MET A 4 -3.83 11.55 -14.54
C MET A 4 -4.82 12.17 -13.54
N ALA A 5 -4.42 13.29 -12.94
CA ALA A 5 -5.26 14.00 -11.97
C ALA A 5 -5.22 13.31 -10.61
N ASP A 6 -5.66 12.06 -10.57
CA ASP A 6 -5.66 11.30 -9.32
C ASP A 6 -5.01 9.94 -9.51
N CYS A 7 -4.18 9.81 -10.54
CA CYS A 7 -3.48 8.56 -10.82
C CYS A 7 -2.88 8.02 -9.53
N GLY A 8 -2.92 6.70 -9.35
CA GLY A 8 -2.40 6.11 -8.13
C GLY A 8 -2.82 6.91 -6.92
N GLN A 9 -4.07 7.37 -6.95
CA GLN A 9 -4.64 8.18 -5.88
C GLN A 9 -4.08 7.82 -4.51
N MET A 10 -3.32 8.76 -3.93
CA MET A 10 -2.72 8.55 -2.62
C MET A 10 -3.58 9.18 -1.53
N GLN A 11 -3.03 9.28 -0.33
CA GLN A 11 -3.74 9.86 0.80
C GLN A 11 -2.84 10.80 1.59
N GLU A 12 -3.45 11.61 2.46
CA GLU A 12 -2.71 12.56 3.27
C GLU A 12 -1.69 11.84 4.15
N GLU A 13 -0.51 12.45 4.29
CA GLU A 13 0.55 11.87 5.09
C GLU A 13 0.16 11.86 6.56
N LEU A 14 -0.76 12.73 6.92
CA LEU A 14 -1.22 12.83 8.31
C LEU A 14 -2.67 13.30 8.35
N ASP A 15 -3.58 12.36 8.54
CA ASP A 15 -5.01 12.67 8.60
C ASP A 15 -5.59 12.23 9.95
N LEU A 16 -6.11 13.19 10.69
CA LEU A 16 -6.71 12.90 12.00
C LEU A 16 -8.23 12.99 11.93
N THR A 17 -8.75 13.20 10.73
CA THR A 17 -10.20 13.30 10.53
C THR A 17 -10.79 11.95 10.17
N ILE A 18 -9.97 11.08 9.58
CA ILE A 18 -10.42 9.75 9.18
C ILE A 18 -10.42 8.79 10.37
N SER A 19 -11.55 8.11 10.57
CA SER A 19 -11.67 7.16 11.67
C SER A 19 -11.06 5.80 11.29
N ALA A 20 -10.81 4.98 12.30
CA ALA A 20 -10.23 3.66 12.08
C ALA A 20 -11.22 2.73 11.37
N GLU A 21 -12.51 3.07 11.48
CA GLU A 21 -13.56 2.27 10.85
C GLU A 21 -13.81 2.74 9.42
N THR A 22 -13.58 4.02 9.17
CA THR A 22 -13.78 4.60 7.85
C THR A 22 -12.86 3.95 6.82
N ARG A 23 -11.60 3.77 7.20
CA ARG A 23 -10.61 3.16 6.30
C ARG A 23 -10.80 1.65 6.24
N LYS A 24 -11.66 1.12 7.10
CA LYS A 24 -11.94 -0.31 7.14
C LYS A 24 -13.12 -0.66 6.24
N GLN A 25 -14.01 0.31 6.03
CA GLN A 25 -15.18 0.11 5.19
C GLN A 25 -14.76 -0.29 3.78
N THR A 26 -13.50 -0.03 3.46
CA THR A 26 -12.96 -0.35 2.15
C THR A 26 -12.29 -1.73 2.17
N ALA A 27 -11.79 -2.12 3.34
CA ALA A 27 -11.12 -3.41 3.49
C ALA A 27 -12.11 -4.56 3.35
N CYS A 28 -13.29 -4.40 3.95
CA CYS A 28 -14.31 -5.43 3.91
C CYS A 28 -14.90 -5.57 2.50
N LYS A 29 -14.49 -4.69 1.60
CA LYS A 29 -14.98 -4.71 0.23
C LYS A 29 -14.24 -5.77 -0.60
N PRO A 30 -14.97 -6.46 -1.50
CA PRO A 30 -14.39 -7.51 -2.35
C PRO A 30 -13.23 -6.98 -3.19
N GLU A 31 -13.28 -5.70 -3.53
CA GLU A 31 -12.24 -5.08 -4.33
C GLU A 31 -10.87 -5.18 -3.66
N ILE A 32 -10.88 -5.20 -2.32
CA ILE A 32 -9.65 -5.29 -1.55
C ILE A 32 -9.43 -6.72 -1.09
N ALA A 33 -8.31 -7.30 -1.50
CA ALA A 33 -7.96 -8.67 -1.13
C ALA A 33 -7.08 -8.73 0.11
N TYR A 34 -5.92 -8.10 0.04
CA TYR A 34 -4.98 -8.10 1.15
C TYR A 34 -4.94 -6.77 1.89
N ALA A 35 -4.31 -6.80 3.06
CA ALA A 35 -4.15 -5.61 3.90
C ALA A 35 -2.95 -5.79 4.81
N TYR A 36 -1.93 -4.96 4.62
CA TYR A 36 -0.73 -5.07 5.43
C TYR A 36 0.19 -3.85 5.28
N LYS A 37 1.21 -3.79 6.12
CA LYS A 37 2.17 -2.69 6.11
C LYS A 37 3.49 -3.16 5.52
N VAL A 38 3.95 -2.46 4.48
CA VAL A 38 5.21 -2.81 3.83
C VAL A 38 6.25 -1.71 4.01
N SER A 39 7.45 -1.96 3.48
CA SER A 39 8.55 -0.99 3.58
C SER A 39 9.43 -1.04 2.34
N ILE A 40 9.46 0.07 1.59
CA ILE A 40 10.27 0.14 0.39
C ILE A 40 11.74 -0.17 0.70
N THR A 41 12.40 -0.86 -0.22
CA THR A 41 13.80 -1.24 -0.02
C THR A 41 14.65 -0.87 -1.24
N SER A 42 14.07 -0.98 -2.43
CA SER A 42 14.79 -0.67 -3.65
C SER A 42 13.87 -0.09 -4.72
N ILE A 43 14.42 0.80 -5.54
CA ILE A 43 13.67 1.45 -6.60
C ILE A 43 14.41 1.36 -7.93
N THR A 44 13.67 1.08 -9.00
CA THR A 44 14.28 0.96 -10.33
C THR A 44 13.28 1.35 -11.41
N VAL A 45 13.74 2.11 -12.40
CA VAL A 45 12.89 2.54 -13.50
C VAL A 45 13.38 1.95 -14.82
N GLU A 46 12.44 1.50 -15.64
CA GLU A 46 12.77 0.91 -16.93
C GLU A 46 11.78 1.36 -18.01
N ASN A 47 12.30 2.01 -19.04
CA ASN A 47 11.47 2.50 -20.14
C ASN A 47 10.41 3.47 -19.65
N VAL A 48 9.29 2.93 -19.18
CA VAL A 48 8.19 3.74 -18.68
C VAL A 48 7.70 3.25 -17.33
N PHE A 49 7.46 1.95 -17.23
CA PHE A 49 6.99 1.34 -15.98
C PHE A 49 8.10 1.35 -14.92
N VAL A 50 7.82 1.99 -13.80
CA VAL A 50 8.78 2.08 -12.71
C VAL A 50 8.49 1.03 -11.64
N LYS A 51 9.43 0.09 -11.46
CA LYS A 51 9.27 -0.97 -10.47
C LYS A 51 9.68 -0.50 -9.09
N TYR A 52 9.06 -1.07 -8.07
CA TYR A 52 9.37 -0.73 -6.68
C TYR A 52 9.43 -1.97 -5.81
N LYS A 53 10.65 -2.43 -5.51
CA LYS A 53 10.83 -3.61 -4.67
C LYS A 53 10.73 -3.24 -3.20
N ALA A 54 9.68 -3.70 -2.54
CA ALA A 54 9.46 -3.42 -1.14
C ALA A 54 9.54 -4.68 -0.29
N THR A 55 9.33 -4.52 1.02
CA THR A 55 9.36 -5.64 1.95
C THR A 55 8.20 -5.57 2.93
N LEU A 56 7.31 -6.55 2.86
CA LEU A 56 6.15 -6.60 3.74
C LEU A 56 6.59 -6.69 5.20
N LEU A 57 6.49 -5.58 5.92
CA LEU A 57 6.89 -5.55 7.32
C LEU A 57 6.05 -6.51 8.16
N ASP A 58 4.76 -6.56 7.89
CA ASP A 58 3.85 -7.46 8.61
C ASP A 58 2.49 -7.54 7.93
N ILE A 59 1.82 -8.68 8.09
CA ILE A 59 0.50 -8.89 7.48
C ILE A 59 -0.63 -8.47 8.42
N TYR A 60 -1.67 -7.89 7.83
CA TYR A 60 -2.85 -7.46 8.57
C TYR A 60 -4.07 -8.17 8.01
N LYS A 61 -3.89 -8.77 6.84
CA LYS A 61 -4.94 -9.51 6.15
C LYS A 61 -4.32 -10.30 4.99
N THR A 62 -4.28 -11.62 5.15
CA THR A 62 -3.70 -12.50 4.14
C THR A 62 -4.09 -12.09 2.72
N GLY A 63 -3.16 -12.25 1.80
CA GLY A 63 -3.40 -11.91 0.41
C GLY A 63 -3.70 -13.13 -0.44
N GLU A 64 -4.82 -13.09 -1.15
CA GLU A 64 -5.22 -14.20 -2.01
C GLU A 64 -4.16 -14.48 -3.07
N ALA A 65 -3.37 -13.45 -3.39
CA ALA A 65 -2.31 -13.58 -4.38
C ALA A 65 -1.00 -13.99 -3.71
N VAL A 66 -1.09 -14.94 -2.79
CA VAL A 66 0.07 -15.43 -2.06
C VAL A 66 0.76 -14.29 -1.30
N ALA A 67 0.37 -14.12 -0.04
CA ALA A 67 0.95 -13.08 0.80
C ALA A 67 1.51 -13.68 2.09
N GLU A 68 2.75 -13.34 2.40
CA GLU A 68 3.40 -13.86 3.60
C GLU A 68 4.16 -12.76 4.33
N LYS A 69 4.30 -12.92 5.64
CA LYS A 69 5.00 -11.94 6.46
C LYS A 69 6.46 -11.80 6.01
N ASP A 70 6.88 -10.56 5.81
CA ASP A 70 8.26 -10.27 5.39
C ASP A 70 8.55 -10.91 4.03
N SER A 71 7.61 -10.77 3.10
CA SER A 71 7.77 -11.31 1.75
C SER A 71 8.40 -10.28 0.83
N GLU A 72 8.54 -10.64 -0.44
CA GLU A 72 9.12 -9.73 -1.43
C GLU A 72 8.14 -9.50 -2.57
N ILE A 73 7.76 -8.24 -2.77
CA ILE A 73 6.82 -7.88 -3.83
C ILE A 73 7.34 -6.71 -4.65
N THR A 74 6.79 -6.55 -5.86
CA THR A 74 7.19 -5.47 -6.75
C THR A 74 5.99 -4.61 -7.14
N PHE A 75 6.17 -3.30 -7.07
CA PHE A 75 5.10 -2.37 -7.43
C PHE A 75 5.51 -1.50 -8.61
N ILE A 76 4.81 -1.67 -9.73
CA ILE A 76 5.11 -0.90 -10.93
C ILE A 76 4.15 0.28 -11.09
N LYS A 77 4.62 1.33 -11.76
CA LYS A 77 3.82 2.51 -11.98
C LYS A 77 4.08 3.09 -13.37
N LYS A 78 3.53 4.27 -13.63
CA LYS A 78 3.71 4.92 -14.91
C LYS A 78 4.29 6.33 -14.73
N VAL A 79 5.28 6.67 -15.55
CA VAL A 79 5.92 7.98 -15.48
C VAL A 79 4.95 9.09 -15.87
N THR A 80 3.80 8.70 -16.42
CA THR A 80 2.79 9.65 -16.84
C THR A 80 1.83 9.97 -15.70
N CYS A 81 2.09 9.39 -14.54
CA CYS A 81 1.24 9.61 -13.38
C CYS A 81 1.70 10.83 -12.58
N THR A 82 0.79 11.77 -12.38
CA THR A 82 1.09 12.99 -11.63
C THR A 82 0.31 13.04 -10.31
N ASN A 83 0.62 12.11 -9.42
CA ASN A 83 -0.05 12.04 -8.12
C ASN A 83 0.58 10.97 -7.23
N ALA A 84 0.96 9.85 -7.83
CA ALA A 84 1.56 8.75 -7.08
C ALA A 84 3.05 8.95 -6.88
N GLU A 85 3.50 8.77 -5.64
CA GLU A 85 4.90 8.94 -5.29
C GLU A 85 5.34 7.88 -4.29
N LEU A 86 6.54 7.32 -4.49
CA LEU A 86 7.07 6.30 -3.59
C LEU A 86 8.53 6.57 -3.27
N VAL A 87 8.82 6.73 -1.98
CA VAL A 87 10.18 7.00 -1.52
C VAL A 87 10.86 5.72 -1.03
N LYS A 88 12.16 5.61 -1.32
CA LYS A 88 12.93 4.43 -0.90
C LYS A 88 13.12 4.41 0.60
N GLY A 89 13.04 3.22 1.18
CA GLY A 89 13.21 3.07 2.63
C GLY A 89 12.19 3.88 3.41
N ARG A 90 10.92 3.52 3.30
CA ARG A 90 9.86 4.22 4.00
C ARG A 90 8.69 3.28 4.29
N GLN A 91 7.97 3.54 5.37
CA GLN A 91 6.84 2.72 5.76
C GLN A 91 5.55 3.17 5.08
N TYR A 92 4.98 2.30 4.25
CA TYR A 92 3.76 2.61 3.53
C TYR A 92 2.73 1.48 3.69
N LEU A 93 1.55 1.84 4.19
CA LEU A 93 0.48 0.86 4.38
C LEU A 93 -0.26 0.63 3.07
N ILE A 94 -0.29 -0.62 2.62
CA ILE A 94 -0.97 -0.97 1.37
C ILE A 94 -2.14 -1.92 1.61
N MET A 95 -3.24 -1.67 0.91
CA MET A 95 -4.44 -2.49 1.02
C MET A 95 -5.26 -2.39 -0.25
N GLY A 96 -5.63 -3.54 -0.82
CA GLY A 96 -6.42 -3.52 -2.04
C GLY A 96 -6.38 -4.84 -2.80
N LYS A 97 -6.69 -4.75 -4.09
CA LYS A 97 -6.71 -5.93 -4.97
C LYS A 97 -5.50 -6.82 -4.75
N GLU A 98 -5.65 -8.10 -5.06
CA GLU A 98 -4.58 -9.07 -4.89
C GLU A 98 -3.60 -9.05 -6.06
N ALA A 99 -3.04 -7.87 -6.34
CA ALA A 99 -2.09 -7.70 -7.43
C ALA A 99 -2.64 -8.22 -8.75
N LEU A 100 -1.77 -8.36 -9.74
CA LEU A 100 -2.16 -8.86 -11.05
C LEU A 100 -1.84 -10.34 -11.19
N GLN A 101 -2.42 -10.99 -12.20
CA GLN A 101 -2.20 -12.40 -12.42
C GLN A 101 -1.48 -12.66 -13.74
N ILE A 102 -1.46 -11.64 -14.60
CA ILE A 102 -0.80 -11.75 -15.90
C ILE A 102 -0.03 -10.48 -16.24
N LYS A 103 1.27 -10.51 -16.03
CA LYS A 103 2.14 -9.36 -16.32
C LYS A 103 1.93 -8.88 -17.75
N TYR A 104 1.58 -9.81 -18.63
CA TYR A 104 1.35 -9.49 -20.05
C TYR A 104 2.58 -8.82 -20.66
N ASN A 105 3.45 -9.62 -21.25
CA ASN A 105 4.66 -9.10 -21.89
C ASN A 105 5.44 -10.24 -22.56
N ALA A 106 5.50 -11.38 -21.88
CA ALA A 106 6.21 -12.55 -22.40
C ALA A 106 5.88 -13.79 -21.56
N SER A 107 5.41 -13.56 -20.34
CA SER A 107 5.06 -14.65 -19.44
C SER A 107 4.26 -14.12 -18.25
N PHE A 108 3.16 -14.78 -17.95
CA PHE A 108 2.30 -14.39 -16.84
C PHE A 108 3.10 -14.25 -15.55
N ARG A 109 2.81 -13.18 -14.80
CA ARG A 109 3.51 -12.93 -13.53
C ARG A 109 2.60 -12.20 -12.56
N TYR A 110 2.95 -12.27 -11.27
CA TYR A 110 2.17 -11.61 -10.24
C TYR A 110 2.86 -10.35 -9.75
N ILE A 111 2.70 -9.26 -10.50
CA ILE A 111 3.31 -7.98 -10.12
C ILE A 111 2.25 -7.03 -9.61
N TYR A 112 2.52 -6.44 -8.45
CA TYR A 112 1.59 -5.51 -7.83
C TYR A 112 1.55 -4.17 -8.59
N PRO A 113 0.39 -3.84 -9.18
CA PRO A 113 0.23 -2.59 -9.94
C PRO A 113 -0.03 -1.39 -9.03
N LEU A 114 -0.35 -0.25 -9.64
CA LEU A 114 -0.63 0.97 -8.88
C LEU A 114 -1.73 1.77 -9.56
N ASP A 115 -2.94 1.65 -9.03
CA ASP A 115 -4.09 2.37 -9.57
C ASP A 115 -4.76 3.23 -8.50
N SER A 116 -5.91 3.79 -8.83
CA SER A 116 -6.64 4.64 -7.89
C SER A 116 -7.43 3.79 -6.90
N LEU A 117 -7.32 2.47 -7.03
CA LEU A 117 -8.02 1.56 -6.13
C LEU A 117 -7.12 1.13 -4.99
N THR A 118 -5.83 0.99 -5.28
CA THR A 118 -4.86 0.57 -4.28
C THR A 118 -4.82 1.54 -3.10
N TRP A 119 -5.54 1.20 -2.04
CA TRP A 119 -5.58 2.04 -0.85
C TRP A 119 -4.20 2.22 -0.25
N ILE A 120 -3.62 3.40 -0.44
CA ILE A 120 -2.29 3.70 0.07
C ILE A 120 -2.37 4.56 1.34
N GLU A 121 -1.48 4.29 2.27
CA GLU A 121 -1.44 5.03 3.53
C GLU A 121 0.00 5.28 3.98
N TYR A 122 0.19 6.28 4.83
CA TYR A 122 1.52 6.61 5.34
C TYR A 122 1.65 6.20 6.79
N TRP A 123 2.75 5.53 7.13
CA TRP A 123 2.98 5.08 8.49
C TRP A 123 4.09 5.91 9.14
N PRO A 124 3.71 6.86 10.03
CA PRO A 124 4.67 7.71 10.73
C PRO A 124 5.81 6.91 11.36
N ARG A 125 7.03 7.18 10.91
CA ARG A 125 8.21 6.47 11.42
C ARG A 125 8.63 7.03 12.77
N ASP A 126 7.84 7.95 13.31
CA ASP A 126 8.14 8.57 14.60
C ASP A 126 6.88 8.75 15.44
N THR A 127 7.05 9.28 16.64
CA THR A 127 5.94 9.51 17.55
C THR A 127 6.08 10.85 18.28
N THR A 128 7.16 10.98 19.05
CA THR A 128 7.42 12.20 19.80
C THR A 128 8.12 13.24 18.93
N CYS A 129 8.17 12.98 17.63
CA CYS A 129 8.81 13.90 16.69
C CYS A 129 8.14 15.26 16.72
N SER A 130 6.83 15.28 16.44
CA SER A 130 6.06 16.51 16.44
C SER A 130 4.57 16.23 16.57
N SER A 131 4.03 15.47 15.63
CA SER A 131 2.61 15.11 15.63
C SER A 131 2.39 13.75 15.01
N CYS A 132 3.47 13.03 14.74
CA CYS A 132 3.40 11.71 14.14
C CYS A 132 2.65 10.74 15.04
N GLN A 133 2.70 11.00 16.34
CA GLN A 133 2.02 10.15 17.32
C GLN A 133 0.51 10.29 17.20
N ALA A 134 0.05 11.47 16.80
CA ALA A 134 -1.38 11.73 16.65
C ALA A 134 -2.00 10.78 15.65
N PHE A 135 -1.23 10.38 14.64
CA PHE A 135 -1.72 9.46 13.62
C PHE A 135 -1.51 8.01 14.04
N LEU A 136 -0.41 7.76 14.75
CA LEU A 136 -0.10 6.41 15.22
C LEU A 136 -1.08 5.97 16.30
N ALA A 137 -1.86 6.92 16.81
CA ALA A 137 -2.84 6.62 17.85
C ALA A 137 -4.20 6.32 17.24
N ASN A 138 -4.49 6.96 16.11
CA ASN A 138 -5.76 6.76 15.42
C ASN A 138 -5.68 5.58 14.47
N LEU A 139 -4.45 5.21 14.10
CA LEU A 139 -4.22 4.09 13.19
C LEU A 139 -4.04 2.79 13.97
N ASP A 140 -3.63 2.91 15.22
CA ASP A 140 -3.42 1.74 16.07
C ASP A 140 -4.70 0.94 16.21
N GLU A 141 -5.82 1.64 16.23
CA GLU A 141 -7.13 0.98 16.36
C GLU A 141 -7.42 0.10 15.16
N PHE A 142 -6.99 0.56 13.98
CA PHE A 142 -7.20 -0.19 12.74
C PHE A 142 -6.20 -1.34 12.64
N ALA A 143 -5.03 -1.17 13.26
CA ALA A 143 -4.00 -2.20 13.24
C ALA A 143 -4.48 -3.49 13.89
N GLU A 144 -5.47 -3.36 14.77
CA GLU A 144 -6.02 -4.52 15.47
C GLU A 144 -7.48 -4.75 15.09
N ASP A 145 -8.02 -3.87 14.27
CA ASP A 145 -9.40 -3.99 13.82
C ASP A 145 -9.50 -4.80 12.53
N ILE A 146 -8.35 -5.05 11.91
CA ILE A 146 -8.31 -5.82 10.68
C ILE A 146 -7.72 -7.20 10.92
N PHE A 147 -6.83 -7.29 11.89
CA PHE A 147 -6.19 -8.55 12.24
C PHE A 147 -7.05 -9.37 13.20
N LEU A 148 -7.56 -8.70 14.24
CA LEU A 148 -8.40 -9.35 15.23
C LEU A 148 -9.85 -9.41 14.76
N ASN A 149 -10.44 -8.23 14.60
CA ASN A 149 -11.83 -8.12 14.17
C ASN A 149 -12.02 -8.68 12.76
N GLY A 150 -11.52 -7.94 11.76
CA GLY A 150 -11.67 -8.38 10.39
C GLY A 150 -13.09 -8.33 9.90
N CYS A 151 -13.28 -8.35 8.59
CA CYS A 151 -14.61 -8.31 8.00
C CYS A 151 -14.67 -9.14 6.72
N GLY A 1 1.54 24.97 -18.95
CA GLY A 1 1.44 23.80 -18.04
C GLY A 1 0.18 23.84 -17.19
N SER A 2 -0.77 22.96 -17.51
CA SER A 2 -2.02 22.90 -16.76
C SER A 2 -2.49 21.46 -16.61
N HIS A 3 -1.78 20.54 -17.25
CA HIS A 3 -2.13 19.12 -17.19
C HIS A 3 -1.94 18.58 -15.77
N MET A 4 -3.02 18.11 -15.17
CA MET A 4 -2.96 17.56 -13.82
C MET A 4 -3.98 16.44 -13.65
N ALA A 5 -3.51 15.29 -13.15
CA ALA A 5 -4.37 14.14 -12.94
C ALA A 5 -3.93 13.34 -11.71
N ASP A 6 -4.89 12.68 -11.07
CA ASP A 6 -4.58 11.88 -9.88
C ASP A 6 -3.62 10.75 -10.21
N CYS A 7 -4.15 9.67 -10.80
CA CYS A 7 -3.33 8.52 -11.15
C CYS A 7 -2.51 8.06 -9.96
N GLY A 8 -3.07 7.12 -9.20
CA GLY A 8 -2.38 6.61 -8.03
C GLY A 8 -2.55 7.55 -6.84
N GLN A 9 -3.78 8.03 -6.68
CA GLN A 9 -4.11 8.94 -5.59
C GLN A 9 -3.58 8.44 -4.25
N MET A 10 -2.89 9.31 -3.52
CA MET A 10 -2.32 8.95 -2.22
C MET A 10 -2.93 9.79 -1.11
N GLN A 11 -2.71 9.37 0.13
CA GLN A 11 -3.24 10.10 1.28
C GLN A 11 -2.21 11.07 1.84
N GLU A 12 -2.70 12.13 2.49
CA GLU A 12 -1.83 13.13 3.07
C GLU A 12 -1.02 12.56 4.23
N GLU A 13 -0.01 13.31 4.66
CA GLU A 13 0.83 12.89 5.77
C GLU A 13 0.42 13.55 7.07
N LEU A 14 0.05 12.74 8.07
CA LEU A 14 -0.38 13.25 9.36
C LEU A 14 -1.56 14.21 9.22
N ASP A 15 -2.77 13.67 9.28
CA ASP A 15 -3.98 14.46 9.17
C ASP A 15 -5.11 13.87 9.99
N LEU A 16 -5.13 14.19 11.29
CA LEU A 16 -6.15 13.68 12.18
C LEU A 16 -7.55 14.12 11.72
N THR A 17 -8.24 13.22 11.03
CA THR A 17 -9.58 13.50 10.53
C THR A 17 -10.20 12.25 9.89
N ILE A 18 -9.35 11.29 9.55
CA ILE A 18 -9.80 10.05 8.94
C ILE A 18 -10.14 9.01 10.00
N SER A 19 -11.28 8.33 9.83
CA SER A 19 -11.70 7.31 10.77
C SER A 19 -11.01 5.99 10.51
N ALA A 20 -10.83 5.19 11.56
CA ALA A 20 -10.18 3.90 11.44
C ALA A 20 -11.11 2.87 10.83
N GLU A 21 -12.40 2.98 11.14
CA GLU A 21 -13.39 2.06 10.60
C GLU A 21 -13.66 2.32 9.13
N THR A 22 -13.65 3.60 8.76
CA THR A 22 -13.89 4.00 7.36
C THR A 22 -12.85 3.36 6.43
N ARG A 23 -11.64 3.20 6.93
CA ARG A 23 -10.57 2.61 6.14
C ARG A 23 -10.65 1.09 6.15
N LYS A 24 -10.97 0.53 7.31
CA LYS A 24 -11.08 -0.92 7.46
C LYS A 24 -12.13 -1.48 6.51
N GLN A 25 -13.25 -0.77 6.38
CA GLN A 25 -14.33 -1.19 5.50
C GLN A 25 -13.81 -1.48 4.10
N THR A 26 -12.73 -0.78 3.72
CA THR A 26 -12.12 -0.97 2.42
C THR A 26 -11.42 -2.33 2.34
N ALA A 27 -10.79 -2.72 3.43
CA ALA A 27 -10.08 -3.99 3.49
C ALA A 27 -11.06 -5.16 3.45
N CYS A 28 -12.29 -4.91 3.91
CA CYS A 28 -13.32 -5.94 3.94
C CYS A 28 -14.04 -6.03 2.59
N LYS A 29 -13.84 -5.03 1.74
CA LYS A 29 -14.47 -5.00 0.43
C LYS A 29 -14.08 -6.23 -0.38
N PRO A 30 -14.97 -6.68 -1.29
CA PRO A 30 -14.71 -7.86 -2.13
C PRO A 30 -13.60 -7.59 -3.15
N GLU A 31 -13.12 -6.36 -3.18
CA GLU A 31 -12.05 -5.98 -4.11
C GLU A 31 -10.68 -6.15 -3.47
N ILE A 32 -10.37 -5.27 -2.51
CA ILE A 32 -9.09 -5.30 -1.82
C ILE A 32 -8.76 -6.71 -1.33
N ALA A 33 -7.46 -7.03 -1.31
CA ALA A 33 -7.00 -8.33 -0.87
C ALA A 33 -6.06 -8.21 0.32
N TYR A 34 -4.86 -7.68 0.08
CA TYR A 34 -3.87 -7.52 1.15
C TYR A 34 -4.02 -6.16 1.82
N ALA A 35 -3.79 -6.11 3.12
CA ALA A 35 -3.91 -4.85 3.86
C ALA A 35 -3.07 -4.83 5.13
N TYR A 36 -1.99 -4.05 5.12
CA TYR A 36 -1.12 -3.93 6.29
C TYR A 36 -0.02 -2.89 6.06
N LYS A 37 1.24 -3.32 6.23
CA LYS A 37 2.35 -2.39 6.09
C LYS A 37 3.50 -2.98 5.29
N VAL A 38 4.19 -2.12 4.56
CA VAL A 38 5.31 -2.53 3.75
C VAL A 38 6.39 -1.44 3.76
N SER A 39 7.58 -1.76 3.26
CA SER A 39 8.68 -0.80 3.22
C SER A 39 9.43 -0.85 1.90
N ILE A 40 9.43 0.27 1.18
CA ILE A 40 10.12 0.35 -0.10
C ILE A 40 11.60 0.02 0.07
N THR A 41 12.13 -0.79 -0.85
CA THR A 41 13.53 -1.18 -0.79
C THR A 41 14.34 -0.57 -1.93
N SER A 42 13.77 -0.60 -3.14
CA SER A 42 14.44 -0.06 -4.30
C SER A 42 13.45 0.44 -5.35
N ILE A 43 13.93 1.29 -6.25
CA ILE A 43 13.09 1.85 -7.31
C ILE A 43 13.75 1.63 -8.67
N THR A 44 13.31 0.60 -9.38
CA THR A 44 13.84 0.28 -10.70
C THR A 44 13.21 1.14 -11.78
N VAL A 45 14.03 1.88 -12.51
CA VAL A 45 13.56 2.73 -13.58
C VAL A 45 14.01 2.21 -14.94
N GLU A 46 13.05 1.96 -15.82
CA GLU A 46 13.34 1.44 -17.15
C GLU A 46 13.10 2.51 -18.22
N ASN A 47 11.83 2.77 -18.50
CA ASN A 47 11.46 3.77 -19.49
C ASN A 47 9.97 4.10 -19.41
N VAL A 48 9.13 3.18 -19.88
CA VAL A 48 7.69 3.37 -19.87
C VAL A 48 7.07 2.72 -18.63
N PHE A 49 7.78 1.77 -18.04
CA PHE A 49 7.30 1.07 -16.86
C PHE A 49 8.33 1.13 -15.73
N VAL A 50 8.03 1.92 -14.70
CA VAL A 50 8.92 2.06 -13.55
C VAL A 50 8.54 1.07 -12.46
N LYS A 51 9.44 0.14 -12.17
CA LYS A 51 9.20 -0.87 -11.15
C LYS A 51 9.60 -0.34 -9.76
N TYR A 52 8.85 -0.75 -8.75
CA TYR A 52 9.13 -0.33 -7.38
C TYR A 52 9.22 -1.54 -6.46
N LYS A 53 10.45 -1.96 -6.16
CA LYS A 53 10.68 -3.10 -5.29
C LYS A 53 10.52 -2.71 -3.83
N ALA A 54 9.86 -3.56 -3.05
CA ALA A 54 9.64 -3.29 -1.63
C ALA A 54 9.52 -4.58 -0.84
N THR A 55 9.39 -4.45 0.47
CA THR A 55 9.26 -5.60 1.36
C THR A 55 7.99 -5.51 2.19
N LEU A 56 7.05 -6.40 1.91
CA LEU A 56 5.80 -6.43 2.64
C LEU A 56 6.06 -6.80 4.10
N LEU A 57 6.04 -5.79 4.97
CA LEU A 57 6.32 -6.00 6.39
C LEU A 57 5.38 -7.04 7.01
N ASP A 58 4.10 -6.69 7.08
CA ASP A 58 3.12 -7.60 7.65
C ASP A 58 1.82 -7.59 6.84
N ILE A 59 0.94 -8.54 7.12
CA ILE A 59 -0.34 -8.68 6.42
C ILE A 59 -1.51 -8.95 7.37
N TYR A 60 -2.43 -7.98 7.46
CA TYR A 60 -3.62 -8.16 8.29
C TYR A 60 -4.59 -9.08 7.58
N LYS A 61 -4.76 -8.79 6.29
CA LYS A 61 -5.63 -9.58 5.43
C LYS A 61 -4.82 -10.09 4.24
N THR A 62 -4.82 -11.40 4.05
CA THR A 62 -4.08 -12.02 2.96
C THR A 62 -4.39 -11.38 1.63
N GLY A 63 -3.36 -11.24 0.79
CA GLY A 63 -3.54 -10.62 -0.52
C GLY A 63 -4.10 -11.59 -1.54
N GLU A 64 -4.39 -12.82 -1.11
CA GLU A 64 -4.93 -13.84 -2.00
C GLU A 64 -3.99 -14.10 -3.17
N ALA A 65 -2.79 -13.54 -3.10
CA ALA A 65 -1.80 -13.70 -4.15
C ALA A 65 -0.39 -13.71 -3.59
N VAL A 66 0.02 -14.86 -3.06
CA VAL A 66 1.33 -15.01 -2.46
C VAL A 66 1.68 -13.84 -1.54
N ALA A 67 0.73 -13.46 -0.70
CA ALA A 67 0.93 -12.36 0.24
C ALA A 67 1.16 -12.90 1.65
N GLU A 68 2.16 -12.35 2.33
CA GLU A 68 2.48 -12.78 3.68
C GLU A 68 3.45 -11.80 4.34
N LYS A 69 3.38 -11.73 5.66
CA LYS A 69 4.26 -10.84 6.42
C LYS A 69 5.73 -11.12 6.10
N ASP A 70 6.46 -10.07 5.75
CA ASP A 70 7.88 -10.18 5.44
C ASP A 70 8.10 -10.92 4.12
N SER A 71 7.25 -10.62 3.13
CA SER A 71 7.35 -11.25 1.81
C SER A 71 7.96 -10.28 0.81
N GLU A 72 7.83 -10.62 -0.47
CA GLU A 72 8.36 -9.79 -1.54
C GLU A 72 7.22 -9.17 -2.36
N ILE A 73 7.37 -7.89 -2.71
CA ILE A 73 6.35 -7.20 -3.48
C ILE A 73 6.99 -6.30 -4.53
N THR A 74 6.25 -6.07 -5.63
CA THR A 74 6.73 -5.23 -6.71
C THR A 74 5.58 -4.47 -7.36
N PHE A 75 5.65 -3.14 -7.31
CA PHE A 75 4.62 -2.29 -7.90
C PHE A 75 5.13 -1.59 -9.15
N ILE A 76 4.51 -1.88 -10.28
CA ILE A 76 4.90 -1.27 -11.55
C ILE A 76 3.97 -0.13 -11.92
N LYS A 77 4.52 0.88 -12.59
CA LYS A 77 3.74 2.04 -13.01
C LYS A 77 3.99 2.36 -14.48
N LYS A 78 3.02 3.00 -15.12
CA LYS A 78 3.12 3.36 -16.52
C LYS A 78 3.72 4.76 -16.69
N VAL A 79 4.43 5.22 -15.67
CA VAL A 79 5.07 6.54 -15.68
C VAL A 79 4.10 7.64 -16.12
N THR A 80 2.81 7.35 -16.05
CA THR A 80 1.78 8.31 -16.44
C THR A 80 1.29 9.12 -15.25
N CYS A 81 1.29 8.49 -14.07
CA CYS A 81 0.83 9.14 -12.85
C CYS A 81 1.72 10.34 -12.52
N THR A 82 1.14 11.30 -11.80
CA THR A 82 1.87 12.50 -11.41
C THR A 82 1.74 12.76 -9.92
N ASN A 83 0.63 12.31 -9.34
CA ASN A 83 0.38 12.49 -7.91
C ASN A 83 0.94 11.33 -7.10
N ALA A 84 1.00 10.16 -7.72
CA ALA A 84 1.53 8.97 -7.06
C ALA A 84 3.06 8.99 -7.01
N GLU A 85 3.60 9.26 -5.82
CA GLU A 85 5.04 9.30 -5.63
C GLU A 85 5.46 8.54 -4.38
N LEU A 86 6.30 7.53 -4.57
CA LEU A 86 6.77 6.71 -3.45
C LEU A 86 8.15 7.16 -3.00
N VAL A 87 8.60 6.62 -1.87
CA VAL A 87 9.91 6.97 -1.32
C VAL A 87 10.70 5.72 -0.93
N LYS A 88 11.96 5.66 -1.34
CA LYS A 88 12.81 4.52 -1.04
C LYS A 88 13.11 4.44 0.46
N GLY A 89 12.96 3.24 1.02
CA GLY A 89 13.22 3.05 2.43
C GLY A 89 12.27 3.82 3.32
N ARG A 90 11.03 3.33 3.43
CA ARG A 90 10.03 3.98 4.25
C ARG A 90 8.80 3.10 4.41
N GLN A 91 8.19 3.13 5.60
CA GLN A 91 7.01 2.32 5.88
C GLN A 91 5.73 3.01 5.39
N TYR A 92 5.00 2.32 4.53
CA TYR A 92 3.76 2.85 3.97
C TYR A 92 2.60 1.86 4.14
N LEU A 93 1.42 2.40 4.42
CA LEU A 93 0.22 1.58 4.58
C LEU A 93 -0.34 1.23 3.21
N ILE A 94 -0.53 -0.07 2.95
CA ILE A 94 -1.05 -0.49 1.65
C ILE A 94 -2.26 -1.42 1.78
N MET A 95 -3.27 -1.12 0.97
CA MET A 95 -4.50 -1.90 0.93
C MET A 95 -4.97 -2.05 -0.51
N GLY A 96 -4.57 -3.14 -1.16
CA GLY A 96 -4.95 -3.34 -2.55
C GLY A 96 -5.46 -4.73 -2.83
N LYS A 97 -6.23 -4.86 -3.91
CA LYS A 97 -6.82 -6.13 -4.32
C LYS A 97 -5.74 -7.15 -4.70
N GLU A 98 -6.19 -8.31 -5.17
CA GLU A 98 -5.29 -9.38 -5.57
C GLU A 98 -4.51 -9.00 -6.83
N ALA A 99 -3.38 -9.65 -7.03
CA ALA A 99 -2.53 -9.39 -8.19
C ALA A 99 -3.13 -9.99 -9.46
N LEU A 100 -2.42 -9.85 -10.57
CA LEU A 100 -2.88 -10.38 -11.86
C LEU A 100 -1.87 -11.37 -12.42
N GLN A 101 -2.33 -12.58 -12.71
CA GLN A 101 -1.47 -13.62 -13.26
C GLN A 101 -1.02 -13.24 -14.67
N ILE A 102 0.23 -13.52 -14.99
CA ILE A 102 0.77 -13.19 -16.31
C ILE A 102 1.68 -14.29 -16.84
N LYS A 103 2.23 -15.08 -15.93
CA LYS A 103 3.12 -16.18 -16.30
C LYS A 103 4.32 -15.66 -17.10
N TYR A 104 5.44 -15.49 -16.41
CA TYR A 104 6.67 -15.00 -17.05
C TYR A 104 7.89 -15.73 -16.50
N ASN A 105 7.98 -15.81 -15.19
CA ASN A 105 9.10 -16.48 -14.52
C ASN A 105 8.61 -17.69 -13.74
N ALA A 106 9.45 -18.73 -13.67
CA ALA A 106 9.12 -19.95 -12.94
C ALA A 106 7.92 -20.66 -13.58
N SER A 107 6.72 -20.18 -13.28
CA SER A 107 5.50 -20.77 -13.82
C SER A 107 4.38 -19.74 -13.89
N PHE A 108 4.53 -18.64 -13.16
CA PHE A 108 3.54 -17.58 -13.13
C PHE A 108 4.04 -16.38 -12.33
N ARG A 109 3.60 -15.18 -12.73
CA ARG A 109 4.01 -13.95 -12.04
C ARG A 109 2.80 -13.19 -11.55
N TYR A 110 2.82 -12.79 -10.29
CA TYR A 110 1.71 -12.05 -9.70
C TYR A 110 2.17 -10.65 -9.28
N ILE A 111 2.83 -9.95 -10.20
CA ILE A 111 3.30 -8.60 -9.92
C ILE A 111 2.13 -7.67 -9.61
N TYR A 112 2.33 -6.76 -8.66
CA TYR A 112 1.28 -5.83 -8.27
C TYR A 112 1.35 -4.54 -9.09
N PRO A 113 0.21 -4.08 -9.63
CA PRO A 113 0.14 -2.86 -10.43
C PRO A 113 0.18 -1.61 -9.57
N LEU A 114 -0.18 -0.47 -10.17
CA LEU A 114 -0.18 0.80 -9.45
C LEU A 114 -1.21 1.75 -10.06
N ASP A 115 -2.36 1.86 -9.41
CA ASP A 115 -3.42 2.75 -9.89
C ASP A 115 -3.93 3.65 -8.76
N SER A 116 -5.04 4.34 -9.02
CA SER A 116 -5.63 5.24 -8.03
C SER A 116 -6.33 4.48 -6.91
N LEU A 117 -6.87 3.30 -7.24
CA LEU A 117 -7.57 2.49 -6.25
C LEU A 117 -6.61 1.99 -5.17
N THR A 118 -5.31 2.12 -5.44
CA THR A 118 -4.29 1.69 -4.49
C THR A 118 -4.28 2.58 -3.26
N TRP A 119 -4.61 2.01 -2.11
CA TRP A 119 -4.63 2.76 -0.86
C TRP A 119 -3.24 2.84 -0.24
N ILE A 120 -2.69 4.06 -0.19
CA ILE A 120 -1.37 4.28 0.38
C ILE A 120 -1.38 5.43 1.37
N GLU A 121 -0.83 5.20 2.56
CA GLU A 121 -0.79 6.22 3.60
C GLU A 121 0.45 6.05 4.48
N TYR A 122 1.31 7.06 4.49
CA TYR A 122 2.53 7.03 5.28
C TYR A 122 2.24 6.63 6.72
N TRP A 123 3.09 5.77 7.28
CA TRP A 123 2.94 5.32 8.66
C TRP A 123 3.97 5.98 9.56
N PRO A 124 3.53 6.79 10.54
CA PRO A 124 4.42 7.48 11.47
C PRO A 124 5.51 6.57 12.04
N ARG A 125 6.76 6.86 11.70
CA ARG A 125 7.89 6.06 12.17
C ARG A 125 7.97 6.09 13.69
N ASP A 126 7.58 7.21 14.29
CA ASP A 126 7.62 7.36 15.74
C ASP A 126 6.34 7.99 16.26
N THR A 127 6.35 8.37 17.54
CA THR A 127 5.18 8.99 18.16
C THR A 127 5.55 10.30 18.85
N THR A 128 6.78 10.37 19.35
CA THR A 128 7.25 11.56 20.04
C THR A 128 8.06 12.46 19.11
N CYS A 129 8.56 11.88 18.02
CA CYS A 129 9.35 12.63 17.05
C CYS A 129 8.48 13.61 16.27
N SER A 130 8.76 14.90 16.43
CA SER A 130 8.00 15.95 15.74
C SER A 130 6.53 15.91 16.13
N SER A 131 6.21 15.14 17.16
CA SER A 131 4.83 15.02 17.64
C SER A 131 3.91 14.54 16.54
N CYS A 132 3.72 13.22 16.46
CA CYS A 132 2.86 12.63 15.45
C CYS A 132 2.08 11.44 16.01
N GLN A 133 2.12 11.28 17.33
CA GLN A 133 1.43 10.19 17.99
C GLN A 133 -0.08 10.30 17.79
N ALA A 134 -0.55 11.52 17.56
CA ALA A 134 -1.98 11.75 17.35
C ALA A 134 -2.50 10.97 16.14
N PHE A 135 -1.59 10.59 15.25
CA PHE A 135 -1.97 9.85 14.06
C PHE A 135 -2.06 8.35 14.34
N LEU A 136 -1.10 7.83 15.10
CA LEU A 136 -1.07 6.42 15.44
C LEU A 136 -2.13 6.09 16.49
N ALA A 137 -2.93 7.09 16.86
CA ALA A 137 -3.98 6.90 17.85
C ALA A 137 -5.24 6.34 17.19
N ASN A 138 -5.42 6.67 15.91
CA ASN A 138 -6.57 6.20 15.16
C ASN A 138 -6.27 4.86 14.49
N LEU A 139 -5.04 4.73 13.98
CA LEU A 139 -4.62 3.50 13.31
C LEU A 139 -4.45 2.37 14.33
N ASP A 140 -4.26 2.75 15.59
CA ASP A 140 -4.08 1.77 16.66
C ASP A 140 -5.30 0.87 16.77
N GLU A 141 -6.48 1.48 16.73
CA GLU A 141 -7.73 0.74 16.82
C GLU A 141 -7.86 -0.24 15.66
N PHE A 142 -7.51 0.23 14.46
CA PHE A 142 -7.58 -0.60 13.26
C PHE A 142 -6.74 -1.85 13.42
N ALA A 143 -5.60 -1.73 14.10
CA ALA A 143 -4.70 -2.84 14.34
C ALA A 143 -5.39 -3.98 15.08
N GLU A 144 -5.79 -3.69 16.31
CA GLU A 144 -6.44 -4.66 17.16
C GLU A 144 -7.86 -4.99 16.66
N ASP A 145 -8.29 -4.32 15.60
CA ASP A 145 -9.60 -4.54 15.04
C ASP A 145 -9.59 -5.70 14.05
N ILE A 146 -8.99 -5.47 12.89
CA ILE A 146 -8.89 -6.50 11.85
C ILE A 146 -8.20 -7.75 12.38
N PHE A 147 -7.28 -7.56 13.32
CA PHE A 147 -6.54 -8.67 13.91
C PHE A 147 -7.45 -9.52 14.80
N LEU A 148 -8.12 -8.89 15.74
CA LEU A 148 -9.01 -9.58 16.66
C LEU A 148 -10.39 -9.79 16.03
N ASN A 149 -11.10 -8.68 15.86
CA ASN A 149 -12.44 -8.72 15.28
C ASN A 149 -12.40 -9.28 13.86
N GLY A 150 -11.93 -8.48 12.92
CA GLY A 150 -11.86 -8.91 11.54
C GLY A 150 -13.21 -8.93 10.86
N CYS A 151 -13.30 -8.31 9.70
CA CYS A 151 -14.55 -8.25 8.94
C CYS A 151 -14.69 -9.46 8.03
N GLY A 1 -2.15 24.84 -20.73
CA GLY A 1 -3.08 24.48 -19.63
C GLY A 1 -2.41 23.64 -18.57
N SER A 2 -3.11 22.62 -18.09
CA SER A 2 -2.59 21.73 -17.06
C SER A 2 -2.96 20.28 -17.35
N HIS A 3 -1.96 19.48 -17.71
CA HIS A 3 -2.18 18.07 -18.02
C HIS A 3 -1.56 17.18 -16.95
N MET A 4 -2.40 16.41 -16.27
CA MET A 4 -1.93 15.51 -15.23
C MET A 4 -2.79 14.25 -15.17
N ALA A 5 -2.27 13.23 -14.48
CA ALA A 5 -2.99 11.97 -14.34
C ALA A 5 -2.48 11.17 -13.15
N ASP A 6 -3.25 11.14 -12.08
CA ASP A 6 -2.86 10.42 -10.87
C ASP A 6 -3.00 8.91 -11.06
N CYS A 7 -1.96 8.18 -10.69
CA CYS A 7 -1.96 6.73 -10.82
C CYS A 7 -2.02 6.07 -9.44
N GLY A 8 -2.65 6.77 -8.52
CA GLY A 8 -2.78 6.28 -7.16
C GLY A 8 -2.89 7.40 -6.15
N GLN A 9 -4.05 8.04 -6.12
CA GLN A 9 -4.31 9.14 -5.20
C GLN A 9 -3.96 8.75 -3.78
N MET A 10 -2.82 9.23 -3.30
CA MET A 10 -2.36 8.93 -1.94
C MET A 10 -3.01 9.88 -0.94
N GLN A 11 -3.27 9.36 0.27
CA GLN A 11 -3.88 10.15 1.32
C GLN A 11 -2.91 11.17 1.88
N GLU A 12 -3.44 12.22 2.49
CA GLU A 12 -2.62 13.28 3.07
C GLU A 12 -1.73 12.73 4.17
N GLU A 13 -0.56 13.34 4.36
CA GLU A 13 0.38 12.92 5.39
C GLU A 13 0.03 13.52 6.73
N LEU A 14 0.05 12.69 7.78
CA LEU A 14 -0.25 13.13 9.13
C LEU A 14 -1.66 13.72 9.21
N ASP A 15 -2.49 13.41 8.21
CA ASP A 15 -3.86 13.91 8.17
C ASP A 15 -4.67 13.37 9.35
N LEU A 16 -4.83 14.20 10.38
CA LEU A 16 -5.58 13.80 11.57
C LEU A 16 -7.04 14.21 11.47
N THR A 17 -7.87 13.30 10.97
CA THR A 17 -9.31 13.56 10.82
C THR A 17 -10.02 12.33 10.27
N ILE A 18 -9.26 11.33 9.87
CA ILE A 18 -9.82 10.10 9.32
C ILE A 18 -10.16 9.11 10.43
N SER A 19 -11.26 8.39 10.26
CA SER A 19 -11.70 7.41 11.23
C SER A 19 -10.99 6.08 11.04
N ALA A 20 -11.32 5.10 11.89
CA ALA A 20 -10.71 3.78 11.80
C ALA A 20 -11.62 2.81 11.08
N GLU A 21 -12.78 3.29 10.65
CA GLU A 21 -13.74 2.46 9.94
C GLU A 21 -13.63 2.64 8.43
N THR A 22 -13.02 3.75 8.01
CA THR A 22 -12.84 4.04 6.60
C THR A 22 -11.72 3.20 6.00
N ARG A 23 -10.71 2.92 6.83
CA ARG A 23 -9.56 2.13 6.39
C ARG A 23 -9.74 0.66 6.78
N LYS A 24 -10.96 0.30 7.15
CA LYS A 24 -11.27 -1.07 7.55
C LYS A 24 -12.34 -1.67 6.64
N GLN A 25 -13.45 -0.95 6.49
CA GLN A 25 -14.54 -1.41 5.65
C GLN A 25 -14.07 -1.59 4.20
N THR A 26 -13.04 -0.84 3.85
CA THR A 26 -12.48 -0.91 2.50
C THR A 26 -11.52 -2.09 2.37
N ALA A 27 -10.98 -2.53 3.51
CA ALA A 27 -10.05 -3.64 3.53
C ALA A 27 -10.73 -4.93 3.09
N CYS A 28 -11.92 -5.18 3.63
CA CYS A 28 -12.69 -6.37 3.30
C CYS A 28 -13.61 -6.11 2.12
N LYS A 29 -13.48 -4.93 1.53
CA LYS A 29 -14.30 -4.55 0.38
C LYS A 29 -14.06 -5.49 -0.79
N PRO A 30 -15.12 -5.89 -1.51
CA PRO A 30 -15.01 -6.79 -2.66
C PRO A 30 -13.98 -6.30 -3.69
N GLU A 31 -13.71 -5.01 -3.66
CA GLU A 31 -12.74 -4.41 -4.58
C GLU A 31 -11.32 -4.60 -4.08
N ILE A 32 -11.17 -4.62 -2.75
CA ILE A 32 -9.85 -4.78 -2.14
C ILE A 32 -9.61 -6.24 -1.75
N ALA A 33 -8.61 -6.85 -2.36
CA ALA A 33 -8.26 -8.24 -2.08
C ALA A 33 -7.40 -8.36 -0.83
N TYR A 34 -6.32 -7.59 -0.78
CA TYR A 34 -5.42 -7.64 0.37
C TYR A 34 -5.40 -6.32 1.13
N ALA A 35 -5.04 -6.42 2.41
CA ALA A 35 -4.95 -5.27 3.29
C ALA A 35 -3.80 -5.46 4.26
N TYR A 36 -2.69 -4.76 4.03
CA TYR A 36 -1.53 -4.90 4.89
C TYR A 36 -0.64 -3.66 4.85
N LYS A 37 0.50 -3.75 5.54
CA LYS A 37 1.45 -2.65 5.61
C LYS A 37 2.80 -3.08 5.03
N VAL A 38 3.42 -2.18 4.27
CA VAL A 38 4.71 -2.47 3.66
C VAL A 38 5.64 -1.25 3.73
N SER A 39 6.87 -1.44 3.27
CA SER A 39 7.86 -0.36 3.29
C SER A 39 8.79 -0.46 2.08
N ILE A 40 8.86 0.62 1.30
CA ILE A 40 9.71 0.65 0.12
C ILE A 40 11.18 0.49 0.51
N THR A 41 11.95 -0.18 -0.34
CA THR A 41 13.37 -0.39 -0.07
C THR A 41 14.23 -0.07 -1.28
N SER A 42 13.77 -0.46 -2.47
CA SER A 42 14.50 -0.20 -3.69
C SER A 42 13.60 0.38 -4.78
N ILE A 43 14.21 1.02 -5.76
CA ILE A 43 13.48 1.63 -6.87
C ILE A 43 14.12 1.28 -8.21
N THR A 44 13.40 0.52 -9.02
CA THR A 44 13.91 0.11 -10.34
C THR A 44 13.30 0.95 -11.45
N VAL A 45 14.14 1.37 -12.40
CA VAL A 45 13.68 2.19 -13.52
C VAL A 45 14.23 1.63 -14.83
N GLU A 46 13.35 1.49 -15.82
CA GLU A 46 13.75 0.97 -17.13
C GLU A 46 13.19 1.81 -18.25
N ASN A 47 11.87 2.00 -18.24
CA ASN A 47 11.19 2.78 -19.26
C ASN A 47 10.00 3.54 -18.67
N VAL A 48 9.02 3.84 -19.52
CA VAL A 48 7.83 4.57 -19.07
C VAL A 48 7.17 3.90 -17.88
N PHE A 49 7.48 2.62 -17.66
CA PHE A 49 6.90 1.89 -16.55
C PHE A 49 7.90 1.77 -15.40
N VAL A 50 7.66 2.53 -14.33
CA VAL A 50 8.52 2.50 -13.16
C VAL A 50 8.18 1.32 -12.26
N LYS A 51 9.16 0.87 -11.48
CA LYS A 51 8.96 -0.26 -10.57
C LYS A 51 9.46 0.07 -9.18
N TYR A 52 8.87 -0.59 -8.18
CA TYR A 52 9.25 -0.36 -6.78
C TYR A 52 9.28 -1.68 -6.02
N LYS A 53 10.45 -2.01 -5.47
CA LYS A 53 10.62 -3.23 -4.70
C LYS A 53 10.49 -2.94 -3.21
N ALA A 54 9.37 -3.35 -2.62
CA ALA A 54 9.13 -3.11 -1.20
C ALA A 54 8.99 -4.42 -0.42
N THR A 55 8.96 -4.31 0.90
CA THR A 55 8.82 -5.47 1.76
C THR A 55 7.49 -5.43 2.53
N LEU A 56 6.82 -6.57 2.57
CA LEU A 56 5.54 -6.69 3.27
C LEU A 56 5.76 -6.77 4.77
N LEU A 57 5.67 -5.62 5.45
CA LEU A 57 5.87 -5.58 6.90
C LEU A 57 5.02 -6.61 7.61
N ASP A 58 3.72 -6.64 7.31
CA ASP A 58 2.82 -7.59 7.94
C ASP A 58 1.51 -7.69 7.18
N ILE A 59 0.83 -8.83 7.29
CA ILE A 59 -0.44 -9.05 6.60
C ILE A 59 -1.63 -8.94 7.54
N TYR A 60 -2.58 -8.09 7.18
CA TYR A 60 -3.80 -7.93 7.97
C TYR A 60 -4.95 -8.62 7.25
N LYS A 61 -4.78 -8.77 5.94
CA LYS A 61 -5.75 -9.43 5.07
C LYS A 61 -5.02 -10.10 3.91
N THR A 62 -5.22 -11.41 3.78
CA THR A 62 -4.56 -12.19 2.73
C THR A 62 -4.66 -11.50 1.38
N GLY A 63 -3.71 -11.82 0.49
CA GLY A 63 -3.67 -11.23 -0.83
C GLY A 63 -4.17 -12.17 -1.91
N GLU A 64 -4.68 -13.33 -1.50
CA GLU A 64 -5.19 -14.31 -2.45
C GLU A 64 -4.09 -14.75 -3.41
N ALA A 65 -2.86 -14.31 -3.15
CA ALA A 65 -1.72 -14.65 -3.97
C ALA A 65 -0.50 -14.95 -3.11
N VAL A 66 -0.46 -16.18 -2.60
CA VAL A 66 0.64 -16.64 -1.74
C VAL A 66 1.07 -15.55 -0.74
N ALA A 67 0.09 -14.85 -0.19
CA ALA A 67 0.38 -13.80 0.78
C ALA A 67 1.12 -14.39 1.99
N GLU A 68 2.24 -13.77 2.34
CA GLU A 68 3.04 -14.25 3.46
C GLU A 68 3.62 -13.09 4.26
N LYS A 69 3.94 -13.36 5.53
CA LYS A 69 4.52 -12.35 6.40
C LYS A 69 5.92 -11.99 5.94
N ASP A 70 6.14 -10.70 5.66
CA ASP A 70 7.43 -10.22 5.20
C ASP A 70 7.80 -10.83 3.85
N SER A 71 6.87 -10.72 2.90
CA SER A 71 7.08 -11.24 1.56
C SER A 71 7.77 -10.21 0.68
N GLU A 72 7.84 -10.48 -0.61
CA GLU A 72 8.47 -9.58 -1.56
C GLU A 72 7.45 -9.03 -2.56
N ILE A 73 7.21 -7.73 -2.51
CA ILE A 73 6.24 -7.10 -3.40
C ILE A 73 6.93 -6.19 -4.43
N THR A 74 6.28 -6.02 -5.57
CA THR A 74 6.81 -5.19 -6.64
C THR A 74 5.69 -4.40 -7.32
N PHE A 75 5.54 -3.14 -6.94
CA PHE A 75 4.51 -2.28 -7.50
C PHE A 75 5.04 -1.46 -8.67
N ILE A 76 4.37 -1.57 -9.82
CA ILE A 76 4.78 -0.85 -11.02
C ILE A 76 3.76 0.22 -11.38
N LYS A 77 4.23 1.33 -11.94
CA LYS A 77 3.35 2.42 -12.35
C LYS A 77 3.87 3.10 -13.60
N LYS A 78 3.25 4.22 -13.97
CA LYS A 78 3.65 4.98 -15.15
C LYS A 78 4.42 6.23 -14.74
N VAL A 79 4.79 7.04 -15.73
CA VAL A 79 5.53 8.27 -15.48
C VAL A 79 4.64 9.49 -15.62
N THR A 80 3.33 9.27 -15.75
CA THR A 80 2.37 10.35 -15.90
C THR A 80 1.71 10.68 -14.57
N CYS A 81 2.07 9.95 -13.53
CA CYS A 81 1.51 10.16 -12.20
C CYS A 81 1.81 11.56 -11.70
N THR A 82 0.96 12.07 -10.82
CA THR A 82 1.14 13.40 -10.25
C THR A 82 0.84 13.41 -8.76
N ASN A 83 -0.06 12.52 -8.34
CA ASN A 83 -0.44 12.43 -6.93
C ASN A 83 0.12 11.15 -6.31
N ALA A 84 0.83 10.36 -7.10
CA ALA A 84 1.41 9.11 -6.62
C ALA A 84 2.93 9.11 -6.79
N GLU A 85 3.64 9.14 -5.67
CA GLU A 85 5.10 9.14 -5.68
C GLU A 85 5.65 8.47 -4.44
N LEU A 86 6.16 7.24 -4.61
CA LEU A 86 6.72 6.48 -3.49
C LEU A 86 8.22 6.75 -3.36
N VAL A 87 8.75 6.49 -2.17
CA VAL A 87 10.17 6.69 -1.91
C VAL A 87 10.73 5.60 -1.00
N LYS A 88 11.94 5.15 -1.29
CA LYS A 88 12.58 4.10 -0.51
C LYS A 88 13.01 4.62 0.86
N GLY A 89 12.76 3.83 1.90
CA GLY A 89 13.12 4.23 3.24
C GLY A 89 11.92 4.58 4.09
N ARG A 90 10.81 4.94 3.44
CA ARG A 90 9.59 5.30 4.14
C ARG A 90 8.61 4.14 4.19
N GLN A 91 7.55 4.30 4.98
CA GLN A 91 6.53 3.27 5.11
C GLN A 91 5.22 3.71 4.45
N TYR A 92 4.51 2.75 3.87
CA TYR A 92 3.24 3.05 3.21
C TYR A 92 2.22 1.94 3.42
N LEU A 93 0.95 2.33 3.54
CA LEU A 93 -0.13 1.38 3.73
C LEU A 93 -0.77 1.05 2.39
N ILE A 94 -1.02 -0.23 2.13
CA ILE A 94 -1.61 -0.64 0.87
C ILE A 94 -2.84 -1.54 1.06
N MET A 95 -3.90 -1.21 0.33
CA MET A 95 -5.15 -1.96 0.40
C MET A 95 -5.86 -1.91 -0.95
N GLY A 96 -5.92 -3.03 -1.65
CA GLY A 96 -6.57 -3.05 -2.95
C GLY A 96 -6.59 -4.42 -3.62
N LYS A 97 -6.87 -4.42 -4.92
CA LYS A 97 -6.94 -5.65 -5.70
C LYS A 97 -5.73 -6.56 -5.41
N GLU A 98 -5.91 -7.86 -5.68
CA GLU A 98 -4.86 -8.84 -5.46
C GLU A 98 -3.70 -8.65 -6.44
N ALA A 99 -2.77 -9.58 -6.43
CA ALA A 99 -1.61 -9.53 -7.32
C ALA A 99 -1.76 -10.53 -8.46
N LEU A 100 -1.35 -10.11 -9.66
CA LEU A 100 -1.42 -10.96 -10.83
C LEU A 100 -0.48 -12.15 -10.70
N GLN A 101 -0.87 -13.29 -11.28
CA GLN A 101 -0.06 -14.49 -11.22
C GLN A 101 0.64 -14.75 -12.54
N ILE A 102 0.23 -14.02 -13.57
CA ILE A 102 0.81 -14.18 -14.90
C ILE A 102 1.38 -12.87 -15.42
N LYS A 103 2.70 -12.70 -15.26
CA LYS A 103 3.37 -11.49 -15.72
C LYS A 103 3.92 -11.70 -17.13
N TYR A 104 3.66 -12.87 -17.70
CA TYR A 104 4.12 -13.20 -19.05
C TYR A 104 5.63 -13.29 -19.09
N ASN A 105 6.18 -13.43 -20.30
CA ASN A 105 7.63 -13.54 -20.49
C ASN A 105 8.16 -14.79 -19.80
N ALA A 106 8.59 -15.76 -20.60
CA ALA A 106 9.12 -17.03 -20.10
C ALA A 106 8.01 -17.93 -19.57
N SER A 107 7.30 -17.46 -18.54
CA SER A 107 6.21 -18.23 -17.95
C SER A 107 5.19 -17.31 -17.28
N PHE A 108 5.52 -16.87 -16.08
CA PHE A 108 4.63 -15.99 -15.32
C PHE A 108 5.31 -15.52 -14.04
N ARG A 109 4.91 -14.35 -13.55
CA ARG A 109 5.48 -13.79 -12.33
C ARG A 109 4.41 -13.05 -11.53
N TYR A 110 4.53 -13.08 -10.21
CA TYR A 110 3.58 -12.42 -9.33
C TYR A 110 4.03 -10.99 -9.03
N ILE A 111 3.35 -10.03 -9.65
CA ILE A 111 3.67 -8.62 -9.44
C ILE A 111 2.48 -7.89 -8.82
N TYR A 112 2.67 -6.60 -8.54
CA TYR A 112 1.61 -5.79 -7.94
C TYR A 112 1.37 -4.52 -8.74
N PRO A 113 0.10 -4.25 -9.09
CA PRO A 113 -0.26 -3.04 -9.85
C PRO A 113 -0.37 -1.81 -8.98
N LEU A 114 -0.24 -0.63 -9.58
CA LEU A 114 -0.32 0.62 -8.84
C LEU A 114 -1.24 1.61 -9.56
N ASP A 115 -2.51 1.60 -9.18
CA ASP A 115 -3.50 2.50 -9.78
C ASP A 115 -4.15 3.38 -8.72
N SER A 116 -5.22 4.05 -9.10
CA SER A 116 -5.93 4.95 -8.18
C SER A 116 -6.83 4.18 -7.21
N LEU A 117 -7.22 2.97 -7.59
CA LEU A 117 -8.09 2.15 -6.74
C LEU A 117 -7.30 1.55 -5.59
N THR A 118 -5.98 1.69 -5.64
CA THR A 118 -5.11 1.15 -4.60
C THR A 118 -4.99 2.11 -3.42
N TRP A 119 -5.55 1.70 -2.27
CA TRP A 119 -5.52 2.52 -1.07
C TRP A 119 -4.08 2.71 -0.59
N ILE A 120 -3.65 3.96 -0.53
CA ILE A 120 -2.30 4.29 -0.08
C ILE A 120 -2.32 5.32 1.04
N GLU A 121 -1.78 4.95 2.19
CA GLU A 121 -1.74 5.85 3.34
C GLU A 121 -0.37 5.84 4.00
N TYR A 122 0.32 6.98 3.96
CA TYR A 122 1.64 7.11 4.55
C TYR A 122 1.62 6.67 6.02
N TRP A 123 2.60 5.87 6.40
CA TRP A 123 2.70 5.38 7.77
C TRP A 123 3.83 6.09 8.52
N PRO A 124 3.48 7.08 9.37
CA PRO A 124 4.46 7.84 10.15
C PRO A 124 5.47 6.94 10.86
N ARG A 125 6.73 7.11 10.52
CA ARG A 125 7.80 6.31 11.13
C ARG A 125 8.37 7.02 12.35
N ASP A 126 7.83 8.20 12.66
CA ASP A 126 8.29 8.98 13.80
C ASP A 126 7.39 8.77 15.01
N THR A 127 8.00 8.45 16.15
CA THR A 127 7.26 8.22 17.38
C THR A 127 8.07 8.66 18.59
N THR A 128 9.27 9.16 18.34
CA THR A 128 10.16 9.62 19.41
C THR A 128 9.68 10.95 19.99
N CYS A 129 9.14 11.81 19.13
CA CYS A 129 8.65 13.11 19.56
C CYS A 129 7.19 13.28 19.21
N SER A 130 6.47 14.04 20.04
CA SER A 130 5.04 14.28 19.83
C SER A 130 4.82 15.13 18.57
N SER A 131 4.51 14.46 17.47
CA SER A 131 4.27 15.15 16.20
C SER A 131 3.64 14.20 15.19
N CYS A 132 4.35 13.12 14.88
CA CYS A 132 3.86 12.14 13.92
C CYS A 132 3.16 10.98 14.64
N GLN A 133 3.48 10.81 15.92
CA GLN A 133 2.89 9.74 16.72
C GLN A 133 1.38 9.93 16.84
N ALA A 134 0.94 11.18 16.73
CA ALA A 134 -0.48 11.50 16.83
C ALA A 134 -1.30 10.74 15.79
N PHE A 135 -0.67 10.43 14.66
CA PHE A 135 -1.33 9.71 13.59
C PHE A 135 -1.19 8.20 13.78
N LEU A 136 -0.09 7.79 14.39
CA LEU A 136 0.15 6.37 14.64
C LEU A 136 -0.70 5.87 15.80
N ALA A 137 -1.40 6.79 16.46
CA ALA A 137 -2.25 6.45 17.58
C ALA A 137 -3.60 5.92 17.10
N ASN A 138 -4.06 6.47 15.97
CA ASN A 138 -5.33 6.05 15.39
C ASN A 138 -5.15 4.76 14.61
N LEU A 139 -3.95 4.54 14.09
CA LEU A 139 -3.65 3.34 13.33
C LEU A 139 -3.60 2.12 14.24
N ASP A 140 -3.20 2.35 15.49
CA ASP A 140 -3.12 1.27 16.47
C ASP A 140 -4.49 0.65 16.70
N GLU A 141 -5.53 1.49 16.67
CA GLU A 141 -6.89 1.02 16.87
C GLU A 141 -7.27 0.01 15.79
N PHE A 142 -7.02 0.37 14.54
CA PHE A 142 -7.32 -0.51 13.41
C PHE A 142 -6.51 -1.79 13.48
N ALA A 143 -5.27 -1.67 13.97
CA ALA A 143 -4.38 -2.82 14.09
C ALA A 143 -5.00 -3.90 14.97
N GLU A 144 -5.74 -3.48 15.98
CA GLU A 144 -6.38 -4.41 16.90
C GLU A 144 -7.87 -4.55 16.60
N ASP A 145 -8.36 -3.76 15.65
CA ASP A 145 -9.77 -3.79 15.28
C ASP A 145 -10.01 -4.82 14.17
N ILE A 146 -8.94 -5.20 13.49
CA ILE A 146 -9.04 -6.19 12.41
C ILE A 146 -8.36 -7.50 12.80
N PHE A 147 -7.36 -7.40 13.66
CA PHE A 147 -6.63 -8.57 14.13
C PHE A 147 -7.47 -9.37 15.11
N LEU A 148 -8.09 -8.67 16.06
CA LEU A 148 -8.92 -9.31 17.07
C LEU A 148 -10.29 -9.65 16.50
N ASN A 149 -10.88 -8.71 15.78
CA ASN A 149 -12.19 -8.90 15.18
C ASN A 149 -12.09 -9.59 13.83
N GLY A 150 -11.64 -8.83 12.82
CA GLY A 150 -11.51 -9.39 11.48
C GLY A 150 -12.83 -9.42 10.73
N CYS A 151 -12.75 -9.49 9.42
CA CYS A 151 -13.95 -9.53 8.58
C CYS A 151 -14.38 -10.97 8.32
N GLY A 1 -9.92 25.64 -15.80
CA GLY A 1 -8.73 25.50 -14.91
C GLY A 1 -7.72 24.52 -15.44
N SER A 2 -6.87 24.01 -14.55
CA SER A 2 -5.84 23.05 -14.93
C SER A 2 -6.35 21.63 -14.77
N HIS A 3 -5.90 20.73 -15.65
CA HIS A 3 -6.31 19.33 -15.60
C HIS A 3 -5.47 18.56 -14.60
N MET A 4 -6.12 17.66 -13.87
CA MET A 4 -5.43 16.84 -12.87
C MET A 4 -5.82 15.38 -12.99
N ALA A 5 -4.87 14.49 -12.71
CA ALA A 5 -5.12 13.05 -12.79
C ALA A 5 -4.50 12.33 -11.61
N ASP A 6 -5.32 11.55 -10.89
CA ASP A 6 -4.86 10.81 -9.73
C ASP A 6 -3.73 9.85 -10.11
N CYS A 7 -4.07 8.84 -10.90
CA CYS A 7 -3.08 7.85 -11.34
C CYS A 7 -2.37 7.23 -10.15
N GLY A 8 -3.11 7.15 -9.04
CA GLY A 8 -2.57 6.59 -7.82
C GLY A 8 -2.67 7.56 -6.66
N GLN A 9 -3.88 8.00 -6.39
CA GLN A 9 -4.14 8.94 -5.30
C GLN A 9 -3.56 8.44 -3.99
N MET A 10 -2.86 9.32 -3.29
CA MET A 10 -2.23 8.97 -2.01
C MET A 10 -2.59 9.99 -0.94
N GLN A 11 -2.99 9.50 0.23
CA GLN A 11 -3.37 10.37 1.34
C GLN A 11 -2.19 11.24 1.77
N GLU A 12 -2.49 12.43 2.28
CA GLU A 12 -1.47 13.35 2.73
C GLU A 12 -0.69 12.78 3.92
N GLU A 13 0.37 13.47 4.31
CA GLU A 13 1.19 13.03 5.43
C GLU A 13 0.60 13.49 6.77
N LEU A 14 0.27 12.52 7.62
CA LEU A 14 -0.31 12.82 8.93
C LEU A 14 -1.63 13.58 8.79
N ASP A 15 -2.73 12.85 8.91
CA ASP A 15 -4.05 13.46 8.81
C ASP A 15 -5.01 12.84 9.83
N LEU A 16 -5.29 13.58 10.90
CA LEU A 16 -6.18 13.10 11.96
C LEU A 16 -7.64 13.33 11.60
N THR A 17 -7.90 13.57 10.31
CA THR A 17 -9.27 13.80 9.85
C THR A 17 -9.93 12.49 9.43
N ILE A 18 -9.21 11.38 9.59
CA ILE A 18 -9.73 10.07 9.23
C ILE A 18 -9.69 9.12 10.41
N SER A 19 -10.75 8.33 10.58
CA SER A 19 -10.83 7.38 11.67
C SER A 19 -10.26 6.03 11.26
N ALA A 20 -10.04 5.16 12.25
CA ALA A 20 -9.49 3.83 11.99
C ALA A 20 -10.50 2.95 11.26
N GLU A 21 -11.78 3.15 11.55
CA GLU A 21 -12.83 2.36 10.91
C GLU A 21 -13.23 2.98 9.58
N THR A 22 -12.63 4.11 9.24
CA THR A 22 -12.93 4.79 7.98
C THR A 22 -12.29 4.06 6.80
N ARG A 23 -11.00 3.74 6.92
CA ARG A 23 -10.29 3.05 5.86
C ARG A 23 -10.53 1.55 5.95
N LYS A 24 -11.04 1.09 7.09
CA LYS A 24 -11.31 -0.32 7.29
C LYS A 24 -12.45 -0.80 6.40
N GLN A 25 -13.39 0.11 6.12
CA GLN A 25 -14.54 -0.22 5.27
C GLN A 25 -14.06 -0.66 3.89
N THR A 26 -12.80 -0.38 3.59
CA THR A 26 -12.22 -0.74 2.31
C THR A 26 -11.60 -2.14 2.37
N ALA A 27 -10.92 -2.43 3.47
CA ALA A 27 -10.28 -3.73 3.66
C ALA A 27 -11.31 -4.85 3.79
N CYS A 28 -12.59 -4.47 3.87
CA CYS A 28 -13.65 -5.45 4.01
C CYS A 28 -14.38 -5.68 2.68
N LYS A 29 -14.18 -4.75 1.75
CA LYS A 29 -14.82 -4.86 0.44
C LYS A 29 -14.31 -6.09 -0.31
N PRO A 30 -15.20 -6.76 -1.07
CA PRO A 30 -14.85 -7.96 -1.83
C PRO A 30 -13.71 -7.72 -2.81
N GLU A 31 -13.62 -6.48 -3.31
CA GLU A 31 -12.58 -6.11 -4.27
C GLU A 31 -11.19 -6.22 -3.64
N ILE A 32 -11.00 -5.53 -2.51
CA ILE A 32 -9.72 -5.54 -1.81
C ILE A 32 -9.38 -6.95 -1.32
N ALA A 33 -8.35 -7.54 -1.91
CA ALA A 33 -7.92 -8.88 -1.53
C ALA A 33 -6.97 -8.85 -0.34
N TYR A 34 -5.86 -8.13 -0.49
CA TYR A 34 -4.88 -8.04 0.58
C TYR A 34 -4.90 -6.68 1.28
N ALA A 35 -4.42 -6.67 2.51
CA ALA A 35 -4.35 -5.46 3.32
C ALA A 35 -3.24 -5.59 4.35
N TYR A 36 -2.10 -4.96 4.08
CA TYR A 36 -0.97 -5.03 4.98
C TYR A 36 -0.08 -3.80 4.88
N LYS A 37 0.86 -3.69 5.82
CA LYS A 37 1.80 -2.57 5.85
C LYS A 37 3.15 -2.99 5.25
N VAL A 38 3.75 -2.09 4.49
CA VAL A 38 5.04 -2.38 3.86
C VAL A 38 6.00 -1.21 3.98
N SER A 39 7.18 -1.35 3.38
CA SER A 39 8.19 -0.30 3.41
C SER A 39 9.13 -0.44 2.22
N ILE A 40 9.20 0.60 1.39
CA ILE A 40 10.06 0.60 0.22
C ILE A 40 11.52 0.33 0.62
N THR A 41 12.17 -0.55 -0.13
CA THR A 41 13.56 -0.90 0.15
C THR A 41 14.42 -0.79 -1.10
N SER A 42 13.78 -0.76 -2.27
CA SER A 42 14.51 -0.66 -3.53
C SER A 42 13.66 -0.01 -4.61
N ILE A 43 14.30 0.77 -5.48
CA ILE A 43 13.61 1.44 -6.57
C ILE A 43 14.41 1.36 -7.86
N THR A 44 13.76 0.92 -8.93
CA THR A 44 14.41 0.79 -10.23
C THR A 44 13.56 1.38 -11.34
N VAL A 45 14.21 2.04 -12.30
CA VAL A 45 13.51 2.65 -13.42
C VAL A 45 14.05 2.14 -14.74
N GLU A 46 13.15 1.91 -15.70
CA GLU A 46 13.54 1.42 -17.01
C GLU A 46 13.40 2.51 -18.07
N ASN A 47 12.16 2.81 -18.44
CA ASN A 47 11.89 3.84 -19.45
C ASN A 47 10.63 4.62 -19.10
N VAL A 48 9.48 3.99 -19.27
CA VAL A 48 8.20 4.64 -18.97
C VAL A 48 7.64 4.14 -17.64
N PHE A 49 7.68 2.82 -17.44
CA PHE A 49 7.18 2.23 -16.21
C PHE A 49 8.28 2.14 -15.16
N VAL A 50 7.89 2.04 -13.89
CA VAL A 50 8.85 1.96 -12.80
C VAL A 50 8.55 0.76 -11.90
N LYS A 51 9.61 0.08 -11.46
CA LYS A 51 9.48 -1.07 -10.59
C LYS A 51 9.87 -0.72 -9.15
N TYR A 52 8.95 -0.96 -8.22
CA TYR A 52 9.20 -0.67 -6.81
C TYR A 52 9.20 -1.94 -5.97
N LYS A 53 10.37 -2.28 -5.43
CA LYS A 53 10.50 -3.47 -4.58
C LYS A 53 10.32 -3.11 -3.12
N ALA A 54 9.13 -3.35 -2.59
CA ALA A 54 8.84 -3.04 -1.19
C ALA A 54 8.72 -4.30 -0.34
N THR A 55 9.14 -4.20 0.91
CA THR A 55 9.08 -5.32 1.84
C THR A 55 7.84 -5.26 2.70
N LEU A 56 7.14 -6.38 2.81
CA LEU A 56 5.92 -6.47 3.62
C LEU A 56 6.26 -6.45 5.10
N LEU A 57 6.09 -5.30 5.74
CA LEU A 57 6.40 -5.15 7.16
C LEU A 57 5.58 -6.14 7.99
N ASP A 58 4.30 -6.26 7.68
CA ASP A 58 3.42 -7.18 8.40
C ASP A 58 2.08 -7.30 7.68
N ILE A 59 1.44 -8.46 7.82
CA ILE A 59 0.15 -8.70 7.17
C ILE A 59 -1.02 -8.46 8.12
N TYR A 60 -2.06 -7.82 7.58
CA TYR A 60 -3.27 -7.55 8.34
C TYR A 60 -4.44 -8.29 7.70
N LYS A 61 -4.24 -8.65 6.43
CA LYS A 61 -5.24 -9.38 5.66
C LYS A 61 -4.54 -10.14 4.54
N THR A 62 -4.32 -11.43 4.75
CA THR A 62 -3.63 -12.29 3.78
C THR A 62 -4.07 -11.99 2.34
N GLY A 63 -3.11 -12.04 1.43
CA GLY A 63 -3.40 -11.80 0.04
C GLY A 63 -3.75 -13.08 -0.71
N GLU A 64 -4.83 -13.02 -1.49
CA GLU A 64 -5.28 -14.19 -2.25
C GLU A 64 -4.21 -14.64 -3.23
N ALA A 65 -3.31 -13.72 -3.58
CA ALA A 65 -2.23 -14.04 -4.52
C ALA A 65 -1.18 -14.91 -3.84
N VAL A 66 -0.21 -14.25 -3.23
CA VAL A 66 0.87 -14.94 -2.53
C VAL A 66 1.46 -14.04 -1.44
N ALA A 67 0.61 -13.26 -0.81
CA ALA A 67 1.03 -12.35 0.25
C ALA A 67 1.51 -13.12 1.47
N GLU A 68 2.73 -12.86 1.89
CA GLU A 68 3.31 -13.53 3.04
C GLU A 68 4.03 -12.54 3.95
N LYS A 69 4.20 -12.92 5.21
CA LYS A 69 4.86 -12.05 6.18
C LYS A 69 6.27 -11.72 5.71
N ASP A 70 6.63 -10.44 5.82
CA ASP A 70 7.96 -9.97 5.42
C ASP A 70 8.38 -10.56 4.07
N SER A 71 7.41 -10.71 3.17
CA SER A 71 7.67 -11.26 1.84
C SER A 71 8.19 -10.17 0.91
N GLU A 72 8.19 -10.46 -0.38
CA GLU A 72 8.64 -9.51 -1.39
C GLU A 72 7.54 -9.21 -2.39
N ILE A 73 7.19 -7.94 -2.53
CA ILE A 73 6.14 -7.52 -3.45
C ILE A 73 6.66 -6.44 -4.40
N THR A 74 6.32 -6.55 -5.68
CA THR A 74 6.76 -5.59 -6.68
C THR A 74 5.60 -4.75 -7.19
N PHE A 75 5.54 -3.49 -6.76
CA PHE A 75 4.49 -2.58 -7.20
C PHE A 75 5.03 -1.62 -8.25
N ILE A 76 4.44 -1.65 -9.44
CA ILE A 76 4.88 -0.78 -10.52
C ILE A 76 3.94 0.41 -10.70
N LYS A 77 4.51 1.52 -11.15
CA LYS A 77 3.73 2.74 -11.36
C LYS A 77 4.19 3.46 -12.63
N LYS A 78 3.25 4.13 -13.29
CA LYS A 78 3.56 4.86 -14.52
C LYS A 78 4.03 6.27 -14.19
N VAL A 79 5.03 6.75 -14.93
CA VAL A 79 5.57 8.08 -14.72
C VAL A 79 4.59 9.16 -15.19
N THR A 80 3.51 8.72 -15.83
CA THR A 80 2.50 9.64 -16.34
C THR A 80 1.61 10.16 -15.21
N CYS A 81 1.69 9.53 -14.05
CA CYS A 81 0.89 9.93 -12.91
C CYS A 81 1.30 11.31 -12.40
N THR A 82 0.60 11.79 -11.37
CA THR A 82 0.90 13.10 -10.80
C THR A 82 0.67 13.10 -9.30
N ASN A 83 -0.42 12.49 -8.86
CA ASN A 83 -0.76 12.44 -7.44
C ASN A 83 -0.10 11.23 -6.77
N ALA A 84 0.73 10.52 -7.52
CA ALA A 84 1.43 9.36 -7.00
C ALA A 84 2.94 9.56 -7.01
N GLU A 85 3.58 9.31 -5.88
CA GLU A 85 5.03 9.48 -5.76
C GLU A 85 5.56 8.76 -4.53
N LEU A 86 6.16 7.59 -4.73
CA LEU A 86 6.70 6.80 -3.64
C LEU A 86 8.15 7.19 -3.36
N VAL A 87 8.65 6.79 -2.19
CA VAL A 87 10.02 7.11 -1.80
C VAL A 87 10.64 5.96 -1.01
N LYS A 88 11.95 5.77 -1.18
CA LYS A 88 12.67 4.70 -0.48
C LYS A 88 13.01 5.11 0.94
N GLY A 89 12.77 4.19 1.88
CA GLY A 89 13.05 4.48 3.28
C GLY A 89 11.80 4.73 4.09
N ARG A 90 10.69 5.01 3.40
CA ARG A 90 9.43 5.29 4.08
C ARG A 90 8.53 4.05 4.09
N GLN A 91 7.42 4.16 4.81
CA GLN A 91 6.46 3.06 4.92
C GLN A 91 5.14 3.44 4.27
N TYR A 92 4.46 2.45 3.69
CA TYR A 92 3.18 2.68 3.03
C TYR A 92 2.22 1.52 3.27
N LEU A 93 1.02 1.85 3.73
CA LEU A 93 -0.01 0.84 3.99
C LEU A 93 -0.73 0.50 2.70
N ILE A 94 -0.47 -0.68 2.16
CA ILE A 94 -1.09 -1.11 0.91
C ILE A 94 -2.34 -1.95 1.15
N MET A 95 -3.40 -1.61 0.42
CA MET A 95 -4.67 -2.32 0.52
C MET A 95 -5.37 -2.31 -0.83
N GLY A 96 -5.41 -3.46 -1.49
CA GLY A 96 -6.04 -3.53 -2.80
C GLY A 96 -6.46 -4.93 -3.20
N LYS A 97 -6.95 -5.07 -4.43
CA LYS A 97 -7.42 -6.35 -4.95
C LYS A 97 -6.28 -7.37 -5.01
N GLU A 98 -6.56 -8.52 -5.61
CA GLU A 98 -5.58 -9.58 -5.75
C GLU A 98 -4.54 -9.25 -6.81
N ALA A 99 -3.32 -9.72 -6.61
CA ALA A 99 -2.24 -9.47 -7.56
C ALA A 99 -2.41 -10.32 -8.81
N LEU A 100 -1.89 -9.84 -9.93
CA LEU A 100 -1.96 -10.58 -11.18
C LEU A 100 -1.19 -11.88 -11.05
N GLN A 101 -0.98 -12.55 -12.18
CA GLN A 101 -0.24 -13.80 -12.16
C GLN A 101 0.49 -14.03 -13.47
N ILE A 102 1.74 -14.44 -13.33
CA ILE A 102 2.63 -14.75 -14.44
C ILE A 102 2.45 -13.82 -15.63
N LYS A 103 3.11 -14.19 -16.72
CA LYS A 103 3.04 -13.43 -17.96
C LYS A 103 1.61 -13.29 -18.44
N TYR A 104 1.08 -12.07 -18.41
CA TYR A 104 -0.28 -11.81 -18.84
C TYR A 104 -0.37 -10.47 -19.57
N ASN A 105 -0.32 -10.53 -20.90
CA ASN A 105 -0.39 -9.34 -21.73
C ASN A 105 0.76 -8.38 -21.44
N ALA A 106 0.60 -7.56 -20.40
CA ALA A 106 1.63 -6.60 -20.02
C ALA A 106 2.49 -7.14 -18.88
N SER A 107 1.90 -8.00 -18.06
CA SER A 107 2.61 -8.59 -16.94
C SER A 107 3.47 -9.77 -17.39
N PHE A 108 4.41 -10.16 -16.53
CA PHE A 108 5.31 -11.28 -16.84
C PHE A 108 5.64 -12.07 -15.58
N ARG A 109 4.72 -12.01 -14.60
CA ARG A 109 4.89 -12.70 -13.33
C ARG A 109 3.90 -12.14 -12.32
N TYR A 110 3.90 -12.68 -11.12
CA TYR A 110 3.00 -12.22 -10.07
C TYR A 110 3.42 -10.85 -9.56
N ILE A 111 2.98 -9.80 -10.26
CA ILE A 111 3.32 -8.44 -9.88
C ILE A 111 2.11 -7.73 -9.27
N TYR A 112 2.31 -6.49 -8.85
CA TYR A 112 1.25 -5.70 -8.25
C TYR A 112 1.09 -4.37 -8.96
N PRO A 113 -0.07 -4.16 -9.63
CA PRO A 113 -0.34 -2.92 -10.36
C PRO A 113 -0.68 -1.74 -9.45
N LEU A 114 -0.68 -0.54 -10.03
CA LEU A 114 -0.98 0.67 -9.27
C LEU A 114 -1.72 1.67 -10.15
N ASP A 115 -3.04 1.74 -10.01
CA ASP A 115 -3.86 2.65 -10.79
C ASP A 115 -4.51 3.70 -9.89
N SER A 116 -5.55 3.27 -9.18
CA SER A 116 -6.27 4.16 -8.28
C SER A 116 -7.23 3.38 -7.39
N LEU A 117 -7.57 2.16 -7.82
CA LEU A 117 -8.48 1.31 -7.07
C LEU A 117 -7.79 0.73 -5.84
N THR A 118 -6.48 0.89 -5.78
CA THR A 118 -5.69 0.37 -4.66
C THR A 118 -5.54 1.44 -3.57
N TRP A 119 -6.14 1.19 -2.42
CA TRP A 119 -6.07 2.12 -1.30
C TRP A 119 -4.65 2.22 -0.76
N ILE A 120 -4.12 3.44 -0.75
CA ILE A 120 -2.77 3.69 -0.25
C ILE A 120 -2.77 4.74 0.85
N GLU A 121 -2.18 4.39 1.99
CA GLU A 121 -2.13 5.30 3.13
C GLU A 121 -0.74 5.30 3.77
N TYR A 122 -0.04 6.43 3.66
CA TYR A 122 1.29 6.56 4.22
C TYR A 122 1.31 6.22 5.71
N TRP A 123 2.29 5.44 6.12
CA TRP A 123 2.41 5.04 7.53
C TRP A 123 3.54 5.82 8.20
N PRO A 124 3.18 6.78 9.07
CA PRO A 124 4.18 7.60 9.79
C PRO A 124 5.22 6.75 10.50
N ARG A 125 6.44 6.78 10.00
CA ARG A 125 7.54 6.02 10.58
C ARG A 125 8.13 6.75 11.77
N ASP A 126 8.11 8.08 11.72
CA ASP A 126 8.65 8.89 12.80
C ASP A 126 7.75 8.84 14.03
N THR A 127 8.27 8.27 15.12
CA THR A 127 7.51 8.14 16.36
C THR A 127 8.37 8.53 17.56
N THR A 128 9.54 9.11 17.29
CA THR A 128 10.44 9.51 18.35
C THR A 128 11.13 10.84 18.01
N CYS A 129 10.38 11.94 18.16
CA CYS A 129 10.91 13.26 17.86
C CYS A 129 10.76 14.18 19.08
N SER A 130 9.53 14.63 19.31
CA SER A 130 9.25 15.52 20.44
C SER A 130 7.74 15.66 20.65
N SER A 131 7.05 16.20 19.64
CA SER A 131 5.61 16.38 19.71
C SER A 131 4.89 15.48 18.71
N CYS A 132 5.65 14.59 18.08
CA CYS A 132 5.10 13.67 17.09
C CYS A 132 4.24 12.60 17.78
N GLN A 133 4.05 11.47 17.10
CA GLN A 133 3.26 10.38 17.63
C GLN A 133 1.85 10.84 18.00
N ALA A 134 0.96 10.84 17.02
CA ALA A 134 -0.42 11.27 17.23
C ALA A 134 -1.36 10.51 16.30
N PHE A 135 -0.88 10.20 15.10
CA PHE A 135 -1.67 9.49 14.11
C PHE A 135 -1.45 7.98 14.24
N LEU A 136 -0.34 7.60 14.86
CA LEU A 136 -0.02 6.20 15.05
C LEU A 136 -0.98 5.54 16.03
N ALA A 137 -1.41 6.30 17.03
CA ALA A 137 -2.34 5.79 18.04
C ALA A 137 -3.64 5.35 17.38
N ASN A 138 -4.07 6.08 16.36
CA ASN A 138 -5.30 5.76 15.64
C ASN A 138 -5.11 4.55 14.76
N LEU A 139 -3.86 4.23 14.46
CA LEU A 139 -3.54 3.09 13.60
C LEU A 139 -3.60 1.78 14.41
N ASP A 140 -3.23 1.87 15.68
CA ASP A 140 -3.23 0.70 16.55
C ASP A 140 -4.65 0.13 16.67
N GLU A 141 -5.64 1.01 16.60
CA GLU A 141 -7.04 0.60 16.71
C GLU A 141 -7.43 -0.24 15.50
N PHE A 142 -6.82 0.05 14.35
CA PHE A 142 -7.11 -0.67 13.13
C PHE A 142 -6.56 -2.10 13.20
N ALA A 143 -5.51 -2.28 14.00
CA ALA A 143 -4.89 -3.59 14.15
C ALA A 143 -5.82 -4.56 14.89
N GLU A 144 -6.37 -4.10 16.00
CA GLU A 144 -7.27 -4.92 16.79
C GLU A 144 -8.68 -4.93 16.20
N ASP A 145 -8.88 -4.15 15.14
CA ASP A 145 -10.18 -4.08 14.49
C ASP A 145 -10.23 -5.01 13.28
N ILE A 146 -9.07 -5.47 12.84
CA ILE A 146 -8.99 -6.39 11.71
C ILE A 146 -8.67 -7.80 12.18
N PHE A 147 -7.97 -7.89 13.30
CA PHE A 147 -7.59 -9.18 13.88
C PHE A 147 -8.74 -9.77 14.68
N LEU A 148 -9.38 -8.93 15.49
CA LEU A 148 -10.50 -9.37 16.33
C LEU A 148 -11.82 -9.21 15.58
N ASN A 149 -12.23 -7.97 15.39
CA ASN A 149 -13.48 -7.66 14.71
C ASN A 149 -13.50 -8.24 13.30
N GLY A 150 -12.54 -7.84 12.47
CA GLY A 150 -12.48 -8.33 11.11
C GLY A 150 -13.73 -8.00 10.32
N CYS A 151 -14.21 -6.77 10.49
CA CYS A 151 -15.42 -6.31 9.79
C CYS A 151 -16.57 -7.29 9.98
N GLY A 1 -12.14 14.18 -11.58
CA GLY A 1 -11.10 15.22 -11.77
C GLY A 1 -11.39 16.12 -12.97
N SER A 2 -10.33 16.60 -13.61
CA SER A 2 -10.47 17.48 -14.77
C SER A 2 -9.35 17.25 -15.77
N HIS A 3 -8.11 17.30 -15.29
CA HIS A 3 -6.95 17.09 -16.14
C HIS A 3 -6.00 16.07 -15.53
N MET A 4 -5.17 15.46 -16.37
CA MET A 4 -4.20 14.46 -15.91
C MET A 4 -4.91 13.31 -15.20
N ALA A 5 -4.13 12.49 -14.51
CA ALA A 5 -4.67 11.35 -13.76
C ALA A 5 -4.17 11.33 -12.34
N ASP A 6 -4.96 10.76 -11.44
CA ASP A 6 -4.60 10.69 -10.03
C ASP A 6 -3.86 9.39 -9.72
N CYS A 7 -4.09 8.36 -10.53
CA CYS A 7 -3.45 7.08 -10.29
C CYS A 7 -3.73 6.65 -8.86
N GLY A 8 -2.86 5.83 -8.30
CA GLY A 8 -3.04 5.40 -6.92
C GLY A 8 -3.03 6.58 -5.96
N GLN A 9 -4.15 7.27 -5.88
CA GLN A 9 -4.28 8.44 -5.01
C GLN A 9 -3.73 8.16 -3.63
N MET A 10 -3.03 9.14 -3.06
CA MET A 10 -2.43 9.00 -1.74
C MET A 10 -2.89 10.11 -0.81
N GLN A 11 -3.13 9.77 0.45
CA GLN A 11 -3.57 10.74 1.45
C GLN A 11 -2.39 11.52 2.00
N GLU A 12 -2.68 12.56 2.78
CA GLU A 12 -1.65 13.40 3.37
C GLU A 12 -0.84 12.61 4.40
N GLU A 13 0.18 13.26 4.95
CA GLU A 13 1.05 12.61 5.94
C GLU A 13 0.39 12.63 7.31
N LEU A 14 0.59 13.73 8.03
CA LEU A 14 0.02 13.87 9.37
C LEU A 14 -1.17 14.84 9.36
N ASP A 15 -2.37 14.28 9.35
CA ASP A 15 -3.59 15.08 9.35
C ASP A 15 -4.71 14.36 10.09
N LEU A 16 -4.89 14.70 11.35
CA LEU A 16 -5.92 14.09 12.18
C LEU A 16 -7.31 14.53 11.74
N THR A 17 -7.99 13.68 10.99
CA THR A 17 -9.33 13.98 10.50
C THR A 17 -9.99 12.74 9.90
N ILE A 18 -9.17 11.77 9.51
CA ILE A 18 -9.67 10.53 8.93
C ILE A 18 -9.93 9.48 10.00
N SER A 19 -11.09 8.84 9.93
CA SER A 19 -11.47 7.82 10.90
C SER A 19 -10.73 6.51 10.62
N ALA A 20 -10.62 5.67 11.64
CA ALA A 20 -9.94 4.38 11.50
C ALA A 20 -10.86 3.35 10.87
N GLU A 21 -12.16 3.66 10.84
CA GLU A 21 -13.14 2.74 10.25
C GLU A 21 -13.28 2.98 8.76
N THR A 22 -13.13 4.23 8.34
CA THR A 22 -13.24 4.59 6.93
C THR A 22 -12.20 3.84 6.09
N ARG A 23 -11.11 3.44 6.72
CA ARG A 23 -10.05 2.72 6.04
C ARG A 23 -10.27 1.21 6.12
N LYS A 24 -10.69 0.74 7.30
CA LYS A 24 -10.93 -0.68 7.51
C LYS A 24 -12.03 -1.19 6.58
N GLN A 25 -13.06 -0.38 6.37
CA GLN A 25 -14.16 -0.75 5.50
C GLN A 25 -13.67 -1.06 4.09
N THR A 26 -12.46 -0.61 3.78
CA THR A 26 -11.85 -0.85 2.48
C THR A 26 -11.14 -2.19 2.44
N ALA A 27 -10.69 -2.65 3.60
CA ALA A 27 -9.98 -3.92 3.71
C ALA A 27 -10.92 -5.09 3.50
N CYS A 28 -12.18 -4.80 3.22
CA CYS A 28 -13.18 -5.85 3.00
C CYS A 28 -13.91 -5.65 1.66
N LYS A 29 -13.59 -4.55 0.99
CA LYS A 29 -14.22 -4.25 -0.30
C LYS A 29 -13.85 -5.29 -1.35
N PRO A 30 -14.75 -5.52 -2.33
CA PRO A 30 -14.51 -6.50 -3.39
C PRO A 30 -13.35 -6.11 -4.30
N GLU A 31 -13.11 -4.80 -4.41
CA GLU A 31 -12.03 -4.29 -5.25
C GLU A 31 -10.72 -4.27 -4.48
N ILE A 32 -10.71 -4.89 -3.30
CA ILE A 32 -9.52 -4.95 -2.47
C ILE A 32 -9.17 -6.39 -2.12
N ALA A 33 -7.97 -6.81 -2.51
CA ALA A 33 -7.51 -8.17 -2.24
C ALA A 33 -6.77 -8.26 -0.91
N TYR A 34 -5.66 -7.53 -0.81
CA TYR A 34 -4.86 -7.57 0.41
C TYR A 34 -4.97 -6.26 1.20
N ALA A 35 -4.63 -6.36 2.48
CA ALA A 35 -4.65 -5.20 3.37
C ALA A 35 -3.52 -5.31 4.37
N TYR A 36 -2.37 -4.73 4.01
CA TYR A 36 -1.20 -4.78 4.88
C TYR A 36 -0.38 -3.49 4.81
N LYS A 37 0.79 -3.53 5.44
CA LYS A 37 1.70 -2.39 5.47
C LYS A 37 3.11 -2.85 5.13
N VAL A 38 3.77 -2.12 4.22
CA VAL A 38 5.13 -2.47 3.81
C VAL A 38 6.06 -1.28 3.92
N SER A 39 7.31 -1.48 3.51
CA SER A 39 8.33 -0.44 3.55
C SER A 39 9.23 -0.52 2.31
N ILE A 40 9.31 0.58 1.57
CA ILE A 40 10.13 0.62 0.37
C ILE A 40 11.60 0.40 0.71
N THR A 41 12.26 -0.43 -0.09
CA THR A 41 13.67 -0.74 0.13
C THR A 41 14.46 -0.62 -1.16
N SER A 42 13.82 -0.91 -2.29
CA SER A 42 14.48 -0.85 -3.59
C SER A 42 13.54 -0.27 -4.65
N ILE A 43 14.10 0.54 -5.54
CA ILE A 43 13.31 1.16 -6.60
C ILE A 43 14.01 0.99 -7.94
N THR A 44 13.29 0.43 -8.92
CA THR A 44 13.83 0.21 -10.25
C THR A 44 12.91 0.76 -11.32
N VAL A 45 13.50 1.44 -12.31
CA VAL A 45 12.73 2.03 -13.40
C VAL A 45 13.12 1.41 -14.74
N GLU A 46 12.13 0.96 -15.49
CA GLU A 46 12.37 0.35 -16.79
C GLU A 46 12.33 1.39 -17.90
N ASN A 47 11.14 1.93 -18.15
CA ASN A 47 10.95 2.92 -19.19
C ASN A 47 9.63 3.66 -19.00
N VAL A 48 8.53 2.97 -19.27
CA VAL A 48 7.20 3.55 -19.13
C VAL A 48 6.56 3.13 -17.81
N PHE A 49 6.69 1.86 -17.47
CA PHE A 49 6.13 1.33 -16.24
C PHE A 49 7.20 1.17 -15.18
N VAL A 50 7.11 1.98 -14.12
CA VAL A 50 8.08 1.93 -13.03
C VAL A 50 7.70 0.86 -12.01
N LYS A 51 8.70 0.30 -11.33
CA LYS A 51 8.46 -0.73 -10.34
C LYS A 51 9.07 -0.34 -8.99
N TYR A 52 8.44 -0.81 -7.92
CA TYR A 52 8.92 -0.52 -6.58
C TYR A 52 8.96 -1.78 -5.72
N LYS A 53 10.16 -2.28 -5.46
CA LYS A 53 10.33 -3.48 -4.65
C LYS A 53 10.43 -3.12 -3.17
N ALA A 54 9.52 -3.68 -2.37
CA ALA A 54 9.50 -3.41 -0.94
C ALA A 54 9.27 -4.69 -0.14
N THR A 55 9.49 -4.59 1.17
CA THR A 55 9.30 -5.74 2.05
C THR A 55 8.02 -5.61 2.87
N LEU A 56 7.33 -6.72 3.05
CA LEU A 56 6.10 -6.73 3.83
C LEU A 56 6.43 -6.61 5.31
N LEU A 57 5.84 -5.62 5.97
CA LEU A 57 6.09 -5.42 7.40
C LEU A 57 5.09 -6.24 8.21
N ASP A 58 3.87 -6.33 7.71
CA ASP A 58 2.83 -7.11 8.39
C ASP A 58 1.56 -7.18 7.54
N ILE A 59 1.04 -8.39 7.36
CA ILE A 59 -0.17 -8.59 6.56
C ILE A 59 -1.40 -8.83 7.44
N TYR A 60 -2.39 -7.97 7.30
CA TYR A 60 -3.63 -8.09 8.05
C TYR A 60 -4.64 -8.89 7.25
N LYS A 61 -4.48 -8.85 5.94
CA LYS A 61 -5.34 -9.58 5.01
C LYS A 61 -4.51 -10.15 3.88
N THR A 62 -4.49 -11.48 3.78
CA THR A 62 -3.70 -12.16 2.75
C THR A 62 -3.90 -11.52 1.38
N GLY A 63 -2.86 -11.60 0.56
CA GLY A 63 -2.90 -11.03 -0.77
C GLY A 63 -3.47 -11.98 -1.80
N GLU A 64 -4.16 -13.02 -1.33
CA GLU A 64 -4.75 -14.01 -2.23
C GLU A 64 -3.68 -14.61 -3.14
N ALA A 65 -2.42 -14.28 -2.84
CA ALA A 65 -1.29 -14.75 -3.59
C ALA A 65 -0.18 -15.19 -2.65
N VAL A 66 1.06 -15.03 -3.07
CA VAL A 66 2.20 -15.40 -2.24
C VAL A 66 2.48 -14.35 -1.16
N ALA A 67 1.40 -13.74 -0.66
CA ALA A 67 1.53 -12.73 0.39
C ALA A 67 1.65 -13.41 1.75
N GLU A 68 2.71 -13.06 2.47
CA GLU A 68 2.96 -13.63 3.79
C GLU A 68 3.67 -12.63 4.70
N LYS A 69 3.64 -12.89 6.00
CA LYS A 69 4.28 -12.02 6.97
C LYS A 69 5.74 -11.78 6.58
N ASP A 70 6.03 -10.59 6.10
CA ASP A 70 7.37 -10.22 5.69
C ASP A 70 7.83 -11.06 4.49
N SER A 71 7.43 -10.64 3.31
CA SER A 71 7.78 -11.34 2.08
C SER A 71 8.36 -10.36 1.05
N GLU A 72 8.62 -10.85 -0.15
CA GLU A 72 9.17 -10.01 -1.21
C GLU A 72 8.11 -9.74 -2.27
N ILE A 73 7.74 -8.46 -2.41
CA ILE A 73 6.73 -8.07 -3.39
C ILE A 73 7.23 -6.94 -4.27
N THR A 74 6.96 -7.04 -5.57
CA THR A 74 7.38 -6.03 -6.53
C THR A 74 6.17 -5.34 -7.15
N PHE A 75 6.02 -4.04 -6.85
CA PHE A 75 4.91 -3.27 -7.39
C PHE A 75 5.26 -2.67 -8.75
N ILE A 76 4.28 -2.04 -9.39
CA ILE A 76 4.49 -1.44 -10.69
C ILE A 76 3.52 -0.28 -10.93
N LYS A 77 4.04 0.94 -10.88
CA LYS A 77 3.22 2.14 -11.10
C LYS A 77 3.30 2.61 -12.55
N LYS A 78 2.22 3.21 -13.03
CA LYS A 78 2.18 3.71 -14.40
C LYS A 78 2.98 4.99 -14.53
N VAL A 79 2.98 5.57 -15.74
CA VAL A 79 3.70 6.81 -16.00
C VAL A 79 2.76 8.01 -15.95
N THR A 80 1.48 7.78 -16.25
CA THR A 80 0.49 8.84 -16.24
C THR A 80 0.16 9.28 -14.82
N CYS A 81 0.62 8.50 -13.85
CA CYS A 81 0.38 8.79 -12.45
C CYS A 81 0.97 10.15 -12.07
N THR A 82 0.12 11.04 -11.57
CA THR A 82 0.56 12.38 -11.18
C THR A 82 0.25 12.65 -9.71
N ASN A 83 -0.20 11.63 -9.00
CA ASN A 83 -0.52 11.77 -7.58
C ASN A 83 0.14 10.67 -6.75
N ALA A 84 0.49 9.56 -7.39
CA ALA A 84 1.12 8.44 -6.71
C ALA A 84 2.64 8.58 -6.70
N GLU A 85 3.22 8.59 -5.51
CA GLU A 85 4.67 8.72 -5.35
C GLU A 85 5.14 8.02 -4.09
N LEU A 86 6.32 7.39 -4.18
CA LEU A 86 6.89 6.68 -3.04
C LEU A 86 8.35 7.04 -2.83
N VAL A 87 8.88 6.73 -1.65
CA VAL A 87 10.27 7.02 -1.33
C VAL A 87 10.94 5.79 -0.71
N LYS A 88 12.20 5.56 -1.09
CA LYS A 88 12.95 4.43 -0.57
C LYS A 88 13.36 4.65 0.88
N GLY A 89 13.02 3.71 1.75
CA GLY A 89 13.35 3.82 3.15
C GLY A 89 12.17 4.23 4.01
N ARG A 90 11.05 4.53 3.37
CA ARG A 90 9.85 4.94 4.09
C ARG A 90 8.86 3.80 4.20
N GLN A 91 7.79 4.03 4.96
CA GLN A 91 6.75 3.02 5.16
C GLN A 91 5.40 3.55 4.70
N TYR A 92 4.65 2.69 4.00
CA TYR A 92 3.33 3.07 3.50
C TYR A 92 2.32 1.95 3.67
N LEU A 93 1.06 2.32 3.92
CA LEU A 93 -0.01 1.36 4.09
C LEU A 93 -0.68 1.08 2.74
N ILE A 94 -0.65 -0.17 2.31
CA ILE A 94 -1.24 -0.55 1.03
C ILE A 94 -2.42 -1.48 1.19
N MET A 95 -3.50 -1.18 0.47
CA MET A 95 -4.72 -1.99 0.51
C MET A 95 -5.43 -1.94 -0.85
N GLY A 96 -5.43 -3.07 -1.55
CA GLY A 96 -6.07 -3.12 -2.85
C GLY A 96 -5.97 -4.47 -3.53
N LYS A 97 -6.35 -4.51 -4.82
CA LYS A 97 -6.30 -5.74 -5.60
C LYS A 97 -4.95 -6.43 -5.49
N GLU A 98 -4.95 -7.74 -5.70
CA GLU A 98 -3.73 -8.54 -5.62
C GLU A 98 -2.89 -8.38 -6.89
N ALA A 99 -1.87 -9.23 -7.01
CA ALA A 99 -0.98 -9.19 -8.18
C ALA A 99 -1.57 -10.00 -9.33
N LEU A 100 -1.13 -9.69 -10.55
CA LEU A 100 -1.60 -10.38 -11.73
C LEU A 100 -0.73 -11.59 -12.03
N GLN A 101 -1.38 -12.74 -12.24
CA GLN A 101 -0.68 -13.98 -12.53
C GLN A 101 0.01 -13.90 -13.89
N ILE A 102 -0.30 -12.85 -14.64
CA ILE A 102 0.29 -12.65 -15.96
C ILE A 102 0.41 -11.17 -16.30
N LYS A 103 1.47 -10.54 -15.79
CA LYS A 103 1.70 -9.12 -16.03
C LYS A 103 2.88 -8.92 -16.98
N TYR A 104 3.56 -10.01 -17.31
CA TYR A 104 4.70 -9.96 -18.21
C TYR A 104 4.24 -10.13 -19.67
N ASN A 105 5.17 -9.97 -20.60
CA ASN A 105 4.85 -10.11 -22.01
C ASN A 105 4.51 -11.55 -22.36
N ALA A 106 5.30 -12.49 -21.84
CA ALA A 106 5.07 -13.91 -22.09
C ALA A 106 5.86 -14.78 -21.12
N SER A 107 6.74 -14.15 -20.34
CA SER A 107 7.54 -14.87 -19.36
C SER A 107 6.77 -15.10 -18.08
N PHE A 108 5.61 -14.45 -17.97
CA PHE A 108 4.76 -14.57 -16.78
C PHE A 108 5.46 -14.00 -15.55
N ARG A 109 4.70 -13.25 -14.75
CA ARG A 109 5.24 -12.64 -13.54
C ARG A 109 4.13 -12.05 -12.67
N TYR A 110 4.22 -12.30 -11.36
CA TYR A 110 3.23 -11.78 -10.43
C TYR A 110 3.62 -10.39 -9.95
N ILE A 111 3.08 -9.36 -10.61
CA ILE A 111 3.39 -7.99 -10.26
C ILE A 111 2.17 -7.27 -9.69
N TYR A 112 2.42 -6.33 -8.78
CA TYR A 112 1.35 -5.57 -8.15
C TYR A 112 1.24 -4.19 -8.77
N PRO A 113 0.22 -3.96 -9.61
CA PRO A 113 0.01 -2.67 -10.27
C PRO A 113 -0.40 -1.58 -9.29
N LEU A 114 -0.44 -0.34 -9.76
CA LEU A 114 -0.81 0.79 -8.93
C LEU A 114 -1.76 1.73 -9.66
N ASP A 115 -3.06 1.56 -9.42
CA ASP A 115 -4.07 2.39 -10.05
C ASP A 115 -4.86 3.16 -9.01
N SER A 116 -5.84 3.94 -9.46
CA SER A 116 -6.68 4.73 -8.57
C SER A 116 -7.45 3.84 -7.61
N LEU A 117 -7.43 2.53 -7.87
CA LEU A 117 -8.12 1.57 -7.02
C LEU A 117 -7.21 1.06 -5.91
N THR A 118 -6.05 1.70 -5.76
CA THR A 118 -5.09 1.32 -4.74
C THR A 118 -5.06 2.34 -3.60
N TRP A 119 -5.02 1.84 -2.37
CA TRP A 119 -4.99 2.72 -1.20
C TRP A 119 -3.59 2.77 -0.61
N ILE A 120 -2.99 3.96 -0.64
CA ILE A 120 -1.64 4.14 -0.10
C ILE A 120 -1.58 5.38 0.80
N GLU A 121 -1.25 5.17 2.06
CA GLU A 121 -1.17 6.26 3.02
C GLU A 121 0.17 6.23 3.76
N TYR A 122 0.73 7.42 4.00
CA TYR A 122 2.01 7.53 4.70
C TYR A 122 1.88 7.05 6.14
N TRP A 123 2.86 6.27 6.59
CA TRP A 123 2.86 5.75 7.95
C TRP A 123 3.95 6.42 8.78
N PRO A 124 3.56 7.23 9.78
CA PRO A 124 4.51 7.93 10.65
C PRO A 124 5.54 7.00 11.27
N ARG A 125 6.81 7.21 10.91
CA ARG A 125 7.90 6.38 11.42
C ARG A 125 8.37 6.88 12.78
N ASP A 126 8.29 8.20 12.99
CA ASP A 126 8.72 8.79 14.24
C ASP A 126 7.67 8.59 15.33
N THR A 127 8.02 7.80 16.35
CA THR A 127 7.11 7.52 17.46
C THR A 127 7.87 7.45 18.78
N THR A 128 9.15 7.80 18.75
CA THR A 128 9.98 7.78 19.94
C THR A 128 9.41 8.69 21.03
N CYS A 129 8.93 9.85 20.64
CA CYS A 129 8.36 10.81 21.57
C CYS A 129 6.84 10.70 21.61
N SER A 130 6.24 11.00 22.76
CA SER A 130 4.79 10.94 22.91
C SER A 130 4.11 12.11 22.22
N SER A 131 4.92 12.98 21.63
CA SER A 131 4.39 14.16 20.93
C SER A 131 4.33 13.91 19.43
N CYS A 132 4.50 12.65 19.03
CA CYS A 132 4.48 12.29 17.61
C CYS A 132 3.78 10.95 17.41
N GLN A 133 2.92 10.58 18.35
CA GLN A 133 2.19 9.32 18.28
C GLN A 133 0.69 9.57 18.24
N ALA A 134 0.31 10.81 17.94
CA ALA A 134 -1.11 11.16 17.86
C ALA A 134 -1.81 10.44 16.72
N PHE A 135 -1.24 10.56 15.52
CA PHE A 135 -1.81 9.91 14.35
C PHE A 135 -1.72 8.40 14.47
N LEU A 136 -0.70 7.92 15.15
CA LEU A 136 -0.50 6.48 15.34
C LEU A 136 -1.56 5.91 16.28
N ALA A 137 -2.13 6.78 17.11
CA ALA A 137 -3.16 6.36 18.05
C ALA A 137 -4.44 5.98 17.34
N ASN A 138 -4.60 6.48 16.11
CA ASN A 138 -5.79 6.19 15.32
C ASN A 138 -5.60 4.92 14.52
N LEU A 139 -4.35 4.55 14.27
CA LEU A 139 -4.02 3.35 13.52
C LEU A 139 -4.05 2.12 14.43
N ASP A 140 -3.86 2.34 15.72
CA ASP A 140 -3.87 1.25 16.70
C ASP A 140 -5.23 0.56 16.72
N GLU A 141 -6.29 1.35 16.65
CA GLU A 141 -7.64 0.81 16.66
C GLU A 141 -7.94 0.09 15.36
N PHE A 142 -7.14 0.35 14.33
CA PHE A 142 -7.33 -0.28 13.04
C PHE A 142 -6.63 -1.64 12.98
N ALA A 143 -5.45 -1.71 13.58
CA ALA A 143 -4.68 -2.95 13.60
C ALA A 143 -5.39 -4.04 14.39
N GLU A 144 -5.70 -3.74 15.65
CA GLU A 144 -6.38 -4.69 16.53
C GLU A 144 -7.74 -5.08 15.97
N ASP A 145 -8.37 -4.16 15.26
CA ASP A 145 -9.69 -4.40 14.68
C ASP A 145 -9.63 -5.50 13.62
N ILE A 146 -8.97 -5.22 12.50
CA ILE A 146 -8.85 -6.17 11.40
C ILE A 146 -8.22 -7.48 11.88
N PHE A 147 -7.36 -7.40 12.89
CA PHE A 147 -6.69 -8.58 13.42
C PHE A 147 -7.63 -9.40 14.31
N LEU A 148 -8.30 -8.72 15.24
CA LEU A 148 -9.22 -9.38 16.16
C LEU A 148 -10.60 -9.54 15.53
N ASN A 149 -11.27 -8.42 15.32
CA ASN A 149 -12.60 -8.41 14.74
C ASN A 149 -12.60 -9.02 13.34
N GLY A 150 -12.09 -8.25 12.36
CA GLY A 150 -12.05 -8.73 10.99
C GLY A 150 -13.41 -8.67 10.33
N CYS A 151 -13.41 -8.62 8.99
CA CYS A 151 -14.66 -8.55 8.23
C CYS A 151 -15.16 -9.95 7.90
N GLY A 1 0.51 12.65 -22.75
CA GLY A 1 0.80 13.72 -23.75
C GLY A 1 0.39 15.10 -23.27
N SER A 2 -0.86 15.46 -23.57
CA SER A 2 -1.39 16.77 -23.17
C SER A 2 -2.24 16.65 -21.92
N HIS A 3 -2.39 15.42 -21.42
CA HIS A 3 -3.19 15.17 -20.23
C HIS A 3 -2.46 14.21 -19.29
N MET A 4 -2.88 14.19 -18.03
CA MET A 4 -2.27 13.31 -17.03
C MET A 4 -3.31 12.84 -16.02
N ALA A 5 -3.06 11.67 -15.42
CA ALA A 5 -3.97 11.10 -14.43
C ALA A 5 -3.27 10.92 -13.09
N ASP A 6 -4.02 10.52 -12.08
CA ASP A 6 -3.48 10.30 -10.75
C ASP A 6 -3.22 8.82 -10.50
N CYS A 7 -2.81 8.10 -11.55
CA CYS A 7 -2.52 6.68 -11.42
C CYS A 7 -1.62 6.42 -10.21
N GLY A 8 -2.11 5.60 -9.30
CA GLY A 8 -1.36 5.29 -8.10
C GLY A 8 -1.37 6.45 -7.12
N GLN A 9 -2.49 7.14 -7.08
CA GLN A 9 -2.67 8.30 -6.20
C GLN A 9 -2.37 7.92 -4.75
N MET A 10 -2.10 8.94 -3.93
CA MET A 10 -1.81 8.71 -2.52
C MET A 10 -2.54 9.71 -1.64
N GLN A 11 -3.08 9.24 -0.53
CA GLN A 11 -3.82 10.10 0.40
C GLN A 11 -2.87 11.04 1.13
N GLU A 12 -3.44 11.90 1.97
CA GLU A 12 -2.66 12.85 2.74
C GLU A 12 -1.69 12.14 3.68
N GLU A 13 -0.59 12.80 4.01
CA GLU A 13 0.42 12.23 4.90
C GLU A 13 -0.09 12.17 6.33
N LEU A 14 -0.90 13.16 6.69
CA LEU A 14 -1.46 13.24 8.04
C LEU A 14 -2.85 13.87 8.01
N ASP A 15 -3.88 13.04 8.17
CA ASP A 15 -5.25 13.52 8.16
C ASP A 15 -6.10 12.76 9.18
N LEU A 16 -6.81 13.51 10.02
CA LEU A 16 -7.66 12.91 11.04
C LEU A 16 -9.08 12.71 10.52
N THR A 17 -9.27 12.88 9.21
CA THR A 17 -10.57 12.73 8.58
C THR A 17 -10.93 11.25 8.41
N ILE A 18 -9.94 10.39 8.66
CA ILE A 18 -10.16 8.95 8.53
C ILE A 18 -10.10 8.26 9.90
N SER A 19 -11.12 7.46 10.18
CA SER A 19 -11.19 6.74 11.45
C SER A 19 -10.81 5.27 11.27
N ALA A 20 -10.87 4.51 12.35
CA ALA A 20 -10.54 3.09 12.32
C ALA A 20 -11.73 2.24 11.89
N GLU A 21 -12.85 2.91 11.62
CA GLU A 21 -14.07 2.23 11.21
C GLU A 21 -14.32 2.42 9.72
N THR A 22 -14.33 3.68 9.28
CA THR A 22 -14.56 4.01 7.88
C THR A 22 -13.46 3.42 6.99
N ARG A 23 -12.33 3.09 7.60
CA ARG A 23 -11.20 2.52 6.86
C ARG A 23 -11.21 1.00 6.92
N LYS A 24 -11.82 0.45 7.97
CA LYS A 24 -11.89 -0.99 8.14
C LYS A 24 -13.02 -1.59 7.31
N GLN A 25 -14.18 -0.95 7.37
CA GLN A 25 -15.35 -1.41 6.61
C GLN A 25 -15.02 -1.56 5.13
N THR A 26 -14.03 -0.78 4.68
CA THR A 26 -13.61 -0.83 3.29
C THR A 26 -12.67 -2.00 3.04
N ALA A 27 -11.87 -2.33 4.05
CA ALA A 27 -10.92 -3.43 3.96
C ALA A 27 -11.63 -4.77 3.92
N CYS A 28 -12.94 -4.76 4.18
CA CYS A 28 -13.73 -5.97 4.18
C CYS A 28 -14.48 -6.14 2.85
N LYS A 29 -14.72 -5.02 2.17
CA LYS A 29 -15.42 -5.04 0.89
C LYS A 29 -14.62 -5.82 -0.15
N PRO A 30 -15.30 -6.36 -1.18
CA PRO A 30 -14.63 -7.12 -2.24
C PRO A 30 -13.66 -6.27 -3.04
N GLU A 31 -13.73 -4.96 -2.85
CA GLU A 31 -12.85 -4.04 -3.56
C GLU A 31 -11.42 -4.18 -3.07
N ILE A 32 -11.27 -4.69 -1.85
CA ILE A 32 -9.97 -4.87 -1.25
C ILE A 32 -9.69 -6.34 -0.94
N ALA A 33 -8.75 -6.93 -1.68
CA ALA A 33 -8.38 -8.32 -1.49
C ALA A 33 -7.46 -8.48 -0.28
N TYR A 34 -6.37 -7.73 -0.26
CA TYR A 34 -5.42 -7.79 0.83
C TYR A 34 -5.33 -6.47 1.58
N ALA A 35 -4.91 -6.56 2.84
CA ALA A 35 -4.76 -5.38 3.69
C ALA A 35 -3.58 -5.56 4.63
N TYR A 36 -2.45 -4.94 4.30
CA TYR A 36 -1.25 -5.06 5.12
C TYR A 36 -0.36 -3.84 5.02
N LYS A 37 0.76 -3.89 5.73
CA LYS A 37 1.73 -2.79 5.73
C LYS A 37 3.10 -3.29 5.29
N VAL A 38 3.76 -2.50 4.45
CA VAL A 38 5.09 -2.86 3.94
C VAL A 38 6.06 -1.69 4.06
N SER A 39 7.27 -1.89 3.54
CA SER A 39 8.29 -0.85 3.58
C SER A 39 9.17 -0.90 2.33
N ILE A 40 9.30 0.23 1.65
CA ILE A 40 10.12 0.31 0.45
C ILE A 40 11.60 0.08 0.77
N THR A 41 12.28 -0.69 -0.06
CA THR A 41 13.69 -0.99 0.15
C THR A 41 14.50 -0.75 -1.12
N SER A 42 13.82 -0.69 -2.26
CA SER A 42 14.49 -0.48 -3.54
C SER A 42 13.56 0.20 -4.53
N ILE A 43 14.13 1.08 -5.36
CA ILE A 43 13.36 1.80 -6.37
C ILE A 43 14.03 1.72 -7.73
N THR A 44 13.22 1.52 -8.77
CA THR A 44 13.74 1.42 -10.13
C THR A 44 12.88 2.24 -11.10
N VAL A 45 13.44 3.34 -11.58
CA VAL A 45 12.73 4.20 -12.52
C VAL A 45 13.11 3.88 -13.96
N GLU A 46 12.12 3.54 -14.77
CA GLU A 46 12.35 3.21 -16.17
C GLU A 46 11.87 4.34 -17.07
N ASN A 47 12.33 4.32 -18.33
CA ASN A 47 11.95 5.34 -19.30
C ASN A 47 10.44 5.40 -19.49
N VAL A 48 9.75 4.33 -19.08
CA VAL A 48 8.30 4.28 -19.21
C VAL A 48 7.63 3.96 -17.88
N PHE A 49 7.68 2.69 -17.48
CA PHE A 49 7.08 2.24 -16.24
C PHE A 49 8.01 2.50 -15.06
N VAL A 50 7.53 2.16 -13.86
CA VAL A 50 8.33 2.34 -12.64
C VAL A 50 8.21 1.13 -11.74
N LYS A 51 9.31 0.39 -11.59
CA LYS A 51 9.32 -0.80 -10.75
C LYS A 51 9.71 -0.47 -9.32
N TYR A 52 8.85 -0.85 -8.37
CA TYR A 52 9.12 -0.59 -6.96
C TYR A 52 9.29 -1.90 -6.20
N LYS A 53 10.50 -2.12 -5.69
CA LYS A 53 10.80 -3.32 -4.93
C LYS A 53 10.70 -3.05 -3.44
N ALA A 54 9.75 -3.72 -2.78
CA ALA A 54 9.55 -3.53 -1.34
C ALA A 54 9.35 -4.87 -0.64
N THR A 55 9.46 -4.84 0.69
CA THR A 55 9.28 -6.04 1.50
C THR A 55 8.05 -5.91 2.39
N LEU A 56 7.26 -6.97 2.45
CA LEU A 56 6.07 -6.98 3.28
C LEU A 56 6.48 -7.02 4.75
N LEU A 57 5.85 -6.18 5.57
CA LEU A 57 6.17 -6.13 6.99
C LEU A 57 5.27 -7.09 7.78
N ASP A 58 3.97 -6.98 7.55
CA ASP A 58 3.00 -7.83 8.24
C ASP A 58 1.65 -7.77 7.54
N ILE A 59 0.97 -8.91 7.46
CA ILE A 59 -0.33 -8.99 6.81
C ILE A 59 -1.48 -8.95 7.81
N TYR A 60 -2.36 -7.98 7.67
CA TYR A 60 -3.51 -7.84 8.55
C TYR A 60 -4.72 -8.54 7.92
N LYS A 61 -4.63 -8.76 6.61
CA LYS A 61 -5.68 -9.42 5.87
C LYS A 61 -5.08 -10.17 4.68
N THR A 62 -5.10 -11.50 4.76
CA THR A 62 -4.54 -12.35 3.71
C THR A 62 -4.92 -11.85 2.31
N GLY A 63 -3.99 -12.04 1.38
CA GLY A 63 -4.22 -11.62 0.01
C GLY A 63 -4.53 -12.79 -0.90
N GLU A 64 -5.54 -12.64 -1.75
CA GLU A 64 -5.93 -13.69 -2.68
C GLU A 64 -4.76 -14.10 -3.56
N ALA A 65 -3.87 -13.15 -3.83
CA ALA A 65 -2.69 -13.41 -4.65
C ALA A 65 -1.56 -13.98 -3.78
N VAL A 66 -1.86 -15.08 -3.11
CA VAL A 66 -0.90 -15.75 -2.23
C VAL A 66 -0.06 -14.75 -1.45
N ALA A 67 -0.67 -14.14 -0.42
CA ALA A 67 0.02 -13.17 0.41
C ALA A 67 0.61 -13.85 1.64
N GLU A 68 1.84 -13.48 1.98
CA GLU A 68 2.51 -14.06 3.13
C GLU A 68 3.29 -12.99 3.89
N LYS A 69 3.31 -13.10 5.20
CA LYS A 69 4.03 -12.14 6.04
C LYS A 69 5.49 -12.08 5.64
N ASP A 70 5.99 -10.87 5.42
CA ASP A 70 7.38 -10.65 5.04
C ASP A 70 7.68 -11.29 3.67
N SER A 71 6.71 -11.17 2.76
CA SER A 71 6.86 -11.72 1.42
C SER A 71 7.53 -10.71 0.51
N GLU A 72 7.49 -10.97 -0.79
CA GLU A 72 8.08 -10.08 -1.78
C GLU A 72 7.01 -9.39 -2.61
N ILE A 73 7.11 -8.08 -2.73
CA ILE A 73 6.12 -7.31 -3.49
C ILE A 73 6.80 -6.39 -4.51
N THR A 74 6.15 -6.23 -5.66
CA THR A 74 6.68 -5.38 -6.73
C THR A 74 5.57 -4.52 -7.33
N PHE A 75 5.51 -3.26 -6.94
CA PHE A 75 4.49 -2.34 -7.44
C PHE A 75 5.02 -1.56 -8.64
N ILE A 76 4.33 -1.70 -9.77
CA ILE A 76 4.72 -1.01 -10.99
C ILE A 76 3.70 0.06 -11.38
N LYS A 77 4.19 1.16 -11.93
CA LYS A 77 3.31 2.26 -12.35
C LYS A 77 3.82 2.87 -13.66
N LYS A 78 3.24 4.02 -14.01
CA LYS A 78 3.62 4.71 -15.23
C LYS A 78 4.38 6.00 -14.90
N VAL A 79 4.84 6.69 -15.94
CA VAL A 79 5.59 7.93 -15.75
C VAL A 79 4.65 9.10 -15.44
N THR A 80 3.41 8.99 -15.87
CA THR A 80 2.42 10.04 -15.64
C THR A 80 1.93 10.03 -14.20
N CYS A 81 2.31 8.99 -13.45
CA CYS A 81 1.90 8.87 -12.06
C CYS A 81 2.80 9.70 -11.14
N THR A 82 3.24 10.86 -11.64
CA THR A 82 4.09 11.75 -10.87
C THR A 82 3.42 12.19 -9.58
N ASN A 83 2.09 12.12 -9.56
CA ASN A 83 1.32 12.51 -8.38
C ASN A 83 1.79 11.75 -7.14
N ALA A 84 2.29 10.54 -7.35
CA ALA A 84 2.77 9.71 -6.25
C ALA A 84 4.29 9.71 -6.21
N GLU A 85 4.85 10.15 -5.08
CA GLU A 85 6.30 10.19 -4.92
C GLU A 85 6.72 9.55 -3.59
N LEU A 86 7.15 8.29 -3.66
CA LEU A 86 7.58 7.57 -2.47
C LEU A 86 9.10 7.66 -2.30
N VAL A 87 9.59 7.13 -1.19
CA VAL A 87 11.02 7.15 -0.90
C VAL A 87 11.52 5.77 -0.45
N LYS A 88 12.67 5.35 -0.97
CA LYS A 88 13.25 4.07 -0.62
C LYS A 88 13.75 4.08 0.83
N GLY A 89 13.15 3.25 1.66
CA GLY A 89 13.54 3.17 3.06
C GLY A 89 12.43 3.57 4.00
N ARG A 90 11.34 4.09 3.44
CA ARG A 90 10.21 4.52 4.24
C ARG A 90 9.16 3.42 4.34
N GLN A 91 8.14 3.66 5.17
CA GLN A 91 7.07 2.69 5.37
C GLN A 91 5.76 3.21 4.80
N TYR A 92 5.05 2.36 4.06
CA TYR A 92 3.78 2.75 3.45
C TYR A 92 2.71 1.68 3.67
N LEU A 93 1.47 2.11 3.74
CA LEU A 93 0.34 1.19 3.93
C LEU A 93 -0.28 0.85 2.58
N ILE A 94 -0.49 -0.45 2.34
CA ILE A 94 -1.07 -0.90 1.08
C ILE A 94 -2.35 -1.68 1.31
N MET A 95 -3.38 -1.33 0.56
CA MET A 95 -4.68 -1.98 0.66
C MET A 95 -5.43 -1.91 -0.67
N GLY A 96 -5.92 -3.04 -1.16
CA GLY A 96 -6.64 -3.03 -2.42
C GLY A 96 -6.78 -4.41 -3.03
N LYS A 97 -7.23 -4.44 -4.29
CA LYS A 97 -7.42 -5.69 -5.03
C LYS A 97 -6.14 -6.52 -5.02
N GLU A 98 -6.30 -7.84 -5.18
CA GLU A 98 -5.17 -8.76 -5.19
C GLU A 98 -4.22 -8.45 -6.34
N ALA A 99 -3.07 -9.12 -6.36
CA ALA A 99 -2.08 -8.93 -7.41
C ALA A 99 -2.45 -9.71 -8.66
N LEU A 100 -1.58 -9.64 -9.66
CA LEU A 100 -1.81 -10.34 -10.92
C LEU A 100 -1.04 -11.65 -10.97
N GLN A 101 -1.04 -12.31 -12.13
CA GLN A 101 -0.35 -13.57 -12.30
C GLN A 101 -0.31 -13.96 -13.77
N ILE A 102 0.90 -14.10 -14.32
CA ILE A 102 1.05 -14.47 -15.71
C ILE A 102 1.72 -15.83 -15.84
N LYS A 103 2.63 -16.13 -14.93
CA LYS A 103 3.35 -17.40 -14.92
C LYS A 103 4.33 -17.45 -13.75
N TYR A 104 5.63 -17.50 -14.06
CA TYR A 104 6.67 -17.55 -13.02
C TYR A 104 8.06 -17.67 -13.64
N ASN A 105 8.81 -16.57 -13.58
CA ASN A 105 10.16 -16.53 -14.13
C ASN A 105 10.81 -15.16 -13.89
N ALA A 106 10.45 -14.20 -14.74
CA ALA A 106 11.00 -12.85 -14.63
C ALA A 106 10.09 -11.84 -15.32
N SER A 107 9.52 -12.25 -16.45
CA SER A 107 8.62 -11.38 -17.21
C SER A 107 7.18 -11.75 -16.95
N PHE A 108 6.98 -12.94 -16.39
CA PHE A 108 5.65 -13.44 -16.08
C PHE A 108 5.60 -14.00 -14.66
N ARG A 109 4.80 -13.38 -13.80
CA ARG A 109 4.68 -13.82 -12.42
C ARG A 109 3.71 -12.93 -11.64
N TYR A 110 3.73 -13.06 -10.32
CA TYR A 110 2.86 -12.28 -9.46
C TYR A 110 3.42 -10.88 -9.24
N ILE A 111 2.70 -9.87 -9.73
CA ILE A 111 3.13 -8.49 -9.58
C ILE A 111 1.96 -7.60 -9.15
N TYR A 112 2.26 -6.63 -8.30
CA TYR A 112 1.24 -5.72 -7.80
C TYR A 112 1.16 -4.44 -8.64
N PRO A 113 -0.04 -4.09 -9.14
CA PRO A 113 -0.23 -2.90 -9.96
C PRO A 113 -0.33 -1.62 -9.12
N LEU A 114 -0.55 -0.50 -9.79
CA LEU A 114 -0.68 0.79 -9.11
C LEU A 114 -1.68 1.68 -9.82
N ASP A 115 -2.90 1.73 -9.30
CA ASP A 115 -3.96 2.54 -9.88
C ASP A 115 -4.56 3.48 -8.83
N SER A 116 -5.65 4.15 -9.20
CA SER A 116 -6.32 5.07 -8.31
C SER A 116 -7.13 4.33 -7.25
N LEU A 117 -7.17 3.00 -7.36
CA LEU A 117 -7.90 2.18 -6.40
C LEU A 117 -6.97 1.71 -5.28
N THR A 118 -5.71 1.51 -5.63
CA THR A 118 -4.72 1.05 -4.66
C THR A 118 -4.62 2.01 -3.48
N TRP A 119 -5.29 1.66 -2.39
CA TRP A 119 -5.28 2.50 -1.19
C TRP A 119 -3.88 2.62 -0.63
N ILE A 120 -3.30 3.82 -0.74
CA ILE A 120 -1.96 4.07 -0.24
C ILE A 120 -1.99 5.05 0.93
N GLU A 121 -1.26 4.74 1.98
CA GLU A 121 -1.21 5.60 3.17
C GLU A 121 0.16 5.56 3.83
N TYR A 122 0.98 6.57 3.57
CA TYR A 122 2.31 6.65 4.15
C TYR A 122 2.25 6.62 5.67
N TRP A 123 2.88 5.61 6.27
CA TRP A 123 2.91 5.48 7.72
C TRP A 123 4.09 6.25 8.31
N PRO A 124 3.82 7.39 8.96
CA PRO A 124 4.88 8.22 9.56
C PRO A 124 5.79 7.42 10.48
N ARG A 125 6.96 7.02 9.96
CA ARG A 125 7.91 6.26 10.75
C ARG A 125 8.40 7.07 11.96
N ASP A 126 8.54 8.38 11.76
CA ASP A 126 8.99 9.26 12.83
C ASP A 126 7.93 9.38 13.92
N THR A 127 8.28 8.94 15.13
CA THR A 127 7.36 8.99 16.26
C THR A 127 8.06 9.56 17.50
N THR A 128 9.38 9.63 17.44
CA THR A 128 10.16 10.14 18.57
C THR A 128 10.45 11.63 18.41
N CYS A 129 9.77 12.26 17.46
CA CYS A 129 9.97 13.69 17.20
C CYS A 129 8.63 14.44 17.20
N SER A 130 8.51 15.42 18.09
CA SER A 130 7.28 16.20 18.19
C SER A 130 6.08 15.33 18.55
N SER A 131 4.94 15.96 18.75
CA SER A 131 3.71 15.24 19.09
C SER A 131 2.97 14.78 17.85
N CYS A 132 3.71 14.21 16.90
CA CYS A 132 3.12 13.73 15.66
C CYS A 132 2.48 12.36 15.84
N GLN A 133 2.25 11.98 17.09
CA GLN A 133 1.65 10.70 17.40
C GLN A 133 0.13 10.76 17.25
N ALA A 134 -0.38 11.90 16.79
CA ALA A 134 -1.80 12.08 16.60
C ALA A 134 -2.35 11.06 15.60
N PHE A 135 -1.86 11.13 14.37
CA PHE A 135 -2.30 10.22 13.32
C PHE A 135 -1.69 8.83 13.54
N LEU A 136 -0.81 8.74 14.52
CA LEU A 136 -0.16 7.47 14.85
C LEU A 136 -0.89 6.75 15.98
N ALA A 137 -2.02 7.31 16.40
CA ALA A 137 -2.81 6.74 17.47
C ALA A 137 -4.04 6.02 16.92
N ASN A 138 -4.76 6.69 16.02
CA ASN A 138 -5.95 6.12 15.42
C ASN A 138 -5.61 4.86 14.62
N LEU A 139 -4.39 4.84 14.07
CA LEU A 139 -3.93 3.69 13.29
C LEU A 139 -3.77 2.46 14.18
N ASP A 140 -3.44 2.69 15.44
CA ASP A 140 -3.26 1.60 16.39
C ASP A 140 -4.59 0.90 16.64
N GLU A 141 -5.67 1.65 16.56
CA GLU A 141 -7.01 1.10 16.78
C GLU A 141 -7.51 0.38 15.53
N PHE A 142 -6.65 0.32 14.52
CA PHE A 142 -6.99 -0.36 13.26
C PHE A 142 -6.05 -1.53 13.00
N ALA A 143 -4.83 -1.42 13.51
CA ALA A 143 -3.84 -2.47 13.34
C ALA A 143 -4.27 -3.76 14.03
N GLU A 144 -4.36 -3.71 15.37
CA GLU A 144 -4.75 -4.85 16.15
C GLU A 144 -6.24 -5.14 15.98
N ASP A 145 -6.96 -4.19 15.40
CA ASP A 145 -8.39 -4.35 15.18
C ASP A 145 -8.68 -5.45 14.17
N ILE A 146 -8.36 -5.20 12.90
CA ILE A 146 -8.57 -6.17 11.84
C ILE A 146 -7.73 -7.42 12.09
N PHE A 147 -6.60 -7.24 12.77
CA PHE A 147 -5.70 -8.36 13.07
C PHE A 147 -6.38 -9.37 13.99
N LEU A 148 -6.96 -8.87 15.08
CA LEU A 148 -7.64 -9.71 16.04
C LEU A 148 -9.08 -9.98 15.60
N ASN A 149 -9.88 -8.92 15.55
CA ASN A 149 -11.27 -9.02 15.13
C ASN A 149 -11.38 -9.55 13.71
N GLY A 150 -11.07 -8.71 12.73
CA GLY A 150 -11.15 -9.11 11.34
C GLY A 150 -12.58 -9.27 10.86
N CYS A 151 -12.86 -8.77 9.66
CA CYS A 151 -14.20 -8.86 9.08
C CYS A 151 -14.36 -10.12 8.26
N GLY A 1 2.08 22.83 -22.63
CA GLY A 1 0.69 22.81 -22.08
C GLY A 1 0.66 22.47 -20.61
N SER A 2 -0.54 22.30 -20.06
CA SER A 2 -0.70 21.96 -18.65
C SER A 2 -1.81 20.95 -18.45
N HIS A 3 -1.43 19.70 -18.19
CA HIS A 3 -2.40 18.64 -17.97
C HIS A 3 -2.07 17.85 -16.71
N MET A 4 -2.97 17.88 -15.74
CA MET A 4 -2.77 17.17 -14.48
C MET A 4 -3.83 16.07 -14.29
N ALA A 5 -3.41 14.97 -13.70
CA ALA A 5 -4.31 13.84 -13.45
C ALA A 5 -4.14 13.32 -12.03
N ASP A 6 -4.75 12.18 -11.74
CA ASP A 6 -4.67 11.57 -10.42
C ASP A 6 -3.78 10.33 -10.43
N CYS A 7 -4.01 9.46 -11.41
CA CYS A 7 -3.23 8.22 -11.50
C CYS A 7 -3.32 7.49 -10.17
N GLY A 8 -2.26 6.80 -9.81
CA GLY A 8 -2.25 6.09 -8.53
C GLY A 8 -2.55 7.03 -7.38
N GLN A 9 -3.84 7.26 -7.16
CA GLN A 9 -4.31 8.15 -6.10
C GLN A 9 -3.54 7.93 -4.80
N MET A 10 -3.03 9.03 -4.23
CA MET A 10 -2.28 8.97 -2.98
C MET A 10 -2.96 9.80 -1.90
N GLN A 11 -2.94 9.29 -0.67
CA GLN A 11 -3.54 9.98 0.46
C GLN A 11 -2.52 10.84 1.18
N GLU A 12 -3.00 11.90 1.84
CA GLU A 12 -2.12 12.80 2.58
C GLU A 12 -1.54 12.13 3.81
N GLU A 13 -0.32 12.51 4.18
CA GLU A 13 0.34 11.94 5.34
C GLU A 13 -0.09 12.65 6.62
N LEU A 14 -0.10 11.91 7.72
CA LEU A 14 -0.49 12.46 9.02
C LEU A 14 -1.86 13.12 8.95
N ASP A 15 -2.72 12.61 8.07
CA ASP A 15 -4.06 13.14 7.92
C ASP A 15 -4.91 12.74 9.13
N LEU A 16 -4.65 13.37 10.26
CA LEU A 16 -5.37 13.07 11.49
C LEU A 16 -6.81 13.59 11.44
N THR A 17 -7.72 12.73 10.99
CA THR A 17 -9.13 13.09 10.89
C THR A 17 -9.95 11.89 10.42
N ILE A 18 -9.26 10.85 9.97
CA ILE A 18 -9.92 9.64 9.50
C ILE A 18 -10.19 8.67 10.66
N SER A 19 -11.42 8.18 10.73
CA SER A 19 -11.81 7.25 11.79
C SER A 19 -11.20 5.88 11.54
N ALA A 20 -11.22 5.03 12.56
CA ALA A 20 -10.68 3.68 12.45
C ALA A 20 -11.58 2.79 11.60
N GLU A 21 -12.77 3.29 11.29
CA GLU A 21 -13.72 2.55 10.47
C GLU A 21 -13.82 3.15 9.07
N THR A 22 -13.55 4.44 8.97
CA THR A 22 -13.61 5.13 7.69
C THR A 22 -12.67 4.49 6.67
N ARG A 23 -11.63 3.83 7.17
CA ARG A 23 -10.65 3.17 6.30
C ARG A 23 -10.86 1.66 6.28
N LYS A 24 -11.29 1.11 7.42
CA LYS A 24 -11.52 -0.32 7.52
C LYS A 24 -12.67 -0.76 6.61
N GLN A 25 -13.67 0.11 6.46
CA GLN A 25 -14.81 -0.19 5.61
C GLN A 25 -14.35 -0.50 4.19
N THR A 26 -13.12 -0.10 3.88
CA THR A 26 -12.54 -0.33 2.57
C THR A 26 -11.95 -1.73 2.48
N ALA A 27 -11.25 -2.15 3.54
CA ALA A 27 -10.63 -3.46 3.60
C ALA A 27 -11.69 -4.57 3.61
N CYS A 28 -12.88 -4.23 4.07
CA CYS A 28 -13.97 -5.20 4.12
C CYS A 28 -14.67 -5.34 2.78
N LYS A 29 -14.27 -4.51 1.82
CA LYS A 29 -14.86 -4.54 0.49
C LYS A 29 -14.30 -5.71 -0.32
N PRO A 30 -15.11 -6.26 -1.24
CA PRO A 30 -14.69 -7.39 -2.08
C PRO A 30 -13.63 -6.99 -3.09
N GLU A 31 -13.39 -5.69 -3.21
CA GLU A 31 -12.39 -5.17 -4.15
C GLU A 31 -11.01 -5.12 -3.49
N ILE A 32 -10.95 -5.48 -2.21
CA ILE A 32 -9.69 -5.47 -1.48
C ILE A 32 -9.33 -6.88 -1.02
N ALA A 33 -8.39 -7.51 -1.71
CA ALA A 33 -7.96 -8.85 -1.39
C ALA A 33 -7.08 -8.88 -0.14
N TYR A 34 -5.98 -8.13 -0.18
CA TYR A 34 -5.06 -8.09 0.95
C TYR A 34 -5.02 -6.70 1.60
N ALA A 35 -4.57 -6.70 2.86
CA ALA A 35 -4.45 -5.47 3.64
C ALA A 35 -3.33 -5.62 4.67
N TYR A 36 -2.19 -4.99 4.40
CA TYR A 36 -1.05 -5.10 5.29
C TYR A 36 -0.18 -3.84 5.27
N LYS A 37 0.91 -3.89 6.03
CA LYS A 37 1.85 -2.77 6.11
C LYS A 37 3.19 -3.13 5.47
N VAL A 38 3.58 -2.34 4.48
CA VAL A 38 4.82 -2.55 3.77
C VAL A 38 5.74 -1.34 3.91
N SER A 39 6.98 -1.50 3.46
CA SER A 39 7.97 -0.41 3.52
C SER A 39 8.97 -0.53 2.38
N ILE A 40 9.01 0.48 1.52
CA ILE A 40 9.93 0.48 0.38
C ILE A 40 11.37 0.29 0.83
N THR A 41 12.13 -0.48 0.06
CA THR A 41 13.53 -0.74 0.38
C THR A 41 14.43 -0.47 -0.81
N SER A 42 13.85 -0.42 -2.00
CA SER A 42 14.61 -0.18 -3.21
C SER A 42 13.76 0.53 -4.26
N ILE A 43 14.43 1.25 -5.17
CA ILE A 43 13.75 1.97 -6.23
C ILE A 43 14.24 1.51 -7.61
N THR A 44 13.31 1.36 -8.54
CA THR A 44 13.66 0.92 -9.89
C THR A 44 13.18 1.93 -10.93
N VAL A 45 14.11 2.45 -11.72
CA VAL A 45 13.78 3.43 -12.76
C VAL A 45 13.94 2.81 -14.15
N GLU A 46 12.94 3.04 -15.00
CA GLU A 46 12.98 2.52 -16.36
C GLU A 46 12.41 3.54 -17.34
N ASN A 47 12.14 4.74 -16.83
CA ASN A 47 11.58 5.83 -17.64
C ASN A 47 10.13 5.55 -18.02
N VAL A 48 9.95 4.65 -18.98
CA VAL A 48 8.60 4.29 -19.43
C VAL A 48 7.79 3.69 -18.28
N PHE A 49 8.19 2.50 -17.84
CA PHE A 49 7.51 1.82 -16.76
C PHE A 49 8.36 1.79 -15.50
N VAL A 50 8.03 2.66 -14.55
CA VAL A 50 8.77 2.73 -13.30
C VAL A 50 8.27 1.69 -12.30
N LYS A 51 9.20 1.04 -11.61
CA LYS A 51 8.84 0.02 -10.64
C LYS A 51 9.46 0.31 -9.27
N TYR A 52 8.86 -0.25 -8.23
CA TYR A 52 9.36 -0.04 -6.87
C TYR A 52 9.39 -1.35 -6.09
N LYS A 53 10.50 -1.58 -5.40
CA LYS A 53 10.68 -2.79 -4.61
C LYS A 53 10.30 -2.52 -3.15
N ALA A 54 9.26 -3.20 -2.66
CA ALA A 54 8.81 -3.02 -1.29
C ALA A 54 8.84 -4.33 -0.52
N THR A 55 9.00 -4.23 0.80
CA THR A 55 9.04 -5.40 1.67
C THR A 55 7.85 -5.39 2.63
N LEU A 56 6.99 -6.39 2.51
CA LEU A 56 5.83 -6.50 3.38
C LEU A 56 6.28 -6.77 4.81
N LEU A 57 6.24 -5.74 5.66
CA LEU A 57 6.65 -5.89 7.05
C LEU A 57 5.76 -6.87 7.80
N ASP A 58 4.46 -6.63 7.78
CA ASP A 58 3.52 -7.49 8.48
C ASP A 58 2.17 -7.52 7.76
N ILE A 59 1.42 -8.61 7.95
CA ILE A 59 0.12 -8.77 7.31
C ILE A 59 -1.02 -8.52 8.29
N TYR A 60 -2.05 -7.82 7.82
CA TYR A 60 -3.22 -7.54 8.63
C TYR A 60 -4.42 -8.26 8.04
N LYS A 61 -4.29 -8.61 6.77
CA LYS A 61 -5.33 -9.33 6.04
C LYS A 61 -4.69 -10.15 4.93
N THR A 62 -4.60 -11.47 5.14
CA THR A 62 -4.01 -12.38 4.17
C THR A 62 -4.39 -12.03 2.74
N GLY A 63 -3.44 -12.23 1.82
CA GLY A 63 -3.67 -11.95 0.42
C GLY A 63 -4.04 -13.18 -0.37
N GLU A 64 -5.12 -13.07 -1.15
CA GLU A 64 -5.59 -14.19 -1.96
C GLU A 64 -4.49 -14.65 -2.92
N ALA A 65 -3.62 -13.72 -3.29
CA ALA A 65 -2.52 -14.02 -4.21
C ALA A 65 -1.29 -14.44 -3.42
N VAL A 66 -1.50 -15.27 -2.40
CA VAL A 66 -0.43 -15.76 -1.55
C VAL A 66 0.35 -14.61 -0.92
N ALA A 67 -0.06 -14.21 0.28
CA ALA A 67 0.61 -13.13 0.99
C ALA A 67 1.23 -13.65 2.29
N GLU A 68 2.50 -13.35 2.49
CA GLU A 68 3.21 -13.79 3.68
C GLU A 68 3.90 -12.62 4.37
N LYS A 69 4.07 -12.73 5.68
CA LYS A 69 4.72 -11.68 6.45
C LYS A 69 6.21 -11.61 6.10
N ASP A 70 6.71 -10.39 5.93
CA ASP A 70 8.12 -10.18 5.58
C ASP A 70 8.43 -10.81 4.22
N SER A 71 7.39 -10.95 3.39
CA SER A 71 7.56 -11.53 2.06
C SER A 71 8.16 -10.50 1.11
N GLU A 72 8.12 -10.81 -0.18
CA GLU A 72 8.67 -9.93 -1.19
C GLU A 72 7.57 -9.52 -2.18
N ILE A 73 7.42 -8.22 -2.39
CA ILE A 73 6.40 -7.71 -3.29
C ILE A 73 6.94 -6.59 -4.18
N THR A 74 6.47 -6.56 -5.42
CA THR A 74 6.88 -5.55 -6.39
C THR A 74 5.68 -4.75 -6.88
N PHE A 75 5.82 -3.42 -6.90
CA PHE A 75 4.74 -2.56 -7.35
C PHE A 75 5.18 -1.67 -8.50
N ILE A 76 4.67 -1.96 -9.70
CA ILE A 76 5.02 -1.19 -10.88
C ILE A 76 4.08 0.02 -11.04
N LYS A 77 4.43 0.93 -11.92
CA LYS A 77 3.63 2.13 -12.15
C LYS A 77 4.11 2.89 -13.38
N LYS A 78 3.15 3.48 -14.11
CA LYS A 78 3.46 4.23 -15.32
C LYS A 78 3.88 5.67 -14.97
N VAL A 79 4.96 6.13 -15.58
CA VAL A 79 5.46 7.48 -15.34
C VAL A 79 4.40 8.53 -15.66
N THR A 80 3.37 8.11 -16.39
CA THR A 80 2.28 9.02 -16.76
C THR A 80 1.59 9.60 -15.54
N CYS A 81 1.83 9.01 -14.38
CA CYS A 81 1.24 9.47 -13.14
C CYS A 81 1.67 10.90 -12.82
N THR A 82 0.88 11.57 -11.98
CA THR A 82 1.18 12.95 -11.59
C THR A 82 0.89 13.17 -10.11
N ASN A 83 0.45 12.10 -9.43
CA ASN A 83 0.14 12.19 -8.00
C ASN A 83 0.73 10.99 -7.25
N ALA A 84 0.93 9.88 -7.97
CA ALA A 84 1.47 8.68 -7.38
C ALA A 84 3.00 8.76 -7.26
N GLU A 85 3.48 8.81 -6.02
CA GLU A 85 4.92 8.89 -5.77
C GLU A 85 5.30 8.07 -4.55
N LEU A 86 6.41 7.35 -4.64
CA LEU A 86 6.89 6.53 -3.52
C LEU A 86 8.32 6.88 -3.17
N VAL A 87 8.70 6.66 -1.91
CA VAL A 87 10.05 6.95 -1.44
C VAL A 87 10.66 5.73 -0.76
N LYS A 88 11.96 5.53 -0.98
CA LYS A 88 12.67 4.40 -0.38
C LYS A 88 12.99 4.66 1.09
N GLY A 89 12.90 3.63 1.90
CA GLY A 89 13.18 3.75 3.31
C GLY A 89 11.97 4.15 4.12
N ARG A 90 10.89 4.50 3.43
CA ARG A 90 9.65 4.91 4.08
C ARG A 90 8.68 3.74 4.22
N GLN A 91 7.75 3.86 5.14
CA GLN A 91 6.75 2.82 5.37
C GLN A 91 5.44 3.16 4.67
N TYR A 92 5.03 2.29 3.74
CA TYR A 92 3.81 2.50 2.98
C TYR A 92 2.76 1.44 3.26
N LEU A 93 1.55 1.87 3.56
CA LEU A 93 0.43 0.97 3.82
C LEU A 93 -0.23 0.59 2.50
N ILE A 94 -0.46 -0.70 2.29
CA ILE A 94 -1.08 -1.17 1.05
C ILE A 94 -2.33 -1.99 1.30
N MET A 95 -3.39 -1.66 0.55
CA MET A 95 -4.68 -2.36 0.66
C MET A 95 -5.38 -2.34 -0.70
N GLY A 96 -5.53 -3.52 -1.31
CA GLY A 96 -6.18 -3.58 -2.60
C GLY A 96 -6.37 -5.00 -3.12
N LYS A 97 -6.53 -5.12 -4.43
CA LYS A 97 -6.74 -6.41 -5.09
C LYS A 97 -5.63 -7.40 -4.75
N GLU A 98 -5.71 -8.59 -5.34
CA GLU A 98 -4.72 -9.64 -5.11
C GLU A 98 -3.69 -9.70 -6.24
N ALA A 99 -3.04 -8.56 -6.50
CA ALA A 99 -2.03 -8.48 -7.55
C ALA A 99 -2.61 -8.87 -8.91
N LEU A 100 -1.74 -8.91 -9.92
CA LEU A 100 -2.17 -9.27 -11.27
C LEU A 100 -1.40 -10.49 -11.75
N GLN A 101 -1.99 -11.67 -11.57
CA GLN A 101 -1.37 -12.92 -11.99
C GLN A 101 -1.21 -12.97 -13.50
N ILE A 102 0.05 -12.99 -13.95
CA ILE A 102 0.34 -13.05 -15.37
C ILE A 102 1.55 -13.95 -15.64
N LYS A 103 1.95 -14.70 -14.63
CA LYS A 103 3.09 -15.60 -14.73
C LYS A 103 2.94 -16.54 -15.92
N TYR A 104 3.60 -16.20 -17.03
CA TYR A 104 3.54 -17.02 -18.23
C TYR A 104 4.85 -16.93 -19.00
N ASN A 105 5.68 -15.95 -18.64
CA ASN A 105 6.97 -15.74 -19.28
C ASN A 105 8.02 -15.30 -18.26
N ALA A 106 9.17 -14.87 -18.76
CA ALA A 106 10.26 -14.43 -17.90
C ALA A 106 10.14 -12.94 -17.59
N SER A 107 8.99 -12.36 -17.90
CA SER A 107 8.75 -10.94 -17.66
C SER A 107 7.39 -10.71 -17.02
N PHE A 108 6.72 -11.80 -16.65
CA PHE A 108 5.41 -11.71 -16.02
C PHE A 108 5.34 -12.61 -14.79
N ARG A 109 4.41 -12.29 -13.88
CA ARG A 109 4.24 -13.06 -12.65
C ARG A 109 3.18 -12.43 -11.75
N TYR A 110 3.28 -12.68 -10.45
CA TYR A 110 2.34 -12.15 -9.48
C TYR A 110 2.67 -10.70 -9.10
N ILE A 111 3.29 -9.96 -10.02
CA ILE A 111 3.65 -8.58 -9.75
C ILE A 111 2.41 -7.76 -9.36
N TYR A 112 2.60 -6.83 -8.44
CA TYR A 112 1.51 -5.99 -7.96
C TYR A 112 1.45 -4.67 -8.72
N PRO A 113 0.24 -4.29 -9.20
CA PRO A 113 0.05 -3.05 -9.93
C PRO A 113 -0.01 -1.83 -9.02
N LEU A 114 -0.41 -0.68 -9.57
CA LEU A 114 -0.51 0.55 -8.79
C LEU A 114 -1.41 1.56 -9.49
N ASP A 115 -2.62 1.71 -8.98
CA ASP A 115 -3.58 2.65 -9.55
C ASP A 115 -4.28 3.46 -8.46
N SER A 116 -5.40 4.07 -8.80
CA SER A 116 -6.15 4.88 -7.86
C SER A 116 -7.13 4.04 -7.02
N LEU A 117 -7.53 2.89 -7.56
CA LEU A 117 -8.46 2.01 -6.87
C LEU A 117 -7.81 1.41 -5.62
N THR A 118 -6.53 1.08 -5.72
CA THR A 118 -5.79 0.50 -4.61
C THR A 118 -5.56 1.52 -3.50
N TRP A 119 -6.07 1.22 -2.32
CA TRP A 119 -5.93 2.10 -1.16
C TRP A 119 -4.47 2.20 -0.73
N ILE A 120 -4.00 3.43 -0.56
CA ILE A 120 -2.62 3.66 -0.14
C ILE A 120 -2.58 4.68 1.00
N GLU A 121 -1.86 4.33 2.07
CA GLU A 121 -1.74 5.21 3.22
C GLU A 121 -0.28 5.41 3.61
N TYR A 122 0.01 6.54 4.26
CA TYR A 122 1.37 6.84 4.69
C TYR A 122 1.56 6.49 6.16
N TRP A 123 2.68 5.84 6.46
CA TRP A 123 2.99 5.45 7.84
C TRP A 123 4.13 6.29 8.39
N PRO A 124 3.81 7.29 9.24
CA PRO A 124 4.81 8.17 9.84
C PRO A 124 5.96 7.40 10.48
N ARG A 125 7.13 7.45 9.85
CA ARG A 125 8.31 6.76 10.36
C ARG A 125 8.62 7.17 11.79
N ASP A 126 8.68 8.47 12.03
CA ASP A 126 8.97 9.00 13.36
C ASP A 126 7.73 8.96 14.25
N THR A 127 7.88 8.47 15.47
CA THR A 127 6.78 8.38 16.42
C THR A 127 7.10 9.14 17.70
N THR A 128 8.23 9.84 17.71
CA THR A 128 8.65 10.60 18.87
C THR A 128 8.92 12.05 18.51
N CYS A 129 7.85 12.77 18.13
CA CYS A 129 7.98 14.17 17.76
C CYS A 129 8.24 15.04 18.98
N SER A 130 7.59 14.70 20.09
CA SER A 130 7.76 15.45 21.34
C SER A 130 7.25 14.64 22.52
N SER A 131 6.01 14.16 22.43
CA SER A 131 5.41 13.38 23.50
C SER A 131 4.19 12.60 22.98
N CYS A 132 3.94 12.71 21.68
CA CYS A 132 2.81 12.02 21.07
C CYS A 132 3.28 11.04 20.00
N GLN A 133 2.32 10.43 19.30
CA GLN A 133 2.63 9.46 18.26
C GLN A 133 2.39 10.06 16.88
N ALA A 134 1.29 10.80 16.75
CA ALA A 134 0.93 11.44 15.48
C ALA A 134 0.56 10.41 14.42
N PHE A 135 -0.75 10.23 14.25
CA PHE A 135 -1.30 9.29 13.28
C PHE A 135 -1.17 7.84 13.75
N LEU A 136 -0.14 7.56 14.55
CA LEU A 136 0.07 6.21 15.06
C LEU A 136 -0.99 5.85 16.10
N ALA A 137 -1.85 6.80 16.43
CA ALA A 137 -2.91 6.58 17.40
C ALA A 137 -4.15 6.02 16.73
N ASN A 138 -4.35 6.38 15.46
CA ASN A 138 -5.50 5.90 14.70
C ASN A 138 -5.23 4.52 14.11
N LEU A 139 -3.94 4.18 13.99
CA LEU A 139 -3.54 2.89 13.45
C LEU A 139 -3.70 1.79 14.49
N ASP A 140 -3.54 2.15 15.76
CA ASP A 140 -3.67 1.20 16.85
C ASP A 140 -5.10 0.66 16.92
N GLU A 141 -6.06 1.51 16.61
CA GLU A 141 -7.46 1.12 16.64
C GLU A 141 -7.80 0.22 15.45
N PHE A 142 -7.00 0.32 14.39
CA PHE A 142 -7.20 -0.48 13.20
C PHE A 142 -6.39 -1.78 13.27
N ALA A 143 -5.34 -1.76 14.10
CA ALA A 143 -4.48 -2.92 14.26
C ALA A 143 -5.26 -4.13 14.77
N GLU A 144 -5.72 -4.03 16.02
CA GLU A 144 -6.47 -5.12 16.64
C GLU A 144 -7.85 -5.27 16.00
N ASP A 145 -8.20 -4.33 15.12
CA ASP A 145 -9.49 -4.36 14.44
C ASP A 145 -9.50 -5.42 13.35
N ILE A 146 -8.76 -5.16 12.28
CA ILE A 146 -8.68 -6.09 11.16
C ILE A 146 -8.10 -7.43 11.60
N PHE A 147 -7.32 -7.40 12.68
CA PHE A 147 -6.70 -8.60 13.22
C PHE A 147 -7.72 -9.47 13.93
N LEU A 148 -8.43 -8.89 14.90
CA LEU A 148 -9.44 -9.61 15.66
C LEU A 148 -10.76 -9.69 14.90
N ASN A 149 -11.36 -8.53 14.67
CA ASN A 149 -12.62 -8.46 13.96
C ASN A 149 -12.47 -8.93 12.52
N GLY A 150 -11.80 -8.13 11.69
CA GLY A 150 -11.59 -8.49 10.31
C GLY A 150 -12.89 -8.51 9.52
N CYS A 151 -12.79 -8.90 8.25
CA CYS A 151 -13.97 -8.98 7.38
C CYS A 151 -13.96 -10.25 6.55
N GLY A 1 -4.11 22.19 -22.34
CA GLY A 1 -4.92 21.03 -21.86
C GLY A 1 -4.60 20.66 -20.42
N SER A 2 -3.35 20.87 -20.01
CA SER A 2 -2.91 20.57 -18.66
C SER A 2 -3.10 19.09 -18.35
N HIS A 3 -2.02 18.31 -18.45
CA HIS A 3 -2.06 16.89 -18.17
C HIS A 3 -2.23 16.62 -16.68
N MET A 4 -3.22 15.81 -16.33
CA MET A 4 -3.48 15.47 -14.93
C MET A 4 -4.17 14.12 -14.82
N ALA A 5 -3.53 13.19 -14.11
CA ALA A 5 -4.09 11.86 -13.93
C ALA A 5 -3.80 11.34 -12.51
N ASP A 6 -4.82 10.74 -11.89
CA ASP A 6 -4.67 10.22 -10.54
C ASP A 6 -3.79 8.96 -10.54
N CYS A 7 -4.40 7.83 -10.90
CA CYS A 7 -3.68 6.56 -10.93
C CYS A 7 -2.89 6.36 -9.63
N GLY A 8 -3.56 5.84 -8.62
CA GLY A 8 -2.93 5.62 -7.33
C GLY A 8 -3.14 6.78 -6.40
N GLN A 9 -4.37 7.25 -6.31
CA GLN A 9 -4.73 8.37 -5.47
C GLN A 9 -4.12 8.23 -4.08
N MET A 10 -3.16 9.10 -3.77
CA MET A 10 -2.48 9.07 -2.48
C MET A 10 -3.33 9.74 -1.40
N GLN A 11 -2.80 9.79 -0.19
CA GLN A 11 -3.50 10.41 0.93
C GLN A 11 -2.61 11.41 1.65
N GLU A 12 -3.22 12.42 2.25
CA GLU A 12 -2.50 13.45 2.98
C GLU A 12 -1.60 12.83 4.04
N GLU A 13 -0.47 13.48 4.31
CA GLU A 13 0.48 12.99 5.31
C GLU A 13 0.12 13.50 6.70
N LEU A 14 -0.20 12.57 7.60
CA LEU A 14 -0.56 12.90 8.97
C LEU A 14 -1.80 13.80 9.01
N ASP A 15 -2.95 13.21 9.33
CA ASP A 15 -4.19 13.96 9.41
C ASP A 15 -5.21 13.20 10.25
N LEU A 16 -5.82 13.89 11.20
CA LEU A 16 -6.82 13.29 12.08
C LEU A 16 -8.22 13.38 11.49
N THR A 17 -8.30 13.69 10.20
CA THR A 17 -9.60 13.80 9.53
C THR A 17 -10.09 12.43 9.06
N ILE A 18 -9.30 11.40 9.33
CA ILE A 18 -9.65 10.04 8.95
C ILE A 18 -9.66 9.11 10.15
N SER A 19 -10.75 8.33 10.29
CA SER A 19 -10.87 7.40 11.40
C SER A 19 -10.37 6.01 11.01
N ALA A 20 -10.43 5.08 11.94
CA ALA A 20 -9.98 3.71 11.69
C ALA A 20 -11.13 2.84 11.20
N GLU A 21 -12.33 3.40 11.22
CA GLU A 21 -13.51 2.67 10.76
C GLU A 21 -13.83 3.00 9.31
N THR A 22 -13.74 4.28 8.96
CA THR A 22 -14.02 4.73 7.60
C THR A 22 -13.15 3.99 6.59
N ARG A 23 -11.91 3.69 6.98
CA ARG A 23 -10.99 2.97 6.11
C ARG A 23 -11.35 1.50 6.03
N LYS A 24 -11.87 0.95 7.12
CA LYS A 24 -12.25 -0.46 7.16
C LYS A 24 -13.52 -0.70 6.34
N GLN A 25 -14.37 0.32 6.24
CA GLN A 25 -15.60 0.23 5.47
C GLN A 25 -15.30 -0.11 4.01
N THR A 26 -14.06 0.13 3.60
CA THR A 26 -13.63 -0.15 2.25
C THR A 26 -12.86 -1.46 2.18
N ALA A 27 -12.23 -1.82 3.29
CA ALA A 27 -11.47 -3.06 3.38
C ALA A 27 -12.37 -4.28 3.31
N CYS A 28 -13.64 -4.09 3.63
CA CYS A 28 -14.62 -5.18 3.61
C CYS A 28 -15.26 -5.30 2.23
N LYS A 29 -14.97 -4.35 1.35
CA LYS A 29 -15.52 -4.35 0.00
C LYS A 29 -14.65 -5.20 -0.93
N PRO A 30 -15.27 -5.79 -1.97
CA PRO A 30 -14.54 -6.63 -2.94
C PRO A 30 -13.43 -5.87 -3.65
N GLU A 31 -13.44 -4.56 -3.53
CA GLU A 31 -12.42 -3.71 -4.16
C GLU A 31 -11.07 -3.92 -3.51
N ILE A 32 -11.05 -4.63 -2.39
CA ILE A 32 -9.81 -4.89 -1.67
C ILE A 32 -9.54 -6.38 -1.54
N ALA A 33 -8.27 -6.76 -1.59
CA ALA A 33 -7.88 -8.15 -1.48
C ALA A 33 -6.93 -8.37 -0.31
N TYR A 34 -6.08 -7.38 -0.05
CA TYR A 34 -5.12 -7.48 1.04
C TYR A 34 -4.99 -6.17 1.81
N ALA A 35 -4.47 -6.28 3.03
CA ALA A 35 -4.26 -5.14 3.91
C ALA A 35 -3.08 -5.42 4.82
N TYR A 36 -1.97 -4.73 4.59
CA TYR A 36 -0.77 -4.95 5.40
C TYR A 36 0.13 -3.72 5.42
N LYS A 37 1.26 -3.84 6.12
CA LYS A 37 2.20 -2.74 6.22
C LYS A 37 3.55 -3.13 5.61
N VAL A 38 4.05 -2.27 4.73
CA VAL A 38 5.30 -2.51 4.04
C VAL A 38 6.30 -1.38 4.28
N SER A 39 7.54 -1.59 3.84
CA SER A 39 8.58 -0.59 3.98
C SER A 39 9.50 -0.62 2.76
N ILE A 40 9.51 0.48 2.00
CA ILE A 40 10.34 0.57 0.80
C ILE A 40 11.81 0.30 1.12
N THR A 41 12.50 -0.35 0.20
CA THR A 41 13.91 -0.68 0.38
C THR A 41 14.72 -0.39 -0.89
N SER A 42 14.05 -0.42 -2.04
CA SER A 42 14.71 -0.17 -3.31
C SER A 42 13.75 0.46 -4.32
N ILE A 43 14.32 1.12 -5.32
CA ILE A 43 13.52 1.76 -6.37
C ILE A 43 14.12 1.51 -7.74
N THR A 44 13.38 0.82 -8.60
CA THR A 44 13.85 0.52 -9.95
C THR A 44 13.16 1.39 -10.98
N VAL A 45 13.94 1.99 -11.87
CA VAL A 45 13.41 2.85 -12.92
C VAL A 45 13.36 2.13 -14.25
N GLU A 46 12.32 2.39 -15.03
CA GLU A 46 12.15 1.75 -16.33
C GLU A 46 11.55 2.72 -17.34
N ASN A 47 11.63 2.37 -18.62
CA ASN A 47 11.08 3.22 -19.68
C ASN A 47 9.56 3.11 -19.72
N VAL A 48 8.89 4.26 -19.56
CA VAL A 48 7.43 4.32 -19.59
C VAL A 48 6.84 3.78 -18.29
N PHE A 49 7.42 2.70 -17.77
CA PHE A 49 6.94 2.10 -16.53
C PHE A 49 7.93 2.30 -15.40
N VAL A 50 7.65 1.69 -14.25
CA VAL A 50 8.52 1.80 -13.09
C VAL A 50 8.18 0.72 -12.06
N LYS A 51 9.21 0.19 -11.40
CA LYS A 51 9.02 -0.84 -10.39
C LYS A 51 9.63 -0.43 -9.06
N TYR A 52 8.95 -0.78 -7.97
CA TYR A 52 9.43 -0.45 -6.63
C TYR A 52 9.57 -1.71 -5.78
N LYS A 53 10.75 -1.90 -5.21
CA LYS A 53 11.00 -3.07 -4.37
C LYS A 53 10.76 -2.75 -2.90
N ALA A 54 9.64 -3.23 -2.37
CA ALA A 54 9.29 -3.00 -0.98
C ALA A 54 9.11 -4.32 -0.23
N THR A 55 9.57 -4.35 1.02
CA THR A 55 9.46 -5.54 1.85
C THR A 55 8.24 -5.48 2.76
N LEU A 56 7.33 -6.41 2.57
CA LEU A 56 6.12 -6.48 3.40
C LEU A 56 6.50 -6.88 4.81
N LEU A 57 6.50 -5.92 5.73
CA LEU A 57 6.89 -6.18 7.11
C LEU A 57 5.90 -7.09 7.85
N ASP A 58 4.61 -6.85 7.67
CA ASP A 58 3.61 -7.66 8.36
C ASP A 58 2.30 -7.77 7.59
N ILE A 59 1.57 -8.85 7.85
CA ILE A 59 0.29 -9.11 7.20
C ILE A 59 -0.89 -8.86 8.14
N TYR A 60 -1.84 -8.05 7.69
CA TYR A 60 -3.03 -7.75 8.49
C TYR A 60 -4.26 -8.35 7.81
N LYS A 61 -4.12 -8.58 6.50
CA LYS A 61 -5.18 -9.17 5.69
C LYS A 61 -4.56 -9.92 4.52
N THR A 62 -4.59 -11.25 4.60
CA THR A 62 -4.01 -12.11 3.57
C THR A 62 -4.32 -11.61 2.16
N GLY A 63 -3.29 -11.61 1.33
CA GLY A 63 -3.44 -11.16 -0.05
C GLY A 63 -4.00 -12.25 -0.95
N GLU A 64 -4.28 -13.41 -0.35
CA GLU A 64 -4.82 -14.56 -1.08
C GLU A 64 -3.76 -15.21 -1.97
N ALA A 65 -2.96 -14.39 -2.64
CA ALA A 65 -1.91 -14.90 -3.51
C ALA A 65 -0.57 -14.92 -2.80
N VAL A 66 -0.32 -15.98 -2.04
CA VAL A 66 0.92 -16.13 -1.30
C VAL A 66 1.28 -14.85 -0.55
N ALA A 67 0.65 -14.67 0.61
CA ALA A 67 0.91 -13.48 1.43
C ALA A 67 1.80 -13.84 2.61
N GLU A 68 2.80 -13.01 2.86
CA GLU A 68 3.73 -13.24 3.96
C GLU A 68 4.09 -11.94 4.67
N LYS A 69 4.24 -12.03 5.99
CA LYS A 69 4.59 -10.86 6.80
C LYS A 69 6.10 -10.59 6.73
N ASP A 70 6.63 -10.67 5.52
CA ASP A 70 8.06 -10.46 5.27
C ASP A 70 8.40 -10.87 3.84
N SER A 71 7.38 -10.94 3.01
CA SER A 71 7.54 -11.31 1.60
C SER A 71 8.18 -10.18 0.80
N GLU A 72 8.14 -10.32 -0.52
CA GLU A 72 8.71 -9.31 -1.41
C GLU A 72 7.68 -8.90 -2.47
N ILE A 73 7.26 -7.64 -2.42
CA ILE A 73 6.27 -7.13 -3.37
C ILE A 73 6.87 -6.07 -4.29
N THR A 74 6.42 -6.08 -5.55
CA THR A 74 6.91 -5.12 -6.53
C THR A 74 5.76 -4.22 -7.01
N PHE A 75 5.97 -2.92 -6.89
CA PHE A 75 4.95 -1.96 -7.32
C PHE A 75 5.16 -1.54 -8.76
N ILE A 76 4.19 -1.88 -9.60
CA ILE A 76 4.25 -1.55 -11.01
C ILE A 76 3.42 -0.30 -11.30
N LYS A 77 4.07 0.70 -11.89
CA LYS A 77 3.39 1.95 -12.22
C LYS A 77 3.90 2.53 -13.53
N LYS A 78 3.12 3.44 -14.11
CA LYS A 78 3.49 4.08 -15.37
C LYS A 78 4.01 5.49 -15.14
N VAL A 79 4.36 6.18 -16.22
CA VAL A 79 4.85 7.54 -16.13
C VAL A 79 3.71 8.54 -16.19
N THR A 80 2.49 8.04 -16.20
CA THR A 80 1.30 8.90 -16.25
C THR A 80 0.82 9.25 -14.85
N CYS A 81 0.81 8.27 -13.97
CA CYS A 81 0.37 8.46 -12.60
C CYS A 81 1.24 9.52 -11.91
N THR A 82 0.72 10.74 -11.83
CA THR A 82 1.45 11.85 -11.21
C THR A 82 1.19 11.89 -9.70
N ASN A 83 -0.01 11.48 -9.29
CA ASN A 83 -0.37 11.48 -7.87
C ASN A 83 0.36 10.38 -7.12
N ALA A 84 0.39 9.18 -7.69
CA ALA A 84 1.06 8.05 -7.07
C ALA A 84 2.56 8.30 -6.92
N GLU A 85 3.01 8.44 -5.67
CA GLU A 85 4.41 8.68 -5.40
C GLU A 85 4.89 7.83 -4.22
N LEU A 86 6.17 7.48 -4.22
CA LEU A 86 6.74 6.67 -3.16
C LEU A 86 8.09 7.22 -2.70
N VAL A 87 8.57 6.73 -1.56
CA VAL A 87 9.84 7.17 -1.02
C VAL A 87 10.65 5.99 -0.49
N LYS A 88 11.94 5.96 -0.81
CA LYS A 88 12.83 4.88 -0.36
C LYS A 88 13.04 4.95 1.14
N GLY A 89 13.09 3.78 1.78
CA GLY A 89 13.29 3.73 3.22
C GLY A 89 12.17 4.41 3.99
N ARG A 90 10.95 3.98 3.74
CA ARG A 90 9.79 4.56 4.41
C ARG A 90 8.62 3.57 4.42
N GLN A 91 7.99 3.43 5.58
CA GLN A 91 6.86 2.51 5.72
C GLN A 91 5.65 3.01 4.93
N TYR A 92 5.07 2.12 4.14
CA TYR A 92 3.92 2.45 3.31
C TYR A 92 2.78 1.45 3.51
N LEU A 93 1.63 1.96 3.95
CA LEU A 93 0.46 1.11 4.15
C LEU A 93 -0.18 0.78 2.81
N ILE A 94 -0.66 -0.45 2.66
CA ILE A 94 -1.27 -0.88 1.41
C ILE A 94 -2.56 -1.64 1.65
N MET A 95 -3.55 -1.42 0.78
CA MET A 95 -4.83 -2.08 0.87
C MET A 95 -5.55 -2.03 -0.47
N GLY A 96 -5.66 -3.17 -1.14
CA GLY A 96 -6.33 -3.19 -2.44
C GLY A 96 -6.37 -4.57 -3.08
N LYS A 97 -6.93 -4.62 -4.28
CA LYS A 97 -7.06 -5.87 -5.03
C LYS A 97 -5.73 -6.60 -5.16
N GLU A 98 -5.81 -7.90 -5.46
CA GLU A 98 -4.61 -8.73 -5.61
C GLU A 98 -3.76 -8.26 -6.79
N ALA A 99 -2.76 -9.06 -7.14
CA ALA A 99 -1.87 -8.75 -8.24
C ALA A 99 -2.29 -9.50 -9.50
N LEU A 100 -1.44 -9.44 -10.53
CA LEU A 100 -1.72 -10.12 -11.80
C LEU A 100 -0.89 -11.38 -11.95
N GLN A 101 -1.03 -12.04 -13.10
CA GLN A 101 -0.31 -13.27 -13.39
C GLN A 101 -0.05 -13.38 -14.87
N ILE A 102 1.23 -13.50 -15.25
CA ILE A 102 1.58 -13.60 -16.66
C ILE A 102 2.65 -14.67 -16.90
N LYS A 103 3.26 -15.14 -15.80
CA LYS A 103 4.30 -16.15 -15.89
C LYS A 103 5.47 -15.67 -16.73
N TYR A 104 6.51 -15.17 -16.07
CA TYR A 104 7.69 -14.67 -16.76
C TYR A 104 8.43 -15.81 -17.47
N ASN A 105 9.17 -16.60 -16.70
CA ASN A 105 9.91 -17.72 -17.25
C ASN A 105 9.81 -18.94 -16.33
N ALA A 106 8.97 -19.89 -16.70
CA ALA A 106 8.79 -21.11 -15.91
C ALA A 106 8.28 -20.78 -14.51
N SER A 107 7.84 -19.54 -14.32
CA SER A 107 7.33 -19.09 -13.03
C SER A 107 6.38 -17.91 -13.20
N PHE A 108 5.26 -17.97 -12.49
CA PHE A 108 4.25 -16.91 -12.55
C PHE A 108 4.83 -15.56 -12.10
N ARG A 109 4.39 -14.49 -12.73
CA ARG A 109 4.85 -13.15 -12.40
C ARG A 109 3.80 -12.37 -11.63
N TYR A 110 3.94 -12.34 -10.31
CA TYR A 110 2.99 -11.63 -9.46
C TYR A 110 3.48 -10.22 -9.13
N ILE A 111 2.99 -9.24 -9.89
CA ILE A 111 3.36 -7.85 -9.67
C ILE A 111 2.16 -7.03 -9.21
N TYR A 112 2.34 -6.31 -8.10
CA TYR A 112 1.26 -5.50 -7.55
C TYR A 112 1.20 -4.13 -8.22
N PRO A 113 0.09 -3.83 -8.93
CA PRO A 113 -0.09 -2.56 -9.62
C PRO A 113 -0.38 -1.40 -8.67
N LEU A 114 -0.59 -0.22 -9.24
CA LEU A 114 -0.89 0.97 -8.44
C LEU A 114 -2.01 1.77 -9.08
N ASP A 115 -3.24 1.36 -8.83
CA ASP A 115 -4.41 2.05 -9.37
C ASP A 115 -5.04 2.97 -8.34
N SER A 116 -6.10 3.66 -8.73
CA SER A 116 -6.79 4.58 -7.83
C SER A 116 -7.40 3.83 -6.65
N LEU A 117 -7.57 2.53 -6.80
CA LEU A 117 -8.15 1.71 -5.74
C LEU A 117 -7.07 1.26 -4.75
N THR A 118 -5.81 1.42 -5.14
CA THR A 118 -4.69 1.04 -4.29
C THR A 118 -4.57 1.99 -3.11
N TRP A 119 -5.11 1.58 -1.96
CA TRP A 119 -5.07 2.40 -0.76
C TRP A 119 -3.65 2.46 -0.18
N ILE A 120 -3.07 3.66 -0.19
CA ILE A 120 -1.73 3.86 0.33
C ILE A 120 -1.74 4.91 1.44
N GLU A 121 -1.21 4.53 2.61
CA GLU A 121 -1.18 5.44 3.74
C GLU A 121 0.24 5.57 4.30
N TYR A 122 0.77 6.79 4.27
CA TYR A 122 2.11 7.05 4.77
C TYR A 122 2.20 6.75 6.27
N TRP A 123 3.09 5.81 6.62
CA TRP A 123 3.28 5.43 8.01
C TRP A 123 4.61 5.97 8.53
N PRO A 124 4.57 6.99 9.40
CA PRO A 124 5.77 7.60 9.97
C PRO A 124 6.76 6.55 10.49
N ARG A 125 7.88 6.44 9.79
CA ARG A 125 8.92 5.47 10.17
C ARG A 125 9.30 5.62 11.64
N ASP A 126 9.21 6.83 12.15
CA ASP A 126 9.55 7.10 13.55
C ASP A 126 8.32 7.55 14.33
N THR A 127 8.26 7.15 15.60
CA THR A 127 7.14 7.51 16.46
C THR A 127 7.59 8.45 17.58
N THR A 128 8.85 8.33 17.96
CA THR A 128 9.40 9.16 19.03
C THR A 128 9.97 10.47 18.47
N CYS A 129 9.41 10.93 17.35
CA CYS A 129 9.85 12.16 16.72
C CYS A 129 9.81 13.32 17.70
N SER A 130 8.60 13.68 18.14
CA SER A 130 8.41 14.77 19.08
C SER A 130 6.99 14.77 19.64
N SER A 131 6.01 14.85 18.73
CA SER A 131 4.61 14.87 19.14
C SER A 131 3.70 14.65 17.92
N CYS A 132 4.31 14.25 16.81
CA CYS A 132 3.55 14.00 15.58
C CYS A 132 3.09 12.56 15.50
N GLN A 133 3.23 11.83 16.61
CA GLN A 133 2.81 10.43 16.67
C GLN A 133 1.32 10.32 16.98
N ALA A 134 0.60 11.42 16.83
CA ALA A 134 -0.83 11.44 17.10
C ALA A 134 -1.58 10.53 16.14
N PHE A 135 -1.28 10.63 14.86
CA PHE A 135 -1.92 9.81 13.83
C PHE A 135 -1.57 8.34 14.03
N LEU A 136 -0.48 8.09 14.76
CA LEU A 136 -0.03 6.73 15.01
C LEU A 136 -0.88 6.06 16.09
N ALA A 137 -1.89 6.78 16.57
CA ALA A 137 -2.79 6.26 17.58
C ALA A 137 -4.03 5.64 16.95
N ASN A 138 -4.54 6.29 15.92
CA ASN A 138 -5.72 5.80 15.21
C ASN A 138 -5.41 4.52 14.46
N LEU A 139 -4.12 4.30 14.21
CA LEU A 139 -3.67 3.11 13.48
C LEU A 139 -3.77 1.88 14.39
N ASP A 140 -3.59 2.09 15.68
CA ASP A 140 -3.66 1.00 16.65
C ASP A 140 -5.08 0.43 16.72
N GLU A 141 -6.06 1.31 16.58
CA GLU A 141 -7.47 0.91 16.63
C GLU A 141 -7.79 -0.01 15.46
N PHE A 142 -7.19 0.27 14.30
CA PHE A 142 -7.41 -0.52 13.10
C PHE A 142 -6.44 -1.69 13.05
N ALA A 143 -5.39 -1.63 13.87
CA ALA A 143 -4.38 -2.66 13.92
C ALA A 143 -4.99 -4.04 14.14
N GLU A 144 -5.70 -4.19 15.26
CA GLU A 144 -6.33 -5.45 15.59
C GLU A 144 -7.76 -5.54 15.06
N ASP A 145 -8.24 -4.44 14.51
CA ASP A 145 -9.60 -4.39 13.96
C ASP A 145 -9.64 -5.03 12.58
N ILE A 146 -8.47 -5.16 11.96
CA ILE A 146 -8.37 -5.77 10.64
C ILE A 146 -7.98 -7.23 10.73
N PHE A 147 -7.34 -7.60 11.84
CA PHE A 147 -6.90 -8.96 12.07
C PHE A 147 -7.99 -9.76 12.80
N LEU A 148 -8.48 -9.18 13.89
CA LEU A 148 -9.52 -9.83 14.68
C LEU A 148 -10.91 -9.54 14.12
N ASN A 149 -11.20 -8.25 13.92
CA ASN A 149 -12.49 -7.83 13.41
C ASN A 149 -12.44 -7.72 11.89
N GLY A 150 -11.36 -8.20 11.29
CA GLY A 150 -11.22 -8.14 9.84
C GLY A 150 -12.42 -8.71 9.11
N CYS A 151 -12.75 -8.12 7.96
CA CYS A 151 -13.87 -8.56 7.15
C CYS A 151 -13.52 -9.84 6.38
N GLY A 1 -6.36 21.36 -20.83
CA GLY A 1 -6.04 20.24 -21.76
C GLY A 1 -6.82 18.98 -21.46
N SER A 2 -6.18 18.04 -20.77
CA SER A 2 -6.82 16.77 -20.43
C SER A 2 -6.32 16.28 -19.07
N HIS A 3 -5.58 17.12 -18.37
CA HIS A 3 -5.03 16.77 -17.07
C HIS A 3 -4.14 15.53 -17.15
N MET A 4 -3.66 15.07 -16.00
CA MET A 4 -2.80 13.91 -15.94
C MET A 4 -3.54 12.69 -15.36
N ALA A 5 -3.06 11.50 -15.70
CA ALA A 5 -3.68 10.27 -15.21
C ALA A 5 -2.96 9.77 -13.96
N ASP A 6 -3.56 10.02 -12.80
CA ASP A 6 -2.98 9.59 -11.54
C ASP A 6 -3.09 8.08 -11.37
N CYS A 7 -1.98 7.44 -11.03
CA CYS A 7 -1.96 6.00 -10.83
C CYS A 7 -2.08 5.67 -9.34
N GLY A 8 -2.82 6.51 -8.64
CA GLY A 8 -3.00 6.33 -7.21
C GLY A 8 -2.66 7.56 -6.42
N GLN A 9 -3.52 8.56 -6.48
CA GLN A 9 -3.31 9.81 -5.77
C GLN A 9 -3.01 9.56 -4.30
N MET A 10 -1.75 9.79 -3.91
CA MET A 10 -1.32 9.59 -2.53
C MET A 10 -2.17 10.40 -1.57
N GLN A 11 -2.84 9.72 -0.65
CA GLN A 11 -3.68 10.39 0.33
C GLN A 11 -2.86 11.30 1.24
N GLU A 12 -3.54 12.02 2.13
CA GLU A 12 -2.88 12.92 3.05
C GLU A 12 -1.94 12.17 3.99
N GLU A 13 -1.17 12.91 4.77
CA GLU A 13 -0.22 12.30 5.71
C GLU A 13 -0.82 12.20 7.10
N LEU A 14 -0.70 13.28 7.87
CA LEU A 14 -1.23 13.32 9.23
C LEU A 14 -2.52 14.13 9.29
N ASP A 15 -3.64 13.43 9.38
CA ASP A 15 -4.95 14.06 9.46
C ASP A 15 -5.87 13.30 10.40
N LEU A 16 -6.11 13.87 11.57
CA LEU A 16 -6.96 13.24 12.57
C LEU A 16 -8.43 13.29 12.15
N THR A 17 -8.68 13.83 10.97
CA THR A 17 -10.05 13.93 10.46
C THR A 17 -10.56 12.58 9.99
N ILE A 18 -9.63 11.65 9.75
CA ILE A 18 -9.99 10.31 9.31
C ILE A 18 -9.96 9.32 10.47
N SER A 19 -10.98 8.46 10.51
CA SER A 19 -11.08 7.46 11.58
C SER A 19 -10.38 6.17 11.17
N ALA A 20 -10.39 5.19 12.07
CA ALA A 20 -9.75 3.90 11.82
C ALA A 20 -10.76 2.90 11.24
N GLU A 21 -12.02 3.11 11.56
CA GLU A 21 -13.09 2.22 11.08
C GLU A 21 -13.44 2.53 9.62
N THR A 22 -13.34 3.81 9.25
CA THR A 22 -13.65 4.24 7.90
C THR A 22 -12.71 3.58 6.89
N ARG A 23 -11.49 3.31 7.32
CA ARG A 23 -10.49 2.68 6.45
C ARG A 23 -10.62 1.16 6.49
N LYS A 24 -10.96 0.63 7.66
CA LYS A 24 -11.12 -0.81 7.84
C LYS A 24 -12.24 -1.35 6.95
N GLN A 25 -13.31 -0.57 6.83
CA GLN A 25 -14.44 -0.97 6.00
C GLN A 25 -14.01 -1.20 4.56
N THR A 26 -12.84 -0.66 4.22
CA THR A 26 -12.30 -0.81 2.87
C THR A 26 -11.47 -2.09 2.76
N ALA A 27 -10.93 -2.53 3.89
CA ALA A 27 -10.12 -3.74 3.92
C ALA A 27 -10.92 -4.95 3.43
N CYS A 28 -12.16 -5.06 3.90
CA CYS A 28 -13.04 -6.18 3.52
C CYS A 28 -13.82 -5.84 2.25
N LYS A 29 -13.56 -4.67 1.69
CA LYS A 29 -14.25 -4.23 0.48
C LYS A 29 -13.96 -5.19 -0.68
N PRO A 30 -14.98 -5.47 -1.52
CA PRO A 30 -14.82 -6.38 -2.66
C PRO A 30 -13.69 -5.98 -3.60
N GLU A 31 -13.61 -4.68 -3.90
CA GLU A 31 -12.57 -4.17 -4.80
C GLU A 31 -11.20 -4.25 -4.13
N ILE A 32 -11.18 -4.66 -2.87
CA ILE A 32 -9.93 -4.79 -2.13
C ILE A 32 -9.63 -6.25 -1.82
N ALA A 33 -8.48 -6.73 -2.29
CA ALA A 33 -8.08 -8.12 -2.08
C ALA A 33 -7.31 -8.28 -0.76
N TYR A 34 -6.14 -7.65 -0.69
CA TYR A 34 -5.30 -7.75 0.49
C TYR A 34 -5.29 -6.46 1.30
N ALA A 35 -4.87 -6.57 2.55
CA ALA A 35 -4.79 -5.43 3.45
C ALA A 35 -3.66 -5.63 4.45
N TYR A 36 -2.50 -5.03 4.16
CA TYR A 36 -1.34 -5.17 5.03
C TYR A 36 -0.44 -3.94 4.97
N LYS A 37 0.53 -3.89 5.87
CA LYS A 37 1.47 -2.78 5.94
C LYS A 37 2.83 -3.21 5.41
N VAL A 38 3.45 -2.37 4.58
CA VAL A 38 4.76 -2.68 4.01
C VAL A 38 5.72 -1.51 4.18
N SER A 39 6.91 -1.65 3.60
CA SER A 39 7.92 -0.61 3.69
C SER A 39 8.82 -0.61 2.45
N ILE A 40 8.98 0.55 1.84
CA ILE A 40 9.81 0.68 0.65
C ILE A 40 11.28 0.45 0.99
N THR A 41 12.01 -0.19 0.08
CA THR A 41 13.43 -0.48 0.30
C THR A 41 14.26 -0.21 -0.94
N SER A 42 13.60 -0.16 -2.10
CA SER A 42 14.30 0.07 -3.36
C SER A 42 13.39 0.70 -4.41
N ILE A 43 13.99 1.39 -5.36
CA ILE A 43 13.25 2.05 -6.44
C ILE A 43 14.01 1.94 -7.76
N THR A 44 13.36 1.38 -8.77
CA THR A 44 13.98 1.23 -10.08
C THR A 44 13.06 1.71 -11.20
N VAL A 45 13.60 2.54 -12.08
CA VAL A 45 12.84 3.08 -13.20
C VAL A 45 13.48 2.68 -14.53
N GLU A 46 12.66 2.19 -15.44
CA GLU A 46 13.15 1.76 -16.75
C GLU A 46 13.04 2.89 -17.78
N ASN A 47 11.88 3.00 -18.41
CA ASN A 47 11.64 4.03 -19.41
C ASN A 47 10.27 4.68 -19.23
N VAL A 48 9.22 3.95 -19.62
CA VAL A 48 7.86 4.45 -19.50
C VAL A 48 7.20 3.97 -18.21
N PHE A 49 7.44 2.70 -17.87
CA PHE A 49 6.87 2.13 -16.66
C PHE A 49 7.87 2.14 -15.51
N VAL A 50 7.46 2.69 -14.38
CA VAL A 50 8.31 2.77 -13.20
C VAL A 50 8.01 1.61 -12.25
N LYS A 51 9.04 1.12 -11.58
CA LYS A 51 8.89 0.00 -10.65
C LYS A 51 9.39 0.36 -9.26
N TYR A 52 8.81 -0.28 -8.25
CA TYR A 52 9.19 -0.03 -6.87
C TYR A 52 9.35 -1.35 -6.11
N LYS A 53 10.55 -1.59 -5.60
CA LYS A 53 10.84 -2.82 -4.86
C LYS A 53 10.65 -2.58 -3.37
N ALA A 54 9.62 -3.20 -2.79
CA ALA A 54 9.34 -3.05 -1.37
C ALA A 54 9.21 -4.40 -0.69
N THR A 55 9.26 -4.38 0.64
CA THR A 55 9.14 -5.61 1.43
C THR A 55 7.93 -5.55 2.34
N LEU A 56 7.17 -6.63 2.36
CA LEU A 56 6.00 -6.70 3.22
C LEU A 56 6.46 -6.64 4.68
N LEU A 57 5.65 -6.06 5.54
CA LEU A 57 6.01 -5.98 6.95
C LEU A 57 5.16 -6.94 7.77
N ASP A 58 3.85 -6.81 7.62
CA ASP A 58 2.90 -7.66 8.33
C ASP A 58 1.58 -7.72 7.58
N ILE A 59 0.96 -8.89 7.53
CA ILE A 59 -0.31 -9.05 6.83
C ILE A 59 -1.50 -9.01 7.77
N TYR A 60 -2.46 -8.14 7.47
CA TYR A 60 -3.67 -8.01 8.27
C TYR A 60 -4.81 -8.71 7.56
N LYS A 61 -4.65 -8.89 6.26
CA LYS A 61 -5.64 -9.56 5.43
C LYS A 61 -4.96 -10.23 4.25
N THR A 62 -5.19 -11.53 4.10
CA THR A 62 -4.58 -12.31 3.02
C THR A 62 -4.74 -11.63 1.66
N GLY A 63 -3.88 -12.00 0.72
CA GLY A 63 -3.92 -11.41 -0.61
C GLY A 63 -4.59 -12.30 -1.63
N GLU A 64 -5.04 -13.48 -1.19
CA GLU A 64 -5.70 -14.45 -2.07
C GLU A 64 -4.68 -15.14 -2.98
N ALA A 65 -3.77 -14.35 -3.54
CA ALA A 65 -2.73 -14.88 -4.41
C ALA A 65 -1.52 -15.30 -3.59
N VAL A 66 -1.78 -16.01 -2.50
CA VAL A 66 -0.73 -16.47 -1.61
C VAL A 66 0.01 -15.29 -0.97
N ALA A 67 -0.50 -14.82 0.16
CA ALA A 67 0.11 -13.71 0.88
C ALA A 67 0.98 -14.23 2.02
N GLU A 68 2.21 -13.74 2.08
CA GLU A 68 3.14 -14.18 3.12
C GLU A 68 3.71 -12.99 3.88
N LYS A 69 3.89 -13.16 5.18
CA LYS A 69 4.44 -12.10 6.01
C LYS A 69 5.83 -11.72 5.52
N ASP A 70 6.13 -10.42 5.52
CA ASP A 70 7.42 -9.92 5.06
C ASP A 70 7.81 -10.54 3.72
N SER A 71 6.80 -10.81 2.89
CA SER A 71 7.03 -11.37 1.57
C SER A 71 7.72 -10.37 0.65
N GLU A 72 7.72 -10.66 -0.64
CA GLU A 72 8.33 -9.78 -1.62
C GLU A 72 7.27 -9.15 -2.53
N ILE A 73 7.23 -7.83 -2.56
CA ILE A 73 6.24 -7.12 -3.37
C ILE A 73 6.90 -6.18 -4.37
N THR A 74 6.31 -6.10 -5.57
CA THR A 74 6.82 -5.24 -6.63
C THR A 74 5.68 -4.47 -7.29
N PHE A 75 5.63 -3.17 -7.07
CA PHE A 75 4.58 -2.34 -7.65
C PHE A 75 5.08 -1.57 -8.87
N ILE A 76 4.35 -1.70 -9.97
CA ILE A 76 4.71 -1.01 -11.22
C ILE A 76 3.60 -0.05 -11.64
N LYS A 77 3.99 0.99 -12.37
CA LYS A 77 3.03 1.99 -12.84
C LYS A 77 3.46 2.57 -14.18
N LYS A 78 2.63 3.44 -14.75
CA LYS A 78 2.94 4.07 -16.03
C LYS A 78 3.71 5.37 -15.82
N VAL A 79 3.83 6.15 -16.89
CA VAL A 79 4.54 7.42 -16.83
C VAL A 79 3.58 8.59 -16.64
N THR A 80 2.31 8.36 -17.02
CA THR A 80 1.29 9.39 -16.89
C THR A 80 0.98 9.69 -15.43
N CYS A 81 1.39 8.80 -14.55
CA CYS A 81 1.16 8.96 -13.12
C CYS A 81 1.79 10.26 -12.61
N THR A 82 3.06 10.18 -12.29
CA THR A 82 3.80 11.35 -11.79
C THR A 82 3.14 11.93 -10.53
N ASN A 83 2.24 11.15 -9.93
CA ASN A 83 1.54 11.57 -8.73
C ASN A 83 1.71 10.58 -7.60
N ALA A 84 1.89 9.31 -7.96
CA ALA A 84 2.08 8.25 -6.97
C ALA A 84 3.55 7.84 -6.89
N GLU A 85 4.24 8.38 -5.90
CA GLU A 85 5.67 8.07 -5.70
C GLU A 85 5.97 7.80 -4.24
N LEU A 86 6.44 6.60 -3.94
CA LEU A 86 6.77 6.22 -2.57
C LEU A 86 8.26 6.37 -2.30
N VAL A 87 8.61 7.23 -1.35
CA VAL A 87 10.00 7.47 -1.00
C VAL A 87 10.63 6.21 -0.40
N LYS A 88 11.91 6.00 -0.70
CA LYS A 88 12.64 4.85 -0.19
C LYS A 88 13.14 5.09 1.24
N GLY A 89 12.60 4.34 2.19
CA GLY A 89 12.99 4.49 3.57
C GLY A 89 11.81 4.62 4.51
N ARG A 90 10.71 5.14 4.00
CA ARG A 90 9.50 5.30 4.81
C ARG A 90 8.60 4.07 4.73
N GLN A 91 7.56 4.07 5.54
CA GLN A 91 6.61 2.95 5.57
C GLN A 91 5.22 3.42 5.12
N TYR A 92 4.49 2.51 4.45
CA TYR A 92 3.15 2.85 3.98
C TYR A 92 2.19 1.67 4.14
N LEU A 93 0.90 1.99 4.14
CA LEU A 93 -0.14 0.97 4.28
C LEU A 93 -0.83 0.76 2.93
N ILE A 94 -0.84 -0.49 2.46
CA ILE A 94 -1.46 -0.80 1.17
C ILE A 94 -2.66 -1.71 1.33
N MET A 95 -3.75 -1.36 0.63
CA MET A 95 -4.99 -2.12 0.67
C MET A 95 -5.70 -2.04 -0.68
N GLY A 96 -5.77 -3.17 -1.38
CA GLY A 96 -6.42 -3.17 -2.70
C GLY A 96 -6.34 -4.51 -3.40
N LYS A 97 -6.66 -4.49 -4.70
CA LYS A 97 -6.64 -5.70 -5.51
C LYS A 97 -5.33 -6.47 -5.34
N GLU A 98 -5.41 -7.79 -5.53
CA GLU A 98 -4.24 -8.66 -5.38
C GLU A 98 -3.29 -8.49 -6.56
N ALA A 99 -2.26 -9.33 -6.60
CA ALA A 99 -1.27 -9.28 -7.68
C ALA A 99 -1.74 -10.08 -8.88
N LEU A 100 -1.35 -9.63 -10.07
CA LEU A 100 -1.72 -10.31 -11.30
C LEU A 100 -0.70 -11.39 -11.67
N GLN A 101 -1.14 -12.63 -11.67
CA GLN A 101 -0.27 -13.75 -11.99
C GLN A 101 0.04 -13.79 -13.48
N ILE A 102 1.33 -13.75 -13.81
CA ILE A 102 1.76 -13.77 -15.20
C ILE A 102 3.02 -14.62 -15.38
N LYS A 103 3.46 -15.25 -14.29
CA LYS A 103 4.65 -16.09 -14.34
C LYS A 103 4.59 -17.09 -15.50
N TYR A 104 5.43 -16.86 -16.50
CA TYR A 104 5.47 -17.73 -17.67
C TYR A 104 6.72 -18.61 -17.64
N ASN A 105 7.89 -17.98 -17.65
CA ASN A 105 9.16 -18.70 -17.63
C ASN A 105 10.29 -17.80 -17.16
N ALA A 106 10.39 -17.62 -15.85
CA ALA A 106 11.44 -16.78 -15.27
C ALA A 106 11.43 -15.37 -15.86
N SER A 107 10.31 -15.00 -16.48
CA SER A 107 10.18 -13.69 -17.09
C SER A 107 9.10 -12.88 -16.42
N PHE A 108 8.19 -13.57 -15.73
CA PHE A 108 7.09 -12.91 -15.03
C PHE A 108 6.82 -13.58 -13.69
N ARG A 109 5.75 -13.15 -13.01
CA ARG A 109 5.39 -13.70 -11.71
C ARG A 109 4.26 -12.89 -11.07
N TYR A 110 4.06 -13.09 -9.77
CA TYR A 110 3.02 -12.39 -9.04
C TYR A 110 3.45 -10.95 -8.76
N ILE A 111 3.11 -10.05 -9.69
CA ILE A 111 3.47 -8.64 -9.54
C ILE A 111 2.24 -7.81 -9.16
N TYR A 112 2.48 -6.73 -8.42
CA TYR A 112 1.40 -5.85 -7.99
C TYR A 112 1.32 -4.60 -8.85
N PRO A 113 0.12 -4.27 -9.37
CA PRO A 113 -0.08 -3.09 -10.21
C PRO A 113 -0.14 -1.80 -9.39
N LEU A 114 -0.58 -0.72 -10.02
CA LEU A 114 -0.67 0.57 -9.35
C LEU A 114 -1.56 1.53 -10.14
N ASP A 115 -2.80 1.70 -9.67
CA ASP A 115 -3.74 2.59 -10.33
C ASP A 115 -4.46 3.47 -9.30
N SER A 116 -5.56 4.10 -9.72
CA SER A 116 -6.32 4.97 -8.85
C SER A 116 -7.24 4.19 -7.91
N LEU A 117 -7.05 2.87 -7.86
CA LEU A 117 -7.87 2.03 -7.00
C LEU A 117 -7.05 1.50 -5.81
N THR A 118 -5.76 1.84 -5.79
CA THR A 118 -4.88 1.41 -4.73
C THR A 118 -4.94 2.36 -3.54
N TRP A 119 -5.15 1.79 -2.34
CA TRP A 119 -5.22 2.59 -1.13
C TRP A 119 -3.87 2.65 -0.42
N ILE A 120 -3.27 3.83 -0.40
CA ILE A 120 -1.97 4.02 0.23
C ILE A 120 -2.04 5.12 1.29
N GLU A 121 -1.60 4.80 2.50
CA GLU A 121 -1.61 5.75 3.60
C GLU A 121 -0.23 5.85 4.25
N TYR A 122 0.34 7.05 4.24
CA TYR A 122 1.65 7.27 4.82
C TYR A 122 1.65 6.96 6.32
N TRP A 123 2.41 5.94 6.70
CA TRP A 123 2.51 5.54 8.09
C TRP A 123 3.85 5.96 8.66
N PRO A 124 3.90 7.12 9.37
CA PRO A 124 5.14 7.63 9.96
C PRO A 124 5.94 6.55 10.67
N ARG A 125 7.02 6.10 10.01
CA ARG A 125 7.88 5.07 10.58
C ARG A 125 8.43 5.50 11.93
N ASP A 126 8.49 6.81 12.16
CA ASP A 126 8.99 7.34 13.42
C ASP A 126 7.83 7.65 14.37
N THR A 127 7.92 7.10 15.59
CA THR A 127 6.88 7.31 16.59
C THR A 127 7.35 8.26 17.68
N THR A 128 8.35 9.09 17.36
CA THR A 128 8.89 10.04 18.32
C THR A 128 9.60 11.19 17.61
N CYS A 129 8.83 12.19 17.21
CA CYS A 129 9.38 13.36 16.52
C CYS A 129 8.70 14.64 17.01
N SER A 130 7.49 14.89 16.54
CA SER A 130 6.74 16.08 16.93
C SER A 130 5.30 16.02 16.43
N SER A 131 4.36 15.78 17.34
CA SER A 131 2.95 15.70 17.00
C SER A 131 2.71 14.61 15.95
N CYS A 132 3.65 13.69 15.83
CA CYS A 132 3.53 12.60 14.86
C CYS A 132 2.74 11.43 15.46
N GLN A 133 2.94 11.19 16.75
CA GLN A 133 2.26 10.09 17.43
C GLN A 133 0.77 10.39 17.57
N ALA A 134 0.42 11.67 17.57
CA ALA A 134 -0.97 12.09 17.69
C ALA A 134 -1.84 11.44 16.62
N PHE A 135 -1.25 11.16 15.47
CA PHE A 135 -1.97 10.55 14.36
C PHE A 135 -1.81 9.03 14.38
N LEU A 136 -0.64 8.57 14.82
CA LEU A 136 -0.36 7.14 14.89
C LEU A 136 -1.26 6.45 15.90
N ALA A 137 -1.93 7.24 16.72
CA ALA A 137 -2.84 6.70 17.73
C ALA A 137 -4.04 6.03 17.09
N ASN A 138 -4.47 6.56 15.95
CA ASN A 138 -5.62 6.02 15.23
C ASN A 138 -5.24 4.73 14.51
N LEU A 139 -3.97 4.62 14.12
CA LEU A 139 -3.48 3.44 13.42
C LEU A 139 -3.44 2.24 14.35
N ASP A 140 -3.27 2.50 15.64
CA ASP A 140 -3.22 1.44 16.64
C ASP A 140 -4.56 0.71 16.73
N GLU A 141 -5.64 1.48 16.74
CA GLU A 141 -6.99 0.91 16.83
C GLU A 141 -7.29 0.06 15.59
N PHE A 142 -6.63 0.36 14.49
CA PHE A 142 -6.83 -0.37 13.25
C PHE A 142 -5.92 -1.59 13.17
N ALA A 143 -4.76 -1.49 13.82
CA ALA A 143 -3.80 -2.60 13.82
C ALA A 143 -4.32 -3.77 14.65
N GLU A 144 -5.22 -3.49 15.58
CA GLU A 144 -5.79 -4.52 16.44
C GLU A 144 -7.14 -5.00 15.91
N ASP A 145 -7.89 -4.08 15.33
CA ASP A 145 -9.21 -4.38 14.79
C ASP A 145 -9.16 -5.56 13.82
N ILE A 146 -8.68 -5.29 12.61
CA ILE A 146 -8.59 -6.33 11.57
C ILE A 146 -7.77 -7.53 12.05
N PHE A 147 -6.87 -7.29 13.00
CA PHE A 147 -6.02 -8.34 13.53
C PHE A 147 -6.78 -9.24 14.51
N LEU A 148 -7.74 -8.65 15.22
CA LEU A 148 -8.53 -9.39 16.20
C LEU A 148 -9.88 -9.80 15.63
N ASN A 149 -10.78 -8.84 15.50
CA ASN A 149 -12.11 -9.09 14.98
C ASN A 149 -12.09 -9.26 13.46
N GLY A 150 -11.55 -8.27 12.77
CA GLY A 150 -11.49 -8.32 11.32
C GLY A 150 -12.86 -8.40 10.67
N CYS A 151 -12.91 -8.88 9.44
CA CYS A 151 -14.17 -9.01 8.71
C CYS A 151 -14.67 -10.45 8.73
N GLY A 1 3.72 17.83 -22.22
CA GLY A 1 3.07 16.59 -22.72
C GLY A 1 2.56 15.71 -21.60
N SER A 2 2.69 14.39 -21.77
CA SER A 2 2.25 13.43 -20.77
C SER A 2 0.73 13.46 -20.61
N HIS A 3 0.12 12.28 -20.58
CA HIS A 3 -1.32 12.17 -20.43
C HIS A 3 -1.78 12.66 -19.06
N MET A 4 -0.83 12.68 -18.12
CA MET A 4 -1.12 13.14 -16.75
C MET A 4 -2.19 12.27 -16.09
N ALA A 5 -1.74 11.35 -15.24
CA ALA A 5 -2.65 10.44 -14.54
C ALA A 5 -2.47 10.56 -13.03
N ASP A 6 -3.55 10.35 -12.28
CA ASP A 6 -3.50 10.44 -10.83
C ASP A 6 -2.84 9.20 -10.23
N CYS A 7 -3.15 8.04 -10.78
CA CYS A 7 -2.57 6.79 -10.26
C CYS A 7 -2.96 6.62 -8.81
N GLY A 8 -2.14 5.92 -8.05
CA GLY A 8 -2.42 5.73 -6.65
C GLY A 8 -2.65 7.05 -5.93
N GLN A 9 -3.89 7.52 -6.00
CA GLN A 9 -4.28 8.79 -5.38
C GLN A 9 -3.69 8.91 -3.98
N MET A 10 -3.54 7.78 -3.30
CA MET A 10 -3.00 7.73 -1.94
C MET A 10 -3.59 8.82 -1.05
N GLN A 11 -2.93 9.10 0.06
CA GLN A 11 -3.40 10.13 0.99
C GLN A 11 -2.24 11.02 1.45
N GLU A 12 -2.57 12.16 2.04
CA GLU A 12 -1.58 13.10 2.52
C GLU A 12 -0.73 12.48 3.63
N GLU A 13 0.37 13.15 3.97
CA GLU A 13 1.25 12.67 5.02
C GLU A 13 0.54 12.65 6.36
N LEU A 14 0.45 13.80 6.99
CA LEU A 14 -0.20 13.93 8.29
C LEU A 14 -1.62 14.46 8.13
N ASP A 15 -2.60 13.59 8.30
CA ASP A 15 -4.00 13.97 8.17
C ASP A 15 -4.83 13.33 9.29
N LEU A 16 -5.22 14.15 10.26
CA LEU A 16 -6.01 13.66 11.39
C LEU A 16 -7.50 13.94 11.19
N THR A 17 -8.22 12.91 10.75
CA THR A 17 -9.66 13.03 10.51
C THR A 17 -10.26 11.69 10.11
N ILE A 18 -9.40 10.79 9.64
CA ILE A 18 -9.84 9.46 9.21
C ILE A 18 -9.79 8.48 10.38
N SER A 19 -10.94 7.92 10.73
CA SER A 19 -11.02 6.96 11.82
C SER A 19 -10.59 5.57 11.35
N ALA A 20 -10.46 4.65 12.31
CA ALA A 20 -10.05 3.28 12.00
C ALA A 20 -11.23 2.47 11.48
N GLU A 21 -12.40 3.10 11.41
CA GLU A 21 -13.60 2.43 10.93
C GLU A 21 -13.95 2.88 9.52
N THR A 22 -13.72 4.17 9.24
CA THR A 22 -14.01 4.73 7.93
C THR A 22 -13.14 4.09 6.86
N ARG A 23 -11.85 3.95 7.14
CA ARG A 23 -10.91 3.36 6.20
C ARG A 23 -11.03 1.84 6.20
N LYS A 24 -11.75 1.30 7.17
CA LYS A 24 -11.94 -0.13 7.28
C LYS A 24 -13.11 -0.60 6.42
N GLN A 25 -14.04 0.31 6.15
CA GLN A 25 -15.21 -0.01 5.34
C GLN A 25 -14.79 -0.47 3.95
N THR A 26 -13.54 -0.20 3.60
CA THR A 26 -12.99 -0.59 2.31
C THR A 26 -12.35 -1.97 2.38
N ALA A 27 -11.81 -2.31 3.56
CA ALA A 27 -11.16 -3.60 3.76
C ALA A 27 -12.18 -4.74 3.73
N CYS A 28 -13.42 -4.42 4.06
CA CYS A 28 -14.48 -5.44 4.07
C CYS A 28 -15.09 -5.59 2.69
N LYS A 29 -14.58 -4.83 1.72
CA LYS A 29 -15.08 -4.89 0.36
C LYS A 29 -14.32 -5.91 -0.47
N PRO A 30 -15.01 -6.64 -1.35
CA PRO A 30 -14.39 -7.66 -2.21
C PRO A 30 -13.27 -7.09 -3.08
N GLU A 31 -13.35 -5.79 -3.35
CA GLU A 31 -12.35 -5.12 -4.17
C GLU A 31 -10.97 -5.21 -3.53
N ILE A 32 -10.94 -5.19 -2.20
CA ILE A 32 -9.69 -5.26 -1.46
C ILE A 32 -9.43 -6.68 -0.96
N ALA A 33 -8.48 -7.36 -1.61
CA ALA A 33 -8.13 -8.73 -1.24
C ALA A 33 -7.23 -8.75 -0.01
N TYR A 34 -6.09 -8.07 -0.10
CA TYR A 34 -5.14 -8.03 1.00
C TYR A 34 -5.11 -6.66 1.67
N ALA A 35 -4.55 -6.64 2.87
CA ALA A 35 -4.41 -5.42 3.65
C ALA A 35 -3.24 -5.57 4.61
N TYR A 36 -2.25 -4.69 4.51
CA TYR A 36 -1.09 -4.78 5.39
C TYR A 36 -0.19 -3.56 5.27
N LYS A 37 0.93 -3.60 6.00
CA LYS A 37 1.90 -2.52 6.00
C LYS A 37 3.20 -2.97 5.35
N VAL A 38 3.67 -2.20 4.37
CA VAL A 38 4.90 -2.54 3.67
C VAL A 38 5.93 -1.42 3.79
N SER A 39 7.09 -1.62 3.18
CA SER A 39 8.16 -0.63 3.22
C SER A 39 9.04 -0.73 1.98
N ILE A 40 9.21 0.39 1.28
CA ILE A 40 10.03 0.42 0.08
C ILE A 40 11.50 0.19 0.42
N THR A 41 12.21 -0.52 -0.45
CA THR A 41 13.62 -0.81 -0.23
C THR A 41 14.45 -0.50 -1.46
N SER A 42 13.81 -0.46 -2.63
CA SER A 42 14.51 -0.19 -3.88
C SER A 42 13.59 0.49 -4.89
N ILE A 43 14.19 1.14 -5.88
CA ILE A 43 13.44 1.84 -6.91
C ILE A 43 14.02 1.56 -8.29
N THR A 44 13.25 0.88 -9.14
CA THR A 44 13.70 0.55 -10.49
C THR A 44 13.17 1.56 -11.50
N VAL A 45 14.08 2.14 -12.28
CA VAL A 45 13.71 3.12 -13.30
C VAL A 45 14.25 2.71 -14.67
N GLU A 46 13.36 2.69 -15.66
CA GLU A 46 13.75 2.32 -17.02
C GLU A 46 13.56 3.49 -17.97
N ASN A 47 12.31 3.78 -18.33
CA ASN A 47 12.01 4.87 -19.24
C ASN A 47 10.66 5.50 -18.90
N VAL A 48 9.59 4.75 -19.15
CA VAL A 48 8.24 5.23 -18.87
C VAL A 48 7.66 4.58 -17.63
N PHE A 49 7.81 3.26 -17.53
CA PHE A 49 7.30 2.51 -16.39
C PHE A 49 8.35 2.41 -15.29
N VAL A 50 8.14 3.13 -14.19
CA VAL A 50 9.07 3.10 -13.07
C VAL A 50 8.64 2.06 -12.04
N LYS A 51 9.42 0.98 -11.97
CA LYS A 51 9.11 -0.10 -11.03
C LYS A 51 9.58 0.26 -9.62
N TYR A 52 9.00 -0.41 -8.62
CA TYR A 52 9.35 -0.17 -7.23
C TYR A 52 9.41 -1.47 -6.44
N LYS A 53 10.57 -1.75 -5.86
CA LYS A 53 10.75 -2.96 -5.07
C LYS A 53 10.50 -2.67 -3.59
N ALA A 54 9.57 -3.41 -2.99
CA ALA A 54 9.24 -3.22 -1.59
C ALA A 54 9.22 -4.54 -0.83
N THR A 55 8.92 -4.46 0.47
CA THR A 55 8.87 -5.63 1.33
C THR A 55 7.74 -5.51 2.34
N LEU A 56 6.89 -6.54 2.40
CA LEU A 56 5.78 -6.55 3.33
C LEU A 56 6.27 -6.64 4.76
N LEU A 57 6.16 -5.55 5.50
CA LEU A 57 6.61 -5.52 6.89
C LEU A 57 5.81 -6.49 7.76
N ASP A 58 4.49 -6.41 7.66
CA ASP A 58 3.61 -7.29 8.43
C ASP A 58 2.24 -7.38 7.78
N ILE A 59 1.57 -8.53 7.95
CA ILE A 59 0.25 -8.75 7.37
C ILE A 59 -0.87 -8.27 8.29
N TYR A 60 -1.88 -7.66 7.69
CA TYR A 60 -3.05 -7.18 8.42
C TYR A 60 -4.28 -7.92 7.93
N LYS A 61 -4.16 -8.48 6.73
CA LYS A 61 -5.22 -9.24 6.10
C LYS A 61 -4.63 -10.09 4.97
N THR A 62 -4.58 -11.39 5.19
CA THR A 62 -4.03 -12.32 4.21
C THR A 62 -4.45 -11.99 2.79
N GLY A 63 -3.52 -12.19 1.85
CA GLY A 63 -3.79 -11.91 0.45
C GLY A 63 -4.23 -13.15 -0.31
N GLU A 64 -5.30 -13.02 -1.08
CA GLU A 64 -5.82 -14.14 -1.85
C GLU A 64 -4.75 -14.68 -2.81
N ALA A 65 -3.84 -13.81 -3.23
CA ALA A 65 -2.77 -14.19 -4.14
C ALA A 65 -1.55 -14.67 -3.36
N VAL A 66 -1.81 -15.45 -2.30
CA VAL A 66 -0.76 -15.98 -1.46
C VAL A 66 0.11 -14.86 -0.89
N ALA A 67 -0.28 -14.33 0.25
CA ALA A 67 0.46 -13.27 0.91
C ALA A 67 1.06 -13.76 2.22
N GLU A 68 2.34 -13.45 2.43
CA GLU A 68 3.03 -13.86 3.65
C GLU A 68 3.77 -12.70 4.27
N LYS A 69 3.96 -12.76 5.58
CA LYS A 69 4.68 -11.70 6.29
C LYS A 69 6.12 -11.60 5.80
N ASP A 70 6.67 -10.39 5.84
CA ASP A 70 8.04 -10.16 5.40
C ASP A 70 8.32 -10.82 4.05
N SER A 71 7.28 -10.93 3.22
CA SER A 71 7.39 -11.54 1.91
C SER A 71 7.99 -10.54 0.92
N GLU A 72 7.94 -10.89 -0.37
CA GLU A 72 8.46 -10.02 -1.42
C GLU A 72 7.31 -9.44 -2.24
N ILE A 73 7.47 -8.19 -2.67
CA ILE A 73 6.44 -7.52 -3.46
C ILE A 73 7.04 -6.53 -4.45
N THR A 74 6.35 -6.34 -5.57
CA THR A 74 6.79 -5.42 -6.62
C THR A 74 5.63 -4.55 -7.09
N PHE A 75 5.76 -3.25 -6.89
CA PHE A 75 4.71 -2.31 -7.31
C PHE A 75 5.15 -1.49 -8.50
N ILE A 76 4.35 -1.56 -9.56
CA ILE A 76 4.62 -0.84 -10.78
C ILE A 76 3.93 0.52 -10.79
N LYS A 77 4.68 1.54 -11.19
CA LYS A 77 4.13 2.90 -11.25
C LYS A 77 4.54 3.57 -12.56
N LYS A 78 3.63 4.35 -13.12
CA LYS A 78 3.89 5.04 -14.38
C LYS A 78 4.51 6.42 -14.13
N VAL A 79 5.17 6.95 -15.16
CA VAL A 79 5.80 8.26 -15.05
C VAL A 79 4.76 9.37 -14.96
N THR A 80 3.58 9.11 -15.51
CA THR A 80 2.50 10.09 -15.49
C THR A 80 1.91 10.23 -14.09
N CYS A 81 2.24 9.29 -13.21
CA CYS A 81 1.74 9.31 -11.85
C CYS A 81 2.30 10.51 -11.09
N THR A 82 1.41 11.42 -10.73
CA THR A 82 1.81 12.61 -9.99
C THR A 82 1.27 12.58 -8.57
N ASN A 83 0.12 11.93 -8.39
CA ASN A 83 -0.50 11.82 -7.07
C ASN A 83 0.06 10.62 -6.31
N ALA A 84 0.60 9.65 -7.03
CA ALA A 84 1.17 8.47 -6.42
C ALA A 84 2.66 8.63 -6.17
N GLU A 85 3.04 8.82 -4.91
CA GLU A 85 4.44 8.99 -4.55
C GLU A 85 4.93 7.84 -3.69
N LEU A 86 6.17 7.41 -3.93
CA LEU A 86 6.76 6.31 -3.17
C LEU A 86 8.22 6.61 -2.82
N VAL A 87 8.52 6.65 -1.53
CA VAL A 87 9.87 6.92 -1.06
C VAL A 87 10.56 5.65 -0.58
N LYS A 88 11.83 5.50 -0.92
CA LYS A 88 12.60 4.32 -0.54
C LYS A 88 13.07 4.44 0.92
N GLY A 89 12.67 3.47 1.73
CA GLY A 89 13.06 3.48 3.13
C GLY A 89 11.92 3.86 4.06
N ARG A 90 10.81 4.29 3.48
CA ARG A 90 9.64 4.68 4.27
C ARG A 90 8.61 3.57 4.33
N GLN A 91 7.58 3.77 5.14
CA GLN A 91 6.51 2.78 5.30
C GLN A 91 5.22 3.28 4.68
N TYR A 92 4.51 2.39 3.99
CA TYR A 92 3.25 2.75 3.34
C TYR A 92 2.24 1.61 3.44
N LEU A 93 1.03 1.95 3.88
CA LEU A 93 -0.04 0.96 4.01
C LEU A 93 -0.68 0.70 2.65
N ILE A 94 -0.98 -0.56 2.36
CA ILE A 94 -1.59 -0.91 1.08
C ILE A 94 -2.79 -1.83 1.25
N MET A 95 -3.83 -1.55 0.47
CA MET A 95 -5.07 -2.34 0.50
C MET A 95 -5.63 -2.47 -0.92
N GLY A 96 -5.71 -3.69 -1.43
CA GLY A 96 -6.22 -3.89 -2.77
C GLY A 96 -6.44 -5.35 -3.12
N LYS A 97 -6.99 -5.59 -4.31
CA LYS A 97 -7.25 -6.95 -4.78
C LYS A 97 -5.97 -7.76 -4.89
N GLU A 98 -6.10 -9.02 -5.25
CA GLU A 98 -4.96 -9.92 -5.39
C GLU A 98 -4.12 -9.55 -6.61
N ALA A 99 -3.00 -10.24 -6.78
CA ALA A 99 -2.10 -9.98 -7.90
C ALA A 99 -2.48 -10.82 -9.12
N LEU A 100 -1.64 -10.79 -10.14
CA LEU A 100 -1.88 -11.54 -11.36
C LEU A 100 -0.91 -12.71 -11.49
N GLN A 101 -0.93 -13.36 -12.65
CA GLN A 101 -0.05 -14.49 -12.91
C GLN A 101 0.06 -14.75 -14.41
N ILE A 102 1.24 -14.47 -14.97
CA ILE A 102 1.45 -14.66 -16.39
C ILE A 102 2.56 -15.69 -16.66
N LYS A 103 3.24 -16.09 -15.60
CA LYS A 103 4.32 -17.08 -15.71
C LYS A 103 5.46 -16.54 -16.58
N TYR A 104 6.60 -16.29 -15.96
CA TYR A 104 7.77 -15.78 -16.67
C TYR A 104 9.06 -16.22 -16.00
N ASN A 105 9.24 -15.83 -14.75
CA ASN A 105 10.44 -16.19 -14.00
C ASN A 105 10.47 -17.69 -13.70
N ALA A 106 9.67 -18.11 -12.74
CA ALA A 106 9.61 -19.52 -12.36
C ALA A 106 8.20 -19.90 -11.89
N SER A 107 7.80 -19.38 -10.75
CA SER A 107 6.49 -19.67 -10.19
C SER A 107 5.49 -18.57 -10.54
N PHE A 108 5.16 -18.46 -11.83
CA PHE A 108 4.21 -17.45 -12.29
C PHE A 108 4.71 -16.04 -11.97
N ARG A 109 3.95 -15.04 -12.41
CA ARG A 109 4.30 -13.65 -12.16
C ARG A 109 3.24 -12.96 -11.32
N TYR A 110 3.48 -12.87 -10.02
CA TYR A 110 2.55 -12.23 -9.11
C TYR A 110 3.00 -10.82 -8.76
N ILE A 111 2.71 -9.88 -9.65
CA ILE A 111 3.09 -8.48 -9.44
C ILE A 111 1.89 -7.65 -9.00
N TYR A 112 2.17 -6.49 -8.41
CA TYR A 112 1.11 -5.61 -7.94
C TYR A 112 1.21 -4.23 -8.60
N PRO A 113 0.16 -3.82 -9.34
CA PRO A 113 0.14 -2.52 -10.01
C PRO A 113 -0.14 -1.38 -9.06
N LEU A 114 -0.31 -0.17 -9.61
CA LEU A 114 -0.60 1.00 -8.81
C LEU A 114 -1.55 1.95 -9.56
N ASP A 115 -2.85 1.81 -9.30
CA ASP A 115 -3.85 2.64 -9.94
C ASP A 115 -4.56 3.52 -8.93
N SER A 116 -5.58 4.24 -9.39
CA SER A 116 -6.34 5.14 -8.52
C SER A 116 -7.17 4.37 -7.50
N LEU A 117 -7.23 3.05 -7.64
CA LEU A 117 -8.01 2.22 -6.72
C LEU A 117 -7.09 1.61 -5.66
N THR A 118 -5.79 1.77 -5.83
CA THR A 118 -4.81 1.23 -4.90
C THR A 118 -4.73 2.08 -3.63
N TRP A 119 -5.20 1.53 -2.51
CA TRP A 119 -5.18 2.24 -1.24
C TRP A 119 -3.76 2.34 -0.69
N ILE A 120 -3.25 3.57 -0.58
CA ILE A 120 -1.90 3.80 -0.07
C ILE A 120 -1.90 4.92 0.97
N GLU A 121 -1.78 4.56 2.24
CA GLU A 121 -1.76 5.54 3.31
C GLU A 121 -0.36 5.68 3.90
N TYR A 122 0.18 6.90 3.87
CA TYR A 122 1.51 7.16 4.40
C TYR A 122 1.60 6.77 5.88
N TRP A 123 2.54 5.89 6.18
CA TRP A 123 2.75 5.44 7.54
C TRP A 123 3.87 6.24 8.20
N PRO A 124 3.52 7.19 9.09
CA PRO A 124 4.50 8.03 9.77
C PRO A 124 5.66 7.23 10.35
N ARG A 125 6.78 7.21 9.63
CA ARG A 125 7.96 6.49 10.07
C ARG A 125 8.47 7.02 11.40
N ASP A 126 8.41 8.35 11.55
CA ASP A 126 8.87 8.99 12.78
C ASP A 126 7.74 9.09 13.80
N THR A 127 8.05 8.75 15.05
CA THR A 127 7.07 8.78 16.12
C THR A 127 7.67 9.35 17.40
N THR A 128 8.93 9.76 17.32
CA THR A 128 9.62 10.33 18.47
C THR A 128 10.42 11.56 18.08
N CYS A 129 10.06 12.17 16.95
CA CYS A 129 10.75 13.36 16.47
C CYS A 129 9.85 14.59 16.60
N SER A 130 8.61 14.46 16.15
CA SER A 130 7.66 15.55 16.21
C SER A 130 6.28 15.04 16.62
N SER A 131 5.25 15.85 16.39
CA SER A 131 3.88 15.49 16.74
C SER A 131 3.26 14.59 15.68
N CYS A 132 4.12 13.96 14.87
CA CYS A 132 3.65 13.07 13.81
C CYS A 132 3.32 11.69 14.37
N GLN A 133 3.48 11.53 15.68
CA GLN A 133 3.19 10.26 16.33
C GLN A 133 1.73 10.17 16.73
N ALA A 134 0.95 11.18 16.34
CA ALA A 134 -0.48 11.21 16.66
C ALA A 134 -1.29 10.42 15.64
N PHE A 135 -0.78 10.37 14.41
CA PHE A 135 -1.45 9.66 13.33
C PHE A 135 -1.42 8.15 13.58
N LEU A 136 -0.39 7.70 14.30
CA LEU A 136 -0.24 6.29 14.61
C LEU A 136 -1.31 5.83 15.60
N ALA A 137 -1.75 6.76 16.44
CA ALA A 137 -2.77 6.45 17.44
C ALA A 137 -4.05 5.98 16.79
N ASN A 138 -4.34 6.51 15.60
CA ASN A 138 -5.54 6.14 14.86
C ASN A 138 -5.33 4.81 14.13
N LEU A 139 -4.08 4.38 14.03
CA LEU A 139 -3.75 3.14 13.37
C LEU A 139 -3.79 1.96 14.34
N ASP A 140 -3.58 2.27 15.63
CA ASP A 140 -3.60 1.24 16.66
C ASP A 140 -4.96 0.58 16.74
N GLU A 141 -6.02 1.38 16.62
CA GLU A 141 -7.38 0.88 16.67
C GLU A 141 -7.68 -0.02 15.47
N PHE A 142 -7.04 0.30 14.34
CA PHE A 142 -7.24 -0.47 13.11
C PHE A 142 -6.41 -1.74 13.15
N ALA A 143 -5.33 -1.72 13.91
CA ALA A 143 -4.44 -2.88 14.03
C ALA A 143 -5.19 -4.09 14.58
N GLU A 144 -5.61 -4.00 15.84
CA GLU A 144 -6.33 -5.08 16.49
C GLU A 144 -7.72 -5.26 15.89
N ASP A 145 -8.09 -4.37 14.97
CA ASP A 145 -9.39 -4.43 14.33
C ASP A 145 -9.42 -5.48 13.23
N ILE A 146 -8.77 -5.17 12.11
CA ILE A 146 -8.71 -6.09 10.98
C ILE A 146 -8.04 -7.41 11.37
N PHE A 147 -7.13 -7.33 12.33
CA PHE A 147 -6.40 -8.50 12.79
C PHE A 147 -7.31 -9.45 13.58
N LEU A 148 -8.18 -8.88 14.40
CA LEU A 148 -9.09 -9.67 15.22
C LEU A 148 -10.51 -9.64 14.66
N ASN A 149 -11.19 -8.51 14.86
CA ASN A 149 -12.55 -8.34 14.39
C ASN A 149 -12.59 -7.96 12.91
N GLY A 150 -11.58 -8.38 12.17
CA GLY A 150 -11.53 -8.06 10.75
C GLY A 150 -12.72 -8.61 9.98
N CYS A 151 -12.99 -8.02 8.82
CA CYS A 151 -14.12 -8.46 8.00
C CYS A 151 -13.93 -9.90 7.53
N GLY A 1 -0.22 21.84 -13.71
CA GLY A 1 -0.29 21.67 -15.19
C GLY A 1 0.01 20.26 -15.63
N SER A 2 0.34 20.10 -16.91
CA SER A 2 0.67 18.78 -17.47
C SER A 2 -0.50 17.82 -17.29
N HIS A 3 -1.70 18.37 -17.11
CA HIS A 3 -2.90 17.57 -16.91
C HIS A 3 -2.80 16.71 -15.67
N MET A 4 -3.53 17.09 -14.62
CA MET A 4 -3.53 16.36 -13.36
C MET A 4 -4.12 14.97 -13.54
N ALA A 5 -3.37 13.96 -13.08
CA ALA A 5 -3.82 12.57 -13.17
C ALA A 5 -3.54 11.83 -11.88
N ASP A 6 -4.50 11.01 -11.45
CA ASP A 6 -4.34 10.25 -10.21
C ASP A 6 -3.43 9.04 -10.43
N CYS A 7 -4.00 7.95 -10.96
CA CYS A 7 -3.24 6.73 -11.20
C CYS A 7 -2.41 6.37 -9.97
N GLY A 8 -3.07 5.80 -8.98
CA GLY A 8 -2.41 5.43 -7.74
C GLY A 8 -2.71 6.42 -6.63
N GLN A 9 -3.97 6.83 -6.57
CA GLN A 9 -4.42 7.78 -5.57
C GLN A 9 -3.98 7.37 -4.17
N MET A 10 -3.09 8.16 -3.58
CA MET A 10 -2.57 7.86 -2.24
C MET A 10 -3.23 8.77 -1.21
N GLN A 11 -2.87 8.59 0.06
CA GLN A 11 -3.42 9.38 1.14
C GLN A 11 -2.44 10.46 1.58
N GLU A 12 -2.96 11.48 2.26
CA GLU A 12 -2.14 12.58 2.74
C GLU A 12 -1.16 12.11 3.82
N GLU A 13 -0.37 13.05 4.34
CA GLU A 13 0.61 12.73 5.38
C GLU A 13 -0.03 12.76 6.75
N LEU A 14 -0.05 13.93 7.36
CA LEU A 14 -0.63 14.09 8.69
C LEU A 14 -2.03 14.70 8.61
N ASP A 15 -3.04 13.84 8.71
CA ASP A 15 -4.43 14.28 8.65
C ASP A 15 -5.31 13.39 9.53
N LEU A 16 -5.66 13.90 10.71
CA LEU A 16 -6.48 13.15 11.65
C LEU A 16 -7.96 13.25 11.26
N THR A 17 -8.22 13.82 10.09
CA THR A 17 -9.59 13.96 9.61
C THR A 17 -10.22 12.60 9.31
N ILE A 18 -9.37 11.63 8.99
CA ILE A 18 -9.84 10.29 8.68
C ILE A 18 -9.81 9.39 9.91
N SER A 19 -10.90 8.68 10.14
CA SER A 19 -11.00 7.79 11.30
C SER A 19 -10.40 6.42 10.99
N ALA A 20 -10.38 5.55 11.99
CA ALA A 20 -9.83 4.21 11.82
C ALA A 20 -10.85 3.28 11.15
N GLU A 21 -12.13 3.54 11.41
CA GLU A 21 -13.20 2.73 10.84
C GLU A 21 -13.46 3.13 9.39
N THR A 22 -13.22 4.39 9.08
CA THR A 22 -13.42 4.90 7.72
C THR A 22 -12.53 4.19 6.73
N ARG A 23 -11.40 3.68 7.21
CA ARG A 23 -10.44 2.96 6.38
C ARG A 23 -10.68 1.46 6.44
N LYS A 24 -11.07 0.98 7.61
CA LYS A 24 -11.32 -0.45 7.81
C LYS A 24 -12.51 -0.91 6.95
N GLN A 25 -13.53 -0.07 6.86
CA GLN A 25 -14.71 -0.40 6.07
C GLN A 25 -14.33 -0.63 4.62
N THR A 26 -13.14 -0.16 4.24
CA THR A 26 -12.66 -0.32 2.88
C THR A 26 -12.06 -1.71 2.68
N ALA A 27 -11.32 -2.17 3.69
CA ALA A 27 -10.69 -3.49 3.63
C ALA A 27 -11.74 -4.60 3.55
N CYS A 28 -12.90 -4.35 4.14
CA CYS A 28 -13.98 -5.33 4.13
C CYS A 28 -14.66 -5.38 2.77
N LYS A 29 -14.55 -4.30 2.00
CA LYS A 29 -15.16 -4.23 0.69
C LYS A 29 -14.58 -5.31 -0.24
N PRO A 30 -15.40 -5.81 -1.19
CA PRO A 30 -14.97 -6.85 -2.13
C PRO A 30 -13.90 -6.33 -3.10
N GLU A 31 -13.71 -5.02 -3.12
CA GLU A 31 -12.71 -4.41 -3.99
C GLU A 31 -11.32 -4.48 -3.38
N ILE A 32 -11.23 -5.10 -2.21
CA ILE A 32 -9.96 -5.24 -1.52
C ILE A 32 -9.70 -6.69 -1.13
N ALA A 33 -8.68 -7.29 -1.74
CA ALA A 33 -8.33 -8.68 -1.46
C ALA A 33 -7.46 -8.80 -0.21
N TYR A 34 -6.28 -8.19 -0.26
CA TYR A 34 -5.36 -8.25 0.85
C TYR A 34 -5.32 -6.93 1.63
N ALA A 35 -4.86 -7.02 2.87
CA ALA A 35 -4.76 -5.85 3.74
C ALA A 35 -3.60 -6.02 4.72
N TYR A 36 -2.46 -5.41 4.40
CA TYR A 36 -1.29 -5.52 5.25
C TYR A 36 -0.44 -4.25 5.19
N LYS A 37 0.63 -4.24 5.99
CA LYS A 37 1.55 -3.12 6.04
C LYS A 37 2.93 -3.53 5.55
N VAL A 38 3.52 -2.71 4.68
CA VAL A 38 4.84 -3.00 4.13
C VAL A 38 5.77 -1.81 4.26
N SER A 39 6.96 -1.92 3.66
CA SER A 39 7.95 -0.85 3.71
C SER A 39 8.85 -0.90 2.47
N ILE A 40 8.95 0.23 1.78
CA ILE A 40 9.79 0.32 0.57
C ILE A 40 11.23 -0.01 0.91
N THR A 41 11.93 -0.64 -0.04
CA THR A 41 13.33 -1.01 0.16
C THR A 41 14.19 -0.62 -1.03
N SER A 42 13.54 -0.34 -2.16
CA SER A 42 14.27 0.05 -3.37
C SER A 42 13.36 0.74 -4.38
N ILE A 43 13.97 1.49 -5.29
CA ILE A 43 13.22 2.21 -6.31
C ILE A 43 13.92 2.08 -7.67
N THR A 44 13.28 1.39 -8.60
CA THR A 44 13.84 1.19 -9.93
C THR A 44 13.22 2.15 -10.95
N VAL A 45 14.06 2.72 -11.80
CA VAL A 45 13.59 3.66 -12.82
C VAL A 45 14.24 3.36 -14.17
N GLU A 46 13.42 3.12 -15.18
CA GLU A 46 13.91 2.81 -16.52
C GLU A 46 13.77 4.02 -17.44
N ASN A 47 12.57 4.21 -17.97
CA ASN A 47 12.29 5.33 -18.87
C ASN A 47 10.84 5.79 -18.76
N VAL A 48 9.92 4.93 -19.20
CA VAL A 48 8.50 5.25 -19.15
C VAL A 48 7.80 4.48 -18.03
N PHE A 49 8.26 3.26 -17.78
CA PHE A 49 7.68 2.42 -16.74
C PHE A 49 8.51 2.47 -15.46
N VAL A 50 7.93 3.04 -14.41
CA VAL A 50 8.60 3.15 -13.13
C VAL A 50 8.29 1.94 -12.24
N LYS A 51 9.24 1.55 -11.41
CA LYS A 51 9.04 0.40 -10.53
C LYS A 51 9.48 0.72 -9.10
N TYR A 52 8.86 0.04 -8.13
CA TYR A 52 9.19 0.25 -6.73
C TYR A 52 9.25 -1.09 -5.99
N LYS A 53 10.45 -1.46 -5.55
CA LYS A 53 10.64 -2.71 -4.83
C LYS A 53 10.45 -2.50 -3.32
N ALA A 54 9.58 -3.31 -2.72
CA ALA A 54 9.32 -3.20 -1.29
C ALA A 54 9.16 -4.56 -0.64
N THR A 55 9.32 -4.60 0.68
CA THR A 55 9.20 -5.83 1.44
C THR A 55 7.98 -5.78 2.37
N LEU A 56 7.25 -6.89 2.43
CA LEU A 56 6.09 -6.97 3.30
C LEU A 56 6.56 -7.03 4.75
N LEU A 57 5.86 -6.34 5.63
CA LEU A 57 6.23 -6.34 7.05
C LEU A 57 5.38 -7.34 7.81
N ASP A 58 4.07 -7.16 7.73
CA ASP A 58 3.12 -8.04 8.41
C ASP A 58 1.78 -8.03 7.69
N ILE A 59 1.08 -9.17 7.72
CA ILE A 59 -0.22 -9.28 7.06
C ILE A 59 -1.37 -9.29 8.05
N TYR A 60 -2.36 -8.43 7.81
CA TYR A 60 -3.53 -8.36 8.67
C TYR A 60 -4.70 -9.07 8.00
N LYS A 61 -4.59 -9.25 6.69
CA LYS A 61 -5.61 -9.92 5.90
C LYS A 61 -4.96 -10.65 4.72
N THR A 62 -5.04 -11.98 4.75
CA THR A 62 -4.45 -12.81 3.70
C THR A 62 -4.82 -12.30 2.31
N GLY A 63 -3.90 -12.48 1.37
CA GLY A 63 -4.11 -12.04 0.00
C GLY A 63 -4.50 -13.19 -0.90
N GLU A 64 -5.53 -12.99 -1.73
CA GLU A 64 -5.99 -14.02 -2.64
C GLU A 64 -4.87 -14.44 -3.58
N ALA A 65 -3.93 -13.53 -3.82
CA ALA A 65 -2.79 -13.83 -4.69
C ALA A 65 -1.63 -14.37 -3.88
N VAL A 66 -1.95 -15.23 -2.91
CA VAL A 66 -0.95 -15.83 -2.05
C VAL A 66 -0.13 -14.77 -1.33
N ALA A 67 -0.60 -14.35 -0.16
CA ALA A 67 0.09 -13.34 0.63
C ALA A 67 0.76 -13.97 1.83
N GLU A 68 2.05 -13.69 2.01
CA GLU A 68 2.81 -14.23 3.12
C GLU A 68 3.53 -13.13 3.88
N LYS A 69 3.62 -13.28 5.19
CA LYS A 69 4.30 -12.29 6.04
C LYS A 69 5.74 -12.12 5.60
N ASP A 70 6.14 -10.87 5.36
CA ASP A 70 7.50 -10.57 4.95
C ASP A 70 7.79 -11.18 3.58
N SER A 71 6.82 -11.06 2.67
CA SER A 71 6.96 -11.58 1.32
C SER A 71 7.61 -10.54 0.40
N GLU A 72 7.53 -10.79 -0.90
CA GLU A 72 8.10 -9.88 -1.88
C GLU A 72 7.01 -9.22 -2.72
N ILE A 73 7.12 -7.91 -2.92
CA ILE A 73 6.13 -7.18 -3.70
C ILE A 73 6.79 -6.15 -4.61
N THR A 74 6.26 -6.01 -5.82
CA THR A 74 6.80 -5.06 -6.79
C THR A 74 5.67 -4.25 -7.43
N PHE A 75 5.72 -2.94 -7.28
CA PHE A 75 4.70 -2.06 -7.84
C PHE A 75 5.25 -1.24 -9.00
N ILE A 76 4.67 -1.43 -10.18
CA ILE A 76 5.10 -0.71 -11.38
C ILE A 76 4.10 0.38 -11.74
N LYS A 77 4.49 1.25 -12.66
CA LYS A 77 3.62 2.35 -13.10
C LYS A 77 4.19 3.04 -14.33
N LYS A 78 3.59 4.16 -14.70
CA LYS A 78 4.02 4.93 -15.86
C LYS A 78 4.55 6.30 -15.42
N VAL A 79 4.90 7.14 -16.40
CA VAL A 79 5.40 8.47 -16.12
C VAL A 79 4.30 9.52 -16.19
N THR A 80 3.05 9.05 -16.16
CA THR A 80 1.90 9.94 -16.23
C THR A 80 1.18 10.01 -14.89
N CYS A 81 1.33 8.97 -14.07
CA CYS A 81 0.70 8.92 -12.76
C CYS A 81 1.32 9.94 -11.81
N THR A 82 0.79 11.16 -11.82
CA THR A 82 1.30 12.21 -10.95
C THR A 82 0.52 12.27 -9.64
N ASN A 83 0.69 11.24 -8.82
CA ASN A 83 0.01 11.17 -7.53
C ASN A 83 0.51 9.99 -6.71
N ALA A 84 0.93 8.93 -7.40
CA ALA A 84 1.43 7.74 -6.73
C ALA A 84 2.95 7.76 -6.62
N GLU A 85 3.45 8.20 -5.47
CA GLU A 85 4.88 8.28 -5.23
C GLU A 85 5.27 7.54 -3.96
N LEU A 86 6.36 6.79 -4.01
CA LEU A 86 6.84 6.03 -2.87
C LEU A 86 8.27 6.40 -2.51
N VAL A 87 8.55 6.50 -1.21
CA VAL A 87 9.88 6.85 -0.75
C VAL A 87 10.63 5.62 -0.27
N LYS A 88 11.88 5.49 -0.70
CA LYS A 88 12.71 4.35 -0.32
C LYS A 88 12.89 4.28 1.20
N GLY A 89 12.72 3.10 1.76
CA GLY A 89 12.86 2.92 3.19
C GLY A 89 11.82 3.69 3.99
N ARG A 90 10.56 3.31 3.81
CA ARG A 90 9.46 3.96 4.51
C ARG A 90 8.25 3.03 4.59
N GLN A 91 7.51 3.13 5.70
CA GLN A 91 6.34 2.28 5.91
C GLN A 91 5.10 2.86 5.23
N TYR A 92 4.34 1.99 4.59
CA TYR A 92 3.11 2.40 3.89
C TYR A 92 2.04 1.31 3.98
N LEU A 93 0.80 1.73 4.17
CA LEU A 93 -0.32 0.79 4.26
C LEU A 93 -0.84 0.46 2.87
N ILE A 94 -1.12 -0.82 2.63
CA ILE A 94 -1.62 -1.26 1.33
C ILE A 94 -2.80 -2.23 1.47
N MET A 95 -3.90 -1.88 0.81
CA MET A 95 -5.11 -2.72 0.83
C MET A 95 -5.77 -2.68 -0.54
N GLY A 96 -5.82 -3.82 -1.22
CA GLY A 96 -6.43 -3.86 -2.54
C GLY A 96 -6.60 -5.27 -3.08
N LYS A 97 -7.16 -5.37 -4.28
CA LYS A 97 -7.39 -6.66 -4.92
C LYS A 97 -6.09 -7.43 -5.09
N GLU A 98 -6.20 -8.70 -5.49
CA GLU A 98 -5.03 -9.55 -5.68
C GLU A 98 -4.11 -8.99 -6.76
N ALA A 99 -2.98 -9.66 -6.96
CA ALA A 99 -2.01 -9.22 -7.96
C ALA A 99 -2.24 -9.94 -9.29
N LEU A 100 -1.37 -9.66 -10.25
CA LEU A 100 -1.47 -10.26 -11.58
C LEU A 100 -0.85 -11.66 -11.58
N GLN A 101 -0.57 -12.17 -12.78
CA GLN A 101 0.02 -13.49 -12.93
C GLN A 101 0.95 -13.52 -14.14
N ILE A 102 2.24 -13.30 -13.89
CA ILE A 102 3.22 -13.28 -14.96
C ILE A 102 4.14 -14.49 -14.88
N LYS A 103 3.71 -15.53 -14.17
CA LYS A 103 4.48 -16.75 -14.02
C LYS A 103 4.92 -17.28 -15.39
N TYR A 104 6.07 -17.97 -15.42
CA TYR A 104 6.58 -18.51 -16.66
C TYR A 104 7.68 -19.54 -16.40
N ASN A 105 7.86 -19.88 -15.12
CA ASN A 105 8.87 -20.85 -14.73
C ASN A 105 8.62 -21.37 -13.32
N ALA A 106 9.65 -21.95 -12.71
CA ALA A 106 9.53 -22.49 -11.35
C ALA A 106 9.38 -21.37 -10.32
N SER A 107 9.28 -20.14 -10.80
CA SER A 107 9.13 -18.98 -9.92
C SER A 107 8.19 -17.94 -10.52
N PHE A 108 6.91 -18.03 -10.17
CA PHE A 108 5.91 -17.10 -10.67
C PHE A 108 6.29 -15.65 -10.33
N ARG A 109 5.68 -14.71 -11.04
CA ARG A 109 5.96 -13.30 -10.81
C ARG A 109 4.66 -12.50 -10.71
N TYR A 110 4.21 -12.27 -9.49
CA TYR A 110 2.98 -11.50 -9.26
C TYR A 110 3.29 -10.03 -9.02
N ILE A 111 3.11 -9.21 -10.05
CA ILE A 111 3.37 -7.78 -9.95
C ILE A 111 2.07 -6.99 -9.81
N TYR A 112 2.18 -5.76 -9.36
CA TYR A 112 1.01 -4.90 -9.18
C TYR A 112 1.03 -3.74 -10.17
N PRO A 113 -0.14 -3.40 -10.75
CA PRO A 113 -0.24 -2.30 -11.72
C PRO A 113 -0.17 -0.94 -11.06
N LEU A 114 -0.46 -0.91 -9.76
CA LEU A 114 -0.43 0.33 -8.98
C LEU A 114 -1.36 1.38 -9.59
N ASP A 115 -2.56 1.48 -9.03
CA ASP A 115 -3.54 2.44 -9.51
C ASP A 115 -4.41 2.96 -8.36
N SER A 116 -5.50 3.64 -8.71
CA SER A 116 -6.41 4.19 -7.72
C SER A 116 -6.99 3.10 -6.83
N LEU A 117 -7.17 1.91 -7.40
CA LEU A 117 -7.71 0.78 -6.66
C LEU A 117 -6.81 0.41 -5.49
N THR A 118 -5.52 0.69 -5.65
CA THR A 118 -4.54 0.38 -4.61
C THR A 118 -4.60 1.39 -3.47
N TRP A 119 -5.15 0.99 -2.34
CA TRP A 119 -5.26 1.86 -1.18
C TRP A 119 -3.90 2.00 -0.48
N ILE A 120 -3.26 3.14 -0.69
CA ILE A 120 -1.95 3.40 -0.08
C ILE A 120 -2.02 4.58 0.87
N GLU A 121 -1.42 4.41 2.05
CA GLU A 121 -1.41 5.46 3.06
C GLU A 121 -0.01 5.61 3.66
N TYR A 122 0.34 6.84 3.99
CA TYR A 122 1.65 7.14 4.59
C TYR A 122 1.68 6.75 6.06
N TRP A 123 2.57 5.83 6.40
CA TRP A 123 2.71 5.37 7.78
C TRP A 123 3.97 5.99 8.40
N PRO A 124 3.81 7.03 9.23
CA PRO A 124 4.92 7.72 9.88
C PRO A 124 5.92 6.73 10.49
N ARG A 125 7.11 6.67 9.89
CA ARG A 125 8.16 5.76 10.36
C ARG A 125 8.33 5.86 11.87
N ASP A 126 8.20 7.06 12.41
CA ASP A 126 8.35 7.28 13.85
C ASP A 126 7.42 8.38 14.34
N THR A 127 7.42 8.62 15.65
CA THR A 127 6.58 9.65 16.25
C THR A 127 7.29 11.00 16.26
N THR A 128 8.59 10.99 16.54
CA THR A 128 9.38 12.21 16.58
C THR A 128 9.84 12.62 15.19
N CYS A 129 9.58 11.76 14.21
CA CYS A 129 9.97 12.03 12.84
C CYS A 129 9.12 13.16 12.24
N SER A 130 7.81 12.97 12.26
CA SER A 130 6.90 13.97 11.74
C SER A 130 6.52 14.99 12.81
N SER A 131 7.15 14.87 13.98
CA SER A 131 6.89 15.77 15.09
C SER A 131 5.42 15.73 15.51
N CYS A 132 4.73 14.68 15.08
CA CYS A 132 3.31 14.50 15.42
C CYS A 132 2.94 13.03 15.49
N GLN A 133 2.76 12.53 16.70
CA GLN A 133 2.40 11.13 16.91
C GLN A 133 0.89 10.97 17.01
N ALA A 134 0.17 12.07 16.82
CA ALA A 134 -1.29 12.05 16.90
C ALA A 134 -1.88 11.20 15.77
N PHE A 135 -1.05 10.90 14.78
CA PHE A 135 -1.47 10.10 13.64
C PHE A 135 -1.22 8.61 13.89
N LEU A 136 -0.16 8.32 14.63
CA LEU A 136 0.19 6.94 14.96
C LEU A 136 -0.78 6.35 15.96
N ALA A 137 -1.44 7.22 16.72
CA ALA A 137 -2.41 6.78 17.72
C ALA A 137 -3.71 6.32 17.06
N ASN A 138 -3.93 6.76 15.83
CA ASN A 138 -5.12 6.39 15.08
C ASN A 138 -4.92 5.07 14.35
N LEU A 139 -3.80 4.96 13.65
CA LEU A 139 -3.49 3.74 12.90
C LEU A 139 -3.31 2.56 13.84
N ASP A 140 -2.92 2.85 15.08
CA ASP A 140 -2.72 1.81 16.07
C ASP A 140 -4.04 1.12 16.40
N GLU A 141 -5.14 1.85 16.18
CA GLU A 141 -6.47 1.31 16.45
C GLU A 141 -6.87 0.30 15.37
N PHE A 142 -6.44 0.56 14.15
CA PHE A 142 -6.75 -0.31 13.03
C PHE A 142 -5.94 -1.60 13.11
N ALA A 143 -4.79 -1.53 13.79
CA ALA A 143 -3.91 -2.69 13.95
C ALA A 143 -4.64 -3.83 14.66
N GLU A 144 -5.02 -3.58 15.91
CA GLU A 144 -5.71 -4.59 16.70
C GLU A 144 -7.15 -4.78 16.23
N ASP A 145 -7.59 -3.92 15.33
CA ASP A 145 -8.95 -3.99 14.80
C ASP A 145 -9.09 -5.15 13.82
N ILE A 146 -8.45 -5.04 12.67
CA ILE A 146 -8.50 -6.08 11.66
C ILE A 146 -7.89 -7.38 12.18
N PHE A 147 -6.97 -7.25 13.13
CA PHE A 147 -6.30 -8.40 13.71
C PHE A 147 -7.25 -9.19 14.62
N LEU A 148 -7.85 -8.50 15.57
CA LEU A 148 -8.78 -9.13 16.50
C LEU A 148 -10.17 -9.28 15.89
N ASN A 149 -10.79 -8.15 15.60
CA ASN A 149 -12.12 -8.13 15.02
C ASN A 149 -12.12 -8.76 13.63
N GLY A 150 -11.55 -8.05 12.66
CA GLY A 150 -11.49 -8.55 11.30
C GLY A 150 -12.84 -8.51 10.61
N CYS A 151 -12.82 -8.40 9.28
CA CYS A 151 -14.04 -8.35 8.50
C CYS A 151 -14.82 -9.66 8.61
N GLY A 1 -7.87 11.73 -23.02
CA GLY A 1 -7.28 11.75 -21.65
C GLY A 1 -6.86 13.14 -21.22
N SER A 2 -5.97 13.21 -20.23
CA SER A 2 -5.49 14.49 -19.74
C SER A 2 -4.03 14.39 -19.30
N HIS A 3 -3.48 15.50 -18.83
CA HIS A 3 -2.09 15.53 -18.37
C HIS A 3 -1.97 15.11 -16.91
N MET A 4 -2.93 15.56 -16.10
CA MET A 4 -2.94 15.23 -14.69
C MET A 4 -3.80 13.99 -14.42
N ALA A 5 -3.31 13.12 -13.53
CA ALA A 5 -4.03 11.91 -13.19
C ALA A 5 -3.81 11.53 -11.73
N ASP A 6 -4.84 11.00 -11.09
CA ASP A 6 -4.75 10.60 -9.69
C ASP A 6 -4.36 9.13 -9.57
N CYS A 7 -3.62 8.63 -10.55
CA CYS A 7 -3.18 7.23 -10.53
C CYS A 7 -2.54 6.89 -9.19
N GLY A 8 -3.27 6.15 -8.37
CA GLY A 8 -2.77 5.78 -7.06
C GLY A 8 -2.93 6.90 -6.06
N GLN A 9 -4.08 7.55 -6.11
CA GLN A 9 -4.40 8.66 -5.21
C GLN A 9 -4.00 8.33 -3.77
N MET A 10 -3.04 9.10 -3.24
CA MET A 10 -2.58 8.89 -1.88
C MET A 10 -3.22 9.89 -0.93
N GLN A 11 -3.32 9.51 0.34
CA GLN A 11 -3.92 10.38 1.36
C GLN A 11 -2.86 11.24 2.04
N GLU A 12 -3.30 12.09 2.96
CA GLU A 12 -2.39 12.97 3.68
C GLU A 12 -1.50 12.18 4.63
N GLU A 13 -0.27 12.66 4.84
CA GLU A 13 0.67 11.99 5.71
C GLU A 13 0.22 12.09 7.16
N LEU A 14 -0.64 13.06 7.44
CA LEU A 14 -1.16 13.26 8.79
C LEU A 14 -2.57 13.83 8.74
N ASP A 15 -3.56 12.96 8.93
CA ASP A 15 -4.96 13.37 8.90
C ASP A 15 -5.72 12.78 10.08
N LEU A 16 -6.00 13.61 11.08
CA LEU A 16 -6.72 13.17 12.26
C LEU A 16 -8.23 13.13 12.01
N THR A 17 -8.62 13.28 10.75
CA THR A 17 -10.02 13.26 10.38
C THR A 17 -10.51 11.84 10.13
N ILE A 18 -9.68 11.04 9.48
CA ILE A 18 -10.02 9.66 9.18
C ILE A 18 -9.85 8.77 10.41
N SER A 19 -10.87 7.97 10.71
CA SER A 19 -10.82 7.08 11.86
C SER A 19 -10.22 5.73 11.49
N ALA A 20 -10.25 4.79 12.43
CA ALA A 20 -9.71 3.46 12.20
C ALA A 20 -10.74 2.54 11.57
N GLU A 21 -11.92 3.08 11.31
CA GLU A 21 -13.00 2.30 10.71
C GLU A 21 -13.40 2.87 9.35
N THR A 22 -13.25 4.18 9.19
CA THR A 22 -13.60 4.85 7.95
C THR A 22 -12.73 4.36 6.80
N ARG A 23 -11.45 4.09 7.09
CA ARG A 23 -10.51 3.62 6.08
C ARG A 23 -10.35 2.11 6.15
N LYS A 24 -10.99 1.49 7.14
CA LYS A 24 -10.91 0.05 7.31
C LYS A 24 -11.94 -0.65 6.44
N GLN A 25 -13.07 0.01 6.20
CA GLN A 25 -14.13 -0.55 5.37
C GLN A 25 -13.58 -0.96 4.02
N THR A 26 -12.51 -0.30 3.59
CA THR A 26 -11.87 -0.59 2.32
C THR A 26 -11.08 -1.89 2.39
N ALA A 27 -10.53 -2.16 3.56
CA ALA A 27 -9.74 -3.37 3.78
C ALA A 27 -10.60 -4.63 3.70
N CYS A 28 -11.88 -4.45 3.40
CA CYS A 28 -12.80 -5.59 3.31
C CYS A 28 -13.62 -5.53 2.02
N LYS A 29 -13.57 -4.39 1.33
CA LYS A 29 -14.32 -4.22 0.09
C LYS A 29 -13.87 -5.25 -0.96
N PRO A 30 -14.77 -5.59 -1.91
CA PRO A 30 -14.46 -6.57 -2.96
C PRO A 30 -13.34 -6.09 -3.88
N GLU A 31 -13.21 -4.78 -4.01
CA GLU A 31 -12.18 -4.19 -4.85
C GLU A 31 -10.80 -4.36 -4.21
N ILE A 32 -10.79 -4.75 -2.94
CA ILE A 32 -9.55 -4.96 -2.20
C ILE A 32 -9.37 -6.41 -1.81
N ALA A 33 -8.16 -6.93 -2.01
CA ALA A 33 -7.86 -8.32 -1.68
C ALA A 33 -7.04 -8.42 -0.40
N TYR A 34 -5.81 -7.92 -0.45
CA TYR A 34 -4.91 -7.97 0.70
C TYR A 34 -4.90 -6.64 1.45
N ALA A 35 -4.50 -6.70 2.71
CA ALA A 35 -4.42 -5.52 3.56
C ALA A 35 -3.26 -5.66 4.54
N TYR A 36 -2.13 -5.05 4.22
CA TYR A 36 -0.95 -5.13 5.08
C TYR A 36 -0.07 -3.90 4.95
N LYS A 37 0.91 -3.79 5.85
CA LYS A 37 1.84 -2.68 5.84
C LYS A 37 3.19 -3.09 5.25
N VAL A 38 3.76 -2.23 4.42
CA VAL A 38 5.05 -2.51 3.78
C VAL A 38 5.96 -1.30 3.80
N SER A 39 7.19 -1.48 3.34
CA SER A 39 8.17 -0.39 3.29
C SER A 39 9.01 -0.48 2.03
N ILE A 40 9.33 0.67 1.45
CA ILE A 40 10.14 0.73 0.25
C ILE A 40 11.63 0.70 0.59
N THR A 41 12.40 -0.07 -0.16
CA THR A 41 13.83 -0.20 0.07
C THR A 41 14.63 0.00 -1.21
N SER A 42 14.14 -0.59 -2.29
CA SER A 42 14.81 -0.49 -3.58
C SER A 42 13.93 0.18 -4.62
N ILE A 43 14.54 0.99 -5.47
CA ILE A 43 13.82 1.70 -6.53
C ILE A 43 14.59 1.64 -7.85
N THR A 44 13.90 1.25 -8.91
CA THR A 44 14.53 1.15 -10.23
C THR A 44 13.61 1.71 -11.31
N VAL A 45 14.20 2.45 -12.25
CA VAL A 45 13.44 3.04 -13.34
C VAL A 45 13.96 2.56 -14.70
N GLU A 46 13.06 2.00 -15.50
CA GLU A 46 13.43 1.49 -16.82
C GLU A 46 13.24 2.56 -17.89
N ASN A 47 12.00 2.71 -18.36
CA ASN A 47 11.69 3.70 -19.38
C ASN A 47 10.26 4.21 -19.24
N VAL A 48 9.30 3.37 -19.57
CA VAL A 48 7.88 3.73 -19.47
C VAL A 48 7.26 3.16 -18.20
N PHE A 49 7.74 2.00 -17.77
CA PHE A 49 7.22 1.35 -16.58
C PHE A 49 8.24 1.42 -15.43
N VAL A 50 7.91 2.16 -14.40
CA VAL A 50 8.78 2.31 -13.24
C VAL A 50 8.62 1.13 -12.29
N LYS A 51 9.75 0.56 -11.87
CA LYS A 51 9.75 -0.59 -10.97
C LYS A 51 9.98 -0.18 -9.52
N TYR A 52 9.32 -0.86 -8.60
CA TYR A 52 9.46 -0.58 -7.17
C TYR A 52 9.48 -1.87 -6.36
N LYS A 53 10.56 -2.07 -5.60
CA LYS A 53 10.70 -3.26 -4.78
C LYS A 53 10.53 -2.91 -3.31
N ALA A 54 9.62 -3.62 -2.63
CA ALA A 54 9.35 -3.37 -1.22
C ALA A 54 9.31 -4.66 -0.41
N THR A 55 9.09 -4.53 0.89
CA THR A 55 9.03 -5.67 1.79
C THR A 55 7.77 -5.62 2.65
N LEU A 56 7.18 -6.79 2.89
CA LEU A 56 5.95 -6.89 3.68
C LEU A 56 6.28 -6.80 5.17
N LEU A 57 6.11 -5.62 5.74
CA LEU A 57 6.39 -5.41 7.16
C LEU A 57 5.55 -6.34 8.02
N ASP A 58 4.28 -6.46 7.69
CA ASP A 58 3.37 -7.33 8.44
C ASP A 58 2.02 -7.44 7.74
N ILE A 59 1.41 -8.63 7.80
CA ILE A 59 0.13 -8.86 7.16
C ILE A 59 -1.04 -8.69 8.13
N TYR A 60 -2.03 -7.92 7.71
CA TYR A 60 -3.22 -7.68 8.51
C TYR A 60 -4.39 -8.44 7.89
N LYS A 61 -4.21 -8.80 6.62
CA LYS A 61 -5.22 -9.53 5.87
C LYS A 61 -4.56 -10.27 4.71
N THR A 62 -4.58 -11.61 4.79
CA THR A 62 -3.97 -12.44 3.75
C THR A 62 -4.35 -11.98 2.35
N GLY A 63 -3.43 -12.16 1.41
CA GLY A 63 -3.65 -11.76 0.04
C GLY A 63 -3.81 -12.96 -0.89
N GLU A 64 -4.80 -12.89 -1.77
CA GLU A 64 -5.06 -13.98 -2.72
C GLU A 64 -3.87 -14.16 -3.65
N ALA A 65 -3.02 -13.13 -3.73
CA ALA A 65 -1.84 -13.18 -4.57
C ALA A 65 -0.68 -13.81 -3.82
N VAL A 66 -0.96 -14.87 -3.09
CA VAL A 66 0.05 -15.57 -2.31
C VAL A 66 0.79 -14.60 -1.39
N ALA A 67 0.11 -14.16 -0.33
CA ALA A 67 0.71 -13.23 0.62
C ALA A 67 1.42 -13.98 1.73
N GLU A 68 2.49 -13.39 2.24
CA GLU A 68 3.26 -14.03 3.30
C GLU A 68 4.01 -12.98 4.13
N LYS A 69 3.99 -13.17 5.45
CA LYS A 69 4.66 -12.25 6.36
C LYS A 69 6.08 -11.96 5.90
N ASP A 70 6.36 -10.70 5.58
CA ASP A 70 7.68 -10.29 5.13
C ASP A 70 8.02 -10.94 3.79
N SER A 71 7.09 -10.85 2.85
CA SER A 71 7.28 -11.41 1.51
C SER A 71 7.94 -10.38 0.59
N GLU A 72 7.90 -10.66 -0.70
CA GLU A 72 8.48 -9.75 -1.69
C GLU A 72 7.41 -9.24 -2.65
N ILE A 73 7.20 -7.91 -2.64
CA ILE A 73 6.21 -7.29 -3.49
C ILE A 73 6.87 -6.39 -4.55
N THR A 74 6.29 -6.37 -5.74
CA THR A 74 6.82 -5.56 -6.83
C THR A 74 5.75 -4.65 -7.42
N PHE A 75 5.78 -3.38 -7.02
CA PHE A 75 4.81 -2.40 -7.52
C PHE A 75 5.40 -1.59 -8.65
N ILE A 76 4.63 -1.39 -9.72
CA ILE A 76 5.09 -0.63 -10.87
C ILE A 76 4.03 0.37 -11.34
N LYS A 77 4.50 1.44 -11.96
CA LYS A 77 3.60 2.47 -12.47
C LYS A 77 3.87 2.77 -13.94
N LYS A 78 2.99 3.55 -14.56
CA LYS A 78 3.13 3.92 -15.96
C LYS A 78 3.88 5.24 -16.13
N VAL A 79 4.78 5.52 -15.19
CA VAL A 79 5.59 6.75 -15.21
C VAL A 79 4.72 7.98 -15.47
N THR A 80 3.42 7.85 -15.23
CA THR A 80 2.50 8.96 -15.43
C THR A 80 1.76 9.31 -14.13
N CYS A 81 1.67 8.34 -13.23
CA CYS A 81 1.00 8.52 -11.96
C CYS A 81 1.68 9.63 -11.15
N THR A 82 0.97 10.74 -10.98
CA THR A 82 1.51 11.88 -10.24
C THR A 82 1.06 11.86 -8.79
N ASN A 83 -0.15 11.36 -8.55
CA ASN A 83 -0.70 11.29 -7.20
C ASN A 83 -0.13 10.10 -6.44
N ALA A 84 0.85 9.42 -7.04
CA ALA A 84 1.48 8.27 -6.41
C ALA A 84 2.99 8.30 -6.59
N GLU A 85 3.71 8.55 -5.49
CA GLU A 85 5.16 8.61 -5.53
C GLU A 85 5.77 7.82 -4.37
N LEU A 86 6.36 6.68 -4.68
CA LEU A 86 6.98 5.83 -3.66
C LEU A 86 8.46 6.15 -3.51
N VAL A 87 8.95 6.14 -2.27
CA VAL A 87 10.34 6.43 -1.98
C VAL A 87 10.89 5.48 -0.93
N LYS A 88 12.13 5.05 -1.13
CA LYS A 88 12.79 4.13 -0.20
C LYS A 88 13.05 4.80 1.14
N GLY A 89 13.15 4.00 2.19
CA GLY A 89 13.41 4.53 3.51
C GLY A 89 12.12 4.78 4.29
N ARG A 90 11.06 5.12 3.59
CA ARG A 90 9.77 5.39 4.21
C ARG A 90 8.88 4.16 4.21
N GLN A 91 7.75 4.25 4.91
CA GLN A 91 6.81 3.14 4.99
C GLN A 91 5.43 3.57 4.48
N TYR A 92 4.74 2.65 3.82
CA TYR A 92 3.41 2.93 3.27
C TYR A 92 2.47 1.73 3.44
N LEU A 93 1.21 2.03 3.75
CA LEU A 93 0.21 0.98 3.92
C LEU A 93 -0.47 0.69 2.58
N ILE A 94 -0.50 -0.57 2.18
CA ILE A 94 -1.10 -0.97 0.92
C ILE A 94 -2.22 -1.99 1.09
N MET A 95 -3.36 -1.71 0.45
CA MET A 95 -4.51 -2.59 0.50
C MET A 95 -5.24 -2.56 -0.84
N GLY A 96 -5.26 -3.69 -1.54
CA GLY A 96 -5.93 -3.73 -2.84
C GLY A 96 -5.97 -5.12 -3.47
N LYS A 97 -6.40 -5.16 -4.73
CA LYS A 97 -6.51 -6.41 -5.47
C LYS A 97 -5.26 -7.27 -5.33
N GLU A 98 -5.41 -8.56 -5.58
CA GLU A 98 -4.29 -9.50 -5.47
C GLU A 98 -3.43 -9.48 -6.72
N ALA A 99 -3.12 -8.28 -7.22
CA ALA A 99 -2.30 -8.13 -8.40
C ALA A 99 -2.77 -9.01 -9.55
N LEU A 100 -1.92 -9.17 -10.56
CA LEU A 100 -2.23 -10.00 -11.71
C LEU A 100 -1.67 -11.41 -11.52
N GLN A 101 -2.05 -12.32 -12.41
CA GLN A 101 -1.58 -13.70 -12.33
C GLN A 101 -0.99 -14.15 -13.66
N ILE A 102 -0.94 -13.24 -14.62
CA ILE A 102 -0.39 -13.55 -15.94
C ILE A 102 0.26 -12.33 -16.59
N LYS A 103 1.49 -12.05 -16.17
CA LYS A 103 2.22 -10.91 -16.70
C LYS A 103 2.58 -11.13 -18.17
N TYR A 104 2.50 -12.39 -18.59
CA TYR A 104 2.81 -12.75 -19.98
C TYR A 104 1.58 -13.32 -20.68
N ASN A 105 1.70 -13.54 -21.98
CA ASN A 105 0.59 -14.09 -22.78
C ASN A 105 0.40 -15.57 -22.48
N ALA A 106 1.48 -16.34 -22.62
CA ALA A 106 1.42 -17.78 -22.37
C ALA A 106 1.86 -18.10 -20.94
N SER A 107 2.89 -17.40 -20.47
CA SER A 107 3.40 -17.61 -19.12
C SER A 107 2.57 -16.83 -18.10
N PHE A 108 2.85 -17.06 -16.82
CA PHE A 108 2.14 -16.40 -15.75
C PHE A 108 3.09 -15.86 -14.69
N ARG A 109 2.82 -14.65 -14.21
CA ARG A 109 3.66 -14.03 -13.19
C ARG A 109 2.84 -13.08 -12.31
N TYR A 110 3.26 -12.93 -11.06
CA TYR A 110 2.56 -12.07 -10.12
C TYR A 110 3.30 -10.75 -9.91
N ILE A 111 2.69 -9.65 -10.33
CA ILE A 111 3.28 -8.34 -10.16
C ILE A 111 2.24 -7.34 -9.68
N TYR A 112 2.59 -6.57 -8.66
CA TYR A 112 1.67 -5.59 -8.08
C TYR A 112 1.63 -4.31 -8.92
N PRO A 113 0.44 -3.95 -9.44
CA PRO A 113 0.26 -2.75 -10.25
C PRO A 113 0.02 -1.50 -9.40
N LEU A 114 -0.38 -0.42 -10.06
CA LEU A 114 -0.64 0.84 -9.36
C LEU A 114 -1.81 1.59 -10.01
N ASP A 115 -2.96 1.54 -9.36
CA ASP A 115 -4.16 2.20 -9.88
C ASP A 115 -4.81 3.07 -8.80
N SER A 116 -5.89 3.74 -9.16
CA SER A 116 -6.60 4.61 -8.23
C SER A 116 -7.29 3.79 -7.14
N LEU A 117 -7.44 2.49 -7.39
CA LEU A 117 -8.09 1.61 -6.43
C LEU A 117 -7.08 1.10 -5.40
N THR A 118 -5.80 1.35 -5.64
CA THR A 118 -4.75 0.93 -4.72
C THR A 118 -4.66 1.85 -3.51
N TRP A 119 -5.06 1.33 -2.35
CA TRP A 119 -5.03 2.11 -1.12
C TRP A 119 -3.61 2.27 -0.61
N ILE A 120 -3.11 3.50 -0.63
CA ILE A 120 -1.76 3.80 -0.16
C ILE A 120 -1.76 4.98 0.80
N GLU A 121 -1.52 4.69 2.08
CA GLU A 121 -1.50 5.74 3.10
C GLU A 121 -0.15 5.77 3.82
N TYR A 122 0.53 6.91 3.74
CA TYR A 122 1.83 7.07 4.37
C TYR A 122 1.75 6.81 5.87
N TRP A 123 2.62 5.94 6.37
CA TRP A 123 2.65 5.61 7.79
C TRP A 123 3.67 6.48 8.52
N PRO A 124 3.19 7.45 9.31
CA PRO A 124 4.06 8.37 10.06
C PRO A 124 5.13 7.62 10.85
N ARG A 125 6.39 7.83 10.46
CA ARG A 125 7.51 7.18 11.13
C ARG A 125 7.87 7.91 12.41
N ASP A 126 7.61 9.21 12.44
CA ASP A 126 7.90 10.04 13.61
C ASP A 126 6.81 9.89 14.67
N THR A 127 7.22 9.58 15.90
CA THR A 127 6.28 9.41 16.99
C THR A 127 6.76 10.14 18.25
N THR A 128 8.07 10.26 18.38
CA THR A 128 8.67 10.93 19.52
C THR A 128 8.90 12.41 19.24
N CYS A 129 8.39 12.88 18.10
CA CYS A 129 8.55 14.28 17.71
C CYS A 129 7.43 15.14 18.29
N SER A 130 7.75 15.86 19.37
CA SER A 130 6.78 16.74 20.02
C SER A 130 5.57 15.95 20.51
N SER A 131 4.58 15.79 19.63
CA SER A 131 3.36 15.06 19.98
C SER A 131 2.52 14.82 18.74
N CYS A 132 3.16 14.82 17.57
CA CYS A 132 2.46 14.60 16.31
C CYS A 132 2.12 13.12 16.12
N GLN A 133 2.33 12.33 17.17
CA GLN A 133 2.05 10.90 17.11
C GLN A 133 0.57 10.63 17.33
N ALA A 134 -0.23 11.70 17.33
CA ALA A 134 -1.66 11.57 17.55
C ALA A 134 -2.31 10.72 16.46
N PHE A 135 -1.70 10.72 15.28
CA PHE A 135 -2.22 9.95 14.15
C PHE A 135 -1.92 8.46 14.33
N LEU A 136 -0.75 8.16 14.88
CA LEU A 136 -0.33 6.77 15.10
C LEU A 136 -1.23 6.11 16.14
N ALA A 137 -1.97 6.92 16.89
CA ALA A 137 -2.86 6.40 17.92
C ALA A 137 -4.03 5.64 17.30
N ASN A 138 -4.30 5.93 16.03
CA ASN A 138 -5.39 5.27 15.30
C ASN A 138 -4.91 3.95 14.73
N LEU A 139 -3.65 3.88 14.34
CA LEU A 139 -3.08 2.67 13.77
C LEU A 139 -3.07 1.55 14.80
N ASP A 140 -2.89 1.91 16.06
CA ASP A 140 -2.85 0.94 17.15
C ASP A 140 -4.18 0.19 17.25
N GLU A 141 -5.28 0.92 17.12
CA GLU A 141 -6.60 0.33 17.19
C GLU A 141 -6.90 -0.47 15.93
N PHE A 142 -6.42 0.02 14.80
CA PHE A 142 -6.63 -0.65 13.52
C PHE A 142 -5.91 -1.99 13.47
N ALA A 143 -4.77 -2.07 14.17
CA ALA A 143 -3.99 -3.30 14.21
C ALA A 143 -4.67 -4.38 15.03
N GLU A 144 -5.58 -3.97 15.91
CA GLU A 144 -6.29 -4.90 16.76
C GLU A 144 -7.76 -5.00 16.37
N ASP A 145 -8.16 -4.17 15.40
CA ASP A 145 -9.55 -4.17 14.94
C ASP A 145 -9.74 -5.13 13.77
N ILE A 146 -9.18 -4.78 12.62
CA ILE A 146 -9.28 -5.61 11.43
C ILE A 146 -8.72 -7.01 11.69
N PHE A 147 -7.76 -7.08 12.60
CA PHE A 147 -7.13 -8.35 12.95
C PHE A 147 -8.05 -9.21 13.82
N LEU A 148 -8.54 -8.64 14.91
CA LEU A 148 -9.42 -9.36 15.82
C LEU A 148 -10.87 -9.32 15.34
N ASN A 149 -11.47 -8.13 15.40
CA ASN A 149 -12.84 -7.93 14.98
C ASN A 149 -13.06 -8.42 13.55
N GLY A 150 -12.62 -7.63 12.57
CA GLY A 150 -12.78 -8.00 11.18
C GLY A 150 -14.23 -7.95 10.73
N CYS A 151 -14.43 -7.70 9.45
CA CYS A 151 -15.77 -7.62 8.89
C CYS A 151 -16.44 -9.00 8.87
N GLY A 1 1.42 8.41 -22.90
CA GLY A 1 0.32 9.41 -23.09
C GLY A 1 -1.01 8.92 -22.57
N SER A 2 -1.99 9.81 -22.54
CA SER A 2 -3.33 9.46 -22.06
C SER A 2 -3.28 8.97 -20.61
N HIS A 3 -4.43 8.49 -20.11
CA HIS A 3 -4.52 8.00 -18.75
C HIS A 3 -4.16 9.08 -17.73
N MET A 4 -5.18 9.71 -17.17
CA MET A 4 -4.98 10.76 -16.19
C MET A 4 -6.27 11.07 -15.44
N ALA A 5 -6.26 10.84 -14.13
CA ALA A 5 -7.43 11.09 -13.30
C ALA A 5 -7.06 11.17 -11.82
N ASP A 6 -6.70 10.02 -11.25
CA ASP A 6 -6.32 9.96 -9.84
C ASP A 6 -5.59 8.66 -9.53
N CYS A 7 -4.79 8.18 -10.49
CA CYS A 7 -4.04 6.95 -10.32
C CYS A 7 -3.26 6.97 -9.01
N GLY A 8 -3.31 5.86 -8.27
CA GLY A 8 -2.61 5.77 -7.01
C GLY A 8 -3.41 6.37 -5.87
N GLN A 9 -3.86 7.61 -6.08
CA GLN A 9 -4.65 8.34 -5.09
C GLN A 9 -3.79 8.78 -3.90
N MET A 10 -3.25 7.80 -3.17
CA MET A 10 -2.41 8.07 -1.99
C MET A 10 -2.97 9.19 -1.14
N GLN A 11 -3.67 8.82 -0.06
CA GLN A 11 -4.26 9.79 0.85
C GLN A 11 -3.22 10.79 1.35
N GLU A 12 -3.71 11.91 1.88
CA GLU A 12 -2.84 12.95 2.40
C GLU A 12 -1.93 12.43 3.50
N GLU A 13 -0.79 13.08 3.69
CA GLU A 13 0.17 12.68 4.72
C GLU A 13 -0.22 13.27 6.08
N LEU A 14 -0.51 12.39 7.04
CA LEU A 14 -0.88 12.82 8.38
C LEU A 14 -2.15 13.68 8.35
N ASP A 15 -3.29 13.05 8.57
CA ASP A 15 -4.57 13.76 8.57
C ASP A 15 -5.50 13.21 9.64
N LEU A 16 -5.93 14.08 10.55
CA LEU A 16 -6.82 13.67 11.64
C LEU A 16 -8.28 13.74 11.19
N THR A 17 -8.49 13.81 9.88
CA THR A 17 -9.84 13.87 9.32
C THR A 17 -10.42 12.48 9.12
N ILE A 18 -9.54 11.50 8.93
CA ILE A 18 -9.97 10.11 8.73
C ILE A 18 -9.86 9.31 10.02
N SER A 19 -10.86 8.47 10.26
CA SER A 19 -10.88 7.64 11.46
C SER A 19 -10.18 6.30 11.20
N ALA A 20 -10.10 5.47 12.24
CA ALA A 20 -9.47 4.17 12.12
C ALA A 20 -10.39 3.16 11.45
N GLU A 21 -11.69 3.34 11.66
CA GLU A 21 -12.68 2.44 11.08
C GLU A 21 -13.00 2.83 9.64
N THR A 22 -13.05 4.13 9.38
CA THR A 22 -13.34 4.62 8.04
C THR A 22 -12.33 4.10 7.03
N ARG A 23 -11.05 4.16 7.39
CA ARG A 23 -9.98 3.69 6.52
C ARG A 23 -10.00 2.17 6.40
N LYS A 24 -10.68 1.52 7.33
CA LYS A 24 -10.77 0.06 7.34
C LYS A 24 -11.94 -0.41 6.47
N GLN A 25 -12.91 0.47 6.27
CA GLN A 25 -14.08 0.15 5.46
C GLN A 25 -13.65 -0.30 4.06
N THR A 26 -12.42 0.03 3.69
CA THR A 26 -11.87 -0.33 2.39
C THR A 26 -11.16 -1.68 2.45
N ALA A 27 -10.63 -2.01 3.63
CA ALA A 27 -9.92 -3.26 3.83
C ALA A 27 -10.88 -4.44 3.87
N CYS A 28 -12.17 -4.17 3.70
CA CYS A 28 -13.18 -5.22 3.73
C CYS A 28 -14.05 -5.19 2.47
N LYS A 29 -13.77 -4.23 1.58
CA LYS A 29 -14.53 -4.11 0.34
C LYS A 29 -14.35 -5.35 -0.53
N PRO A 30 -15.42 -5.74 -1.27
CA PRO A 30 -15.37 -6.91 -2.16
C PRO A 30 -14.25 -6.80 -3.19
N GLU A 31 -13.75 -5.59 -3.39
CA GLU A 31 -12.68 -5.34 -4.35
C GLU A 31 -11.32 -5.59 -3.71
N ILE A 32 -10.98 -4.78 -2.71
CA ILE A 32 -9.70 -4.92 -2.02
C ILE A 32 -9.49 -6.34 -1.52
N ALA A 33 -8.55 -7.04 -2.14
CA ALA A 33 -8.23 -8.41 -1.77
C ALA A 33 -7.35 -8.46 -0.53
N TYR A 34 -6.16 -7.89 -0.65
CA TYR A 34 -5.21 -7.89 0.45
C TYR A 34 -5.20 -6.55 1.19
N ALA A 35 -4.79 -6.60 2.45
CA ALA A 35 -4.71 -5.42 3.29
C ALA A 35 -3.55 -5.55 4.27
N TYR A 36 -2.37 -5.10 3.86
CA TYR A 36 -1.19 -5.20 4.70
C TYR A 36 -0.29 -3.97 4.59
N LYS A 37 0.64 -3.87 5.52
CA LYS A 37 1.59 -2.75 5.54
C LYS A 37 2.96 -3.22 5.08
N VAL A 38 3.60 -2.44 4.20
CA VAL A 38 4.91 -2.80 3.67
C VAL A 38 5.91 -1.67 3.87
N SER A 39 7.12 -1.85 3.33
CA SER A 39 8.18 -0.86 3.44
C SER A 39 9.11 -0.92 2.24
N ILE A 40 9.24 0.21 1.54
CA ILE A 40 10.11 0.27 0.37
C ILE A 40 11.57 0.06 0.76
N THR A 41 12.32 -0.62 -0.10
CA THR A 41 13.73 -0.89 0.16
C THR A 41 14.60 -0.48 -1.02
N SER A 42 14.05 -0.61 -2.23
CA SER A 42 14.80 -0.27 -3.43
C SER A 42 13.85 0.20 -4.54
N ILE A 43 14.38 1.05 -5.43
CA ILE A 43 13.59 1.57 -6.55
C ILE A 43 14.33 1.38 -7.87
N THR A 44 13.61 0.96 -8.90
CA THR A 44 14.20 0.74 -10.21
C THR A 44 13.29 1.28 -11.32
N VAL A 45 13.90 1.88 -12.34
CA VAL A 45 13.15 2.43 -13.45
C VAL A 45 13.90 2.22 -14.77
N GLU A 46 13.15 1.98 -15.84
CA GLU A 46 13.74 1.78 -17.16
C GLU A 46 13.37 2.91 -18.11
N ASN A 47 12.10 3.01 -18.45
CA ASN A 47 11.61 4.05 -19.35
C ASN A 47 10.37 4.73 -18.78
N VAL A 48 9.25 4.00 -18.79
CA VAL A 48 7.99 4.53 -18.27
C VAL A 48 7.57 3.81 -17.01
N PHE A 49 7.55 2.47 -17.06
CA PHE A 49 7.17 1.67 -15.92
C PHE A 49 8.25 1.70 -14.85
N VAL A 50 7.86 2.09 -13.64
CA VAL A 50 8.80 2.17 -12.52
C VAL A 50 8.53 1.06 -11.50
N LYS A 51 9.45 0.11 -11.42
CA LYS A 51 9.32 -0.99 -10.47
C LYS A 51 9.77 -0.58 -9.08
N TYR A 52 9.20 -1.21 -8.06
CA TYR A 52 9.54 -0.91 -6.68
C TYR A 52 9.73 -2.18 -5.86
N LYS A 53 10.96 -2.44 -5.45
CA LYS A 53 11.26 -3.63 -4.65
C LYS A 53 11.09 -3.32 -3.17
N ALA A 54 10.05 -3.86 -2.56
CA ALA A 54 9.79 -3.62 -1.15
C ALA A 54 9.48 -4.91 -0.39
N THR A 55 9.68 -4.89 0.91
CA THR A 55 9.43 -6.05 1.76
C THR A 55 8.16 -5.85 2.57
N LEU A 56 7.33 -6.88 2.64
CA LEU A 56 6.11 -6.83 3.41
C LEU A 56 6.45 -6.73 4.89
N LEU A 57 5.71 -5.93 5.63
CA LEU A 57 5.98 -5.77 7.05
C LEU A 57 5.05 -6.66 7.88
N ASP A 58 3.76 -6.65 7.54
CA ASP A 58 2.77 -7.46 8.24
C ASP A 58 1.47 -7.50 7.47
N ILE A 59 0.84 -8.68 7.42
CA ILE A 59 -0.41 -8.86 6.71
C ILE A 59 -1.61 -8.88 7.65
N TYR A 60 -2.55 -7.96 7.42
CA TYR A 60 -3.76 -7.88 8.23
C TYR A 60 -4.89 -8.61 7.51
N LYS A 61 -4.69 -8.86 6.22
CA LYS A 61 -5.66 -9.55 5.40
C LYS A 61 -4.95 -10.26 4.24
N THR A 62 -4.94 -11.58 4.28
CA THR A 62 -4.28 -12.39 3.27
C THR A 62 -4.57 -11.87 1.85
N GLY A 63 -3.56 -11.98 0.99
CA GLY A 63 -3.69 -11.53 -0.38
C GLY A 63 -3.95 -12.67 -1.35
N GLU A 64 -4.93 -12.49 -2.22
CA GLU A 64 -5.27 -13.52 -3.20
C GLU A 64 -4.07 -13.78 -4.12
N ALA A 65 -3.19 -12.79 -4.22
CA ALA A 65 -2.00 -12.90 -5.05
C ALA A 65 -0.80 -13.32 -4.21
N VAL A 66 -0.87 -14.55 -3.69
CA VAL A 66 0.20 -15.11 -2.87
C VAL A 66 0.81 -14.07 -1.93
N ALA A 67 0.15 -13.86 -0.78
CA ALA A 67 0.62 -12.90 0.20
C ALA A 67 1.06 -13.60 1.49
N GLU A 68 2.25 -13.27 1.96
CA GLU A 68 2.78 -13.89 3.16
C GLU A 68 3.49 -12.86 4.04
N LYS A 69 3.57 -13.14 5.33
CA LYS A 69 4.22 -12.23 6.27
C LYS A 69 5.66 -11.96 5.85
N ASP A 70 6.03 -10.68 5.83
CA ASP A 70 7.39 -10.27 5.46
C ASP A 70 7.86 -10.98 4.19
N SER A 71 6.95 -11.18 3.26
CA SER A 71 7.27 -11.85 2.00
C SER A 71 7.99 -10.89 1.05
N GLU A 72 8.13 -11.30 -0.20
CA GLU A 72 8.79 -10.48 -1.21
C GLU A 72 7.78 -10.03 -2.26
N ILE A 73 7.70 -8.72 -2.48
CA ILE A 73 6.77 -8.16 -3.45
C ILE A 73 7.35 -6.98 -4.20
N THR A 74 6.96 -6.82 -5.46
CA THR A 74 7.43 -5.73 -6.30
C THR A 74 6.25 -4.93 -6.85
N PHE A 75 6.16 -3.66 -6.48
CA PHE A 75 5.07 -2.81 -6.94
C PHE A 75 5.46 -2.03 -8.18
N ILE A 76 4.71 -2.23 -9.26
CA ILE A 76 4.97 -1.55 -10.52
C ILE A 76 4.01 -0.37 -10.70
N LYS A 77 4.54 0.84 -10.60
CA LYS A 77 3.74 2.04 -10.75
C LYS A 77 3.96 2.69 -12.11
N LYS A 78 2.94 3.38 -12.60
CA LYS A 78 3.02 4.06 -13.89
C LYS A 78 3.49 5.49 -13.71
N VAL A 79 4.16 6.02 -14.74
CA VAL A 79 4.67 7.39 -14.71
C VAL A 79 3.62 8.38 -15.20
N THR A 80 2.62 7.87 -15.92
CA THR A 80 1.57 8.71 -16.47
C THR A 80 0.42 8.88 -15.47
N CYS A 81 0.66 8.50 -14.22
CA CYS A 81 -0.34 8.61 -13.18
C CYS A 81 -0.43 10.04 -12.65
N THR A 82 -1.65 10.44 -12.28
CA THR A 82 -1.88 11.79 -11.76
C THR A 82 -1.21 11.99 -10.41
N ASN A 83 -1.77 11.38 -9.38
CA ASN A 83 -1.21 11.51 -8.02
C ASN A 83 -0.85 10.14 -7.45
N ALA A 84 0.36 9.68 -7.78
CA ALA A 84 0.85 8.40 -7.28
C ALA A 84 2.36 8.39 -7.23
N GLU A 85 2.91 8.56 -6.02
CA GLU A 85 4.35 8.58 -5.82
C GLU A 85 4.74 7.79 -4.58
N LEU A 86 5.98 7.32 -4.55
CA LEU A 86 6.47 6.53 -3.42
C LEU A 86 7.85 7.01 -2.99
N VAL A 87 8.29 6.57 -1.81
CA VAL A 87 9.59 6.96 -1.28
C VAL A 87 10.40 5.73 -0.86
N LYS A 88 11.70 5.76 -1.13
CA LYS A 88 12.58 4.65 -0.78
C LYS A 88 12.91 4.66 0.71
N GLY A 89 12.95 3.48 1.31
CA GLY A 89 13.26 3.37 2.72
C GLY A 89 12.21 4.03 3.60
N ARG A 90 10.97 3.55 3.52
CA ARG A 90 9.88 4.10 4.30
C ARG A 90 8.69 3.14 4.33
N GLN A 91 7.89 3.23 5.39
CA GLN A 91 6.73 2.36 5.54
C GLN A 91 5.49 2.96 4.88
N TYR A 92 4.78 2.14 4.12
CA TYR A 92 3.56 2.58 3.43
C TYR A 92 2.52 1.47 3.42
N LEU A 93 1.32 1.77 3.91
CA LEU A 93 0.24 0.80 3.93
C LEU A 93 -0.35 0.63 2.53
N ILE A 94 -0.68 -0.60 2.17
CA ILE A 94 -1.24 -0.89 0.85
C ILE A 94 -2.36 -1.91 0.92
N MET A 95 -3.51 -1.56 0.33
CA MET A 95 -4.66 -2.45 0.29
C MET A 95 -5.29 -2.41 -1.09
N GLY A 96 -5.35 -3.56 -1.75
CA GLY A 96 -5.92 -3.61 -3.09
C GLY A 96 -6.35 -5.00 -3.52
N LYS A 97 -6.88 -5.10 -4.73
CA LYS A 97 -7.36 -6.36 -5.27
C LYS A 97 -6.22 -7.17 -5.91
N GLU A 98 -5.60 -8.04 -5.11
CA GLU A 98 -4.51 -8.90 -5.57
C GLU A 98 -3.55 -8.15 -6.48
N ALA A 99 -2.77 -8.92 -7.24
CA ALA A 99 -1.79 -8.36 -8.16
C ALA A 99 -1.95 -8.94 -9.57
N LEU A 100 -0.98 -8.65 -10.43
CA LEU A 100 -1.02 -9.15 -11.81
C LEU A 100 -0.40 -10.54 -11.89
N GLN A 101 -0.10 -10.97 -13.11
CA GLN A 101 0.49 -12.28 -13.35
C GLN A 101 0.95 -12.39 -14.79
N ILE A 102 2.25 -12.18 -15.02
CA ILE A 102 2.81 -12.25 -16.35
C ILE A 102 3.68 -13.50 -16.54
N LYS A 103 3.93 -14.20 -15.44
CA LYS A 103 4.75 -15.41 -15.47
C LYS A 103 6.12 -15.13 -16.06
N TYR A 104 6.90 -16.19 -16.27
CA TYR A 104 8.24 -16.06 -16.83
C TYR A 104 8.82 -17.43 -17.19
N ASN A 105 9.22 -18.18 -16.18
CA ASN A 105 9.79 -19.50 -16.36
C ASN A 105 9.93 -20.23 -15.04
N ALA A 106 10.73 -19.69 -14.14
CA ALA A 106 10.95 -20.28 -12.83
C ALA A 106 10.34 -19.41 -11.74
N SER A 107 10.04 -18.16 -12.09
CA SER A 107 9.45 -17.22 -11.14
C SER A 107 8.53 -16.24 -11.87
N PHE A 108 7.23 -16.38 -11.64
CA PHE A 108 6.24 -15.51 -12.26
C PHE A 108 6.42 -14.07 -11.81
N ARG A 109 5.77 -13.14 -12.51
CA ARG A 109 5.88 -11.72 -12.17
C ARG A 109 5.04 -11.39 -10.94
N TYR A 110 3.73 -11.40 -11.12
CA TYR A 110 2.81 -11.09 -10.03
C TYR A 110 3.05 -9.69 -9.47
N ILE A 111 3.71 -8.85 -10.24
CA ILE A 111 4.01 -7.49 -9.81
C ILE A 111 2.73 -6.72 -9.49
N TYR A 112 2.70 -6.10 -8.32
CA TYR A 112 1.54 -5.34 -7.88
C TYR A 112 1.51 -3.95 -8.53
N PRO A 113 0.56 -3.72 -9.45
CA PRO A 113 0.42 -2.43 -10.14
C PRO A 113 -0.16 -1.34 -9.24
N LEU A 114 0.22 -0.10 -9.52
CA LEU A 114 -0.28 1.04 -8.74
C LEU A 114 -1.36 1.78 -9.53
N ASP A 115 -2.62 1.52 -9.19
CA ASP A 115 -3.74 2.17 -9.87
C ASP A 115 -4.64 2.90 -8.86
N SER A 116 -5.85 3.23 -9.30
CA SER A 116 -6.79 3.94 -8.45
C SER A 116 -7.31 3.06 -7.32
N LEU A 117 -7.42 1.75 -7.58
CA LEU A 117 -7.91 0.81 -6.58
C LEU A 117 -6.83 0.49 -5.55
N THR A 118 -5.73 1.22 -5.60
CA THR A 118 -4.63 1.01 -4.67
C THR A 118 -4.71 1.94 -3.48
N TRP A 119 -4.86 1.36 -2.29
CA TRP A 119 -4.97 2.14 -1.06
C TRP A 119 -3.58 2.38 -0.46
N ILE A 120 -3.04 3.57 -0.66
CA ILE A 120 -1.72 3.92 -0.15
C ILE A 120 -1.83 4.95 0.97
N GLU A 121 -1.19 4.66 2.10
CA GLU A 121 -1.22 5.57 3.25
C GLU A 121 0.11 5.56 3.98
N TYR A 122 0.80 6.71 3.97
CA TYR A 122 2.09 6.84 4.64
C TYR A 122 1.96 6.53 6.13
N TRP A 123 2.82 5.62 6.60
CA TRP A 123 2.82 5.25 8.01
C TRP A 123 4.11 5.71 8.69
N PRO A 124 4.05 6.83 9.43
CA PRO A 124 5.22 7.38 10.13
C PRO A 124 5.97 6.31 10.91
N ARG A 125 7.14 5.92 10.38
CA ARG A 125 7.97 4.92 11.03
C ARG A 125 8.28 5.30 12.47
N ASP A 126 8.53 6.58 12.71
CA ASP A 126 8.85 7.07 14.04
C ASP A 126 7.59 7.54 14.77
N THR A 127 7.66 7.57 16.10
CA THR A 127 6.53 7.99 16.91
C THR A 127 6.95 9.06 17.92
N THR A 128 8.26 9.25 18.07
CA THR A 128 8.79 10.23 18.99
C THR A 128 9.87 11.09 18.34
N CYS A 129 10.47 10.57 17.29
CA CYS A 129 11.52 11.29 16.57
C CYS A 129 11.01 12.61 16.02
N SER A 130 9.81 12.56 15.42
CA SER A 130 9.20 13.76 14.85
C SER A 130 8.05 14.24 15.72
N SER A 131 7.98 13.73 16.94
CA SER A 131 6.94 14.10 17.89
C SER A 131 5.56 13.77 17.32
N CYS A 132 5.53 12.93 16.30
CA CYS A 132 4.27 12.53 15.67
C CYS A 132 3.71 11.27 16.31
N GLN A 133 2.54 11.39 16.93
CA GLN A 133 1.90 10.26 17.59
C GLN A 133 0.39 10.40 17.56
N ALA A 134 -0.08 11.63 17.37
CA ALA A 134 -1.51 11.90 17.33
C ALA A 134 -2.19 11.09 16.23
N PHE A 135 -1.58 11.06 15.06
CA PHE A 135 -2.12 10.31 13.92
C PHE A 135 -1.81 8.82 14.08
N LEU A 136 -0.74 8.52 14.80
CA LEU A 136 -0.33 7.14 15.02
C LEU A 136 -1.11 6.51 16.16
N ALA A 137 -2.00 7.29 16.76
CA ALA A 137 -2.82 6.82 17.87
C ALA A 137 -4.04 6.08 17.36
N ASN A 138 -4.61 6.57 16.26
CA ASN A 138 -5.78 5.96 15.66
C ASN A 138 -5.38 4.73 14.84
N LEU A 139 -4.16 4.74 14.34
CA LEU A 139 -3.64 3.62 13.55
C LEU A 139 -3.45 2.39 14.42
N ASP A 140 -3.07 2.61 15.67
CA ASP A 140 -2.86 1.52 16.61
C ASP A 140 -4.12 0.70 16.78
N GLU A 141 -5.26 1.39 16.89
CA GLU A 141 -6.55 0.73 17.05
C GLU A 141 -6.85 -0.16 15.84
N PHE A 142 -6.55 0.34 14.65
CA PHE A 142 -6.78 -0.39 13.42
C PHE A 142 -5.96 -1.69 13.39
N ALA A 143 -4.76 -1.63 13.97
CA ALA A 143 -3.88 -2.80 14.01
C ALA A 143 -4.54 -3.97 14.74
N GLU A 144 -5.09 -3.68 15.91
CA GLU A 144 -5.73 -4.71 16.71
C GLU A 144 -7.20 -4.88 16.33
N ASP A 145 -7.67 -4.05 15.40
CA ASP A 145 -9.06 -4.10 14.96
C ASP A 145 -9.24 -5.17 13.89
N ILE A 146 -8.76 -4.89 12.68
CA ILE A 146 -8.87 -5.84 11.57
C ILE A 146 -8.29 -7.20 11.95
N PHE A 147 -7.33 -7.19 12.87
CA PHE A 147 -6.70 -8.42 13.32
C PHE A 147 -7.60 -9.21 14.26
N LEU A 148 -8.13 -8.52 15.28
CA LEU A 148 -9.01 -9.17 16.25
C LEU A 148 -10.47 -9.01 15.87
N ASN A 149 -10.95 -7.77 15.87
CA ASN A 149 -12.33 -7.48 15.53
C ASN A 149 -12.70 -8.04 14.16
N GLY A 150 -12.21 -7.38 13.10
CA GLY A 150 -12.51 -7.82 11.75
C GLY A 150 -13.97 -7.59 11.38
N CYS A 151 -14.20 -7.15 10.15
CA CYS A 151 -15.55 -6.89 9.67
C CYS A 151 -16.39 -8.17 9.64
N GLY A 1 -0.95 12.05 -15.51
CA GLY A 1 -1.75 11.35 -16.55
C GLY A 1 -2.84 12.23 -17.13
N SER A 2 -2.55 12.87 -18.26
CA SER A 2 -3.51 13.74 -18.92
C SER A 2 -4.33 12.98 -19.96
N HIS A 3 -3.98 11.71 -20.15
CA HIS A 3 -4.67 10.87 -21.12
C HIS A 3 -5.65 9.91 -20.42
N MET A 4 -5.18 9.28 -19.34
CA MET A 4 -5.99 8.35 -18.59
C MET A 4 -6.61 9.02 -17.36
N ALA A 5 -5.87 9.01 -16.25
CA ALA A 5 -6.33 9.62 -15.01
C ALA A 5 -5.27 9.50 -13.91
N ASP A 6 -5.64 9.90 -12.71
CA ASP A 6 -4.72 9.84 -11.57
C ASP A 6 -4.44 8.39 -11.18
N CYS A 7 -3.34 7.85 -11.69
CA CYS A 7 -2.95 6.48 -11.39
C CYS A 7 -2.14 6.41 -10.10
N GLY A 8 -2.77 5.90 -9.04
CA GLY A 8 -2.09 5.79 -7.77
C GLY A 8 -2.26 7.03 -6.93
N GLN A 9 -3.45 7.59 -6.95
CA GLN A 9 -3.76 8.80 -6.19
C GLN A 9 -3.36 8.64 -4.73
N MET A 10 -2.35 9.39 -4.30
CA MET A 10 -1.86 9.32 -2.93
C MET A 10 -2.69 10.22 -2.01
N GLN A 11 -2.78 9.85 -0.75
CA GLN A 11 -3.54 10.63 0.22
C GLN A 11 -2.65 11.67 0.90
N GLU A 12 -3.26 12.49 1.75
CA GLU A 12 -2.53 13.52 2.48
C GLU A 12 -1.66 12.91 3.58
N GLU A 13 -0.60 13.62 3.94
CA GLU A 13 0.31 13.15 4.97
C GLU A 13 -0.18 13.55 6.36
N LEU A 14 -0.22 12.58 7.28
CA LEU A 14 -0.67 12.82 8.64
C LEU A 14 -2.09 13.37 8.66
N ASP A 15 -2.84 13.08 7.60
CA ASP A 15 -4.23 13.53 7.48
C ASP A 15 -5.05 13.03 8.66
N LEU A 16 -5.40 13.95 9.56
CA LEU A 16 -6.19 13.60 10.73
C LEU A 16 -7.66 13.98 10.54
N THR A 17 -8.48 12.99 10.18
CA THR A 17 -9.91 13.21 9.95
C THR A 17 -10.62 11.90 9.64
N ILE A 18 -9.85 10.91 9.23
CA ILE A 18 -10.41 9.59 8.90
C ILE A 18 -10.56 8.74 10.15
N SER A 19 -11.69 8.04 10.24
CA SER A 19 -11.97 7.18 11.38
C SER A 19 -11.48 5.76 11.13
N ALA A 20 -11.13 5.05 12.20
CA ALA A 20 -10.65 3.68 12.10
C ALA A 20 -11.67 2.81 11.38
N GLU A 21 -12.89 2.80 11.90
CA GLU A 21 -13.98 2.02 11.32
C GLU A 21 -14.21 2.38 9.86
N THR A 22 -14.12 3.68 9.55
CA THR A 22 -14.32 4.16 8.19
C THR A 22 -13.34 3.50 7.23
N ARG A 23 -12.10 3.33 7.69
CA ARG A 23 -11.06 2.71 6.87
C ARG A 23 -11.23 1.19 6.84
N LYS A 24 -11.89 0.66 7.87
CA LYS A 24 -12.12 -0.79 7.96
C LYS A 24 -13.27 -1.21 7.06
N GLN A 25 -14.16 -0.27 6.76
CA GLN A 25 -15.31 -0.54 5.91
C GLN A 25 -14.90 -0.57 4.44
N THR A 26 -13.60 -0.45 4.20
CA THR A 26 -13.07 -0.46 2.84
C THR A 26 -12.04 -1.57 2.67
N ALA A 27 -11.42 -1.97 3.77
CA ALA A 27 -10.41 -3.03 3.75
C ALA A 27 -11.05 -4.41 3.64
N CYS A 28 -12.37 -4.44 3.56
CA CYS A 28 -13.10 -5.70 3.45
C CYS A 28 -13.90 -5.76 2.16
N LYS A 29 -14.19 -4.59 1.58
CA LYS A 29 -14.95 -4.53 0.34
C LYS A 29 -14.23 -5.29 -0.78
N PRO A 30 -14.98 -5.75 -1.80
CA PRO A 30 -14.41 -6.49 -2.93
C PRO A 30 -13.31 -5.71 -3.65
N GLU A 31 -13.22 -4.42 -3.36
CA GLU A 31 -12.20 -3.57 -3.96
C GLU A 31 -10.83 -3.85 -3.37
N ILE A 32 -10.82 -4.19 -2.09
CA ILE A 32 -9.57 -4.48 -1.39
C ILE A 32 -9.44 -5.96 -1.06
N ALA A 33 -8.51 -6.62 -1.73
CA ALA A 33 -8.27 -8.04 -1.52
C ALA A 33 -7.34 -8.27 -0.35
N TYR A 34 -6.31 -7.43 -0.24
CA TYR A 34 -5.34 -7.55 0.83
C TYR A 34 -5.16 -6.23 1.58
N ALA A 35 -4.59 -6.32 2.77
CA ALA A 35 -4.33 -5.15 3.60
C ALA A 35 -3.18 -5.43 4.56
N TYR A 36 -2.01 -4.92 4.23
CA TYR A 36 -0.83 -5.15 5.05
C TYR A 36 0.10 -3.94 5.08
N LYS A 37 1.13 -4.02 5.92
CA LYS A 37 2.10 -2.94 6.06
C LYS A 37 3.42 -3.34 5.41
N VAL A 38 3.94 -2.46 4.56
CA VAL A 38 5.21 -2.73 3.89
C VAL A 38 6.20 -1.60 4.10
N SER A 39 7.39 -1.75 3.53
CA SER A 39 8.43 -0.74 3.64
C SER A 39 9.34 -0.73 2.43
N ILE A 40 9.34 0.36 1.69
CA ILE A 40 10.17 0.49 0.50
C ILE A 40 11.64 0.40 0.86
N THR A 41 12.45 -0.16 -0.04
CA THR A 41 13.88 -0.30 0.20
C THR A 41 14.67 -0.31 -1.11
N SER A 42 13.96 -0.38 -2.22
CA SER A 42 14.62 -0.39 -3.53
C SER A 42 13.73 0.24 -4.60
N ILE A 43 14.33 1.13 -5.40
CA ILE A 43 13.60 1.80 -6.46
C ILE A 43 14.35 1.69 -7.79
N THR A 44 13.63 1.37 -8.85
CA THR A 44 14.23 1.23 -10.17
C THR A 44 13.39 1.93 -11.24
N VAL A 45 13.82 3.12 -11.64
CA VAL A 45 13.11 3.89 -12.65
C VAL A 45 13.79 3.73 -14.01
N GLU A 46 13.02 3.27 -15.00
CA GLU A 46 13.55 3.07 -16.34
C GLU A 46 13.07 4.15 -17.29
N ASN A 47 11.78 4.09 -17.66
CA ASN A 47 11.21 5.07 -18.57
C ASN A 47 9.68 5.05 -18.49
N VAL A 48 9.08 4.02 -19.09
CA VAL A 48 7.63 3.88 -19.10
C VAL A 48 7.15 3.09 -17.88
N PHE A 49 7.83 1.98 -17.59
CA PHE A 49 7.47 1.14 -16.46
C PHE A 49 8.53 1.19 -15.37
N VAL A 50 8.14 1.68 -14.19
CA VAL A 50 9.06 1.78 -13.07
C VAL A 50 8.88 0.61 -12.11
N LYS A 51 9.97 -0.09 -11.83
CA LYS A 51 9.93 -1.24 -10.92
C LYS A 51 10.24 -0.83 -9.49
N TYR A 52 9.28 -1.01 -8.59
CA TYR A 52 9.47 -0.67 -7.18
C TYR A 52 9.58 -1.93 -6.32
N LYS A 53 10.79 -2.16 -5.80
CA LYS A 53 11.02 -3.33 -4.96
C LYS A 53 10.87 -2.97 -3.48
N ALA A 54 9.88 -3.58 -2.83
CA ALA A 54 9.64 -3.33 -1.42
C ALA A 54 9.46 -4.62 -0.64
N THR A 55 9.56 -4.52 0.69
CA THR A 55 9.41 -5.68 1.56
C THR A 55 8.15 -5.59 2.40
N LEU A 56 7.39 -6.67 2.44
CA LEU A 56 6.16 -6.72 3.22
C LEU A 56 6.46 -6.94 4.70
N LEU A 57 6.34 -5.88 5.49
CA LEU A 57 6.62 -5.95 6.92
C LEU A 57 5.78 -7.03 7.58
N ASP A 58 4.49 -7.06 7.26
CA ASP A 58 3.58 -8.05 7.84
C ASP A 58 2.20 -7.94 7.19
N ILE A 59 1.42 -9.02 7.28
CA ILE A 59 0.08 -9.04 6.70
C ILE A 59 -1.01 -8.88 7.75
N TYR A 60 -1.96 -8.00 7.47
CA TYR A 60 -3.09 -7.77 8.36
C TYR A 60 -4.34 -8.39 7.75
N LYS A 61 -4.26 -8.62 6.45
CA LYS A 61 -5.36 -9.22 5.69
C LYS A 61 -4.78 -9.96 4.47
N THR A 62 -4.75 -11.28 4.55
CA THR A 62 -4.22 -12.10 3.46
C THR A 62 -4.72 -11.63 2.11
N GLY A 63 -3.90 -11.86 1.08
CA GLY A 63 -4.26 -11.46 -0.26
C GLY A 63 -4.86 -12.59 -1.06
N GLU A 64 -5.87 -12.29 -1.87
CA GLU A 64 -6.52 -13.30 -2.70
C GLU A 64 -5.48 -14.05 -3.52
N ALA A 65 -4.42 -13.34 -3.89
CA ALA A 65 -3.34 -13.94 -4.65
C ALA A 65 -2.32 -14.54 -3.71
N VAL A 66 -2.82 -15.29 -2.72
CA VAL A 66 -1.99 -15.94 -1.71
C VAL A 66 -0.85 -15.03 -1.25
N ALA A 67 -1.15 -14.14 -0.31
CA ALA A 67 -0.16 -13.23 0.22
C ALA A 67 0.60 -13.87 1.37
N GLU A 68 1.88 -13.57 1.48
CA GLU A 68 2.72 -14.12 2.54
C GLU A 68 3.50 -13.03 3.24
N LYS A 69 3.70 -13.20 4.55
CA LYS A 69 4.45 -12.22 5.33
C LYS A 69 5.86 -12.07 4.79
N ASP A 70 6.46 -10.90 5.01
CA ASP A 70 7.82 -10.61 4.55
C ASP A 70 8.02 -11.06 3.11
N SER A 71 6.95 -11.01 2.32
CA SER A 71 7.01 -11.39 0.91
C SER A 71 7.83 -10.39 0.11
N GLU A 72 7.74 -10.49 -1.21
CA GLU A 72 8.46 -9.59 -2.09
C GLU A 72 7.51 -8.93 -3.09
N ILE A 73 7.06 -7.72 -2.76
CA ILE A 73 6.13 -6.98 -3.61
C ILE A 73 6.88 -6.11 -4.62
N THR A 74 6.23 -5.87 -5.75
CA THR A 74 6.82 -5.04 -6.80
C THR A 74 5.80 -4.04 -7.34
N PHE A 75 5.87 -2.81 -6.84
CA PHE A 75 4.94 -1.77 -7.29
C PHE A 75 5.26 -1.34 -8.70
N ILE A 76 4.38 -1.68 -9.61
CA ILE A 76 4.54 -1.35 -11.02
C ILE A 76 3.91 0.01 -11.34
N LYS A 77 4.73 0.93 -11.85
CA LYS A 77 4.26 2.26 -12.19
C LYS A 77 4.38 2.50 -13.70
N LYS A 78 3.51 3.37 -14.22
CA LYS A 78 3.52 3.69 -15.64
C LYS A 78 3.66 5.20 -15.86
N VAL A 79 3.73 5.60 -17.12
CA VAL A 79 3.88 7.01 -17.47
C VAL A 79 2.67 7.82 -17.00
N THR A 80 1.53 7.17 -16.89
CA THR A 80 0.30 7.83 -16.45
C THR A 80 0.33 8.10 -14.94
N CYS A 81 0.85 7.13 -14.18
CA CYS A 81 0.94 7.25 -12.75
C CYS A 81 2.00 8.26 -12.35
N THR A 82 1.59 9.52 -12.24
CA THR A 82 2.51 10.60 -11.86
C THR A 82 2.27 11.03 -10.42
N ASN A 83 1.14 10.61 -9.86
CA ASN A 83 0.79 10.96 -8.49
C ASN A 83 1.28 9.89 -7.52
N ALA A 84 1.46 8.67 -8.02
CA ALA A 84 1.93 7.57 -7.19
C ALA A 84 3.45 7.54 -7.12
N GLU A 85 3.99 7.98 -5.99
CA GLU A 85 5.43 8.01 -5.78
C GLU A 85 5.78 7.65 -4.34
N LEU A 86 6.66 6.67 -4.17
CA LEU A 86 7.08 6.24 -2.84
C LEU A 86 8.57 6.45 -2.64
N VAL A 87 9.00 6.42 -1.38
CA VAL A 87 10.40 6.60 -1.04
C VAL A 87 10.89 5.51 -0.10
N LYS A 88 12.08 4.96 -0.40
CA LYS A 88 12.66 3.92 0.41
C LYS A 88 13.05 4.43 1.79
N GLY A 89 13.03 3.54 2.78
CA GLY A 89 13.39 3.93 4.13
C GLY A 89 12.18 4.28 4.97
N ARG A 90 11.00 4.25 4.36
CA ARG A 90 9.76 4.57 5.06
C ARG A 90 8.77 3.41 5.00
N GLN A 91 7.65 3.56 5.70
CA GLN A 91 6.63 2.53 5.74
C GLN A 91 5.30 3.06 5.21
N TYR A 92 4.58 2.23 4.46
CA TYR A 92 3.30 2.62 3.89
C TYR A 92 2.27 1.50 4.04
N LEU A 93 1.02 1.89 4.29
CA LEU A 93 -0.07 0.94 4.44
C LEU A 93 -0.75 0.70 3.10
N ILE A 94 -0.64 -0.52 2.58
CA ILE A 94 -1.24 -0.85 1.29
C ILE A 94 -2.37 -1.86 1.43
N MET A 95 -3.55 -1.48 0.95
CA MET A 95 -4.72 -2.35 0.99
C MET A 95 -5.58 -2.13 -0.25
N GLY A 96 -5.67 -3.16 -1.09
CA GLY A 96 -6.46 -3.06 -2.30
C GLY A 96 -6.57 -4.37 -3.05
N LYS A 97 -7.08 -4.31 -4.27
CA LYS A 97 -7.25 -5.51 -5.10
C LYS A 97 -5.97 -6.35 -5.11
N GLU A 98 -6.14 -7.66 -5.25
CA GLU A 98 -5.01 -8.58 -5.28
C GLU A 98 -4.09 -8.30 -6.46
N ALA A 99 -2.97 -9.00 -6.50
CA ALA A 99 -2.00 -8.83 -7.57
C ALA A 99 -2.44 -9.53 -8.85
N LEU A 100 -1.64 -9.40 -9.91
CA LEU A 100 -1.95 -10.02 -11.19
C LEU A 100 -1.24 -11.36 -11.34
N GLN A 101 -1.41 -11.98 -12.50
CA GLN A 101 -0.79 -13.26 -12.80
C GLN A 101 -0.32 -13.29 -14.25
N ILE A 102 0.80 -12.63 -14.51
CA ILE A 102 1.35 -12.56 -15.86
C ILE A 102 1.54 -13.94 -16.47
N LYS A 103 1.97 -14.89 -15.64
CA LYS A 103 2.18 -16.27 -16.10
C LYS A 103 3.16 -16.31 -17.28
N TYR A 104 3.83 -15.19 -17.53
CA TYR A 104 4.79 -15.11 -18.63
C TYR A 104 6.19 -14.82 -18.10
N ASN A 105 7.19 -15.43 -18.71
CA ASN A 105 8.58 -15.24 -18.31
C ASN A 105 8.79 -15.69 -16.87
N ALA A 106 9.46 -16.84 -16.70
CA ALA A 106 9.72 -17.38 -15.37
C ALA A 106 8.41 -17.63 -14.63
N SER A 107 7.35 -17.89 -15.40
CA SER A 107 6.03 -18.16 -14.83
C SER A 107 5.44 -16.90 -14.21
N PHE A 108 4.28 -17.03 -13.57
CA PHE A 108 3.61 -15.91 -12.93
C PHE A 108 4.59 -15.09 -12.09
N ARG A 109 4.41 -13.77 -12.10
CA ARG A 109 5.28 -12.87 -11.34
C ARG A 109 4.53 -12.25 -10.16
N TYR A 110 3.21 -12.20 -10.28
CA TYR A 110 2.37 -11.62 -9.23
C TYR A 110 2.84 -10.21 -8.87
N ILE A 111 2.80 -9.31 -9.85
CA ILE A 111 3.22 -7.93 -9.63
C ILE A 111 2.07 -7.12 -9.04
N TYR A 112 2.42 -6.11 -8.24
CA TYR A 112 1.42 -5.26 -7.60
C TYR A 112 1.37 -3.89 -8.26
N PRO A 113 0.29 -3.60 -9.01
CA PRO A 113 0.13 -2.30 -9.68
C PRO A 113 -0.16 -1.17 -8.72
N LEU A 114 -0.23 0.05 -9.24
CA LEU A 114 -0.51 1.22 -8.43
C LEU A 114 -1.62 2.07 -9.04
N ASP A 115 -2.79 1.47 -9.20
CA ASP A 115 -3.94 2.16 -9.78
C ASP A 115 -4.60 3.09 -8.75
N SER A 116 -5.80 3.54 -9.07
CA SER A 116 -6.53 4.44 -8.18
C SER A 116 -7.18 3.69 -7.02
N LEU A 117 -7.57 2.43 -7.26
CA LEU A 117 -8.21 1.63 -6.22
C LEU A 117 -7.19 1.13 -5.21
N THR A 118 -5.94 1.58 -5.35
CA THR A 118 -4.88 1.18 -4.45
C THR A 118 -4.78 2.15 -3.27
N TRP A 119 -5.16 1.67 -2.09
CA TRP A 119 -5.11 2.49 -0.88
C TRP A 119 -3.69 2.58 -0.34
N ILE A 120 -3.12 3.78 -0.39
CA ILE A 120 -1.77 4.00 0.11
C ILE A 120 -1.76 5.04 1.22
N GLU A 121 -1.43 4.61 2.43
CA GLU A 121 -1.39 5.49 3.59
C GLU A 121 0.04 5.64 4.11
N TYR A 122 0.34 6.80 4.69
CA TYR A 122 1.66 7.06 5.25
C TYR A 122 1.71 6.63 6.71
N TRP A 123 2.63 5.73 7.03
CA TRP A 123 2.78 5.25 8.40
C TRP A 123 3.95 5.92 9.10
N PRO A 124 3.68 6.91 9.96
CA PRO A 124 4.73 7.63 10.69
C PRO A 124 5.60 6.70 11.52
N ARG A 125 6.84 6.51 11.08
CA ARG A 125 7.79 5.65 11.77
C ARG A 125 8.23 6.28 13.09
N ASP A 126 8.16 7.60 13.16
CA ASP A 126 8.55 8.33 14.36
C ASP A 126 7.38 8.46 15.33
N THR A 127 7.68 8.45 16.62
CA THR A 127 6.65 8.57 17.65
C THR A 127 7.04 9.60 18.71
N THR A 128 8.29 10.06 18.64
CA THR A 128 8.81 11.04 19.59
C THR A 128 8.03 12.35 19.48
N CYS A 129 7.44 12.59 18.33
CA CYS A 129 6.67 13.81 18.10
C CYS A 129 5.28 13.71 18.72
N SER A 130 4.90 14.74 19.46
CA SER A 130 3.59 14.77 20.12
C SER A 130 2.50 15.18 19.14
N SER A 131 2.89 15.84 18.06
CA SER A 131 1.95 16.29 17.04
C SER A 131 1.81 15.25 15.93
N CYS A 132 2.62 14.21 16.00
CA CYS A 132 2.60 13.15 14.99
C CYS A 132 2.07 11.85 15.59
N GLN A 133 2.28 11.67 16.89
CA GLN A 133 1.83 10.47 17.59
C GLN A 133 0.31 10.36 17.55
N ALA A 134 -0.36 11.50 17.41
CA ALA A 134 -1.82 11.53 17.37
C ALA A 134 -2.35 10.67 16.23
N PHE A 135 -1.63 10.65 15.12
CA PHE A 135 -2.04 9.85 13.96
C PHE A 135 -1.97 8.36 14.28
N LEU A 136 -0.88 7.94 14.90
CA LEU A 136 -0.69 6.53 15.27
C LEU A 136 -1.64 6.13 16.38
N ALA A 137 -2.27 7.12 17.02
CA ALA A 137 -3.20 6.86 18.10
C ALA A 137 -4.52 6.32 17.56
N ASN A 138 -5.16 7.09 16.68
CA ASN A 138 -6.42 6.68 16.08
C ASN A 138 -6.21 5.51 15.13
N LEU A 139 -4.96 5.30 14.73
CA LEU A 139 -4.61 4.21 13.82
C LEU A 139 -4.20 2.97 14.60
N ASP A 140 -3.85 3.16 15.88
CA ASP A 140 -3.44 2.05 16.73
C ASP A 140 -4.55 1.01 16.84
N GLU A 141 -5.78 1.48 17.03
CA GLU A 141 -6.92 0.60 17.14
C GLU A 141 -7.11 -0.22 15.87
N PHE A 142 -7.10 0.46 14.73
CA PHE A 142 -7.25 -0.19 13.43
C PHE A 142 -6.06 -1.10 13.15
N ALA A 143 -4.92 -0.79 13.75
CA ALA A 143 -3.71 -1.57 13.56
C ALA A 143 -3.89 -3.00 14.06
N GLU A 144 -4.78 -3.17 15.03
CA GLU A 144 -5.04 -4.49 15.60
C GLU A 144 -6.48 -4.91 15.35
N ASP A 145 -7.28 -4.01 14.79
CA ASP A 145 -8.67 -4.30 14.50
C ASP A 145 -8.81 -5.08 13.19
N ILE A 146 -7.71 -5.19 12.46
CA ILE A 146 -7.70 -5.90 11.19
C ILE A 146 -6.96 -7.23 11.33
N PHE A 147 -5.96 -7.25 12.21
CA PHE A 147 -5.16 -8.45 12.45
C PHE A 147 -5.90 -9.42 13.35
N LEU A 148 -6.45 -8.90 14.45
CA LEU A 148 -7.17 -9.71 15.41
C LEU A 148 -8.61 -9.93 14.96
N ASN A 149 -9.36 -8.84 14.82
CA ASN A 149 -10.75 -8.91 14.41
C ASN A 149 -10.87 -9.29 12.93
N GLY A 150 -10.51 -8.36 12.06
CA GLY A 150 -10.60 -8.61 10.63
C GLY A 150 -12.02 -8.57 10.11
N CYS A 151 -12.23 -9.07 8.90
CA CYS A 151 -13.56 -9.09 8.30
C CYS A 151 -13.82 -10.43 7.61
N GLY A 1 -10.82 20.47 -17.58
CA GLY A 1 -9.39 20.77 -17.88
C GLY A 1 -8.95 20.22 -19.23
N SER A 2 -8.07 19.22 -19.20
CA SER A 2 -7.57 18.61 -20.42
C SER A 2 -7.50 17.09 -20.27
N HIS A 3 -6.70 16.63 -19.32
CA HIS A 3 -6.54 15.20 -19.08
C HIS A 3 -5.98 14.94 -17.68
N MET A 4 -6.51 13.93 -17.01
CA MET A 4 -6.07 13.58 -15.66
C MET A 4 -5.98 12.05 -15.51
N ALA A 5 -4.90 11.59 -14.88
CA ALA A 5 -4.71 10.16 -14.66
C ALA A 5 -3.95 9.92 -13.36
N ASP A 6 -4.64 9.40 -12.36
CA ASP A 6 -4.03 9.12 -11.07
C ASP A 6 -3.92 7.63 -10.81
N CYS A 7 -2.68 7.16 -10.67
CA CYS A 7 -2.41 5.74 -10.42
C CYS A 7 -2.86 5.38 -9.01
N GLY A 8 -2.04 4.58 -8.33
CA GLY A 8 -2.34 4.17 -6.96
C GLY A 8 -2.96 5.28 -6.14
N GLN A 9 -2.56 6.51 -6.45
CA GLN A 9 -3.07 7.70 -5.77
C GLN A 9 -2.63 7.73 -4.30
N MET A 10 -1.78 8.68 -3.97
CA MET A 10 -1.27 8.83 -2.62
C MET A 10 -2.05 9.91 -1.86
N GLN A 11 -2.11 9.79 -0.54
CA GLN A 11 -2.81 10.77 0.28
C GLN A 11 -1.84 11.75 0.92
N GLU A 12 -2.38 12.64 1.74
CA GLU A 12 -1.58 13.65 2.42
C GLU A 12 -0.82 13.04 3.61
N GLU A 13 0.17 13.76 4.10
CA GLU A 13 0.97 13.31 5.23
C GLU A 13 0.35 13.76 6.55
N LEU A 14 0.14 12.80 7.45
CA LEU A 14 -0.46 13.08 8.75
C LEU A 14 -1.80 13.78 8.59
N ASP A 15 -2.86 13.00 8.43
CA ASP A 15 -4.20 13.54 8.26
C ASP A 15 -5.10 13.10 9.41
N LEU A 16 -5.30 13.99 10.38
CA LEU A 16 -6.13 13.69 11.53
C LEU A 16 -7.60 14.05 11.27
N THR A 17 -8.36 13.09 10.76
CA THR A 17 -9.78 13.29 10.48
C THR A 17 -10.42 12.00 9.96
N ILE A 18 -9.59 11.13 9.40
CA ILE A 18 -10.07 9.85 8.87
C ILE A 18 -10.19 8.82 9.99
N SER A 19 -11.43 8.48 10.34
CA SER A 19 -11.69 7.51 11.40
C SER A 19 -11.11 6.14 11.04
N ALA A 20 -10.80 5.36 12.05
CA ALA A 20 -10.24 4.02 11.84
C ALA A 20 -11.28 3.08 11.24
N GLU A 21 -12.53 3.53 11.21
CA GLU A 21 -13.61 2.72 10.67
C GLU A 21 -13.81 2.99 9.18
N THR A 22 -13.61 4.26 8.78
CA THR A 22 -13.76 4.65 7.38
C THR A 22 -12.82 3.85 6.49
N ARG A 23 -11.53 3.88 6.81
CA ARG A 23 -10.53 3.16 6.04
C ARG A 23 -10.65 1.66 6.25
N LYS A 24 -11.45 1.27 7.25
CA LYS A 24 -11.65 -0.15 7.55
C LYS A 24 -12.72 -0.75 6.65
N GLN A 25 -13.68 0.09 6.25
CA GLN A 25 -14.76 -0.37 5.38
C GLN A 25 -14.20 -0.89 4.06
N THR A 26 -12.95 -0.53 3.78
CA THR A 26 -12.28 -0.95 2.56
C THR A 26 -11.63 -2.32 2.75
N ALA A 27 -11.23 -2.60 3.99
CA ALA A 27 -10.59 -3.88 4.31
C ALA A 27 -11.51 -5.05 4.01
N CYS A 28 -12.80 -4.87 4.28
CA CYS A 28 -13.78 -5.92 4.04
C CYS A 28 -14.54 -5.67 2.74
N LYS A 29 -14.09 -4.68 1.97
CA LYS A 29 -14.71 -4.34 0.69
C LYS A 29 -14.51 -5.47 -0.32
N PRO A 30 -15.57 -5.84 -1.06
CA PRO A 30 -15.50 -6.90 -2.06
C PRO A 30 -14.37 -6.72 -3.06
N GLU A 31 -14.30 -5.55 -3.68
CA GLU A 31 -13.26 -5.26 -4.66
C GLU A 31 -11.86 -5.38 -4.05
N ILE A 32 -11.80 -5.38 -2.73
CA ILE A 32 -10.53 -5.50 -2.02
C ILE A 32 -10.26 -6.94 -1.63
N ALA A 33 -8.99 -7.34 -1.71
CA ALA A 33 -8.60 -8.70 -1.37
C ALA A 33 -7.68 -8.74 -0.15
N TYR A 34 -6.49 -8.15 -0.30
CA TYR A 34 -5.52 -8.13 0.79
C TYR A 34 -5.53 -6.79 1.51
N ALA A 35 -5.03 -6.81 2.74
CA ALA A 35 -4.95 -5.61 3.57
C ALA A 35 -3.75 -5.71 4.52
N TYR A 36 -2.58 -5.34 4.02
CA TYR A 36 -1.36 -5.39 4.82
C TYR A 36 -0.52 -4.13 4.68
N LYS A 37 0.48 -4.01 5.52
CA LYS A 37 1.38 -2.85 5.49
C LYS A 37 2.79 -3.28 5.10
N VAL A 38 3.49 -2.43 4.35
CA VAL A 38 4.84 -2.73 3.91
C VAL A 38 5.76 -1.51 4.04
N SER A 39 7.00 -1.66 3.60
CA SER A 39 7.97 -0.59 3.65
C SER A 39 8.88 -0.61 2.43
N ILE A 40 9.00 0.51 1.74
CA ILE A 40 9.85 0.61 0.56
C ILE A 40 11.28 0.23 0.88
N THR A 41 11.87 -0.61 0.03
CA THR A 41 13.24 -1.06 0.24
C THR A 41 14.16 -0.59 -0.90
N SER A 42 13.60 -0.50 -2.09
CA SER A 42 14.38 -0.07 -3.26
C SER A 42 13.48 0.56 -4.32
N ILE A 43 14.04 1.52 -5.05
CA ILE A 43 13.30 2.21 -6.11
C ILE A 43 13.94 1.95 -7.47
N THR A 44 13.22 1.21 -8.32
CA THR A 44 13.72 0.90 -9.66
C THR A 44 13.24 1.92 -10.68
N VAL A 45 14.16 2.39 -11.51
CA VAL A 45 13.84 3.37 -12.53
C VAL A 45 14.67 3.15 -13.79
N GLU A 46 14.05 3.35 -14.95
CA GLU A 46 14.75 3.18 -16.23
C GLU A 46 14.63 4.43 -17.09
N ASN A 47 13.45 4.64 -17.67
CA ASN A 47 13.21 5.79 -18.51
C ASN A 47 11.76 6.28 -18.38
N VAL A 48 10.83 5.45 -18.83
CA VAL A 48 9.41 5.80 -18.76
C VAL A 48 8.71 5.04 -17.64
N PHE A 49 8.88 3.72 -17.63
CA PHE A 49 8.27 2.87 -16.61
C PHE A 49 8.96 3.05 -15.27
N VAL A 50 8.18 2.93 -14.19
CA VAL A 50 8.72 3.07 -12.85
C VAL A 50 8.31 1.88 -11.97
N LYS A 51 9.18 1.50 -11.05
CA LYS A 51 8.91 0.37 -10.16
C LYS A 51 9.33 0.68 -8.72
N TYR A 52 8.71 0.00 -7.77
CA TYR A 52 9.01 0.19 -6.36
C TYR A 52 8.95 -1.14 -5.61
N LYS A 53 10.12 -1.68 -5.28
CA LYS A 53 10.18 -2.94 -4.55
C LYS A 53 10.18 -2.70 -3.05
N ALA A 54 9.28 -3.38 -2.33
CA ALA A 54 9.18 -3.21 -0.89
C ALA A 54 8.93 -4.53 -0.18
N THR A 55 9.29 -4.57 1.10
CA THR A 55 9.10 -5.77 1.92
C THR A 55 7.82 -5.66 2.74
N LEU A 56 7.11 -6.77 2.86
CA LEU A 56 5.87 -6.80 3.63
C LEU A 56 6.19 -6.78 5.12
N LEU A 57 5.59 -5.84 5.84
CA LEU A 57 5.83 -5.73 7.27
C LEU A 57 4.92 -6.68 8.04
N ASP A 58 3.64 -6.68 7.69
CA ASP A 58 2.67 -7.54 8.36
C ASP A 58 1.35 -7.58 7.58
N ILE A 59 0.69 -8.73 7.61
CA ILE A 59 -0.58 -8.89 6.90
C ILE A 59 -1.76 -8.92 7.86
N TYR A 60 -2.67 -7.97 7.70
CA TYR A 60 -3.86 -7.89 8.54
C TYR A 60 -5.00 -8.66 7.89
N LYS A 61 -4.85 -8.90 6.58
CA LYS A 61 -5.84 -9.63 5.81
C LYS A 61 -5.16 -10.38 4.68
N THR A 62 -5.15 -11.71 4.76
CA THR A 62 -4.52 -12.55 3.75
C THR A 62 -4.86 -12.10 2.33
N GLY A 63 -3.88 -12.20 1.44
CA GLY A 63 -4.07 -11.81 0.06
C GLY A 63 -4.28 -13.01 -0.85
N GLU A 64 -5.24 -12.88 -1.77
CA GLU A 64 -5.53 -13.95 -2.71
C GLU A 64 -4.29 -14.33 -3.51
N ALA A 65 -3.33 -13.41 -3.55
CA ALA A 65 -2.08 -13.63 -4.27
C ALA A 65 -1.03 -14.24 -3.34
N VAL A 66 -1.41 -15.35 -2.71
CA VAL A 66 -0.53 -16.05 -1.77
C VAL A 66 0.25 -15.08 -0.88
N ALA A 67 -0.44 -14.05 -0.40
CA ALA A 67 0.19 -13.05 0.46
C ALA A 67 0.67 -13.68 1.76
N GLU A 68 1.91 -13.43 2.11
CA GLU A 68 2.49 -13.97 3.34
C GLU A 68 3.22 -12.89 4.11
N LYS A 69 3.14 -12.95 5.44
CA LYS A 69 3.79 -11.95 6.28
C LYS A 69 5.28 -11.87 5.96
N ASP A 70 5.73 -10.68 5.59
CA ASP A 70 7.13 -10.44 5.26
C ASP A 70 7.51 -11.15 3.95
N SER A 71 6.77 -10.84 2.89
CA SER A 71 7.01 -11.42 1.58
C SER A 71 7.69 -10.41 0.66
N GLU A 72 7.92 -10.81 -0.57
CA GLU A 72 8.55 -9.93 -1.56
C GLU A 72 7.53 -9.52 -2.62
N ILE A 73 7.34 -8.21 -2.78
CA ILE A 73 6.38 -7.69 -3.75
C ILE A 73 6.94 -6.49 -4.51
N THR A 74 6.70 -6.48 -5.81
CA THR A 74 7.16 -5.39 -6.68
C THR A 74 5.97 -4.59 -7.19
N PHE A 75 6.05 -3.27 -7.09
CA PHE A 75 4.97 -2.40 -7.55
C PHE A 75 5.40 -1.56 -8.76
N ILE A 76 4.98 -1.98 -9.94
CA ILE A 76 5.32 -1.27 -11.17
C ILE A 76 4.27 -0.19 -11.47
N LYS A 77 4.60 0.69 -12.40
CA LYS A 77 3.69 1.77 -12.78
C LYS A 77 4.16 2.46 -14.05
N LYS A 78 3.43 3.50 -14.45
CA LYS A 78 3.76 4.26 -15.64
C LYS A 78 3.87 5.75 -15.34
N VAL A 79 4.57 6.48 -16.19
CA VAL A 79 4.75 7.92 -16.00
C VAL A 79 3.42 8.65 -16.14
N THR A 80 2.42 7.93 -16.64
CA THR A 80 1.08 8.49 -16.83
C THR A 80 0.49 8.97 -15.51
N CYS A 81 0.92 8.36 -14.41
CA CYS A 81 0.42 8.73 -13.09
C CYS A 81 0.81 10.17 -12.75
N THR A 82 -0.15 10.93 -12.23
CA THR A 82 0.09 12.33 -11.87
C THR A 82 -0.31 12.59 -10.42
N ASN A 83 0.22 11.77 -9.51
CA ASN A 83 -0.08 11.92 -8.08
C ASN A 83 0.77 10.97 -7.24
N ALA A 84 1.46 10.05 -7.91
CA ALA A 84 2.31 9.09 -7.20
C ALA A 84 3.43 9.79 -6.44
N GLU A 85 3.68 9.34 -5.21
CA GLU A 85 4.73 9.92 -4.38
C GLU A 85 5.16 8.93 -3.31
N LEU A 86 6.35 8.35 -3.47
CA LEU A 86 6.88 7.39 -2.53
C LEU A 86 8.33 7.73 -2.14
N VAL A 87 8.75 7.24 -0.99
CA VAL A 87 10.11 7.49 -0.51
C VAL A 87 10.74 6.20 0.03
N LYS A 88 11.92 5.88 -0.49
CA LYS A 88 12.64 4.68 -0.06
C LYS A 88 13.05 4.78 1.41
N GLY A 89 12.51 3.90 2.23
CA GLY A 89 12.83 3.90 3.65
C GLY A 89 11.62 4.13 4.52
N ARG A 90 10.55 4.66 3.93
CA ARG A 90 9.32 4.94 4.66
C ARG A 90 8.37 3.74 4.61
N GLN A 91 7.25 3.87 5.29
CA GLN A 91 6.25 2.81 5.33
C GLN A 91 4.93 3.28 4.75
N TYR A 92 4.23 2.38 4.06
CA TYR A 92 2.95 2.72 3.45
C TYR A 92 1.96 1.56 3.57
N LEU A 93 0.70 1.90 3.80
CA LEU A 93 -0.36 0.88 3.92
C LEU A 93 -0.85 0.48 2.54
N ILE A 94 -1.22 -0.79 2.39
CA ILE A 94 -1.70 -1.28 1.11
C ILE A 94 -2.89 -2.22 1.28
N MET A 95 -4.00 -1.87 0.64
CA MET A 95 -5.22 -2.65 0.70
C MET A 95 -5.94 -2.60 -0.65
N GLY A 96 -6.01 -3.75 -1.33
CA GLY A 96 -6.65 -3.77 -2.63
C GLY A 96 -6.85 -5.17 -3.20
N LYS A 97 -7.41 -5.22 -4.40
CA LYS A 97 -7.67 -6.49 -5.08
C LYS A 97 -6.38 -7.27 -5.32
N GLU A 98 -6.51 -8.59 -5.50
CA GLU A 98 -5.38 -9.47 -5.74
C GLU A 98 -4.47 -8.91 -6.84
N ALA A 99 -3.21 -9.33 -6.82
CA ALA A 99 -2.24 -8.88 -7.82
C ALA A 99 -2.51 -9.52 -9.18
N LEU A 100 -1.56 -9.36 -10.10
CA LEU A 100 -1.69 -9.92 -11.43
C LEU A 100 -1.15 -11.34 -11.50
N GLN A 101 -0.94 -11.83 -12.72
CA GLN A 101 -0.44 -13.18 -12.94
C GLN A 101 0.36 -13.23 -14.23
N ILE A 102 1.68 -13.19 -14.12
CA ILE A 102 2.54 -13.22 -15.29
C ILE A 102 3.35 -14.52 -15.34
N LYS A 103 3.41 -15.22 -14.21
CA LYS A 103 4.15 -16.48 -14.13
C LYS A 103 5.62 -16.27 -14.46
N TYR A 104 6.41 -17.34 -14.33
CA TYR A 104 7.84 -17.27 -14.63
C TYR A 104 8.36 -18.64 -15.05
N ASN A 105 8.45 -19.56 -14.08
CA ASN A 105 8.94 -20.90 -14.35
C ASN A 105 8.52 -21.86 -13.24
N ALA A 106 9.00 -21.60 -12.03
CA ALA A 106 8.67 -22.43 -10.88
C ALA A 106 7.81 -21.65 -9.89
N SER A 107 7.60 -20.37 -10.18
CA SER A 107 6.79 -19.52 -9.32
C SER A 107 6.14 -18.39 -10.11
N PHE A 108 4.84 -18.21 -9.93
CA PHE A 108 4.10 -17.16 -10.64
C PHE A 108 4.69 -15.79 -10.33
N ARG A 109 4.64 -14.90 -11.32
CA ARG A 109 5.17 -13.55 -11.14
C ARG A 109 4.06 -12.58 -10.80
N TYR A 110 4.01 -12.17 -9.53
CA TYR A 110 2.99 -11.24 -9.07
C TYR A 110 3.52 -9.82 -9.01
N ILE A 111 2.91 -8.93 -9.78
CA ILE A 111 3.30 -7.52 -9.82
C ILE A 111 2.08 -6.62 -9.82
N TYR A 112 2.20 -5.48 -9.12
CA TYR A 112 1.10 -4.53 -9.02
C TYR A 112 1.30 -3.36 -9.99
N PRO A 113 0.32 -3.11 -10.87
CA PRO A 113 0.40 -2.01 -11.85
C PRO A 113 0.16 -0.65 -11.21
N LEU A 114 -0.25 -0.66 -9.94
CA LEU A 114 -0.53 0.57 -9.21
C LEU A 114 -1.62 1.39 -9.87
N ASP A 115 -2.82 1.34 -9.30
CA ASP A 115 -3.95 2.08 -9.84
C ASP A 115 -4.85 2.60 -8.71
N SER A 116 -5.85 3.38 -9.07
CA SER A 116 -6.78 3.94 -8.09
C SER A 116 -7.50 2.84 -7.32
N LEU A 117 -7.40 1.61 -7.84
CA LEU A 117 -8.03 0.46 -7.20
C LEU A 117 -7.34 0.13 -5.88
N THR A 118 -6.02 0.08 -5.91
CA THR A 118 -5.23 -0.25 -4.71
C THR A 118 -5.18 0.93 -3.75
N TRP A 119 -5.76 0.72 -2.56
CA TRP A 119 -5.79 1.76 -1.52
C TRP A 119 -4.40 1.91 -0.90
N ILE A 120 -3.84 3.12 -1.00
CA ILE A 120 -2.53 3.39 -0.44
C ILE A 120 -2.60 4.47 0.64
N GLU A 121 -1.83 4.29 1.70
CA GLU A 121 -1.81 5.24 2.81
C GLU A 121 -0.37 5.51 3.25
N TYR A 122 -0.15 6.69 3.82
CA TYR A 122 1.19 7.07 4.29
C TYR A 122 1.37 6.70 5.76
N TRP A 123 2.21 5.70 6.01
CA TRP A 123 2.48 5.26 7.38
C TRP A 123 3.68 6.02 7.94
N PRO A 124 3.44 6.94 8.89
CA PRO A 124 4.51 7.73 9.51
C PRO A 124 5.65 6.86 10.03
N ARG A 125 6.72 6.77 9.24
CA ARG A 125 7.89 5.98 9.62
C ARG A 125 8.54 6.56 10.87
N ASP A 126 8.32 7.84 11.11
CA ASP A 126 8.90 8.52 12.26
C ASP A 126 7.97 8.43 13.47
N THR A 127 8.54 8.13 14.63
CA THR A 127 7.77 8.01 15.87
C THR A 127 8.50 8.67 17.03
N THR A 128 9.83 8.64 16.97
CA THR A 128 10.67 9.24 18.02
C THR A 128 10.24 8.78 19.41
N CYS A 129 9.57 7.63 19.48
CA CYS A 129 9.11 7.09 20.74
C CYS A 129 9.27 5.57 20.78
N SER A 130 8.41 4.87 20.03
CA SER A 130 8.45 3.41 19.97
C SER A 130 7.57 2.89 18.85
N SER A 131 6.29 3.26 18.88
CA SER A 131 5.35 2.83 17.86
C SER A 131 4.10 3.70 17.88
N CYS A 132 4.12 4.76 18.69
CA CYS A 132 2.99 5.67 18.81
C CYS A 132 3.46 7.12 18.92
N GLN A 133 2.91 7.99 18.08
CA GLN A 133 3.28 9.40 18.11
C GLN A 133 2.12 10.28 17.64
N ALA A 134 2.11 10.60 16.34
CA ALA A 134 1.06 11.44 15.78
C ALA A 134 -0.06 10.57 15.19
N PHE A 135 0.11 10.16 13.94
CA PHE A 135 -0.87 9.31 13.29
C PHE A 135 -0.69 7.87 13.76
N LEU A 136 0.38 7.66 14.51
CA LEU A 136 0.72 6.36 15.05
C LEU A 136 -0.26 5.94 16.15
N ALA A 137 -1.16 6.85 16.51
CA ALA A 137 -2.15 6.58 17.54
C ALA A 137 -3.42 5.98 16.94
N ASN A 138 -3.80 6.48 15.77
CA ASN A 138 -4.99 6.00 15.09
C ASN A 138 -4.72 4.68 14.38
N LEU A 139 -3.43 4.34 14.24
CA LEU A 139 -3.03 3.11 13.58
C LEU A 139 -3.10 1.94 14.57
N ASP A 140 -3.04 2.24 15.86
CA ASP A 140 -3.10 1.23 16.89
C ASP A 140 -4.51 0.69 17.05
N GLU A 141 -5.49 1.59 16.97
CA GLU A 141 -6.89 1.21 17.11
C GLU A 141 -7.33 0.34 15.94
N PHE A 142 -6.62 0.45 14.82
CA PHE A 142 -6.93 -0.32 13.63
C PHE A 142 -6.06 -1.58 13.55
N ALA A 143 -4.91 -1.54 14.22
CA ALA A 143 -4.00 -2.67 14.23
C ALA A 143 -4.65 -3.92 14.82
N GLU A 144 -4.77 -3.94 16.14
CA GLU A 144 -5.37 -5.07 16.84
C GLU A 144 -6.81 -5.31 16.39
N ASP A 145 -7.43 -4.27 15.83
CA ASP A 145 -8.81 -4.37 15.37
C ASP A 145 -8.96 -5.45 14.31
N ILE A 146 -8.52 -5.15 13.09
CA ILE A 146 -8.61 -6.10 11.99
C ILE A 146 -7.86 -7.39 12.31
N PHE A 147 -6.82 -7.27 13.12
CA PHE A 147 -6.01 -8.43 13.52
C PHE A 147 -6.82 -9.38 14.40
N LEU A 148 -7.65 -8.81 15.27
CA LEU A 148 -8.47 -9.61 16.17
C LEU A 148 -9.93 -9.63 15.72
N ASN A 149 -10.61 -8.50 15.89
CA ASN A 149 -12.01 -8.38 15.50
C ASN A 149 -12.21 -8.75 14.04
N GLY A 150 -11.69 -7.93 13.14
CA GLY A 150 -11.83 -8.19 11.72
C GLY A 150 -13.25 -8.03 11.23
N CYS A 151 -13.50 -8.40 9.98
CA CYS A 151 -14.83 -8.29 9.41
C CYS A 151 -15.62 -9.58 9.60
N GLY A 1 -3.56 7.93 -22.19
CA GLY A 1 -4.38 8.15 -23.42
C GLY A 1 -4.39 9.60 -23.85
N SER A 2 -5.58 10.19 -23.88
CA SER A 2 -5.74 11.59 -24.28
C SER A 2 -5.74 12.51 -23.07
N HIS A 3 -6.69 12.28 -22.17
CA HIS A 3 -6.80 13.10 -20.96
C HIS A 3 -5.89 12.57 -19.86
N MET A 4 -5.54 13.44 -18.92
CA MET A 4 -4.68 13.06 -17.81
C MET A 4 -5.48 12.62 -16.61
N ALA A 5 -5.02 11.57 -15.93
CA ALA A 5 -5.70 11.04 -14.75
C ALA A 5 -4.82 11.17 -13.52
N ASP A 6 -5.44 11.35 -12.36
CA ASP A 6 -4.72 11.48 -11.11
C ASP A 6 -4.39 10.13 -10.50
N CYS A 7 -3.91 9.20 -11.33
CA CYS A 7 -3.56 7.88 -10.84
C CYS A 7 -2.63 7.98 -9.64
N GLY A 8 -2.62 6.96 -8.81
CA GLY A 8 -1.80 6.99 -7.61
C GLY A 8 -1.97 8.27 -6.83
N GLN A 9 -3.20 8.78 -6.86
CA GLN A 9 -3.54 10.03 -6.18
C GLN A 9 -3.03 10.04 -4.75
N MET A 10 -3.06 8.87 -4.10
CA MET A 10 -2.60 8.74 -2.73
C MET A 10 -3.32 9.73 -1.81
N GLN A 11 -2.83 9.85 -0.58
CA GLN A 11 -3.42 10.77 0.39
C GLN A 11 -2.35 11.63 1.05
N GLU A 12 -2.79 12.66 1.76
CA GLU A 12 -1.89 13.57 2.44
C GLU A 12 -1.15 12.87 3.58
N GLU A 13 -0.23 13.60 4.22
CA GLU A 13 0.54 13.05 5.32
C GLU A 13 -0.09 13.42 6.66
N LEU A 14 -0.05 12.48 7.61
CA LEU A 14 -0.62 12.72 8.94
C LEU A 14 -2.10 13.10 8.84
N ASP A 15 -2.73 12.72 7.75
CA ASP A 15 -4.15 13.01 7.53
C ASP A 15 -4.99 12.45 8.67
N LEU A 16 -5.45 13.34 9.54
CA LEU A 16 -6.27 12.93 10.68
C LEU A 16 -7.76 13.06 10.37
N THR A 17 -8.06 13.39 9.12
CA THR A 17 -9.45 13.54 8.68
C THR A 17 -10.07 12.19 8.34
N ILE A 18 -9.31 11.12 8.57
CA ILE A 18 -9.78 9.76 8.29
C ILE A 18 -9.72 8.91 9.54
N SER A 19 -10.86 8.34 9.94
CA SER A 19 -10.93 7.49 11.12
C SER A 19 -10.48 6.07 10.79
N ALA A 20 -10.41 5.22 11.83
CA ALA A 20 -10.00 3.84 11.64
C ALA A 20 -11.01 3.06 10.82
N GLU A 21 -12.25 3.03 11.29
CA GLU A 21 -13.33 2.32 10.61
C GLU A 21 -13.59 2.92 9.23
N THR A 22 -13.16 4.16 9.03
CA THR A 22 -13.36 4.85 7.76
C THR A 22 -12.75 4.05 6.61
N ARG A 23 -11.57 3.49 6.83
CA ARG A 23 -10.89 2.70 5.82
C ARG A 23 -10.93 1.22 6.16
N LYS A 24 -11.24 0.92 7.41
CA LYS A 24 -11.32 -0.47 7.87
C LYS A 24 -12.48 -1.19 7.21
N GLN A 25 -13.64 -0.53 7.16
CA GLN A 25 -14.82 -1.10 6.54
C GLN A 25 -14.55 -1.39 5.06
N THR A 26 -13.49 -0.77 4.54
CA THR A 26 -13.11 -0.97 3.14
C THR A 26 -12.43 -2.31 2.95
N ALA A 27 -11.70 -2.75 3.96
CA ALA A 27 -10.99 -4.02 3.92
C ALA A 27 -11.98 -5.17 3.69
N CYS A 28 -13.24 -4.93 4.03
CA CYS A 28 -14.29 -5.92 3.87
C CYS A 28 -14.84 -5.93 2.44
N LYS A 29 -14.73 -4.79 1.78
CA LYS A 29 -15.21 -4.65 0.40
C LYS A 29 -14.58 -5.70 -0.50
N PRO A 30 -15.31 -6.13 -1.55
CA PRO A 30 -14.81 -7.13 -2.50
C PRO A 30 -13.70 -6.58 -3.38
N GLU A 31 -13.61 -5.27 -3.46
CA GLU A 31 -12.60 -4.60 -4.27
C GLU A 31 -11.23 -4.72 -3.62
N ILE A 32 -11.21 -4.91 -2.31
CA ILE A 32 -9.97 -5.03 -1.57
C ILE A 32 -9.58 -6.50 -1.39
N ALA A 33 -8.62 -6.95 -2.19
CA ALA A 33 -8.14 -8.32 -2.13
C ALA A 33 -7.31 -8.57 -0.88
N TYR A 34 -6.50 -7.59 -0.51
CA TYR A 34 -5.66 -7.72 0.67
C TYR A 34 -5.59 -6.42 1.47
N ALA A 35 -5.15 -6.56 2.72
CA ALA A 35 -5.01 -5.43 3.63
C ALA A 35 -3.84 -5.67 4.58
N TYR A 36 -2.68 -5.14 4.24
CA TYR A 36 -1.49 -5.33 5.06
C TYR A 36 -0.60 -4.10 5.10
N LYS A 37 0.51 -4.24 5.82
CA LYS A 37 1.49 -3.16 5.97
C LYS A 37 2.84 -3.59 5.40
N VAL A 38 3.45 -2.72 4.60
CA VAL A 38 4.74 -3.03 3.98
C VAL A 38 5.73 -1.89 4.18
N SER A 39 6.92 -2.05 3.60
CA SER A 39 7.97 -1.04 3.70
C SER A 39 8.81 -1.00 2.43
N ILE A 40 8.94 0.20 1.85
CA ILE A 40 9.73 0.37 0.63
C ILE A 40 11.21 0.21 0.93
N THR A 41 11.94 -0.42 0.00
CA THR A 41 13.37 -0.64 0.18
C THR A 41 14.17 -0.01 -0.96
N SER A 42 13.70 -0.21 -2.19
CA SER A 42 14.38 0.33 -3.36
C SER A 42 13.39 0.81 -4.42
N ILE A 43 13.89 1.57 -5.38
CA ILE A 43 13.06 2.10 -6.46
C ILE A 43 13.71 1.83 -7.81
N THR A 44 13.00 1.10 -8.67
CA THR A 44 13.51 0.78 -10.00
C THR A 44 12.99 1.76 -11.05
N VAL A 45 13.91 2.42 -11.74
CA VAL A 45 13.55 3.39 -12.76
C VAL A 45 13.96 2.88 -14.14
N GLU A 46 12.99 2.79 -15.05
CA GLU A 46 13.25 2.32 -16.40
C GLU A 46 13.12 3.45 -17.41
N ASN A 47 11.87 3.83 -17.71
CA ASN A 47 11.61 4.90 -18.67
C ASN A 47 10.15 5.32 -18.62
N VAL A 48 9.28 4.48 -19.14
CA VAL A 48 7.85 4.76 -19.16
C VAL A 48 7.14 4.09 -17.99
N PHE A 49 7.60 2.89 -17.62
CA PHE A 49 7.01 2.15 -16.52
C PHE A 49 7.92 2.17 -15.29
N VAL A 50 7.45 2.78 -14.22
CA VAL A 50 8.21 2.87 -12.99
C VAL A 50 7.93 1.67 -12.09
N LYS A 51 8.95 1.20 -11.38
CA LYS A 51 8.80 0.06 -10.50
C LYS A 51 9.31 0.37 -9.09
N TYR A 52 8.82 -0.39 -8.12
CA TYR A 52 9.21 -0.21 -6.72
C TYR A 52 9.38 -1.55 -6.02
N LYS A 53 10.56 -1.79 -5.47
CA LYS A 53 10.84 -3.03 -4.76
C LYS A 53 10.60 -2.86 -3.27
N ALA A 54 9.55 -3.51 -2.77
CA ALA A 54 9.21 -3.42 -1.35
C ALA A 54 9.06 -4.80 -0.73
N THR A 55 8.93 -4.84 0.59
CA THR A 55 8.79 -6.10 1.32
C THR A 55 7.59 -6.07 2.24
N LEU A 56 6.86 -7.18 2.29
CA LEU A 56 5.71 -7.28 3.18
C LEU A 56 6.19 -7.31 4.62
N LEU A 57 5.50 -6.60 5.50
CA LEU A 57 5.89 -6.58 6.90
C LEU A 57 4.96 -7.44 7.73
N ASP A 58 3.68 -7.35 7.44
CA ASP A 58 2.67 -8.14 8.14
C ASP A 58 1.34 -8.04 7.41
N ILE A 59 0.60 -9.15 7.36
CA ILE A 59 -0.68 -9.16 6.66
C ILE A 59 -1.87 -9.43 7.59
N TYR A 60 -2.92 -8.64 7.41
CA TYR A 60 -4.14 -8.79 8.19
C TYR A 60 -5.22 -9.43 7.33
N LYS A 61 -5.02 -9.31 6.02
CA LYS A 61 -5.93 -9.88 5.03
C LYS A 61 -5.12 -10.41 3.85
N THR A 62 -5.03 -11.73 3.75
CA THR A 62 -4.26 -12.38 2.68
C THR A 62 -4.49 -11.72 1.33
N GLY A 63 -3.47 -11.81 0.48
CA GLY A 63 -3.53 -11.22 -0.84
C GLY A 63 -3.97 -12.22 -1.90
N GLU A 64 -3.99 -13.49 -1.53
CA GLU A 64 -4.38 -14.56 -2.45
C GLU A 64 -3.30 -14.83 -3.48
N ALA A 65 -2.60 -13.78 -3.91
CA ALA A 65 -1.54 -13.91 -4.90
C ALA A 65 -0.18 -14.04 -4.22
N VAL A 66 0.00 -15.14 -3.48
CA VAL A 66 1.24 -15.41 -2.77
C VAL A 66 1.64 -14.21 -1.91
N ALA A 67 1.14 -14.18 -0.68
CA ALA A 67 1.45 -13.11 0.25
C ALA A 67 1.71 -13.65 1.64
N GLU A 68 2.30 -12.83 2.50
CA GLU A 68 2.60 -13.21 3.87
C GLU A 68 3.07 -12.02 4.67
N LYS A 69 3.35 -12.22 5.95
CA LYS A 69 3.80 -11.15 6.83
C LYS A 69 5.30 -10.88 6.66
N ASP A 70 5.78 -11.02 5.43
CA ASP A 70 7.20 -10.81 5.13
C ASP A 70 7.57 -11.36 3.75
N SER A 71 6.66 -11.22 2.79
CA SER A 71 6.89 -11.69 1.43
C SER A 71 7.56 -10.63 0.57
N GLU A 72 7.59 -10.88 -0.73
CA GLU A 72 8.18 -9.94 -1.68
C GLU A 72 7.11 -9.35 -2.60
N ILE A 73 7.13 -8.04 -2.77
CA ILE A 73 6.14 -7.37 -3.61
C ILE A 73 6.79 -6.36 -4.55
N THR A 74 6.22 -6.23 -5.74
CA THR A 74 6.73 -5.29 -6.74
C THR A 74 5.59 -4.50 -7.38
N PHE A 75 5.66 -3.18 -7.28
CA PHE A 75 4.63 -2.32 -7.84
C PHE A 75 5.13 -1.59 -9.08
N ILE A 76 4.29 -1.57 -10.12
CA ILE A 76 4.64 -0.90 -11.37
C ILE A 76 3.53 0.05 -11.82
N LYS A 77 3.91 1.11 -12.53
CA LYS A 77 2.94 2.08 -13.02
C LYS A 77 3.44 2.76 -14.28
N LYS A 78 2.63 3.67 -14.82
CA LYS A 78 2.98 4.40 -16.03
C LYS A 78 3.51 5.79 -15.70
N VAL A 79 3.68 6.62 -16.72
CA VAL A 79 4.18 7.98 -16.53
C VAL A 79 3.06 8.92 -16.11
N THR A 80 1.82 8.50 -16.35
CA THR A 80 0.66 9.31 -16.00
C THR A 80 0.17 8.99 -14.58
N CYS A 81 0.96 8.21 -13.86
CA CYS A 81 0.62 7.83 -12.49
C CYS A 81 1.71 8.27 -11.51
N THR A 82 2.56 9.18 -11.97
CA THR A 82 3.65 9.68 -11.14
C THR A 82 3.13 10.51 -9.98
N ASN A 83 1.82 10.73 -9.95
CA ASN A 83 1.19 11.51 -8.88
C ASN A 83 1.47 10.89 -7.52
N ALA A 84 1.78 9.59 -7.52
CA ALA A 84 2.07 8.88 -6.28
C ALA A 84 3.49 9.13 -5.82
N GLU A 85 3.64 9.85 -4.72
CA GLU A 85 4.95 10.17 -4.18
C GLU A 85 5.36 9.16 -3.11
N LEU A 86 6.35 8.34 -3.44
CA LEU A 86 6.83 7.31 -2.50
C LEU A 86 8.28 7.59 -2.09
N VAL A 87 8.66 7.10 -0.93
CA VAL A 87 10.01 7.29 -0.41
C VAL A 87 10.64 5.96 -0.01
N LYS A 88 11.85 5.71 -0.50
CA LYS A 88 12.55 4.48 -0.20
C LYS A 88 13.04 4.46 1.25
N GLY A 89 12.72 3.39 1.96
CA GLY A 89 13.12 3.25 3.34
C GLY A 89 12.02 3.63 4.32
N ARG A 90 10.81 3.85 3.79
CA ARG A 90 9.67 4.22 4.62
C ARG A 90 8.63 3.10 4.66
N GLN A 91 7.60 3.31 5.47
CA GLN A 91 6.53 2.33 5.61
C GLN A 91 5.21 2.91 5.11
N TYR A 92 4.42 2.08 4.44
CA TYR A 92 3.14 2.52 3.90
C TYR A 92 2.07 1.43 4.04
N LEU A 93 0.82 1.85 4.08
CA LEU A 93 -0.31 0.93 4.20
C LEU A 93 -0.92 0.67 2.81
N ILE A 94 -1.22 -0.59 2.53
CA ILE A 94 -1.79 -0.96 1.24
C ILE A 94 -3.03 -1.83 1.38
N MET A 95 -4.08 -1.46 0.64
CA MET A 95 -5.34 -2.18 0.65
C MET A 95 -6.02 -2.09 -0.72
N GLY A 96 -6.21 -3.24 -1.37
CA GLY A 96 -6.84 -3.23 -2.68
C GLY A 96 -6.71 -4.55 -3.42
N LYS A 97 -7.00 -4.50 -4.72
CA LYS A 97 -6.95 -5.69 -5.58
C LYS A 97 -5.63 -6.44 -5.42
N GLU A 98 -5.64 -7.71 -5.81
CA GLU A 98 -4.45 -8.54 -5.71
C GLU A 98 -3.63 -8.48 -6.99
N ALA A 99 -2.65 -9.36 -7.12
CA ALA A 99 -1.79 -9.39 -8.30
C ALA A 99 -2.10 -10.61 -9.16
N LEU A 100 -2.06 -10.42 -10.48
CA LEU A 100 -2.32 -11.50 -11.42
C LEU A 100 -1.22 -11.55 -12.49
N GLN A 101 -0.33 -12.51 -12.36
CA GLN A 101 0.78 -12.66 -13.29
C GLN A 101 1.22 -14.12 -13.40
N ILE A 102 1.72 -14.64 -12.30
CA ILE A 102 2.19 -16.02 -12.22
C ILE A 102 3.44 -16.22 -13.06
N LYS A 103 4.60 -16.10 -12.43
CA LYS A 103 5.88 -16.28 -13.11
C LYS A 103 5.93 -17.61 -13.84
N TYR A 104 5.81 -17.56 -15.16
CA TYR A 104 5.84 -18.76 -15.98
C TYR A 104 7.22 -18.92 -16.64
N ASN A 105 8.03 -19.81 -16.08
CA ASN A 105 9.38 -20.06 -16.59
C ASN A 105 10.27 -18.84 -16.41
N ALA A 106 10.11 -17.84 -17.27
CA ALA A 106 10.90 -16.63 -17.20
C ALA A 106 10.10 -15.41 -17.65
N SER A 107 8.77 -15.53 -17.61
CA SER A 107 7.90 -14.44 -18.03
C SER A 107 6.86 -14.15 -16.96
N PHE A 108 5.96 -13.21 -17.27
CA PHE A 108 4.89 -12.82 -16.34
C PHE A 108 5.46 -12.31 -15.03
N ARG A 109 5.53 -13.18 -14.03
CA ARG A 109 6.05 -12.83 -12.71
C ARG A 109 5.12 -11.85 -12.01
N TYR A 110 4.75 -12.17 -10.77
CA TYR A 110 3.84 -11.34 -10.00
C TYR A 110 4.38 -9.92 -9.82
N ILE A 111 3.55 -8.95 -10.21
CA ILE A 111 3.90 -7.54 -10.10
C ILE A 111 2.65 -6.71 -9.85
N TYR A 112 2.41 -6.38 -8.58
CA TYR A 112 1.24 -5.61 -8.20
C TYR A 112 1.15 -4.29 -8.96
N PRO A 113 -0.03 -4.01 -9.54
CA PRO A 113 -0.26 -2.77 -10.31
C PRO A 113 -0.47 -1.57 -9.39
N LEU A 114 0.05 -0.42 -9.82
CA LEU A 114 -0.08 0.80 -9.04
C LEU A 114 -1.09 1.75 -9.67
N ASP A 115 -2.32 1.71 -9.16
CA ASP A 115 -3.39 2.57 -9.67
C ASP A 115 -3.93 3.47 -8.58
N SER A 116 -5.02 4.18 -8.89
CA SER A 116 -5.65 5.08 -7.93
C SER A 116 -6.53 4.32 -6.96
N LEU A 117 -6.88 3.08 -7.31
CA LEU A 117 -7.72 2.26 -6.46
C LEU A 117 -6.93 1.69 -5.29
N THR A 118 -5.65 1.44 -5.53
CA THR A 118 -4.77 0.90 -4.50
C THR A 118 -4.65 1.86 -3.32
N TRP A 119 -5.41 1.59 -2.27
CA TRP A 119 -5.38 2.43 -1.07
C TRP A 119 -3.99 2.47 -0.46
N ILE A 120 -3.35 3.63 -0.53
CA ILE A 120 -2.01 3.80 0.01
C ILE A 120 -1.95 4.97 0.99
N GLU A 121 -1.47 4.69 2.20
CA GLU A 121 -1.37 5.72 3.23
C GLU A 121 0.07 5.83 3.74
N TYR A 122 0.47 7.04 4.14
CA TYR A 122 1.81 7.27 4.66
C TYR A 122 1.90 6.92 6.14
N TRP A 123 2.76 5.96 6.47
CA TRP A 123 2.94 5.55 7.85
C TRP A 123 4.15 6.24 8.46
N PRO A 124 3.92 7.09 9.48
CA PRO A 124 5.01 7.83 10.15
C PRO A 124 6.16 6.92 10.54
N ARG A 125 7.22 6.94 9.74
CA ARG A 125 8.40 6.12 10.00
C ARG A 125 9.06 6.52 11.32
N ASP A 126 8.81 7.75 11.77
CA ASP A 126 9.39 8.25 13.00
C ASP A 126 8.33 8.86 13.91
N THR A 127 8.67 8.99 15.19
CA THR A 127 7.76 9.56 16.17
C THR A 127 8.51 10.46 17.15
N THR A 128 9.54 9.88 17.80
CA THR A 128 10.37 10.62 18.76
C THR A 128 9.51 11.34 19.80
N CYS A 129 8.26 10.88 19.96
CA CYS A 129 7.33 11.47 20.92
C CYS A 129 7.43 13.00 20.92
N SER A 130 7.75 13.56 19.77
CA SER A 130 7.87 15.01 19.64
C SER A 130 7.34 15.48 18.29
N SER A 131 7.56 14.67 17.26
CA SER A 131 7.10 14.99 15.91
C SER A 131 5.59 14.83 15.80
N CYS A 132 5.10 13.62 16.05
CA CYS A 132 3.67 13.34 15.98
C CYS A 132 3.36 11.97 16.56
N GLN A 133 2.24 11.87 17.27
CA GLN A 133 1.81 10.61 17.86
C GLN A 133 0.30 10.44 17.77
N ALA A 134 -0.38 11.50 17.34
CA ALA A 134 -1.83 11.48 17.20
C ALA A 134 -2.25 10.64 15.99
N PHE A 135 -1.27 10.23 15.18
CA PHE A 135 -1.54 9.43 13.99
C PHE A 135 -1.12 7.98 14.22
N LEU A 136 -0.13 7.78 15.08
CA LEU A 136 0.37 6.45 15.37
C LEU A 136 -0.55 5.73 16.35
N ALA A 137 -0.84 6.37 17.48
CA ALA A 137 -1.72 5.78 18.48
C ALA A 137 -3.12 5.58 17.93
N ASN A 138 -3.40 6.22 16.81
CA ASN A 138 -4.72 6.12 16.17
C ASN A 138 -4.70 5.05 15.08
N LEU A 139 -3.60 4.96 14.36
CA LEU A 139 -3.45 3.97 13.30
C LEU A 139 -3.26 2.57 13.88
N ASP A 140 -2.75 2.52 15.10
CA ASP A 140 -2.54 1.25 15.78
C ASP A 140 -3.87 0.57 16.08
N GLU A 141 -4.92 1.39 16.20
CA GLU A 141 -6.26 0.87 16.49
C GLU A 141 -6.74 -0.03 15.36
N PHE A 142 -6.55 0.43 14.12
CA PHE A 142 -6.96 -0.33 12.95
C PHE A 142 -6.33 -1.71 12.96
N ALA A 143 -5.14 -1.82 13.54
CA ALA A 143 -4.43 -3.09 13.62
C ALA A 143 -5.12 -4.05 14.59
N GLU A 144 -5.45 -3.55 15.78
CA GLU A 144 -6.10 -4.36 16.80
C GLU A 144 -7.54 -4.67 16.43
N ASP A 145 -8.07 -3.97 15.43
CA ASP A 145 -9.43 -4.18 14.99
C ASP A 145 -9.55 -5.45 14.16
N ILE A 146 -8.95 -5.42 12.96
CA ILE A 146 -8.99 -6.57 12.07
C ILE A 146 -8.38 -7.80 12.73
N PHE A 147 -7.54 -7.58 13.74
CA PHE A 147 -6.89 -8.67 14.46
C PHE A 147 -7.81 -9.26 15.52
N LEU A 148 -8.29 -8.42 16.43
CA LEU A 148 -9.17 -8.86 17.50
C LEU A 148 -10.60 -9.00 17.02
N ASN A 149 -11.18 -7.89 16.58
CA ASN A 149 -12.55 -7.88 16.08
C ASN A 149 -12.67 -8.73 14.82
N GLY A 150 -12.15 -8.22 13.71
CA GLY A 150 -12.22 -8.94 12.45
C GLY A 150 -13.42 -8.54 11.62
N CYS A 151 -13.49 -9.06 10.40
CA CYS A 151 -14.59 -8.75 9.49
C CYS A 151 -15.53 -9.93 9.36
N GLY A 1 -12.57 10.44 -19.09
CA GLY A 1 -11.15 10.88 -19.13
C GLY A 1 -10.33 10.12 -20.14
N SER A 2 -9.40 10.82 -20.80
CA SER A 2 -8.54 10.19 -21.80
C SER A 2 -7.19 10.90 -21.88
N HIS A 3 -7.03 11.96 -21.09
CA HIS A 3 -5.80 12.72 -21.07
C HIS A 3 -4.73 12.03 -20.23
N MET A 4 -5.03 11.86 -18.94
CA MET A 4 -4.10 11.20 -18.03
C MET A 4 -4.85 10.36 -17.00
N ALA A 5 -4.10 9.61 -16.19
CA ALA A 5 -4.70 8.76 -15.18
C ALA A 5 -3.72 8.51 -14.03
N ASP A 6 -4.06 9.01 -12.85
CA ASP A 6 -3.22 8.84 -11.67
C ASP A 6 -3.12 7.36 -11.30
N CYS A 7 -1.91 6.92 -10.94
CA CYS A 7 -1.68 5.53 -10.57
C CYS A 7 -2.15 5.30 -9.14
N GLY A 8 -3.09 6.12 -8.71
CA GLY A 8 -3.63 6.02 -7.36
C GLY A 8 -3.17 7.17 -6.50
N GLN A 9 -3.82 8.32 -6.67
CA GLN A 9 -3.47 9.52 -5.92
C GLN A 9 -3.31 9.22 -4.43
N MET A 10 -2.13 9.51 -3.90
CA MET A 10 -1.84 9.27 -2.50
C MET A 10 -2.60 10.24 -1.61
N GLN A 11 -3.10 9.74 -0.48
CA GLN A 11 -3.85 10.56 0.46
C GLN A 11 -2.98 11.66 1.05
N GLU A 12 -3.61 12.62 1.72
CA GLU A 12 -2.91 13.73 2.33
C GLU A 12 -1.97 13.24 3.43
N GLU A 13 -1.04 14.10 3.83
CA GLU A 13 -0.08 13.74 4.88
C GLU A 13 -0.56 14.25 6.23
N LEU A 14 -0.45 13.39 7.25
CA LEU A 14 -0.87 13.73 8.60
C LEU A 14 -2.34 14.13 8.64
N ASP A 15 -3.10 13.68 7.64
CA ASP A 15 -4.52 13.97 7.56
C ASP A 15 -5.26 13.41 8.78
N LEU A 16 -5.57 14.29 9.73
CA LEU A 16 -6.26 13.88 10.95
C LEU A 16 -7.75 14.19 10.85
N THR A 17 -8.53 13.19 10.44
CA THR A 17 -9.98 13.35 10.32
C THR A 17 -10.64 12.03 9.94
N ILE A 18 -9.85 11.10 9.40
CA ILE A 18 -10.36 9.80 8.99
C ILE A 18 -10.39 8.84 10.17
N SER A 19 -11.55 8.23 10.41
CA SER A 19 -11.70 7.28 11.51
C SER A 19 -11.07 5.93 11.16
N ALA A 20 -10.79 5.14 12.18
CA ALA A 20 -10.19 3.83 11.99
C ALA A 20 -11.18 2.86 11.35
N GLU A 21 -12.45 3.23 11.35
CA GLU A 21 -13.50 2.40 10.77
C GLU A 21 -13.70 2.74 9.29
N THR A 22 -13.51 4.01 8.94
CA THR A 22 -13.67 4.47 7.57
C THR A 22 -12.68 3.77 6.64
N ARG A 23 -11.46 3.56 7.13
CA ARG A 23 -10.43 2.91 6.34
C ARG A 23 -10.49 1.40 6.49
N LYS A 24 -11.28 0.93 7.45
CA LYS A 24 -11.43 -0.50 7.69
C LYS A 24 -12.52 -1.10 6.79
N GLN A 25 -13.56 -0.32 6.53
CA GLN A 25 -14.66 -0.76 5.68
C GLN A 25 -14.16 -1.05 4.26
N THR A 26 -12.94 -0.60 3.98
CA THR A 26 -12.34 -0.81 2.67
C THR A 26 -11.58 -2.13 2.63
N ALA A 27 -11.11 -2.57 3.79
CA ALA A 27 -10.36 -3.82 3.89
C ALA A 27 -11.24 -5.02 3.58
N CYS A 28 -12.32 -5.17 4.35
CA CYS A 28 -13.24 -6.29 4.16
C CYS A 28 -14.03 -6.12 2.87
N LYS A 29 -13.88 -4.95 2.23
CA LYS A 29 -14.58 -4.67 0.99
C LYS A 29 -14.14 -5.63 -0.12
N PRO A 30 -15.11 -6.12 -0.92
CA PRO A 30 -14.82 -7.07 -2.01
C PRO A 30 -13.78 -6.54 -2.99
N GLU A 31 -13.74 -5.22 -3.18
CA GLU A 31 -12.79 -4.61 -4.09
C GLU A 31 -11.36 -4.83 -3.62
N ILE A 32 -11.20 -5.02 -2.32
CA ILE A 32 -9.89 -5.25 -1.72
C ILE A 32 -9.69 -6.71 -1.36
N ALA A 33 -8.57 -7.28 -1.79
CA ALA A 33 -8.26 -8.68 -1.51
C ALA A 33 -7.31 -8.81 -0.34
N TYR A 34 -6.31 -7.94 -0.28
CA TYR A 34 -5.32 -7.99 0.78
C TYR A 34 -5.23 -6.65 1.53
N ALA A 35 -4.71 -6.72 2.75
CA ALA A 35 -4.54 -5.55 3.59
C ALA A 35 -3.39 -5.77 4.56
N TYR A 36 -2.29 -5.06 4.36
CA TYR A 36 -1.13 -5.23 5.21
C TYR A 36 -0.22 -3.99 5.20
N LYS A 37 0.88 -4.09 5.94
CA LYS A 37 1.85 -3.00 6.04
C LYS A 37 3.18 -3.43 5.42
N VAL A 38 3.77 -2.55 4.61
CA VAL A 38 5.04 -2.86 3.96
C VAL A 38 6.07 -1.75 4.16
N SER A 39 7.29 -2.01 3.69
CA SER A 39 8.38 -1.06 3.80
C SER A 39 9.27 -1.10 2.55
N ILE A 40 9.33 0.01 1.83
CA ILE A 40 10.14 0.08 0.63
C ILE A 40 11.59 -0.29 0.91
N THR A 41 12.20 -1.05 -0.01
CA THR A 41 13.58 -1.48 0.16
C THR A 41 14.42 -1.14 -1.07
N SER A 42 13.75 -0.95 -2.21
CA SER A 42 14.45 -0.62 -3.45
C SER A 42 13.55 0.17 -4.39
N ILE A 43 14.16 0.89 -5.32
CA ILE A 43 13.41 1.69 -6.29
C ILE A 43 14.12 1.68 -7.66
N THR A 44 13.43 1.13 -8.66
CA THR A 44 13.97 1.06 -10.01
C THR A 44 13.22 1.99 -10.95
N VAL A 45 13.88 3.07 -11.37
CA VAL A 45 13.27 4.03 -12.27
C VAL A 45 13.84 3.91 -13.68
N GLU A 46 12.98 3.69 -14.66
CA GLU A 46 13.39 3.55 -16.04
C GLU A 46 12.93 4.75 -16.86
N ASN A 47 13.35 4.81 -18.12
CA ASN A 47 12.99 5.91 -19.01
C ASN A 47 11.48 6.10 -19.06
N VAL A 48 10.72 5.05 -18.76
CA VAL A 48 9.27 5.13 -18.78
C VAL A 48 8.64 4.41 -17.60
N PHE A 49 8.66 3.08 -17.64
CA PHE A 49 8.08 2.26 -16.57
C PHE A 49 9.00 2.21 -15.36
N VAL A 50 8.51 2.68 -14.22
CA VAL A 50 9.28 2.69 -12.99
C VAL A 50 8.78 1.62 -12.02
N LYS A 51 9.63 0.64 -11.73
CA LYS A 51 9.27 -0.43 -10.82
C LYS A 51 9.65 -0.09 -9.38
N TYR A 52 8.96 -0.70 -8.43
CA TYR A 52 9.23 -0.45 -7.02
C TYR A 52 9.27 -1.76 -6.23
N LYS A 53 10.31 -1.93 -5.43
CA LYS A 53 10.46 -3.14 -4.61
C LYS A 53 10.23 -2.81 -3.14
N ALA A 54 9.41 -3.61 -2.47
CA ALA A 54 9.12 -3.39 -1.06
C ALA A 54 9.09 -4.69 -0.28
N THR A 55 8.96 -4.59 1.04
CA THR A 55 8.92 -5.76 1.91
C THR A 55 7.65 -5.76 2.77
N LEU A 56 6.93 -6.88 2.73
CA LEU A 56 5.70 -7.01 3.50
C LEU A 56 6.00 -7.10 5.00
N LEU A 57 6.02 -5.95 5.66
CA LEU A 57 6.32 -5.90 7.09
C LEU A 57 5.50 -6.93 7.87
N ASP A 58 4.21 -6.99 7.56
CA ASP A 58 3.32 -7.94 8.23
C ASP A 58 1.96 -8.00 7.52
N ILE A 59 1.29 -9.14 7.64
CA ILE A 59 -0.01 -9.33 6.99
C ILE A 59 -1.17 -9.14 7.97
N TYR A 60 -2.15 -8.32 7.57
CA TYR A 60 -3.33 -8.08 8.39
C TYR A 60 -4.54 -8.73 7.75
N LYS A 61 -4.45 -8.91 6.43
CA LYS A 61 -5.51 -9.55 5.65
C LYS A 61 -4.89 -10.34 4.51
N THR A 62 -4.92 -11.66 4.64
CA THR A 62 -4.35 -12.55 3.62
C THR A 62 -4.75 -12.15 2.21
N GLY A 63 -3.77 -12.14 1.32
CA GLY A 63 -4.00 -11.79 -0.06
C GLY A 63 -4.32 -12.99 -0.92
N GLU A 64 -5.38 -12.89 -1.71
CA GLU A 64 -5.79 -13.99 -2.58
C GLU A 64 -4.67 -14.35 -3.55
N ALA A 65 -3.75 -13.42 -3.77
CA ALA A 65 -2.61 -13.64 -4.65
C ALA A 65 -1.45 -14.27 -3.90
N VAL A 66 -1.76 -15.25 -3.07
CA VAL A 66 -0.75 -15.94 -2.27
C VAL A 66 0.00 -14.96 -1.36
N ALA A 67 -0.44 -14.87 -0.11
CA ALA A 67 0.18 -13.97 0.86
C ALA A 67 1.25 -14.71 1.66
N GLU A 68 2.32 -13.99 1.99
CA GLU A 68 3.41 -14.59 2.75
C GLU A 68 4.05 -13.55 3.67
N LYS A 69 4.36 -13.96 4.89
CA LYS A 69 4.99 -13.07 5.85
C LYS A 69 6.27 -12.49 5.28
N ASP A 70 6.45 -11.18 5.42
CA ASP A 70 7.64 -10.50 4.92
C ASP A 70 7.96 -10.96 3.49
N SER A 71 6.90 -11.14 2.70
CA SER A 71 7.04 -11.56 1.31
C SER A 71 7.77 -10.50 0.50
N GLU A 72 7.76 -10.67 -0.83
CA GLU A 72 8.41 -9.73 -1.73
C GLU A 72 7.41 -9.18 -2.74
N ILE A 73 7.00 -7.92 -2.54
CA ILE A 73 6.05 -7.28 -3.43
C ILE A 73 6.74 -6.37 -4.44
N THR A 74 6.13 -6.23 -5.61
CA THR A 74 6.69 -5.38 -6.66
C THR A 74 5.61 -4.50 -7.28
N PHE A 75 5.62 -3.23 -6.94
CA PHE A 75 4.63 -2.29 -7.46
C PHE A 75 5.22 -1.45 -8.61
N ILE A 76 4.64 -1.62 -9.79
CA ILE A 76 5.10 -0.88 -10.98
C ILE A 76 4.22 0.34 -11.24
N LYS A 77 4.82 1.37 -11.80
CA LYS A 77 4.09 2.60 -12.11
C LYS A 77 4.39 3.08 -13.53
N LYS A 78 3.50 3.91 -14.06
CA LYS A 78 3.67 4.44 -15.41
C LYS A 78 4.00 5.93 -15.37
N VAL A 79 3.96 6.57 -16.53
CA VAL A 79 4.27 7.99 -16.62
C VAL A 79 3.00 8.84 -16.59
N THR A 80 1.87 8.17 -16.40
CA THR A 80 0.58 8.86 -16.34
C THR A 80 0.19 9.17 -14.90
N CYS A 81 0.99 8.68 -13.96
CA CYS A 81 0.73 8.91 -12.54
C CYS A 81 1.30 10.25 -12.10
N THR A 82 2.63 10.30 -12.01
CA THR A 82 3.34 11.52 -11.62
C THR A 82 2.75 12.14 -10.36
N ASN A 83 2.10 11.32 -9.54
CA ASN A 83 1.50 11.80 -8.30
C ASN A 83 1.82 10.85 -7.14
N ALA A 84 2.47 9.73 -7.46
CA ALA A 84 2.83 8.75 -6.45
C ALA A 84 4.21 9.05 -5.86
N GLU A 85 4.28 9.12 -4.53
CA GLU A 85 5.53 9.40 -3.85
C GLU A 85 5.91 8.25 -2.92
N LEU A 86 6.89 7.46 -3.34
CA LEU A 86 7.36 6.33 -2.55
C LEU A 86 8.85 6.47 -2.25
N VAL A 87 9.15 7.01 -1.07
CA VAL A 87 10.53 7.20 -0.64
C VAL A 87 11.19 5.89 -0.24
N LYS A 88 12.49 5.78 -0.49
CA LYS A 88 13.24 4.58 -0.15
C LYS A 88 13.28 4.36 1.36
N GLY A 89 13.06 3.11 1.78
CA GLY A 89 13.06 2.80 3.20
C GLY A 89 11.96 3.50 3.96
N ARG A 90 10.82 3.69 3.29
CA ARG A 90 9.68 4.36 3.92
C ARG A 90 8.55 3.36 4.17
N GLN A 91 7.77 3.63 5.22
CA GLN A 91 6.65 2.75 5.58
C GLN A 91 5.36 3.21 4.89
N TYR A 92 4.68 2.28 4.23
CA TYR A 92 3.44 2.59 3.53
C TYR A 92 2.37 1.54 3.78
N LEU A 93 1.12 1.97 3.76
CA LEU A 93 -0.02 1.09 3.96
C LEU A 93 -0.62 0.68 2.62
N ILE A 94 -0.84 -0.62 2.43
CA ILE A 94 -1.39 -1.11 1.18
C ILE A 94 -2.65 -1.94 1.40
N MET A 95 -3.71 -1.58 0.66
CA MET A 95 -5.00 -2.28 0.75
C MET A 95 -5.70 -2.25 -0.60
N GLY A 96 -5.85 -3.42 -1.22
CA GLY A 96 -6.51 -3.48 -2.52
C GLY A 96 -6.62 -4.89 -3.07
N LYS A 97 -7.22 -5.00 -4.25
CA LYS A 97 -7.40 -6.29 -4.90
C LYS A 97 -6.08 -7.03 -5.06
N GLU A 98 -6.15 -8.35 -5.23
CA GLU A 98 -4.96 -9.17 -5.37
C GLU A 98 -4.17 -8.76 -6.62
N ALA A 99 -3.01 -9.40 -6.81
CA ALA A 99 -2.15 -9.11 -7.95
C ALA A 99 -2.76 -9.66 -9.24
N LEU A 100 -2.00 -9.57 -10.33
CA LEU A 100 -2.47 -10.06 -11.62
C LEU A 100 -1.41 -10.94 -12.28
N GLN A 101 -1.73 -12.22 -12.45
CA GLN A 101 -0.80 -13.16 -13.08
C GLN A 101 -0.91 -13.09 -14.59
N ILE A 102 0.24 -13.09 -15.27
CA ILE A 102 0.27 -13.02 -16.72
C ILE A 102 1.71 -13.04 -17.25
N LYS A 103 2.58 -13.80 -16.58
CA LYS A 103 3.98 -13.89 -17.00
C LYS A 103 4.10 -14.03 -18.52
N TYR A 104 3.72 -15.19 -19.02
CA TYR A 104 3.79 -15.44 -20.46
C TYR A 104 2.80 -16.53 -20.88
N ASN A 105 1.57 -16.12 -21.17
CA ASN A 105 0.52 -17.04 -21.59
C ASN A 105 0.40 -18.23 -20.63
N ALA A 106 1.15 -19.29 -20.91
CA ALA A 106 1.12 -20.49 -20.08
C ALA A 106 1.51 -20.18 -18.64
N SER A 107 2.73 -19.69 -18.45
CA SER A 107 3.20 -19.34 -17.11
C SER A 107 2.40 -18.19 -16.53
N PHE A 108 2.75 -17.78 -15.31
CA PHE A 108 2.05 -16.69 -14.64
C PHE A 108 2.98 -15.92 -13.70
N ARG A 109 2.92 -14.59 -13.78
CA ARG A 109 3.76 -13.75 -12.93
C ARG A 109 2.89 -12.87 -12.03
N TYR A 110 3.06 -13.03 -10.73
CA TYR A 110 2.28 -12.27 -9.76
C TYR A 110 2.96 -10.93 -9.44
N ILE A 111 2.49 -9.88 -10.09
CA ILE A 111 3.03 -8.54 -9.87
C ILE A 111 1.96 -7.59 -9.35
N TYR A 112 2.38 -6.59 -8.57
CA TYR A 112 1.44 -5.63 -8.01
C TYR A 112 1.41 -4.34 -8.83
N PRO A 113 0.24 -3.99 -9.39
CA PRO A 113 0.08 -2.78 -10.20
C PRO A 113 -0.19 -1.54 -9.35
N LEU A 114 -0.39 -0.41 -10.01
CA LEU A 114 -0.67 0.84 -9.31
C LEU A 114 -1.81 1.59 -10.00
N ASP A 115 -3.03 1.40 -9.50
CA ASP A 115 -4.21 2.05 -10.06
C ASP A 115 -4.83 2.98 -9.04
N SER A 116 -5.92 3.66 -9.44
CA SER A 116 -6.62 4.58 -8.56
C SER A 116 -7.42 3.83 -7.51
N LEU A 117 -7.37 2.50 -7.56
CA LEU A 117 -8.09 1.67 -6.61
C LEU A 117 -7.21 1.32 -5.43
N THR A 118 -5.91 1.15 -5.69
CA THR A 118 -4.95 0.80 -4.65
C THR A 118 -4.98 1.82 -3.51
N TRP A 119 -5.18 1.32 -2.30
CA TRP A 119 -5.24 2.19 -1.12
C TRP A 119 -3.85 2.32 -0.49
N ILE A 120 -3.26 3.51 -0.64
CA ILE A 120 -1.94 3.78 -0.08
C ILE A 120 -2.03 4.86 1.00
N GLU A 121 -1.50 4.56 2.18
CA GLU A 121 -1.52 5.51 3.28
C GLU A 121 -0.15 5.63 3.93
N TYR A 122 0.46 6.81 3.82
CA TYR A 122 1.77 7.06 4.40
C TYR A 122 1.76 6.81 5.90
N TRP A 123 2.60 5.88 6.35
CA TRP A 123 2.69 5.54 7.75
C TRP A 123 3.88 6.26 8.39
N PRO A 124 3.63 7.36 9.14
CA PRO A 124 4.68 8.13 9.80
C PRO A 124 5.61 7.26 10.63
N ARG A 125 6.76 6.91 10.06
CA ARG A 125 7.73 6.09 10.76
C ARG A 125 8.23 6.77 12.03
N ASP A 126 8.18 8.10 12.03
CA ASP A 126 8.62 8.87 13.19
C ASP A 126 7.48 9.07 14.18
N THR A 127 7.77 8.84 15.46
CA THR A 127 6.76 8.98 16.51
C THR A 127 7.33 9.72 17.71
N THR A 128 8.60 10.11 17.62
CA THR A 128 9.27 10.82 18.70
C THR A 128 9.09 12.33 18.55
N CYS A 129 8.42 12.74 17.48
CA CYS A 129 8.18 14.16 17.22
C CYS A 129 7.20 14.74 18.23
N SER A 130 6.49 13.85 18.93
CA SER A 130 5.51 14.26 19.94
C SER A 130 4.55 15.32 19.39
N SER A 131 4.39 15.33 18.07
CA SER A 131 3.51 16.28 17.41
C SER A 131 2.71 15.61 16.30
N CYS A 132 3.34 14.66 15.62
CA CYS A 132 2.69 13.94 14.53
C CYS A 132 2.26 12.55 14.99
N GLN A 133 2.44 12.27 16.28
CA GLN A 133 2.07 10.98 16.84
C GLN A 133 0.56 10.82 16.90
N ALA A 134 -0.16 11.95 16.83
CA ALA A 134 -1.62 11.94 16.87
C ALA A 134 -2.19 11.11 15.71
N PHE A 135 -1.40 10.92 14.66
CA PHE A 135 -1.83 10.16 13.50
C PHE A 135 -1.72 8.67 13.76
N LEU A 136 -0.75 8.29 14.59
CA LEU A 136 -0.53 6.88 14.93
C LEU A 136 -1.61 6.38 15.89
N ALA A 137 -2.34 7.32 16.48
CA ALA A 137 -3.39 6.97 17.43
C ALA A 137 -4.55 6.28 16.72
N ASN A 138 -4.94 6.81 15.56
CA ASN A 138 -6.03 6.24 14.79
C ASN A 138 -5.59 4.94 14.11
N LEU A 139 -4.28 4.78 13.95
CA LEU A 139 -3.73 3.58 13.32
C LEU A 139 -3.67 2.43 14.31
N ASP A 140 -3.56 2.75 15.60
CA ASP A 140 -3.50 1.74 16.64
C ASP A 140 -4.85 1.03 16.76
N GLU A 141 -5.92 1.72 16.42
CA GLU A 141 -7.26 1.16 16.48
C GLU A 141 -7.58 0.37 15.23
N PHE A 142 -6.61 0.28 14.33
CA PHE A 142 -6.78 -0.44 13.07
C PHE A 142 -5.88 -1.67 13.02
N ALA A 143 -4.83 -1.66 13.85
CA ALA A 143 -3.89 -2.77 13.91
C ALA A 143 -4.48 -3.95 14.67
N GLU A 144 -4.73 -3.75 15.96
CA GLU A 144 -5.29 -4.80 16.80
C GLU A 144 -6.68 -5.20 16.33
N ASP A 145 -7.41 -4.24 15.79
CA ASP A 145 -8.76 -4.48 15.30
C ASP A 145 -8.79 -5.66 14.34
N ILE A 146 -8.30 -5.44 13.12
CA ILE A 146 -8.27 -6.50 12.11
C ILE A 146 -7.50 -7.73 12.59
N PHE A 147 -6.53 -7.49 13.47
CA PHE A 147 -5.71 -8.57 14.01
C PHE A 147 -6.50 -9.42 14.99
N LEU A 148 -7.48 -8.82 15.66
CA LEU A 148 -8.30 -9.52 16.64
C LEU A 148 -9.68 -9.84 16.09
N ASN A 149 -10.52 -8.83 16.01
CA ASN A 149 -11.88 -9.00 15.51
C ASN A 149 -11.92 -9.11 14.00
N GLY A 150 -11.38 -8.10 13.31
CA GLY A 150 -11.36 -8.12 11.86
C GLY A 150 -12.76 -8.04 11.27
N CYS A 151 -12.99 -8.81 10.21
CA CYS A 151 -14.30 -8.83 9.55
C CYS A 151 -14.84 -10.25 9.45
N GLY A 1 1.70 18.35 -14.00
CA GLY A 1 1.34 16.90 -14.13
C GLY A 1 1.57 16.37 -15.53
N SER A 2 0.93 15.25 -15.85
CA SER A 2 1.07 14.64 -17.16
C SER A 2 -0.28 14.14 -17.69
N HIS A 3 -0.79 14.82 -18.70
CA HIS A 3 -2.08 14.46 -19.30
C HIS A 3 -3.21 14.57 -18.29
N MET A 4 -2.90 15.12 -17.12
CA MET A 4 -3.88 15.30 -16.05
C MET A 4 -4.53 13.97 -15.68
N ALA A 5 -3.96 13.30 -14.68
CA ALA A 5 -4.48 12.01 -14.23
C ALA A 5 -3.81 11.57 -12.94
N ASP A 6 -4.61 11.19 -11.95
CA ASP A 6 -4.08 10.76 -10.66
C ASP A 6 -4.31 9.27 -10.45
N CYS A 7 -3.22 8.53 -10.29
CA CYS A 7 -3.28 7.10 -10.07
C CYS A 7 -3.83 6.81 -8.67
N GLY A 8 -3.26 5.81 -8.01
CA GLY A 8 -3.68 5.44 -6.67
C GLY A 8 -3.99 6.65 -5.80
N GLN A 9 -3.29 7.75 -6.09
CA GLN A 9 -3.47 9.00 -5.36
C GLN A 9 -2.95 8.87 -3.93
N MET A 10 -1.89 9.60 -3.62
CA MET A 10 -1.30 9.57 -2.28
C MET A 10 -2.04 10.51 -1.33
N GLN A 11 -2.41 9.99 -0.17
CA GLN A 11 -3.13 10.78 0.83
C GLN A 11 -2.20 11.76 1.53
N GLU A 12 -2.76 12.80 2.13
CA GLU A 12 -1.99 13.81 2.83
C GLU A 12 -1.24 13.19 4.01
N GLU A 13 -0.06 13.74 4.30
CA GLU A 13 0.77 13.25 5.40
C GLU A 13 0.22 13.73 6.74
N LEU A 14 0.32 12.86 7.75
CA LEU A 14 -0.16 13.19 9.08
C LEU A 14 -1.64 13.53 9.07
N ASP A 15 -2.33 13.11 8.02
CA ASP A 15 -3.77 13.37 7.89
C ASP A 15 -4.54 12.67 9.00
N LEU A 16 -4.91 13.43 10.02
CA LEU A 16 -5.65 12.89 11.16
C LEU A 16 -7.15 13.09 10.97
N THR A 17 -7.55 13.48 9.77
CA THR A 17 -8.96 13.71 9.47
C THR A 17 -9.69 12.40 9.23
N ILE A 18 -9.01 11.45 8.60
CA ILE A 18 -9.60 10.15 8.31
C ILE A 18 -9.68 9.29 9.57
N SER A 19 -10.82 8.63 9.75
CA SER A 19 -11.03 7.77 10.92
C SER A 19 -10.33 6.42 10.74
N ALA A 20 -10.40 5.59 11.76
CA ALA A 20 -9.78 4.27 11.71
C ALA A 20 -10.72 3.23 11.13
N GLU A 21 -12.00 3.60 10.99
CA GLU A 21 -13.00 2.71 10.43
C GLU A 21 -13.33 3.07 9.00
N THR A 22 -13.07 4.32 8.63
CA THR A 22 -13.34 4.80 7.28
C THR A 22 -12.55 4.00 6.25
N ARG A 23 -11.29 3.71 6.57
CA ARG A 23 -10.43 2.94 5.67
C ARG A 23 -10.50 1.46 6.01
N LYS A 24 -11.05 1.13 7.17
CA LYS A 24 -11.16 -0.24 7.62
C LYS A 24 -12.29 -0.96 6.87
N GLN A 25 -13.39 -0.25 6.65
CA GLN A 25 -14.53 -0.82 5.94
C GLN A 25 -14.15 -1.20 4.52
N THR A 26 -12.97 -0.74 4.09
CA THR A 26 -12.46 -1.02 2.76
C THR A 26 -11.57 -2.26 2.78
N ALA A 27 -10.92 -2.50 3.92
CA ALA A 27 -10.03 -3.65 4.05
C ALA A 27 -10.79 -4.96 3.84
N CYS A 28 -12.06 -4.98 4.23
CA CYS A 28 -12.89 -6.16 4.07
C CYS A 28 -13.71 -6.09 2.79
N LYS A 29 -13.60 -4.98 2.08
CA LYS A 29 -14.33 -4.79 0.83
C LYS A 29 -14.00 -5.89 -0.18
N PRO A 30 -15.01 -6.45 -0.84
CA PRO A 30 -14.82 -7.52 -1.84
C PRO A 30 -13.72 -7.20 -2.85
N GLU A 31 -13.70 -5.95 -3.32
CA GLU A 31 -12.70 -5.52 -4.29
C GLU A 31 -11.30 -5.72 -3.74
N ILE A 32 -11.06 -5.12 -2.58
CA ILE A 32 -9.77 -5.20 -1.91
C ILE A 32 -9.41 -6.65 -1.57
N ALA A 33 -8.44 -7.20 -2.30
CA ALA A 33 -8.00 -8.57 -2.07
C ALA A 33 -7.20 -8.68 -0.79
N TYR A 34 -6.07 -8.00 -0.73
CA TYR A 34 -5.21 -8.03 0.45
C TYR A 34 -5.23 -6.70 1.20
N ALA A 35 -4.86 -6.76 2.47
CA ALA A 35 -4.82 -5.58 3.32
C ALA A 35 -3.69 -5.72 4.33
N TYR A 36 -2.54 -5.13 4.03
CA TYR A 36 -1.39 -5.20 4.91
C TYR A 36 -0.50 -3.97 4.78
N LYS A 37 0.50 -3.88 5.66
CA LYS A 37 1.44 -2.77 5.63
C LYS A 37 2.82 -3.26 5.18
N VAL A 38 3.55 -2.39 4.49
CA VAL A 38 4.87 -2.75 3.98
C VAL A 38 5.86 -1.60 4.16
N SER A 39 7.07 -1.80 3.64
CA SER A 39 8.12 -0.80 3.73
C SER A 39 9.01 -0.83 2.49
N ILE A 40 9.07 0.30 1.78
CA ILE A 40 9.89 0.40 0.58
C ILE A 40 11.36 0.16 0.90
N THR A 41 12.03 -0.56 0.01
CA THR A 41 13.45 -0.88 0.20
C THR A 41 14.29 -0.35 -0.97
N SER A 42 13.75 -0.46 -2.17
CA SER A 42 14.46 -0.01 -3.37
C SER A 42 13.49 0.61 -4.38
N ILE A 43 14.01 1.56 -5.16
CA ILE A 43 13.20 2.24 -6.17
C ILE A 43 13.93 2.31 -7.50
N THR A 44 13.21 2.04 -8.58
CA THR A 44 13.80 2.07 -9.93
C THR A 44 12.83 2.67 -10.94
N VAL A 45 13.18 3.84 -11.46
CA VAL A 45 12.34 4.52 -12.44
C VAL A 45 12.88 4.32 -13.86
N GLU A 46 11.99 3.92 -14.76
CA GLU A 46 12.38 3.69 -16.16
C GLU A 46 11.77 4.74 -17.06
N ASN A 47 11.78 4.48 -18.37
CA ASN A 47 11.24 5.40 -19.34
C ASN A 47 9.78 5.72 -19.04
N VAL A 48 8.93 4.70 -19.05
CA VAL A 48 7.51 4.87 -18.78
C VAL A 48 7.02 3.90 -17.71
N PHE A 49 7.56 2.68 -17.73
CA PHE A 49 7.17 1.66 -16.77
C PHE A 49 8.08 1.71 -15.53
N VAL A 50 7.54 2.26 -14.44
CA VAL A 50 8.29 2.37 -13.19
C VAL A 50 8.04 1.16 -12.31
N LYS A 51 9.04 0.81 -11.49
CA LYS A 51 8.92 -0.33 -10.60
C LYS A 51 9.35 0.04 -9.18
N TYR A 52 8.79 -0.66 -8.20
CA TYR A 52 9.11 -0.41 -6.80
C TYR A 52 9.26 -1.72 -6.03
N LYS A 53 10.44 -1.93 -5.45
CA LYS A 53 10.70 -3.14 -4.68
C LYS A 53 10.54 -2.86 -3.19
N ALA A 54 9.64 -3.60 -2.54
CA ALA A 54 9.39 -3.41 -1.12
C ALA A 54 9.19 -4.75 -0.40
N THR A 55 9.24 -4.71 0.92
CA THR A 55 9.06 -5.91 1.74
C THR A 55 7.80 -5.80 2.59
N LEU A 56 6.97 -6.84 2.51
CA LEU A 56 5.73 -6.87 3.27
C LEU A 56 6.04 -6.96 4.76
N LEU A 57 5.71 -5.90 5.50
CA LEU A 57 5.98 -5.87 6.94
C LEU A 57 5.12 -6.89 7.68
N ASP A 58 3.80 -6.73 7.58
CA ASP A 58 2.88 -7.64 8.25
C ASP A 58 1.55 -7.68 7.53
N ILE A 59 0.87 -8.84 7.59
CA ILE A 59 -0.42 -9.01 6.92
C ILE A 59 -1.58 -8.82 7.89
N TYR A 60 -2.59 -8.08 7.45
CA TYR A 60 -3.79 -7.85 8.24
C TYR A 60 -4.97 -8.53 7.57
N LYS A 61 -4.76 -8.89 6.31
CA LYS A 61 -5.77 -9.57 5.51
C LYS A 61 -5.09 -10.33 4.37
N THR A 62 -5.03 -11.64 4.49
CA THR A 62 -4.38 -12.50 3.50
C THR A 62 -4.67 -12.04 2.08
N GLY A 63 -3.66 -12.18 1.21
CA GLY A 63 -3.79 -11.79 -0.17
C GLY A 63 -4.02 -12.98 -1.09
N GLU A 64 -4.99 -12.85 -1.99
CA GLU A 64 -5.30 -13.93 -2.92
C GLU A 64 -4.10 -14.25 -3.80
N ALA A 65 -3.21 -13.27 -3.96
CA ALA A 65 -2.00 -13.44 -4.76
C ALA A 65 -0.83 -13.86 -3.89
N VAL A 66 -0.91 -15.07 -3.34
CA VAL A 66 0.13 -15.61 -2.46
C VAL A 66 0.75 -14.53 -1.57
N ALA A 67 0.04 -14.21 -0.48
CA ALA A 67 0.52 -13.20 0.46
C ALA A 67 0.99 -13.84 1.74
N GLU A 68 2.19 -13.48 2.17
CA GLU A 68 2.76 -14.02 3.40
C GLU A 68 3.48 -12.95 4.19
N LYS A 69 3.42 -13.04 5.51
CA LYS A 69 4.09 -12.07 6.38
C LYS A 69 5.58 -12.01 6.08
N ASP A 70 6.09 -10.80 5.84
CA ASP A 70 7.50 -10.60 5.54
C ASP A 70 7.88 -11.27 4.22
N SER A 71 6.97 -11.20 3.25
CA SER A 71 7.21 -11.79 1.94
C SER A 71 7.84 -10.77 1.00
N GLU A 72 7.94 -11.13 -0.28
CA GLU A 72 8.52 -10.24 -1.28
C GLU A 72 7.42 -9.71 -2.21
N ILE A 73 7.46 -8.41 -2.47
CA ILE A 73 6.46 -7.77 -3.33
C ILE A 73 7.09 -6.72 -4.23
N THR A 74 6.51 -6.54 -5.41
CA THR A 74 6.99 -5.55 -6.37
C THR A 74 5.84 -4.87 -7.10
N PHE A 75 5.67 -3.57 -6.87
CA PHE A 75 4.60 -2.82 -7.50
C PHE A 75 5.12 -2.02 -8.70
N ILE A 76 4.40 -2.10 -9.81
CA ILE A 76 4.78 -1.40 -11.02
C ILE A 76 3.66 -0.48 -11.50
N LYS A 77 4.04 0.66 -12.10
CA LYS A 77 3.06 1.61 -12.60
C LYS A 77 3.62 2.36 -13.81
N LYS A 78 2.92 3.42 -14.20
CA LYS A 78 3.34 4.22 -15.35
C LYS A 78 3.81 5.60 -14.90
N VAL A 79 4.23 6.42 -15.86
CA VAL A 79 4.71 7.77 -15.55
C VAL A 79 3.57 8.77 -15.62
N THR A 80 2.37 8.28 -15.95
CA THR A 80 1.20 9.14 -16.04
C THR A 80 0.73 9.59 -14.67
N CYS A 81 1.10 8.82 -13.65
CA CYS A 81 0.73 9.14 -12.28
C CYS A 81 1.22 10.52 -11.88
N THR A 82 0.29 11.39 -11.49
CA THR A 82 0.63 12.75 -11.09
C THR A 82 0.60 12.92 -9.57
N ASN A 83 -0.39 12.30 -8.93
CA ASN A 83 -0.53 12.40 -7.49
C ASN A 83 0.11 11.21 -6.78
N ALA A 84 0.92 10.45 -7.51
CA ALA A 84 1.59 9.28 -6.95
C ALA A 84 3.04 9.60 -6.58
N GLU A 85 3.46 9.14 -5.41
CA GLU A 85 4.82 9.39 -4.94
C GLU A 85 5.20 8.40 -3.84
N LEU A 86 6.36 7.77 -3.98
CA LEU A 86 6.84 6.80 -3.00
C LEU A 86 8.32 7.01 -2.71
N VAL A 87 8.67 6.97 -1.42
CA VAL A 87 10.06 7.15 -1.01
C VAL A 87 10.60 5.90 -0.32
N LYS A 88 11.84 5.55 -0.63
CA LYS A 88 12.47 4.38 -0.05
C LYS A 88 12.84 4.61 1.42
N GLY A 89 12.44 3.68 2.27
CA GLY A 89 12.75 3.80 3.69
C GLY A 89 11.49 3.90 4.54
N ARG A 90 10.60 4.81 4.18
CA ARG A 90 9.36 5.01 4.93
C ARG A 90 8.42 3.83 4.76
N GLN A 91 7.38 3.81 5.57
CA GLN A 91 6.39 2.73 5.53
C GLN A 91 5.09 3.22 4.89
N TYR A 92 4.34 2.30 4.29
CA TYR A 92 3.09 2.64 3.64
C TYR A 92 2.08 1.49 3.72
N LEU A 93 0.80 1.83 3.85
CA LEU A 93 -0.25 0.83 3.93
C LEU A 93 -0.83 0.56 2.54
N ILE A 94 -0.98 -0.71 2.18
CA ILE A 94 -1.51 -1.08 0.88
C ILE A 94 -2.67 -2.06 0.99
N MET A 95 -3.81 -1.67 0.42
CA MET A 95 -5.01 -2.50 0.43
C MET A 95 -5.72 -2.40 -0.92
N GLY A 96 -5.83 -3.53 -1.63
CA GLY A 96 -6.49 -3.51 -2.92
C GLY A 96 -6.47 -4.86 -3.62
N LYS A 97 -6.80 -4.83 -4.92
CA LYS A 97 -6.83 -6.05 -5.73
C LYS A 97 -5.53 -6.82 -5.62
N GLU A 98 -5.57 -8.10 -6.02
CA GLU A 98 -4.39 -8.95 -5.97
C GLU A 98 -3.52 -8.72 -7.20
N ALA A 99 -2.42 -9.47 -7.28
CA ALA A 99 -1.50 -9.37 -8.40
C ALA A 99 -1.89 -10.31 -9.53
N LEU A 100 -1.12 -10.29 -10.60
CA LEU A 100 -1.38 -11.16 -11.75
C LEU A 100 -0.13 -11.94 -12.14
N GLN A 101 -0.22 -13.27 -12.04
CA GLN A 101 0.90 -14.13 -12.37
C GLN A 101 0.96 -14.39 -13.87
N ILE A 102 1.91 -13.75 -14.54
CA ILE A 102 2.07 -13.91 -15.97
C ILE A 102 3.35 -14.65 -16.30
N LYS A 103 4.15 -14.95 -15.27
CA LYS A 103 5.40 -15.66 -15.43
C LYS A 103 5.21 -16.94 -16.25
N TYR A 104 5.76 -16.94 -17.46
CA TYR A 104 5.64 -18.09 -18.35
C TYR A 104 6.98 -18.40 -19.02
N ASN A 105 7.83 -17.37 -19.13
CA ASN A 105 9.13 -17.53 -19.75
C ASN A 105 10.23 -16.97 -18.86
N ALA A 106 10.32 -15.64 -18.79
CA ALA A 106 11.32 -14.98 -17.97
C ALA A 106 11.01 -13.50 -17.80
N SER A 107 10.51 -12.88 -18.88
CA SER A 107 10.17 -11.46 -18.86
C SER A 107 8.84 -11.23 -18.14
N PHE A 108 8.21 -12.31 -17.71
CA PHE A 108 6.93 -12.23 -17.02
C PHE A 108 7.07 -12.65 -15.56
N ARG A 109 6.09 -12.27 -14.74
CA ARG A 109 6.12 -12.60 -13.31
C ARG A 109 4.89 -12.03 -12.60
N TYR A 110 4.87 -12.17 -11.28
CA TYR A 110 3.76 -11.69 -10.47
C TYR A 110 3.67 -10.16 -10.51
N ILE A 111 4.65 -9.52 -9.88
CA ILE A 111 4.72 -8.06 -9.81
C ILE A 111 3.34 -7.41 -9.64
N TYR A 112 3.00 -7.09 -8.40
CA TYR A 112 1.71 -6.48 -8.08
C TYR A 112 1.50 -5.20 -8.90
N PRO A 113 0.27 -4.97 -9.38
CA PRO A 113 -0.06 -3.78 -10.16
C PRO A 113 -0.19 -2.53 -9.30
N LEU A 114 -0.40 -1.38 -9.95
CA LEU A 114 -0.54 -0.13 -9.23
C LEU A 114 -1.36 0.87 -10.05
N ASP A 115 -2.67 0.88 -9.81
CA ASP A 115 -3.56 1.79 -10.53
C ASP A 115 -4.23 2.76 -9.56
N SER A 116 -5.34 3.36 -9.99
CA SER A 116 -6.06 4.32 -9.16
C SER A 116 -7.00 3.61 -8.18
N LEU A 117 -6.82 2.30 -8.01
CA LEU A 117 -7.67 1.54 -7.10
C LEU A 117 -6.87 1.06 -5.89
N THR A 118 -5.54 1.16 -5.98
CA THR A 118 -4.67 0.73 -4.89
C THR A 118 -4.66 1.76 -3.76
N TRP A 119 -5.09 1.33 -2.58
CA TRP A 119 -5.13 2.22 -1.43
C TRP A 119 -3.75 2.31 -0.76
N ILE A 120 -3.13 3.49 -0.87
CA ILE A 120 -1.82 3.71 -0.29
C ILE A 120 -1.84 4.89 0.68
N GLU A 121 -1.52 4.62 1.94
CA GLU A 121 -1.50 5.66 2.96
C GLU A 121 -0.13 5.75 3.63
N TYR A 122 0.31 6.97 3.90
CA TYR A 122 1.61 7.19 4.54
C TYR A 122 1.60 6.65 5.97
N TRP A 123 2.54 5.75 6.24
CA TRP A 123 2.66 5.16 7.57
C TRP A 123 3.87 5.73 8.30
N PRO A 124 3.66 6.77 9.14
CA PRO A 124 4.75 7.39 9.88
C PRO A 124 5.61 6.39 10.63
N ARG A 125 6.74 6.02 10.04
CA ARG A 125 7.65 5.05 10.64
C ARG A 125 8.20 5.59 11.96
N ASP A 126 8.30 6.91 12.06
CA ASP A 126 8.81 7.55 13.26
C ASP A 126 7.69 7.81 14.26
N THR A 127 8.04 7.86 15.54
CA THR A 127 7.06 8.10 16.59
C THR A 127 7.54 9.17 17.56
N THR A 128 8.78 9.02 18.04
CA THR A 128 9.35 9.99 18.97
C THR A 128 10.13 11.07 18.24
N CYS A 129 10.36 10.86 16.95
CA CYS A 129 11.09 11.82 16.13
C CYS A 129 10.25 13.06 15.87
N SER A 130 10.69 14.20 16.43
CA SER A 130 9.98 15.46 16.26
C SER A 130 8.50 15.32 16.58
N SER A 131 8.16 14.32 17.39
CA SER A 131 6.77 14.07 17.78
C SER A 131 5.91 13.80 16.55
N CYS A 132 5.67 12.54 16.26
CA CYS A 132 4.86 12.15 15.11
C CYS A 132 4.00 10.93 15.44
N GLN A 133 3.97 10.56 16.71
CA GLN A 133 3.19 9.41 17.16
C GLN A 133 1.70 9.74 17.19
N ALA A 134 1.37 10.98 16.85
CA ALA A 134 -0.02 11.42 16.84
C ALA A 134 -0.82 10.70 15.76
N PHE A 135 -0.12 10.18 14.77
CA PHE A 135 -0.76 9.45 13.68
C PHE A 135 -0.84 7.96 13.98
N LEU A 136 0.19 7.43 14.63
CA LEU A 136 0.24 6.03 14.98
C LEU A 136 -0.85 5.68 15.99
N ALA A 137 -1.28 6.68 16.75
CA ALA A 137 -2.33 6.48 17.74
C ALA A 137 -3.65 6.11 17.08
N ASN A 138 -3.85 6.62 15.87
CA ASN A 138 -5.07 6.32 15.13
C ASN A 138 -4.98 4.94 14.48
N LEU A 139 -3.80 4.60 13.99
CA LEU A 139 -3.58 3.31 13.34
C LEU A 139 -3.62 2.19 14.37
N ASP A 140 -3.37 2.54 15.63
CA ASP A 140 -3.37 1.56 16.71
C ASP A 140 -4.72 0.86 16.80
N GLU A 141 -5.80 1.65 16.77
CA GLU A 141 -7.15 1.10 16.84
C GLU A 141 -7.46 0.25 15.61
N PHE A 142 -6.89 0.66 14.47
CA PHE A 142 -7.10 -0.07 13.23
C PHE A 142 -6.48 -1.46 13.29
N ALA A 143 -5.34 -1.56 13.96
CA ALA A 143 -4.65 -2.84 14.10
C ALA A 143 -5.39 -3.77 15.05
N GLU A 144 -6.12 -3.18 16.00
CA GLU A 144 -6.86 -3.96 16.98
C GLU A 144 -8.31 -4.14 16.55
N ASP A 145 -8.67 -3.50 15.44
CA ASP A 145 -10.04 -3.59 14.92
C ASP A 145 -10.13 -4.64 13.82
N ILE A 146 -8.97 -5.06 13.31
CA ILE A 146 -8.92 -6.07 12.26
C ILE A 146 -8.54 -7.43 12.83
N PHE A 147 -7.74 -7.40 13.90
CA PHE A 147 -7.30 -8.64 14.56
C PHE A 147 -8.36 -9.14 15.52
N LEU A 148 -8.93 -8.23 16.30
CA LEU A 148 -9.95 -8.58 17.28
C LEU A 148 -11.34 -8.49 16.65
N ASN A 149 -11.77 -7.26 16.39
CA ASN A 149 -13.08 -7.02 15.80
C ASN A 149 -13.19 -7.67 14.42
N GLY A 150 -12.12 -7.57 13.64
CA GLY A 150 -12.12 -8.15 12.31
C GLY A 150 -13.18 -7.53 11.41
N CYS A 151 -13.83 -8.37 10.60
CA CYS A 151 -14.87 -7.89 9.70
C CYS A 151 -16.24 -8.43 10.11
N GLY A 1 -9.01 13.54 -19.22
CA GLY A 1 -7.90 13.23 -18.28
C GLY A 1 -7.90 11.79 -17.81
N SER A 2 -6.83 11.07 -18.08
CA SER A 2 -6.70 9.67 -17.69
C SER A 2 -5.28 9.35 -17.24
N HIS A 3 -4.30 9.91 -17.94
CA HIS A 3 -2.90 9.69 -17.61
C HIS A 3 -2.48 10.54 -16.41
N MET A 4 -2.99 11.77 -16.36
CA MET A 4 -2.67 12.68 -15.27
C MET A 4 -3.81 12.77 -14.27
N ALA A 5 -3.80 13.82 -13.45
CA ALA A 5 -4.83 14.05 -12.44
C ALA A 5 -4.62 13.15 -11.23
N ASP A 6 -4.74 11.84 -11.43
CA ASP A 6 -4.55 10.89 -10.35
C ASP A 6 -3.68 9.73 -10.80
N CYS A 7 -4.22 8.90 -11.70
CA CYS A 7 -3.47 7.74 -12.21
C CYS A 7 -2.95 6.91 -11.06
N GLY A 8 -3.70 6.93 -9.96
CA GLY A 8 -3.32 6.20 -8.77
C GLY A 8 -3.19 7.10 -7.58
N GLN A 9 -4.18 7.98 -7.42
CA GLN A 9 -4.20 8.92 -6.32
C GLN A 9 -3.92 8.24 -4.99
N MET A 10 -3.03 8.84 -4.20
CA MET A 10 -2.66 8.29 -2.90
C MET A 10 -3.43 8.98 -1.79
N GLN A 11 -3.19 8.56 -0.54
CA GLN A 11 -3.87 9.14 0.61
C GLN A 11 -3.06 10.31 1.18
N GLU A 12 -3.75 11.19 1.89
CA GLU A 12 -3.10 12.36 2.49
C GLU A 12 -2.13 11.95 3.59
N GLU A 13 -1.37 12.92 4.09
CA GLU A 13 -0.40 12.67 5.15
C GLU A 13 -1.08 12.65 6.51
N LEU A 14 -0.34 12.99 7.56
CA LEU A 14 -0.86 13.01 8.91
C LEU A 14 -2.11 13.90 9.00
N ASP A 15 -3.27 13.26 9.05
CA ASP A 15 -4.55 13.98 9.14
C ASP A 15 -5.56 13.18 9.93
N LEU A 16 -6.17 13.82 10.93
CA LEU A 16 -7.16 13.17 11.77
C LEU A 16 -8.54 13.26 11.14
N THR A 17 -8.60 13.77 9.91
CA THR A 17 -9.86 13.91 9.20
C THR A 17 -10.48 12.55 8.91
N ILE A 18 -9.64 11.55 8.74
CA ILE A 18 -10.11 10.19 8.45
C ILE A 18 -10.17 9.35 9.72
N SER A 19 -11.28 8.65 9.90
CA SER A 19 -11.48 7.81 11.08
C SER A 19 -10.92 6.40 10.84
N ALA A 20 -11.12 5.52 11.81
CA ALA A 20 -10.65 4.15 11.71
C ALA A 20 -11.57 3.30 10.85
N GLU A 21 -12.81 3.15 11.29
CA GLU A 21 -13.80 2.37 10.57
C GLU A 21 -14.01 2.92 9.15
N THR A 22 -13.77 4.20 8.99
CA THR A 22 -13.92 4.85 7.69
C THR A 22 -13.02 4.21 6.64
N ARG A 23 -11.78 3.92 7.02
CA ARG A 23 -10.82 3.29 6.12
C ARG A 23 -10.59 1.83 6.48
N LYS A 24 -11.42 1.31 7.38
CA LYS A 24 -11.31 -0.07 7.81
C LYS A 24 -12.29 -0.96 7.06
N GLN A 25 -13.46 -0.42 6.76
CA GLN A 25 -14.49 -1.15 6.04
C GLN A 25 -14.00 -1.49 4.63
N THR A 26 -12.87 -0.88 4.25
CA THR A 26 -12.28 -1.10 2.95
C THR A 26 -11.44 -2.38 2.94
N ALA A 27 -10.91 -2.74 4.11
CA ALA A 27 -10.08 -3.94 4.24
C ALA A 27 -10.90 -5.19 3.95
N CYS A 28 -12.22 -5.04 3.90
CA CYS A 28 -13.11 -6.15 3.62
C CYS A 28 -13.92 -5.90 2.35
N LYS A 29 -13.67 -4.75 1.72
CA LYS A 29 -14.36 -4.38 0.50
C LYS A 29 -14.13 -5.42 -0.61
N PRO A 30 -15.05 -5.50 -1.59
CA PRO A 30 -14.93 -6.45 -2.70
C PRO A 30 -13.68 -6.23 -3.55
N GLU A 31 -13.40 -4.98 -3.88
CA GLU A 31 -12.23 -4.65 -4.68
C GLU A 31 -10.94 -4.78 -3.88
N ILE A 32 -11.06 -5.21 -2.63
CA ILE A 32 -9.91 -5.39 -1.76
C ILE A 32 -9.73 -6.85 -1.39
N ALA A 33 -8.63 -7.45 -1.85
CA ALA A 33 -8.33 -8.84 -1.57
C ALA A 33 -7.41 -8.98 -0.37
N TYR A 34 -6.40 -8.12 -0.30
CA TYR A 34 -5.44 -8.16 0.79
C TYR A 34 -5.33 -6.81 1.51
N ALA A 35 -4.74 -6.85 2.70
CA ALA A 35 -4.55 -5.67 3.51
C ALA A 35 -3.37 -5.88 4.46
N TYR A 36 -2.20 -5.37 4.06
CA TYR A 36 -1.00 -5.54 4.87
C TYR A 36 -0.16 -4.27 4.88
N LYS A 37 0.92 -4.30 5.66
CA LYS A 37 1.84 -3.18 5.77
C LYS A 37 3.24 -3.57 5.32
N VAL A 38 3.86 -2.72 4.50
CA VAL A 38 5.19 -2.99 3.99
C VAL A 38 6.11 -1.78 4.11
N SER A 39 7.37 -1.95 3.71
CA SER A 39 8.34 -0.86 3.78
C SER A 39 9.23 -0.88 2.53
N ILE A 40 9.36 0.28 1.89
CA ILE A 40 10.19 0.39 0.69
C ILE A 40 11.66 0.14 1.02
N THR A 41 12.35 -0.57 0.13
CA THR A 41 13.76 -0.88 0.34
C THR A 41 14.59 -0.57 -0.90
N SER A 42 13.94 -0.53 -2.05
CA SER A 42 14.63 -0.25 -3.31
C SER A 42 13.67 0.31 -4.36
N ILE A 43 14.19 1.21 -5.19
CA ILE A 43 13.39 1.83 -6.24
C ILE A 43 14.10 1.76 -7.59
N THR A 44 13.46 1.13 -8.56
CA THR A 44 14.02 0.99 -9.90
C THR A 44 13.14 1.64 -10.95
N VAL A 45 13.75 2.33 -11.90
CA VAL A 45 13.00 3.00 -12.95
C VAL A 45 13.28 2.36 -14.32
N GLU A 46 12.22 2.17 -15.09
CA GLU A 46 12.34 1.58 -16.42
C GLU A 46 12.02 2.60 -17.51
N ASN A 47 11.80 2.12 -18.72
CA ASN A 47 11.48 2.98 -19.85
C ASN A 47 10.24 3.82 -19.56
N VAL A 48 9.23 3.20 -18.96
CA VAL A 48 7.99 3.88 -18.63
C VAL A 48 7.41 3.37 -17.31
N PHE A 49 7.28 2.05 -17.18
CA PHE A 49 6.75 1.45 -15.99
C PHE A 49 7.78 1.39 -14.87
N VAL A 50 7.63 2.27 -13.89
CA VAL A 50 8.56 2.32 -12.76
C VAL A 50 8.21 1.25 -11.73
N LYS A 51 9.23 0.57 -11.22
CA LYS A 51 9.02 -0.47 -10.22
C LYS A 51 9.53 -0.04 -8.85
N TYR A 52 8.96 -0.62 -7.81
CA TYR A 52 9.34 -0.30 -6.44
C TYR A 52 9.47 -1.56 -5.60
N LYS A 53 10.71 -1.99 -5.39
CA LYS A 53 10.98 -3.19 -4.59
C LYS A 53 10.83 -2.90 -3.10
N ALA A 54 9.96 -3.66 -2.44
CA ALA A 54 9.74 -3.47 -1.01
C ALA A 54 9.51 -4.80 -0.29
N THR A 55 9.66 -4.78 1.03
CA THR A 55 9.46 -5.98 1.84
C THR A 55 8.17 -5.89 2.64
N LEU A 56 7.45 -7.02 2.70
CA LEU A 56 6.20 -7.07 3.44
C LEU A 56 6.46 -7.24 4.93
N LEU A 57 6.17 -6.20 5.69
CA LEU A 57 6.39 -6.24 7.15
C LEU A 57 5.50 -7.29 7.80
N ASP A 58 4.22 -7.28 7.45
CA ASP A 58 3.28 -8.24 8.03
C ASP A 58 1.95 -8.19 7.29
N ILE A 59 1.15 -9.25 7.43
CA ILE A 59 -0.15 -9.33 6.76
C ILE A 59 -1.30 -9.17 7.76
N TYR A 60 -2.17 -8.20 7.50
CA TYR A 60 -3.34 -7.96 8.34
C TYR A 60 -4.55 -8.62 7.71
N LYS A 61 -4.43 -8.95 6.43
CA LYS A 61 -5.49 -9.59 5.68
C LYS A 61 -4.89 -10.40 4.53
N THR A 62 -4.98 -11.73 4.63
CA THR A 62 -4.43 -12.62 3.61
C THR A 62 -4.77 -12.14 2.20
N GLY A 63 -3.85 -12.40 1.27
CA GLY A 63 -4.03 -11.99 -0.11
C GLY A 63 -4.38 -13.16 -1.01
N GLU A 64 -5.38 -12.96 -1.87
CA GLU A 64 -5.81 -14.00 -2.80
C GLU A 64 -4.66 -14.44 -3.69
N ALA A 65 -3.72 -13.52 -3.92
CA ALA A 65 -2.55 -13.81 -4.76
C ALA A 65 -1.37 -14.24 -3.91
N VAL A 66 -1.50 -15.43 -3.30
CA VAL A 66 -0.46 -16.00 -2.44
C VAL A 66 0.24 -14.92 -1.61
N ALA A 67 -0.34 -14.58 -0.47
CA ALA A 67 0.24 -13.58 0.42
C ALA A 67 0.83 -14.25 1.65
N GLU A 68 2.05 -13.84 2.00
CA GLU A 68 2.73 -14.39 3.15
C GLU A 68 3.59 -13.32 3.84
N LYS A 69 3.51 -13.28 5.17
CA LYS A 69 4.26 -12.30 5.94
C LYS A 69 5.74 -12.30 5.54
N ASP A 70 6.31 -11.11 5.40
CA ASP A 70 7.72 -10.97 5.02
C ASP A 70 7.96 -11.52 3.60
N SER A 71 7.02 -11.25 2.71
CA SER A 71 7.13 -11.70 1.33
C SER A 71 7.91 -10.68 0.49
N GLU A 72 7.86 -10.84 -0.82
CA GLU A 72 8.56 -9.94 -1.74
C GLU A 72 7.57 -9.32 -2.72
N ILE A 73 7.38 -8.01 -2.60
CA ILE A 73 6.45 -7.29 -3.47
C ILE A 73 7.19 -6.36 -4.43
N THR A 74 6.64 -6.22 -5.64
CA THR A 74 7.23 -5.37 -6.65
C THR A 74 6.18 -4.43 -7.24
N PHE A 75 6.13 -3.20 -6.74
CA PHE A 75 5.16 -2.23 -7.21
C PHE A 75 5.42 -1.86 -8.67
N ILE A 76 4.35 -1.44 -9.36
CA ILE A 76 4.45 -1.06 -10.76
C ILE A 76 3.52 0.11 -11.07
N LYS A 77 4.12 1.29 -11.26
CA LYS A 77 3.35 2.50 -11.55
C LYS A 77 3.85 3.15 -12.82
N LYS A 78 3.03 4.03 -13.40
CA LYS A 78 3.39 4.74 -14.61
C LYS A 78 4.07 6.06 -14.29
N VAL A 79 5.14 6.37 -15.00
CA VAL A 79 5.88 7.61 -14.78
C VAL A 79 5.15 8.81 -15.40
N THR A 80 3.93 8.58 -15.86
CA THR A 80 3.13 9.64 -16.48
C THR A 80 1.87 9.92 -15.66
N CYS A 81 1.79 9.33 -14.48
CA CYS A 81 0.63 9.51 -13.61
C CYS A 81 0.53 10.94 -13.12
N THR A 82 1.69 11.53 -12.81
CA THR A 82 1.75 12.91 -12.34
C THR A 82 0.90 13.10 -11.08
N ASN A 83 1.11 12.24 -10.08
CA ASN A 83 0.37 12.33 -8.83
C ASN A 83 1.04 11.50 -7.74
N ALA A 84 0.95 10.18 -7.85
CA ALA A 84 1.55 9.28 -6.88
C ALA A 84 3.06 9.46 -6.81
N GLU A 85 3.59 9.50 -5.59
CA GLU A 85 5.03 9.66 -5.40
C GLU A 85 5.47 9.14 -4.03
N LEU A 86 6.09 7.96 -4.03
CA LEU A 86 6.55 7.34 -2.80
C LEU A 86 8.05 7.57 -2.62
N VAL A 87 8.56 7.23 -1.45
CA VAL A 87 9.98 7.41 -1.14
C VAL A 87 10.55 6.17 -0.43
N LYS A 88 11.78 5.82 -0.78
CA LYS A 88 12.43 4.66 -0.18
C LYS A 88 12.80 4.93 1.27
N GLY A 89 12.72 3.90 2.11
CA GLY A 89 13.06 4.05 3.51
C GLY A 89 11.83 4.20 4.39
N ARG A 90 10.78 4.82 3.85
CA ARG A 90 9.55 5.03 4.59
C ARG A 90 8.66 3.80 4.54
N GLN A 91 7.61 3.81 5.37
CA GLN A 91 6.67 2.69 5.43
C GLN A 91 5.30 3.13 4.96
N TYR A 92 4.59 2.23 4.28
CA TYR A 92 3.25 2.54 3.76
C TYR A 92 2.29 1.36 3.96
N LEU A 93 1.00 1.67 3.94
CA LEU A 93 -0.04 0.66 4.11
C LEU A 93 -0.71 0.37 2.78
N ILE A 94 -0.92 -0.92 2.48
CA ILE A 94 -1.54 -1.32 1.23
C ILE A 94 -2.84 -2.08 1.47
N MET A 95 -3.88 -1.66 0.74
CA MET A 95 -5.20 -2.29 0.84
C MET A 95 -5.90 -2.28 -0.52
N GLY A 96 -6.00 -3.45 -1.14
CA GLY A 96 -6.64 -3.51 -2.46
C GLY A 96 -6.73 -4.92 -3.01
N LYS A 97 -7.21 -5.01 -4.26
CA LYS A 97 -7.37 -6.30 -4.93
C LYS A 97 -6.05 -7.08 -4.95
N GLU A 98 -6.15 -8.39 -5.18
CA GLU A 98 -4.98 -9.24 -5.23
C GLU A 98 -3.98 -8.79 -6.29
N ALA A 99 -2.85 -9.48 -6.35
CA ALA A 99 -1.80 -9.15 -7.33
C ALA A 99 -2.17 -9.64 -8.72
N LEU A 100 -1.30 -9.33 -9.68
CA LEU A 100 -1.52 -9.75 -11.07
C LEU A 100 -0.91 -11.11 -11.33
N GLN A 101 -0.65 -11.41 -12.59
CA GLN A 101 -0.07 -12.68 -12.99
C GLN A 101 0.55 -12.56 -14.37
N ILE A 102 1.80 -12.12 -14.41
CA ILE A 102 2.49 -11.93 -15.68
C ILE A 102 2.63 -13.25 -16.43
N LYS A 103 3.22 -14.24 -15.76
CA LYS A 103 3.40 -15.57 -16.34
C LYS A 103 3.78 -15.48 -17.82
N TYR A 104 4.70 -14.59 -18.14
CA TYR A 104 5.14 -14.39 -19.52
C TYR A 104 6.54 -14.97 -19.74
N ASN A 105 6.87 -15.22 -21.00
CA ASN A 105 8.18 -15.77 -21.36
C ASN A 105 8.37 -17.16 -20.76
N ALA A 106 8.89 -17.20 -19.53
CA ALA A 106 9.13 -18.47 -18.85
C ALA A 106 9.48 -18.25 -17.38
N SER A 107 9.29 -17.02 -16.92
CA SER A 107 9.59 -16.68 -15.53
C SER A 107 8.37 -16.90 -14.64
N PHE A 108 7.23 -16.41 -15.10
CA PHE A 108 5.97 -16.55 -14.35
C PHE A 108 6.08 -15.89 -12.98
N ARG A 109 5.39 -14.76 -12.80
CA ARG A 109 5.43 -14.05 -11.52
C ARG A 109 4.27 -13.09 -11.38
N TYR A 110 4.13 -12.52 -10.19
CA TYR A 110 3.07 -11.56 -9.90
C TYR A 110 3.63 -10.20 -9.53
N ILE A 111 2.82 -9.16 -9.67
CA ILE A 111 3.24 -7.81 -9.34
C ILE A 111 2.10 -7.03 -8.70
N TYR A 112 2.39 -5.82 -8.24
CA TYR A 112 1.38 -4.98 -7.61
C TYR A 112 1.36 -3.57 -8.22
N PRO A 113 0.26 -3.22 -8.90
CA PRO A 113 0.13 -1.91 -9.54
C PRO A 113 -0.28 -0.82 -8.56
N LEU A 114 -0.19 0.43 -8.99
CA LEU A 114 -0.56 1.56 -8.15
C LEU A 114 -1.69 2.36 -8.78
N ASP A 115 -2.92 2.09 -8.35
CA ASP A 115 -4.09 2.78 -8.87
C ASP A 115 -4.91 3.42 -7.75
N SER A 116 -5.95 4.14 -8.12
CA SER A 116 -6.81 4.80 -7.15
C SER A 116 -7.52 3.77 -6.27
N LEU A 117 -7.72 2.58 -6.81
CA LEU A 117 -8.38 1.50 -6.08
C LEU A 117 -7.47 0.96 -4.98
N THR A 118 -6.18 0.97 -5.24
CA THR A 118 -5.19 0.48 -4.28
C THR A 118 -4.94 1.50 -3.19
N TRP A 119 -5.49 1.25 -2.01
CA TRP A 119 -5.33 2.14 -0.87
C TRP A 119 -3.85 2.25 -0.47
N ILE A 120 -3.32 3.47 -0.53
CA ILE A 120 -1.93 3.70 -0.17
C ILE A 120 -1.81 4.83 0.85
N GLU A 121 -1.47 4.46 2.08
CA GLU A 121 -1.33 5.44 3.15
C GLU A 121 0.11 5.53 3.64
N TYR A 122 0.52 6.72 4.06
CA TYR A 122 1.87 6.94 4.56
C TYR A 122 1.95 6.69 6.06
N TRP A 123 2.62 5.62 6.45
CA TRP A 123 2.77 5.28 7.86
C TRP A 123 4.13 5.74 8.36
N PRO A 124 4.15 6.81 9.18
CA PRO A 124 5.39 7.36 9.74
C PRO A 124 6.29 6.28 10.34
N ARG A 125 7.38 5.97 9.64
CA ARG A 125 8.32 4.95 10.11
C ARG A 125 8.77 5.24 11.54
N ASP A 126 8.88 6.53 11.86
CA ASP A 126 9.31 6.94 13.20
C ASP A 126 8.11 7.29 14.07
N THR A 127 8.35 7.45 15.37
CA THR A 127 7.29 7.78 16.31
C THR A 127 7.71 8.94 17.22
N THR A 128 9.01 9.23 17.25
CA THR A 128 9.53 10.30 18.08
C THR A 128 10.59 11.12 17.33
N CYS A 129 10.75 10.83 16.04
CA CYS A 129 11.73 11.53 15.22
C CYS A 129 11.03 12.44 14.20
N SER A 130 10.69 13.66 14.65
CA SER A 130 10.03 14.63 13.79
C SER A 130 8.85 14.01 13.03
N SER A 131 8.27 12.96 13.61
CA SER A 131 7.14 12.27 12.98
C SER A 131 5.87 12.44 13.81
N CYS A 132 6.04 12.54 15.12
CA CYS A 132 4.90 12.71 16.04
C CYS A 132 4.00 11.49 16.01
N GLN A 133 3.25 11.29 17.09
CA GLN A 133 2.33 10.15 17.18
C GLN A 133 0.88 10.61 17.16
N ALA A 134 0.66 11.83 16.69
CA ALA A 134 -0.69 12.39 16.61
C ALA A 134 -1.58 11.54 15.71
N PHE A 135 -0.95 10.80 14.81
CA PHE A 135 -1.67 9.94 13.88
C PHE A 135 -1.31 8.47 14.11
N LEU A 136 -0.23 8.25 14.85
CA LEU A 136 0.23 6.90 15.14
C LEU A 136 -0.56 6.29 16.30
N ALA A 137 -1.57 7.02 16.76
CA ALA A 137 -2.41 6.55 17.87
C ALA A 137 -3.78 6.12 17.36
N ASN A 138 -4.48 7.02 16.69
CA ASN A 138 -5.81 6.73 16.16
C ASN A 138 -5.73 5.65 15.10
N LEU A 139 -4.54 5.48 14.51
CA LEU A 139 -4.33 4.47 13.48
C LEU A 139 -4.00 3.12 14.11
N ASP A 140 -3.49 3.15 15.33
CA ASP A 140 -3.13 1.94 16.05
C ASP A 140 -4.35 1.04 16.21
N GLU A 141 -5.50 1.64 16.46
CA GLU A 141 -6.75 0.90 16.63
C GLU A 141 -7.10 0.14 15.36
N PHE A 142 -6.75 0.71 14.22
CA PHE A 142 -7.02 0.09 12.92
C PHE A 142 -6.29 -1.25 12.80
N ALA A 143 -5.10 -1.31 13.38
CA ALA A 143 -4.30 -2.53 13.34
C ALA A 143 -4.94 -3.65 14.17
N GLU A 144 -5.38 -3.29 15.37
CA GLU A 144 -6.01 -4.26 16.27
C GLU A 144 -7.45 -4.53 15.87
N ASP A 145 -7.94 -3.79 14.88
CA ASP A 145 -9.31 -3.96 14.41
C ASP A 145 -9.36 -4.86 13.18
N ILE A 146 -8.18 -5.18 12.65
CA ILE A 146 -8.09 -6.05 11.47
C ILE A 146 -7.29 -7.31 11.82
N PHE A 147 -6.50 -7.21 12.87
CA PHE A 147 -5.67 -8.34 13.31
C PHE A 147 -6.45 -9.24 14.27
N LEU A 148 -7.38 -8.64 15.01
CA LEU A 148 -8.18 -9.39 15.98
C LEU A 148 -9.55 -9.74 15.41
N ASN A 149 -10.41 -8.74 15.30
CA ASN A 149 -11.75 -8.92 14.80
C ASN A 149 -11.79 -8.91 13.27
N GLY A 150 -11.00 -8.02 12.67
CA GLY A 150 -10.97 -7.93 11.22
C GLY A 150 -12.31 -7.55 10.63
N CYS A 151 -12.73 -8.27 9.60
CA CYS A 151 -14.01 -7.99 8.95
C CYS A 151 -15.16 -8.65 9.70
N GLY A 1 -6.69 9.69 -25.50
CA GLY A 1 -5.54 9.87 -24.57
C GLY A 1 -4.88 11.23 -24.72
N SER A 2 -5.53 12.27 -24.18
CA SER A 2 -5.01 13.62 -24.26
C SER A 2 -5.00 14.28 -22.88
N HIS A 3 -5.54 13.57 -21.89
CA HIS A 3 -5.61 14.09 -20.53
C HIS A 3 -5.45 12.95 -19.51
N MET A 4 -4.39 13.02 -18.72
CA MET A 4 -4.12 12.01 -17.71
C MET A 4 -5.09 12.14 -16.53
N ALA A 5 -4.94 11.25 -15.55
CA ALA A 5 -5.80 11.27 -14.37
C ALA A 5 -5.00 10.98 -13.10
N ASP A 6 -5.65 11.13 -11.95
CA ASP A 6 -5.00 10.89 -10.68
C ASP A 6 -4.76 9.40 -10.46
N CYS A 7 -3.57 8.95 -10.84
CA CYS A 7 -3.20 7.55 -10.69
C CYS A 7 -2.63 7.29 -9.29
N GLY A 8 -3.20 6.31 -8.60
CA GLY A 8 -2.74 5.99 -7.27
C GLY A 8 -3.42 6.82 -6.21
N GLN A 9 -3.42 8.13 -6.42
CA GLN A 9 -4.05 9.08 -5.50
C GLN A 9 -3.50 8.92 -4.09
N MET A 10 -2.58 9.80 -3.70
CA MET A 10 -1.99 9.76 -2.38
C MET A 10 -2.79 10.60 -1.39
N GLN A 11 -2.76 10.20 -0.13
CA GLN A 11 -3.48 10.93 0.92
C GLN A 11 -2.58 11.96 1.59
N GLU A 12 -3.19 12.87 2.33
CA GLU A 12 -2.44 13.91 3.03
C GLU A 12 -1.54 13.31 4.11
N GLU A 13 -0.46 14.02 4.43
CA GLU A 13 0.48 13.56 5.43
C GLU A 13 0.00 13.92 6.84
N LEU A 14 0.06 12.95 7.75
CA LEU A 14 -0.37 13.16 9.12
C LEU A 14 -1.83 13.61 9.18
N ASP A 15 -2.58 13.31 8.13
CA ASP A 15 -3.99 13.67 8.06
C ASP A 15 -4.76 13.03 9.21
N LEU A 16 -5.10 13.84 10.21
CA LEU A 16 -5.84 13.35 11.37
C LEU A 16 -7.30 13.77 11.29
N THR A 17 -8.15 12.86 10.82
CA THR A 17 -9.58 13.12 10.68
C THR A 17 -10.33 11.87 10.24
N ILE A 18 -9.60 10.93 9.67
CA ILE A 18 -10.19 9.68 9.20
C ILE A 18 -10.47 8.73 10.36
N SER A 19 -11.64 8.09 10.32
CA SER A 19 -12.03 7.16 11.37
C SER A 19 -11.28 5.84 11.23
N ALA A 20 -11.53 4.92 12.16
CA ALA A 20 -10.88 3.62 12.14
C ALA A 20 -11.70 2.61 11.33
N GLU A 21 -12.87 3.04 10.86
CA GLU A 21 -13.74 2.18 10.08
C GLU A 21 -13.67 2.53 8.60
N THR A 22 -13.28 3.77 8.31
CA THR A 22 -13.18 4.24 6.93
C THR A 22 -12.06 3.51 6.18
N ARG A 23 -10.96 3.24 6.89
CA ARG A 23 -9.81 2.55 6.31
C ARG A 23 -9.83 1.07 6.65
N LYS A 24 -10.94 0.61 7.24
CA LYS A 24 -11.08 -0.79 7.62
C LYS A 24 -12.05 -1.51 6.68
N GLN A 25 -13.15 -0.85 6.35
CA GLN A 25 -14.15 -1.43 5.47
C GLN A 25 -13.54 -1.70 4.09
N THR A 26 -12.42 -1.05 3.82
CA THR A 26 -11.73 -1.22 2.54
C THR A 26 -10.92 -2.51 2.53
N ALA A 27 -10.53 -2.96 3.72
CA ALA A 27 -9.75 -4.18 3.86
C ALA A 27 -10.56 -5.40 3.42
N CYS A 28 -11.73 -5.57 4.02
CA CYS A 28 -12.62 -6.69 3.69
C CYS A 28 -13.46 -6.37 2.46
N LYS A 29 -13.14 -5.26 1.80
CA LYS A 29 -13.88 -4.83 0.62
C LYS A 29 -13.85 -5.92 -0.46
N PRO A 30 -15.00 -6.19 -1.09
CA PRO A 30 -15.10 -7.22 -2.15
C PRO A 30 -14.08 -6.99 -3.26
N GLU A 31 -13.62 -5.75 -3.38
CA GLU A 31 -12.63 -5.39 -4.40
C GLU A 31 -11.22 -5.64 -3.89
N ILE A 32 -10.87 -4.98 -2.79
CA ILE A 32 -9.54 -5.13 -2.19
C ILE A 32 -9.26 -6.58 -1.83
N ALA A 33 -8.19 -7.13 -2.40
CA ALA A 33 -7.80 -8.51 -2.13
C ALA A 33 -6.99 -8.62 -0.85
N TYR A 34 -5.84 -7.95 -0.83
CA TYR A 34 -4.96 -7.99 0.33
C TYR A 34 -4.99 -6.69 1.10
N ALA A 35 -4.65 -6.77 2.40
CA ALA A 35 -4.64 -5.61 3.26
C ALA A 35 -3.50 -5.73 4.29
N TYR A 36 -2.39 -5.05 4.03
CA TYR A 36 -1.25 -5.10 4.93
C TYR A 36 -0.38 -3.86 4.81
N LYS A 37 0.57 -3.74 5.73
CA LYS A 37 1.49 -2.60 5.74
C LYS A 37 2.87 -3.03 5.28
N VAL A 38 3.54 -2.19 4.50
CA VAL A 38 4.87 -2.50 3.99
C VAL A 38 5.80 -1.29 4.09
N SER A 39 7.00 -1.45 3.53
CA SER A 39 8.00 -0.37 3.55
C SER A 39 8.93 -0.48 2.34
N ILE A 40 9.08 0.62 1.61
CA ILE A 40 9.94 0.65 0.44
C ILE A 40 11.38 0.36 0.82
N THR A 41 12.06 -0.46 0.01
CA THR A 41 13.45 -0.82 0.29
C THR A 41 14.31 -0.71 -0.96
N SER A 42 13.67 -0.58 -2.12
CA SER A 42 14.41 -0.47 -3.38
C SER A 42 13.58 0.27 -4.43
N ILE A 43 14.28 0.87 -5.39
CA ILE A 43 13.63 1.62 -6.46
C ILE A 43 14.37 1.40 -7.78
N THR A 44 13.60 1.25 -8.87
CA THR A 44 14.19 1.05 -10.19
C THR A 44 13.32 1.67 -11.27
N VAL A 45 13.87 2.66 -11.97
CA VAL A 45 13.15 3.35 -13.03
C VAL A 45 13.48 2.76 -14.40
N GLU A 46 12.47 2.65 -15.25
CA GLU A 46 12.65 2.11 -16.59
C GLU A 46 12.51 3.21 -17.65
N ASN A 47 12.43 2.80 -18.91
CA ASN A 47 12.29 3.76 -20.01
C ASN A 47 11.03 4.60 -19.85
N VAL A 48 9.88 3.95 -19.81
CA VAL A 48 8.61 4.64 -19.67
C VAL A 48 7.95 4.32 -18.33
N PHE A 49 7.86 3.03 -18.01
CA PHE A 49 7.26 2.59 -16.77
C PHE A 49 8.27 2.63 -15.62
N VAL A 50 7.80 2.31 -14.42
CA VAL A 50 8.66 2.30 -13.24
C VAL A 50 8.41 1.05 -12.40
N LYS A 51 9.35 0.73 -11.53
CA LYS A 51 9.23 -0.45 -10.67
C LYS A 51 9.80 -0.17 -9.28
N TYR A 52 9.14 -0.74 -8.27
CA TYR A 52 9.58 -0.56 -6.88
C TYR A 52 9.61 -1.89 -6.14
N LYS A 53 10.72 -2.14 -5.45
CA LYS A 53 10.88 -3.38 -4.69
C LYS A 53 10.83 -3.09 -3.19
N ALA A 54 9.68 -3.36 -2.58
CA ALA A 54 9.50 -3.12 -1.15
C ALA A 54 9.33 -4.43 -0.39
N THR A 55 9.41 -4.34 0.93
CA THR A 55 9.25 -5.50 1.80
C THR A 55 7.99 -5.39 2.64
N LEU A 56 7.27 -6.50 2.76
CA LEU A 56 6.05 -6.51 3.57
C LEU A 56 6.42 -6.48 5.04
N LEU A 57 5.70 -5.70 5.82
CA LEU A 57 5.98 -5.59 7.25
C LEU A 57 5.09 -6.56 8.03
N ASP A 58 3.80 -6.55 7.73
CA ASP A 58 2.85 -7.43 8.41
C ASP A 58 1.52 -7.49 7.66
N ILE A 59 0.96 -8.69 7.55
CA ILE A 59 -0.30 -8.88 6.84
C ILE A 59 -1.48 -8.92 7.81
N TYR A 60 -2.45 -8.05 7.54
CA TYR A 60 -3.66 -7.99 8.36
C TYR A 60 -4.78 -8.76 7.65
N LYS A 61 -4.53 -9.08 6.39
CA LYS A 61 -5.49 -9.83 5.58
C LYS A 61 -4.77 -10.46 4.39
N THR A 62 -4.69 -11.79 4.38
CA THR A 62 -4.02 -12.51 3.31
C THR A 62 -4.44 -12.00 1.93
N GLY A 63 -3.58 -12.23 0.94
CA GLY A 63 -3.86 -11.80 -0.41
C GLY A 63 -4.34 -12.94 -1.29
N GLU A 64 -5.31 -12.67 -2.16
CA GLU A 64 -5.84 -13.68 -3.06
C GLU A 64 -4.70 -14.36 -3.81
N ALA A 65 -3.64 -13.60 -4.04
CA ALA A 65 -2.47 -14.13 -4.73
C ALA A 65 -1.45 -14.65 -3.72
N VAL A 66 -1.96 -15.43 -2.76
CA VAL A 66 -1.14 -16.01 -1.70
C VAL A 66 -0.13 -15.01 -1.16
N ALA A 67 -0.58 -14.18 -0.21
CA ALA A 67 0.29 -13.18 0.40
C ALA A 67 1.08 -13.79 1.55
N GLU A 68 2.38 -13.48 1.60
CA GLU A 68 3.24 -14.00 2.65
C GLU A 68 3.75 -12.87 3.53
N LYS A 69 3.80 -13.12 4.83
CA LYS A 69 4.28 -12.12 5.78
C LYS A 69 5.74 -11.76 5.48
N ASP A 70 6.00 -10.47 5.30
CA ASP A 70 7.34 -9.99 5.00
C ASP A 70 7.81 -10.51 3.63
N SER A 71 6.86 -10.73 2.74
CA SER A 71 7.16 -11.20 1.39
C SER A 71 7.82 -10.10 0.57
N GLU A 72 8.12 -10.40 -0.68
CA GLU A 72 8.74 -9.44 -1.57
C GLU A 72 7.72 -8.87 -2.56
N ILE A 73 7.30 -7.64 -2.32
CA ILE A 73 6.32 -6.99 -3.17
C ILE A 73 7.00 -6.12 -4.23
N THR A 74 6.38 -6.04 -5.41
CA THR A 74 6.92 -5.25 -6.50
C THR A 74 5.80 -4.46 -7.19
N PHE A 75 5.76 -3.16 -6.94
CA PHE A 75 4.75 -2.30 -7.54
C PHE A 75 5.32 -1.51 -8.71
N ILE A 76 4.71 -1.68 -9.88
CA ILE A 76 5.16 -0.98 -11.07
C ILE A 76 4.32 0.27 -11.32
N LYS A 77 5.00 1.40 -11.51
CA LYS A 77 4.31 2.67 -11.75
C LYS A 77 4.15 2.92 -13.25
N LYS A 78 3.11 3.66 -13.61
CA LYS A 78 2.85 3.98 -15.00
C LYS A 78 3.50 5.31 -15.39
N VAL A 79 3.35 5.69 -16.65
CA VAL A 79 3.93 6.94 -17.14
C VAL A 79 2.95 8.10 -16.95
N THR A 80 1.83 7.82 -16.30
CA THR A 80 0.81 8.84 -16.05
C THR A 80 0.75 9.20 -14.56
N CYS A 81 0.94 8.21 -13.70
CA CYS A 81 0.90 8.41 -12.27
C CYS A 81 1.95 9.44 -11.83
N THR A 82 1.50 10.66 -11.59
CA THR A 82 2.39 11.73 -11.17
C THR A 82 2.21 12.04 -9.69
N ASN A 83 1.01 11.82 -9.17
CA ASN A 83 0.70 12.07 -7.77
C ASN A 83 1.12 10.88 -6.91
N ALA A 84 1.19 9.70 -7.52
CA ALA A 84 1.57 8.49 -6.80
C ALA A 84 3.09 8.36 -6.72
N GLU A 85 3.63 8.66 -5.55
CA GLU A 85 5.07 8.58 -5.33
C GLU A 85 5.41 7.61 -4.20
N LEU A 86 6.58 7.00 -4.28
CA LEU A 86 7.03 6.05 -3.26
C LEU A 86 8.44 6.40 -2.79
N VAL A 87 8.55 6.77 -1.52
CA VAL A 87 9.83 7.12 -0.93
C VAL A 87 10.46 5.94 -0.20
N LYS A 88 11.77 5.77 -0.36
CA LYS A 88 12.48 4.68 0.28
C LYS A 88 12.79 5.01 1.75
N GLY A 89 12.64 4.02 2.62
CA GLY A 89 12.91 4.23 4.03
C GLY A 89 11.64 4.15 4.87
N ARG A 90 10.76 5.13 4.71
CA ARG A 90 9.50 5.16 5.45
C ARG A 90 8.60 4.01 5.05
N GLN A 91 7.43 3.92 5.69
CA GLN A 91 6.48 2.84 5.40
C GLN A 91 5.25 3.39 4.68
N TYR A 92 4.47 2.47 4.11
CA TYR A 92 3.25 2.84 3.39
C TYR A 92 2.21 1.74 3.48
N LEU A 93 0.97 2.12 3.78
CA LEU A 93 -0.12 1.15 3.89
C LEU A 93 -0.62 0.77 2.50
N ILE A 94 -0.78 -0.54 2.27
CA ILE A 94 -1.24 -1.03 0.97
C ILE A 94 -2.49 -1.88 1.11
N MET A 95 -3.58 -1.43 0.48
CA MET A 95 -4.85 -2.16 0.51
C MET A 95 -5.52 -2.08 -0.86
N GLY A 96 -5.64 -3.22 -1.52
CA GLY A 96 -6.27 -3.23 -2.84
C GLY A 96 -6.27 -4.60 -3.49
N LYS A 97 -6.66 -4.63 -4.77
CA LYS A 97 -6.70 -5.87 -5.55
C LYS A 97 -5.40 -6.64 -5.43
N GLU A 98 -5.47 -7.95 -5.68
CA GLU A 98 -4.29 -8.80 -5.62
C GLU A 98 -3.36 -8.53 -6.78
N ALA A 99 -2.24 -9.26 -6.82
CA ALA A 99 -1.26 -9.10 -7.89
C ALA A 99 -1.56 -10.03 -9.06
N LEU A 100 -1.09 -9.66 -10.24
CA LEU A 100 -1.30 -10.47 -11.44
C LEU A 100 -0.70 -11.86 -11.28
N GLN A 101 -0.94 -12.72 -12.26
CA GLN A 101 -0.42 -14.08 -12.23
C GLN A 101 0.01 -14.53 -13.62
N ILE A 102 0.26 -13.56 -14.49
CA ILE A 102 0.68 -13.86 -15.86
C ILE A 102 1.84 -12.99 -16.31
N LYS A 103 2.20 -12.00 -15.48
CA LYS A 103 3.30 -11.09 -15.80
C LYS A 103 3.07 -10.41 -17.15
N TYR A 104 3.46 -11.10 -18.21
CA TYR A 104 3.32 -10.56 -19.56
C TYR A 104 3.07 -11.69 -20.56
N ASN A 105 4.14 -12.30 -21.05
CA ASN A 105 4.04 -13.38 -22.02
C ASN A 105 5.26 -14.31 -21.93
N ALA A 106 5.01 -15.61 -21.95
CA ALA A 106 6.07 -16.61 -21.88
C ALA A 106 6.92 -16.43 -20.62
N SER A 107 6.38 -15.69 -19.65
CA SER A 107 7.09 -15.46 -18.40
C SER A 107 6.20 -15.80 -17.20
N PHE A 108 5.11 -15.05 -17.06
CA PHE A 108 4.16 -15.26 -15.97
C PHE A 108 4.82 -15.00 -14.62
N ARG A 109 4.26 -14.05 -13.87
CA ARG A 109 4.79 -13.70 -12.56
C ARG A 109 3.87 -12.72 -11.84
N TYR A 110 3.91 -12.74 -10.51
CA TYR A 110 3.06 -11.86 -9.70
C TYR A 110 3.53 -10.41 -9.78
N ILE A 111 2.69 -9.54 -10.33
CA ILE A 111 3.02 -8.13 -10.47
C ILE A 111 1.95 -7.26 -9.81
N TYR A 112 2.38 -6.31 -8.99
CA TYR A 112 1.46 -5.41 -8.31
C TYR A 112 1.25 -4.13 -9.12
N PRO A 113 0.05 -3.97 -9.72
CA PRO A 113 -0.28 -2.79 -10.52
C PRO A 113 -0.53 -1.56 -9.67
N LEU A 114 -0.67 -0.41 -10.33
CA LEU A 114 -0.92 0.86 -9.63
C LEU A 114 -1.86 1.74 -10.44
N ASP A 115 -3.08 1.92 -9.94
CA ASP A 115 -4.07 2.75 -10.61
C ASP A 115 -4.89 3.56 -9.60
N SER A 116 -6.05 4.03 -10.03
CA SER A 116 -6.92 4.82 -9.17
C SER A 116 -7.78 3.93 -8.28
N LEU A 117 -7.18 2.89 -7.71
CA LEU A 117 -7.90 1.98 -6.84
C LEU A 117 -7.00 1.50 -5.68
N THR A 118 -5.69 1.67 -5.87
CA THR A 118 -4.73 1.25 -4.85
C THR A 118 -4.76 2.19 -3.65
N TRP A 119 -5.09 1.64 -2.48
CA TRP A 119 -5.14 2.44 -1.25
C TRP A 119 -3.75 2.55 -0.62
N ILE A 120 -3.10 3.69 -0.84
CA ILE A 120 -1.78 3.92 -0.29
C ILE A 120 -1.80 5.01 0.78
N GLU A 121 -1.23 4.71 1.94
CA GLU A 121 -1.21 5.66 3.04
C GLU A 121 0.22 5.82 3.58
N TYR A 122 0.48 6.97 4.21
CA TYR A 122 1.80 7.23 4.77
C TYR A 122 1.88 6.77 6.22
N TRP A 123 2.71 5.78 6.48
CA TRP A 123 2.88 5.25 7.82
C TRP A 123 4.07 5.92 8.51
N PRO A 124 3.81 6.75 9.54
CA PRO A 124 4.85 7.46 10.28
C PRO A 124 6.01 6.54 10.67
N ARG A 125 7.12 6.65 9.96
CA ARG A 125 8.30 5.83 10.23
C ARG A 125 8.80 6.07 11.65
N ASP A 126 8.52 7.26 12.18
CA ASP A 126 8.94 7.61 13.53
C ASP A 126 7.75 7.67 14.48
N THR A 127 7.98 7.28 15.73
CA THR A 127 6.92 7.29 16.74
C THR A 127 7.40 7.91 18.04
N THR A 128 8.70 8.22 18.11
CA THR A 128 9.28 8.82 19.30
C THR A 128 8.96 10.30 19.39
N CYS A 129 8.36 10.84 18.33
CA CYS A 129 7.99 12.25 18.29
C CYS A 129 6.74 12.51 19.12
N SER A 130 6.69 13.69 19.75
CA SER A 130 5.55 14.07 20.57
C SER A 130 4.50 14.79 19.76
N SER A 131 4.63 14.74 18.44
CA SER A 131 3.68 15.39 17.54
C SER A 131 3.27 14.46 16.41
N CYS A 132 4.14 13.50 16.09
CA CYS A 132 3.86 12.54 15.03
C CYS A 132 3.21 11.28 15.58
N GLN A 133 3.42 11.04 16.87
CA GLN A 133 2.85 9.87 17.54
C GLN A 133 1.33 9.91 17.51
N ALA A 134 0.77 11.12 17.46
CA ALA A 134 -0.67 11.31 17.45
C ALA A 134 -1.33 10.52 16.32
N PHE A 135 -0.61 10.38 15.20
CA PHE A 135 -1.13 9.65 14.05
C PHE A 135 -1.23 8.16 14.36
N LEU A 136 -0.22 7.63 15.04
CA LEU A 136 -0.19 6.22 15.40
C LEU A 136 -1.28 5.89 16.42
N ALA A 137 -1.80 6.92 17.06
CA ALA A 137 -2.85 6.74 18.07
C ALA A 137 -4.19 6.44 17.40
N ASN A 138 -4.54 7.25 16.41
CA ASN A 138 -5.80 7.06 15.69
C ASN A 138 -5.71 5.87 14.74
N LEU A 139 -4.49 5.40 14.52
CA LEU A 139 -4.25 4.27 13.64
C LEU A 139 -4.13 2.97 14.44
N ASP A 140 -3.80 3.11 15.72
CA ASP A 140 -3.66 1.96 16.61
C ASP A 140 -4.96 1.19 16.70
N GLU A 141 -6.08 1.91 16.65
CA GLU A 141 -7.40 1.29 16.73
C GLU A 141 -7.60 0.29 15.60
N PHE A 142 -7.13 0.67 14.41
CA PHE A 142 -7.26 -0.19 13.23
C PHE A 142 -6.46 -1.48 13.42
N ALA A 143 -5.38 -1.39 14.17
CA ALA A 143 -4.51 -2.55 14.42
C ALA A 143 -5.24 -3.59 15.25
N GLU A 144 -5.68 -3.20 16.44
CA GLU A 144 -6.38 -4.11 17.34
C GLU A 144 -7.77 -4.45 16.83
N ASP A 145 -8.19 -3.76 15.77
CA ASP A 145 -9.50 -3.99 15.18
C ASP A 145 -9.50 -5.26 14.33
N ILE A 146 -8.84 -5.19 13.17
CA ILE A 146 -8.75 -6.34 12.27
C ILE A 146 -8.13 -7.55 12.97
N PHE A 147 -7.26 -7.28 13.93
CA PHE A 147 -6.59 -8.33 14.68
C PHE A 147 -7.59 -9.08 15.58
N LEU A 148 -8.37 -8.32 16.33
CA LEU A 148 -9.36 -8.91 17.23
C LEU A 148 -10.71 -9.06 16.53
N ASN A 149 -11.37 -7.95 16.29
CA ASN A 149 -12.65 -7.93 15.63
C ASN A 149 -12.58 -8.61 14.26
N GLY A 150 -11.95 -7.94 13.30
CA GLY A 150 -11.82 -8.49 11.97
C GLY A 150 -13.12 -8.43 11.19
N CYS A 151 -13.11 -8.98 9.98
CA CYS A 151 -14.30 -8.98 9.14
C CYS A 151 -15.13 -10.24 9.36
N GLY A 1 -8.94 11.98 -24.14
CA GLY A 1 -7.67 11.73 -23.40
C GLY A 1 -7.26 12.90 -22.53
N SER A 2 -7.42 12.74 -21.22
CA SER A 2 -7.07 13.80 -20.27
C SER A 2 -5.60 13.72 -19.89
N HIS A 3 -5.00 14.87 -19.61
CA HIS A 3 -3.59 14.93 -19.24
C HIS A 3 -3.42 14.69 -17.74
N MET A 4 -2.22 14.27 -17.34
CA MET A 4 -1.91 14.00 -15.94
C MET A 4 -2.81 12.90 -15.39
N ALA A 5 -2.28 11.68 -15.33
CA ALA A 5 -3.04 10.54 -14.82
C ALA A 5 -2.46 10.05 -13.50
N ASP A 6 -3.33 9.84 -12.52
CA ASP A 6 -2.91 9.37 -11.21
C ASP A 6 -3.00 7.85 -11.11
N CYS A 7 -1.91 7.22 -10.70
CA CYS A 7 -1.88 5.77 -10.55
C CYS A 7 -2.32 5.37 -9.17
N GLY A 8 -3.05 6.27 -8.53
CA GLY A 8 -3.55 6.04 -7.19
C GLY A 8 -3.30 7.21 -6.28
N GLN A 9 -4.13 8.24 -6.41
CA GLN A 9 -4.00 9.44 -5.60
C GLN A 9 -4.01 9.09 -4.11
N MET A 10 -2.83 9.13 -3.50
CA MET A 10 -2.70 8.82 -2.08
C MET A 10 -3.33 9.90 -1.22
N GLN A 11 -3.49 9.61 0.07
CA GLN A 11 -4.10 10.56 1.00
C GLN A 11 -3.02 11.48 1.60
N GLU A 12 -3.46 12.36 2.49
CA GLU A 12 -2.54 13.29 3.14
C GLU A 12 -1.59 12.56 4.08
N GLU A 13 -0.73 13.33 4.75
CA GLU A 13 0.24 12.75 5.68
C GLU A 13 -0.35 12.61 7.07
N LEU A 14 -0.23 13.67 7.86
CA LEU A 14 -0.74 13.67 9.23
C LEU A 14 -2.10 14.36 9.29
N ASP A 15 -3.16 13.56 9.34
CA ASP A 15 -4.51 14.09 9.41
C ASP A 15 -5.41 13.18 10.25
N LEU A 16 -5.80 13.66 11.43
CA LEU A 16 -6.65 12.88 12.32
C LEU A 16 -8.10 12.92 11.88
N THR A 17 -8.35 13.52 10.72
CA THR A 17 -9.70 13.63 10.18
C THR A 17 -10.25 12.26 9.80
N ILE A 18 -9.34 11.31 9.57
CA ILE A 18 -9.73 9.96 9.20
C ILE A 18 -9.72 9.03 10.42
N SER A 19 -10.76 8.21 10.54
CA SER A 19 -10.88 7.28 11.65
C SER A 19 -10.26 5.93 11.28
N ALA A 20 -10.02 5.10 12.29
CA ALA A 20 -9.44 3.78 12.09
C ALA A 20 -10.40 2.86 11.35
N GLU A 21 -11.69 3.15 11.46
CA GLU A 21 -12.72 2.36 10.80
C GLU A 21 -13.07 2.93 9.44
N THR A 22 -12.88 4.24 9.29
CA THR A 22 -13.18 4.92 8.03
C THR A 22 -12.32 4.38 6.90
N ARG A 23 -11.05 4.15 7.17
CA ARG A 23 -10.12 3.62 6.18
C ARG A 23 -10.18 2.10 6.11
N LYS A 24 -10.84 1.50 7.10
CA LYS A 24 -10.98 0.05 7.15
C LYS A 24 -12.13 -0.42 6.27
N GLN A 25 -13.11 0.46 6.08
CA GLN A 25 -14.28 0.14 5.26
C GLN A 25 -13.84 -0.34 3.88
N THR A 26 -12.62 0.03 3.49
CA THR A 26 -12.07 -0.35 2.20
C THR A 26 -11.47 -1.76 2.28
N ALA A 27 -10.89 -2.08 3.43
CA ALA A 27 -10.27 -3.38 3.63
C ALA A 27 -11.30 -4.51 3.54
N CYS A 28 -12.58 -4.13 3.52
CA CYS A 28 -13.65 -5.11 3.44
C CYS A 28 -14.50 -4.88 2.19
N LYS A 29 -13.88 -5.08 1.03
CA LYS A 29 -14.56 -4.89 -0.25
C LYS A 29 -14.10 -5.93 -1.27
N PRO A 30 -14.95 -6.23 -2.28
CA PRO A 30 -14.61 -7.20 -3.32
C PRO A 30 -13.39 -6.79 -4.13
N GLU A 31 -13.23 -5.48 -4.34
CA GLU A 31 -12.11 -4.97 -5.11
C GLU A 31 -10.83 -4.96 -4.27
N ILE A 32 -10.97 -5.30 -2.99
CA ILE A 32 -9.82 -5.36 -2.09
C ILE A 32 -9.50 -6.80 -1.70
N ALA A 33 -8.33 -7.26 -2.11
CA ALA A 33 -7.89 -8.62 -1.81
C ALA A 33 -7.07 -8.69 -0.53
N TYR A 34 -6.02 -7.90 -0.47
CA TYR A 34 -5.14 -7.90 0.69
C TYR A 34 -5.14 -6.55 1.41
N ALA A 35 -4.58 -6.54 2.61
CA ALA A 35 -4.47 -5.34 3.42
C ALA A 35 -3.36 -5.51 4.45
N TYR A 36 -2.26 -4.82 4.25
CA TYR A 36 -1.12 -4.92 5.16
C TYR A 36 -0.22 -3.69 5.07
N LYS A 37 0.82 -3.70 5.90
CA LYS A 37 1.79 -2.60 5.94
C LYS A 37 3.12 -3.06 5.36
N VAL A 38 3.68 -2.25 4.46
CA VAL A 38 4.96 -2.58 3.83
C VAL A 38 5.92 -1.40 3.87
N SER A 39 7.12 -1.60 3.33
CA SER A 39 8.14 -0.56 3.31
C SER A 39 9.03 -0.70 2.07
N ILE A 40 9.12 0.36 1.29
CA ILE A 40 9.92 0.35 0.07
C ILE A 40 11.40 0.11 0.41
N THR A 41 12.09 -0.60 -0.50
CA THR A 41 13.50 -0.90 -0.30
C THR A 41 14.23 -1.03 -1.62
N SER A 42 13.47 -1.06 -2.72
CA SER A 42 14.05 -1.17 -4.05
C SER A 42 13.23 -0.39 -5.07
N ILE A 43 13.93 0.31 -5.95
CA ILE A 43 13.27 1.11 -6.98
C ILE A 43 13.96 0.92 -8.34
N THR A 44 13.16 0.60 -9.35
CA THR A 44 13.69 0.39 -10.70
C THR A 44 13.18 1.45 -11.66
N VAL A 45 14.07 2.34 -12.10
CA VAL A 45 13.71 3.39 -13.03
C VAL A 45 14.35 3.14 -14.39
N GLU A 46 13.51 3.06 -15.42
CA GLU A 46 13.98 2.82 -16.78
C GLU A 46 13.84 4.07 -17.65
N ASN A 47 12.60 4.45 -17.93
CA ASN A 47 12.33 5.64 -18.74
C ASN A 47 10.86 6.05 -18.63
N VAL A 48 9.97 5.15 -18.99
CA VAL A 48 8.54 5.41 -18.94
C VAL A 48 7.88 4.61 -17.83
N PHE A 49 8.12 3.30 -17.83
CA PHE A 49 7.55 2.41 -16.83
C PHE A 49 8.44 2.35 -15.58
N VAL A 50 7.87 2.73 -14.44
CA VAL A 50 8.60 2.72 -13.19
C VAL A 50 8.08 1.62 -12.26
N LYS A 51 8.97 1.05 -11.46
CA LYS A 51 8.60 -0.02 -10.54
C LYS A 51 9.13 0.26 -9.13
N TYR A 52 8.44 -0.28 -8.13
CA TYR A 52 8.84 -0.09 -6.75
C TYR A 52 8.73 -1.39 -5.96
N LYS A 53 9.85 -2.08 -5.80
CA LYS A 53 9.88 -3.34 -5.05
C LYS A 53 10.04 -3.07 -3.56
N ALA A 54 9.13 -3.63 -2.76
CA ALA A 54 9.18 -3.43 -1.32
C ALA A 54 9.01 -4.75 -0.57
N THR A 55 9.09 -4.67 0.76
CA THR A 55 8.94 -5.84 1.61
C THR A 55 7.73 -5.70 2.52
N LEU A 56 7.07 -6.81 2.80
CA LEU A 56 5.91 -6.81 3.67
C LEU A 56 6.34 -6.72 5.13
N LEU A 57 5.90 -5.66 5.80
CA LEU A 57 6.26 -5.45 7.21
C LEU A 57 5.40 -6.34 8.11
N ASP A 58 4.13 -6.49 7.75
CA ASP A 58 3.21 -7.31 8.54
C ASP A 58 1.86 -7.45 7.82
N ILE A 59 1.23 -8.61 7.98
CA ILE A 59 -0.06 -8.87 7.34
C ILE A 59 -1.22 -8.46 8.24
N TYR A 60 -2.16 -7.71 7.68
CA TYR A 60 -3.34 -7.28 8.41
C TYR A 60 -4.56 -7.98 7.83
N LYS A 61 -4.41 -8.45 6.60
CA LYS A 61 -5.46 -9.17 5.89
C LYS A 61 -4.85 -9.99 4.76
N THR A 62 -4.81 -11.31 4.94
CA THR A 62 -4.24 -12.21 3.95
C THR A 62 -4.61 -11.82 2.52
N GLY A 63 -3.65 -11.97 1.63
CA GLY A 63 -3.87 -11.63 0.23
C GLY A 63 -4.05 -12.86 -0.63
N GLU A 64 -5.05 -12.82 -1.52
CA GLU A 64 -5.32 -13.93 -2.42
C GLU A 64 -4.11 -14.20 -3.30
N ALA A 65 -3.23 -13.21 -3.40
CA ALA A 65 -2.02 -13.35 -4.21
C ALA A 65 -0.91 -14.01 -3.40
N VAL A 66 -1.23 -15.18 -2.84
CA VAL A 66 -0.29 -15.94 -2.03
C VAL A 66 0.49 -15.03 -1.06
N ALA A 67 -0.21 -14.06 -0.50
CA ALA A 67 0.41 -13.13 0.45
C ALA A 67 0.89 -13.86 1.69
N GLU A 68 2.09 -13.52 2.14
CA GLU A 68 2.67 -14.14 3.33
C GLU A 68 3.51 -13.15 4.10
N LYS A 69 3.65 -13.39 5.40
CA LYS A 69 4.42 -12.50 6.27
C LYS A 69 5.77 -12.16 5.65
N ASP A 70 6.10 -10.86 5.65
CA ASP A 70 7.35 -10.37 5.09
C ASP A 70 7.69 -11.05 3.77
N SER A 71 6.82 -10.84 2.78
CA SER A 71 7.01 -11.43 1.46
C SER A 71 7.63 -10.42 0.50
N GLU A 72 7.61 -10.74 -0.78
CA GLU A 72 8.16 -9.85 -1.80
C GLU A 72 7.03 -9.30 -2.68
N ILE A 73 7.08 -7.99 -2.91
CA ILE A 73 6.07 -7.32 -3.71
C ILE A 73 6.69 -6.36 -4.73
N THR A 74 6.03 -6.19 -5.87
CA THR A 74 6.51 -5.30 -6.91
C THR A 74 5.37 -4.46 -7.48
N PHE A 75 5.29 -3.21 -7.06
CA PHE A 75 4.25 -2.30 -7.53
C PHE A 75 4.71 -1.49 -8.73
N ILE A 76 4.08 -1.72 -9.88
CA ILE A 76 4.43 -1.01 -11.09
C ILE A 76 3.44 0.12 -11.38
N LYS A 77 3.95 1.22 -11.93
CA LYS A 77 3.11 2.38 -12.24
C LYS A 77 3.66 3.14 -13.45
N LYS A 78 2.80 3.97 -14.03
CA LYS A 78 3.19 4.76 -15.20
C LYS A 78 3.85 6.08 -14.77
N VAL A 79 4.66 6.64 -15.66
CA VAL A 79 5.35 7.90 -15.38
C VAL A 79 4.36 9.02 -15.14
N THR A 80 3.18 8.91 -15.75
CA THR A 80 2.15 9.93 -15.61
C THR A 80 1.66 10.03 -14.16
N CYS A 81 1.84 8.95 -13.41
CA CYS A 81 1.43 8.91 -12.01
C CYS A 81 2.21 9.93 -11.18
N THR A 82 1.66 11.13 -11.06
CA THR A 82 2.30 12.19 -10.30
C THR A 82 1.61 12.39 -8.95
N ASN A 83 0.56 11.61 -8.71
CA ASN A 83 -0.19 11.69 -7.46
C ASN A 83 0.28 10.64 -6.47
N ALA A 84 0.85 9.56 -6.98
CA ALA A 84 1.34 8.48 -6.12
C ALA A 84 2.84 8.28 -6.28
N GLU A 85 3.60 8.72 -5.27
CA GLU A 85 5.06 8.59 -5.31
C GLU A 85 5.55 7.87 -4.06
N LEU A 86 6.57 7.03 -4.23
CA LEU A 86 7.13 6.28 -3.12
C LEU A 86 8.58 6.68 -2.87
N VAL A 87 9.06 6.42 -1.66
CA VAL A 87 10.43 6.76 -1.28
C VAL A 87 11.21 5.51 -0.87
N LYS A 88 12.47 5.46 -1.29
CA LYS A 88 13.32 4.31 -0.97
C LYS A 88 13.56 4.23 0.53
N GLY A 89 12.92 3.24 1.16
CA GLY A 89 13.07 3.08 2.60
C GLY A 89 12.01 3.83 3.37
N ARG A 90 10.77 3.76 2.90
CA ARG A 90 9.66 4.44 3.55
C ARG A 90 8.51 3.47 3.83
N GLN A 91 7.82 3.69 4.95
CA GLN A 91 6.70 2.83 5.33
C GLN A 91 5.38 3.37 4.78
N TYR A 92 4.61 2.50 4.12
CA TYR A 92 3.33 2.90 3.55
C TYR A 92 2.27 1.84 3.81
N LEU A 93 1.00 2.25 3.73
CA LEU A 93 -0.12 1.35 3.93
C LEU A 93 -0.73 0.96 2.59
N ILE A 94 -0.91 -0.33 2.36
CA ILE A 94 -1.48 -0.82 1.10
C ILE A 94 -2.55 -1.87 1.31
N MET A 95 -3.72 -1.65 0.71
CA MET A 95 -4.83 -2.59 0.82
C MET A 95 -5.75 -2.45 -0.40
N GLY A 96 -5.83 -3.50 -1.21
CA GLY A 96 -6.67 -3.46 -2.39
C GLY A 96 -6.53 -4.69 -3.27
N LYS A 97 -6.88 -4.52 -4.54
CA LYS A 97 -6.83 -5.60 -5.52
C LYS A 97 -5.53 -6.40 -5.42
N GLU A 98 -5.60 -7.67 -5.83
CA GLU A 98 -4.43 -8.56 -5.79
C GLU A 98 -3.66 -8.50 -7.11
N ALA A 99 -2.75 -9.45 -7.28
CA ALA A 99 -1.94 -9.52 -8.50
C ALA A 99 -2.17 -10.85 -9.21
N LEU A 100 -2.55 -10.78 -10.48
CA LEU A 100 -2.79 -11.98 -11.29
C LEU A 100 -1.69 -12.15 -12.33
N GLN A 101 -0.84 -13.16 -12.12
CA GLN A 101 0.26 -13.44 -13.04
C GLN A 101 0.56 -14.92 -13.09
N ILE A 102 1.37 -15.37 -12.14
CA ILE A 102 1.75 -16.78 -12.05
C ILE A 102 2.53 -17.24 -13.26
N LYS A 103 3.82 -17.49 -13.07
CA LYS A 103 4.70 -17.94 -14.15
C LYS A 103 4.10 -19.15 -14.87
N TYR A 104 3.96 -19.05 -16.19
CA TYR A 104 3.39 -20.14 -16.98
C TYR A 104 3.95 -20.17 -18.40
N ASN A 105 4.98 -20.99 -18.60
CA ASN A 105 5.62 -21.15 -19.91
C ASN A 105 6.12 -19.82 -20.47
N ALA A 106 5.24 -19.09 -21.15
CA ALA A 106 5.57 -17.81 -21.76
C ALA A 106 6.49 -16.97 -20.87
N SER A 107 5.89 -16.25 -19.93
CA SER A 107 6.66 -15.39 -19.02
C SER A 107 5.74 -14.69 -18.04
N PHE A 108 5.70 -15.19 -16.81
CA PHE A 108 4.87 -14.61 -15.76
C PHE A 108 5.55 -14.76 -14.40
N ARG A 109 4.79 -14.54 -13.33
CA ARG A 109 5.32 -14.65 -11.96
C ARG A 109 4.30 -14.12 -10.96
N TYR A 110 4.39 -12.81 -10.68
CA TYR A 110 3.48 -12.15 -9.74
C TYR A 110 3.91 -10.72 -9.48
N ILE A 111 3.27 -9.79 -10.19
CA ILE A 111 3.57 -8.37 -10.02
C ILE A 111 2.34 -7.60 -9.57
N TYR A 112 2.48 -6.84 -8.50
CA TYR A 112 1.37 -6.06 -7.96
C TYR A 112 1.18 -4.75 -8.72
N PRO A 113 -0.04 -4.49 -9.20
CA PRO A 113 -0.35 -3.26 -9.94
C PRO A 113 -0.50 -2.06 -9.02
N LEU A 114 -0.59 -0.87 -9.61
CA LEU A 114 -0.73 0.36 -8.84
C LEU A 114 -1.72 1.31 -9.52
N ASP A 115 -2.98 1.24 -9.10
CA ASP A 115 -4.03 2.10 -9.66
C ASP A 115 -4.69 2.93 -8.58
N SER A 116 -5.76 3.63 -8.95
CA SER A 116 -6.49 4.47 -8.01
C SER A 116 -7.50 3.65 -7.21
N LEU A 117 -7.44 2.32 -7.37
CA LEU A 117 -8.35 1.42 -6.66
C LEU A 117 -7.72 0.94 -5.37
N THR A 118 -6.40 0.84 -5.36
CA THR A 118 -5.66 0.37 -4.20
C THR A 118 -5.50 1.50 -3.17
N TRP A 119 -5.75 1.18 -1.91
CA TRP A 119 -5.63 2.15 -0.83
C TRP A 119 -4.17 2.35 -0.44
N ILE A 120 -3.74 3.61 -0.43
CA ILE A 120 -2.37 3.95 -0.07
C ILE A 120 -2.34 5.09 0.94
N GLU A 121 -1.87 4.80 2.14
CA GLU A 121 -1.78 5.82 3.20
C GLU A 121 -0.39 5.82 3.83
N TYR A 122 0.30 6.96 3.72
CA TYR A 122 1.64 7.09 4.29
C TYR A 122 1.64 6.80 5.78
N TRP A 123 2.58 5.98 6.21
CA TRP A 123 2.70 5.63 7.62
C TRP A 123 3.79 6.47 8.29
N PRO A 124 3.41 7.47 9.08
CA PRO A 124 4.37 8.35 9.77
C PRO A 124 5.44 7.57 10.53
N ARG A 125 6.63 7.49 9.94
CA ARG A 125 7.74 6.78 10.55
C ARG A 125 8.38 7.60 11.67
N ASP A 126 8.24 8.92 11.56
CA ASP A 126 8.79 9.83 12.57
C ASP A 126 7.77 10.12 13.66
N THR A 127 8.21 10.01 14.92
CA THR A 127 7.34 10.25 16.06
C THR A 127 8.02 11.16 17.08
N THR A 128 9.35 11.20 17.02
CA THR A 128 10.12 12.03 17.94
C THR A 128 10.45 13.39 17.33
N CYS A 129 9.80 13.69 16.21
CA CYS A 129 10.02 14.96 15.52
C CYS A 129 9.70 16.14 16.42
N SER A 130 8.47 16.16 16.95
CA SER A 130 8.04 17.23 17.84
C SER A 130 7.04 16.71 18.87
N SER A 131 5.89 16.23 18.39
CA SER A 131 4.86 15.71 19.28
C SER A 131 3.80 14.96 18.48
N CYS A 132 4.06 14.76 17.18
CA CYS A 132 3.13 14.06 16.32
C CYS A 132 3.10 12.57 16.64
N GLN A 133 2.15 12.17 17.48
CA GLN A 133 2.00 10.77 17.86
C GLN A 133 0.53 10.38 17.95
N ALA A 134 -0.35 11.33 17.68
CA ALA A 134 -1.78 11.08 17.74
C ALA A 134 -2.23 10.21 16.57
N PHE A 135 -1.63 10.42 15.40
CA PHE A 135 -1.98 9.66 14.21
C PHE A 135 -1.49 8.21 14.33
N LEU A 136 -0.33 8.04 14.95
CA LEU A 136 0.25 6.71 15.12
C LEU A 136 -0.60 5.87 16.07
N ALA A 137 -1.07 6.49 17.16
CA ALA A 137 -1.90 5.80 18.13
C ALA A 137 -3.21 5.34 17.51
N ASN A 138 -3.77 6.17 16.64
CA ASN A 138 -5.03 5.84 15.97
C ASN A 138 -4.85 4.61 15.09
N LEU A 139 -3.65 4.43 14.57
CA LEU A 139 -3.34 3.29 13.71
C LEU A 139 -3.32 1.99 14.52
N ASP A 140 -2.97 2.10 15.80
CA ASP A 140 -2.92 0.94 16.67
C ASP A 140 -4.30 0.33 16.82
N GLU A 141 -5.33 1.17 16.78
CA GLU A 141 -6.71 0.71 16.90
C GLU A 141 -7.11 -0.11 15.68
N PHE A 142 -6.53 0.22 14.53
CA PHE A 142 -6.81 -0.49 13.29
C PHE A 142 -6.14 -1.86 13.28
N ALA A 143 -4.97 -1.93 13.90
CA ALA A 143 -4.20 -3.17 13.97
C ALA A 143 -5.00 -4.27 14.67
N GLU A 144 -5.80 -3.88 15.64
CA GLU A 144 -6.61 -4.83 16.39
C GLU A 144 -8.04 -4.87 15.88
N ASP A 145 -8.35 -3.99 14.93
CA ASP A 145 -9.69 -3.92 14.37
C ASP A 145 -9.78 -4.72 13.06
N ILE A 146 -8.62 -5.09 12.53
CA ILE A 146 -8.56 -5.87 11.30
C ILE A 146 -8.06 -7.28 11.56
N PHE A 147 -7.28 -7.43 12.63
CA PHE A 147 -6.73 -8.72 13.01
C PHE A 147 -7.72 -9.51 13.87
N LEU A 148 -8.24 -8.86 14.90
CA LEU A 148 -9.19 -9.49 15.81
C LEU A 148 -10.55 -9.63 15.14
N ASN A 149 -11.01 -8.55 14.53
CA ASN A 149 -12.30 -8.55 13.86
C ASN A 149 -12.21 -9.22 12.49
N GLY A 150 -11.56 -8.54 11.55
CA GLY A 150 -11.41 -9.08 10.21
C GLY A 150 -12.74 -9.17 9.48
N CYS A 151 -13.12 -8.08 8.81
CA CYS A 151 -14.38 -8.04 8.07
C CYS A 151 -14.33 -9.00 6.89
N GLY A 1 -1.28 15.31 -23.10
CA GLY A 1 -2.23 16.36 -22.64
C GLY A 1 -2.97 15.96 -21.38
N SER A 2 -2.22 15.65 -20.33
CA SER A 2 -2.82 15.25 -19.05
C SER A 2 -2.07 15.88 -17.89
N HIS A 3 -2.77 16.70 -17.11
CA HIS A 3 -2.17 17.36 -15.96
C HIS A 3 -2.56 16.66 -14.66
N MET A 4 -3.46 15.68 -14.77
CA MET A 4 -3.92 14.94 -13.60
C MET A 4 -4.48 13.58 -14.00
N ALA A 5 -3.86 12.51 -13.50
CA ALA A 5 -4.28 11.16 -13.81
C ALA A 5 -4.30 10.29 -12.54
N ASP A 6 -3.88 10.88 -11.43
CA ASP A 6 -3.83 10.18 -10.15
C ASP A 6 -2.92 8.97 -10.22
N CYS A 7 -3.46 7.83 -10.67
CA CYS A 7 -2.69 6.60 -10.77
C CYS A 7 -1.94 6.34 -9.46
N GLY A 8 -2.67 5.84 -8.48
CA GLY A 8 -2.07 5.56 -7.18
C GLY A 8 -2.43 6.63 -6.17
N GLN A 9 -3.70 7.02 -6.17
CA GLN A 9 -4.20 8.04 -5.26
C GLN A 9 -3.70 7.81 -3.85
N MET A 10 -2.81 8.68 -3.39
CA MET A 10 -2.24 8.57 -2.05
C MET A 10 -2.92 9.55 -1.09
N GLN A 11 -2.46 9.58 0.15
CA GLN A 11 -3.01 10.48 1.16
C GLN A 11 -2.09 11.67 1.39
N GLU A 12 -2.57 12.63 2.19
CA GLU A 12 -1.80 13.82 2.49
C GLU A 12 -0.81 13.57 3.63
N GLU A 13 -0.16 12.42 3.59
CA GLU A 13 0.82 12.04 4.61
C GLU A 13 0.17 12.00 5.99
N LEU A 14 0.21 13.14 6.68
CA LEU A 14 -0.38 13.25 8.01
C LEU A 14 -1.68 14.03 7.98
N ASP A 15 -2.80 13.31 7.92
CA ASP A 15 -4.11 13.93 7.89
C ASP A 15 -5.11 13.10 8.70
N LEU A 16 -5.72 13.74 9.69
CA LEU A 16 -6.70 13.08 10.54
C LEU A 16 -8.04 12.97 9.81
N THR A 17 -9.13 13.31 10.50
CA THR A 17 -10.47 13.24 9.93
C THR A 17 -10.74 11.87 9.31
N ILE A 18 -9.99 10.86 9.74
CA ILE A 18 -10.16 9.50 9.24
C ILE A 18 -10.23 8.50 10.39
N SER A 19 -11.42 7.98 10.63
CA SER A 19 -11.63 7.01 11.71
C SER A 19 -11.04 5.65 11.33
N ALA A 20 -11.07 4.72 12.28
CA ALA A 20 -10.54 3.38 12.05
C ALA A 20 -11.53 2.52 11.27
N GLU A 21 -12.71 3.07 11.03
CA GLU A 21 -13.75 2.35 10.30
C GLU A 21 -13.81 2.82 8.85
N THR A 22 -12.98 3.80 8.51
CA THR A 22 -12.93 4.34 7.16
C THR A 22 -12.00 3.51 6.27
N ARG A 23 -10.97 2.95 6.89
CA ARG A 23 -9.99 2.14 6.16
C ARG A 23 -10.29 0.65 6.34
N LYS A 24 -10.82 0.30 7.51
CA LYS A 24 -11.15 -1.09 7.81
C LYS A 24 -12.10 -1.67 6.78
N GLN A 25 -13.08 -0.87 6.36
CA GLN A 25 -14.05 -1.31 5.36
C GLN A 25 -13.34 -1.71 4.08
N THR A 26 -12.14 -1.16 3.90
CA THR A 26 -11.33 -1.46 2.72
C THR A 26 -10.48 -2.70 2.96
N ALA A 27 -10.24 -3.00 4.23
CA ALA A 27 -9.44 -4.17 4.60
C ALA A 27 -10.24 -5.46 4.45
N CYS A 28 -11.48 -5.32 4.01
CA CYS A 28 -12.36 -6.47 3.82
C CYS A 28 -13.36 -6.21 2.69
N LYS A 29 -13.14 -5.12 1.97
CA LYS A 29 -14.01 -4.75 0.86
C LYS A 29 -13.90 -5.76 -0.28
N PRO A 30 -15.04 -6.12 -0.91
CA PRO A 30 -15.07 -7.10 -2.00
C PRO A 30 -14.02 -6.80 -3.07
N GLU A 31 -13.96 -5.55 -3.53
CA GLU A 31 -13.00 -5.15 -4.55
C GLU A 31 -11.57 -5.31 -4.06
N ILE A 32 -11.38 -5.17 -2.75
CA ILE A 32 -10.05 -5.31 -2.15
C ILE A 32 -9.71 -6.76 -1.92
N ALA A 33 -8.45 -7.12 -2.21
CA ALA A 33 -7.99 -8.50 -2.04
C ALA A 33 -7.05 -8.61 -0.84
N TYR A 34 -6.50 -7.48 -0.40
CA TYR A 34 -5.57 -7.51 0.72
C TYR A 34 -5.46 -6.15 1.42
N ALA A 35 -4.98 -6.20 2.65
CA ALA A 35 -4.79 -5.01 3.46
C ALA A 35 -3.62 -5.21 4.40
N TYR A 36 -2.43 -4.86 3.95
CA TYR A 36 -1.22 -5.05 4.75
C TYR A 36 -0.35 -3.79 4.79
N LYS A 37 0.64 -3.82 5.67
CA LYS A 37 1.57 -2.71 5.83
C LYS A 37 2.90 -3.03 5.18
N VAL A 38 3.20 -2.35 4.07
CA VAL A 38 4.43 -2.57 3.34
C VAL A 38 5.53 -1.59 3.76
N SER A 39 6.71 -1.77 3.16
CA SER A 39 7.85 -0.91 3.45
C SER A 39 8.84 -0.93 2.29
N ILE A 40 8.83 0.15 1.50
CA ILE A 40 9.73 0.25 0.35
C ILE A 40 11.16 -0.06 0.74
N THR A 41 11.84 -0.82 -0.12
CA THR A 41 13.24 -1.21 0.13
C THR A 41 14.05 -1.20 -1.15
N SER A 42 13.37 -1.15 -2.29
CA SER A 42 14.05 -1.14 -3.58
C SER A 42 13.27 -0.34 -4.62
N ILE A 43 13.99 0.26 -5.55
CA ILE A 43 13.38 1.06 -6.60
C ILE A 43 14.17 0.95 -7.90
N THR A 44 13.46 0.90 -9.02
CA THR A 44 14.11 0.79 -10.33
C THR A 44 13.29 1.52 -11.39
N VAL A 45 13.69 2.74 -11.72
CA VAL A 45 12.99 3.53 -12.72
C VAL A 45 13.69 3.43 -14.08
N GLU A 46 12.88 3.36 -15.13
CA GLU A 46 13.40 3.26 -16.50
C GLU A 46 13.08 4.52 -17.29
N ASN A 47 13.31 4.47 -18.60
CA ASN A 47 13.05 5.60 -19.48
C ASN A 47 11.57 5.97 -19.48
N VAL A 48 10.73 5.00 -19.13
CA VAL A 48 9.29 5.22 -19.10
C VAL A 48 8.66 4.55 -17.88
N PHE A 49 8.46 3.24 -17.97
CA PHE A 49 7.87 2.47 -16.88
C PHE A 49 8.79 2.48 -15.66
N VAL A 50 8.18 2.54 -14.48
CA VAL A 50 8.94 2.55 -13.23
C VAL A 50 8.47 1.44 -12.29
N LYS A 51 9.43 0.83 -11.59
CA LYS A 51 9.11 -0.25 -10.66
C LYS A 51 9.42 0.16 -9.23
N TYR A 52 8.68 -0.41 -8.29
CA TYR A 52 8.86 -0.11 -6.87
C TYR A 52 8.72 -1.37 -6.02
N LYS A 53 9.85 -1.94 -5.61
CA LYS A 53 9.85 -3.14 -4.81
C LYS A 53 9.84 -2.80 -3.32
N ALA A 54 9.06 -3.54 -2.54
CA ALA A 54 8.97 -3.29 -1.11
C ALA A 54 8.83 -4.59 -0.32
N THR A 55 8.84 -4.46 1.01
CA THR A 55 8.72 -5.61 1.89
C THR A 55 7.47 -5.49 2.76
N LEU A 56 6.73 -6.58 2.86
CA LEU A 56 5.50 -6.60 3.66
C LEU A 56 5.82 -6.67 5.15
N LEU A 57 5.83 -5.51 5.80
CA LEU A 57 6.12 -5.46 7.22
C LEU A 57 5.13 -6.33 8.00
N ASP A 58 3.92 -6.43 7.48
CA ASP A 58 2.88 -7.23 8.12
C ASP A 58 1.67 -7.36 7.19
N ILE A 59 0.76 -8.26 7.55
CA ILE A 59 -0.44 -8.48 6.74
C ILE A 59 -1.68 -8.67 7.62
N TYR A 60 -2.67 -7.80 7.45
CA TYR A 60 -3.91 -7.89 8.22
C TYR A 60 -4.97 -8.60 7.40
N LYS A 61 -4.90 -8.41 6.08
CA LYS A 61 -5.83 -9.04 5.16
C LYS A 61 -5.06 -9.83 4.11
N THR A 62 -5.11 -11.16 4.23
CA THR A 62 -4.40 -12.03 3.30
C THR A 62 -4.63 -11.64 1.85
N GLY A 63 -3.56 -11.71 1.06
CA GLY A 63 -3.64 -11.37 -0.35
C GLY A 63 -3.95 -12.56 -1.22
N GLU A 64 -4.98 -12.43 -2.06
CA GLU A 64 -5.38 -13.51 -2.96
C GLU A 64 -4.23 -13.88 -3.88
N ALA A 65 -3.34 -12.94 -4.13
CA ALA A 65 -2.18 -13.16 -4.98
C ALA A 65 -0.99 -13.64 -4.17
N VAL A 66 -1.26 -14.54 -3.23
CA VAL A 66 -0.22 -15.08 -2.36
C VAL A 66 0.47 -13.98 -1.56
N ALA A 67 -0.04 -13.74 -0.35
CA ALA A 67 0.53 -12.72 0.53
C ALA A 67 0.86 -13.32 1.90
N GLU A 68 2.10 -13.17 2.32
CA GLU A 68 2.56 -13.71 3.60
C GLU A 68 3.31 -12.66 4.41
N LYS A 69 3.38 -12.88 5.72
CA LYS A 69 4.07 -11.96 6.61
C LYS A 69 5.53 -11.80 6.19
N ASP A 70 5.92 -10.56 5.88
CA ASP A 70 7.28 -10.27 5.47
C ASP A 70 7.63 -11.01 4.18
N SER A 71 6.97 -10.62 3.09
CA SER A 71 7.19 -11.23 1.79
C SER A 71 7.81 -10.22 0.83
N GLU A 72 8.08 -10.67 -0.40
CA GLU A 72 8.66 -9.80 -1.42
C GLU A 72 7.62 -9.44 -2.48
N ILE A 73 7.13 -8.22 -2.42
CA ILE A 73 6.12 -7.75 -3.37
C ILE A 73 6.70 -6.72 -4.34
N THR A 74 6.11 -6.61 -5.51
CA THR A 74 6.55 -5.67 -6.53
C THR A 74 5.40 -4.84 -7.08
N PHE A 75 5.48 -3.52 -6.91
CA PHE A 75 4.44 -2.62 -7.40
C PHE A 75 4.97 -1.74 -8.51
N ILE A 76 4.49 -1.99 -9.73
CA ILE A 76 4.92 -1.21 -10.89
C ILE A 76 3.86 -0.18 -11.29
N LYS A 77 4.26 0.78 -12.11
CA LYS A 77 3.35 1.82 -12.57
C LYS A 77 3.96 2.59 -13.74
N LYS A 78 3.28 3.66 -14.14
CA LYS A 78 3.74 4.48 -15.25
C LYS A 78 4.31 5.81 -14.75
N VAL A 79 4.69 6.67 -15.68
CA VAL A 79 5.25 7.98 -15.33
C VAL A 79 4.16 9.04 -15.23
N THR A 80 3.00 8.73 -15.80
CA THR A 80 1.87 9.67 -15.78
C THR A 80 1.31 9.82 -14.37
N CYS A 81 1.51 8.80 -13.55
CA CYS A 81 1.01 8.81 -12.18
C CYS A 81 1.61 9.98 -11.40
N THR A 82 0.80 11.00 -11.18
CA THR A 82 1.24 12.19 -10.45
C THR A 82 0.92 12.09 -8.97
N ASN A 83 -0.17 11.39 -8.65
CA ASN A 83 -0.59 11.22 -7.26
C ASN A 83 0.10 10.04 -6.60
N ALA A 84 1.12 9.50 -7.28
CA ALA A 84 1.86 8.36 -6.76
C ALA A 84 3.36 8.67 -6.67
N GLU A 85 3.96 8.28 -5.55
CA GLU A 85 5.39 8.51 -5.33
C GLU A 85 5.87 7.75 -4.10
N LEU A 86 6.74 6.77 -4.31
CA LEU A 86 7.28 5.98 -3.20
C LEU A 86 8.75 6.29 -2.97
N VAL A 87 9.23 5.99 -1.77
CA VAL A 87 10.62 6.24 -1.42
C VAL A 87 11.16 5.16 -0.48
N LYS A 88 12.43 4.82 -0.65
CA LYS A 88 13.07 3.80 0.18
C LYS A 88 13.36 4.34 1.58
N GLY A 89 13.28 3.46 2.57
CA GLY A 89 13.55 3.87 3.94
C GLY A 89 12.29 4.30 4.67
N ARG A 90 11.20 4.47 3.93
CA ARG A 90 9.94 4.89 4.51
C ARG A 90 8.95 3.74 4.59
N GLN A 91 7.85 3.97 5.30
CA GLN A 91 6.81 2.95 5.47
C GLN A 91 5.58 3.31 4.65
N TYR A 92 4.86 2.29 4.19
CA TYR A 92 3.66 2.50 3.38
C TYR A 92 2.58 1.47 3.69
N LEU A 93 1.33 1.88 3.56
CA LEU A 93 0.19 1.01 3.80
C LEU A 93 -0.56 0.77 2.49
N ILE A 94 -0.61 -0.49 2.06
CA ILE A 94 -1.29 -0.84 0.81
C ILE A 94 -2.50 -1.72 1.04
N MET A 95 -3.64 -1.29 0.50
CA MET A 95 -4.89 -2.03 0.63
C MET A 95 -5.67 -1.96 -0.68
N GLY A 96 -5.75 -3.07 -1.40
CA GLY A 96 -6.46 -3.07 -2.67
C GLY A 96 -6.55 -4.43 -3.33
N LYS A 97 -6.97 -4.43 -4.59
CA LYS A 97 -7.10 -5.66 -5.37
C LYS A 97 -5.79 -6.44 -5.42
N GLU A 98 -5.90 -7.74 -5.67
CA GLU A 98 -4.72 -8.61 -5.73
C GLU A 98 -3.83 -8.26 -6.93
N ALA A 99 -2.85 -9.11 -7.19
CA ALA A 99 -1.92 -8.91 -8.29
C ALA A 99 -2.45 -9.51 -9.60
N LEU A 100 -1.73 -9.28 -10.68
CA LEU A 100 -2.11 -9.82 -11.98
C LEU A 100 -1.16 -10.92 -12.42
N GLN A 101 -1.67 -12.14 -12.50
CA GLN A 101 -0.86 -13.29 -12.90
C GLN A 101 -0.51 -13.22 -14.38
N ILE A 102 0.75 -13.49 -14.69
CA ILE A 102 1.22 -13.48 -16.07
C ILE A 102 2.27 -14.54 -16.32
N LYS A 103 2.82 -15.09 -15.23
CA LYS A 103 3.84 -16.13 -15.33
C LYS A 103 3.41 -17.23 -16.31
N TYR A 104 4.16 -17.36 -17.41
CA TYR A 104 3.86 -18.37 -18.42
C TYR A 104 5.09 -19.19 -18.75
N ASN A 105 6.14 -18.53 -19.24
CA ASN A 105 7.38 -19.20 -19.60
C ASN A 105 8.54 -18.66 -18.77
N ALA A 106 8.33 -18.51 -17.47
CA ALA A 106 9.35 -18.00 -16.57
C ALA A 106 9.76 -16.58 -16.93
N SER A 107 9.01 -15.97 -17.84
CA SER A 107 9.28 -14.60 -18.26
C SER A 107 8.38 -13.61 -17.54
N PHE A 108 7.36 -14.15 -16.86
CA PHE A 108 6.42 -13.32 -16.11
C PHE A 108 6.26 -13.86 -14.69
N ARG A 109 5.31 -13.28 -13.93
CA ARG A 109 5.07 -13.70 -12.56
C ARG A 109 4.06 -12.80 -11.87
N TYR A 110 3.63 -13.18 -10.66
CA TYR A 110 2.67 -12.42 -9.90
C TYR A 110 3.24 -11.04 -9.57
N ILE A 111 2.71 -10.00 -10.20
CA ILE A 111 3.17 -8.64 -9.96
C ILE A 111 1.99 -7.71 -9.65
N TYR A 112 2.15 -6.88 -8.63
CA TYR A 112 1.10 -5.95 -8.23
C TYR A 112 1.20 -4.63 -8.99
N PRO A 113 0.08 -4.15 -9.55
CA PRO A 113 0.05 -2.90 -10.30
C PRO A 113 -0.14 -1.68 -9.39
N LEU A 114 -0.38 -0.53 -9.99
CA LEU A 114 -0.59 0.71 -9.23
C LEU A 114 -1.62 1.59 -9.91
N ASP A 115 -2.85 1.56 -9.41
CA ASP A 115 -3.94 2.36 -9.96
C ASP A 115 -4.53 3.28 -8.89
N SER A 116 -5.64 3.94 -9.24
CA SER A 116 -6.29 4.85 -8.31
C SER A 116 -7.17 4.10 -7.30
N LEU A 117 -7.28 2.78 -7.46
CA LEU A 117 -8.08 1.97 -6.56
C LEU A 117 -7.25 1.50 -5.37
N THR A 118 -5.96 1.26 -5.62
CA THR A 118 -5.05 0.80 -4.57
C THR A 118 -4.89 1.85 -3.48
N TRP A 119 -5.46 1.57 -2.32
CA TRP A 119 -5.38 2.48 -1.18
C TRP A 119 -3.93 2.67 -0.73
N ILE A 120 -3.41 3.88 -0.94
CA ILE A 120 -2.04 4.20 -0.56
C ILE A 120 -2.01 5.23 0.56
N GLU A 121 -1.58 4.80 1.74
CA GLU A 121 -1.50 5.69 2.89
C GLU A 121 -0.12 5.63 3.54
N TYR A 122 0.63 6.72 3.46
CA TYR A 122 1.95 6.79 4.04
C TYR A 122 1.92 6.54 5.54
N TRP A 123 2.80 5.68 6.02
CA TRP A 123 2.86 5.36 7.44
C TRP A 123 4.01 6.12 8.12
N PRO A 124 3.68 7.14 8.93
CA PRO A 124 4.68 7.95 9.63
C PRO A 124 5.71 7.10 10.37
N ARG A 125 6.97 7.25 10.00
CA ARG A 125 8.05 6.51 10.62
C ARG A 125 8.43 7.11 11.98
N ASP A 126 8.33 8.43 12.08
CA ASP A 126 8.65 9.14 13.31
C ASP A 126 7.45 9.19 14.24
N THR A 127 7.66 8.78 15.49
CA THR A 127 6.59 8.78 16.49
C THR A 127 7.10 9.29 17.83
N THR A 128 8.36 9.01 18.12
CA THR A 128 8.97 9.44 19.37
C THR A 128 9.57 10.83 19.25
N CYS A 129 9.24 11.52 18.17
CA CYS A 129 9.74 12.87 17.92
C CYS A 129 9.30 13.81 19.04
N SER A 130 8.01 14.14 19.06
CA SER A 130 7.47 15.03 20.07
C SER A 130 5.98 14.77 20.28
N SER A 131 5.18 15.07 19.27
CA SER A 131 3.74 14.87 19.33
C SER A 131 3.16 14.55 17.96
N CYS A 132 4.04 14.15 17.03
CA CYS A 132 3.62 13.81 15.69
C CYS A 132 2.93 12.45 15.64
N GLN A 133 2.79 11.84 16.82
CA GLN A 133 2.16 10.52 16.91
C GLN A 133 0.63 10.66 16.99
N ALA A 134 0.14 11.86 16.65
CA ALA A 134 -1.30 12.12 16.68
C ALA A 134 -2.05 11.18 15.74
N PHE A 135 -1.52 11.01 14.53
CA PHE A 135 -2.13 10.15 13.53
C PHE A 135 -1.78 8.69 13.81
N LEU A 136 -0.66 8.46 14.47
CA LEU A 136 -0.21 7.11 14.78
C LEU A 136 -0.99 6.54 15.96
N ALA A 137 -1.84 7.37 16.56
CA ALA A 137 -2.65 6.95 17.69
C ALA A 137 -3.93 6.25 17.22
N ASN A 138 -4.35 6.56 16.00
CA ASN A 138 -5.55 5.96 15.43
C ASN A 138 -5.21 4.68 14.69
N LEU A 139 -3.92 4.49 14.40
CA LEU A 139 -3.47 3.31 13.69
C LEU A 139 -3.29 2.13 14.64
N ASP A 140 -2.99 2.44 15.90
CA ASP A 140 -2.78 1.42 16.92
C ASP A 140 -4.10 0.71 17.24
N GLU A 141 -5.20 1.47 17.23
CA GLU A 141 -6.51 0.90 17.51
C GLU A 141 -6.91 -0.11 16.45
N PHE A 142 -6.66 0.23 15.18
CA PHE A 142 -6.98 -0.65 14.07
C PHE A 142 -6.10 -1.89 14.07
N ALA A 143 -4.88 -1.74 14.58
CA ALA A 143 -3.93 -2.84 14.64
C ALA A 143 -4.50 -4.02 15.40
N GLU A 144 -5.42 -3.74 16.32
CA GLU A 144 -6.04 -4.79 17.12
C GLU A 144 -7.54 -4.86 16.86
N ASP A 145 -8.05 -3.95 16.03
CA ASP A 145 -9.47 -3.92 15.71
C ASP A 145 -9.77 -4.81 14.50
N ILE A 146 -8.72 -5.18 13.77
CA ILE A 146 -8.88 -6.04 12.59
C ILE A 146 -8.29 -7.42 12.85
N PHE A 147 -7.29 -7.47 13.71
CA PHE A 147 -6.63 -8.73 14.05
C PHE A 147 -7.46 -9.53 15.05
N LEU A 148 -7.94 -8.85 16.09
CA LEU A 148 -8.74 -9.49 17.12
C LEU A 148 -10.19 -9.65 16.66
N ASN A 149 -10.79 -8.56 16.21
CA ASN A 149 -12.16 -8.57 15.75
C ASN A 149 -12.26 -9.13 14.33
N GLY A 150 -11.92 -8.31 13.34
CA GLY A 150 -11.97 -8.74 11.95
C GLY A 150 -13.39 -8.81 11.44
N CYS A 151 -13.56 -8.60 10.13
CA CYS A 151 -14.88 -8.64 9.51
C CYS A 151 -15.48 -10.04 9.58
N GLY A 1 -2.92 16.29 -27.15
CA GLY A 1 -4.06 15.39 -27.47
C GLY A 1 -4.16 14.23 -26.50
N SER A 2 -3.17 14.09 -25.62
CA SER A 2 -3.15 13.02 -24.63
C SER A 2 -3.73 13.51 -23.30
N HIS A 3 -4.10 12.56 -22.44
CA HIS A 3 -4.66 12.88 -21.14
C HIS A 3 -3.92 12.15 -20.03
N MET A 4 -4.32 12.40 -18.79
CA MET A 4 -3.69 11.76 -17.64
C MET A 4 -4.71 11.50 -16.54
N ALA A 5 -4.26 10.86 -15.47
CA ALA A 5 -5.13 10.54 -14.34
C ALA A 5 -4.34 10.49 -13.03
N ASP A 6 -5.03 10.17 -11.94
CA ASP A 6 -4.38 10.09 -10.63
C ASP A 6 -3.37 8.96 -10.59
N CYS A 7 -3.87 7.73 -10.73
CA CYS A 7 -3.01 6.55 -10.70
C CYS A 7 -2.24 6.47 -9.39
N GLY A 8 -2.70 5.62 -8.47
CA GLY A 8 -2.05 5.47 -7.19
C GLY A 8 -2.08 6.75 -6.38
N GLN A 9 -3.23 7.40 -6.37
CA GLN A 9 -3.41 8.65 -5.64
C GLN A 9 -3.02 8.48 -4.18
N MET A 10 -1.99 9.19 -3.75
CA MET A 10 -1.52 9.12 -2.37
C MET A 10 -2.15 10.22 -1.52
N GLN A 11 -2.48 9.88 -0.27
CA GLN A 11 -3.09 10.84 0.64
C GLN A 11 -2.04 11.64 1.38
N GLU A 12 -2.49 12.52 2.27
CA GLU A 12 -1.59 13.37 3.04
C GLU A 12 -0.71 12.52 3.96
N GLU A 13 0.26 13.17 4.61
CA GLU A 13 1.16 12.48 5.52
C GLU A 13 0.66 12.54 6.95
N LEU A 14 -0.29 13.45 7.19
CA LEU A 14 -0.86 13.63 8.52
C LEU A 14 -2.31 14.08 8.43
N ASP A 15 -3.23 13.14 8.64
CA ASP A 15 -4.65 13.43 8.58
C ASP A 15 -5.39 12.72 9.71
N LEU A 16 -5.92 13.49 10.65
CA LEU A 16 -6.65 12.93 11.78
C LEU A 16 -8.16 13.06 11.60
N THR A 17 -8.59 13.32 10.37
CA THR A 17 -10.00 13.47 10.07
C THR A 17 -10.60 12.17 9.53
N ILE A 18 -9.76 11.17 9.33
CA ILE A 18 -10.20 9.88 8.82
C ILE A 18 -10.47 8.90 9.96
N SER A 19 -11.57 8.16 9.86
CA SER A 19 -11.94 7.20 10.89
C SER A 19 -11.20 5.88 10.68
N ALA A 20 -11.19 5.05 11.72
CA ALA A 20 -10.51 3.76 11.66
C ALA A 20 -11.49 2.65 11.26
N GLU A 21 -12.76 3.01 11.13
CA GLU A 21 -13.79 2.04 10.75
C GLU A 21 -14.24 2.27 9.30
N THR A 22 -13.86 3.41 8.74
CA THR A 22 -14.22 3.75 7.36
C THR A 22 -13.30 3.06 6.37
N ARG A 23 -11.99 3.20 6.59
CA ARG A 23 -11.00 2.60 5.71
C ARG A 23 -10.88 1.10 5.97
N LYS A 24 -11.28 0.67 7.16
CA LYS A 24 -11.22 -0.73 7.54
C LYS A 24 -12.07 -1.58 6.61
N GLN A 25 -13.18 -1.01 6.14
CA GLN A 25 -14.08 -1.72 5.23
C GLN A 25 -13.34 -2.08 3.95
N THR A 26 -12.29 -1.33 3.65
CA THR A 26 -11.51 -1.56 2.45
C THR A 26 -10.52 -2.72 2.65
N ALA A 27 -10.22 -3.01 3.92
CA ALA A 27 -9.29 -4.08 4.25
C ALA A 27 -9.98 -5.44 4.20
N CYS A 28 -11.24 -5.46 3.78
CA CYS A 28 -11.99 -6.70 3.69
C CYS A 28 -12.94 -6.69 2.49
N LYS A 29 -12.68 -5.80 1.54
CA LYS A 29 -13.51 -5.68 0.34
C LYS A 29 -13.48 -6.98 -0.46
N PRO A 30 -14.51 -7.22 -1.28
CA PRO A 30 -14.59 -8.43 -2.11
C PRO A 30 -13.48 -8.48 -3.16
N GLU A 31 -12.77 -7.36 -3.31
CA GLU A 31 -11.68 -7.26 -4.27
C GLU A 31 -10.33 -7.22 -3.56
N ILE A 32 -10.19 -6.32 -2.61
CA ILE A 32 -8.94 -6.18 -1.86
C ILE A 32 -8.50 -7.53 -1.30
N ALA A 33 -7.31 -7.97 -1.72
CA ALA A 33 -6.76 -9.24 -1.26
C ALA A 33 -5.89 -9.04 -0.03
N TYR A 34 -4.86 -8.20 -0.16
CA TYR A 34 -3.96 -7.93 0.95
C TYR A 34 -4.29 -6.59 1.60
N ALA A 35 -4.15 -6.51 2.91
CA ALA A 35 -4.44 -5.27 3.62
C ALA A 35 -3.65 -5.12 4.92
N TYR A 36 -2.63 -4.27 4.90
CA TYR A 36 -1.81 -4.01 6.07
C TYR A 36 -0.71 -2.99 5.79
N LYS A 37 0.54 -3.37 6.01
CA LYS A 37 1.66 -2.46 5.81
C LYS A 37 2.78 -3.10 4.99
N VAL A 38 3.37 -2.29 4.12
CA VAL A 38 4.47 -2.75 3.28
C VAL A 38 5.51 -1.65 3.13
N SER A 39 6.79 -2.03 3.16
CA SER A 39 7.86 -1.04 3.06
C SER A 39 8.64 -1.21 1.75
N ILE A 40 9.07 -0.09 1.19
CA ILE A 40 9.83 -0.09 -0.05
C ILE A 40 11.31 -0.37 0.22
N THR A 41 11.81 -1.45 -0.37
CA THR A 41 13.21 -1.84 -0.18
C THR A 41 14.10 -1.35 -1.30
N SER A 42 13.51 -1.00 -2.45
CA SER A 42 14.30 -0.53 -3.58
C SER A 42 13.44 0.22 -4.59
N ILE A 43 14.10 0.90 -5.53
CA ILE A 43 13.42 1.66 -6.56
C ILE A 43 14.08 1.43 -7.92
N THR A 44 13.35 0.78 -8.82
CA THR A 44 13.86 0.49 -10.15
C THR A 44 13.12 1.27 -11.22
N VAL A 45 13.84 1.74 -12.22
CA VAL A 45 13.25 2.51 -13.31
C VAL A 45 13.89 2.15 -14.65
N GLU A 46 13.06 2.01 -15.68
CA GLU A 46 13.55 1.66 -17.01
C GLU A 46 13.49 2.87 -17.94
N ASN A 47 12.28 3.26 -18.33
CA ASN A 47 12.09 4.40 -19.23
C ASN A 47 10.68 4.97 -19.08
N VAL A 48 9.69 4.08 -19.05
CA VAL A 48 8.30 4.50 -18.92
C VAL A 48 7.63 3.78 -17.75
N PHE A 49 7.65 2.45 -17.80
CA PHE A 49 7.05 1.64 -16.75
C PHE A 49 7.97 1.53 -15.55
N VAL A 50 7.61 2.20 -14.46
CA VAL A 50 8.41 2.17 -13.24
C VAL A 50 8.13 0.91 -12.42
N LYS A 51 9.09 0.52 -11.60
CA LYS A 51 8.94 -0.67 -10.76
C LYS A 51 9.62 -0.47 -9.40
N TYR A 52 8.80 -0.26 -8.38
CA TYR A 52 9.32 -0.05 -7.02
C TYR A 52 9.31 -1.36 -6.23
N LYS A 53 10.48 -1.78 -5.77
CA LYS A 53 10.61 -3.01 -4.99
C LYS A 53 10.12 -2.78 -3.57
N ALA A 54 9.11 -3.54 -3.15
CA ALA A 54 8.55 -3.40 -1.82
C ALA A 54 8.63 -4.70 -1.03
N THR A 55 8.09 -4.66 0.19
CA THR A 55 8.10 -5.83 1.07
C THR A 55 6.88 -5.80 1.99
N LEU A 56 6.02 -6.80 1.84
CA LEU A 56 4.82 -6.90 2.67
C LEU A 56 5.20 -7.12 4.12
N LEU A 57 5.34 -6.02 4.88
CA LEU A 57 5.73 -6.11 6.28
C LEU A 57 4.77 -7.00 7.06
N ASP A 58 3.49 -6.67 6.98
CA ASP A 58 2.46 -7.44 7.66
C ASP A 58 1.20 -7.47 6.80
N ILE A 59 0.28 -8.40 7.11
CA ILE A 59 -0.96 -8.54 6.35
C ILE A 59 -2.16 -8.86 7.23
N TYR A 60 -3.04 -7.89 7.44
CA TYR A 60 -4.26 -8.13 8.23
C TYR A 60 -5.08 -9.17 7.50
N LYS A 61 -4.98 -9.09 6.17
CA LYS A 61 -5.67 -10.02 5.28
C LYS A 61 -4.68 -10.48 4.21
N THR A 62 -4.34 -11.77 4.26
CA THR A 62 -3.39 -12.35 3.32
C THR A 62 -3.75 -12.05 1.88
N GLY A 63 -2.72 -11.88 1.05
CA GLY A 63 -2.93 -11.58 -0.35
C GLY A 63 -3.18 -12.84 -1.16
N GLU A 64 -4.25 -12.83 -1.96
CA GLU A 64 -4.60 -13.97 -2.78
C GLU A 64 -3.56 -14.23 -3.86
N ALA A 65 -2.68 -13.25 -4.07
CA ALA A 65 -1.63 -13.37 -5.07
C ALA A 65 -0.25 -13.46 -4.41
N VAL A 66 0.02 -14.60 -3.77
CA VAL A 66 1.29 -14.81 -3.10
C VAL A 66 1.66 -13.66 -2.19
N ALA A 67 1.22 -13.74 -0.93
CA ALA A 67 1.50 -12.70 0.06
C ALA A 67 1.58 -13.29 1.45
N GLU A 68 2.67 -13.00 2.15
CA GLU A 68 2.88 -13.50 3.50
C GLU A 68 3.52 -12.44 4.38
N LYS A 69 3.47 -12.65 5.70
CA LYS A 69 4.04 -11.70 6.64
C LYS A 69 5.54 -11.54 6.39
N ASP A 70 5.93 -10.38 5.89
CA ASP A 70 7.33 -10.08 5.59
C ASP A 70 7.83 -10.94 4.44
N SER A 71 7.34 -10.62 3.24
CA SER A 71 7.73 -11.35 2.03
C SER A 71 8.24 -10.39 0.96
N GLU A 72 8.37 -10.90 -0.26
CA GLU A 72 8.84 -10.08 -1.37
C GLU A 72 7.69 -9.71 -2.30
N ILE A 73 7.60 -8.43 -2.64
CA ILE A 73 6.54 -7.94 -3.53
C ILE A 73 7.06 -6.83 -4.44
N THR A 74 6.30 -6.52 -5.48
CA THR A 74 6.69 -5.49 -6.43
C THR A 74 5.51 -4.59 -6.80
N PHE A 75 5.73 -3.28 -6.70
CA PHE A 75 4.69 -2.30 -7.03
C PHE A 75 5.11 -1.47 -8.23
N ILE A 76 4.53 -1.77 -9.40
CA ILE A 76 4.86 -1.04 -10.61
C ILE A 76 3.96 0.17 -10.79
N LYS A 77 4.51 1.23 -11.38
CA LYS A 77 3.76 2.47 -11.60
C LYS A 77 3.93 2.94 -13.05
N LYS A 78 2.91 3.60 -13.57
CA LYS A 78 2.94 4.12 -14.93
C LYS A 78 3.57 5.50 -14.97
N VAL A 79 3.82 6.00 -16.17
CA VAL A 79 4.43 7.31 -16.35
C VAL A 79 3.41 8.42 -16.14
N THR A 80 2.14 8.11 -16.36
CA THR A 80 1.07 9.08 -16.19
C THR A 80 0.89 9.47 -14.73
N CYS A 81 1.12 8.51 -13.84
CA CYS A 81 0.99 8.74 -12.40
C CYS A 81 2.03 9.74 -11.92
N THR A 82 1.66 11.01 -11.87
CA THR A 82 2.56 12.06 -11.42
C THR A 82 2.28 12.46 -9.98
N ASN A 83 1.14 12.01 -9.47
CA ASN A 83 0.74 12.30 -8.09
C ASN A 83 1.35 11.31 -7.11
N ALA A 84 1.87 10.21 -7.66
CA ALA A 84 2.48 9.17 -6.82
C ALA A 84 3.93 9.49 -6.52
N GLU A 85 4.20 9.86 -5.26
CA GLU A 85 5.55 10.20 -4.83
C GLU A 85 5.87 9.54 -3.50
N LEU A 86 6.92 8.71 -3.49
CA LEU A 86 7.33 8.01 -2.27
C LEU A 86 8.85 8.06 -2.11
N VAL A 87 9.34 7.48 -1.02
CA VAL A 87 10.77 7.45 -0.74
C VAL A 87 11.23 6.04 -0.40
N LYS A 88 12.47 5.72 -0.79
CA LYS A 88 13.04 4.40 -0.54
C LYS A 88 13.43 4.25 0.92
N GLY A 89 12.76 3.33 1.62
CA GLY A 89 13.05 3.10 3.03
C GLY A 89 11.86 3.37 3.92
N ARG A 90 11.03 4.34 3.54
CA ARG A 90 9.85 4.70 4.31
C ARG A 90 8.82 3.57 4.29
N GLN A 91 7.85 3.66 5.21
CA GLN A 91 6.79 2.66 5.30
C GLN A 91 5.46 3.25 4.87
N TYR A 92 4.70 2.49 4.07
CA TYR A 92 3.41 2.95 3.59
C TYR A 92 2.34 1.88 3.77
N LEU A 93 1.16 2.30 4.23
CA LEU A 93 0.05 1.38 4.44
C LEU A 93 -0.59 1.03 3.09
N ILE A 94 -0.64 -0.25 2.78
CA ILE A 94 -1.20 -0.71 1.51
C ILE A 94 -2.42 -1.60 1.71
N MET A 95 -3.45 -1.37 0.88
CA MET A 95 -4.68 -2.15 0.94
C MET A 95 -5.30 -2.24 -0.45
N GLY A 96 -5.12 -3.37 -1.11
CA GLY A 96 -5.67 -3.53 -2.45
C GLY A 96 -5.87 -4.98 -2.84
N LYS A 97 -6.48 -5.19 -4.01
CA LYS A 97 -6.73 -6.52 -4.53
C LYS A 97 -5.44 -7.25 -4.86
N GLU A 98 -5.56 -8.53 -5.22
CA GLU A 98 -4.40 -9.34 -5.58
C GLU A 98 -3.80 -8.89 -6.91
N ALA A 99 -2.57 -9.35 -7.18
CA ALA A 99 -1.89 -8.99 -8.41
C ALA A 99 -2.57 -9.61 -9.63
N LEU A 100 -1.94 -9.46 -10.78
CA LEU A 100 -2.49 -9.99 -12.03
C LEU A 100 -1.70 -11.21 -12.49
N GLN A 101 -2.05 -11.72 -13.67
CA GLN A 101 -1.38 -12.87 -14.24
C GLN A 101 -1.18 -12.68 -15.74
N ILE A 102 -0.06 -12.07 -16.11
CA ILE A 102 0.24 -11.81 -17.51
C ILE A 102 1.03 -12.96 -18.13
N LYS A 103 1.48 -13.89 -17.29
CA LYS A 103 2.24 -15.04 -17.75
C LYS A 103 3.59 -14.62 -18.32
N TYR A 104 4.65 -15.29 -17.87
CA TYR A 104 6.00 -14.99 -18.33
C TYR A 104 6.77 -16.27 -18.65
N ASN A 105 6.42 -17.34 -17.95
CA ASN A 105 7.06 -18.64 -18.15
C ASN A 105 6.07 -19.78 -17.98
N ALA A 106 5.52 -19.90 -16.78
CA ALA A 106 4.55 -20.96 -16.49
C ALA A 106 3.77 -20.64 -15.22
N SER A 107 4.41 -19.94 -14.29
CA SER A 107 3.77 -19.57 -13.03
C SER A 107 3.20 -18.15 -13.11
N PHE A 108 3.14 -17.61 -14.32
CA PHE A 108 2.62 -16.26 -14.53
C PHE A 108 3.49 -15.21 -13.84
N ARG A 109 3.33 -13.96 -14.24
CA ARG A 109 4.10 -12.87 -13.65
C ARG A 109 3.25 -12.12 -12.62
N TYR A 110 3.49 -12.39 -11.34
CA TYR A 110 2.74 -11.75 -10.28
C TYR A 110 3.38 -10.42 -9.88
N ILE A 111 2.68 -9.33 -10.16
CA ILE A 111 3.17 -7.99 -9.82
C ILE A 111 2.03 -7.10 -9.33
N TYR A 112 2.25 -6.43 -8.21
CA TYR A 112 1.24 -5.56 -7.63
C TYR A 112 1.19 -4.22 -8.38
N PRO A 113 0.03 -3.91 -8.99
CA PRO A 113 -0.15 -2.66 -9.74
C PRO A 113 -0.38 -1.46 -8.84
N LEU A 114 -0.66 -0.31 -9.45
CA LEU A 114 -0.92 0.92 -8.71
C LEU A 114 -2.01 1.74 -9.37
N ASP A 115 -3.22 1.69 -8.79
CA ASP A 115 -4.35 2.43 -9.33
C ASP A 115 -5.00 3.27 -8.24
N SER A 116 -6.10 3.92 -8.60
CA SER A 116 -6.82 4.78 -7.65
C SER A 116 -7.53 3.94 -6.59
N LEU A 117 -7.58 2.63 -6.82
CA LEU A 117 -8.23 1.72 -5.88
C LEU A 117 -7.25 1.26 -4.80
N THR A 118 -5.98 1.20 -5.17
CA THR A 118 -4.94 0.77 -4.24
C THR A 118 -4.80 1.76 -3.09
N TRP A 119 -5.40 1.41 -1.96
CA TRP A 119 -5.34 2.26 -0.77
C TRP A 119 -3.90 2.48 -0.33
N ILE A 120 -3.40 3.69 -0.51
CA ILE A 120 -2.03 4.02 -0.13
C ILE A 120 -2.00 5.13 0.92
N GLU A 121 -1.21 4.92 1.97
CA GLU A 121 -1.08 5.90 3.05
C GLU A 121 0.34 5.92 3.60
N TYR A 122 0.73 7.04 4.19
CA TYR A 122 2.07 7.18 4.75
C TYR A 122 2.06 6.92 6.25
N TRP A 123 2.77 5.87 6.66
CA TRP A 123 2.85 5.52 8.08
C TRP A 123 4.05 6.21 8.74
N PRO A 124 3.79 7.12 9.69
CA PRO A 124 4.84 7.85 10.39
C PRO A 124 5.92 6.92 10.95
N ARG A 125 7.04 6.83 10.23
CA ARG A 125 8.14 5.98 10.66
C ARG A 125 8.61 6.35 12.07
N ASP A 126 8.41 7.62 12.43
CA ASP A 126 8.82 8.10 13.74
C ASP A 126 7.65 8.04 14.72
N THR A 127 7.91 7.52 15.92
CA THR A 127 6.89 7.41 16.94
C THR A 127 7.29 8.15 18.21
N THR A 128 8.42 8.85 18.15
CA THR A 128 8.92 9.60 19.29
C THR A 128 9.66 10.85 18.83
N CYS A 129 9.49 11.20 17.56
CA CYS A 129 10.13 12.38 16.99
C CYS A 129 9.75 13.63 17.76
N SER A 130 8.49 14.03 17.65
CA SER A 130 8.00 15.22 18.34
C SER A 130 6.49 15.13 18.58
N SER A 131 5.71 15.18 17.50
CA SER A 131 4.26 15.10 17.60
C SER A 131 3.68 14.20 16.50
N CYS A 132 4.56 13.50 15.80
CA CYS A 132 4.15 12.60 14.73
C CYS A 132 3.31 11.46 15.29
N GLN A 133 3.51 11.15 16.57
CA GLN A 133 2.76 10.08 17.23
C GLN A 133 1.26 10.36 17.22
N ALA A 134 0.90 11.62 16.99
CA ALA A 134 -0.50 12.01 16.97
C ALA A 134 -1.28 11.21 15.93
N PHE A 135 -0.62 10.87 14.84
CA PHE A 135 -1.25 10.10 13.76
C PHE A 135 -1.30 8.61 14.11
N LEU A 136 -0.38 8.18 14.96
CA LEU A 136 -0.31 6.78 15.37
C LEU A 136 -1.58 6.37 16.12
N ALA A 137 -2.26 7.35 16.71
CA ALA A 137 -3.48 7.09 17.46
C ALA A 137 -4.53 6.40 16.60
N ASN A 138 -4.91 7.04 15.50
CA ASN A 138 -5.92 6.49 14.60
C ASN A 138 -5.42 5.20 13.96
N LEU A 139 -4.13 4.92 14.10
CA LEU A 139 -3.54 3.72 13.54
C LEU A 139 -3.74 2.54 14.48
N ASP A 140 -3.63 2.79 15.78
CA ASP A 140 -3.80 1.73 16.77
C ASP A 140 -5.27 1.33 16.88
N GLU A 141 -6.16 2.27 16.56
CA GLU A 141 -7.59 2.02 16.61
C GLU A 141 -8.05 1.22 15.40
N PHE A 142 -7.08 0.79 14.59
CA PHE A 142 -7.36 0.02 13.39
C PHE A 142 -6.62 -1.31 13.42
N ALA A 143 -5.51 -1.34 14.14
CA ALA A 143 -4.69 -2.55 14.25
C ALA A 143 -5.43 -3.64 15.02
N GLU A 144 -5.54 -3.45 16.33
CA GLU A 144 -6.22 -4.42 17.19
C GLU A 144 -7.72 -4.43 16.93
N ASP A 145 -8.18 -3.47 16.15
CA ASP A 145 -9.61 -3.36 15.83
C ASP A 145 -10.03 -4.50 14.90
N ILE A 146 -9.49 -4.50 13.69
CA ILE A 146 -9.81 -5.52 12.71
C ILE A 146 -9.21 -6.86 13.12
N PHE A 147 -8.17 -6.81 13.94
CA PHE A 147 -7.50 -8.02 14.41
C PHE A 147 -8.38 -8.79 15.38
N LEU A 148 -8.88 -8.09 16.38
CA LEU A 148 -9.74 -8.71 17.39
C LEU A 148 -11.17 -8.87 16.87
N ASN A 149 -11.74 -7.78 16.40
CA ASN A 149 -13.09 -7.79 15.86
C ASN A 149 -13.14 -8.46 14.49
N GLY A 150 -12.60 -7.78 13.49
CA GLY A 150 -12.60 -8.33 12.14
C GLY A 150 -13.60 -7.65 11.23
N CYS A 151 -13.79 -8.21 10.05
CA CYS A 151 -14.73 -7.67 9.07
C CYS A 151 -16.11 -7.46 9.69
N GLY A 1 -3.95 11.80 -25.18
CA GLY A 1 -3.22 13.00 -24.67
C GLY A 1 -4.13 14.05 -24.09
N SER A 2 -5.15 13.59 -23.35
CA SER A 2 -6.11 14.50 -22.73
C SER A 2 -6.56 13.97 -21.38
N HIS A 3 -6.71 12.65 -21.29
CA HIS A 3 -7.14 12.02 -20.04
C HIS A 3 -5.94 11.52 -19.25
N MET A 4 -5.71 12.11 -18.09
CA MET A 4 -4.59 11.72 -17.23
C MET A 4 -5.07 10.81 -16.11
N ALA A 5 -4.22 9.86 -15.73
CA ALA A 5 -4.56 8.92 -14.67
C ALA A 5 -3.76 9.22 -13.40
N ASP A 6 -4.48 9.42 -12.30
CA ASP A 6 -3.84 9.71 -11.02
C ASP A 6 -3.32 8.46 -10.35
N CYS A 7 -3.69 7.29 -10.90
CA CYS A 7 -3.25 6.03 -10.33
C CYS A 7 -3.67 5.96 -8.87
N GLY A 8 -2.98 5.16 -8.08
CA GLY A 8 -3.31 5.06 -6.68
C GLY A 8 -3.16 6.38 -5.96
N GLN A 9 -4.16 7.24 -6.10
CA GLN A 9 -4.14 8.56 -5.49
C GLN A 9 -3.75 8.46 -4.02
N MET A 10 -2.75 9.26 -3.62
CA MET A 10 -2.29 9.25 -2.23
C MET A 10 -2.95 10.37 -1.43
N GLN A 11 -3.03 10.18 -0.13
CA GLN A 11 -3.64 11.17 0.75
C GLN A 11 -2.57 12.04 1.41
N GLU A 12 -3.01 13.01 2.21
CA GLU A 12 -2.11 13.92 2.89
C GLU A 12 -1.26 13.17 3.92
N GLU A 13 -0.44 13.92 4.65
CA GLU A 13 0.44 13.34 5.67
C GLU A 13 -0.38 12.75 6.82
N LEU A 14 0.31 12.31 7.87
CA LEU A 14 -0.35 11.73 9.03
C LEU A 14 -1.33 12.72 9.64
N ASP A 15 -2.54 12.26 9.93
CA ASP A 15 -3.56 13.11 10.53
C ASP A 15 -4.54 12.28 11.35
N LEU A 16 -4.84 12.74 12.56
CA LEU A 16 -5.76 12.03 13.45
C LEU A 16 -7.21 12.35 13.12
N THR A 17 -7.46 12.78 11.88
CA THR A 17 -8.81 13.12 11.44
C THR A 17 -9.48 11.93 10.74
N ILE A 18 -8.66 11.00 10.26
CA ILE A 18 -9.18 9.83 9.56
C ILE A 18 -9.67 8.77 10.56
N SER A 19 -10.82 8.18 10.27
CA SER A 19 -11.40 7.16 11.14
C SER A 19 -10.87 5.78 10.77
N ALA A 20 -11.24 4.78 11.56
CA ALA A 20 -10.80 3.41 11.33
C ALA A 20 -11.63 2.75 10.23
N GLU A 21 -12.86 3.21 10.06
CA GLU A 21 -13.75 2.66 9.05
C GLU A 21 -13.36 3.14 7.66
N THR A 22 -12.58 4.21 7.60
CA THR A 22 -12.13 4.77 6.33
C THR A 22 -11.26 3.78 5.57
N ARG A 23 -10.75 2.78 6.29
CA ARG A 23 -9.90 1.75 5.70
C ARG A 23 -10.49 0.37 5.92
N LYS A 24 -11.29 0.23 6.96
CA LYS A 24 -11.92 -1.05 7.29
C LYS A 24 -13.06 -1.37 6.33
N GLN A 25 -13.79 -0.35 5.92
CA GLN A 25 -14.91 -0.53 5.01
C GLN A 25 -14.41 -0.79 3.59
N THR A 26 -13.10 -0.96 3.44
CA THR A 26 -12.50 -1.22 2.15
C THR A 26 -11.45 -2.33 2.23
N ALA A 27 -10.94 -2.57 3.44
CA ALA A 27 -9.94 -3.61 3.66
C ALA A 27 -10.57 -4.99 3.69
N CYS A 28 -11.90 -5.03 3.77
CA CYS A 28 -12.63 -6.29 3.81
C CYS A 28 -13.21 -6.63 2.44
N LYS A 29 -13.52 -5.60 1.67
CA LYS A 29 -14.08 -5.79 0.33
C LYS A 29 -13.09 -6.51 -0.58
N PRO A 30 -13.61 -7.35 -1.50
CA PRO A 30 -12.76 -8.10 -2.44
C PRO A 30 -11.91 -7.19 -3.32
N GLU A 31 -12.22 -5.90 -3.31
CA GLU A 31 -11.50 -4.92 -4.11
C GLU A 31 -10.06 -4.76 -3.60
N ILE A 32 -9.78 -5.36 -2.45
CA ILE A 32 -8.45 -5.26 -1.86
C ILE A 32 -7.87 -6.63 -1.51
N ALA A 33 -6.75 -6.96 -2.14
CA ALA A 33 -6.07 -8.23 -1.89
C ALA A 33 -5.35 -8.19 -0.55
N TYR A 34 -4.26 -7.45 -0.51
CA TYR A 34 -3.47 -7.30 0.71
C TYR A 34 -3.65 -5.90 1.29
N ALA A 35 -3.89 -5.81 2.59
CA ALA A 35 -4.09 -4.51 3.23
C ALA A 35 -3.42 -4.42 4.60
N TYR A 36 -2.43 -3.52 4.70
CA TYR A 36 -1.73 -3.29 5.97
C TYR A 36 -0.59 -2.27 5.80
N LYS A 37 0.62 -2.68 6.16
CA LYS A 37 1.77 -1.77 6.09
C LYS A 37 2.92 -2.37 5.30
N VAL A 38 3.46 -1.58 4.39
CA VAL A 38 4.58 -2.01 3.56
C VAL A 38 5.61 -0.89 3.45
N SER A 39 6.89 -1.24 3.35
CA SER A 39 7.94 -0.25 3.25
C SER A 39 8.70 -0.36 1.93
N ILE A 40 9.32 0.74 1.53
CA ILE A 40 10.09 0.78 0.29
C ILE A 40 11.56 0.56 0.58
N THR A 41 12.22 -0.22 -0.28
CA THR A 41 13.64 -0.52 -0.10
C THR A 41 14.39 -0.47 -1.43
N SER A 42 13.66 -0.40 -2.53
CA SER A 42 14.26 -0.35 -3.86
C SER A 42 13.32 0.27 -4.88
N ILE A 43 13.85 1.22 -5.66
CA ILE A 43 13.07 1.90 -6.68
C ILE A 43 13.82 1.90 -8.01
N THR A 44 13.31 1.14 -8.98
CA THR A 44 13.95 1.06 -10.29
C THR A 44 12.95 1.39 -11.40
N VAL A 45 13.44 2.07 -12.44
CA VAL A 45 12.61 2.45 -13.57
C VAL A 45 13.33 2.13 -14.89
N GLU A 46 12.57 1.60 -15.84
CA GLU A 46 13.13 1.24 -17.14
C GLU A 46 12.89 2.36 -18.16
N ASN A 47 11.69 2.40 -18.72
CA ASN A 47 11.35 3.42 -19.71
C ASN A 47 10.01 4.07 -19.38
N VAL A 48 8.93 3.33 -19.56
CA VAL A 48 7.59 3.84 -19.29
C VAL A 48 7.04 3.25 -17.99
N PHE A 49 7.19 1.94 -17.84
CA PHE A 49 6.70 1.25 -16.65
C PHE A 49 7.70 1.35 -15.51
N VAL A 50 7.26 1.94 -14.39
CA VAL A 50 8.12 2.09 -13.23
C VAL A 50 7.85 1.01 -12.19
N LYS A 51 8.90 0.32 -11.77
CA LYS A 51 8.77 -0.75 -10.79
C LYS A 51 9.15 -0.26 -9.39
N TYR A 52 8.58 -0.90 -8.37
CA TYR A 52 8.86 -0.54 -6.98
C TYR A 52 8.99 -1.78 -6.12
N LYS A 53 10.23 -2.10 -5.72
CA LYS A 53 10.47 -3.26 -4.89
C LYS A 53 10.27 -2.93 -3.41
N ALA A 54 9.11 -3.29 -2.89
CA ALA A 54 8.78 -3.02 -1.49
C ALA A 54 8.61 -4.32 -0.70
N THR A 55 8.62 -4.21 0.61
CA THR A 55 8.45 -5.36 1.49
C THR A 55 7.25 -5.19 2.41
N LEU A 56 6.31 -6.12 2.31
CA LEU A 56 5.11 -6.08 3.13
C LEU A 56 5.48 -6.37 4.58
N LEU A 57 5.58 -5.33 5.40
CA LEU A 57 5.95 -5.51 6.81
C LEU A 57 4.94 -6.40 7.52
N ASP A 58 3.69 -5.99 7.49
CA ASP A 58 2.62 -6.73 8.12
C ASP A 58 1.41 -6.80 7.20
N ILE A 59 0.57 -7.83 7.40
CA ILE A 59 -0.60 -7.99 6.56
C ILE A 59 -1.88 -8.29 7.35
N TYR A 60 -2.87 -7.41 7.21
CA TYR A 60 -4.16 -7.60 7.89
C TYR A 60 -5.00 -8.57 7.07
N LYS A 61 -5.39 -8.12 5.89
CA LYS A 61 -6.15 -8.93 4.97
C LYS A 61 -5.21 -9.58 3.98
N THR A 62 -4.98 -10.88 4.14
CA THR A 62 -4.08 -11.63 3.27
C THR A 62 -4.37 -11.37 1.80
N GLY A 63 -3.30 -11.20 1.03
CA GLY A 63 -3.44 -10.96 -0.39
C GLY A 63 -3.64 -12.24 -1.17
N GLU A 64 -4.77 -12.34 -1.87
CA GLU A 64 -5.07 -13.52 -2.67
C GLU A 64 -3.94 -13.83 -3.65
N ALA A 65 -3.16 -12.80 -3.97
CA ALA A 65 -2.04 -12.96 -4.89
C ALA A 65 -0.75 -13.20 -4.11
N VAL A 66 -0.82 -14.08 -3.11
CA VAL A 66 0.32 -14.41 -2.27
C VAL A 66 0.81 -13.17 -1.51
N ALA A 67 0.34 -13.03 -0.27
CA ALA A 67 0.73 -11.90 0.57
C ALA A 67 0.71 -12.30 2.04
N GLU A 68 1.85 -12.14 2.70
CA GLU A 68 1.96 -12.49 4.11
C GLU A 68 2.94 -11.55 4.82
N LYS A 69 2.70 -11.31 6.10
CA LYS A 69 3.56 -10.44 6.90
C LYS A 69 5.03 -10.71 6.59
N ASP A 70 5.76 -9.64 6.27
CA ASP A 70 7.18 -9.75 5.95
C ASP A 70 7.39 -10.64 4.73
N SER A 71 7.06 -10.11 3.57
CA SER A 71 7.21 -10.85 2.31
C SER A 71 7.78 -9.94 1.23
N GLU A 72 7.73 -10.43 -0.01
CA GLU A 72 8.25 -9.67 -1.15
C GLU A 72 7.12 -9.24 -2.07
N ILE A 73 7.07 -7.95 -2.40
CA ILE A 73 6.04 -7.41 -3.28
C ILE A 73 6.61 -6.36 -4.21
N THR A 74 6.05 -6.30 -5.42
CA THR A 74 6.49 -5.33 -6.42
C THR A 74 5.30 -4.63 -7.07
N PHE A 75 5.43 -3.34 -7.31
CA PHE A 75 4.36 -2.55 -7.92
C PHE A 75 4.84 -1.87 -9.19
N ILE A 76 3.96 -1.74 -10.17
CA ILE A 76 4.30 -1.10 -11.43
C ILE A 76 3.30 0.00 -11.79
N LYS A 77 3.78 1.02 -12.49
CA LYS A 77 2.93 2.13 -12.88
C LYS A 77 3.39 2.71 -14.22
N LYS A 78 2.86 3.89 -14.57
CA LYS A 78 3.21 4.55 -15.81
C LYS A 78 4.00 5.83 -15.54
N VAL A 79 4.31 6.57 -16.60
CA VAL A 79 5.05 7.82 -16.48
C VAL A 79 4.10 9.00 -16.31
N THR A 80 2.79 8.72 -16.34
CA THR A 80 1.79 9.76 -16.19
C THR A 80 1.33 9.88 -14.74
N CYS A 81 1.33 8.75 -14.03
CA CYS A 81 0.91 8.72 -12.64
C CYS A 81 1.95 9.42 -11.76
N THR A 82 1.84 10.74 -11.67
CA THR A 82 2.76 11.53 -10.86
C THR A 82 2.20 11.75 -9.45
N ASN A 83 0.92 11.42 -9.29
CA ASN A 83 0.26 11.58 -7.99
C ASN A 83 0.67 10.47 -7.04
N ALA A 84 1.08 9.34 -7.60
CA ALA A 84 1.51 8.20 -6.79
C ALA A 84 3.02 8.04 -6.81
N GLU A 85 3.69 8.72 -5.88
CA GLU A 85 5.15 8.65 -5.78
C GLU A 85 5.57 8.28 -4.37
N LEU A 86 6.00 7.03 -4.18
CA LEU A 86 6.43 6.56 -2.87
C LEU A 86 7.88 6.97 -2.59
N VAL A 87 8.25 6.93 -1.32
CA VAL A 87 9.60 7.30 -0.91
C VAL A 87 10.39 6.08 -0.47
N LYS A 88 11.69 6.06 -0.79
CA LYS A 88 12.56 4.95 -0.43
C LYS A 88 12.83 4.95 1.08
N GLY A 89 12.77 3.77 1.69
CA GLY A 89 13.01 3.64 3.10
C GLY A 89 11.99 4.38 3.95
N ARG A 90 10.75 3.93 3.89
CA ARG A 90 9.67 4.56 4.65
C ARG A 90 8.40 3.70 4.61
N GLN A 91 7.72 3.62 5.76
CA GLN A 91 6.50 2.83 5.87
C GLN A 91 5.31 3.57 5.27
N TYR A 92 4.46 2.84 4.54
CA TYR A 92 3.29 3.41 3.92
C TYR A 92 2.12 2.43 3.91
N LEU A 93 0.96 2.91 4.34
CA LEU A 93 -0.25 2.09 4.35
C LEU A 93 -0.68 1.80 2.92
N ILE A 94 -0.81 0.52 2.57
CA ILE A 94 -1.19 0.16 1.20
C ILE A 94 -2.18 -0.99 1.16
N MET A 95 -3.12 -0.87 0.22
CA MET A 95 -4.14 -1.90 0.00
C MET A 95 -4.19 -2.23 -1.48
N GLY A 96 -3.40 -3.21 -1.90
CA GLY A 96 -3.35 -3.59 -3.30
C GLY A 96 -4.30 -4.70 -3.66
N LYS A 97 -4.71 -4.74 -4.92
CA LYS A 97 -5.62 -5.77 -5.42
C LYS A 97 -4.85 -6.96 -5.97
N GLU A 98 -5.53 -8.09 -6.12
CA GLU A 98 -4.90 -9.30 -6.64
C GLU A 98 -4.19 -9.03 -7.95
N ALA A 99 -2.95 -9.51 -8.05
CA ALA A 99 -2.15 -9.31 -9.26
C ALA A 99 -2.32 -10.47 -10.23
N LEU A 100 -1.49 -10.49 -11.26
CA LEU A 100 -1.54 -11.55 -12.27
C LEU A 100 -0.65 -12.71 -11.89
N GLN A 101 -0.40 -13.60 -12.85
CA GLN A 101 0.45 -14.77 -12.62
C GLN A 101 0.90 -15.35 -13.95
N ILE A 102 2.14 -15.06 -14.32
CA ILE A 102 2.69 -15.54 -15.58
C ILE A 102 3.36 -16.90 -15.42
N LYS A 103 4.00 -17.10 -14.28
CA LYS A 103 4.69 -18.35 -13.99
C LYS A 103 5.64 -18.74 -15.11
N TYR A 104 6.90 -18.31 -14.99
CA TYR A 104 7.91 -18.62 -16.00
C TYR A 104 8.64 -19.92 -15.66
N ASN A 105 9.54 -20.32 -16.55
CA ASN A 105 10.31 -21.55 -16.36
C ASN A 105 11.32 -21.38 -15.24
N ALA A 106 11.96 -20.22 -15.21
CA ALA A 106 12.97 -19.92 -14.18
C ALA A 106 12.30 -19.58 -12.85
N SER A 107 11.25 -18.77 -12.91
CA SER A 107 10.53 -18.37 -11.70
C SER A 107 9.21 -17.69 -12.07
N PHE A 108 8.17 -18.00 -11.29
CA PHE A 108 6.85 -17.42 -11.51
C PHE A 108 6.85 -15.93 -11.22
N ARG A 109 5.93 -15.19 -11.86
CA ARG A 109 5.84 -13.75 -11.67
C ARG A 109 4.39 -13.32 -11.46
N TYR A 110 4.19 -12.29 -10.64
CA TYR A 110 2.86 -11.78 -10.37
C TYR A 110 2.74 -10.32 -10.77
N ILE A 111 3.57 -9.49 -10.15
CA ILE A 111 3.58 -8.05 -10.43
C ILE A 111 2.25 -7.40 -10.06
N TYR A 112 2.26 -6.61 -8.99
CA TYR A 112 1.05 -5.93 -8.54
C TYR A 112 0.87 -4.60 -9.26
N PRO A 113 -0.38 -4.29 -9.66
CA PRO A 113 -0.68 -3.04 -10.38
C PRO A 113 -0.77 -1.84 -9.44
N LEU A 114 -1.12 -0.69 -9.97
CA LEU A 114 -1.24 0.53 -9.19
C LEU A 114 -2.40 1.39 -9.67
N ASP A 115 -3.56 0.75 -9.86
CA ASP A 115 -4.75 1.45 -10.31
C ASP A 115 -5.15 2.55 -9.33
N SER A 116 -6.20 3.28 -9.67
CA SER A 116 -6.69 4.36 -8.82
C SER A 116 -7.50 3.82 -7.65
N LEU A 117 -7.49 2.51 -7.48
CA LEU A 117 -8.22 1.87 -6.39
C LEU A 117 -7.27 1.40 -5.30
N THR A 118 -6.00 1.72 -5.45
CA THR A 118 -4.97 1.33 -4.48
C THR A 118 -4.87 2.36 -3.36
N TRP A 119 -5.23 1.94 -2.15
CA TRP A 119 -5.17 2.81 -0.98
C TRP A 119 -3.73 3.07 -0.57
N ILE A 120 -3.38 4.34 -0.38
CA ILE A 120 -2.04 4.73 0.01
C ILE A 120 -2.06 5.78 1.12
N GLU A 121 -1.20 5.62 2.11
CA GLU A 121 -1.12 6.56 3.23
C GLU A 121 0.29 6.60 3.80
N TYR A 122 0.64 7.72 4.43
CA TYR A 122 1.96 7.89 5.02
C TYR A 122 1.97 7.43 6.47
N TRP A 123 2.82 6.45 6.77
CA TRP A 123 2.94 5.92 8.13
C TRP A 123 4.18 6.50 8.80
N PRO A 124 3.99 7.25 9.90
CA PRO A 124 5.11 7.86 10.64
C PRO A 124 6.20 6.85 10.98
N ARG A 125 7.29 6.89 10.23
CA ARG A 125 8.41 5.97 10.45
C ARG A 125 8.99 6.17 11.85
N ASP A 126 8.81 7.37 12.40
CA ASP A 126 9.33 7.69 13.72
C ASP A 126 8.18 7.82 14.73
N THR A 127 8.44 7.38 15.96
CA THR A 127 7.42 7.46 17.00
C THR A 127 8.06 7.85 18.34
N THR A 128 9.39 7.88 18.38
CA THR A 128 10.11 8.23 19.60
C THR A 128 9.80 9.66 20.02
N CYS A 129 9.70 10.55 19.05
CA CYS A 129 9.42 11.96 19.32
C CYS A 129 7.95 12.14 19.71
N SER A 130 7.69 13.11 20.60
CA SER A 130 6.34 13.39 21.05
C SER A 130 5.47 13.89 19.90
N SER A 131 6.08 14.67 19.02
CA SER A 131 5.37 15.23 17.87
C SER A 131 5.22 14.18 16.76
N CYS A 132 6.06 13.15 16.82
CA CYS A 132 6.03 12.07 15.83
C CYS A 132 5.23 10.89 16.34
N GLN A 133 4.41 11.12 17.37
CA GLN A 133 3.59 10.07 17.95
C GLN A 133 2.17 10.57 18.20
N ALA A 134 1.40 10.71 17.13
CA ALA A 134 0.02 11.18 17.23
C ALA A 134 -0.90 10.34 16.34
N PHE A 135 -0.61 10.33 15.04
CA PHE A 135 -1.41 9.58 14.09
C PHE A 135 -1.27 8.08 14.34
N LEU A 136 -0.20 7.70 15.02
CA LEU A 136 0.05 6.29 15.33
C LEU A 136 -1.04 5.74 16.25
N ALA A 137 -1.79 6.64 16.87
CA ALA A 137 -2.86 6.24 17.78
C ALA A 137 -4.14 5.93 17.00
N ASN A 138 -4.02 5.95 15.67
CA ASN A 138 -5.16 5.67 14.80
C ASN A 138 -5.02 4.29 14.17
N LEU A 139 -3.87 3.65 14.40
CA LEU A 139 -3.62 2.32 13.87
C LEU A 139 -3.80 1.25 14.95
N ASP A 140 -3.68 1.67 16.21
CA ASP A 140 -3.83 0.74 17.33
C ASP A 140 -5.25 0.20 17.40
N GLU A 141 -6.22 1.05 17.05
CA GLU A 141 -7.62 0.66 17.07
C GLU A 141 -7.97 -0.17 15.83
N PHE A 142 -7.30 0.12 14.73
CA PHE A 142 -7.53 -0.58 13.47
C PHE A 142 -6.77 -1.91 13.45
N ALA A 143 -5.92 -2.10 14.46
CA ALA A 143 -5.12 -3.32 14.57
C ALA A 143 -5.87 -4.42 15.31
N GLU A 144 -6.13 -4.20 16.59
CA GLU A 144 -6.82 -5.17 17.42
C GLU A 144 -8.26 -5.38 16.97
N ASP A 145 -8.70 -4.58 16.00
CA ASP A 145 -10.06 -4.70 15.49
C ASP A 145 -10.16 -5.77 14.41
N ILE A 146 -9.66 -5.46 13.22
CA ILE A 146 -9.68 -6.41 12.11
C ILE A 146 -9.05 -7.73 12.51
N PHE A 147 -8.07 -7.68 13.40
CA PHE A 147 -7.39 -8.87 13.87
C PHE A 147 -8.29 -9.72 14.76
N LEU A 148 -8.85 -9.09 15.78
CA LEU A 148 -9.73 -9.79 16.72
C LEU A 148 -11.17 -9.77 16.24
N ASN A 149 -11.78 -8.59 16.26
CA ASN A 149 -13.17 -8.43 15.84
C ASN A 149 -13.35 -8.84 14.38
N GLY A 150 -12.87 -8.00 13.47
CA GLY A 150 -13.00 -8.29 12.05
C GLY A 150 -14.21 -7.62 11.43
N CYS A 151 -14.20 -7.48 10.11
CA CYS A 151 -15.29 -6.85 9.39
C CYS A 151 -16.57 -7.69 9.51
N GLY A 1 0.36 20.07 -17.72
CA GLY A 1 -0.73 21.08 -17.61
C GLY A 1 -2.10 20.51 -17.95
N SER A 2 -2.10 19.29 -18.47
CA SER A 2 -3.35 18.62 -18.85
C SER A 2 -3.25 17.12 -18.64
N HIS A 3 -2.06 16.65 -18.29
CA HIS A 3 -1.83 15.23 -18.06
C HIS A 3 -2.05 14.87 -16.59
N MET A 4 -2.65 15.79 -15.84
CA MET A 4 -2.92 15.58 -14.43
C MET A 4 -3.85 14.38 -14.23
N ALA A 5 -3.39 13.41 -13.44
CA ALA A 5 -4.17 12.22 -13.15
C ALA A 5 -3.94 11.74 -11.73
N ASP A 6 -4.99 11.20 -11.11
CA ASP A 6 -4.90 10.71 -9.74
C ASP A 6 -4.41 9.27 -9.71
N CYS A 7 -3.57 8.90 -10.68
CA CYS A 7 -3.04 7.55 -10.74
C CYS A 7 -2.47 7.13 -9.40
N GLY A 8 -2.88 5.97 -8.93
CA GLY A 8 -2.42 5.48 -7.64
C GLY A 8 -3.22 6.06 -6.49
N GLN A 9 -3.43 7.36 -6.55
CA GLN A 9 -4.19 8.08 -5.53
C GLN A 9 -3.65 7.79 -4.13
N MET A 10 -2.78 8.68 -3.64
CA MET A 10 -2.20 8.52 -2.31
C MET A 10 -2.87 9.46 -1.30
N GLN A 11 -2.91 9.03 -0.05
CA GLN A 11 -3.52 9.84 1.01
C GLN A 11 -2.51 10.78 1.63
N GLU A 12 -2.98 11.61 2.55
CA GLU A 12 -2.13 12.58 3.23
C GLU A 12 -1.15 11.87 4.17
N GLU A 13 -0.39 12.66 4.92
CA GLU A 13 0.59 12.11 5.86
C GLU A 13 0.03 12.08 7.27
N LEU A 14 0.16 13.20 7.98
CA LEU A 14 -0.33 13.31 9.35
C LEU A 14 -1.64 14.09 9.39
N ASP A 15 -2.74 13.35 9.53
CA ASP A 15 -4.07 13.96 9.60
C ASP A 15 -4.99 13.14 10.49
N LEU A 16 -5.39 13.72 11.62
CA LEU A 16 -6.27 13.04 12.57
C LEU A 16 -7.72 13.15 12.13
N THR A 17 -7.95 13.65 10.92
CA THR A 17 -9.29 13.80 10.38
C THR A 17 -9.87 12.45 9.97
N ILE A 18 -8.99 11.49 9.73
CA ILE A 18 -9.42 10.15 9.32
C ILE A 18 -9.51 9.21 10.53
N SER A 19 -10.65 8.53 10.65
CA SER A 19 -10.86 7.60 11.76
C SER A 19 -10.44 6.18 11.37
N ALA A 20 -10.73 5.23 12.24
CA ALA A 20 -10.39 3.83 11.97
C ALA A 20 -11.32 3.21 10.95
N GLU A 21 -12.62 3.23 11.24
CA GLU A 21 -13.61 2.66 10.32
C GLU A 21 -13.68 3.45 9.03
N THR A 22 -13.11 4.66 9.02
CA THR A 22 -13.12 5.51 7.84
C THR A 22 -12.49 4.79 6.66
N ARG A 23 -11.39 4.10 6.90
CA ARG A 23 -10.68 3.37 5.86
C ARG A 23 -10.71 1.87 6.12
N LYS A 24 -11.36 1.48 7.20
CA LYS A 24 -11.46 0.07 7.58
C LYS A 24 -12.52 -0.63 6.74
N GLN A 25 -13.55 0.10 6.34
CA GLN A 25 -14.62 -0.46 5.53
C GLN A 25 -14.08 -0.92 4.17
N THR A 26 -12.83 -0.55 3.89
CA THR A 26 -12.19 -0.92 2.64
C THR A 26 -11.33 -2.17 2.82
N ALA A 27 -11.01 -2.48 4.07
CA ALA A 27 -10.19 -3.65 4.38
C ALA A 27 -11.01 -4.94 4.31
N CYS A 28 -12.28 -4.82 3.91
CA CYS A 28 -13.14 -5.99 3.81
C CYS A 28 -14.06 -5.89 2.59
N LYS A 29 -13.71 -4.99 1.66
CA LYS A 29 -14.51 -4.82 0.44
C LYS A 29 -14.37 -6.03 -0.46
N PRO A 30 -15.38 -6.27 -1.32
CA PRO A 30 -15.37 -7.41 -2.26
C PRO A 30 -14.29 -7.28 -3.32
N GLU A 31 -13.81 -6.05 -3.52
CA GLU A 31 -12.76 -5.80 -4.51
C GLU A 31 -11.38 -5.90 -3.88
N ILE A 32 -11.21 -5.31 -2.70
CA ILE A 32 -9.93 -5.36 -2.00
C ILE A 32 -9.56 -6.80 -1.65
N ALA A 33 -8.52 -7.31 -2.29
CA ALA A 33 -8.06 -8.67 -2.04
C ALA A 33 -7.24 -8.76 -0.77
N TYR A 34 -6.20 -7.95 -0.69
CA TYR A 34 -5.33 -7.94 0.48
C TYR A 34 -5.34 -6.61 1.20
N ALA A 35 -4.92 -6.63 2.46
CA ALA A 35 -4.87 -5.43 3.29
C ALA A 35 -3.74 -5.55 4.31
N TYR A 36 -2.61 -4.91 4.01
CA TYR A 36 -1.45 -4.96 4.89
C TYR A 36 -0.59 -3.71 4.78
N LYS A 37 0.47 -3.66 5.58
CA LYS A 37 1.38 -2.53 5.57
C LYS A 37 2.77 -2.95 5.10
N VAL A 38 3.39 -2.12 4.28
CA VAL A 38 4.72 -2.42 3.74
C VAL A 38 5.63 -1.19 3.79
N SER A 39 6.85 -1.35 3.29
CA SER A 39 7.83 -0.26 3.27
C SER A 39 8.75 -0.39 2.07
N ILE A 40 8.91 0.70 1.33
CA ILE A 40 9.77 0.71 0.16
C ILE A 40 11.23 0.52 0.56
N THR A 41 11.96 -0.27 -0.22
CA THR A 41 13.37 -0.54 0.05
C THR A 41 14.24 -0.31 -1.18
N SER A 42 13.64 -0.46 -2.36
CA SER A 42 14.37 -0.29 -3.61
C SER A 42 13.44 0.18 -4.73
N ILE A 43 14.02 0.84 -5.73
CA ILE A 43 13.26 1.35 -6.87
C ILE A 43 13.95 0.99 -8.17
N THR A 44 13.24 0.26 -9.03
CA THR A 44 13.80 -0.14 -10.32
C THR A 44 13.09 0.58 -11.47
N VAL A 45 13.87 0.98 -12.47
CA VAL A 45 13.32 1.68 -13.63
C VAL A 45 14.01 1.23 -14.91
N GLU A 46 13.23 1.09 -15.98
CA GLU A 46 13.76 0.66 -17.27
C GLU A 46 13.56 1.72 -18.34
N ASN A 47 12.33 1.82 -18.84
CA ASN A 47 12.00 2.79 -19.87
C ASN A 47 10.91 3.75 -19.40
N VAL A 48 9.67 3.26 -19.39
CA VAL A 48 8.53 4.07 -18.95
C VAL A 48 7.97 3.56 -17.63
N PHE A 49 7.72 2.26 -17.56
CA PHE A 49 7.18 1.65 -16.34
C PHE A 49 8.25 1.56 -15.26
N VAL A 50 7.92 2.07 -14.07
CA VAL A 50 8.86 2.05 -12.95
C VAL A 50 8.43 1.03 -11.90
N LYS A 51 9.27 0.03 -11.68
CA LYS A 51 8.99 -1.01 -10.69
C LYS A 51 9.43 -0.56 -9.30
N TYR A 52 8.77 -1.09 -8.28
CA TYR A 52 9.10 -0.74 -6.89
C TYR A 52 9.23 -1.99 -6.03
N LYS A 53 10.45 -2.25 -5.57
CA LYS A 53 10.72 -3.41 -4.72
C LYS A 53 10.61 -3.02 -3.24
N ALA A 54 9.57 -3.51 -2.59
CA ALA A 54 9.35 -3.21 -1.17
C ALA A 54 9.20 -4.49 -0.35
N THR A 55 9.09 -4.33 0.96
CA THR A 55 8.94 -5.47 1.86
C THR A 55 7.64 -5.37 2.65
N LEU A 56 6.91 -6.48 2.72
CA LEU A 56 5.66 -6.52 3.47
C LEU A 56 5.91 -6.60 4.97
N LEU A 57 5.76 -5.47 5.65
CA LEU A 57 6.00 -5.41 7.08
C LEU A 57 5.14 -6.42 7.83
N ASP A 58 3.83 -6.30 7.67
CA ASP A 58 2.90 -7.19 8.34
C ASP A 58 1.60 -7.34 7.54
N ILE A 59 0.87 -8.42 7.79
CA ILE A 59 -0.38 -8.67 7.08
C ILE A 59 -1.59 -8.50 7.99
N TYR A 60 -2.60 -7.80 7.49
CA TYR A 60 -3.83 -7.58 8.22
C TYR A 60 -4.97 -8.30 7.52
N LYS A 61 -4.71 -8.71 6.29
CA LYS A 61 -5.66 -9.44 5.48
C LYS A 61 -4.94 -10.18 4.36
N THR A 62 -4.99 -11.51 4.41
CA THR A 62 -4.33 -12.35 3.42
C THR A 62 -4.59 -11.86 2.00
N GLY A 63 -3.63 -12.11 1.11
CA GLY A 63 -3.75 -11.71 -0.27
C GLY A 63 -3.98 -12.88 -1.20
N GLU A 64 -4.92 -12.72 -2.13
CA GLU A 64 -5.22 -13.78 -3.09
C GLU A 64 -4.02 -14.09 -3.97
N ALA A 65 -3.14 -13.09 -4.12
CA ALA A 65 -1.94 -13.27 -4.93
C ALA A 65 -0.79 -13.77 -4.06
N VAL A 66 -1.11 -14.72 -3.20
CA VAL A 66 -0.13 -15.31 -2.29
C VAL A 66 0.55 -14.23 -1.43
N ALA A 67 -0.06 -13.96 -0.27
CA ALA A 67 0.48 -12.97 0.65
C ALA A 67 1.11 -13.65 1.86
N GLU A 68 2.31 -13.23 2.21
CA GLU A 68 3.02 -13.82 3.34
C GLU A 68 3.67 -12.73 4.20
N LYS A 69 3.68 -12.96 5.50
CA LYS A 69 4.28 -12.01 6.44
C LYS A 69 5.74 -11.78 6.11
N ASP A 70 6.12 -10.51 5.88
CA ASP A 70 7.48 -10.16 5.57
C ASP A 70 7.91 -10.76 4.23
N SER A 71 6.96 -10.84 3.30
CA SER A 71 7.23 -11.38 1.97
C SER A 71 7.80 -10.31 1.07
N GLU A 72 7.84 -10.61 -0.23
CA GLU A 72 8.36 -9.66 -1.22
C GLU A 72 7.23 -9.11 -2.08
N ILE A 73 7.34 -7.84 -2.45
CA ILE A 73 6.32 -7.20 -3.28
C ILE A 73 6.96 -6.32 -4.35
N THR A 74 6.28 -6.19 -5.49
CA THR A 74 6.78 -5.37 -6.58
C THR A 74 5.64 -4.60 -7.24
N PHE A 75 5.50 -3.33 -6.85
CA PHE A 75 4.45 -2.48 -7.39
C PHE A 75 4.97 -1.68 -8.59
N ILE A 76 4.29 -1.81 -9.72
CA ILE A 76 4.68 -1.09 -10.92
C ILE A 76 3.80 0.13 -11.15
N LYS A 77 4.43 1.24 -11.53
CA LYS A 77 3.71 2.48 -11.77
C LYS A 77 4.03 3.02 -13.16
N LYS A 78 3.11 3.82 -13.71
CA LYS A 78 3.30 4.40 -15.03
C LYS A 78 4.15 5.66 -14.93
N VAL A 79 4.36 6.32 -16.07
CA VAL A 79 5.16 7.54 -16.13
C VAL A 79 4.27 8.77 -16.06
N THR A 80 2.97 8.58 -16.29
CA THR A 80 2.01 9.68 -16.25
C THR A 80 1.49 9.91 -14.84
N CYS A 81 1.56 8.88 -14.00
CA CYS A 81 1.10 8.98 -12.63
C CYS A 81 1.85 10.07 -11.87
N THR A 82 1.16 11.17 -11.58
CA THR A 82 1.76 12.28 -10.86
C THR A 82 1.38 12.26 -9.39
N ASN A 83 0.11 11.94 -9.11
CA ASN A 83 -0.38 11.88 -7.74
C ASN A 83 0.29 10.74 -6.97
N ALA A 84 0.87 9.79 -7.71
CA ALA A 84 1.53 8.65 -7.10
C ALA A 84 3.01 8.94 -6.89
N GLU A 85 3.39 9.15 -5.63
CA GLU A 85 4.78 9.43 -5.29
C GLU A 85 5.27 8.52 -4.16
N LEU A 86 6.35 7.80 -4.42
CA LEU A 86 6.92 6.89 -3.43
C LEU A 86 8.38 7.26 -3.13
N VAL A 87 8.82 6.95 -1.92
CA VAL A 87 10.19 7.24 -1.51
C VAL A 87 10.79 6.07 -0.75
N LYS A 88 12.09 5.83 -0.95
CA LYS A 88 12.79 4.74 -0.29
C LYS A 88 13.07 5.08 1.17
N GLY A 89 12.65 4.19 2.07
CA GLY A 89 12.87 4.42 3.49
C GLY A 89 11.59 4.59 4.27
N ARG A 90 10.62 5.28 3.66
CA ARG A 90 9.34 5.53 4.31
C ARG A 90 8.43 4.29 4.22
N GLN A 91 7.33 4.34 4.95
CA GLN A 91 6.37 3.24 4.96
C GLN A 91 5.05 3.67 4.33
N TYR A 92 4.35 2.71 3.72
CA TYR A 92 3.07 2.99 3.08
C TYR A 92 2.09 1.84 3.25
N LEU A 93 0.85 2.16 3.58
CA LEU A 93 -0.19 1.16 3.76
C LEU A 93 -0.82 0.81 2.42
N ILE A 94 -0.89 -0.49 2.12
CA ILE A 94 -1.46 -0.95 0.86
C ILE A 94 -2.72 -1.78 1.08
N MET A 95 -3.80 -1.37 0.44
CA MET A 95 -5.08 -2.07 0.55
C MET A 95 -5.84 -2.01 -0.78
N GLY A 96 -6.05 -3.16 -1.40
CA GLY A 96 -6.74 -3.19 -2.67
C GLY A 96 -6.76 -4.54 -3.34
N LYS A 97 -7.10 -4.56 -4.62
CA LYS A 97 -7.16 -5.79 -5.41
C LYS A 97 -5.85 -6.57 -5.33
N GLU A 98 -5.91 -7.84 -5.71
CA GLU A 98 -4.73 -8.70 -5.68
C GLU A 98 -3.74 -8.30 -6.78
N ALA A 99 -2.73 -9.14 -6.98
CA ALA A 99 -1.71 -8.88 -8.00
C ALA A 99 -1.92 -9.75 -9.22
N LEU A 100 -1.11 -9.53 -10.25
CA LEU A 100 -1.20 -10.30 -11.49
C LEU A 100 -0.27 -11.49 -11.46
N GLN A 101 -0.04 -12.09 -12.61
CA GLN A 101 0.83 -13.26 -12.72
C GLN A 101 1.10 -13.58 -14.19
N ILE A 102 2.25 -13.11 -14.69
CA ILE A 102 2.60 -13.35 -16.08
C ILE A 102 3.75 -14.35 -16.20
N LYS A 103 4.51 -14.48 -15.13
CA LYS A 103 5.64 -15.40 -15.09
C LYS A 103 6.34 -15.34 -13.74
N TYR A 104 7.67 -15.42 -13.74
CA TYR A 104 8.44 -15.36 -12.51
C TYR A 104 9.93 -15.18 -12.79
N ASN A 105 10.43 -13.97 -12.55
CA ASN A 105 11.84 -13.66 -12.78
C ASN A 105 12.20 -13.78 -14.25
N ALA A 106 13.22 -13.02 -14.66
CA ALA A 106 13.69 -13.03 -16.05
C ALA A 106 12.61 -12.53 -17.01
N SER A 107 11.65 -13.39 -17.32
CA SER A 107 10.56 -13.03 -18.23
C SER A 107 9.62 -12.03 -17.58
N PHE A 108 8.67 -12.55 -16.79
CA PHE A 108 7.71 -11.71 -16.11
C PHE A 108 7.57 -12.12 -14.64
N ARG A 109 6.44 -11.77 -14.04
CA ARG A 109 6.20 -12.10 -12.63
C ARG A 109 4.85 -11.53 -12.17
N TYR A 110 4.48 -11.84 -10.92
CA TYR A 110 3.23 -11.35 -10.36
C TYR A 110 3.16 -9.83 -10.40
N ILE A 111 4.22 -9.20 -9.89
CA ILE A 111 4.33 -7.74 -9.84
C ILE A 111 2.99 -7.07 -9.54
N TYR A 112 2.80 -6.69 -8.28
CA TYR A 112 1.57 -6.04 -7.84
C TYR A 112 1.29 -4.80 -8.68
N PRO A 113 0.01 -4.58 -9.05
CA PRO A 113 -0.39 -3.41 -9.85
C PRO A 113 -0.36 -2.12 -9.04
N LEU A 114 -0.85 -1.03 -9.63
CA LEU A 114 -0.88 0.25 -8.94
C LEU A 114 -1.77 1.23 -9.69
N ASP A 115 -3.01 1.36 -9.22
CA ASP A 115 -3.98 2.27 -9.84
C ASP A 115 -4.73 3.08 -8.78
N SER A 116 -5.79 3.74 -9.19
CA SER A 116 -6.59 4.57 -8.30
C SER A 116 -7.33 3.73 -7.26
N LEU A 117 -7.72 2.51 -7.64
CA LEU A 117 -8.44 1.63 -6.73
C LEU A 117 -7.52 1.10 -5.64
N THR A 118 -6.22 1.38 -5.78
CA THR A 118 -5.24 0.93 -4.80
C THR A 118 -5.10 1.93 -3.65
N TRP A 119 -5.68 1.58 -2.51
CA TRP A 119 -5.62 2.46 -1.34
C TRP A 119 -4.19 2.59 -0.82
N ILE A 120 -3.64 3.79 -0.98
CA ILE A 120 -2.27 4.07 -0.53
C ILE A 120 -2.27 5.09 0.60
N GLU A 121 -1.59 4.76 1.69
CA GLU A 121 -1.52 5.65 2.84
C GLU A 121 -0.08 5.82 3.31
N TYR A 122 0.18 6.93 4.01
CA TYR A 122 1.51 7.20 4.53
C TYR A 122 1.61 6.78 5.99
N TRP A 123 2.64 6.00 6.32
CA TRP A 123 2.84 5.53 7.68
C TRP A 123 4.00 6.29 8.33
N PRO A 124 3.68 7.25 9.22
CA PRO A 124 4.71 8.04 9.92
C PRO A 124 5.73 7.18 10.63
N ARG A 125 6.94 7.13 10.10
CA ARG A 125 8.02 6.34 10.70
C ARG A 125 8.56 7.03 11.94
N ASP A 126 8.42 8.34 12.00
CA ASP A 126 8.90 9.13 13.13
C ASP A 126 7.82 9.26 14.19
N THR A 127 8.17 8.93 15.43
CA THR A 127 7.23 9.00 16.54
C THR A 127 7.86 9.69 17.75
N THR A 128 8.97 9.13 18.23
CA THR A 128 9.67 9.69 19.39
C THR A 128 10.74 10.68 18.95
N CYS A 129 10.71 11.04 17.67
CA CYS A 129 11.69 11.98 17.12
C CYS A 129 11.35 13.41 17.53
N SER A 130 10.05 13.70 17.65
CA SER A 130 9.60 15.03 18.04
C SER A 130 8.46 14.95 19.04
N SER A 131 7.26 14.67 18.55
CA SER A 131 6.08 14.55 19.41
C SER A 131 4.87 14.07 18.62
N CYS A 132 5.11 13.66 17.38
CA CYS A 132 4.03 13.16 16.52
C CYS A 132 3.73 11.70 16.81
N GLN A 133 2.68 11.47 17.60
CA GLN A 133 2.27 10.12 17.95
C GLN A 133 0.75 10.00 17.99
N ALA A 134 0.06 11.13 17.82
CA ALA A 134 -1.39 11.16 17.84
C ALA A 134 -1.97 10.39 16.65
N PHE A 135 -1.26 10.43 15.52
CA PHE A 135 -1.72 9.74 14.32
C PHE A 135 -1.42 8.25 14.41
N LEU A 136 -0.24 7.92 14.90
CA LEU A 136 0.17 6.51 15.05
C LEU A 136 -0.71 5.79 16.05
N ALA A 137 -1.46 6.57 16.83
CA ALA A 137 -2.35 6.00 17.84
C ALA A 137 -3.63 5.46 17.21
N ASN A 138 -4.06 6.11 16.13
CA ASN A 138 -5.27 5.70 15.42
C ASN A 138 -5.05 4.38 14.70
N LEU A 139 -3.81 4.12 14.31
CA LEU A 139 -3.45 2.90 13.61
C LEU A 139 -3.33 1.73 14.58
N ASP A 140 -3.17 2.05 15.87
CA ASP A 140 -3.05 1.03 16.90
C ASP A 140 -4.33 0.22 17.01
N GLU A 141 -5.47 0.91 17.05
CA GLU A 141 -6.76 0.25 17.16
C GLU A 141 -7.09 -0.50 15.86
N PHE A 142 -6.78 0.14 14.73
CA PHE A 142 -7.04 -0.46 13.43
C PHE A 142 -6.28 -1.77 13.25
N ALA A 143 -5.19 -1.91 13.99
CA ALA A 143 -4.37 -3.11 13.92
C ALA A 143 -5.01 -4.29 14.65
N GLU A 144 -5.33 -4.07 15.92
CA GLU A 144 -5.94 -5.11 16.75
C GLU A 144 -7.41 -5.31 16.39
N ASP A 145 -7.93 -4.47 15.50
CA ASP A 145 -9.31 -4.57 15.08
C ASP A 145 -9.48 -5.56 13.95
N ILE A 146 -8.86 -5.27 12.82
CA ILE A 146 -8.92 -6.16 11.65
C ILE A 146 -8.35 -7.53 11.97
N PHE A 147 -7.46 -7.58 12.95
CA PHE A 147 -6.82 -8.82 13.35
C PHE A 147 -7.76 -9.65 14.23
N LEU A 148 -8.33 -9.02 15.25
CA LEU A 148 -9.23 -9.70 16.17
C LEU A 148 -10.68 -9.61 15.70
N ASN A 149 -11.23 -8.40 15.74
CA ASN A 149 -12.60 -8.16 15.33
C ASN A 149 -12.82 -8.57 13.87
N GLY A 150 -11.74 -8.70 13.12
CA GLY A 150 -11.85 -9.08 11.73
C GLY A 150 -12.41 -7.96 10.87
N CYS A 151 -13.51 -8.25 10.17
CA CYS A 151 -14.15 -7.27 9.31
C CYS A 151 -15.05 -6.33 10.13
N GLY A 1 -0.18 13.08 -19.13
CA GLY A 1 -1.61 13.53 -19.04
C GLY A 1 -1.78 14.98 -19.44
N SER A 2 -2.79 15.63 -18.87
CA SER A 2 -3.06 17.03 -19.18
C SER A 2 -2.24 17.96 -18.29
N HIS A 3 -2.55 17.94 -17.00
CA HIS A 3 -1.84 18.78 -16.03
C HIS A 3 -1.94 18.21 -14.62
N MET A 4 -2.69 17.11 -14.49
CA MET A 4 -2.87 16.47 -13.20
C MET A 4 -3.50 15.08 -13.37
N ALA A 5 -3.02 14.12 -12.59
CA ALA A 5 -3.53 12.76 -12.65
C ALA A 5 -3.40 12.07 -11.30
N ASP A 6 -4.53 11.60 -10.76
CA ASP A 6 -4.54 10.92 -9.47
C ASP A 6 -3.79 9.58 -9.56
N CYS A 7 -4.48 8.56 -10.05
CA CYS A 7 -3.89 7.23 -10.19
C CYS A 7 -3.23 6.80 -8.88
N GLY A 8 -3.86 7.20 -7.78
CA GLY A 8 -3.34 6.86 -6.46
C GLY A 8 -3.89 7.76 -5.38
N GLN A 9 -3.83 9.07 -5.66
CA GLN A 9 -4.32 10.09 -4.73
C GLN A 9 -3.39 10.28 -3.54
N MET A 10 -2.99 9.18 -2.91
CA MET A 10 -2.09 9.23 -1.75
C MET A 10 -2.65 10.15 -0.67
N GLN A 11 -1.85 10.41 0.35
CA GLN A 11 -2.26 11.26 1.45
C GLN A 11 -1.08 12.10 1.96
N GLU A 12 -1.38 13.30 2.44
CA GLU A 12 -0.35 14.19 2.95
C GLU A 12 0.24 13.67 4.26
N GLU A 13 1.32 14.30 4.71
CA GLU A 13 1.99 13.91 5.94
C GLU A 13 1.18 14.37 7.15
N LEU A 14 0.78 13.42 7.99
CA LEU A 14 0.00 13.72 9.19
C LEU A 14 -1.28 14.48 8.84
N ASP A 15 -2.37 13.73 8.69
CA ASP A 15 -3.66 14.32 8.35
C ASP A 15 -4.69 13.99 9.42
N LEU A 16 -4.93 14.93 10.32
CA LEU A 16 -5.89 14.74 11.40
C LEU A 16 -7.31 15.13 10.98
N THR A 17 -8.03 14.15 10.43
CA THR A 17 -9.41 14.37 9.99
C THR A 17 -10.00 13.08 9.42
N ILE A 18 -9.14 12.10 9.16
CA ILE A 18 -9.58 10.82 8.61
C ILE A 18 -9.77 9.79 9.72
N SER A 19 -10.86 9.03 9.63
CA SER A 19 -11.16 8.01 10.62
C SER A 19 -10.43 6.71 10.31
N ALA A 20 -10.67 5.69 11.13
CA ALA A 20 -10.03 4.39 10.95
C ALA A 20 -10.97 3.40 10.26
N GLU A 21 -12.26 3.75 10.21
CA GLU A 21 -13.26 2.90 9.59
C GLU A 21 -13.48 3.27 8.13
N THR A 22 -12.84 4.35 7.69
CA THR A 22 -12.96 4.81 6.31
C THR A 22 -12.24 3.87 5.36
N ARG A 23 -11.17 3.26 5.84
CA ARG A 23 -10.37 2.33 5.03
C ARG A 23 -10.53 0.90 5.52
N LYS A 24 -10.92 0.74 6.78
CA LYS A 24 -11.10 -0.58 7.36
C LYS A 24 -12.14 -1.36 6.58
N GLN A 25 -13.30 -0.74 6.37
CA GLN A 25 -14.39 -1.39 5.63
C GLN A 25 -13.96 -1.62 4.19
N THR A 26 -12.90 -0.94 3.77
CA THR A 26 -12.37 -1.07 2.42
C THR A 26 -11.46 -2.29 2.31
N ALA A 27 -10.86 -2.66 3.43
CA ALA A 27 -9.96 -3.80 3.47
C ALA A 27 -10.71 -5.11 3.24
N CYS A 28 -11.61 -5.43 4.17
CA CYS A 28 -12.41 -6.65 4.06
C CYS A 28 -13.35 -6.59 2.85
N LYS A 29 -13.43 -5.41 2.25
CA LYS A 29 -14.28 -5.20 1.08
C LYS A 29 -13.87 -6.13 -0.06
N PRO A 30 -14.84 -6.75 -0.76
CA PRO A 30 -14.57 -7.65 -1.88
C PRO A 30 -13.73 -7.02 -2.98
N GLU A 31 -13.61 -5.69 -2.94
CA GLU A 31 -12.84 -4.96 -3.93
C GLU A 31 -11.35 -5.03 -3.61
N ILE A 32 -11.04 -5.10 -2.32
CA ILE A 32 -9.65 -5.18 -1.87
C ILE A 32 -9.31 -6.60 -1.44
N ALA A 33 -8.44 -7.25 -2.20
CA ALA A 33 -8.02 -8.61 -1.90
C ALA A 33 -7.21 -8.68 -0.62
N TYR A 34 -5.98 -8.15 -0.67
CA TYR A 34 -5.10 -8.17 0.49
C TYR A 34 -5.16 -6.87 1.26
N ALA A 35 -4.81 -6.96 2.54
CA ALA A 35 -4.79 -5.81 3.43
C ALA A 35 -3.64 -5.95 4.41
N TYR A 36 -2.51 -5.32 4.12
CA TYR A 36 -1.35 -5.41 4.97
C TYR A 36 -0.48 -4.16 4.90
N LYS A 37 0.57 -4.14 5.72
CA LYS A 37 1.51 -3.02 5.75
C LYS A 37 2.86 -3.44 5.21
N VAL A 38 3.47 -2.60 4.38
CA VAL A 38 4.76 -2.91 3.80
C VAL A 38 5.75 -1.76 3.99
N SER A 39 6.93 -1.90 3.40
CA SER A 39 7.96 -0.87 3.50
C SER A 39 8.86 -0.90 2.27
N ILE A 40 8.93 0.24 1.57
CA ILE A 40 9.76 0.35 0.37
C ILE A 40 11.21 0.03 0.68
N THR A 41 11.84 -0.74 -0.20
CA THR A 41 13.24 -1.12 -0.01
C THR A 41 14.05 -0.91 -1.29
N SER A 42 13.36 -0.79 -2.41
CA SER A 42 14.02 -0.59 -3.70
C SER A 42 13.12 0.14 -4.68
N ILE A 43 13.70 1.08 -5.42
CA ILE A 43 12.95 1.86 -6.40
C ILE A 43 13.68 1.89 -7.74
N THR A 44 13.10 1.23 -8.74
CA THR A 44 13.71 1.19 -10.08
C THR A 44 12.92 2.05 -11.05
N VAL A 45 13.64 2.80 -11.88
CA VAL A 45 13.01 3.67 -12.87
C VAL A 45 13.58 3.43 -14.27
N GLU A 46 12.72 3.47 -15.27
CA GLU A 46 13.13 3.26 -16.65
C GLU A 46 12.82 4.48 -17.51
N ASN A 47 12.89 4.30 -18.83
CA ASN A 47 12.60 5.38 -19.77
C ASN A 47 11.23 5.99 -19.49
N VAL A 48 10.19 5.17 -19.55
CA VAL A 48 8.83 5.62 -19.30
C VAL A 48 8.24 4.91 -18.09
N PHE A 49 8.22 3.59 -18.14
CA PHE A 49 7.67 2.78 -17.05
C PHE A 49 8.51 2.93 -15.78
N VAL A 50 7.95 2.53 -14.65
CA VAL A 50 8.64 2.61 -13.37
C VAL A 50 8.07 1.60 -12.39
N LYS A 51 8.95 0.97 -11.61
CA LYS A 51 8.53 -0.02 -10.63
C LYS A 51 9.03 0.32 -9.24
N TYR A 52 8.33 -0.18 -8.23
CA TYR A 52 8.69 0.06 -6.84
C TYR A 52 8.65 -1.23 -6.04
N LYS A 53 9.82 -1.81 -5.78
CA LYS A 53 9.90 -3.05 -5.03
C LYS A 53 9.98 -2.77 -3.53
N ALA A 54 9.18 -3.49 -2.76
CA ALA A 54 9.14 -3.31 -1.31
C ALA A 54 8.99 -4.65 -0.59
N THR A 55 9.21 -4.64 0.72
CA THR A 55 9.10 -5.84 1.54
C THR A 55 7.86 -5.78 2.42
N LEU A 56 7.02 -6.80 2.32
CA LEU A 56 5.81 -6.87 3.13
C LEU A 56 6.17 -7.02 4.60
N LEU A 57 5.88 -5.98 5.39
CA LEU A 57 6.18 -6.01 6.81
C LEU A 57 5.36 -7.06 7.54
N ASP A 58 4.04 -6.93 7.46
CA ASP A 58 3.14 -7.88 8.12
C ASP A 58 1.80 -7.94 7.39
N ILE A 59 1.11 -9.07 7.52
CA ILE A 59 -0.18 -9.26 6.87
C ILE A 59 -1.34 -9.09 7.84
N TYR A 60 -2.31 -8.28 7.44
CA TYR A 60 -3.51 -8.05 8.26
C TYR A 60 -4.68 -8.79 7.63
N LYS A 61 -4.49 -9.17 6.37
CA LYS A 61 -5.48 -9.91 5.61
C LYS A 61 -4.81 -10.61 4.44
N THR A 62 -4.69 -11.93 4.53
CA THR A 62 -4.05 -12.72 3.48
C THR A 62 -4.46 -12.29 2.09
N GLY A 63 -3.47 -12.21 1.21
CA GLY A 63 -3.72 -11.83 -0.16
C GLY A 63 -4.16 -13.01 -1.00
N GLU A 64 -5.13 -12.80 -1.89
CA GLU A 64 -5.62 -13.87 -2.74
C GLU A 64 -4.46 -14.51 -3.49
N ALA A 65 -3.36 -13.78 -3.58
CA ALA A 65 -2.15 -14.26 -4.24
C ALA A 65 -1.27 -14.95 -3.22
N VAL A 66 0.02 -15.02 -3.51
CA VAL A 66 0.97 -15.66 -2.60
C VAL A 66 1.42 -14.68 -1.51
N ALA A 67 0.46 -13.93 -0.97
CA ALA A 67 0.76 -12.97 0.08
C ALA A 67 1.18 -13.68 1.36
N GLU A 68 2.43 -13.47 1.74
CA GLU A 68 2.97 -14.10 2.96
C GLU A 68 3.74 -13.07 3.79
N LYS A 69 3.65 -13.20 5.10
CA LYS A 69 4.34 -12.29 6.01
C LYS A 69 5.81 -12.18 5.64
N ASP A 70 6.26 -10.96 5.34
CA ASP A 70 7.64 -10.72 4.97
C ASP A 70 7.97 -11.39 3.65
N SER A 71 7.26 -10.99 2.60
CA SER A 71 7.47 -11.54 1.26
C SER A 71 7.95 -10.47 0.31
N GLU A 72 8.11 -10.82 -0.96
CA GLU A 72 8.56 -9.88 -1.98
C GLU A 72 7.41 -9.44 -2.87
N ILE A 73 7.31 -8.14 -3.11
CA ILE A 73 6.25 -7.59 -3.93
C ILE A 73 6.78 -6.49 -4.85
N THR A 74 6.29 -6.47 -6.09
CA THR A 74 6.71 -5.47 -7.06
C THR A 74 5.52 -4.66 -7.58
N PHE A 75 5.48 -3.38 -7.24
CA PHE A 75 4.40 -2.51 -7.69
C PHE A 75 4.82 -1.70 -8.91
N ILE A 76 4.37 -2.13 -10.09
CA ILE A 76 4.71 -1.45 -11.33
C ILE A 76 3.75 -0.30 -11.61
N LYS A 77 4.18 0.65 -12.43
CA LYS A 77 3.36 1.79 -12.79
C LYS A 77 3.93 2.49 -14.02
N LYS A 78 3.04 2.99 -14.87
CA LYS A 78 3.46 3.67 -16.10
C LYS A 78 4.36 4.86 -15.78
N VAL A 79 3.75 6.03 -15.58
CA VAL A 79 4.49 7.24 -15.27
C VAL A 79 3.55 8.44 -15.17
N THR A 80 2.33 8.28 -15.66
CA THR A 80 1.34 9.34 -15.63
C THR A 80 0.90 9.64 -14.20
N CYS A 81 0.81 8.59 -13.38
CA CYS A 81 0.40 8.73 -12.00
C CYS A 81 1.38 9.61 -11.24
N THR A 82 1.04 10.90 -11.14
CA THR A 82 1.90 11.86 -10.44
C THR A 82 1.49 12.00 -8.97
N ASN A 83 0.19 11.92 -8.71
CA ASN A 83 -0.32 12.04 -7.35
C ASN A 83 0.15 10.86 -6.50
N ALA A 84 0.41 9.73 -7.14
CA ALA A 84 0.87 8.54 -6.45
C ALA A 84 2.39 8.42 -6.47
N GLU A 85 3.00 8.42 -5.29
CA GLU A 85 4.45 8.32 -5.18
C GLU A 85 4.83 7.63 -3.87
N LEU A 86 5.95 6.91 -3.90
CA LEU A 86 6.44 6.19 -2.72
C LEU A 86 7.90 6.53 -2.43
N VAL A 87 8.25 6.59 -1.15
CA VAL A 87 9.61 6.90 -0.75
C VAL A 87 10.34 5.65 -0.27
N LYS A 88 11.62 5.55 -0.61
CA LYS A 88 12.44 4.40 -0.22
C LYS A 88 12.86 4.51 1.24
N GLY A 89 12.71 3.41 1.98
CA GLY A 89 13.08 3.39 3.38
C GLY A 89 11.92 3.70 4.31
N ARG A 90 10.84 4.23 3.74
CA ARG A 90 9.67 4.57 4.53
C ARG A 90 8.67 3.42 4.57
N GLN A 91 7.62 3.60 5.37
CA GLN A 91 6.58 2.58 5.51
C GLN A 91 5.26 3.08 4.94
N TYR A 92 4.55 2.21 4.23
CA TYR A 92 3.26 2.57 3.63
C TYR A 92 2.27 1.42 3.68
N LEU A 93 1.04 1.72 4.06
CA LEU A 93 -0.02 0.72 4.15
C LEU A 93 -0.64 0.52 2.77
N ILE A 94 -0.83 -0.74 2.38
CA ILE A 94 -1.40 -1.05 1.07
C ILE A 94 -2.54 -2.06 1.16
N MET A 95 -3.64 -1.75 0.50
CA MET A 95 -4.83 -2.62 0.48
C MET A 95 -5.51 -2.53 -0.88
N GLY A 96 -5.66 -3.66 -1.56
CA GLY A 96 -6.30 -3.65 -2.87
C GLY A 96 -6.42 -5.03 -3.49
N LYS A 97 -6.82 -5.06 -4.76
CA LYS A 97 -6.98 -6.32 -5.49
C LYS A 97 -5.73 -7.20 -5.39
N GLU A 98 -5.89 -8.46 -5.75
CA GLU A 98 -4.77 -9.41 -5.69
C GLU A 98 -3.74 -9.11 -6.78
N ALA A 99 -2.79 -10.01 -6.94
CA ALA A 99 -1.73 -9.85 -7.94
C ALA A 99 -2.09 -10.57 -9.24
N LEU A 100 -1.18 -10.50 -10.21
CA LEU A 100 -1.38 -11.15 -11.50
C LEU A 100 -0.58 -12.43 -11.60
N GLN A 101 -0.43 -12.93 -12.83
CA GLN A 101 0.32 -14.15 -13.09
C GLN A 101 0.44 -14.40 -14.59
N ILE A 102 1.60 -14.09 -15.14
CA ILE A 102 1.83 -14.27 -16.57
C ILE A 102 2.51 -15.61 -16.86
N LYS A 103 2.68 -16.42 -15.82
CA LYS A 103 3.31 -17.73 -15.97
C LYS A 103 4.74 -17.61 -16.50
N TYR A 104 5.25 -18.72 -17.05
CA TYR A 104 6.60 -18.77 -17.62
C TYR A 104 7.66 -18.83 -16.52
N ASN A 105 7.27 -19.40 -15.38
CA ASN A 105 8.18 -19.54 -14.25
C ASN A 105 7.83 -20.76 -13.42
N ALA A 106 8.66 -21.07 -12.43
CA ALA A 106 8.43 -22.22 -11.56
C ALA A 106 7.33 -21.91 -10.55
N SER A 107 6.69 -20.75 -10.73
CA SER A 107 5.61 -20.32 -9.85
C SER A 107 4.93 -19.08 -10.43
N PHE A 108 5.08 -18.91 -11.73
CA PHE A 108 4.49 -17.76 -12.42
C PHE A 108 5.13 -16.45 -11.96
N ARG A 109 4.85 -15.37 -12.68
CA ARG A 109 5.43 -14.07 -12.34
C ARG A 109 4.82 -13.50 -11.07
N TYR A 110 3.55 -13.14 -11.15
CA TYR A 110 2.82 -12.56 -10.02
C TYR A 110 3.36 -11.17 -9.67
N ILE A 111 2.72 -10.15 -10.21
CA ILE A 111 3.11 -8.77 -9.95
C ILE A 111 1.95 -7.98 -9.38
N TYR A 112 2.26 -6.82 -8.80
CA TYR A 112 1.22 -5.98 -8.19
C TYR A 112 1.13 -4.65 -8.91
N PRO A 113 -0.09 -4.24 -9.29
CA PRO A 113 -0.33 -2.96 -10.00
C PRO A 113 -0.24 -1.76 -9.06
N LEU A 114 -0.49 -0.58 -9.60
CA LEU A 114 -0.44 0.65 -8.82
C LEU A 114 -1.34 1.72 -9.43
N ASP A 115 -2.42 2.04 -8.73
CA ASP A 115 -3.36 3.06 -9.20
C ASP A 115 -4.24 3.56 -8.07
N SER A 116 -5.33 4.24 -8.42
CA SER A 116 -6.25 4.79 -7.45
C SER A 116 -6.84 3.69 -6.56
N LEU A 117 -7.15 2.54 -7.18
CA LEU A 117 -7.73 1.42 -6.44
C LEU A 117 -6.79 0.95 -5.34
N THR A 118 -5.49 1.20 -5.52
CA THR A 118 -4.49 0.80 -4.54
C THR A 118 -4.44 1.78 -3.37
N TRP A 119 -5.08 1.42 -2.28
CA TRP A 119 -5.11 2.27 -1.09
C TRP A 119 -3.74 2.31 -0.42
N ILE A 120 -3.08 3.46 -0.49
CA ILE A 120 -1.76 3.63 0.11
C ILE A 120 -1.76 4.81 1.08
N GLU A 121 -1.21 4.57 2.27
CA GLU A 121 -1.14 5.62 3.29
C GLU A 121 0.25 5.66 3.93
N TYR A 122 0.76 6.87 4.15
CA TYR A 122 2.06 7.05 4.76
C TYR A 122 2.01 6.72 6.24
N TRP A 123 2.65 5.61 6.62
CA TRP A 123 2.69 5.19 8.00
C TRP A 123 3.81 5.90 8.75
N PRO A 124 3.48 6.80 9.69
CA PRO A 124 4.47 7.54 10.47
C PRO A 124 5.58 6.65 11.01
N ARG A 125 6.75 6.76 10.41
CA ARG A 125 7.91 5.96 10.83
C ARG A 125 8.18 6.15 12.33
N ASP A 126 7.90 7.34 12.83
CA ASP A 126 8.12 7.64 14.24
C ASP A 126 6.79 7.72 14.99
N THR A 127 6.85 7.52 16.30
CA THR A 127 5.65 7.57 17.14
C THR A 127 5.86 8.45 18.36
N THR A 128 6.76 8.03 19.24
CA THR A 128 7.06 8.80 20.45
C THR A 128 8.41 9.47 20.37
N CYS A 129 9.03 9.40 19.19
CA CYS A 129 10.34 10.01 18.98
C CYS A 129 10.26 11.53 19.09
N SER A 130 9.27 12.11 18.42
CA SER A 130 9.08 13.56 18.44
C SER A 130 7.68 13.93 17.97
N SER A 131 6.93 12.93 17.51
CA SER A 131 5.58 13.15 17.02
C SER A 131 4.55 13.00 18.15
N CYS A 132 4.87 12.14 19.11
CA CYS A 132 4.00 11.90 20.25
C CYS A 132 2.61 11.45 19.80
N GLN A 133 2.56 10.23 19.26
CA GLN A 133 1.30 9.65 18.78
C GLN A 133 0.41 10.71 18.12
N ALA A 134 0.79 11.12 16.91
CA ALA A 134 0.03 12.11 16.17
C ALA A 134 -1.03 11.46 15.29
N PHE A 135 -0.57 10.70 14.30
CA PHE A 135 -1.48 10.02 13.39
C PHE A 135 -1.59 8.53 13.74
N LEU A 136 -0.68 8.07 14.58
CA LEU A 136 -0.67 6.67 15.01
C LEU A 136 -1.88 6.36 15.86
N ALA A 137 -2.51 7.39 16.41
CA ALA A 137 -3.69 7.21 17.26
C ALA A 137 -4.83 6.60 16.47
N ASN A 138 -5.02 7.07 15.23
CA ASN A 138 -6.08 6.56 14.37
C ASN A 138 -5.71 5.19 13.80
N LEU A 139 -4.42 4.92 13.74
CA LEU A 139 -3.92 3.65 13.22
C LEU A 139 -4.08 2.55 14.26
N ASP A 140 -4.05 2.93 15.53
CA ASP A 140 -4.19 1.98 16.62
C ASP A 140 -5.60 1.39 16.64
N GLU A 141 -6.57 2.17 16.18
CA GLU A 141 -7.96 1.74 16.15
C GLU A 141 -8.24 0.95 14.87
N PHE A 142 -7.19 0.67 14.11
CA PHE A 142 -7.33 -0.08 12.86
C PHE A 142 -6.56 -1.40 12.93
N ALA A 143 -5.37 -1.36 13.52
CA ALA A 143 -4.54 -2.55 13.65
C ALA A 143 -5.15 -3.54 14.63
N GLU A 144 -5.53 -3.04 15.80
CA GLU A 144 -6.12 -3.88 16.83
C GLU A 144 -7.59 -4.17 16.55
N ASP A 145 -8.11 -3.54 15.50
CA ASP A 145 -9.51 -3.74 15.12
C ASP A 145 -9.64 -4.81 14.04
N ILE A 146 -8.58 -5.00 13.27
CA ILE A 146 -8.57 -6.00 12.21
C ILE A 146 -7.93 -7.29 12.69
N PHE A 147 -7.11 -7.19 13.74
CA PHE A 147 -6.44 -8.34 14.31
C PHE A 147 -7.28 -9.00 15.38
N LEU A 148 -7.84 -8.19 16.28
CA LEU A 148 -8.66 -8.68 17.37
C LEU A 148 -10.10 -8.88 16.92
N ASN A 149 -10.75 -7.78 16.55
CA ASN A 149 -12.13 -7.81 16.11
C ASN A 149 -12.25 -8.49 14.75
N GLY A 150 -11.34 -8.15 13.84
CA GLY A 150 -11.36 -8.72 12.51
C GLY A 150 -12.63 -8.37 11.75
N CYS A 151 -12.85 -9.03 10.62
CA CYS A 151 -14.03 -8.79 9.80
C CYS A 151 -15.08 -9.89 10.02
N GLY A 1 -4.19 19.38 -20.38
CA GLY A 1 -4.34 19.43 -18.91
C GLY A 1 -5.31 18.37 -18.39
N SER A 2 -5.98 17.70 -19.30
CA SER A 2 -6.93 16.66 -18.93
C SER A 2 -6.25 15.31 -18.80
N HIS A 3 -4.92 15.30 -18.96
CA HIS A 3 -4.14 14.07 -18.86
C HIS A 3 -3.87 13.72 -17.39
N MET A 4 -3.48 14.72 -16.61
CA MET A 4 -3.19 14.52 -15.20
C MET A 4 -4.37 14.93 -14.33
N ALA A 5 -4.51 14.29 -13.19
CA ALA A 5 -5.61 14.59 -12.26
C ALA A 5 -5.37 13.92 -10.91
N ASP A 6 -5.59 12.61 -10.86
CA ASP A 6 -5.39 11.84 -9.63
C ASP A 6 -4.76 10.49 -9.93
N CYS A 7 -4.00 10.43 -11.02
CA CYS A 7 -3.32 9.20 -11.42
C CYS A 7 -2.56 8.61 -10.23
N GLY A 8 -3.13 7.56 -9.64
CA GLY A 8 -2.50 6.94 -8.49
C GLY A 8 -2.79 7.71 -7.22
N GLN A 9 -4.05 8.09 -7.05
CA GLN A 9 -4.50 8.84 -5.88
C GLN A 9 -3.94 8.26 -4.60
N MET A 10 -3.24 9.11 -3.83
CA MET A 10 -2.65 8.69 -2.57
C MET A 10 -3.18 9.55 -1.42
N GLN A 11 -2.56 9.41 -0.25
CA GLN A 11 -2.97 10.17 0.93
C GLN A 11 -1.80 10.96 1.50
N GLU A 12 -2.11 12.01 2.25
CA GLU A 12 -1.10 12.86 2.86
C GLU A 12 -0.39 12.12 3.99
N GLU A 13 0.61 12.79 4.59
CA GLU A 13 1.36 12.21 5.68
C GLU A 13 0.52 12.12 6.94
N LEU A 14 0.40 13.23 7.65
CA LEU A 14 -0.39 13.28 8.87
C LEU A 14 -1.75 13.93 8.61
N ASP A 15 -2.79 13.11 8.65
CA ASP A 15 -4.15 13.60 8.43
C ASP A 15 -5.07 13.14 9.56
N LEU A 16 -5.30 14.03 10.53
CA LEU A 16 -6.15 13.72 11.67
C LEU A 16 -7.61 14.04 11.38
N THR A 17 -8.33 13.03 10.88
CA THR A 17 -9.75 13.18 10.55
C THR A 17 -10.33 11.86 10.06
N ILE A 18 -9.46 10.94 9.67
CA ILE A 18 -9.88 9.62 9.19
C ILE A 18 -9.89 8.60 10.32
N SER A 19 -11.01 7.91 10.49
CA SER A 19 -11.14 6.90 11.53
C SER A 19 -10.64 5.54 11.04
N ALA A 20 -10.39 4.64 11.98
CA ALA A 20 -9.90 3.30 11.66
C ALA A 20 -10.93 2.54 10.81
N GLU A 21 -12.13 2.39 11.37
CA GLU A 21 -13.21 1.69 10.70
C GLU A 21 -13.55 2.33 9.35
N THR A 22 -13.26 3.63 9.23
CA THR A 22 -13.53 4.36 7.99
C THR A 22 -12.82 3.73 6.80
N ARG A 23 -11.55 3.37 7.00
CA ARG A 23 -10.75 2.77 5.95
C ARG A 23 -10.68 1.25 6.12
N LYS A 24 -11.05 0.78 7.30
CA LYS A 24 -11.01 -0.65 7.59
C LYS A 24 -12.05 -1.40 6.76
N GLN A 25 -13.22 -0.79 6.58
CA GLN A 25 -14.29 -1.41 5.80
C GLN A 25 -13.80 -1.68 4.37
N THR A 26 -12.72 -1.01 3.99
CA THR A 26 -12.15 -1.18 2.67
C THR A 26 -11.22 -2.39 2.64
N ALA A 27 -10.62 -2.70 3.79
CA ALA A 27 -9.72 -3.83 3.90
C ALA A 27 -10.43 -5.14 3.60
N CYS A 28 -11.58 -5.34 4.25
CA CYS A 28 -12.37 -6.54 4.05
C CYS A 28 -13.34 -6.38 2.89
N LYS A 29 -13.27 -5.21 2.25
CA LYS A 29 -14.13 -4.91 1.10
C LYS A 29 -13.95 -5.94 0.00
N PRO A 30 -15.05 -6.37 -0.64
CA PRO A 30 -15.01 -7.36 -1.73
C PRO A 30 -14.17 -6.87 -2.91
N GLU A 31 -13.97 -5.56 -2.99
CA GLU A 31 -13.19 -4.97 -4.07
C GLU A 31 -11.72 -4.98 -3.72
N ILE A 32 -11.40 -5.16 -2.44
CA ILE A 32 -10.03 -5.20 -1.98
C ILE A 32 -9.65 -6.60 -1.50
N ALA A 33 -8.66 -7.18 -2.17
CA ALA A 33 -8.19 -8.52 -1.83
C ALA A 33 -7.30 -8.50 -0.59
N TYR A 34 -6.11 -7.94 -0.75
CA TYR A 34 -5.15 -7.88 0.34
C TYR A 34 -5.20 -6.55 1.09
N ALA A 35 -4.84 -6.60 2.37
CA ALA A 35 -4.82 -5.42 3.23
C ALA A 35 -3.69 -5.54 4.23
N TYR A 36 -2.55 -4.91 3.92
CA TYR A 36 -1.39 -4.98 4.80
C TYR A 36 -0.49 -3.76 4.66
N LYS A 37 0.53 -3.70 5.51
CA LYS A 37 1.50 -2.62 5.48
C LYS A 37 2.84 -3.15 5.00
N VAL A 38 3.60 -2.31 4.31
CA VAL A 38 4.90 -2.71 3.80
C VAL A 38 5.95 -1.62 3.98
N SER A 39 7.16 -1.87 3.48
CA SER A 39 8.25 -0.91 3.59
C SER A 39 9.13 -0.94 2.35
N ILE A 40 9.32 0.21 1.72
CA ILE A 40 10.15 0.31 0.53
C ILE A 40 11.62 0.10 0.87
N THR A 41 12.33 -0.64 0.03
CA THR A 41 13.73 -0.91 0.26
C THR A 41 14.58 -0.60 -0.97
N SER A 42 13.97 -0.73 -2.15
CA SER A 42 14.67 -0.46 -3.40
C SER A 42 13.72 0.01 -4.49
N ILE A 43 14.24 0.79 -5.43
CA ILE A 43 13.45 1.31 -6.53
C ILE A 43 14.17 1.13 -7.87
N THR A 44 13.45 0.68 -8.87
CA THR A 44 14.04 0.45 -10.19
C THR A 44 13.11 0.96 -11.29
N VAL A 45 13.66 1.77 -12.20
CA VAL A 45 12.90 2.33 -13.30
C VAL A 45 13.18 1.57 -14.59
N GLU A 46 12.12 1.06 -15.22
CA GLU A 46 12.26 0.31 -16.46
C GLU A 46 11.54 1.02 -17.61
N ASN A 47 12.30 1.80 -18.37
CA ASN A 47 11.76 2.54 -19.51
C ASN A 47 10.61 3.44 -19.09
N VAL A 48 9.39 2.90 -19.11
CA VAL A 48 8.21 3.67 -18.73
C VAL A 48 7.69 3.22 -17.36
N PHE A 49 7.35 1.94 -17.25
CA PHE A 49 6.84 1.38 -16.00
C PHE A 49 7.93 1.35 -14.94
N VAL A 50 7.69 2.06 -13.84
CA VAL A 50 8.65 2.11 -12.74
C VAL A 50 8.31 1.09 -11.67
N LYS A 51 9.20 0.10 -11.49
CA LYS A 51 8.99 -0.95 -10.50
C LYS A 51 9.52 -0.51 -9.14
N TYR A 52 9.05 -1.17 -8.09
CA TYR A 52 9.48 -0.86 -6.73
C TYR A 52 9.67 -2.13 -5.92
N LYS A 53 10.92 -2.41 -5.56
CA LYS A 53 11.25 -3.60 -4.77
C LYS A 53 11.09 -3.32 -3.28
N ALA A 54 9.98 -3.79 -2.71
CA ALA A 54 9.71 -3.58 -1.30
C ALA A 54 9.52 -4.91 -0.57
N THR A 55 9.21 -4.83 0.71
CA THR A 55 9.00 -6.01 1.53
C THR A 55 7.78 -5.86 2.42
N LEU A 56 6.84 -6.79 2.32
CA LEU A 56 5.65 -6.77 3.15
C LEU A 56 6.07 -6.82 4.61
N LEU A 57 5.45 -5.99 5.44
CA LEU A 57 5.80 -5.97 6.86
C LEU A 57 4.86 -6.84 7.68
N ASP A 58 3.56 -6.67 7.47
CA ASP A 58 2.57 -7.45 8.21
C ASP A 58 1.25 -7.51 7.45
N ILE A 59 0.75 -8.73 7.25
CA ILE A 59 -0.51 -8.93 6.54
C ILE A 59 -1.71 -8.86 7.47
N TYR A 60 -2.51 -7.81 7.32
CA TYR A 60 -3.71 -7.65 8.14
C TYR A 60 -4.85 -8.41 7.48
N LYS A 61 -4.64 -8.75 6.22
CA LYS A 61 -5.61 -9.50 5.43
C LYS A 61 -4.89 -10.17 4.27
N THR A 62 -4.37 -11.37 4.53
CA THR A 62 -3.62 -12.12 3.52
C THR A 62 -4.18 -11.95 2.12
N GLY A 63 -3.27 -11.76 1.17
CA GLY A 63 -3.67 -11.58 -0.21
C GLY A 63 -4.18 -12.86 -0.84
N GLU A 64 -4.05 -12.98 -2.16
CA GLU A 64 -4.49 -14.16 -2.87
C GLU A 64 -3.39 -14.69 -3.78
N ALA A 65 -2.44 -13.82 -4.09
CA ALA A 65 -1.31 -14.19 -4.94
C ALA A 65 -0.02 -14.23 -4.13
N VAL A 66 0.11 -15.26 -3.31
CA VAL A 66 1.29 -15.44 -2.46
C VAL A 66 1.54 -14.19 -1.62
N ALA A 67 0.97 -14.17 -0.42
CA ALA A 67 1.13 -13.05 0.50
C ALA A 67 1.57 -13.51 1.88
N GLU A 68 2.38 -12.69 2.54
CA GLU A 68 2.88 -13.02 3.88
C GLU A 68 3.26 -11.75 4.63
N LYS A 69 3.33 -11.85 5.96
CA LYS A 69 3.67 -10.70 6.79
C LYS A 69 5.18 -10.44 6.78
N ASP A 70 5.79 -10.59 5.61
CA ASP A 70 7.23 -10.39 5.43
C ASP A 70 7.70 -10.96 4.10
N SER A 71 6.75 -11.21 3.21
CA SER A 71 7.06 -11.77 1.89
C SER A 71 7.66 -10.71 0.97
N GLU A 72 7.79 -11.07 -0.31
CA GLU A 72 8.34 -10.16 -1.31
C GLU A 72 7.22 -9.48 -2.08
N ILE A 73 7.47 -8.24 -2.51
CA ILE A 73 6.48 -7.48 -3.26
C ILE A 73 7.13 -6.57 -4.29
N THR A 74 6.44 -6.36 -5.41
CA THR A 74 6.95 -5.51 -6.48
C THR A 74 5.86 -4.61 -7.02
N PHE A 75 5.86 -3.34 -6.58
CA PHE A 75 4.86 -2.37 -7.02
C PHE A 75 5.27 -1.73 -8.34
N ILE A 76 4.28 -1.30 -9.11
CA ILE A 76 4.53 -0.65 -10.39
C ILE A 76 3.66 0.59 -10.56
N LYS A 77 4.27 1.66 -11.05
CA LYS A 77 3.54 2.91 -11.25
C LYS A 77 3.81 3.48 -12.64
N LYS A 78 2.81 4.13 -13.22
CA LYS A 78 2.94 4.73 -14.53
C LYS A 78 3.60 6.10 -14.44
N VAL A 79 4.63 6.31 -15.24
CA VAL A 79 5.36 7.57 -15.25
C VAL A 79 4.47 8.71 -15.75
N THR A 80 3.29 8.35 -16.25
CA THR A 80 2.35 9.33 -16.76
C THR A 80 1.45 9.89 -15.66
N CYS A 81 1.57 9.32 -14.46
CA CYS A 81 0.76 9.76 -13.33
C CYS A 81 1.25 11.11 -12.81
N THR A 82 0.61 11.60 -11.75
CA THR A 82 0.98 12.88 -11.16
C THR A 82 0.59 12.93 -9.68
N ASN A 83 -0.39 12.12 -9.30
CA ASN A 83 -0.85 12.08 -7.91
C ASN A 83 -0.30 10.85 -7.18
N ALA A 84 0.62 10.15 -7.83
CA ALA A 84 1.22 8.96 -7.22
C ALA A 84 2.73 9.09 -7.14
N GLU A 85 3.25 9.14 -5.90
CA GLU A 85 4.68 9.26 -5.67
C GLU A 85 5.11 8.38 -4.50
N LEU A 86 6.27 7.75 -4.65
CA LEU A 86 6.79 6.86 -3.60
C LEU A 86 8.21 7.28 -3.19
N VAL A 87 8.69 6.69 -2.11
CA VAL A 87 10.03 6.99 -1.61
C VAL A 87 10.67 5.75 -1.00
N LYS A 88 11.99 5.65 -1.12
CA LYS A 88 12.73 4.51 -0.57
C LYS A 88 13.19 4.78 0.85
N GLY A 89 12.86 3.87 1.76
CA GLY A 89 13.25 4.03 3.15
C GLY A 89 12.07 4.19 4.08
N ARG A 90 10.94 4.65 3.54
CA ARG A 90 9.74 4.85 4.33
C ARG A 90 8.79 3.66 4.20
N GLN A 91 7.70 3.71 4.96
CA GLN A 91 6.70 2.64 4.93
C GLN A 91 5.36 3.16 4.43
N TYR A 92 4.60 2.27 3.79
CA TYR A 92 3.29 2.64 3.25
C TYR A 92 2.28 1.51 3.41
N LEU A 93 1.02 1.88 3.64
CA LEU A 93 -0.05 0.91 3.80
C LEU A 93 -0.75 0.67 2.47
N ILE A 94 -0.76 -0.57 2.01
CA ILE A 94 -1.38 -0.91 0.73
C ILE A 94 -2.55 -1.88 0.90
N MET A 95 -3.67 -1.52 0.31
CA MET A 95 -4.88 -2.36 0.36
C MET A 95 -5.59 -2.30 -0.99
N GLY A 96 -5.59 -3.41 -1.72
CA GLY A 96 -6.22 -3.43 -3.03
C GLY A 96 -6.57 -4.82 -3.52
N LYS A 97 -7.11 -4.89 -4.74
CA LYS A 97 -7.49 -6.15 -5.35
C LYS A 97 -6.28 -7.07 -5.54
N GLU A 98 -6.54 -8.35 -5.77
CA GLU A 98 -5.48 -9.34 -5.97
C GLU A 98 -4.44 -8.84 -6.98
N ALA A 99 -3.20 -9.30 -6.82
CA ALA A 99 -2.13 -8.90 -7.71
C ALA A 99 -2.33 -9.48 -9.10
N LEU A 100 -1.42 -9.14 -10.01
CA LEU A 100 -1.50 -9.62 -11.39
C LEU A 100 -0.97 -11.06 -11.48
N GLN A 101 -1.06 -11.64 -12.68
CA GLN A 101 -0.61 -13.00 -12.91
C GLN A 101 -0.16 -13.17 -14.36
N ILE A 102 1.15 -13.04 -14.58
CA ILE A 102 1.68 -13.17 -15.93
C ILE A 102 2.30 -14.56 -16.14
N LYS A 103 2.44 -15.30 -15.04
CA LYS A 103 3.00 -16.66 -15.08
C LYS A 103 4.11 -16.77 -16.13
N TYR A 104 5.29 -16.26 -15.80
CA TYR A 104 6.42 -16.30 -16.72
C TYR A 104 7.15 -17.64 -16.59
N ASN A 105 7.09 -18.45 -17.65
CA ASN A 105 7.73 -19.75 -17.66
C ASN A 105 7.18 -20.63 -16.54
N ALA A 106 7.97 -21.62 -16.11
CA ALA A 106 7.56 -22.53 -15.05
C ALA A 106 7.19 -21.76 -13.78
N SER A 107 7.65 -20.51 -13.70
CA SER A 107 7.37 -19.67 -12.53
C SER A 107 6.21 -18.71 -12.83
N PHE A 108 5.81 -17.96 -11.81
CA PHE A 108 4.72 -16.99 -11.96
C PHE A 108 5.20 -15.58 -11.65
N ARG A 109 4.68 -14.61 -12.40
CA ARG A 109 5.06 -13.21 -12.20
C ARG A 109 3.94 -12.45 -11.49
N TYR A 110 4.14 -12.17 -10.20
CA TYR A 110 3.16 -11.44 -9.42
C TYR A 110 3.63 -10.02 -9.12
N ILE A 111 2.79 -9.04 -9.47
CA ILE A 111 3.11 -7.64 -9.23
C ILE A 111 1.89 -6.88 -8.73
N TYR A 112 2.12 -5.78 -8.04
CA TYR A 112 1.03 -4.98 -7.49
C TYR A 112 0.95 -3.61 -8.18
N PRO A 113 -0.26 -3.19 -8.60
CA PRO A 113 -0.46 -1.90 -9.26
C PRO A 113 -0.37 -0.73 -8.30
N LEU A 114 -0.48 0.49 -8.82
CA LEU A 114 -0.41 1.69 -8.01
C LEU A 114 -1.34 2.78 -8.55
N ASP A 115 -2.35 2.35 -9.30
CA ASP A 115 -3.31 3.29 -9.88
C ASP A 115 -4.15 3.96 -8.81
N SER A 116 -5.22 4.63 -9.23
CA SER A 116 -6.11 5.33 -8.30
C SER A 116 -6.77 4.36 -7.33
N LEU A 117 -7.24 3.23 -7.86
CA LEU A 117 -7.89 2.21 -7.03
C LEU A 117 -6.97 1.77 -5.90
N THR A 118 -5.67 1.79 -6.16
CA THR A 118 -4.69 1.38 -5.16
C THR A 118 -4.74 2.28 -3.93
N TRP A 119 -5.08 1.69 -2.79
CA TRP A 119 -5.17 2.43 -1.54
C TRP A 119 -3.81 2.49 -0.85
N ILE A 120 -3.25 3.69 -0.78
CA ILE A 120 -1.95 3.89 -0.15
C ILE A 120 -2.01 4.97 0.91
N GLU A 121 -1.48 4.66 2.09
CA GLU A 121 -1.48 5.60 3.21
C GLU A 121 -0.14 5.56 3.94
N TYR A 122 0.60 6.66 3.89
CA TYR A 122 1.90 6.75 4.54
C TYR A 122 1.80 6.37 6.02
N TRP A 123 2.70 5.50 6.46
CA TRP A 123 2.72 5.07 7.86
C TRP A 123 3.77 5.85 8.64
N PRO A 124 3.34 6.80 9.48
CA PRO A 124 4.25 7.61 10.29
C PRO A 124 5.30 6.78 11.01
N ARG A 125 6.53 6.82 10.51
CA ARG A 125 7.63 6.08 11.11
C ARG A 125 8.00 6.65 12.47
N ASP A 126 7.92 7.96 12.60
CA ASP A 126 8.25 8.64 13.85
C ASP A 126 7.14 8.47 14.87
N THR A 127 7.53 8.25 16.13
CA THR A 127 6.56 8.06 17.21
C THR A 127 7.14 8.54 18.53
N THR A 128 7.01 9.84 18.79
CA THR A 128 7.52 10.43 20.03
C THR A 128 6.94 9.74 21.25
N CYS A 129 5.78 9.09 21.07
CA CYS A 129 5.12 8.40 22.18
C CYS A 129 5.66 6.97 22.30
N SER A 130 5.08 6.21 23.23
CA SER A 130 5.51 4.83 23.46
C SER A 130 4.47 3.85 22.92
N SER A 131 3.49 4.36 22.20
CA SER A 131 2.44 3.52 21.64
C SER A 131 1.88 4.12 20.35
N CYS A 132 1.51 5.41 20.42
CA CYS A 132 0.96 6.10 19.25
C CYS A 132 1.24 7.60 19.34
N GLN A 133 1.84 8.16 18.29
CA GLN A 133 2.16 9.58 18.27
C GLN A 133 0.98 10.40 17.77
N ALA A 134 1.01 10.77 16.48
CA ALA A 134 -0.06 11.56 15.89
C ALA A 134 -1.05 10.67 15.14
N PHE A 135 -0.75 10.39 13.87
CA PHE A 135 -1.60 9.54 13.06
C PHE A 135 -1.59 8.13 13.62
N LEU A 136 -0.61 7.87 14.46
CA LEU A 136 -0.44 6.57 15.09
C LEU A 136 -1.63 6.25 15.99
N ALA A 137 -2.27 7.29 16.52
CA ALA A 137 -3.44 7.11 17.38
C ALA A 137 -4.60 6.55 16.59
N ASN A 138 -4.59 6.79 15.28
CA ASN A 138 -5.65 6.30 14.40
C ASN A 138 -5.32 4.89 13.92
N LEU A 139 -4.03 4.60 13.79
CA LEU A 139 -3.58 3.29 13.34
C LEU A 139 -3.73 2.26 14.44
N ASP A 140 -3.69 2.71 15.69
CA ASP A 140 -3.82 1.83 16.84
C ASP A 140 -5.24 1.27 16.93
N GLU A 141 -6.20 2.04 16.44
CA GLU A 141 -7.60 1.63 16.45
C GLU A 141 -7.91 0.72 15.27
N PHE A 142 -6.88 0.44 14.47
CA PHE A 142 -7.04 -0.42 13.29
C PHE A 142 -6.31 -1.74 13.47
N ALA A 143 -5.09 -1.67 13.99
CA ALA A 143 -4.27 -2.86 14.22
C ALA A 143 -4.94 -3.82 15.19
N GLU A 144 -5.92 -3.33 15.92
CA GLU A 144 -6.64 -4.14 16.90
C GLU A 144 -8.09 -4.35 16.49
N ASP A 145 -8.49 -3.72 15.39
CA ASP A 145 -9.85 -3.83 14.90
C ASP A 145 -9.94 -4.79 13.72
N ILE A 146 -8.81 -5.02 13.06
CA ILE A 146 -8.77 -5.92 11.91
C ILE A 146 -8.06 -7.22 12.27
N PHE A 147 -7.19 -7.17 13.26
CA PHE A 147 -6.45 -8.34 13.71
C PHE A 147 -7.25 -9.15 14.71
N LEU A 148 -7.79 -8.47 15.72
CA LEU A 148 -8.57 -9.12 16.77
C LEU A 148 -9.93 -9.56 16.22
N ASN A 149 -10.58 -8.67 15.48
CA ASN A 149 -11.87 -8.95 14.91
C ASN A 149 -11.75 -9.78 13.64
N GLY A 150 -11.34 -9.14 12.55
CA GLY A 150 -11.20 -9.84 11.29
C GLY A 150 -11.88 -9.12 10.14
N CYS A 151 -13.17 -8.87 10.29
CA CYS A 151 -13.94 -8.18 9.27
C CYS A 151 -15.15 -7.47 9.88
#